data_7PT6
#
_entry.id   7PT6
#
_cell.length_a   1.00
_cell.length_b   1.00
_cell.length_c   1.00
_cell.angle_alpha   90.00
_cell.angle_beta   90.00
_cell.angle_gamma   90.00
#
_symmetry.space_group_name_H-M   'P 1'
#
loop_
_entity.id
_entity.type
_entity.pdbx_description
1 polymer 'Undefined Mcm4 flexible N-terminal tail'
2 polymer 'DNA replication licensing factor MCM2'
3 polymer 'DNA replication licensing factor MCM3'
4 polymer 'DNA replication licensing factor MCM4'
5 polymer 'Minichromosome maintenance protein 5'
6 polymer 'DNA replication licensing factor MCM6'
7 polymer 'DNA replication licensing factor MCM7'
8 polymer 'Cell division control protein 7'
9 polymer 'DDK kinase regulatory subunit DBF4'
10 non-polymer 'PHOSPHOTHIOPHOSPHORIC ACID-ADENYLATE ESTER'
11 non-polymer 'MAGNESIUM ION'
12 non-polymer 'ZINC ION'
13 non-polymer "ADENOSINE-5'-DIPHOSPHATE"
#
loop_
_entity_poly.entity_id
_entity_poly.type
_entity_poly.pdbx_seq_one_letter_code
_entity_poly.pdbx_strand_id
1 'polypeptide(L)' (UNK)(UNK)(UNK)(UNK) 1,A
2 'polypeptide(L)'
;MSDNRRRRREEDDSDSENELPPSSPQQHFRGGMNPVSSPIGSPDMINPEGDDNEVDDVPDIDEVEEQMNEVDLMDDNMYE
DYAADHNRDRYDPDQVDDREQQELSLSERRRIDAQLNERDRLLRNVAYIDDEDEEQEGAAQLDEMGLPVQRRRRRRQYED
LENSDDDLLSDMDIDPLREELTLESLSNVKANSYSEWITQPNVSRTIARELKSFLLEYTDETGRSVYGARIRTLGEMNSE
SLEVNYRHLAESKAILALFLAKCPEEMLKIFDLVAMEATELHYPDYARIHSEIHVRISDFPTIYSLRELRESNLSSLVRV
TGVVTRRTGVFPQLKYVKFNCLKCGSILGPFFQDSNEEIRISFCTNCKSKGPFRVNGEKTVYRNYQRVTLQEAPGTVPPG
RLPRHREVILLADLVDVSKPGEEVEVTGIYKNNYDGNLNAKNGFPVFATIIEANSIKRREGNTANEGEEGLDVFSWTEEE
EREFRKISRDRGIIDKIISSMAPSIYGHRDIKTAVACSLFGGVPKNVNGKHSIRGDINVLLLGDPGTAKSQILKYVEKTA
HRAVFATGQGASAVGLTASVRKDPITKEWTLEGGALVLADKGVCLIDEFDKMNDQDRTSIHEAMEQQSISISKAGIVTTL
QARCSIIAAANPNGGRYNSTLPLAQNVSLTEPILSRFDILCVVRDLVDEEADERLATFVVDSHVRSHPENDEDREGEELK
NNGESAIEQGEDEINEQLNARQRRLQRQRKKEEEISPIPQELLMKYIHYARTKIYPKLHQMDMDKVSRVYADLRRESIST
GSFPITVRHLESILRIAESFAKMRLSEFVSSYDLDRAIKVVVDSFVDAQKVSVRRQLRRSFAIYTLGH
;
2,B
3 'polypeptide(L)'
;MEGSTGFDGDATTFFAPDAVFGDRVRRFQEFLDTFTSYRDSVRSIQVYNSNNAANYNDDQDDADERDLLGDDDGDDLEKE
KKAASSTSLNILPHRIIISLDDLREFDRSFWSGILVEPAYFIPPAEKALTDLADSMDDVPHPNASAVSSRHPWKLSFKGS
FGAHALSPRTLTAQHLNKLVSVEGIVTKTSLVRPKLIRSVHYAAKTGRFHYRDYTDATTTLTTRIPTPAIYPTEDTEGNK
LTTEYGYSTFIDHQRITVQEMPEMAPAGQLPRSIDVILDDDLVDKTKPGDRVNVVGVFKSLGAGGMNQSNSNTLIGFKTL
ILGNTVYPLHARSTGVAARQMLTDFDIRNINKLSKKKDIFDILSQSLAPSIYGHDHIKKAILLMLMGGVEKNLENGSHLR
GDINILMVGDPSTAKSQLLRFVLNTASLAIATTGRGSSGVGLTAAVTTDRETGERRLEAGAMVLADRGVVCIDEFDKMTD
VDRVAIHEVMEQQTVTIAKAGIHTTLNARCSVIAAANPVFGQYDVNRDPHQNIALPDSLLSRFDLLFVVTDDINEIRDRS
ISEHVLRTHRYLPPGYLEGEPVRERLNLSLAVGEDADINPEEHSNSGAGVENEGEDDEDHVFEKFNPLLQAGAKLAKNKG
NYNGTEIPKLVTIPFLRKYVQYAKERVIPQLTQEAINVIVKNYTDLRNDDNTKKSPITARTLETLIRLATAHAKVRLSKT
VNKVDAKVAANLLRFALLGEDIGNDIDEEESEYEEALSKRSPQKSPKKRQRVRQPASNSGSPIKSTPRRSTASSVNATPS
SARRILRFQDDEQNAGEDDNDIMSPLPADEEAELQRRLQLGLRVSPRRREHLHAPEEGSSGPLTEVGTPRLPNVSSAGQD
DEQQQSVISFDNVEPGTISTGRLSLISGIIARLMQTEIFEEESYPVASLFERINEELPEEEKFSAQEYLAGLKIMSDRNN
LMVADDKVWRV
;
3,C
4 'polypeptide(L)'
;MSQQSSSPTKEDNNSSSPVVPNPDSVPPQLSSPALFYSSSSSQGDIYGRNNSQNLSQGEGNIRAAIGSSPLNFPSSSQRQ
NSDVFQSQGRQGRIRSSASASGRSRYHSDLRSDRALPTSSSSLGRNGQNRVHMRRNDIHTSDLSSPRRIVDFDTRSGVNT
LDTSSSSAPPSEASEPLRIIWGTNVSIQECTTNFRNFLMSFKYKFRKILDEREEFINNTTDEELYYIKQLNEMRELGTSN
LNLDARNLLAYKQTEDLYHQLLNYPQEVISIMDQTIKDCMVSLIVDNNLDYDLDEIETKFYKVRPYNVGSCKGMRELNPN
DIDKLINLKGLVLRSTPVIPDMKVAFFKCNVCDHTMAVEIDRGVIQEPARCERIDCNEPNSMSLIHNRCSFADKQVIKLQ
ETPDFVPDGQTPHSISLCVYDELVDSCRAGDRIEVTGTFRSIPIRANSRQRVLKSLYKTYVDVVHVKKVSDKRLDVDTST
IEQELMQNKVDHNEVEEVRQITDQDLAKIREVAAREDLYSLLARSIAPSIYELEDVKKGILLQLFGGTNKTFTKGGRYRG
DINILLCGDPSTSKSQILQYVHKITPRGVYTSGKGSSAVGLTAYITRDVDTKQLVLESGALVLSDGGVCCIDEFDKMSDS
TRSVLHEVMEQQTISIAKAGIITTLNARSSILASANPIGSRYNPNLPVTENIDLPPPLLSRFDLVYLVLDKVDEKNDREL
AKHLTNLYLEDKPEHISQDDVLPVEFLTMYISYAKEHIHPIITEAAKTELVRAYVGMRKMGDDSRSDEKRITATTRQLES
MIRLAEAHAKMKLKNVVELEDVQEAVRLIRSAIKDYATDPKTGKIDMNLVQTGKSVIQRKLQEDLSREIMNVLKDQASDS
MSFNELIKQINEHSQDRVESSDIQEALSRLQQEDKVIVLGEGVRRSVRLNNRV
;
4,D
5 'polypeptide(L)'
;MSFDRPEIYSAPVLQGESPNDDDNTEIIKSFKNFILEFRLDSQFIYRDQLRNNILVKNYSLTVNMEHLIGYNEDIYKKLS
DEPSDIIPLFETAITQVAKRISILSRAQSANNNDKDPENTSMDTDSLLLNSLPTFQLILNSNANQIPLRDLDSEHVSKIV
RLSGIIISTSVLSSRATYLSIMCRNCRHTTSITINNFNSITGNTVSLPRSCLSTIESESSMANESNIGDESTKKNCGPDP
YIIIHESSKFIDQQFLKLQEIPELVPVGEMPRNLTMTCDRYLTNKVIPGTRVTIVGIYSIYNSKNGAGSGRSGGGNGGSG
VAIRTPYIKILGIQSDVETSSIWNSVTMFTEEEEEEFLQLSRNPKLYEILTNSIAPSIFGNEDIKKAIVCLLMGGSKKIL
PDGMRLRGDINVLLLGDPGTAKSQLLKFVEKVSPIAVYTSGKGSSAAGLTASVQRDPMTREFYLEGGAMVLADGGVVCID
EFDKMRDEDRVAIHEAMEQQTISIAKAGITTVLNSRTSVLAAANPIYGRYDDLKSPGDNIDFQTTILSRFDMIFIVKDDH
NEERDISIANHVINIHTGNANAMQNQQEENGSEISIEKMKRYITYCRLKCAPRLSPQAAEKLSSNFVTIRKQLLINELES
TERSSIPITIRQLEAIIRITESLAKLELSPIAQERHVDEAIRLFQASTMDAASQDPIGGLNQASGTSLSEIRRFEQELKR
RLPIGWSTSYQTLRREFVDTHRFSQLALDKALYALEKHETIQLRHQGQNIYRSGV
;
5,E
6 'polypeptide(L)'
;MSSPFPADTPSSNRPSNSSPPPSSIGAGFGSSSGLDSQIGSRLHFPSSSQPHVSNSQTGPFVNDSTQFSSQRLQTDGSAT
NDMEGNEPARSFKSRALNHVKKVDDVTGEKVREAFEQFLEDFSVQSTDTGEVEKVYRAQIEFMKIYDLNTIYIDYQHLSM
RENGALAMAISEQYYRFLPFLQKGLRRVVRKYAPELLNTSDSLKRSEGDEGQADEDEQQDDDMNGSSLPRDSGSSAAPGN
GTSAMATRSITTSTSPEQTERVFQISFFNLPTVHRIRDIRSEKIGSLLSISGTVTRTSEVRPELYKASFTCDMCRAIVDN
VEQSFKYTEPTFCPNPSCENRAFWTLNVTRSRFLDWQKVRIQENANEIPTGSMPRTLDVILRGDSVERAKPGDRCKFTGV
EIVVPDVTQLGLPGVKPSSTLDTRGISKTTEGLNSGVTGLRSLGVRDLTYKISFLACHVISIGSNIGASSPDANSNNRET
ELQMAANLQANNVYQDNERDQEVFLNSLSSDEINELKEMVKDEHIYDKLVRSIAPAVFGHEAVKKGILLQMLGGVHKSTV
EGIKLRGDINICVVGDPSTSKSQFLKYVVGFAPRSVYTSGKASSAAGLTAAVVRDEEGGDYTIEAGALMLADNGICCIDE
FDKMDISDQVAIHEAMEQQTISIAKAGIHATLNARTSILAAANPVGGRYNRKLSLRGNLNMTAPIMSRFDLFFVILDDCN
EKIDTELASHIVDLHMKRDEAIEPPFSAEQLRRYIKYARTFKPILTKEARSYLVEKYKELRKDDAQGFSRSSYRITVRQL
ESMIRLSEAIARANCVDEITPSFIAEAYDLLRQSIIRVDVDDVEMDEEFDNIESQSHAASGNNDDNDDGTGSGVITSEPP
ADIEEGQSEATARPGTSEKKKTTVTYDKYVSMMNMIVRKIAEVDREGAEELTAVDIVDWYLLQKENDLGSLAEYWEERRL
AFKVIKRLVKDRILMEIHGTRHNLRDLENEENENNKTVYVIHPNCEVLDQLEPQDSS
;
6,F
7 'polypeptide(L)'
;MSAALPSIQLPVDYNNLFNEITDFLVTFKQDTLSSDATRNENEDENLDAENIEQHLLEKGPKYMAMLQKVANRELNSVII
DLDDILQYQNEKFLQGTQADDLVSAIQQNANHFTELFCRAIDNNMPLPTKEIDYKDDVLDVILNQRRLRNERMLSDRTNE
IRSENLMDTTMDPPSSMNDALREVVEDETELFPPNLTRRYFLYFKPLSQNCARRYRKKAISSKPLSVRQIKGDFLGQLIT
VRGIITRVSDVKPAVEVIAYTCDQCGYEVFQEVNSRTFTPLSECTSEECSQNQTKGQLFMSTRASKFSAFQECKIQELSQ
QVPVGHIPRSLNIHVNGTLVRSLSPGDIVDVTGIFLPAPYTGFKALKAGLLTETYLEAQFVRQHKKKFASFSLTSDVEER
VMELITSGDVYNRLAKSIAPEIYGNLDVKKALLLLLVGGVDKRVGDGMKIRGDINVCLMGDPGVAKSQLLKAICKISPRG
VYTTGKGSSGVGLTAAVMKDPVTDEMILEGGALVLADNGICCIDEFDKMDESDRTAIHEVMEQQTISISKAGINTTLNAR
TSILAAANPLYGRYNPRLSPLDNINLPAALLSRFDILFLMLDIPSRDDDEKLAEHVTYVHMHNKQPDLDFTPVEPSKMRE
YIAYAKTKRPVMSEAVNDYVVQAYIRLRQDSKREMDSKFSFGQATPRTLLGIIRLSQALAKLRLADMVDIDDVEEALRLV
RVSKESLYQETNKSKEDESPTTKIFTIIKKMLQETGKNTLSYENIVKTVRLRGFTMLQLSNCIQEYSYLNVWHLINEGNT
LKFVDDGTMDTDQEDSLVSTPKLAPQTTASANVSAQDSDIDLQDA
;
7,G
8 'polypeptide(L)'
;MTSKTKNIDDIPPEIKEEMIQLYHDLPGIENEYKLIDKIGEGTFSSVYKAKDITGKITKKFASHFWNYGSNYVALKKIYV
TSSPQRIYNELNLLYIMTGSSRVAPLCDAKRVRDQVIAVLPYYPHEEFRTFYRDLPIKGIKKYIWELLRALKFVHSKGII
HRDIKPTNFLFNLELGRGVLVDFGLAEAQMDYKSMISSQNDYDNYANTNHDGGYSMRNHEQFCPCIMRNQYSPNSHNQTP
PMVTIQNGKVVHLNNVNGVDLTKGYPKNETRRIKRANRAGTRGFRAPEVLMKCGAQSTKIDIWSVGVILLSLLGRRFPMF
QSLDDADSLLELCTIFGWKELRKCAALHGLGFEASGLIWDKPNGYSNGLKEFVYDLLNKECTIGTFPEYSVAFETFGFLQ
QELHDRMSIEPQLPDPKTNMDAVDAYELKKYQEEIWSDHYWCFQVLEQCFEMDPQKRSSAEDLLKTPFFNELNENTYLLD
GESTDEDDVVSSSEADLLDKDVLLISE
;
8,H
9 'polypeptide(L)'
;MVSPTKMIIRSPLKETDTNLKHNNGIAASTTAAGHLNVFSNDNNCNNNNTTESFPKKRSLERLELQQQQHLHEKKRARIE
RARSIEGAVQVSKGTGLKNVEPRVTPKELLEWQTNWKKIMKRDSRIYFDITDDVEMNTYNKSKMDKRRDLLKRGFLTLGA
QITQFFDTTVTIVITRRSVENIYLLKDTDILSRAKKNYMKVWSYEKAARFLKNLDVDLDHLSKTKSASLAAPTLSNLLHN
EKLYGPTDRDPRTKRDDIHYFKYPHVYLYDLWQTWAPIITLEWKPQELTNLDELPYPILKIGSFGRCPFIGDRNYDESSY
KRVVKRYSRDKANKKYALQLRALFQYHADTLLNTSSVNDQTKNLIFIPHTCNDSTKSFKKWMQEKAKNFEKTELKKTDDS
AVQDVRNEHADQTDEKNSILLNETETKEPPLKEEKENKQSIAEESNKYPQRKELAATPKLNHPVLATFARQETEEVPDDL
CTLKTKSRQAFEIKASGAHQSNDVATSFGNGLGPTRASVMSKNMKSLSRLMVDRKLGVKQTNGNNKNYTATIATTAETSK
ENRHRLDFNALKKDEAPSKETGKDSAVHLETNRKPQNFPKVATKSVSADSKVHNDIKITTTESPTASKKSTSTNVTLHFN
AQTAQTAQPVKKETVKNSGYCENCRVKYESLEQHIVSEKHLSFAENDLNFEAIDSLIENLRFQI
;
9,I
#
# COMPACT_ATOMS: atom_id res chain seq x y z
N UNK A 1 48.83 27.30 -65.39
CA UNK A 1 47.85 26.91 -64.38
C UNK A 1 48.53 26.19 -63.22
N UNK A 2 48.03 25.00 -62.89
CA UNK A 2 48.55 24.19 -61.80
C UNK A 2 48.91 22.80 -62.31
N UNK A 3 49.44 21.93 -61.45
CA UNK A 3 49.73 20.54 -61.92
C UNK A 3 49.75 19.57 -60.74
N UNK A 4 50.15 18.32 -61.00
CA UNK A 4 50.21 17.29 -59.94
C UNK A 4 51.66 16.82 -59.76
N ARG B 178 -6.98 -31.33 -42.62
CA ARG B 178 -5.85 -31.18 -41.71
C ARG B 178 -5.76 -29.74 -41.22
N GLU B 179 -4.88 -28.95 -41.85
CA GLU B 179 -4.73 -27.54 -41.50
C GLU B 179 -5.28 -26.60 -42.58
N GLU B 180 -5.82 -27.14 -43.67
CA GLU B 180 -6.38 -26.34 -44.74
C GLU B 180 -7.59 -27.05 -45.31
N LEU B 181 -8.69 -26.32 -45.48
CA LEU B 181 -9.97 -26.90 -45.87
C LEU B 181 -10.40 -26.32 -47.21
N THR B 182 -11.52 -26.84 -47.73
CA THR B 182 -12.12 -26.35 -48.96
C THR B 182 -13.55 -25.90 -48.67
N LEU B 183 -14.22 -25.43 -49.71
CA LEU B 183 -15.58 -24.91 -49.55
C LEU B 183 -16.47 -26.10 -49.24
N GLU B 184 -16.25 -27.24 -49.90
CA GLU B 184 -17.11 -28.41 -49.63
C GLU B 184 -16.97 -28.91 -48.18
N SER B 185 -15.73 -29.09 -47.74
CA SER B 185 -15.46 -29.45 -46.36
C SER B 185 -15.74 -28.43 -45.27
N LEU B 186 -16.06 -27.19 -45.64
CA LEU B 186 -16.37 -26.16 -44.67
C LEU B 186 -17.69 -26.42 -43.95
N SER B 187 -18.63 -27.08 -44.60
CA SER B 187 -19.94 -27.30 -44.00
C SER B 187 -19.85 -28.20 -42.77
N ASN B 188 -19.04 -29.25 -42.83
CA ASN B 188 -18.90 -30.16 -41.71
C ASN B 188 -18.20 -29.46 -40.55
N VAL B 189 -18.91 -29.28 -39.44
CA VAL B 189 -18.40 -28.53 -38.29
C VAL B 189 -17.94 -29.52 -37.23
N LYS B 190 -16.67 -29.42 -36.84
CA LYS B 190 -16.11 -30.24 -35.78
C LYS B 190 -16.29 -29.64 -34.40
N ALA B 191 -16.85 -28.43 -34.30
CA ALA B 191 -17.04 -27.75 -33.03
C ALA B 191 -18.51 -27.81 -32.62
N ASN B 192 -18.75 -27.50 -31.33
CA ASN B 192 -20.10 -27.54 -30.80
C ASN B 192 -20.98 -26.47 -31.43
N SER B 193 -20.46 -25.26 -31.62
CA SER B 193 -21.22 -24.17 -32.19
C SER B 193 -20.40 -23.47 -33.28
N TYR B 194 -21.07 -22.65 -34.08
CA TYR B 194 -20.43 -22.01 -35.22
C TYR B 194 -19.35 -21.03 -34.79
N SER B 195 -19.46 -20.47 -33.57
CA SER B 195 -18.46 -19.52 -33.11
C SER B 195 -17.08 -20.17 -32.98
N GLU B 196 -17.02 -21.33 -32.31
CA GLU B 196 -15.75 -22.05 -32.21
C GLU B 196 -15.26 -22.54 -33.55
N TRP B 197 -16.18 -22.89 -34.46
CA TRP B 197 -15.78 -23.30 -35.80
C TRP B 197 -15.08 -22.16 -36.52
N ILE B 198 -15.68 -20.96 -36.52
CA ILE B 198 -15.12 -19.85 -37.26
C ILE B 198 -13.84 -19.35 -36.60
N THR B 199 -13.81 -19.31 -35.26
CA THR B 199 -12.60 -18.86 -34.56
C THR B 199 -11.43 -19.80 -34.79
N GLN B 200 -11.68 -21.04 -35.17
CA GLN B 200 -10.61 -22.01 -35.34
C GLN B 200 -9.71 -21.59 -36.50
N PRO B 201 -8.40 -21.49 -36.30
CA PRO B 201 -7.52 -20.99 -37.37
C PRO B 201 -7.60 -21.79 -38.66
N ASN B 202 -7.72 -23.12 -38.55
CA ASN B 202 -7.86 -23.96 -39.74
C ASN B 202 -9.07 -23.54 -40.57
N VAL B 203 -10.13 -23.10 -39.90
CA VAL B 203 -11.30 -22.59 -40.60
C VAL B 203 -11.16 -21.11 -40.92
N SER B 204 -10.46 -20.35 -40.08
CA SER B 204 -10.34 -18.91 -40.30
C SER B 204 -9.58 -18.61 -41.59
N ARG B 205 -8.45 -19.29 -41.82
CA ARG B 205 -7.70 -19.05 -43.05
C ARG B 205 -8.47 -19.51 -44.27
N THR B 206 -9.19 -20.64 -44.17
CA THR B 206 -10.02 -21.09 -45.28
C THR B 206 -11.07 -20.05 -45.62
N ILE B 207 -11.75 -19.52 -44.60
CA ILE B 207 -12.79 -18.52 -44.83
C ILE B 207 -12.19 -17.25 -45.44
N ALA B 208 -11.01 -16.84 -44.94
CA ALA B 208 -10.37 -15.63 -45.46
C ALA B 208 -9.99 -15.79 -46.92
N ARG B 209 -9.33 -16.89 -47.27
CA ARG B 209 -9.00 -17.15 -48.67
C ARG B 209 -10.23 -17.19 -49.56
N GLU B 210 -11.30 -17.83 -49.07
CA GLU B 210 -12.45 -18.07 -49.92
C GLU B 210 -13.26 -16.79 -50.13
N LEU B 211 -13.29 -15.91 -49.11
CA LEU B 211 -13.90 -14.60 -49.29
C LEU B 211 -13.03 -13.73 -50.20
N LYS B 212 -11.70 -13.88 -50.12
CA LYS B 212 -10.84 -13.19 -51.06
C LYS B 212 -11.15 -13.61 -52.49
N SER B 213 -11.40 -14.90 -52.70
CA SER B 213 -11.82 -15.38 -54.02
C SER B 213 -13.19 -14.81 -54.41
N PHE B 214 -14.12 -14.77 -53.46
CA PHE B 214 -15.48 -14.32 -53.76
C PHE B 214 -15.50 -12.86 -54.21
N LEU B 215 -14.71 -12.00 -53.55
CA LEU B 215 -14.65 -10.60 -53.97
C LEU B 215 -14.09 -10.46 -55.38
N LEU B 216 -13.15 -11.34 -55.76
CA LEU B 216 -12.49 -11.18 -57.04
C LEU B 216 -13.32 -11.73 -58.19
N GLU B 217 -13.86 -12.94 -58.04
CA GLU B 217 -14.46 -13.61 -59.21
C GLU B 217 -15.88 -13.16 -59.52
N TYR B 218 -16.71 -12.88 -58.52
CA TYR B 218 -18.13 -12.66 -58.78
C TYR B 218 -18.33 -11.52 -59.79
N THR B 219 -19.13 -11.80 -60.83
CA THR B 219 -19.43 -10.78 -61.83
C THR B 219 -20.93 -10.84 -62.14
N ASP B 220 -21.44 -9.73 -62.68
CA ASP B 220 -22.87 -9.61 -62.95
C ASP B 220 -23.22 -10.39 -64.22
N GLU B 221 -24.52 -10.56 -64.46
CA GLU B 221 -24.96 -11.31 -65.64
C GLU B 221 -24.51 -10.63 -66.93
N THR B 222 -24.43 -9.29 -66.92
CA THR B 222 -23.99 -8.56 -68.11
C THR B 222 -22.48 -8.67 -68.31
N GLY B 223 -21.73 -8.97 -67.26
CA GLY B 223 -20.29 -9.07 -67.38
C GLY B 223 -19.53 -8.17 -66.42
N ARG B 224 -20.23 -7.19 -65.85
CA ARG B 224 -19.60 -6.27 -64.91
C ARG B 224 -19.25 -6.98 -63.62
N SER B 225 -18.01 -6.82 -63.18
CA SER B 225 -17.59 -7.29 -61.86
C SER B 225 -18.02 -6.23 -60.85
N VAL B 226 -19.14 -6.48 -60.18
CA VAL B 226 -19.75 -5.46 -59.32
C VAL B 226 -18.80 -5.09 -58.19
N TYR B 227 -18.14 -6.07 -57.59
CA TYR B 227 -17.14 -5.76 -56.58
C TYR B 227 -15.92 -5.08 -57.18
N GLY B 228 -15.60 -5.35 -58.44
CA GLY B 228 -14.57 -4.57 -59.09
C GLY B 228 -14.90 -3.09 -59.11
N ALA B 229 -16.09 -2.75 -59.61
CA ALA B 229 -16.52 -1.35 -59.67
C ALA B 229 -16.65 -0.75 -58.28
N ARG B 230 -17.07 -1.54 -57.29
CA ARG B 230 -17.19 -1.03 -55.93
C ARG B 230 -15.83 -0.71 -55.34
N ILE B 231 -14.82 -1.56 -55.58
CA ILE B 231 -13.47 -1.23 -55.15
C ILE B 231 -12.89 0.02 -55.79
N ARG B 232 -13.13 0.22 -57.09
CA ARG B 232 -12.65 1.42 -57.77
C ARG B 232 -13.32 2.69 -57.23
N THR B 233 -14.62 2.59 -56.97
CA THR B 233 -15.39 3.71 -56.41
C THR B 233 -14.83 3.99 -55.01
N LEU B 234 -14.60 2.94 -54.23
CA LEU B 234 -14.07 3.12 -52.88
C LEU B 234 -12.69 3.78 -52.93
N GLY B 235 -11.85 3.34 -53.85
CA GLY B 235 -10.53 3.95 -54.00
C GLY B 235 -10.62 5.38 -54.49
N GLU B 236 -11.51 5.65 -55.45
CA GLU B 236 -11.63 6.98 -56.03
C GLU B 236 -12.32 7.98 -55.10
N MET B 237 -13.03 7.51 -54.07
CA MET B 237 -13.70 8.39 -53.13
C MET B 237 -13.08 8.39 -51.74
N ASN B 238 -11.99 7.65 -51.53
CA ASN B 238 -11.31 7.55 -50.25
C ASN B 238 -12.23 7.07 -49.13
N SER B 239 -13.31 6.37 -49.47
CA SER B 239 -14.23 5.87 -48.48
C SER B 239 -13.70 4.59 -47.85
N GLU B 240 -14.18 4.29 -46.64
CA GLU B 240 -13.81 3.08 -45.93
C GLU B 240 -14.98 2.11 -45.78
N SER B 241 -16.00 2.24 -46.63
CA SER B 241 -17.17 1.38 -46.59
C SER B 241 -17.29 0.63 -47.91
N LEU B 242 -17.35 -0.69 -47.84
CA LEU B 242 -17.58 -1.54 -49.00
C LEU B 242 -19.01 -2.06 -48.95
N GLU B 243 -19.77 -1.79 -50.00
CA GLU B 243 -21.21 -2.09 -50.03
C GLU B 243 -21.42 -3.50 -50.59
N VAL B 244 -21.16 -4.49 -49.73
CA VAL B 244 -21.21 -5.90 -50.14
C VAL B 244 -22.65 -6.40 -50.05
N ASN B 245 -23.13 -7.02 -51.12
CA ASN B 245 -24.50 -7.51 -51.21
C ASN B 245 -24.62 -8.93 -50.66
N TYR B 246 -25.87 -9.34 -50.37
CA TYR B 246 -26.11 -10.67 -49.82
C TYR B 246 -26.66 -11.70 -50.81
N ARG B 247 -27.39 -11.27 -51.85
CA ARG B 247 -27.56 -12.10 -53.04
C ARG B 247 -26.27 -12.70 -53.56
N HIS B 248 -25.25 -11.88 -53.78
CA HIS B 248 -24.07 -12.36 -54.49
C HIS B 248 -23.35 -13.39 -53.62
N LEU B 249 -23.22 -13.11 -52.32
CA LEU B 249 -22.62 -14.08 -51.42
C LEU B 249 -23.47 -15.34 -51.31
N ALA B 250 -24.79 -15.19 -51.17
CA ALA B 250 -25.65 -16.36 -51.00
C ALA B 250 -25.68 -17.24 -52.24
N GLU B 251 -25.80 -16.62 -53.42
CA GLU B 251 -25.83 -17.38 -54.67
C GLU B 251 -24.48 -18.02 -54.94
N SER B 252 -23.39 -17.28 -54.72
CA SER B 252 -22.07 -17.80 -55.05
C SER B 252 -21.60 -18.79 -54.00
N LYS B 253 -21.61 -18.39 -52.72
CA LYS B 253 -21.13 -19.23 -51.62
C LYS B 253 -22.21 -19.27 -50.54
N ALA B 254 -23.12 -20.22 -50.64
CA ALA B 254 -24.25 -20.29 -49.71
C ALA B 254 -23.80 -20.57 -48.27
N ILE B 255 -22.80 -21.44 -48.09
CA ILE B 255 -22.36 -21.80 -46.75
C ILE B 255 -21.75 -20.59 -46.04
N LEU B 256 -21.04 -19.74 -46.77
CA LEU B 256 -20.46 -18.56 -46.14
C LEU B 256 -21.51 -17.51 -45.81
N ALA B 257 -22.54 -17.37 -46.66
CA ALA B 257 -23.65 -16.48 -46.32
C ALA B 257 -24.39 -16.99 -45.08
N LEU B 258 -24.57 -18.31 -44.98
CA LEU B 258 -25.18 -18.89 -43.79
C LEU B 258 -24.33 -18.65 -42.56
N PHE B 259 -23.00 -18.77 -42.70
CA PHE B 259 -22.11 -18.49 -41.58
C PHE B 259 -22.19 -17.02 -41.15
N LEU B 260 -22.26 -16.12 -42.13
CA LEU B 260 -22.38 -14.70 -41.82
C LEU B 260 -23.69 -14.40 -41.10
N ALA B 261 -24.79 -15.00 -41.55
CA ALA B 261 -26.06 -14.84 -40.86
C ALA B 261 -26.07 -15.51 -39.50
N LYS B 262 -25.20 -16.51 -39.30
CA LYS B 262 -25.08 -17.23 -38.04
C LYS B 262 -24.28 -16.47 -37.00
N CYS B 263 -23.02 -16.16 -37.30
CA CYS B 263 -22.11 -15.51 -36.36
C CYS B 263 -21.48 -14.31 -37.04
N PRO B 264 -22.19 -13.18 -37.11
CA PRO B 264 -21.70 -12.01 -37.83
C PRO B 264 -20.66 -11.20 -37.09
N GLU B 265 -20.14 -11.68 -35.96
CA GLU B 265 -19.07 -11.00 -35.23
C GLU B 265 -17.70 -11.50 -35.63
N GLU B 266 -17.49 -12.83 -35.61
CA GLU B 266 -16.26 -13.39 -36.15
C GLU B 266 -16.14 -13.14 -37.64
N MET B 267 -17.22 -13.36 -38.38
CA MET B 267 -17.30 -12.82 -39.73
C MET B 267 -17.50 -11.32 -39.65
N LEU B 268 -17.24 -10.64 -40.77
CA LEU B 268 -17.17 -9.17 -40.82
C LEU B 268 -15.96 -8.68 -40.04
N LYS B 269 -15.18 -9.61 -39.48
CA LYS B 269 -13.85 -9.33 -38.97
C LYS B 269 -12.77 -9.96 -39.84
N ILE B 270 -13.00 -11.20 -40.28
CA ILE B 270 -12.19 -11.79 -41.33
C ILE B 270 -12.40 -11.10 -42.68
N PHE B 271 -13.66 -10.79 -43.01
CA PHE B 271 -13.96 -10.27 -44.34
C PHE B 271 -13.60 -8.79 -44.45
N ASP B 272 -13.56 -8.07 -43.33
CA ASP B 272 -13.11 -6.68 -43.38
C ASP B 272 -11.63 -6.71 -43.77
N LEU B 273 -10.87 -7.63 -43.21
CA LEU B 273 -9.47 -7.83 -43.62
C LEU B 273 -9.41 -8.27 -45.09
N VAL B 274 -10.33 -9.14 -45.50
CA VAL B 274 -10.35 -9.61 -46.89
C VAL B 274 -10.60 -8.44 -47.83
N ALA B 275 -11.55 -7.57 -47.48
CA ALA B 275 -11.85 -6.40 -48.29
C ALA B 275 -10.67 -5.44 -48.31
N MET B 276 -9.99 -5.30 -47.17
CA MET B 276 -8.78 -4.48 -47.14
C MET B 276 -7.72 -5.01 -48.09
N GLU B 277 -7.52 -6.33 -48.11
CA GLU B 277 -6.56 -6.92 -49.04
C GLU B 277 -6.98 -6.70 -50.48
N ALA B 278 -8.28 -6.90 -50.77
CA ALA B 278 -8.77 -6.74 -52.12
C ALA B 278 -8.65 -5.31 -52.62
N THR B 279 -8.91 -4.33 -51.76
CA THR B 279 -8.76 -2.94 -52.13
C THR B 279 -7.31 -2.47 -52.14
N GLU B 280 -6.43 -3.14 -51.40
CA GLU B 280 -5.01 -2.85 -51.50
C GLU B 280 -4.38 -3.38 -52.77
N LEU B 281 -4.89 -4.51 -53.29
CA LEU B 281 -4.37 -5.02 -54.56
C LEU B 281 -4.62 -4.04 -55.69
N HIS B 282 -5.84 -3.50 -55.78
CA HIS B 282 -6.14 -2.51 -56.82
C HIS B 282 -5.56 -1.14 -56.46
N TYR B 283 -5.63 -0.76 -55.18
CA TYR B 283 -5.19 0.55 -54.72
C TYR B 283 -4.06 0.33 -53.71
N PRO B 284 -2.83 0.17 -54.19
CA PRO B 284 -1.71 -0.06 -53.27
C PRO B 284 -1.44 1.17 -52.41
N ASP B 285 -0.86 0.92 -51.24
CA ASP B 285 -0.54 1.96 -50.26
C ASP B 285 -1.80 2.70 -49.84
N TYR B 286 -2.86 1.94 -49.56
CA TYR B 286 -4.12 2.50 -49.09
C TYR B 286 -4.26 2.49 -47.58
N ALA B 287 -3.46 1.67 -46.87
CA ALA B 287 -3.53 1.64 -45.42
C ALA B 287 -3.11 2.95 -44.79
N ARG B 288 -2.28 3.75 -45.48
CA ARG B 288 -1.90 5.05 -44.95
C ARG B 288 -3.08 6.01 -44.90
N ILE B 289 -4.05 5.84 -45.79
CA ILE B 289 -5.23 6.71 -45.80
C ILE B 289 -6.23 6.25 -44.74
N HIS B 290 -6.71 5.02 -44.85
CA HIS B 290 -7.66 4.46 -43.91
C HIS B 290 -7.08 3.18 -43.30
N SER B 291 -7.23 3.03 -41.99
CA SER B 291 -6.66 1.88 -41.30
C SER B 291 -7.29 0.58 -41.78
N GLU B 292 -8.61 0.56 -41.94
CA GLU B 292 -9.32 -0.64 -42.35
C GLU B 292 -10.55 -0.25 -43.15
N ILE B 293 -11.04 -1.21 -43.93
CA ILE B 293 -12.26 -1.06 -44.72
C ILE B 293 -13.41 -1.70 -43.97
N HIS B 294 -14.52 -0.99 -43.86
CA HIS B 294 -15.72 -1.50 -43.22
C HIS B 294 -16.65 -2.06 -44.28
N VAL B 295 -17.25 -3.21 -44.01
CA VAL B 295 -18.11 -3.89 -44.96
C VAL B 295 -19.57 -3.69 -44.56
N ARG B 296 -20.39 -3.26 -45.51
CA ARG B 296 -21.81 -2.97 -45.28
C ARG B 296 -22.64 -4.03 -45.99
N ILE B 297 -23.10 -5.03 -45.24
CA ILE B 297 -23.96 -6.06 -45.81
C ILE B 297 -25.33 -5.47 -46.10
N SER B 298 -25.79 -5.67 -47.33
CA SER B 298 -27.06 -5.12 -47.78
C SER B 298 -27.92 -6.21 -48.40
N ASP B 299 -29.22 -5.94 -48.46
CA ASP B 299 -30.21 -6.88 -49.03
C ASP B 299 -30.23 -8.20 -48.26
N PHE B 300 -30.24 -8.09 -46.94
CA PHE B 300 -30.46 -9.28 -46.11
C PHE B 300 -31.90 -9.76 -46.28
N PRO B 301 -32.11 -11.07 -46.46
CA PRO B 301 -33.48 -11.53 -46.77
C PRO B 301 -34.42 -11.49 -45.58
N THR B 302 -33.96 -11.87 -44.39
CA THR B 302 -34.83 -11.97 -43.23
C THR B 302 -35.01 -10.57 -42.63
N ILE B 303 -36.20 -10.01 -42.79
CA ILE B 303 -36.54 -8.70 -42.24
C ILE B 303 -37.39 -8.93 -41.00
N TYR B 304 -36.86 -8.55 -39.84
CA TYR B 304 -37.58 -8.70 -38.58
C TYR B 304 -38.30 -7.42 -38.20
N SER B 305 -39.13 -7.53 -37.18
CA SER B 305 -39.76 -6.38 -36.53
C SER B 305 -39.27 -6.33 -35.09
N LEU B 306 -39.19 -5.10 -34.55
CA LEU B 306 -38.63 -4.91 -33.22
C LEU B 306 -39.42 -5.63 -32.14
N ARG B 307 -40.70 -5.92 -32.39
CA ARG B 307 -41.48 -6.74 -31.45
C ARG B 307 -41.24 -8.23 -31.65
N GLU B 308 -40.65 -8.63 -32.77
CA GLU B 308 -40.41 -10.03 -33.08
C GLU B 308 -39.03 -10.51 -32.64
N LEU B 309 -38.18 -9.61 -32.12
CA LEU B 309 -36.83 -9.99 -31.72
C LEU B 309 -36.88 -10.73 -30.40
N ARG B 310 -36.27 -11.91 -30.35
CA ARG B 310 -36.23 -12.75 -29.17
C ARG B 310 -34.78 -13.10 -28.83
N GLU B 311 -34.61 -13.95 -27.83
CA GLU B 311 -33.27 -14.40 -27.44
C GLU B 311 -32.62 -15.27 -28.50
N SER B 312 -33.41 -15.91 -29.37
CA SER B 312 -32.84 -16.73 -30.44
C SER B 312 -32.09 -15.89 -31.47
N ASN B 313 -32.38 -14.60 -31.55
CA ASN B 313 -31.70 -13.70 -32.48
C ASN B 313 -30.45 -13.06 -31.87
N LEU B 314 -30.11 -13.42 -30.63
CA LEU B 314 -28.94 -12.84 -29.98
C LEU B 314 -27.65 -13.27 -30.67
N SER B 315 -26.69 -12.34 -30.75
CA SER B 315 -25.38 -12.58 -31.34
C SER B 315 -25.47 -12.93 -32.82
N SER B 316 -26.65 -12.75 -33.42
CA SER B 316 -26.86 -13.02 -34.82
C SER B 316 -27.06 -11.71 -35.57
N LEU B 317 -27.24 -11.83 -36.90
CA LEU B 317 -27.43 -10.68 -37.77
C LEU B 317 -28.91 -10.55 -38.09
N VAL B 318 -29.51 -9.43 -37.72
CA VAL B 318 -30.91 -9.16 -37.98
C VAL B 318 -31.02 -7.95 -38.90
N ARG B 319 -32.22 -7.75 -39.45
CA ARG B 319 -32.50 -6.61 -40.32
C ARG B 319 -33.88 -6.09 -39.92
N VAL B 320 -33.90 -5.07 -39.07
CA VAL B 320 -35.14 -4.49 -38.58
C VAL B 320 -35.43 -3.22 -39.36
N THR B 321 -36.65 -2.70 -39.19
CA THR B 321 -37.05 -1.44 -39.80
C THR B 321 -37.80 -0.60 -38.78
N GLY B 322 -37.63 0.71 -38.86
CA GLY B 322 -38.31 1.59 -37.92
C GLY B 322 -37.94 3.03 -38.13
N VAL B 323 -38.62 3.90 -37.39
CA VAL B 323 -38.41 5.33 -37.45
C VAL B 323 -37.40 5.73 -36.39
N VAL B 324 -36.45 6.58 -36.76
CA VAL B 324 -35.50 7.13 -35.78
C VAL B 324 -36.22 8.18 -34.95
N THR B 325 -36.07 8.08 -33.62
CA THR B 325 -36.78 8.97 -32.68
C THR B 325 -35.83 9.85 -31.87
N ARG B 326 -34.55 9.48 -31.73
CA ARG B 326 -33.55 10.25 -30.97
C ARG B 326 -32.16 9.93 -31.48
N ARG B 327 -31.19 10.84 -31.38
CA ARG B 327 -29.77 10.59 -31.72
C ARG B 327 -28.96 11.26 -30.61
N THR B 328 -27.92 10.64 -30.06
CA THR B 328 -27.06 11.14 -28.99
C THR B 328 -25.71 11.50 -29.59
N GLY B 329 -25.63 12.70 -30.14
CA GLY B 329 -24.43 13.36 -30.66
C GLY B 329 -23.53 12.44 -31.44
N VAL B 330 -22.23 12.72 -31.36
CA VAL B 330 -21.18 11.86 -31.90
C VAL B 330 -20.03 11.88 -30.90
N PHE B 331 -19.64 10.70 -30.41
CA PHE B 331 -18.60 10.65 -29.40
C PHE B 331 -17.43 9.79 -29.86
N PRO B 332 -16.20 10.18 -29.57
CA PRO B 332 -15.06 9.32 -29.87
C PRO B 332 -15.04 8.09 -28.98
N GLN B 333 -14.53 6.99 -29.54
CA GLN B 333 -14.41 5.72 -28.85
C GLN B 333 -13.04 5.14 -29.15
N LEU B 334 -12.39 4.57 -28.13
CA LEU B 334 -11.04 4.05 -28.29
C LEU B 334 -11.00 2.96 -29.34
N LYS B 335 -10.08 3.08 -30.30
CA LYS B 335 -9.88 2.07 -31.32
C LYS B 335 -8.48 1.48 -31.30
N TYR B 336 -7.45 2.32 -31.35
CA TYR B 336 -6.06 1.89 -31.23
C TYR B 336 -5.49 2.60 -30.01
N VAL B 337 -5.48 1.90 -28.88
CA VAL B 337 -5.14 2.51 -27.60
C VAL B 337 -3.63 2.42 -27.40
N LYS B 338 -3.00 3.54 -27.10
CA LYS B 338 -1.57 3.53 -26.71
C LYS B 338 -1.59 3.96 -25.24
N PHE B 339 -1.04 3.15 -24.34
CA PHE B 339 -1.10 3.43 -22.89
C PHE B 339 0.24 3.98 -22.40
N ASN B 340 0.20 5.10 -21.71
CA ASN B 340 1.42 5.70 -21.12
C ASN B 340 1.75 5.08 -19.77
N CYS B 341 2.98 4.60 -19.58
CA CYS B 341 3.50 4.10 -18.32
C CYS B 341 3.93 5.27 -17.45
N LEU B 342 3.39 5.32 -16.22
CA LEU B 342 3.70 6.42 -15.30
C LEU B 342 5.00 6.17 -14.54
N LYS B 343 5.67 5.05 -14.77
CA LYS B 343 6.95 4.78 -14.15
C LYS B 343 8.12 5.19 -15.05
N CYS B 344 8.04 4.82 -16.33
CA CYS B 344 9.07 5.25 -17.29
C CYS B 344 8.71 6.57 -17.95
N GLY B 345 7.46 6.68 -18.41
CA GLY B 345 7.08 7.69 -19.37
C GLY B 345 6.96 7.09 -20.75
N SER B 346 7.00 5.74 -20.79
CA SER B 346 6.89 4.95 -22.05
C SER B 346 5.52 4.83 -22.70
N ILE B 347 5.41 5.02 -24.02
CA ILE B 347 4.10 4.87 -24.71
C ILE B 347 4.01 3.48 -25.36
N LEU B 348 3.32 2.53 -24.72
CA LEU B 348 3.15 1.17 -25.20
C LEU B 348 2.35 1.18 -26.49
N GLY B 349 2.68 0.24 -27.38
CA GLY B 349 2.18 0.24 -28.74
C GLY B 349 0.68 0.13 -28.86
N PRO B 350 0.18 0.29 -30.09
CA PRO B 350 -1.28 0.26 -30.29
C PRO B 350 -1.87 -1.10 -29.95
N PHE B 351 -2.96 -1.07 -29.18
CA PHE B 351 -3.70 -2.26 -28.79
C PHE B 351 -5.14 -2.07 -29.24
N PHE B 352 -5.61 -2.96 -30.11
CA PHE B 352 -6.92 -2.79 -30.72
C PHE B 352 -8.02 -2.96 -29.68
N GLN B 353 -8.83 -1.93 -29.50
CA GLN B 353 -10.00 -1.96 -28.64
C GLN B 353 -11.26 -1.99 -29.48
N ASP B 354 -12.24 -2.77 -29.06
CA ASP B 354 -13.46 -2.96 -29.84
C ASP B 354 -14.67 -2.61 -28.98
N SER B 355 -15.86 -2.91 -29.50
CA SER B 355 -17.11 -2.51 -28.86
C SER B 355 -17.51 -3.43 -27.71
N ASN B 356 -16.73 -4.46 -27.41
CA ASN B 356 -17.10 -5.38 -26.33
C ASN B 356 -16.87 -4.74 -24.96
N GLU B 357 -15.61 -4.42 -24.64
CA GLU B 357 -15.28 -3.83 -23.36
C GLU B 357 -13.93 -3.14 -23.46
N GLU B 358 -13.68 -2.22 -22.53
CA GLU B 358 -12.40 -1.53 -22.50
C GLU B 358 -11.26 -2.48 -22.18
N ILE B 359 -10.09 -2.18 -22.71
CA ILE B 359 -8.91 -3.01 -22.53
C ILE B 359 -8.01 -2.36 -21.47
N ARG B 360 -7.13 -3.17 -20.90
CA ARG B 360 -6.20 -2.71 -19.88
C ARG B 360 -4.87 -3.42 -20.07
N ILE B 361 -3.79 -2.75 -19.69
CA ILE B 361 -2.43 -3.26 -19.85
C ILE B 361 -1.74 -3.26 -18.49
N SER B 362 -1.14 -4.39 -18.14
CA SER B 362 -0.41 -4.51 -16.88
C SER B 362 1.07 -4.81 -17.05
N PHE B 363 1.55 -5.00 -18.27
CA PHE B 363 2.94 -5.36 -18.53
C PHE B 363 3.64 -4.23 -19.25
N CYS B 364 4.76 -3.77 -18.70
CA CYS B 364 5.61 -2.80 -19.36
C CYS B 364 6.71 -3.53 -20.14
N THR B 365 7.49 -2.78 -20.89
CA THR B 365 8.64 -3.44 -21.55
C THR B 365 9.91 -2.83 -20.99
N ASN B 366 10.04 -1.51 -21.02
CA ASN B 366 11.30 -0.88 -20.59
C ASN B 366 11.57 -1.12 -19.11
N CYS B 367 10.56 -1.02 -18.24
CA CYS B 367 10.77 -1.19 -16.78
C CYS B 367 9.87 -2.28 -16.23
N LYS B 368 9.03 -2.87 -17.07
CA LYS B 368 8.20 -4.03 -16.65
C LYS B 368 7.37 -3.68 -15.39
N SER B 369 6.95 -2.43 -15.24
CA SER B 369 6.06 -2.06 -14.12
C SER B 369 4.67 -2.62 -14.35
N LYS B 370 3.91 -2.83 -13.28
CA LYS B 370 2.51 -3.27 -13.43
C LYS B 370 1.65 -2.20 -12.76
N GLY B 371 2.25 -1.05 -12.41
CA GLY B 371 1.53 -0.02 -11.63
C GLY B 371 0.50 0.78 -12.42
N PRO B 372 0.20 2.07 -12.11
CA PRO B 372 -0.83 2.78 -12.86
C PRO B 372 -0.41 2.99 -14.31
N PHE B 373 -1.27 2.54 -15.23
CA PHE B 373 -1.04 2.72 -16.66
C PHE B 373 -2.20 3.53 -17.21
N ARG B 374 -1.92 4.70 -17.80
CA ARG B 374 -3.01 5.61 -18.26
C ARG B 374 -3.13 5.62 -19.78
N VAL B 375 -4.35 5.59 -20.32
CA VAL B 375 -4.53 5.71 -21.78
C VAL B 375 -3.92 7.07 -22.17
N ASN B 376 -3.16 7.14 -23.25
CA ASN B 376 -2.65 8.44 -23.73
C ASN B 376 -3.64 8.94 -24.77
N GLY B 377 -4.43 9.95 -24.43
CA GLY B 377 -5.44 10.50 -25.34
C GLY B 377 -4.81 11.09 -26.57
N GLU B 378 -3.66 11.72 -26.42
CA GLU B 378 -3.03 12.39 -27.58
C GLU B 378 -2.64 11.36 -28.62
N LYS B 379 -2.06 10.23 -28.20
CA LYS B 379 -1.56 9.22 -29.17
C LYS B 379 -2.56 8.10 -29.43
N THR B 380 -3.66 8.04 -28.67
CA THR B 380 -4.72 7.04 -28.97
C THR B 380 -5.51 7.45 -30.21
N VAL B 381 -6.01 6.49 -30.98
CA VAL B 381 -6.84 6.66 -32.16
C VAL B 381 -8.29 6.38 -31.76
N TYR B 382 -9.22 7.15 -32.33
CA TYR B 382 -10.61 7.09 -31.96
C TYR B 382 -11.48 6.85 -33.19
N ARG B 383 -12.68 6.33 -32.93
CA ARG B 383 -13.69 6.09 -33.95
C ARG B 383 -14.99 6.76 -33.52
N ASN B 384 -15.80 7.15 -34.50
CA ASN B 384 -17.08 7.77 -34.19
C ASN B 384 -18.05 6.77 -33.59
N TYR B 385 -18.86 7.24 -32.65
CA TYR B 385 -19.85 6.40 -31.98
C TYR B 385 -21.12 7.21 -31.79
N GLN B 386 -22.26 6.58 -32.07
CA GLN B 386 -23.54 7.25 -31.93
C GLN B 386 -24.60 6.24 -31.53
N ARG B 387 -25.54 6.68 -30.70
CA ARG B 387 -26.70 5.88 -30.32
C ARG B 387 -27.95 6.48 -30.96
N VAL B 388 -28.72 5.63 -31.64
CA VAL B 388 -29.94 6.04 -32.31
C VAL B 388 -31.08 5.19 -31.76
N THR B 389 -32.13 5.84 -31.27
CA THR B 389 -33.30 5.11 -30.81
C THR B 389 -34.20 4.80 -32.00
N LEU B 390 -34.37 3.50 -32.29
CA LEU B 390 -35.19 3.05 -33.40
C LEU B 390 -36.51 2.53 -32.84
N GLN B 391 -37.60 3.19 -33.19
CA GLN B 391 -38.92 2.86 -32.68
C GLN B 391 -39.80 2.37 -33.83
N GLU B 392 -40.62 1.35 -33.56
CA GLU B 392 -41.44 0.78 -34.60
C GLU B 392 -42.33 1.83 -35.25
N ALA B 393 -42.45 1.76 -36.57
CA ALA B 393 -43.32 2.69 -37.28
C ALA B 393 -44.75 2.53 -36.76
N PRO B 394 -45.39 3.63 -36.35
CA PRO B 394 -46.72 3.50 -35.72
C PRO B 394 -47.77 2.84 -36.61
N GLY B 395 -47.64 2.95 -37.94
CA GLY B 395 -48.61 2.31 -38.81
C GLY B 395 -48.55 0.80 -38.75
N THR B 396 -47.35 0.23 -38.61
CA THR B 396 -47.18 -1.22 -38.66
C THR B 396 -47.47 -1.90 -37.33
N VAL B 397 -47.68 -1.14 -36.26
CA VAL B 397 -47.93 -1.75 -34.94
C VAL B 397 -49.34 -2.35 -34.92
N PRO B 398 -49.51 -3.57 -34.42
CA PRO B 398 -50.85 -4.15 -34.33
C PRO B 398 -51.73 -3.35 -33.38
N PRO B 399 -53.04 -3.37 -33.58
CA PRO B 399 -53.93 -2.57 -32.72
C PRO B 399 -53.85 -2.99 -31.27
N GLY B 400 -53.88 -1.99 -30.38
CA GLY B 400 -53.84 -2.22 -28.95
C GLY B 400 -52.46 -2.42 -28.37
N ARG B 401 -51.43 -2.52 -29.20
CA ARG B 401 -50.07 -2.75 -28.74
C ARG B 401 -49.31 -1.44 -28.85
N LEU B 402 -48.40 -1.18 -27.93
CA LEU B 402 -47.62 0.09 -27.93
C LEU B 402 -46.34 -0.12 -28.75
N PRO B 403 -45.90 0.87 -29.55
CA PRO B 403 -44.71 0.72 -30.36
C PRO B 403 -43.49 0.34 -29.54
N ARG B 404 -42.62 -0.51 -30.08
CA ARG B 404 -41.46 -1.00 -29.31
C ARG B 404 -40.20 -0.35 -29.85
N HIS B 405 -39.21 -0.13 -29.00
CA HIS B 405 -37.99 0.61 -29.39
C HIS B 405 -36.73 -0.21 -29.14
N ARG B 406 -35.64 0.09 -29.85
CA ARG B 406 -34.34 -0.53 -29.53
C ARG B 406 -33.27 0.54 -29.66
N GLU B 407 -32.07 0.25 -29.18
CA GLU B 407 -30.93 1.16 -29.29
C GLU B 407 -29.98 0.62 -30.34
N VAL B 408 -29.72 1.42 -31.38
CA VAL B 408 -28.85 1.04 -32.48
C VAL B 408 -27.55 1.81 -32.34
N ILE B 409 -26.43 1.10 -32.40
CA ILE B 409 -25.11 1.69 -32.23
C ILE B 409 -24.46 1.82 -33.60
N LEU B 410 -24.14 3.06 -33.97
CA LEU B 410 -23.53 3.39 -35.25
C LEU B 410 -22.06 3.72 -35.00
N LEU B 411 -21.17 3.09 -35.76
CA LEU B 411 -19.74 3.07 -35.42
C LEU B 411 -18.88 3.57 -36.58
N ALA B 412 -18.41 4.80 -36.46
CA ALA B 412 -17.25 5.34 -37.17
C ALA B 412 -17.47 5.62 -38.65
N ASP B 413 -18.59 5.18 -39.21
CA ASP B 413 -18.92 5.59 -40.57
C ASP B 413 -20.40 5.90 -40.78
N LEU B 414 -21.30 5.37 -39.96
CA LEU B 414 -22.72 5.58 -40.13
C LEU B 414 -23.24 6.77 -39.33
N VAL B 415 -22.37 7.46 -38.58
CA VAL B 415 -22.83 8.53 -37.71
C VAL B 415 -23.43 9.67 -38.53
N ASP B 416 -24.56 10.19 -38.06
CA ASP B 416 -25.21 11.36 -38.63
C ASP B 416 -25.65 11.12 -40.08
N VAL B 417 -26.37 10.02 -40.29
CA VAL B 417 -26.97 9.73 -41.59
C VAL B 417 -28.48 9.52 -41.51
N SER B 418 -29.05 9.39 -40.32
CA SER B 418 -30.47 9.14 -40.14
C SER B 418 -31.03 10.14 -39.13
N LYS B 419 -31.71 11.16 -39.63
CA LYS B 419 -32.32 12.16 -38.76
C LYS B 419 -33.54 11.58 -38.05
N PRO B 420 -33.93 12.16 -36.92
CA PRO B 420 -35.17 11.73 -36.26
C PRO B 420 -36.38 11.90 -37.17
N GLY B 421 -37.31 10.96 -37.06
CA GLY B 421 -38.47 10.94 -37.92
C GLY B 421 -38.27 10.24 -39.24
N GLU B 422 -37.06 9.76 -39.52
CA GLU B 422 -36.76 9.06 -40.76
C GLU B 422 -37.02 7.57 -40.60
N GLU B 423 -37.73 6.98 -41.56
CA GLU B 423 -37.97 5.55 -41.57
C GLU B 423 -36.81 4.87 -42.29
N VAL B 424 -36.08 4.02 -41.56
CA VAL B 424 -34.88 3.38 -42.09
C VAL B 424 -34.95 1.89 -41.83
N GLU B 425 -34.13 1.15 -42.56
CA GLU B 425 -33.95 -0.29 -42.40
C GLU B 425 -32.53 -0.51 -41.87
N VAL B 426 -32.44 -0.93 -40.62
CA VAL B 426 -31.15 -1.14 -39.97
C VAL B 426 -30.81 -2.62 -40.03
N THR B 427 -29.73 -2.93 -40.74
CA THR B 427 -29.12 -4.26 -40.68
C THR B 427 -28.00 -4.22 -39.66
N GLY B 428 -27.97 -5.20 -38.76
CA GLY B 428 -26.95 -5.16 -37.74
C GLY B 428 -26.87 -6.47 -36.98
N ILE B 429 -26.13 -6.43 -35.87
CA ILE B 429 -25.96 -7.57 -34.99
C ILE B 429 -26.77 -7.32 -33.72
N TYR B 430 -27.65 -8.25 -33.39
CA TYR B 430 -28.48 -8.15 -32.19
C TYR B 430 -27.71 -8.77 -31.02
N LYS B 431 -27.30 -7.93 -30.08
CA LYS B 431 -26.43 -8.39 -29.01
C LYS B 431 -26.91 -7.84 -27.68
N ASN B 432 -26.27 -8.31 -26.60
CA ASN B 432 -26.64 -7.94 -25.24
C ASN B 432 -25.72 -6.83 -24.75
N ASN B 433 -26.31 -5.75 -24.25
CA ASN B 433 -25.54 -4.69 -23.60
C ASN B 433 -25.24 -5.12 -22.17
N TYR B 434 -24.01 -5.55 -21.91
CA TYR B 434 -23.64 -6.11 -20.63
C TYR B 434 -23.19 -5.01 -19.67
N ASP B 435 -23.73 -5.03 -18.46
CA ASP B 435 -23.37 -4.06 -17.43
C ASP B 435 -23.44 -4.70 -16.05
N ASN B 439 -30.65 -6.01 -13.44
CA ASN B 439 -30.39 -7.32 -12.87
C ASN B 439 -31.00 -7.44 -11.47
N ALA B 440 -30.98 -6.35 -10.71
CA ALA B 440 -31.49 -6.44 -9.33
C ALA B 440 -32.75 -5.57 -9.18
N LYS B 441 -32.97 -4.63 -10.09
CA LYS B 441 -34.24 -3.84 -10.09
C LYS B 441 -35.39 -4.78 -10.47
N ASN B 442 -35.14 -5.72 -11.38
CA ASN B 442 -36.21 -6.64 -11.87
C ASN B 442 -36.34 -7.88 -10.98
N GLY B 443 -35.37 -8.14 -10.12
CA GLY B 443 -35.38 -9.39 -9.34
C GLY B 443 -34.90 -10.57 -10.17
N PHE B 444 -34.56 -10.35 -11.45
CA PHE B 444 -34.18 -11.44 -12.33
C PHE B 444 -32.92 -11.04 -13.08
N PRO B 445 -32.10 -12.01 -13.48
CA PRO B 445 -30.92 -11.67 -14.30
C PRO B 445 -31.31 -11.30 -15.71
N VAL B 446 -31.77 -10.06 -15.89
CA VAL B 446 -32.32 -9.57 -17.14
C VAL B 446 -31.33 -8.63 -17.79
N PHE B 447 -31.09 -8.81 -19.09
CA PHE B 447 -30.14 -8.02 -19.85
C PHE B 447 -30.86 -7.15 -20.86
N ALA B 448 -30.35 -5.93 -21.04
CA ALA B 448 -30.81 -5.07 -22.12
C ALA B 448 -30.14 -5.47 -23.43
N THR B 449 -30.77 -5.13 -24.54
CA THR B 449 -30.28 -5.49 -25.85
C THR B 449 -30.02 -4.25 -26.70
N ILE B 450 -29.06 -4.38 -27.62
CA ILE B 450 -28.72 -3.35 -28.59
C ILE B 450 -28.56 -4.00 -29.95
N ILE B 451 -28.60 -3.16 -30.99
CA ILE B 451 -28.35 -3.58 -32.36
C ILE B 451 -27.13 -2.79 -32.83
N GLU B 452 -25.98 -3.45 -32.92
CA GLU B 452 -24.79 -2.82 -33.47
C GLU B 452 -24.93 -2.81 -34.99
N ALA B 453 -25.21 -1.63 -35.55
CA ALA B 453 -25.56 -1.55 -36.96
C ALA B 453 -24.35 -1.78 -37.85
N ASN B 454 -24.51 -2.65 -38.83
CA ASN B 454 -23.51 -2.80 -39.89
C ASN B 454 -23.79 -1.79 -41.01
N SER B 455 -24.99 -1.85 -41.59
CA SER B 455 -25.40 -0.92 -42.63
C SER B 455 -26.76 -0.35 -42.29
N ILE B 456 -26.91 0.96 -42.46
CA ILE B 456 -28.16 1.67 -42.21
C ILE B 456 -28.54 2.42 -43.47
N LYS B 457 -29.81 2.34 -43.85
CA LYS B 457 -30.30 2.90 -45.11
C LYS B 457 -31.75 3.30 -44.97
N ARG B 458 -32.13 4.38 -45.66
CA ARG B 458 -33.51 4.82 -45.65
C ARG B 458 -34.34 3.98 -46.63
N ARG B 459 -35.48 3.47 -46.16
CA ARG B 459 -36.24 2.52 -46.97
C ARG B 459 -37.08 3.22 -48.05
N GLU B 460 -37.57 4.42 -47.77
CA GLU B 460 -38.50 5.13 -48.67
C GLU B 460 -39.72 4.27 -49.00
N ASP B 472 -29.05 17.22 -50.75
CA ASP B 472 -29.14 16.00 -51.55
C ASP B 472 -30.42 16.00 -52.38
N VAL B 473 -31.56 16.09 -51.70
CA VAL B 473 -32.84 16.12 -52.40
C VAL B 473 -32.97 17.38 -53.24
N PHE B 474 -32.54 18.52 -52.71
CA PHE B 474 -32.63 19.80 -53.41
C PHE B 474 -31.39 20.10 -54.24
N SER B 475 -30.39 19.22 -54.24
CA SER B 475 -29.20 19.42 -55.05
C SER B 475 -29.48 19.17 -56.51
N TRP B 476 -28.69 19.82 -57.38
CA TRP B 476 -28.86 19.70 -58.81
C TRP B 476 -27.51 19.42 -59.46
N THR B 477 -27.56 18.77 -60.62
CA THR B 477 -26.38 18.50 -61.42
C THR B 477 -26.30 19.48 -62.59
N GLU B 478 -25.20 19.39 -63.35
CA GLU B 478 -25.03 20.26 -64.50
C GLU B 478 -26.09 20.00 -65.56
N GLU B 479 -26.41 18.72 -65.80
CA GLU B 479 -27.50 18.40 -66.71
C GLU B 479 -28.84 18.90 -66.20
N GLU B 480 -29.09 18.74 -64.89
CA GLU B 480 -30.31 19.26 -64.31
C GLU B 480 -30.34 20.79 -64.32
N GLU B 481 -29.18 21.43 -64.13
CA GLU B 481 -29.13 22.88 -64.24
C GLU B 481 -29.45 23.35 -65.66
N ARG B 482 -28.93 22.64 -66.66
CA ARG B 482 -29.27 22.96 -68.04
C ARG B 482 -30.76 22.74 -68.30
N GLU B 483 -31.32 21.68 -67.74
CA GLU B 483 -32.76 21.44 -67.88
C GLU B 483 -33.56 22.57 -67.27
N PHE B 484 -33.15 23.04 -66.08
CA PHE B 484 -33.80 24.19 -65.45
C PHE B 484 -33.74 25.41 -66.36
N ARG B 485 -32.53 25.73 -66.85
CA ARG B 485 -32.34 26.92 -67.66
C ARG B 485 -33.09 26.85 -68.99
N LYS B 486 -33.32 25.64 -69.50
CA LYS B 486 -34.06 25.50 -70.75
C LYS B 486 -35.57 25.54 -70.52
N ILE B 487 -36.05 24.88 -69.47
CA ILE B 487 -37.49 24.90 -69.19
C ILE B 487 -37.93 26.27 -68.73
N SER B 488 -37.01 27.09 -68.19
CA SER B 488 -37.36 28.45 -67.82
C SER B 488 -37.68 29.31 -69.04
N ARG B 489 -36.98 29.07 -70.16
CA ARG B 489 -37.15 29.90 -71.34
C ARG B 489 -38.53 29.76 -71.97
N ASP B 490 -39.26 28.69 -71.68
CA ASP B 490 -40.58 28.50 -72.24
C ASP B 490 -41.55 29.54 -71.71
N ARG B 491 -42.41 30.05 -72.59
CA ARG B 491 -43.42 31.02 -72.18
C ARG B 491 -44.49 30.35 -71.34
N GLY B 492 -45.14 31.15 -70.48
CA GLY B 492 -46.15 30.61 -69.60
C GLY B 492 -45.63 29.72 -68.50
N ILE B 493 -44.34 29.85 -68.17
CA ILE B 493 -43.77 29.02 -67.11
C ILE B 493 -44.36 29.38 -65.75
N ILE B 494 -44.67 30.67 -65.54
CA ILE B 494 -45.20 31.11 -64.25
C ILE B 494 -46.50 30.37 -63.94
N ASP B 495 -47.39 30.28 -64.93
CA ASP B 495 -48.65 29.57 -64.73
C ASP B 495 -48.41 28.07 -64.49
N LYS B 496 -47.41 27.49 -65.15
CA LYS B 496 -47.08 26.09 -64.90
C LYS B 496 -46.65 25.87 -63.47
N ILE B 497 -45.79 26.74 -62.93
CA ILE B 497 -45.39 26.63 -61.53
C ILE B 497 -46.58 26.85 -60.60
N ILE B 498 -47.44 27.81 -60.92
CA ILE B 498 -48.61 28.07 -60.07
C ILE B 498 -49.53 26.86 -60.02
N SER B 499 -49.79 26.24 -61.18
CA SER B 499 -50.61 25.04 -61.22
C SER B 499 -49.91 23.83 -60.60
N SER B 500 -48.57 23.84 -60.56
CA SER B 500 -47.84 22.73 -59.97
C SER B 500 -48.05 22.66 -58.45
N MET B 501 -48.17 23.81 -57.80
CA MET B 501 -48.32 23.83 -56.36
C MET B 501 -49.66 23.24 -55.93
N ALA B 502 -49.62 22.46 -54.84
CA ALA B 502 -50.79 21.83 -54.24
C ALA B 502 -51.59 21.04 -55.25
N PRO B 503 -51.11 19.87 -55.77
CA PRO B 503 -51.84 19.17 -56.81
C PRO B 503 -52.94 18.23 -56.32
N SER B 504 -53.36 18.38 -55.07
CA SER B 504 -54.54 17.68 -54.53
C SER B 504 -55.50 18.69 -53.76
N ILE B 505 -55.34 19.94 -54.18
CA ILE B 505 -56.08 21.08 -53.56
C ILE B 505 -56.85 21.60 -54.78
N TYR B 506 -58.19 21.58 -54.73
CA TYR B 506 -58.98 22.01 -55.90
C TYR B 506 -59.10 23.53 -55.98
N GLY B 507 -58.79 24.08 -57.15
CA GLY B 507 -58.92 25.52 -57.37
C GLY B 507 -58.00 26.28 -56.45
N HIS B 508 -58.51 27.33 -55.80
CA HIS B 508 -57.64 28.16 -54.96
C HIS B 508 -56.45 28.58 -55.82
N ARG B 509 -56.69 29.32 -56.91
CA ARG B 509 -55.59 29.65 -57.86
C ARG B 509 -54.85 30.88 -57.38
N ASP B 510 -55.52 31.83 -56.75
CA ASP B 510 -54.83 32.97 -56.14
C ASP B 510 -53.97 32.53 -54.97
N ILE B 511 -54.47 31.59 -54.16
CA ILE B 511 -53.67 31.07 -53.06
C ILE B 511 -52.40 30.42 -53.58
N LYS B 512 -52.52 29.62 -54.65
CA LYS B 512 -51.35 28.96 -55.21
C LYS B 512 -50.37 29.97 -55.81
N THR B 513 -50.88 31.03 -56.43
CA THR B 513 -50.00 32.08 -56.95
C THR B 513 -49.22 32.74 -55.81
N ALA B 514 -49.92 33.07 -54.71
CA ALA B 514 -49.24 33.68 -53.57
C ALA B 514 -48.24 32.71 -52.95
N VAL B 515 -48.57 31.43 -52.89
CA VAL B 515 -47.67 30.42 -52.33
C VAL B 515 -46.42 30.31 -53.19
N ALA B 516 -46.57 30.30 -54.51
CA ALA B 516 -45.41 30.27 -55.40
C ALA B 516 -44.55 31.53 -55.22
N CYS B 517 -45.19 32.69 -55.12
CA CYS B 517 -44.45 33.94 -54.94
C CYS B 517 -43.65 33.91 -53.65
N SER B 518 -44.27 33.43 -52.56
CA SER B 518 -43.56 33.35 -51.29
C SER B 518 -42.46 32.30 -51.34
N LEU B 519 -42.70 31.18 -52.03
CA LEU B 519 -41.70 30.13 -52.12
C LEU B 519 -40.45 30.61 -52.85
N PHE B 520 -40.64 31.37 -53.93
CA PHE B 520 -39.48 31.95 -54.60
C PHE B 520 -39.01 33.23 -53.90
N GLY B 521 -39.94 34.08 -53.46
CA GLY B 521 -39.60 35.23 -52.66
C GLY B 521 -38.93 36.35 -53.43
N GLY B 522 -38.69 37.47 -52.76
CA GLY B 522 -37.98 38.58 -53.36
C GLY B 522 -36.50 38.50 -53.08
N VAL B 523 -35.88 39.67 -52.97
CA VAL B 523 -34.45 39.76 -52.67
C VAL B 523 -34.21 40.86 -51.66
N PRO B 524 -33.54 40.56 -50.54
CA PRO B 524 -33.27 41.61 -49.54
C PRO B 524 -32.32 42.66 -50.07
N LYS B 525 -32.49 43.89 -49.56
CA LYS B 525 -31.77 45.05 -50.08
C LYS B 525 -31.31 45.94 -48.94
N ASN B 526 -30.05 46.36 -49.01
CA ASN B 526 -29.48 47.35 -48.11
C ASN B 526 -28.94 48.47 -48.97
N VAL B 527 -29.38 49.70 -48.70
CA VAL B 527 -28.95 50.84 -49.50
C VAL B 527 -27.47 51.10 -49.30
N ASN B 528 -27.09 51.48 -48.06
CA ASN B 528 -25.69 51.66 -47.73
C ASN B 528 -25.37 51.12 -46.34
N GLY B 529 -26.13 50.14 -45.85
CA GLY B 529 -26.09 49.77 -44.45
C GLY B 529 -26.93 50.68 -43.57
N LYS B 530 -27.66 51.59 -44.21
CA LYS B 530 -28.44 52.61 -43.49
C LYS B 530 -29.94 52.34 -43.62
N HIS B 531 -30.42 51.85 -44.77
CA HIS B 531 -31.86 51.52 -44.96
C HIS B 531 -32.00 50.07 -45.40
N SER B 532 -32.84 49.29 -44.73
CA SER B 532 -32.95 47.86 -45.05
C SER B 532 -34.37 47.53 -45.46
N ILE B 533 -34.52 46.67 -46.46
CA ILE B 533 -35.82 46.21 -46.91
C ILE B 533 -35.79 44.70 -46.99
N ARG B 534 -36.82 44.06 -46.42
CA ARG B 534 -36.88 42.61 -46.45
C ARG B 534 -37.12 42.10 -47.88
N GLY B 535 -36.62 40.91 -48.16
CA GLY B 535 -36.81 40.29 -49.46
C GLY B 535 -37.66 39.05 -49.37
N ASP B 536 -38.57 39.03 -48.39
CA ASP B 536 -39.45 37.89 -48.17
C ASP B 536 -40.90 38.34 -48.32
N ILE B 537 -41.72 37.44 -48.85
CA ILE B 537 -43.13 37.70 -49.10
C ILE B 537 -43.94 36.93 -48.07
N ASN B 538 -44.51 37.65 -47.10
CA ASN B 538 -45.38 37.03 -46.11
C ASN B 538 -46.80 36.92 -46.67
N VAL B 539 -47.37 35.73 -46.59
CA VAL B 539 -48.68 35.45 -47.15
C VAL B 539 -49.61 34.97 -46.04
N LEU B 540 -50.75 35.62 -45.90
CA LEU B 540 -51.80 35.20 -44.98
C LEU B 540 -52.91 34.52 -45.75
N LEU B 541 -53.46 33.46 -45.18
CA LEU B 541 -54.57 32.70 -45.76
C LEU B 541 -55.73 32.79 -44.78
N LEU B 542 -56.63 33.74 -45.02
CA LEU B 542 -57.81 33.91 -44.17
C LEU B 542 -58.95 33.11 -44.81
N GLY B 543 -59.34 32.03 -44.13
CA GLY B 543 -60.37 31.17 -44.72
C GLY B 543 -61.36 30.61 -43.72
N ASP B 544 -62.50 30.14 -44.20
CA ASP B 544 -63.53 29.53 -43.34
C ASP B 544 -63.08 28.10 -43.07
N PRO B 545 -63.69 27.32 -42.17
CA PRO B 545 -63.26 25.95 -41.98
C PRO B 545 -63.45 25.13 -43.26
N GLY B 546 -62.64 24.08 -43.43
CA GLY B 546 -62.72 23.22 -44.62
C GLY B 546 -62.42 23.99 -45.87
N THR B 547 -61.44 24.90 -45.85
CA THR B 547 -61.02 25.62 -47.07
C THR B 547 -59.64 25.10 -47.52
N ALA B 548 -59.16 24.00 -46.93
CA ALA B 548 -57.86 23.37 -47.26
C ALA B 548 -56.66 24.18 -46.82
N LYS B 549 -56.80 25.11 -45.88
CA LYS B 549 -55.67 26.01 -45.53
C LYS B 549 -54.51 25.18 -44.97
N SER B 550 -54.81 24.21 -44.11
CA SER B 550 -53.75 23.37 -43.52
C SER B 550 -53.04 22.63 -44.64
N GLN B 551 -53.79 22.15 -45.63
CA GLN B 551 -53.14 21.34 -46.70
C GLN B 551 -52.17 22.22 -47.50
N ILE B 552 -52.53 23.46 -47.78
CA ILE B 552 -51.56 24.34 -48.47
C ILE B 552 -50.35 24.65 -47.57
N LEU B 553 -50.44 24.43 -46.25
CA LEU B 553 -49.27 24.57 -45.38
C LEU B 553 -48.41 23.32 -45.41
N LYS B 554 -49.03 22.14 -45.34
CA LYS B 554 -48.27 20.90 -45.40
C LYS B 554 -47.61 20.73 -46.77
N TYR B 555 -48.23 21.24 -47.83
CA TYR B 555 -47.57 21.18 -49.14
C TYR B 555 -46.36 22.09 -49.19
N VAL B 556 -46.44 23.26 -48.57
CA VAL B 556 -45.26 24.14 -48.52
C VAL B 556 -44.15 23.49 -47.72
N GLU B 557 -44.50 22.82 -46.61
CA GLU B 557 -43.50 22.09 -45.86
C GLU B 557 -42.91 20.94 -46.68
N LYS B 558 -43.76 20.27 -47.47
CA LYS B 558 -43.30 19.35 -48.51
C LYS B 558 -42.21 19.96 -49.38
N THR B 559 -42.50 21.08 -50.05
CA THR B 559 -41.69 21.52 -51.18
C THR B 559 -40.57 22.49 -50.81
N ALA B 560 -40.67 23.18 -49.67
CA ALA B 560 -39.71 24.23 -49.36
C ALA B 560 -38.47 23.67 -48.69
N HIS B 561 -37.32 24.24 -49.06
CA HIS B 561 -36.07 23.98 -48.36
C HIS B 561 -35.97 24.92 -47.17
N ARG B 562 -35.58 24.37 -46.01
CA ARG B 562 -35.52 25.11 -44.76
C ARG B 562 -36.90 25.66 -44.41
N ALA B 563 -37.85 24.74 -44.24
CA ALA B 563 -39.23 25.08 -43.91
C ALA B 563 -39.56 24.54 -42.53
N VAL B 564 -40.06 25.41 -41.66
CA VAL B 564 -40.39 25.04 -40.29
C VAL B 564 -41.87 25.27 -40.06
N PHE B 565 -42.56 24.25 -39.58
CA PHE B 565 -44.00 24.29 -39.34
C PHE B 565 -44.28 24.45 -37.85
N ALA B 566 -45.10 25.44 -37.50
CA ALA B 566 -45.50 25.71 -36.14
C ALA B 566 -47.00 26.00 -36.10
N THR B 567 -47.56 25.96 -34.89
CA THR B 567 -48.98 26.19 -34.69
C THR B 567 -49.19 27.18 -33.56
N GLY B 568 -50.28 27.95 -33.66
CA GLY B 568 -50.65 28.81 -32.55
C GLY B 568 -50.99 28.04 -31.29
N GLN B 569 -51.71 26.91 -31.46
CA GLN B 569 -51.97 26.00 -30.36
C GLN B 569 -52.05 24.59 -30.94
N GLY B 570 -51.55 23.61 -30.17
CA GLY B 570 -51.53 22.24 -30.64
C GLY B 570 -50.20 21.55 -30.44
N ALA B 571 -49.79 20.74 -31.43
CA ALA B 571 -48.53 20.02 -31.35
C ALA B 571 -47.36 21.00 -31.31
N SER B 572 -46.67 21.05 -30.17
CA SER B 572 -45.59 22.02 -29.96
C SER B 572 -44.25 21.41 -30.34
N ALA B 573 -44.12 21.09 -31.63
CA ALA B 573 -42.81 20.68 -32.14
C ALA B 573 -41.80 21.81 -32.04
N VAL B 574 -42.22 23.03 -32.38
CA VAL B 574 -41.43 24.24 -32.19
C VAL B 574 -42.31 25.27 -31.51
N GLY B 575 -41.66 26.18 -30.78
CA GLY B 575 -42.38 27.07 -29.90
C GLY B 575 -42.61 28.49 -30.37
N LEU B 576 -42.07 28.84 -31.54
CA LEU B 576 -42.16 30.16 -32.15
C LEU B 576 -41.40 31.23 -31.36
N THR B 577 -40.80 30.89 -30.23
CA THR B 577 -40.16 31.86 -29.35
C THR B 577 -38.80 31.30 -28.91
N ALA B 578 -37.77 32.12 -29.04
CA ALA B 578 -36.43 31.73 -28.61
C ALA B 578 -36.34 31.78 -27.09
N SER B 579 -35.80 30.73 -26.49
CA SER B 579 -35.69 30.66 -25.03
C SER B 579 -34.44 29.88 -24.65
N VAL B 580 -33.85 30.27 -23.52
CA VAL B 580 -32.76 29.53 -22.91
C VAL B 580 -33.39 28.58 -21.91
N ARG B 581 -33.37 27.29 -22.22
CA ARG B 581 -34.08 26.30 -21.43
C ARG B 581 -33.10 25.23 -20.95
N LYS B 582 -33.20 24.87 -19.67
CA LYS B 582 -32.31 23.89 -19.06
C LYS B 582 -32.92 22.50 -19.22
N ASP B 583 -32.26 21.66 -19.99
CA ASP B 583 -32.78 20.31 -20.23
C ASP B 583 -32.71 19.49 -18.95
N PRO B 584 -33.82 18.93 -18.47
CA PRO B 584 -33.84 18.32 -17.13
C PRO B 584 -33.13 16.98 -17.01
N ILE B 585 -32.72 16.36 -18.12
CA ILE B 585 -32.10 15.04 -18.08
C ILE B 585 -30.59 15.13 -18.37
N THR B 586 -30.18 15.99 -19.30
CA THR B 586 -28.78 16.12 -19.69
C THR B 586 -28.08 17.24 -18.90
N LYS B 587 -28.81 17.96 -18.06
CA LYS B 587 -28.26 18.90 -17.08
C LYS B 587 -27.77 20.21 -17.69
N GLU B 588 -27.77 20.31 -19.02
CA GLU B 588 -27.16 21.45 -19.70
C GLU B 588 -28.20 22.31 -20.40
N TRP B 589 -27.94 23.61 -20.38
CA TRP B 589 -28.82 24.61 -20.97
C TRP B 589 -28.68 24.59 -22.49
N THR B 590 -29.77 24.94 -23.17
CA THR B 590 -29.77 25.09 -24.62
C THR B 590 -30.52 26.36 -25.01
N LEU B 591 -29.96 27.09 -25.97
CA LEU B 591 -30.59 28.30 -26.52
C LEU B 591 -31.40 27.89 -27.74
N GLU B 592 -32.70 27.67 -27.56
CA GLU B 592 -33.58 27.27 -28.64
C GLU B 592 -34.05 28.52 -29.38
N GLY B 593 -33.60 28.68 -30.62
CA GLY B 593 -34.18 29.69 -31.47
C GLY B 593 -35.61 29.30 -31.83
N GLY B 594 -36.45 30.31 -32.01
CA GLY B 594 -37.84 30.07 -32.33
C GLY B 594 -38.00 29.46 -33.71
N ALA B 595 -39.25 29.12 -34.03
CA ALA B 595 -39.54 28.59 -35.36
C ALA B 595 -39.15 29.58 -36.45
N LEU B 596 -39.16 30.87 -36.13
CA LEU B 596 -38.72 31.89 -37.07
C LEU B 596 -37.19 31.98 -37.16
N VAL B 597 -36.48 31.48 -36.15
CA VAL B 597 -35.03 31.43 -36.19
C VAL B 597 -34.54 30.20 -36.94
N LEU B 598 -35.20 29.05 -36.73
CA LEU B 598 -34.79 27.82 -37.39
C LEU B 598 -34.87 27.96 -38.90
N ALA B 599 -35.96 28.55 -39.40
CA ALA B 599 -36.09 28.85 -40.83
C ALA B 599 -35.52 30.24 -41.12
N ASP B 600 -34.22 30.39 -40.85
CA ASP B 600 -33.57 31.69 -40.99
C ASP B 600 -33.60 32.18 -42.42
N LYS B 601 -33.35 31.29 -43.39
CA LYS B 601 -33.37 31.66 -44.80
C LYS B 601 -34.47 30.95 -45.57
N GLY B 602 -35.45 30.38 -44.88
CA GLY B 602 -36.52 29.66 -45.55
C GLY B 602 -37.90 30.19 -45.25
N VAL B 603 -38.83 29.29 -44.91
CA VAL B 603 -40.24 29.62 -44.73
C VAL B 603 -40.69 29.13 -43.36
N CYS B 604 -41.46 29.96 -42.66
CA CYS B 604 -42.12 29.59 -41.42
C CYS B 604 -43.62 29.52 -41.68
N LEU B 605 -44.19 28.34 -41.45
CA LEU B 605 -45.59 28.05 -41.73
C LEU B 605 -46.34 27.94 -40.41
N ILE B 606 -47.17 28.93 -40.11
CA ILE B 606 -47.92 28.97 -38.87
C ILE B 606 -49.37 28.59 -39.15
N ASP B 607 -49.89 27.59 -38.45
CA ASP B 607 -51.33 27.28 -38.58
C ASP B 607 -51.99 27.94 -37.37
N GLU B 608 -53.28 28.21 -37.41
CA GLU B 608 -53.99 28.83 -36.28
C GLU B 608 -53.39 30.20 -35.94
N PHE B 609 -52.95 30.96 -36.93
CA PHE B 609 -52.43 32.30 -36.58
C PHE B 609 -53.52 33.16 -35.95
N ASP B 610 -54.81 32.79 -36.04
CA ASP B 610 -55.77 33.67 -35.38
C ASP B 610 -55.55 33.57 -33.88
N LYS B 611 -55.33 32.36 -33.37
CA LYS B 611 -55.16 32.12 -31.94
C LYS B 611 -53.71 31.85 -31.52
N MET B 612 -53.09 32.86 -30.91
CA MET B 612 -51.74 32.73 -30.38
C MET B 612 -51.57 33.43 -29.05
N ASN B 613 -50.60 32.95 -28.28
CA ASN B 613 -50.28 33.59 -27.01
C ASN B 613 -49.67 34.96 -27.25
N ASP B 614 -49.70 35.80 -26.21
CA ASP B 614 -49.08 37.12 -26.32
C ASP B 614 -47.58 36.99 -26.57
N GLN B 615 -46.94 35.98 -26.01
CA GLN B 615 -45.51 35.76 -26.25
C GLN B 615 -45.25 35.44 -27.72
N ASP B 616 -46.01 34.50 -28.28
CA ASP B 616 -45.83 34.15 -29.68
C ASP B 616 -46.19 35.32 -30.59
N ARG B 617 -47.25 36.06 -30.25
CA ARG B 617 -47.62 37.23 -31.02
C ARG B 617 -46.50 38.26 -31.04
N THR B 618 -45.92 38.54 -29.87
CA THR B 618 -44.82 39.50 -29.80
C THR B 618 -43.62 39.02 -30.59
N SER B 619 -43.29 37.72 -30.46
CA SER B 619 -42.14 37.17 -31.19
C SER B 619 -42.33 37.33 -32.69
N ILE B 620 -43.50 36.93 -33.21
CA ILE B 620 -43.75 37.01 -34.64
C ILE B 620 -43.77 38.47 -35.09
N HIS B 621 -44.40 39.35 -34.31
CA HIS B 621 -44.49 40.75 -34.70
C HIS B 621 -43.11 41.37 -34.79
N GLU B 622 -42.25 41.14 -33.80
CA GLU B 622 -40.95 41.79 -33.81
C GLU B 622 -39.97 41.12 -34.76
N ALA B 623 -40.14 39.84 -35.08
CA ALA B 623 -39.34 39.22 -36.13
C ALA B 623 -39.81 39.59 -37.53
N MET B 624 -41.04 40.03 -37.69
CA MET B 624 -41.50 40.56 -39.00
C MET B 624 -41.08 42.02 -39.13
N GLU B 625 -41.15 42.81 -38.07
CA GLU B 625 -40.63 44.21 -38.12
C GLU B 625 -39.10 44.30 -38.27
N GLN B 626 -38.32 43.52 -37.53
CA GLN B 626 -36.84 43.70 -37.52
C GLN B 626 -36.11 42.55 -38.22
N GLN B 627 -36.77 41.43 -38.48
CA GLN B 627 -36.12 40.25 -39.05
C GLN B 627 -35.07 39.68 -38.10
N SER B 628 -35.30 39.82 -36.80
CA SER B 628 -34.38 39.32 -35.79
C SER B 628 -35.15 38.99 -34.52
N ILE B 629 -34.54 38.17 -33.67
CA ILE B 629 -35.10 37.74 -32.40
C ILE B 629 -34.13 38.14 -31.30
N SER B 630 -34.52 39.08 -30.45
CA SER B 630 -33.67 39.54 -29.36
C SER B 630 -34.02 38.79 -28.09
N ILE B 631 -33.01 38.23 -27.42
CA ILE B 631 -33.22 37.47 -26.20
C ILE B 631 -32.18 37.87 -25.17
N SER B 632 -32.64 38.19 -23.97
CA SER B 632 -31.78 38.45 -22.81
C SER B 632 -32.29 37.58 -21.65
N LYS B 633 -31.81 36.34 -21.61
CA LYS B 633 -32.25 35.36 -20.63
C LYS B 633 -31.07 34.52 -20.15
N ALA B 634 -31.04 34.27 -18.85
CA ALA B 634 -30.05 33.38 -18.23
C ALA B 634 -28.62 33.80 -18.55
N GLY B 635 -28.37 35.11 -18.57
CA GLY B 635 -27.05 35.62 -18.86
C GLY B 635 -26.70 35.69 -20.32
N ILE B 636 -27.60 35.29 -21.21
CA ILE B 636 -27.36 35.31 -22.66
C ILE B 636 -28.13 36.50 -23.23
N VAL B 637 -27.40 37.44 -23.82
CA VAL B 637 -27.98 38.62 -24.45
C VAL B 637 -27.51 38.61 -25.90
N THR B 638 -28.41 38.26 -26.82
CA THR B 638 -28.04 38.13 -28.22
C THR B 638 -29.25 38.36 -29.12
N THR B 639 -28.96 38.75 -30.35
CA THR B 639 -29.98 38.98 -31.38
C THR B 639 -29.78 37.96 -32.50
N LEU B 640 -30.55 36.88 -32.45
CA LEU B 640 -30.55 35.87 -33.50
C LEU B 640 -31.21 36.42 -34.76
N GLN B 641 -30.90 35.79 -35.89
CA GLN B 641 -31.43 36.22 -37.18
C GLN B 641 -32.65 35.39 -37.55
N ALA B 642 -33.70 36.07 -38.00
CA ALA B 642 -34.98 35.45 -38.33
C ALA B 642 -35.51 35.99 -39.66
N ARG B 643 -34.64 36.01 -40.68
CA ARG B 643 -34.99 36.56 -41.99
C ARG B 643 -35.87 35.58 -42.78
N CYS B 644 -37.01 35.23 -42.17
CA CYS B 644 -37.89 34.21 -42.71
C CYS B 644 -39.06 34.82 -43.46
N SER B 645 -39.59 34.07 -44.41
CA SER B 645 -40.86 34.39 -45.05
C SER B 645 -41.96 33.62 -44.34
N ILE B 646 -43.00 34.35 -43.90
CA ILE B 646 -44.03 33.81 -43.04
C ILE B 646 -45.26 33.51 -43.88
N ILE B 647 -45.72 32.27 -43.84
CA ILE B 647 -47.01 31.88 -44.40
C ILE B 647 -47.90 31.46 -43.25
N ALA B 648 -49.00 32.19 -43.06
CA ALA B 648 -49.89 31.97 -41.94
C ALA B 648 -51.26 31.53 -42.43
N ALA B 649 -51.92 30.68 -41.64
CA ALA B 649 -53.27 30.23 -41.94
C ALA B 649 -54.18 30.58 -40.76
N ALA B 650 -55.28 31.30 -40.99
CA ALA B 650 -56.12 31.76 -39.88
C ALA B 650 -57.58 31.42 -40.14
N ASN B 651 -58.46 31.45 -39.13
CA ASN B 651 -59.91 31.23 -39.31
C ASN B 651 -60.59 32.55 -38.99
N PRO B 652 -61.68 32.99 -39.66
CA PRO B 652 -62.21 34.32 -39.39
C PRO B 652 -62.68 34.44 -37.94
N ASN B 653 -62.95 35.68 -37.49
CA ASN B 653 -63.36 35.92 -36.11
C ASN B 653 -64.85 35.63 -35.99
N GLY B 654 -65.17 34.41 -35.56
CA GLY B 654 -66.56 34.02 -35.39
C GLY B 654 -66.88 32.67 -36.00
N GLY B 655 -66.25 32.36 -37.14
CA GLY B 655 -66.48 31.08 -37.80
C GLY B 655 -66.62 31.18 -39.30
N ARG B 656 -67.18 32.29 -39.78
CA ARG B 656 -67.37 32.52 -41.20
C ARG B 656 -66.96 33.94 -41.55
N TYR B 657 -66.48 34.13 -42.78
CA TYR B 657 -66.16 35.47 -43.24
C TYR B 657 -67.43 36.28 -43.43
N ASN B 658 -67.36 37.56 -43.07
CA ASN B 658 -68.46 38.50 -43.27
C ASN B 658 -68.01 39.55 -44.27
N SER B 659 -68.58 39.48 -45.49
CA SER B 659 -68.19 40.40 -46.54
C SER B 659 -68.60 41.83 -46.19
N THR B 660 -69.69 41.99 -45.43
CA THR B 660 -70.15 43.32 -45.04
C THR B 660 -69.14 44.01 -44.14
N LEU B 661 -68.40 43.24 -43.34
CA LEU B 661 -67.39 43.82 -42.47
C LEU B 661 -66.01 43.82 -43.13
N PRO B 662 -65.17 44.80 -42.82
CA PRO B 662 -63.80 44.80 -43.35
C PRO B 662 -62.95 43.71 -42.71
N LEU B 663 -61.86 43.38 -43.42
CA LEU B 663 -60.99 42.29 -42.97
C LEU B 663 -60.36 42.59 -41.62
N ALA B 664 -60.18 43.86 -41.28
CA ALA B 664 -59.55 44.20 -40.01
C ALA B 664 -60.36 43.69 -38.82
N GLN B 665 -61.69 43.79 -38.89
CA GLN B 665 -62.57 43.33 -37.82
C GLN B 665 -63.22 41.98 -38.11
N ASN B 666 -62.81 41.30 -39.19
CA ASN B 666 -63.25 39.94 -39.45
C ASN B 666 -62.31 38.88 -38.87
N VAL B 667 -61.22 39.28 -38.23
CA VAL B 667 -60.24 38.34 -37.71
C VAL B 667 -59.59 38.96 -36.48
N SER B 668 -59.10 38.09 -35.59
CA SER B 668 -58.66 38.52 -34.27
C SER B 668 -57.44 39.44 -34.35
N LEU B 669 -56.45 39.10 -35.17
CA LEU B 669 -55.24 39.89 -35.23
C LEU B 669 -55.51 41.27 -35.83
N THR B 670 -54.70 42.24 -35.41
CA THR B 670 -55.00 43.66 -35.59
C THR B 670 -54.08 44.37 -36.57
N GLU B 671 -54.30 45.68 -36.73
CA GLU B 671 -53.56 46.45 -37.77
C GLU B 671 -52.06 46.14 -37.85
N PRO B 672 -51.23 46.26 -36.80
CA PRO B 672 -49.80 46.09 -37.00
C PRO B 672 -49.34 44.78 -37.66
N ILE B 673 -49.86 43.63 -37.25
CA ILE B 673 -49.48 42.33 -37.86
C ILE B 673 -50.01 42.18 -39.29
N LEU B 674 -51.22 42.63 -39.59
CA LEU B 674 -51.83 42.49 -40.93
C LEU B 674 -51.04 43.32 -41.95
N SER B 675 -50.53 44.48 -41.55
CA SER B 675 -49.72 45.35 -42.46
C SER B 675 -48.47 44.61 -42.97
N ARG B 676 -47.78 43.87 -42.12
CA ARG B 676 -46.56 43.15 -42.49
C ARG B 676 -46.78 42.05 -43.54
N PHE B 677 -47.98 41.46 -43.61
CA PHE B 677 -48.32 40.48 -44.66
C PHE B 677 -48.38 41.13 -46.04
N ASP B 678 -47.48 40.77 -46.95
CA ASP B 678 -47.45 41.24 -48.33
C ASP B 678 -48.73 40.88 -49.08
N ILE B 679 -49.21 39.65 -48.93
CA ILE B 679 -50.37 39.16 -49.67
C ILE B 679 -51.37 38.60 -48.67
N LEU B 680 -52.64 38.98 -48.83
CA LEU B 680 -53.75 38.45 -48.06
C LEU B 680 -54.67 37.69 -49.00
N CYS B 681 -54.73 36.38 -48.87
CA CYS B 681 -55.61 35.53 -49.66
C CYS B 681 -56.85 35.25 -48.82
N VAL B 682 -57.96 35.87 -49.21
CA VAL B 682 -59.23 35.71 -48.50
C VAL B 682 -60.06 34.70 -49.28
N VAL B 683 -60.36 33.57 -48.65
CA VAL B 683 -61.15 32.51 -49.27
C VAL B 683 -62.30 32.15 -48.34
N ARG B 684 -63.50 32.07 -48.91
CA ARG B 684 -64.72 31.89 -48.15
C ARG B 684 -65.36 30.64 -48.74
N ASP B 685 -66.22 30.02 -47.94
CA ASP B 685 -66.88 28.76 -48.31
C ASP B 685 -68.15 29.15 -49.09
N LEU B 686 -68.07 29.04 -50.42
CA LEU B 686 -69.07 29.61 -51.30
C LEU B 686 -70.28 28.69 -51.36
N VAL B 687 -71.31 29.12 -52.09
CA VAL B 687 -72.61 28.45 -52.12
C VAL B 687 -73.02 28.13 -53.54
N ASP B 688 -72.04 27.92 -54.42
CA ASP B 688 -72.32 27.69 -55.83
C ASP B 688 -72.60 26.21 -56.09
N GLU B 689 -73.54 25.95 -56.99
CA GLU B 689 -73.82 24.58 -57.43
C GLU B 689 -72.58 23.94 -58.04
N GLU B 690 -71.97 24.61 -59.02
CA GLU B 690 -70.92 24.00 -59.84
C GLU B 690 -69.65 23.75 -59.04
N ALA B 691 -69.21 24.73 -58.26
CA ALA B 691 -67.98 24.60 -57.49
C ALA B 691 -68.16 23.45 -56.50
N ASP B 692 -69.31 23.41 -55.82
CA ASP B 692 -69.52 22.34 -54.85
C ASP B 692 -69.58 20.94 -55.46
N GLU B 693 -70.33 20.80 -56.56
CA GLU B 693 -70.30 19.56 -57.35
C GLU B 693 -68.93 19.04 -57.75
N ARG B 694 -68.09 19.95 -58.26
CA ARG B 694 -66.74 19.59 -58.77
C ARG B 694 -65.77 19.35 -57.62
N LEU B 695 -65.89 20.09 -56.51
CA LEU B 695 -65.03 19.77 -55.35
C LEU B 695 -65.39 18.37 -54.84
N ALA B 696 -66.66 17.99 -54.89
CA ALA B 696 -67.11 16.70 -54.33
C ALA B 696 -66.73 15.61 -55.30
N THR B 697 -66.76 15.92 -56.59
CA THR B 697 -66.26 14.94 -57.55
C THR B 697 -64.78 14.65 -57.31
N PHE B 698 -64.01 15.71 -57.06
CA PHE B 698 -62.57 15.56 -56.76
C PHE B 698 -62.34 14.73 -55.50
N VAL B 699 -63.03 15.06 -54.41
CA VAL B 699 -62.86 14.33 -53.11
C VAL B 699 -63.28 12.87 -53.25
N VAL B 700 -64.34 12.57 -54.00
CA VAL B 700 -64.79 11.14 -54.07
C VAL B 700 -63.83 10.41 -54.99
N ASP B 701 -63.25 11.11 -55.98
CA ASP B 701 -62.26 10.42 -56.80
C ASP B 701 -61.01 10.08 -56.00
N SER B 702 -60.56 11.03 -55.17
CA SER B 702 -59.42 10.78 -54.30
C SER B 702 -59.71 9.66 -53.31
N HIS B 703 -60.93 9.63 -52.76
CA HIS B 703 -61.32 8.53 -51.89
C HIS B 703 -61.32 7.21 -52.63
N VAL B 704 -61.69 7.24 -53.92
CA VAL B 704 -61.76 6.02 -54.70
C VAL B 704 -60.32 5.58 -54.91
N ARG B 705 -59.44 6.52 -55.27
CA ARG B 705 -58.06 6.11 -55.51
C ARG B 705 -57.34 5.52 -54.28
N SER B 706 -57.61 6.12 -53.12
CA SER B 706 -56.99 5.69 -51.88
C SER B 706 -57.45 4.43 -51.18
N HIS B 707 -58.39 3.69 -51.77
CA HIS B 707 -58.93 2.50 -51.13
C HIS B 707 -57.82 1.46 -50.90
N PRO B 708 -57.83 0.76 -49.77
CA PRO B 708 -56.78 -0.25 -49.52
C PRO B 708 -56.75 -1.37 -50.55
N GLU B 709 -57.88 -1.71 -51.15
CA GLU B 709 -57.88 -2.65 -52.26
C GLU B 709 -57.23 -2.02 -53.49
N ASN B 710 -57.16 -2.81 -54.57
CA ASN B 710 -56.59 -2.30 -55.81
C ASN B 710 -57.46 -1.20 -56.41
N ASP B 711 -58.68 -1.06 -55.91
CA ASP B 711 -59.63 -0.07 -56.41
C ASP B 711 -59.09 1.36 -56.33
N SER B 756 -49.35 18.88 -67.38
CA SER B 756 -48.67 20.17 -67.44
C SER B 756 -48.07 20.66 -66.10
N PRO B 757 -48.60 20.23 -64.95
CA PRO B 757 -47.88 20.49 -63.70
C PRO B 757 -46.47 19.92 -63.75
N ILE B 758 -45.52 20.69 -63.20
CA ILE B 758 -44.15 20.21 -63.08
C ILE B 758 -44.08 19.11 -62.03
N PRO B 759 -43.34 18.02 -62.25
CA PRO B 759 -43.24 16.98 -61.23
C PRO B 759 -42.68 17.52 -59.92
N GLN B 760 -43.10 16.90 -58.83
CA GLN B 760 -42.87 17.47 -57.50
C GLN B 760 -41.38 17.65 -57.21
N GLU B 761 -40.59 16.57 -57.38
CA GLU B 761 -39.17 16.66 -57.03
C GLU B 761 -38.42 17.58 -57.98
N LEU B 762 -38.78 17.55 -59.26
CA LEU B 762 -38.17 18.48 -60.20
C LEU B 762 -38.48 19.92 -59.83
N LEU B 763 -39.74 20.19 -59.43
CA LEU B 763 -40.12 21.53 -58.99
C LEU B 763 -39.37 21.94 -57.73
N MET B 764 -39.17 21.01 -56.80
CA MET B 764 -38.47 21.32 -55.57
C MET B 764 -37.01 21.70 -55.85
N LYS B 765 -36.32 20.90 -56.67
CA LYS B 765 -34.96 21.25 -57.06
C LYS B 765 -34.93 22.57 -57.82
N TYR B 766 -35.94 22.80 -58.66
CA TYR B 766 -36.03 24.03 -59.43
C TYR B 766 -36.16 25.24 -58.51
N ILE B 767 -37.02 25.14 -57.49
CA ILE B 767 -37.20 26.23 -56.54
C ILE B 767 -35.91 26.49 -55.76
N HIS B 768 -35.25 25.43 -55.32
CA HIS B 768 -33.98 25.62 -54.60
C HIS B 768 -32.95 26.31 -55.48
N TYR B 769 -32.84 25.88 -56.74
CA TYR B 769 -31.88 26.49 -57.66
C TYR B 769 -32.22 27.96 -57.91
N ALA B 770 -33.50 28.27 -58.12
CA ALA B 770 -33.90 29.65 -58.37
C ALA B 770 -33.62 30.54 -57.16
N ARG B 771 -33.90 30.05 -55.96
CA ARG B 771 -33.60 30.83 -54.76
C ARG B 771 -32.10 31.04 -54.60
N THR B 772 -31.30 30.01 -54.88
CA THR B 772 -29.86 30.11 -54.61
C THR B 772 -29.16 30.99 -55.62
N LYS B 773 -29.56 30.93 -56.89
CA LYS B 773 -28.73 31.47 -57.97
C LYS B 773 -29.26 32.76 -58.59
N ILE B 774 -30.54 33.08 -58.44
CA ILE B 774 -31.18 34.13 -59.23
C ILE B 774 -31.46 35.33 -58.34
N TYR B 775 -30.83 36.46 -58.62
CA TYR B 775 -31.04 37.69 -57.86
C TYR B 775 -31.43 38.77 -58.85
N PRO B 776 -32.74 38.91 -59.13
CA PRO B 776 -33.18 39.84 -60.17
C PRO B 776 -33.10 41.30 -59.73
N LYS B 777 -33.19 42.18 -60.74
CA LYS B 777 -33.18 43.62 -60.53
C LYS B 777 -34.22 44.24 -61.46
N LEU B 778 -34.53 45.51 -61.22
CA LEU B 778 -35.32 46.31 -62.14
C LEU B 778 -34.42 47.40 -62.76
N HIS B 779 -35.03 48.21 -63.60
CA HIS B 779 -34.33 49.34 -64.22
C HIS B 779 -35.30 50.51 -64.27
N GLN B 780 -34.75 51.72 -64.39
CA GLN B 780 -35.59 52.91 -64.36
C GLN B 780 -36.61 52.96 -65.49
N MET B 781 -36.42 52.18 -66.56
CA MET B 781 -37.36 52.20 -67.69
C MET B 781 -38.78 51.85 -67.24
N ASP B 782 -38.92 51.12 -66.14
CA ASP B 782 -40.23 50.71 -65.62
C ASP B 782 -40.64 51.49 -64.38
N MET B 783 -40.12 52.71 -64.19
CA MET B 783 -40.57 53.51 -63.06
C MET B 783 -41.95 54.11 -63.30
N ASP B 784 -42.14 54.79 -64.44
CA ASP B 784 -43.31 55.63 -64.70
C ASP B 784 -44.61 54.95 -64.30
N LYS B 785 -44.95 53.86 -64.97
CA LYS B 785 -46.24 53.20 -64.74
C LYS B 785 -46.45 52.92 -63.26
N VAL B 786 -45.43 52.36 -62.60
CA VAL B 786 -45.61 51.94 -61.21
C VAL B 786 -46.01 53.13 -60.35
N SER B 787 -45.33 54.26 -60.51
CA SER B 787 -45.66 55.44 -59.73
C SER B 787 -47.13 55.81 -59.91
N ARG B 788 -47.58 55.87 -61.16
CA ARG B 788 -48.96 56.24 -61.43
C ARG B 788 -49.92 55.25 -60.76
N VAL B 789 -49.60 53.96 -60.86
CA VAL B 789 -50.47 52.95 -60.26
C VAL B 789 -50.58 53.21 -58.76
N TYR B 790 -49.44 53.49 -58.11
CA TYR B 790 -49.45 53.77 -56.68
C TYR B 790 -50.40 54.91 -56.39
N ALA B 791 -50.29 56.00 -57.15
CA ALA B 791 -51.16 57.15 -56.93
C ALA B 791 -52.61 56.76 -57.05
N ASP B 792 -52.96 56.00 -58.09
CA ASP B 792 -54.35 55.62 -58.32
C ASP B 792 -54.86 54.82 -57.14
N LEU B 793 -54.01 53.89 -56.67
CA LEU B 793 -54.39 53.04 -55.56
C LEU B 793 -54.72 53.90 -54.37
N ARG B 794 -53.88 54.90 -54.13
CA ARG B 794 -54.09 55.81 -53.00
C ARG B 794 -55.43 56.53 -53.16
N ARG B 795 -55.69 57.06 -54.35
CA ARG B 795 -56.81 58.00 -54.47
C ARG B 795 -58.10 57.17 -54.42
N GLU B 796 -58.18 56.04 -55.14
CA GLU B 796 -59.38 55.24 -54.89
C GLU B 796 -59.52 54.70 -53.44
N SER B 797 -58.39 54.50 -52.78
CA SER B 797 -58.50 54.15 -51.34
C SER B 797 -59.00 55.15 -50.30
N ILE B 798 -58.57 56.41 -50.38
CA ILE B 798 -59.11 57.47 -49.48
C ILE B 798 -60.55 57.92 -49.82
N SER B 799 -60.95 57.71 -51.08
CA SER B 799 -62.31 58.07 -51.56
C SER B 799 -63.14 57.02 -50.83
N THR B 800 -62.72 55.77 -50.90
CA THR B 800 -63.37 54.73 -50.11
C THR B 800 -63.15 55.01 -48.64
N GLY B 801 -61.89 55.19 -48.26
CA GLY B 801 -61.54 55.48 -46.87
C GLY B 801 -61.51 54.27 -45.97
N SER B 802 -61.82 53.09 -46.48
CA SER B 802 -61.85 51.90 -45.63
C SER B 802 -60.45 51.38 -45.33
N PHE B 803 -59.57 51.30 -46.32
CA PHE B 803 -58.27 50.68 -45.99
C PHE B 803 -57.14 51.58 -46.44
N PRO B 804 -56.12 51.80 -45.61
CA PRO B 804 -55.01 52.62 -46.03
C PRO B 804 -54.14 51.74 -46.92
N ILE B 805 -53.76 52.25 -48.09
CA ILE B 805 -52.70 51.56 -48.91
C ILE B 805 -51.55 52.57 -48.79
N THR B 806 -50.41 52.17 -48.22
CA THR B 806 -49.35 53.11 -47.86
C THR B 806 -48.19 52.84 -48.80
N VAL B 807 -46.97 53.22 -48.43
CA VAL B 807 -45.77 52.92 -49.25
C VAL B 807 -45.45 51.44 -49.12
N ARG B 808 -46.02 50.78 -48.12
CA ARG B 808 -45.77 49.34 -47.90
C ARG B 808 -46.30 48.55 -49.08
N HIS B 809 -47.45 48.97 -49.61
CA HIS B 809 -48.04 48.29 -50.80
C HIS B 809 -47.17 48.47 -52.03
N LEU B 810 -46.61 49.64 -52.26
CA LEU B 810 -45.68 49.81 -53.41
C LEU B 810 -44.49 48.86 -53.23
N GLU B 811 -43.99 48.70 -52.02
CA GLU B 811 -42.78 47.90 -51.77
C GLU B 811 -43.13 46.42 -51.78
N SER B 812 -44.42 46.08 -51.77
CA SER B 812 -44.87 44.67 -51.84
C SER B 812 -45.05 44.37 -53.30
N ILE B 813 -45.51 45.35 -54.06
CA ILE B 813 -45.55 45.21 -55.52
C ILE B 813 -44.14 44.93 -56.06
N LEU B 814 -43.16 45.69 -55.58
CA LEU B 814 -41.79 45.48 -56.02
C LEU B 814 -41.30 44.07 -55.66
N ARG B 815 -41.58 43.62 -54.44
CA ARG B 815 -41.10 42.31 -54.00
C ARG B 815 -41.72 41.19 -54.82
N ILE B 816 -43.03 41.27 -55.08
CA ILE B 816 -43.70 40.25 -55.88
C ILE B 816 -43.22 40.31 -57.33
N ALA B 817 -42.87 41.49 -57.84
CA ALA B 817 -42.25 41.57 -59.15
C ALA B 817 -40.89 40.85 -59.17
N GLU B 818 -40.09 41.03 -58.13
CA GLU B 818 -38.83 40.29 -58.05
C GLU B 818 -39.08 38.78 -58.03
N SER B 819 -40.10 38.35 -57.28
CA SER B 819 -40.42 36.91 -57.25
C SER B 819 -40.86 36.41 -58.62
N PHE B 820 -41.69 37.19 -59.32
CA PHE B 820 -42.14 36.81 -60.65
C PHE B 820 -40.96 36.67 -61.61
N ALA B 821 -40.01 37.60 -61.52
CA ALA B 821 -38.80 37.46 -62.32
C ALA B 821 -37.97 36.24 -61.89
N LYS B 822 -37.96 35.93 -60.60
CA LYS B 822 -37.19 34.79 -60.12
C LYS B 822 -37.72 33.48 -60.67
N MET B 823 -39.05 33.32 -60.73
CA MET B 823 -39.57 32.06 -61.25
C MET B 823 -39.30 31.87 -62.73
N ARG B 824 -38.98 32.94 -63.46
CA ARG B 824 -38.62 32.83 -64.87
C ARG B 824 -37.11 32.73 -65.09
N LEU B 825 -36.32 32.66 -64.02
CA LEU B 825 -34.86 32.61 -64.09
C LEU B 825 -34.27 33.87 -64.71
N SER B 826 -35.06 34.92 -64.83
CA SER B 826 -34.58 36.17 -65.42
C SER B 826 -33.71 36.92 -64.43
N GLU B 827 -32.82 37.74 -64.97
CA GLU B 827 -31.95 38.59 -64.16
C GLU B 827 -32.46 40.02 -64.05
N PHE B 828 -33.30 40.45 -64.98
CA PHE B 828 -34.02 41.71 -64.88
C PHE B 828 -35.52 41.43 -64.84
N VAL B 829 -36.26 42.36 -64.23
CA VAL B 829 -37.70 42.23 -64.09
C VAL B 829 -38.36 42.88 -65.30
N SER B 830 -39.13 42.10 -66.04
CA SER B 830 -39.84 42.62 -67.21
C SER B 830 -41.12 43.34 -66.76
N SER B 831 -41.66 44.14 -67.67
CA SER B 831 -42.89 44.86 -67.38
C SER B 831 -44.08 43.93 -67.16
N TYR B 832 -44.06 42.74 -67.76
CA TYR B 832 -45.14 41.78 -67.54
C TYR B 832 -45.10 41.24 -66.12
N ASP B 833 -43.90 41.03 -65.57
CA ASP B 833 -43.80 40.64 -64.17
C ASP B 833 -44.35 41.74 -63.26
N LEU B 834 -44.06 43.00 -63.58
CA LEU B 834 -44.62 44.11 -62.81
C LEU B 834 -46.14 44.13 -62.92
N ASP B 835 -46.67 43.87 -64.12
CA ASP B 835 -48.13 43.83 -64.29
C ASP B 835 -48.74 42.72 -63.45
N ARG B 836 -48.13 41.53 -63.45
CA ARG B 836 -48.64 40.43 -62.65
C ARG B 836 -48.58 40.75 -61.15
N ALA B 837 -47.47 41.36 -60.71
CA ALA B 837 -47.36 41.73 -59.31
C ALA B 837 -48.41 42.76 -58.91
N ILE B 838 -48.64 43.76 -59.78
CA ILE B 838 -49.67 44.74 -59.52
C ILE B 838 -51.03 44.08 -59.45
N LYS B 839 -51.30 43.15 -60.36
CA LYS B 839 -52.58 42.44 -60.35
C LYS B 839 -52.78 41.68 -59.04
N VAL B 840 -51.74 40.96 -58.60
CA VAL B 840 -51.84 40.20 -57.35
C VAL B 840 -52.09 41.13 -56.17
N VAL B 841 -51.34 42.23 -56.11
CA VAL B 841 -51.46 43.15 -54.97
C VAL B 841 -52.85 43.78 -54.95
N VAL B 842 -53.32 44.26 -56.10
CA VAL B 842 -54.62 44.93 -56.13
C VAL B 842 -55.73 43.93 -55.86
N ASP B 843 -55.60 42.70 -56.35
CA ASP B 843 -56.61 41.69 -56.06
C ASP B 843 -56.67 41.36 -54.58
N SER B 844 -55.50 41.20 -53.94
CA SER B 844 -55.48 40.92 -52.51
C SER B 844 -56.06 42.08 -51.70
N PHE B 845 -55.71 43.31 -52.08
CA PHE B 845 -56.22 44.48 -51.36
C PHE B 845 -57.73 44.64 -51.56
N VAL B 846 -58.20 44.39 -52.78
CA VAL B 846 -59.62 44.54 -53.08
C VAL B 846 -60.44 43.47 -52.36
N ASP B 847 -59.97 42.22 -52.40
CA ASP B 847 -60.73 41.13 -51.77
C ASP B 847 -60.75 41.24 -50.25
N ALA B 848 -59.90 42.08 -49.66
CA ALA B 848 -59.90 42.31 -48.22
C ALA B 848 -60.82 43.44 -47.80
N GLN B 849 -61.56 44.03 -48.74
CA GLN B 849 -62.42 45.17 -48.48
C GLN B 849 -63.86 44.70 -48.24
N LYS B 850 -64.75 45.67 -48.02
CA LYS B 850 -66.16 45.41 -47.89
C LYS B 850 -66.81 45.32 -49.28
N VAL B 851 -68.03 44.78 -49.32
CA VAL B 851 -68.77 44.75 -50.58
C VAL B 851 -69.07 46.16 -51.05
N SER B 852 -69.37 47.06 -50.11
CA SER B 852 -69.60 48.45 -50.47
C SER B 852 -68.32 49.11 -50.96
N VAL B 853 -67.17 48.73 -50.40
CA VAL B 853 -65.88 49.27 -50.80
C VAL B 853 -65.31 48.59 -52.04
N ARG B 854 -65.84 47.43 -52.42
CA ARG B 854 -65.37 46.63 -53.55
C ARG B 854 -65.52 47.18 -54.97
N ARG B 855 -66.21 48.32 -55.12
CA ARG B 855 -66.34 49.05 -56.40
C ARG B 855 -65.05 49.33 -57.19
N GLN B 856 -63.96 49.39 -56.43
CA GLN B 856 -62.65 49.76 -56.95
C GLN B 856 -62.30 48.61 -57.90
N LEU B 857 -62.81 47.40 -57.63
CA LEU B 857 -62.62 46.32 -58.60
C LEU B 857 -63.36 46.43 -59.92
N ARG B 858 -64.63 46.83 -59.86
CA ARG B 858 -65.44 46.89 -61.09
C ARG B 858 -65.23 48.03 -62.09
N ARG B 859 -64.88 49.20 -61.57
CA ARG B 859 -64.79 50.42 -62.35
C ARG B 859 -63.60 51.35 -62.02
N SER B 860 -62.88 51.03 -60.94
CA SER B 860 -61.71 51.83 -60.61
C SER B 860 -60.51 51.04 -61.11
N PHE B 861 -60.26 49.86 -60.56
CA PHE B 861 -59.06 49.09 -60.86
C PHE B 861 -59.31 47.98 -61.88
N ALA B 862 -60.38 48.08 -62.67
CA ALA B 862 -60.60 47.12 -63.74
C ALA B 862 -59.54 47.23 -64.83
N ILE B 863 -58.83 48.36 -64.91
CA ILE B 863 -57.78 48.51 -65.91
C ILE B 863 -56.61 47.59 -65.61
N TYR B 864 -56.34 47.31 -64.34
CA TYR B 864 -55.24 46.42 -63.97
C TYR B 864 -55.75 44.99 -63.80
N ALA C 16 10.22 27.69 16.20
CA ALA C 16 11.55 28.28 16.29
C ALA C 16 11.54 29.74 15.81
N PRO C 17 12.20 30.62 16.57
CA PRO C 17 12.18 32.05 16.21
C PRO C 17 12.83 32.29 14.84
N ASP C 18 12.30 33.28 14.13
CA ASP C 18 12.80 33.67 12.82
C ASP C 18 13.35 35.09 12.90
N ALA C 19 14.55 35.30 12.35
CA ALA C 19 15.17 36.62 12.39
C ALA C 19 14.36 37.64 11.58
N VAL C 20 13.85 37.24 10.41
CA VAL C 20 13.07 38.16 9.59
C VAL C 20 11.76 38.51 10.30
N PHE C 21 11.16 37.53 10.98
CA PHE C 21 9.93 37.79 11.73
C PHE C 21 10.17 38.83 12.82
N GLY C 22 11.27 38.70 13.56
CA GLY C 22 11.59 39.67 14.59
C GLY C 22 11.92 41.04 14.02
N ASP C 23 12.61 41.06 12.87
CA ASP C 23 12.92 42.33 12.22
C ASP C 23 11.64 43.06 11.82
N ARG C 24 10.69 42.34 11.24
CA ARG C 24 9.42 42.96 10.86
C ARG C 24 8.61 43.36 12.10
N VAL C 25 8.69 42.57 13.17
CA VAL C 25 7.99 42.93 14.41
C VAL C 25 8.53 44.26 14.95
N ARG C 26 9.86 44.40 14.99
CA ARG C 26 10.43 45.63 15.51
C ARG C 26 10.20 46.81 14.56
N ARG C 27 10.15 46.56 13.25
CA ARG C 27 9.83 47.63 12.31
C ARG C 27 8.39 48.12 12.52
N PHE C 28 7.44 47.21 12.71
CA PHE C 28 6.07 47.64 12.96
C PHE C 28 5.93 48.27 14.35
N GLN C 29 6.75 47.85 15.31
CA GLN C 29 6.77 48.54 16.60
C GLN C 29 7.26 49.97 16.45
N GLU C 30 8.28 50.18 15.62
CA GLU C 30 8.72 51.54 15.31
C GLU C 30 7.61 52.34 14.64
N PHE C 31 6.88 51.71 13.72
CA PHE C 31 5.76 52.38 13.06
C PHE C 31 4.69 52.78 14.07
N LEU C 32 4.36 51.88 15.00
CA LEU C 32 3.36 52.20 16.02
C LEU C 32 3.84 53.29 16.96
N ASP C 33 5.14 53.32 17.27
CA ASP C 33 5.67 54.38 18.11
C ASP C 33 5.64 55.72 17.40
N THR C 34 5.90 55.73 16.09
CA THR C 34 5.90 56.98 15.34
C THR C 34 4.51 57.61 15.30
N PHE C 35 3.48 56.82 15.00
CA PHE C 35 2.11 57.30 14.94
C PHE C 35 1.45 57.00 16.28
N THR C 36 1.34 58.04 17.13
CA THR C 36 0.85 57.87 18.49
C THR C 36 -0.63 57.53 18.56
N SER C 37 -1.38 57.74 17.48
CA SER C 37 -2.81 57.47 17.49
C SER C 37 -3.09 56.01 17.79
N TYR C 38 -2.17 55.11 17.45
CA TYR C 38 -2.40 53.70 17.71
C TYR C 38 -2.18 53.32 19.19
N ARG C 39 -1.29 53.99 19.88
CA ARG C 39 -1.22 53.72 21.32
C ARG C 39 -2.48 54.34 21.93
N ASP C 40 -2.92 55.51 21.42
CA ASP C 40 -4.09 56.14 22.00
C ASP C 40 -5.32 55.24 21.83
N SER C 41 -5.49 54.65 20.65
CA SER C 41 -6.62 53.76 20.41
C SER C 41 -6.53 52.52 21.30
N VAL C 42 -5.35 51.91 21.39
CA VAL C 42 -5.24 50.69 22.18
C VAL C 42 -5.44 51.01 23.67
N ARG C 43 -4.89 52.13 24.13
CA ARG C 43 -5.08 52.54 25.51
C ARG C 43 -6.56 52.81 25.81
N SER C 44 -7.25 53.48 24.88
CA SER C 44 -8.67 53.74 25.07
C SER C 44 -9.47 52.45 25.13
N ILE C 45 -9.14 51.49 24.26
CA ILE C 45 -9.84 50.21 24.27
C ILE C 45 -9.61 49.50 25.60
N GLN C 46 -8.37 49.49 26.07
CA GLN C 46 -8.05 48.79 27.31
C GLN C 46 -8.73 49.44 28.51
N VAL C 47 -8.73 50.77 28.57
CA VAL C 47 -9.37 51.43 29.71
C VAL C 47 -10.88 51.24 29.66
N TYR C 48 -11.47 51.26 28.47
CA TYR C 48 -12.89 50.96 28.34
C TYR C 48 -13.21 49.57 28.86
N ASN C 49 -12.43 48.57 28.43
CA ASN C 49 -12.67 47.20 28.87
C ASN C 49 -12.52 47.07 30.38
N SER C 50 -11.46 47.66 30.95
CA SER C 50 -11.26 47.57 32.39
C SER C 50 -12.36 48.27 33.16
N ASN C 51 -12.81 49.43 32.68
CA ASN C 51 -13.85 50.19 33.38
C ASN C 51 -15.22 49.58 33.54
N ASN C 52 -15.73 48.91 32.51
CA ASN C 52 -16.98 48.16 32.65
C ASN C 52 -16.84 46.65 33.12
N ALA C 53 -15.58 46.26 33.26
CA ALA C 53 -15.21 44.97 33.83
C ALA C 53 -15.30 45.21 35.33
N ALA C 54 -14.67 46.27 35.84
CA ALA C 54 -14.80 46.61 37.26
C ALA C 54 -16.19 47.10 37.62
N ASN C 55 -16.89 47.75 36.68
CA ASN C 55 -18.24 48.24 36.96
C ASN C 55 -19.21 47.09 37.21
N TYR C 56 -19.11 46.02 36.42
CA TYR C 56 -19.99 44.87 36.54
C TYR C 56 -19.26 43.64 37.08
N ASN C 57 -18.18 43.87 37.84
CA ASN C 57 -17.40 42.79 38.45
C ASN C 57 -16.89 41.80 37.42
N LEU C 89 -21.99 47.02 29.86
CA LEU C 89 -22.45 47.20 28.49
C LEU C 89 -21.88 46.13 27.57
N ASN C 90 -20.85 46.48 26.82
CA ASN C 90 -20.21 45.56 25.89
C ASN C 90 -18.70 45.70 26.00
N ILE C 91 -17.99 44.67 25.58
CA ILE C 91 -16.54 44.63 25.62
C ILE C 91 -16.02 44.90 24.21
N LEU C 92 -15.18 45.93 24.09
CA LEU C 92 -14.64 46.29 22.78
C LEU C 92 -13.65 45.22 22.31
N PRO C 93 -13.64 44.89 21.03
CA PRO C 93 -12.70 43.88 20.52
C PRO C 93 -11.28 44.40 20.52
N HIS C 94 -10.34 43.46 20.56
CA HIS C 94 -8.90 43.76 20.50
C HIS C 94 -8.50 43.89 19.03
N ARG C 95 -8.96 44.98 18.42
CA ARG C 95 -8.74 45.22 16.99
C ARG C 95 -8.45 46.70 16.78
N ILE C 96 -7.49 46.98 15.88
CA ILE C 96 -7.05 48.33 15.60
C ILE C 96 -7.14 48.57 14.10
N ILE C 97 -7.75 49.70 13.72
CA ILE C 97 -7.81 50.13 12.34
C ILE C 97 -6.47 50.77 11.99
N ILE C 98 -5.82 50.27 10.94
CA ILE C 98 -4.52 50.76 10.51
C ILE C 98 -4.68 51.44 9.16
N SER C 99 -4.25 52.71 9.09
CA SER C 99 -4.32 53.47 7.85
C SER C 99 -3.11 53.11 6.98
N LEU C 100 -3.38 52.54 5.80
CA LEU C 100 -2.28 52.12 4.92
C LEU C 100 -1.52 53.32 4.37
N ASP C 101 -2.16 54.48 4.28
CA ASP C 101 -1.45 55.68 3.82
C ASP C 101 -0.35 56.07 4.80
N ASP C 102 -0.64 56.02 6.11
CA ASP C 102 0.38 56.31 7.10
C ASP C 102 1.51 55.29 7.05
N LEU C 103 1.20 54.02 6.82
CA LEU C 103 2.24 53.00 6.69
C LEU C 103 3.10 53.24 5.46
N ARG C 104 2.49 53.66 4.34
CA ARG C 104 3.27 54.00 3.16
C ARG C 104 4.17 55.20 3.42
N GLU C 105 3.66 56.19 4.15
CA GLU C 105 4.49 57.34 4.53
C GLU C 105 5.67 56.91 5.39
N PHE C 106 5.42 56.03 6.36
CA PHE C 106 6.49 55.60 7.26
C PHE C 106 7.48 54.68 6.56
N ASP C 107 7.01 53.52 6.09
CA ASP C 107 7.88 52.53 5.45
C ASP C 107 7.12 51.98 4.24
N ARG C 108 7.51 52.43 3.04
CA ARG C 108 6.90 51.91 1.82
C ARG C 108 7.05 50.43 1.51
N SER C 109 8.19 49.84 1.87
CA SER C 109 8.32 48.38 1.70
C SER C 109 7.48 47.54 2.67
N PHE C 110 7.29 48.07 3.89
CA PHE C 110 6.44 47.39 4.86
C PHE C 110 5.02 47.50 4.29
N TRP C 111 4.67 48.66 3.74
CA TRP C 111 3.35 48.84 3.14
C TRP C 111 3.16 47.91 1.95
N SER C 112 4.16 47.88 1.05
CA SER C 112 4.07 46.98 -0.09
C SER C 112 4.13 45.51 0.34
N GLY C 113 4.86 45.22 1.41
CA GLY C 113 4.88 43.85 1.91
C GLY C 113 3.53 43.41 2.45
N ILE C 114 2.85 44.29 3.19
CA ILE C 114 1.51 43.96 3.69
C ILE C 114 0.54 43.80 2.53
N LEU C 115 0.62 44.70 1.54
CA LEU C 115 -0.35 44.65 0.45
C LEU C 115 -0.12 43.45 -0.48
N VAL C 116 1.14 43.07 -0.71
CA VAL C 116 1.48 42.06 -1.70
C VAL C 116 1.77 40.71 -1.04
N GLU C 117 2.40 40.71 0.13
CA GLU C 117 2.76 39.48 0.84
C GLU C 117 2.20 39.51 2.25
N PRO C 118 0.88 39.52 2.40
CA PRO C 118 0.29 39.68 3.74
C PRO C 118 0.64 38.57 4.71
N ALA C 119 0.81 37.33 4.21
CA ALA C 119 1.10 36.22 5.11
C ALA C 119 2.44 36.36 5.82
N TYR C 120 3.34 37.18 5.29
CA TYR C 120 4.65 37.37 5.90
C TYR C 120 4.78 38.67 6.67
N PHE C 121 3.87 39.62 6.47
CA PHE C 121 3.97 40.94 7.10
C PHE C 121 2.87 41.25 8.09
N ILE C 122 1.71 40.60 7.98
CA ILE C 122 0.58 40.85 8.89
C ILE C 122 0.79 40.13 10.22
N PRO C 123 1.24 38.88 10.27
CA PRO C 123 1.49 38.24 11.57
C PRO C 123 2.54 38.98 12.39
N PRO C 124 3.67 39.42 11.80
CA PRO C 124 4.61 40.22 12.61
C PRO C 124 4.01 41.52 13.12
N ALA C 125 3.21 42.19 12.31
CA ALA C 125 2.59 43.44 12.74
C ALA C 125 1.59 43.20 13.86
N GLU C 126 0.81 42.12 13.77
CA GLU C 126 -0.11 41.77 14.85
C GLU C 126 0.64 41.41 16.13
N LYS C 127 1.76 40.69 16.02
CA LYS C 127 2.56 40.40 17.20
C LYS C 127 3.11 41.69 17.82
N ALA C 128 3.56 42.63 16.98
CA ALA C 128 4.04 43.90 17.49
C ALA C 128 2.92 44.66 18.21
N LEU C 129 1.72 44.66 17.64
CA LEU C 129 0.60 45.33 18.29
C LEU C 129 0.25 44.67 19.62
N THR C 130 0.27 43.33 19.66
CA THR C 130 0.00 42.62 20.91
C THR C 130 1.05 42.91 21.96
N ASP C 131 2.33 42.93 21.56
CA ASP C 131 3.39 43.27 22.48
C ASP C 131 3.21 44.69 23.01
N LEU C 132 2.83 45.61 22.14
CA LEU C 132 2.64 46.99 22.56
C LEU C 132 1.48 47.10 23.55
N ALA C 133 0.38 46.40 23.27
CA ALA C 133 -0.78 46.41 24.14
C ALA C 133 -0.48 45.80 25.51
N ASP C 134 0.26 44.70 25.53
CA ASP C 134 0.64 44.12 26.82
C ASP C 134 1.72 44.93 27.52
N SER C 135 2.44 45.78 26.79
CA SER C 135 3.38 46.69 27.43
C SER C 135 2.65 47.83 28.12
N MET C 136 1.59 48.34 27.50
CA MET C 136 0.85 49.43 28.15
C MET C 136 -0.09 48.91 29.24
N ASP C 137 -0.28 47.59 29.30
CA ASP C 137 -1.27 47.01 30.20
C ASP C 137 -0.74 46.97 31.62
N ASP C 138 -0.36 48.13 32.15
CA ASP C 138 0.09 48.21 33.54
C ASP C 138 -1.05 47.92 34.51
N VAL C 139 -2.27 48.31 34.13
CA VAL C 139 -3.46 48.01 34.93
C VAL C 139 -4.24 46.92 34.20
N PRO C 140 -4.03 45.65 34.54
CA PRO C 140 -4.74 44.57 33.84
C PRO C 140 -6.23 44.59 34.12
N HIS C 141 -6.98 44.04 33.18
CA HIS C 141 -8.42 43.92 33.37
C HIS C 141 -8.72 43.00 34.55
N PRO C 142 -9.77 43.27 35.32
CA PRO C 142 -10.09 42.40 36.47
C PRO C 142 -10.36 40.97 36.01
N ASN C 143 -9.79 40.02 36.73
CA ASN C 143 -9.91 38.59 36.43
C ASN C 143 -9.56 38.28 34.97
N SER C 149 2.16 37.20 22.75
CA SER C 149 1.87 37.35 24.17
C SER C 149 0.42 37.00 24.47
N ARG C 150 -0.10 37.54 25.57
CA ARG C 150 -1.48 37.30 25.98
C ARG C 150 -2.42 38.23 25.23
N HIS C 151 -3.68 37.80 25.11
CA HIS C 151 -4.75 38.55 24.47
C HIS C 151 -4.32 39.00 23.07
N PRO C 152 -4.26 38.10 22.09
CA PRO C 152 -3.79 38.48 20.76
C PRO C 152 -4.63 39.58 20.15
N TRP C 153 -3.96 40.63 19.67
CA TRP C 153 -4.63 41.75 19.03
C TRP C 153 -4.59 41.58 17.52
N LYS C 154 -5.75 41.74 16.88
CA LYS C 154 -5.86 41.63 15.44
C LYS C 154 -5.77 43.01 14.79
N LEU C 155 -5.46 43.01 13.49
CA LEU C 155 -5.29 44.23 12.73
C LEU C 155 -6.39 44.35 11.67
N SER C 156 -6.84 45.59 11.45
CA SER C 156 -7.73 45.92 10.35
C SER C 156 -7.13 47.09 9.58
N PHE C 157 -7.39 47.12 8.27
CA PHE C 157 -6.71 48.04 7.38
C PHE C 157 -7.71 48.95 6.68
N LYS C 158 -7.26 50.19 6.43
CA LYS C 158 -8.05 51.18 5.72
C LYS C 158 -7.11 52.09 4.96
N GLY C 159 -7.65 52.76 3.94
CA GLY C 159 -6.89 53.68 3.13
C GLY C 159 -7.02 53.34 1.66
N SER C 160 -6.04 53.82 0.88
CA SER C 160 -6.03 53.61 -0.56
C SER C 160 -5.30 52.30 -0.87
N PHE C 161 -5.99 51.38 -1.54
CA PHE C 161 -5.42 50.09 -1.91
C PHE C 161 -4.84 50.07 -3.32
N GLY C 162 -5.18 51.05 -4.15
CA GLY C 162 -4.66 51.10 -5.51
C GLY C 162 -5.22 50.01 -6.40
N ALA C 163 -4.34 49.14 -6.89
CA ALA C 163 -4.75 48.05 -7.76
C ALA C 163 -5.42 46.91 -7.01
N HIS C 164 -5.33 46.89 -5.67
CA HIS C 164 -5.95 45.85 -4.88
C HIS C 164 -7.39 46.15 -4.49
N ALA C 165 -7.87 47.36 -4.77
CA ALA C 165 -9.27 47.70 -4.55
C ALA C 165 -10.07 47.13 -5.72
N LEU C 166 -10.73 46.00 -5.49
CA LEU C 166 -11.34 45.25 -6.58
C LEU C 166 -12.82 44.97 -6.35
N SER C 167 -13.40 44.15 -7.23
CA SER C 167 -14.76 43.68 -7.17
C SER C 167 -14.75 42.18 -7.38
N PRO C 168 -15.82 41.48 -7.02
CA PRO C 168 -15.85 40.03 -7.23
C PRO C 168 -15.66 39.61 -8.67
N ARG C 169 -15.95 40.49 -9.64
CA ARG C 169 -15.73 40.16 -11.04
C ARG C 169 -14.27 40.32 -11.43
N THR C 170 -13.62 41.40 -10.98
CA THR C 170 -12.24 41.69 -11.33
C THR C 170 -11.23 41.00 -10.42
N LEU C 171 -11.70 40.27 -9.41
CA LEU C 171 -10.81 39.56 -8.49
C LEU C 171 -10.46 38.22 -9.12
N THR C 172 -9.26 38.13 -9.70
CA THR C 172 -8.80 36.97 -10.43
C THR C 172 -7.79 36.17 -9.59
N ALA C 173 -7.24 35.12 -10.20
CA ALA C 173 -6.33 34.23 -9.50
C ALA C 173 -4.93 34.81 -9.31
N GLN C 174 -4.61 35.92 -9.98
CA GLN C 174 -3.33 36.58 -9.76
C GLN C 174 -3.38 37.58 -8.61
N HIS C 175 -4.53 37.72 -7.95
CA HIS C 175 -4.64 38.43 -6.70
C HIS C 175 -4.56 37.50 -5.50
N LEU C 176 -4.34 36.21 -5.71
CA LEU C 176 -4.29 35.26 -4.61
C LEU C 176 -3.09 35.54 -3.71
N ASN C 177 -3.28 35.30 -2.41
CA ASN C 177 -2.30 35.60 -1.38
C ASN C 177 -1.92 37.09 -1.38
N LYS C 178 -2.92 37.95 -1.59
CA LYS C 178 -2.75 39.38 -1.52
C LYS C 178 -3.84 39.99 -0.65
N LEU C 179 -3.51 41.12 -0.04
CA LEU C 179 -4.48 41.87 0.77
C LEU C 179 -5.31 42.74 -0.19
N VAL C 180 -6.58 42.37 -0.35
CA VAL C 180 -7.46 43.02 -1.31
C VAL C 180 -8.67 43.57 -0.58
N SER C 181 -9.17 44.70 -1.09
CA SER C 181 -10.43 45.29 -0.66
C SER C 181 -11.46 45.05 -1.76
N VAL C 182 -12.52 44.32 -1.44
CA VAL C 182 -13.54 43.93 -2.40
C VAL C 182 -14.84 44.61 -2.03
N GLU C 183 -15.42 45.34 -2.97
CA GLU C 183 -16.71 45.98 -2.80
C GLU C 183 -17.78 45.18 -3.52
N GLY C 184 -18.89 44.93 -2.82
CA GLY C 184 -19.95 44.16 -3.41
C GLY C 184 -21.23 44.25 -2.60
N ILE C 185 -22.13 43.32 -2.88
CA ILE C 185 -23.40 43.21 -2.16
C ILE C 185 -23.45 41.87 -1.46
N VAL C 186 -23.87 41.88 -0.19
CA VAL C 186 -24.00 40.63 0.55
C VAL C 186 -25.28 39.92 0.11
N THR C 187 -25.13 38.72 -0.43
CA THR C 187 -26.27 37.92 -0.86
C THR C 187 -26.61 36.77 0.08
N LYS C 188 -25.62 36.18 0.74
CA LYS C 188 -25.83 35.10 1.68
C LYS C 188 -25.00 35.34 2.92
N THR C 189 -25.60 35.08 4.09
CA THR C 189 -24.91 35.11 5.37
C THR C 189 -25.20 33.81 6.09
N SER C 190 -24.19 32.96 6.24
CA SER C 190 -24.38 31.69 6.92
C SER C 190 -24.62 31.91 8.42
N LEU C 191 -25.02 30.84 9.09
CA LEU C 191 -25.24 30.91 10.53
C LEU C 191 -23.93 31.19 11.24
N VAL C 192 -24.00 32.00 12.30
CA VAL C 192 -22.83 32.29 13.13
C VAL C 192 -22.58 31.06 14.00
N ARG C 193 -21.68 30.20 13.57
CA ARG C 193 -21.49 28.93 14.25
C ARG C 193 -20.28 29.00 15.14
N PRO C 194 -20.32 28.45 16.35
CA PRO C 194 -19.10 28.36 17.15
C PRO C 194 -18.14 27.33 16.56
N LYS C 195 -16.85 27.61 16.71
CA LYS C 195 -15.78 26.74 16.28
C LYS C 195 -14.93 26.41 17.50
N LEU C 196 -14.74 25.14 17.78
CA LEU C 196 -13.98 24.71 18.94
C LEU C 196 -12.50 24.97 18.69
N ILE C 197 -11.91 25.90 19.44
CA ILE C 197 -10.48 26.16 19.33
C ILE C 197 -9.70 25.64 20.53
N ARG C 198 -10.37 25.27 21.61
CA ARG C 198 -9.73 24.64 22.75
C ARG C 198 -10.79 23.88 23.54
N SER C 199 -10.60 22.59 23.71
CA SER C 199 -11.51 21.73 24.45
C SER C 199 -10.89 21.38 25.79
N VAL C 200 -11.66 21.57 26.87
CA VAL C 200 -11.22 21.29 28.23
C VAL C 200 -12.00 20.09 28.75
N HIS C 201 -11.29 19.10 29.27
CA HIS C 201 -11.88 17.86 29.76
C HIS C 201 -11.48 17.65 31.21
N TYR C 202 -12.26 16.80 31.88
CA TYR C 202 -12.05 16.49 33.30
C TYR C 202 -11.91 14.98 33.45
N ALA C 203 -10.86 14.55 34.15
CA ALA C 203 -10.65 13.15 34.50
C ALA C 203 -11.00 12.99 35.98
N ALA C 204 -12.08 12.25 36.25
CA ALA C 204 -12.58 12.10 37.61
C ALA C 204 -11.70 11.18 38.44
N LYS C 205 -11.12 10.15 37.82
CA LYS C 205 -10.25 9.22 38.56
C LYS C 205 -9.03 9.95 39.13
N THR C 206 -8.39 10.76 38.29
CA THR C 206 -7.30 11.62 38.75
C THR C 206 -7.78 12.98 39.22
N GLY C 207 -9.02 13.34 38.92
CA GLY C 207 -9.54 14.66 39.29
C GLY C 207 -8.74 15.79 38.69
N ARG C 208 -8.38 15.68 37.41
CA ARG C 208 -7.48 16.62 36.78
C ARG C 208 -8.09 17.17 35.50
N PHE C 209 -7.80 18.44 35.21
CA PHE C 209 -8.33 19.11 34.03
C PHE C 209 -7.28 19.11 32.93
N HIS C 210 -7.64 18.56 31.77
CA HIS C 210 -6.80 18.51 30.59
C HIS C 210 -7.39 19.42 29.53
N TYR C 211 -6.61 19.69 28.48
CA TYR C 211 -7.09 20.54 27.40
C TYR C 211 -6.38 20.17 26.11
N ARG C 212 -6.99 20.56 24.99
CA ARG C 212 -6.41 20.35 23.67
C ARG C 212 -6.79 21.52 22.77
N ASP C 213 -5.80 22.07 22.07
CA ASP C 213 -6.01 23.18 21.15
C ASP C 213 -6.17 22.66 19.73
N TYR C 214 -7.08 23.27 18.98
CA TYR C 214 -7.39 22.87 17.61
C TYR C 214 -7.05 23.98 16.64
N THR C 215 -6.57 23.59 15.47
CA THR C 215 -6.14 24.53 14.44
C THR C 215 -6.65 24.07 13.08
N ASP C 216 -7.07 25.03 12.27
CA ASP C 216 -7.55 24.77 10.91
C ASP C 216 -6.73 25.60 9.92
N ALA C 217 -7.04 25.45 8.64
CA ALA C 217 -6.28 26.13 7.60
C ALA C 217 -6.65 27.60 7.48
N THR C 218 -7.80 28.02 8.00
CA THR C 218 -8.25 29.40 7.84
C THR C 218 -7.88 30.30 9.01
N THR C 219 -7.38 29.74 10.11
CA THR C 219 -7.09 30.56 11.29
C THR C 219 -5.75 31.27 11.20
N THR C 220 -4.88 30.87 10.29
CA THR C 220 -3.58 31.51 10.10
C THR C 220 -3.37 31.86 8.64
N LEU C 221 -2.68 32.97 8.41
CA LEU C 221 -2.34 33.36 7.05
C LEU C 221 -1.29 32.45 6.42
N THR C 222 -0.34 31.97 7.22
CA THR C 222 0.65 31.02 6.73
C THR C 222 0.12 29.59 6.83
N THR C 223 0.70 28.70 6.03
CA THR C 223 0.31 27.30 6.04
C THR C 223 1.13 26.54 7.06
N ARG C 224 0.44 25.76 7.88
CA ARG C 224 1.06 24.98 8.92
C ARG C 224 1.35 23.60 8.37
N ILE C 225 1.90 22.73 9.20
CA ILE C 225 1.75 21.29 8.94
C ILE C 225 0.39 20.97 9.53
N PRO C 226 -0.50 20.31 8.77
CA PRO C 226 -1.78 19.87 9.33
C PRO C 226 -1.56 18.84 10.43
N THR C 227 -2.22 19.06 11.57
CA THR C 227 -2.14 18.17 12.73
C THR C 227 -3.55 17.77 13.14
N PRO C 228 -4.11 16.72 12.53
CA PRO C 228 -5.49 16.33 12.88
C PRO C 228 -5.58 15.65 14.24
N ALA C 229 -5.34 16.41 15.31
CA ALA C 229 -5.46 15.86 16.66
C ALA C 229 -6.91 15.49 16.94
N ILE C 230 -7.13 14.24 17.36
CA ILE C 230 -8.49 13.79 17.61
C ILE C 230 -9.05 14.42 18.87
N TYR C 231 -10.36 14.38 19.01
CA TYR C 231 -11.01 14.85 20.22
C TYR C 231 -10.68 13.89 21.37
N PRO C 232 -10.09 14.36 22.46
CA PRO C 232 -9.69 13.43 23.53
C PRO C 232 -10.88 12.83 24.26
N THR C 233 -11.15 11.55 24.01
CA THR C 233 -12.21 10.83 24.71
C THR C 233 -11.71 10.10 25.93
N GLU C 234 -10.41 10.04 26.14
CA GLU C 234 -9.84 9.38 27.31
C GLU C 234 -8.48 10.00 27.59
N ASP C 235 -7.99 9.79 28.80
CA ASP C 235 -6.67 10.26 29.18
C ASP C 235 -5.60 9.41 28.47
N THR C 236 -4.35 9.83 28.64
CA THR C 236 -3.23 9.08 28.08
C THR C 236 -3.16 7.66 28.66
N GLU C 237 -3.57 7.49 29.92
CA GLU C 237 -3.42 6.25 30.65
C GLU C 237 -4.73 5.50 30.87
N GLY C 238 -5.79 5.87 30.15
CA GLY C 238 -7.01 5.08 30.13
C GLY C 238 -8.19 5.66 30.88
N ASN C 239 -8.02 6.75 31.61
CA ASN C 239 -9.12 7.33 32.35
C ASN C 239 -10.11 8.01 31.40
N LYS C 240 -11.40 7.77 31.63
CA LYS C 240 -12.45 8.36 30.81
C LYS C 240 -12.54 9.86 31.08
N LEU C 241 -12.63 10.65 30.02
CA LEU C 241 -12.71 12.09 30.12
C LEU C 241 -14.15 12.58 29.96
N THR C 242 -14.49 13.65 30.67
CA THR C 242 -15.79 14.29 30.56
C THR C 242 -15.57 15.70 30.03
N THR C 243 -16.25 16.02 28.92
CA THR C 243 -16.09 17.34 28.33
C THR C 243 -16.65 18.41 29.26
N GLU C 244 -15.86 19.46 29.49
CA GLU C 244 -16.26 20.56 30.36
C GLU C 244 -16.65 21.75 29.48
N TYR C 245 -17.91 21.77 29.05
CA TYR C 245 -18.45 22.93 28.38
C TYR C 245 -18.48 24.12 29.33
N GLY C 246 -18.26 25.31 28.79
CA GLY C 246 -18.11 26.50 29.58
C GLY C 246 -16.68 26.80 29.98
N TYR C 247 -15.81 25.80 29.96
CA TYR C 247 -14.38 25.99 30.06
C TYR C 247 -13.66 25.78 28.75
N SER C 248 -14.27 25.07 27.80
CA SER C 248 -13.77 25.02 26.44
C SER C 248 -13.97 26.36 25.76
N THR C 249 -13.19 26.60 24.70
CA THR C 249 -13.20 27.88 24.00
C THR C 249 -13.82 27.69 22.62
N PHE C 250 -14.88 28.46 22.35
CA PHE C 250 -15.55 28.47 21.06
C PHE C 250 -15.48 29.88 20.48
N ILE C 251 -15.15 29.96 19.20
CA ILE C 251 -14.95 31.21 18.49
C ILE C 251 -16.01 31.33 17.41
N ASP C 252 -16.70 32.46 17.37
CA ASP C 252 -17.74 32.66 16.36
C ASP C 252 -17.13 32.65 14.97
N HIS C 253 -17.82 31.99 14.04
CA HIS C 253 -17.37 31.88 12.66
C HIS C 253 -18.55 32.07 11.73
N GLN C 254 -18.39 32.92 10.73
CA GLN C 254 -19.42 33.16 9.74
C GLN C 254 -18.80 33.14 8.35
N ARG C 255 -19.60 32.75 7.36
CA ARG C 255 -19.15 32.70 5.96
C ARG C 255 -20.20 33.42 5.12
N ILE C 256 -19.87 34.62 4.66
CA ILE C 256 -20.78 35.42 3.86
C ILE C 256 -20.34 35.32 2.40
N THR C 257 -21.26 35.66 1.50
CA THR C 257 -21.01 35.67 0.07
C THR C 257 -21.21 37.10 -0.44
N VAL C 258 -20.16 37.65 -1.06
CA VAL C 258 -20.17 39.01 -1.57
C VAL C 258 -20.26 38.95 -3.08
N GLN C 259 -21.30 39.55 -3.64
CA GLN C 259 -21.55 39.55 -5.07
C GLN C 259 -21.42 40.96 -5.61
N GLU C 260 -21.04 41.07 -6.88
CA GLU C 260 -20.89 42.38 -7.51
C GLU C 260 -22.18 43.18 -7.39
N MET C 261 -22.03 44.45 -7.01
CA MET C 261 -23.20 45.29 -6.74
C MET C 261 -24.00 45.48 -8.02
N PRO C 262 -25.33 45.48 -7.95
CA PRO C 262 -26.14 45.69 -9.16
C PRO C 262 -25.87 47.02 -9.85
N GLU C 263 -25.50 48.05 -9.09
CA GLU C 263 -25.25 49.35 -9.70
C GLU C 263 -23.96 49.39 -10.53
N MET C 264 -23.05 48.44 -10.33
CA MET C 264 -21.83 48.38 -11.13
C MET C 264 -21.64 47.07 -11.89
N ALA C 265 -22.45 46.06 -11.62
CA ALA C 265 -22.35 44.82 -12.39
C ALA C 265 -22.87 45.03 -13.80
N PRO C 266 -22.28 44.38 -14.79
CA PRO C 266 -22.79 44.50 -16.16
C PRO C 266 -24.22 43.99 -16.27
N ALA C 267 -25.00 44.69 -17.09
CA ALA C 267 -26.41 44.34 -17.26
C ALA C 267 -26.56 43.12 -18.15
N GLY C 268 -27.43 42.21 -17.76
CA GLY C 268 -27.69 41.01 -18.52
C GLY C 268 -26.68 39.89 -18.35
N GLN C 269 -25.67 40.07 -17.51
CA GLN C 269 -24.63 39.08 -17.29
C GLN C 269 -24.76 38.45 -15.92
N LEU C 270 -24.42 37.18 -15.83
CA LEU C 270 -24.47 36.47 -14.56
C LEU C 270 -23.44 37.07 -13.60
N PRO C 271 -23.82 37.41 -12.37
CA PRO C 271 -22.89 38.09 -11.47
C PRO C 271 -21.84 37.14 -10.92
N ARG C 272 -20.76 37.73 -10.40
CA ARG C 272 -19.67 36.99 -9.80
C ARG C 272 -19.71 37.16 -8.28
N SER C 273 -19.40 36.08 -7.56
CA SER C 273 -19.45 36.06 -6.11
C SER C 273 -18.11 35.58 -5.55
N ILE C 274 -17.89 35.94 -4.29
CA ILE C 274 -16.67 35.55 -3.57
C ILE C 274 -17.04 35.26 -2.12
N ASP C 275 -16.39 34.24 -1.55
CA ASP C 275 -16.66 33.86 -0.17
C ASP C 275 -15.75 34.63 0.78
N VAL C 276 -16.31 35.08 1.90
CA VAL C 276 -15.58 35.81 2.92
C VAL C 276 -15.84 35.13 4.26
N ILE C 277 -14.78 34.90 5.03
CA ILE C 277 -14.85 34.23 6.32
C ILE C 277 -14.54 35.23 7.41
N LEU C 278 -15.44 35.35 8.38
CA LEU C 278 -15.32 36.29 9.49
C LEU C 278 -15.25 35.52 10.80
N ASP C 279 -14.43 36.01 11.74
CA ASP C 279 -14.08 35.26 12.94
C ASP C 279 -14.12 36.15 14.17
N ASP C 280 -15.12 35.93 15.03
CA ASP C 280 -15.15 36.29 16.44
C ASP C 280 -15.36 37.78 16.73
N ASP C 281 -15.19 38.65 15.74
CA ASP C 281 -15.66 40.02 15.89
C ASP C 281 -16.26 40.63 14.62
N LEU C 282 -16.03 40.05 13.44
CA LEU C 282 -16.63 40.54 12.22
C LEU C 282 -17.92 39.81 11.87
N VAL C 283 -18.31 38.82 12.67
CA VAL C 283 -19.59 38.16 12.45
C VAL C 283 -20.72 39.10 12.80
N ASP C 284 -21.84 38.96 12.09
CA ASP C 284 -23.03 39.80 12.27
C ASP C 284 -22.76 41.27 12.04
N LYS C 285 -21.69 41.60 11.32
CA LYS C 285 -21.42 42.99 10.98
C LYS C 285 -22.23 43.46 9.76
N THR C 286 -22.81 42.51 9.00
CA THR C 286 -23.59 42.83 7.83
C THR C 286 -24.79 41.89 7.76
N LYS C 287 -25.74 42.25 6.92
CA LYS C 287 -26.95 41.48 6.66
C LYS C 287 -27.10 41.33 5.15
N PRO C 288 -27.84 40.31 4.71
CA PRO C 288 -28.04 40.13 3.26
C PRO C 288 -28.67 41.37 2.62
N GLY C 289 -28.20 41.71 1.43
CA GLY C 289 -28.61 42.91 0.75
C GLY C 289 -27.77 44.13 1.07
N ASP C 290 -26.88 44.06 2.05
CA ASP C 290 -26.06 45.20 2.40
C ASP C 290 -24.94 45.38 1.38
N ARG C 291 -24.69 46.63 1.01
CA ARG C 291 -23.46 46.96 0.31
C ARG C 291 -22.30 46.86 1.29
N VAL C 292 -21.22 46.21 0.88
CA VAL C 292 -20.13 45.90 1.80
C VAL C 292 -18.79 46.14 1.11
N ASN C 293 -17.81 46.54 1.92
CA ASN C 293 -16.41 46.60 1.52
C ASN C 293 -15.64 45.74 2.50
N VAL C 294 -15.14 44.60 2.03
CA VAL C 294 -14.42 43.65 2.86
C VAL C 294 -12.94 43.71 2.50
N VAL C 295 -12.10 44.02 3.48
CA VAL C 295 -10.65 43.98 3.33
C VAL C 295 -10.15 42.67 3.92
N GLY C 296 -9.43 41.90 3.13
CA GLY C 296 -8.95 40.61 3.60
C GLY C 296 -7.96 40.01 2.63
N VAL C 297 -7.36 38.91 3.07
CA VAL C 297 -6.35 38.21 2.29
C VAL C 297 -7.06 37.20 1.38
N PHE C 298 -6.86 37.34 0.08
CA PHE C 298 -7.42 36.40 -0.89
C PHE C 298 -6.62 35.11 -0.83
N LYS C 299 -7.13 34.13 -0.09
CA LYS C 299 -6.41 32.90 0.19
C LYS C 299 -6.86 31.76 -0.73
N SER C 300 -5.95 30.84 -0.95
CA SER C 300 -6.23 29.57 -1.63
C SER C 300 -6.07 28.45 -0.62
N LEU C 301 -7.01 27.50 -0.64
CA LEU C 301 -7.06 26.45 0.36
C LEU C 301 -7.19 25.10 -0.34
N GLY C 302 -6.89 24.05 0.41
CA GLY C 302 -6.96 22.70 -0.13
C GLY C 302 -5.85 22.42 -1.12
N ALA C 303 -6.09 21.40 -1.95
CA ALA C 303 -5.13 21.00 -2.97
C ALA C 303 -5.65 21.17 -4.39
N GLY C 304 -6.94 21.44 -4.56
CA GLY C 304 -7.50 21.61 -5.89
C GLY C 304 -7.44 20.35 -6.74
N GLY C 305 -7.62 19.18 -6.12
CA GLY C 305 -7.61 17.93 -6.84
C GLY C 305 -6.24 17.32 -7.02
N MET C 306 -5.17 18.03 -6.68
CA MET C 306 -3.82 17.46 -6.81
C MET C 306 -3.57 16.36 -5.80
N ASN C 307 -4.00 16.56 -4.55
CA ASN C 307 -3.82 15.53 -3.53
C ASN C 307 -4.74 14.35 -3.84
N GLN C 308 -4.13 13.21 -4.14
CA GLN C 308 -4.86 12.03 -4.61
C GLN C 308 -5.59 11.39 -3.44
N SER C 309 -6.91 11.40 -3.49
CA SER C 309 -7.73 10.78 -2.45
C SER C 309 -8.42 9.53 -2.98
N LEU C 314 -11.13 17.97 -6.74
CA LEU C 314 -11.74 19.25 -7.12
C LEU C 314 -11.26 19.69 -8.50
N ILE C 315 -12.09 20.48 -9.19
CA ILE C 315 -11.69 21.00 -10.50
C ILE C 315 -10.56 22.01 -10.34
N GLY C 316 -10.62 22.85 -9.31
CA GLY C 316 -9.57 23.84 -9.07
C GLY C 316 -9.43 24.09 -7.59
N PHE C 317 -8.50 24.98 -7.26
CA PHE C 317 -8.24 25.29 -5.86
C PHE C 317 -9.40 26.07 -5.24
N LYS C 318 -9.69 25.78 -3.98
CA LYS C 318 -10.75 26.44 -3.25
C LYS C 318 -10.23 27.79 -2.74
N THR C 319 -10.82 28.87 -3.24
CA THR C 319 -10.37 30.21 -2.92
C THR C 319 -11.45 30.98 -2.17
N LEU C 320 -11.02 31.79 -1.21
CA LEU C 320 -11.92 32.62 -0.43
C LEU C 320 -11.10 33.74 0.20
N ILE C 321 -11.80 34.68 0.81
CA ILE C 321 -11.19 35.85 1.44
C ILE C 321 -11.27 35.69 2.96
N LEU C 322 -10.11 35.74 3.61
CA LEU C 322 -10.04 35.76 5.07
C LEU C 322 -10.25 37.20 5.50
N GLY C 323 -11.49 37.54 5.85
CA GLY C 323 -11.86 38.90 6.17
C GLY C 323 -11.11 39.49 7.35
N ASN C 324 -10.45 40.63 7.12
CA ASN C 324 -9.83 41.39 8.19
C ASN C 324 -10.67 42.58 8.62
N THR C 325 -11.40 43.20 7.69
CA THR C 325 -12.19 44.38 7.97
C THR C 325 -13.49 44.31 7.18
N VAL C 326 -14.59 44.73 7.81
CA VAL C 326 -15.90 44.79 7.17
C VAL C 326 -16.45 46.20 7.34
N TYR C 327 -16.67 46.88 6.21
CA TYR C 327 -17.29 48.20 6.19
C TYR C 327 -18.65 48.14 5.50
N PRO C 328 -19.75 48.18 6.22
CA PRO C 328 -21.04 48.40 5.56
C PRO C 328 -21.07 49.77 4.90
N LEU C 329 -21.45 49.79 3.62
CA LEU C 329 -21.48 51.01 2.82
C LEU C 329 -22.90 51.51 2.69
N HIS C 330 -23.05 52.82 2.53
CA HIS C 330 -24.35 53.46 2.35
C HIS C 330 -24.56 53.76 0.87
N ALA C 331 -25.53 53.10 0.27
CA ALA C 331 -25.99 53.41 -1.08
C ALA C 331 -27.47 53.74 -1.03
N ARG C 332 -27.91 54.61 -1.93
CA ARG C 332 -29.30 55.03 -1.92
C ARG C 332 -30.22 53.85 -2.25
N SER C 333 -31.40 53.87 -1.64
CA SER C 333 -32.39 52.79 -1.77
C SER C 333 -31.81 51.45 -1.33
N THR C 334 -31.03 51.47 -0.26
CA THR C 334 -30.51 50.26 0.36
C THR C 334 -30.86 50.27 1.85
N GLY C 335 -30.61 49.13 2.51
CA GLY C 335 -31.00 48.97 3.89
C GLY C 335 -29.96 49.42 4.90
N VAL C 336 -28.98 50.21 4.46
CA VAL C 336 -27.91 50.69 5.32
C VAL C 336 -28.14 52.17 5.60
N ALA C 337 -28.24 52.53 6.88
CA ALA C 337 -28.40 53.92 7.25
C ALA C 337 -27.10 54.69 7.07
N ALA C 338 -27.19 56.01 7.19
CA ALA C 338 -26.05 56.90 6.94
C ALA C 338 -25.59 57.51 8.26
N ARG C 339 -24.71 56.80 8.95
CA ARG C 339 -23.97 57.38 10.06
C ARG C 339 -23.05 58.48 9.55
N GLN C 340 -23.00 59.58 10.29
CA GLN C 340 -22.12 60.70 9.96
C GLN C 340 -21.33 61.11 11.19
N MET C 341 -20.10 61.57 10.96
CA MET C 341 -19.25 62.01 12.05
C MET C 341 -19.57 63.46 12.39
N LEU C 342 -19.95 63.70 13.65
CA LEU C 342 -20.31 65.02 14.13
C LEU C 342 -19.17 65.54 15.01
N THR C 343 -18.34 66.41 14.45
CA THR C 343 -17.30 67.05 15.23
C THR C 343 -17.92 68.09 16.17
N ASP C 344 -17.12 68.53 17.14
CA ASP C 344 -17.60 69.56 18.06
C ASP C 344 -17.93 70.85 17.34
N PHE C 345 -17.20 71.16 16.26
CA PHE C 345 -17.53 72.33 15.45
C PHE C 345 -18.90 72.18 14.80
N ASP C 346 -19.22 70.98 14.31
CA ASP C 346 -20.53 70.75 13.70
C ASP C 346 -21.65 70.90 14.71
N ILE C 347 -21.47 70.35 15.91
CA ILE C 347 -22.50 70.48 16.95
C ILE C 347 -22.65 71.92 17.38
N ARG C 348 -21.53 72.65 17.47
CA ARG C 348 -21.58 74.07 17.82
C ARG C 348 -22.37 74.86 16.79
N ASN C 349 -22.10 74.61 15.50
CA ASN C 349 -22.84 75.28 14.44
C ASN C 349 -24.32 74.91 14.48
N ILE C 350 -24.63 73.64 14.74
CA ILE C 350 -26.02 73.19 14.81
C ILE C 350 -26.74 73.93 15.93
N ASN C 351 -26.12 74.04 17.10
CA ASN C 351 -26.74 74.73 18.22
C ASN C 351 -26.82 76.20 17.85
N LYS C 352 -25.77 76.75 17.22
CA LYS C 352 -25.80 78.17 16.87
C LYS C 352 -26.99 78.49 15.97
N LEU C 353 -27.17 77.71 14.90
CA LEU C 353 -28.35 77.89 14.06
C LEU C 353 -29.70 77.58 14.70
N SER C 354 -29.75 76.59 15.60
CA SER C 354 -31.00 76.30 16.30
C SER C 354 -31.43 77.46 17.18
N LYS C 355 -30.48 78.27 17.66
CA LYS C 355 -30.84 79.45 18.43
C LYS C 355 -31.59 80.49 17.60
N LYS C 356 -31.44 80.45 16.27
CA LYS C 356 -32.13 81.39 15.41
C LYS C 356 -33.63 81.11 15.39
N LYS C 357 -34.42 82.17 15.27
CA LYS C 357 -35.88 82.02 15.28
C LYS C 357 -36.37 81.35 13.99
N ASP C 358 -35.88 81.79 12.84
CA ASP C 358 -36.38 81.34 11.55
C ASP C 358 -35.65 80.11 11.05
N ILE C 359 -35.03 79.34 11.95
CA ILE C 359 -34.24 78.18 11.52
C ILE C 359 -35.09 77.20 10.73
N PHE C 360 -36.33 76.97 11.17
CA PHE C 360 -37.27 76.15 10.39
C PHE C 360 -37.28 76.59 8.94
N ASP C 361 -37.55 77.88 8.70
CA ASP C 361 -37.55 78.39 7.32
C ASP C 361 -36.20 78.16 6.66
N ILE C 362 -35.11 78.42 7.39
CA ILE C 362 -33.78 78.21 6.84
C ILE C 362 -33.60 76.76 6.43
N LEU C 363 -34.13 75.84 7.25
CA LEU C 363 -34.05 74.43 6.89
C LEU C 363 -35.06 74.07 5.81
N SER C 364 -36.17 74.81 5.73
CA SER C 364 -37.20 74.48 4.75
C SER C 364 -36.76 74.87 3.34
N GLN C 365 -36.21 76.07 3.18
CA GLN C 365 -35.80 76.52 1.85
C GLN C 365 -34.55 75.80 1.37
N SER C 366 -33.67 75.37 2.28
CA SER C 366 -32.43 74.73 1.89
C SER C 366 -32.61 73.27 1.48
N LEU C 367 -33.80 72.71 1.65
CA LEU C 367 -34.06 71.33 1.23
C LEU C 367 -33.92 71.20 -0.28
N ALA C 368 -34.80 71.85 -1.04
CA ALA C 368 -34.80 71.76 -2.50
C ALA C 368 -34.83 73.16 -3.09
N PRO C 369 -33.68 73.88 -3.09
CA PRO C 369 -33.65 75.21 -3.62
C PRO C 369 -33.94 75.08 -5.10
N SER C 370 -33.52 73.98 -5.72
CA SER C 370 -33.68 73.80 -7.18
C SER C 370 -35.16 73.79 -7.53
N ILE C 371 -35.97 73.19 -6.68
CA ILE C 371 -37.44 73.25 -6.89
C ILE C 371 -37.88 74.65 -6.47
N TYR C 372 -38.68 75.32 -7.29
CA TYR C 372 -39.21 76.65 -6.93
C TYR C 372 -40.52 76.46 -6.21
N GLY C 373 -40.67 77.11 -5.07
CA GLY C 373 -41.93 77.02 -4.34
C GLY C 373 -42.03 75.72 -3.61
N HIS C 374 -43.25 75.20 -3.45
CA HIS C 374 -43.45 73.95 -2.67
C HIS C 374 -42.81 74.20 -1.32
N ASP C 375 -43.16 75.29 -0.67
CA ASP C 375 -42.47 75.68 0.58
C ASP C 375 -43.02 74.92 1.77
N HIS C 376 -44.34 74.81 1.90
CA HIS C 376 -44.95 74.04 2.98
C HIS C 376 -44.76 72.55 2.75
N ILE C 377 -44.69 72.12 1.48
CA ILE C 377 -44.32 70.74 1.21
C ILE C 377 -42.91 70.46 1.72
N LYS C 378 -42.00 71.41 1.53
CA LYS C 378 -40.65 71.25 2.07
C LYS C 378 -40.66 71.27 3.60
N LYS C 379 -41.51 72.12 4.19
CA LYS C 379 -41.64 72.11 5.65
C LYS C 379 -42.12 70.76 6.16
N ALA C 380 -43.12 70.19 5.49
CA ALA C 380 -43.62 68.88 5.87
C ALA C 380 -42.56 67.80 5.68
N ILE C 381 -41.78 67.89 4.61
CA ILE C 381 -40.73 66.92 4.36
C ILE C 381 -39.66 67.01 5.45
N LEU C 382 -39.28 68.21 5.85
CA LEU C 382 -38.33 68.37 6.94
C LEU C 382 -38.88 67.81 8.25
N LEU C 383 -40.16 68.09 8.54
CA LEU C 383 -40.78 67.55 9.75
C LEU C 383 -40.81 66.02 9.72
N MET C 384 -41.10 65.43 8.56
CA MET C 384 -41.07 63.97 8.44
C MET C 384 -39.66 63.44 8.61
N LEU C 385 -38.65 64.16 8.11
CA LEU C 385 -37.27 63.77 8.34
C LEU C 385 -36.93 63.76 9.83
N MET C 386 -37.39 64.78 10.55
CA MET C 386 -37.30 64.75 12.01
C MET C 386 -38.27 63.72 12.59
N GLY C 387 -39.56 63.93 12.35
CA GLY C 387 -40.57 63.02 12.83
C GLY C 387 -40.87 63.22 14.30
N GLY C 388 -41.97 62.62 14.75
CA GLY C 388 -42.34 62.63 16.14
C GLY C 388 -41.60 61.54 16.92
N VAL C 389 -42.02 61.37 18.16
CA VAL C 389 -41.47 60.33 19.03
C VAL C 389 -42.55 59.29 19.28
N GLU C 390 -42.23 58.03 18.99
CA GLU C 390 -43.20 56.96 19.18
C GLU C 390 -43.39 56.67 20.66
N LYS C 391 -44.60 56.23 21.01
CA LYS C 391 -44.95 55.92 22.39
C LYS C 391 -45.18 54.42 22.53
N ASN C 392 -44.50 53.81 23.49
CA ASN C 392 -44.64 52.38 23.79
C ASN C 392 -45.17 52.27 25.21
N LEU C 393 -46.48 52.16 25.34
CA LEU C 393 -47.10 52.10 26.66
C LEU C 393 -46.79 50.77 27.33
N GLU C 394 -46.94 50.76 28.65
CA GLU C 394 -46.52 49.60 29.45
C GLU C 394 -47.31 48.35 29.08
N ASN C 395 -48.61 48.51 28.82
CA ASN C 395 -49.43 47.35 28.44
C ASN C 395 -49.00 46.73 27.12
N GLY C 396 -48.33 47.50 26.25
CA GLY C 396 -47.82 46.95 25.01
C GLY C 396 -48.29 47.69 23.77
N SER C 397 -49.22 48.63 23.94
CA SER C 397 -49.75 49.36 22.80
C SER C 397 -48.69 50.30 22.21
N HIS C 398 -48.91 50.70 20.98
CA HIS C 398 -47.90 51.52 20.28
C HIS C 398 -48.56 52.74 19.69
N LEU C 399 -47.94 53.91 19.87
CA LEU C 399 -48.46 55.12 19.24
C LEU C 399 -47.43 55.50 18.18
N ARG C 400 -47.84 55.85 16.97
CA ARG C 400 -46.92 56.06 15.84
C ARG C 400 -46.26 57.42 16.00
N GLY C 401 -44.99 57.51 15.66
CA GLY C 401 -44.29 58.77 15.71
C GLY C 401 -43.67 59.15 14.38
N ASP C 402 -44.12 58.48 13.32
CA ASP C 402 -43.63 58.69 11.97
C ASP C 402 -44.69 59.45 11.17
N ILE C 403 -44.24 60.41 10.37
CA ILE C 403 -45.13 61.28 9.61
C ILE C 403 -45.17 60.80 8.16
N ASN C 404 -46.37 60.55 7.65
CA ASN C 404 -46.56 60.20 6.24
C ASN C 404 -47.06 61.41 5.47
N ILE C 405 -46.61 61.53 4.22
CA ILE C 405 -46.98 62.64 3.36
C ILE C 405 -47.41 62.07 2.01
N LEU C 406 -48.52 62.58 1.49
CA LEU C 406 -48.97 62.26 0.14
C LEU C 406 -49.04 63.55 -0.66
N MET C 407 -48.59 63.49 -1.91
CA MET C 407 -48.62 64.63 -2.82
C MET C 407 -49.38 64.22 -4.08
N VAL C 408 -50.62 64.67 -4.19
CA VAL C 408 -51.40 64.45 -5.41
C VAL C 408 -51.29 65.70 -6.27
N GLY C 409 -50.97 65.52 -7.54
CA GLY C 409 -50.82 66.76 -8.29
C GLY C 409 -50.84 66.59 -9.78
N ASP C 410 -50.69 67.70 -10.47
CA ASP C 410 -50.75 67.70 -11.94
C ASP C 410 -49.42 67.22 -12.46
N PRO C 411 -49.27 66.87 -13.75
CA PRO C 411 -47.98 66.52 -14.28
C PRO C 411 -46.93 67.65 -14.15
N SER C 412 -45.67 67.30 -13.93
CA SER C 412 -44.57 68.28 -13.79
C SER C 412 -44.72 69.39 -12.76
N THR C 413 -45.08 69.05 -11.52
CA THR C 413 -45.09 70.04 -10.40
C THR C 413 -43.99 69.54 -9.44
N ALA C 414 -43.04 68.75 -9.96
CA ALA C 414 -41.87 68.22 -9.22
C ALA C 414 -42.14 67.27 -8.05
N LYS C 415 -43.23 66.52 -8.09
CA LYS C 415 -43.51 65.52 -7.05
C LYS C 415 -42.41 64.46 -7.03
N SER C 416 -42.02 63.95 -8.18
CA SER C 416 -40.93 62.96 -8.27
C SER C 416 -39.56 63.52 -7.94
N GLN C 417 -39.28 64.77 -8.30
CA GLN C 417 -38.00 65.39 -7.90
C GLN C 417 -37.98 65.56 -6.39
N LEU C 418 -39.10 65.96 -5.78
CA LEU C 418 -39.19 66.04 -4.31
C LEU C 418 -39.11 64.62 -3.71
N LEU C 419 -39.51 63.56 -4.43
CA LEU C 419 -39.28 62.21 -3.90
C LEU C 419 -37.82 61.80 -4.03
N ARG C 420 -37.20 62.11 -5.18
CA ARG C 420 -35.81 61.76 -5.40
C ARG C 420 -34.88 62.51 -4.44
N PHE C 421 -35.20 63.78 -4.14
CA PHE C 421 -34.41 64.51 -3.18
C PHE C 421 -34.48 63.85 -1.80
N VAL C 422 -35.67 63.45 -1.37
CA VAL C 422 -35.81 62.78 -0.08
C VAL C 422 -35.04 61.47 -0.08
N LEU C 423 -35.08 60.74 -1.19
CA LEU C 423 -34.30 59.51 -1.30
C LEU C 423 -32.81 59.79 -1.15
N ASN C 424 -32.33 60.88 -1.76
CA ASN C 424 -30.90 61.16 -1.74
C ASN C 424 -30.44 61.69 -0.38
N THR C 425 -31.27 62.48 0.31
CA THR C 425 -30.82 63.18 1.51
C THR C 425 -31.19 62.47 2.81
N ALA C 426 -32.17 61.57 2.80
CA ALA C 426 -32.55 60.90 4.03
C ALA C 426 -31.46 59.97 4.55
N SER C 427 -31.45 59.80 5.88
CA SER C 427 -30.52 58.87 6.50
C SER C 427 -30.71 57.46 5.95
N LEU C 428 -31.96 57.00 5.90
CA LEU C 428 -32.28 55.70 5.32
C LEU C 428 -33.57 55.83 4.53
N ALA C 429 -33.48 55.68 3.21
CA ALA C 429 -34.63 55.84 2.34
C ALA C 429 -34.62 54.77 1.27
N ILE C 430 -35.80 54.20 1.01
CA ILE C 430 -36.00 53.19 -0.03
C ILE C 430 -37.00 53.74 -1.04
N ALA C 431 -36.64 53.70 -2.32
CA ALA C 431 -37.46 54.23 -3.39
C ALA C 431 -38.20 53.09 -4.08
N THR C 432 -39.53 53.21 -4.15
CA THR C 432 -40.39 52.22 -4.80
C THR C 432 -41.34 52.94 -5.75
N THR C 433 -41.86 52.19 -6.72
CA THR C 433 -42.87 52.70 -7.62
C THR C 433 -44.10 51.79 -7.57
N GLY C 434 -45.27 52.42 -7.75
CA GLY C 434 -46.52 51.68 -7.71
C GLY C 434 -46.58 50.64 -8.81
N ARG C 435 -46.87 49.40 -8.43
CA ARG C 435 -46.96 48.21 -9.28
C ARG C 435 -45.58 47.76 -9.78
N GLY C 436 -44.54 48.57 -9.61
CA GLY C 436 -43.19 48.07 -9.79
C GLY C 436 -42.77 47.20 -8.63
N SER C 437 -43.38 47.40 -7.45
CA SER C 437 -43.18 46.54 -6.29
C SER C 437 -44.54 46.19 -5.72
N SER C 438 -44.77 44.90 -5.52
CA SER C 438 -46.03 44.42 -4.97
C SER C 438 -45.94 44.35 -3.45
N GLY C 439 -47.01 43.81 -2.83
CA GLY C 439 -46.96 43.56 -1.40
C GLY C 439 -45.86 42.60 -1.02
N VAL C 440 -45.59 41.62 -1.88
CA VAL C 440 -44.42 40.76 -1.70
C VAL C 440 -43.15 41.59 -1.76
N GLY C 441 -43.09 42.56 -2.69
CA GLY C 441 -41.94 43.43 -2.79
C GLY C 441 -41.91 44.57 -1.79
N LEU C 442 -43.08 44.97 -1.28
CA LEU C 442 -43.15 46.02 -0.27
C LEU C 442 -43.00 45.45 1.13
N THR C 443 -43.84 44.50 1.49
CA THR C 443 -43.76 43.82 2.78
C THR C 443 -42.89 42.58 2.64
N ALA C 444 -42.89 41.73 3.67
CA ALA C 444 -42.02 40.56 3.70
C ALA C 444 -42.49 39.51 2.69
N ALA C 445 -41.68 38.46 2.57
CA ALA C 445 -41.97 37.34 1.68
C ALA C 445 -41.34 36.09 2.23
N VAL C 446 -42.05 34.97 2.10
CA VAL C 446 -41.56 33.67 2.55
C VAL C 446 -40.83 33.00 1.39
N THR C 447 -39.58 32.63 1.61
CA THR C 447 -38.78 31.99 0.58
C THR C 447 -38.68 30.48 0.82
N ARG C 455 -39.26 28.62 3.75
CA ARG C 455 -39.07 28.35 5.17
C ARG C 455 -38.28 29.49 5.82
N ARG C 456 -37.93 30.50 5.03
CA ARG C 456 -37.20 31.66 5.52
C ARG C 456 -37.85 32.92 4.96
N LEU C 457 -37.66 34.03 5.68
CA LEU C 457 -38.29 35.30 5.33
C LEU C 457 -37.29 36.21 4.63
N GLU C 458 -37.76 36.88 3.57
CA GLU C 458 -36.98 37.89 2.86
C GLU C 458 -37.67 39.24 3.05
N ALA C 459 -36.93 40.19 3.59
CA ALA C 459 -37.51 41.50 3.89
C ALA C 459 -37.84 42.26 2.60
N GLY C 460 -38.97 42.94 2.60
CA GLY C 460 -39.41 43.73 1.48
C GLY C 460 -38.99 45.18 1.59
N ALA C 461 -39.67 46.03 0.82
CA ALA C 461 -39.29 47.44 0.75
C ALA C 461 -39.51 48.14 2.08
N MET C 462 -40.64 47.89 2.72
CA MET C 462 -40.99 48.58 3.96
C MET C 462 -40.45 47.91 5.20
N VAL C 463 -39.84 46.73 5.08
CA VAL C 463 -39.16 46.12 6.22
C VAL C 463 -37.69 46.53 6.25
N LEU C 464 -37.04 46.61 5.08
CA LEU C 464 -35.69 47.14 5.02
C LEU C 464 -35.65 48.61 5.41
N ALA C 465 -36.71 49.36 5.12
CA ALA C 465 -36.80 50.77 5.46
C ALA C 465 -37.29 51.02 6.88
N ASP C 466 -37.17 50.03 7.76
CA ASP C 466 -37.52 50.23 9.16
C ASP C 466 -36.68 51.35 9.75
N ARG C 467 -37.34 52.22 10.54
CA ARG C 467 -36.72 53.44 11.06
C ARG C 467 -36.19 54.32 9.94
N GLY C 468 -36.88 54.33 8.79
CA GLY C 468 -36.46 55.09 7.64
C GLY C 468 -37.61 55.72 6.88
N VAL C 469 -37.40 55.97 5.59
CA VAL C 469 -38.39 56.63 4.74
C VAL C 469 -38.63 55.76 3.51
N VAL C 470 -39.89 55.66 3.10
CA VAL C 470 -40.28 54.95 1.90
C VAL C 470 -40.85 55.95 0.92
N CYS C 471 -40.18 56.16 -0.20
CA CYS C 471 -40.60 57.11 -1.23
C CYS C 471 -41.30 56.32 -2.33
N ILE C 472 -42.63 56.39 -2.35
CA ILE C 472 -43.45 55.66 -3.32
C ILE C 472 -43.92 56.61 -4.41
N ASP C 473 -43.40 56.43 -5.61
CA ASP C 473 -43.83 57.17 -6.78
C ASP C 473 -44.93 56.40 -7.51
N GLU C 474 -45.82 57.15 -8.16
CA GLU C 474 -47.00 56.59 -8.80
C GLU C 474 -47.83 55.78 -7.80
N PHE C 475 -48.22 56.44 -6.71
CA PHE C 475 -48.95 55.76 -5.65
C PHE C 475 -50.34 55.31 -6.12
N ASP C 476 -50.98 56.07 -7.01
CA ASP C 476 -52.31 55.71 -7.48
C ASP C 476 -52.31 54.40 -8.26
N LYS C 477 -51.23 54.11 -8.97
CA LYS C 477 -51.13 52.87 -9.76
C LYS C 477 -50.63 51.72 -8.89
N MET C 478 -51.37 51.48 -7.81
CA MET C 478 -51.04 50.43 -6.86
C MET C 478 -52.26 49.53 -6.68
N THR C 479 -52.04 48.22 -6.69
CA THR C 479 -53.13 47.27 -6.56
C THR C 479 -53.68 47.25 -5.13
N ASP C 480 -54.93 46.81 -5.00
CA ASP C 480 -55.58 46.75 -3.69
C ASP C 480 -54.92 45.71 -2.79
N VAL C 481 -54.38 44.64 -3.37
CA VAL C 481 -53.66 43.65 -2.58
C VAL C 481 -52.46 44.30 -1.90
N ASP C 482 -51.76 45.19 -2.61
CA ASP C 482 -50.72 45.98 -1.98
C ASP C 482 -51.31 46.99 -1.01
N ARG C 483 -52.49 47.54 -1.35
CA ARG C 483 -53.09 48.60 -0.55
C ARG C 483 -53.42 48.14 0.86
N VAL C 484 -53.86 46.90 1.02
CA VAL C 484 -54.20 46.41 2.35
C VAL C 484 -52.95 46.27 3.20
N ALA C 485 -51.86 45.74 2.63
CA ALA C 485 -50.60 45.65 3.35
C ALA C 485 -50.10 47.03 3.74
N ILE C 486 -50.23 48.00 2.83
CA ILE C 486 -49.86 49.38 3.14
C ILE C 486 -50.72 49.94 4.27
N HIS C 487 -52.01 49.58 4.28
CA HIS C 487 -52.89 49.97 5.39
C HIS C 487 -52.33 49.50 6.72
N GLU C 488 -51.91 48.23 6.79
CA GLU C 488 -51.31 47.74 8.03
C GLU C 488 -50.01 48.46 8.35
N VAL C 489 -49.17 48.71 7.35
CA VAL C 489 -47.84 49.23 7.62
C VAL C 489 -47.89 50.67 8.11
N MET C 490 -48.78 51.47 7.56
CA MET C 490 -48.80 52.90 7.93
C MET C 490 -49.20 53.17 9.38
N GLU C 491 -50.22 52.57 9.96
CA GLU C 491 -50.59 52.96 11.36
C GLU C 491 -49.96 52.09 12.42
N GLN C 492 -49.99 50.77 12.27
CA GLN C 492 -49.52 49.83 13.32
C GLN C 492 -48.03 49.61 13.21
N GLN C 493 -47.43 49.99 12.09
CA GLN C 493 -45.97 49.90 11.88
C GLN C 493 -45.51 48.47 12.08
N THR C 494 -46.21 47.48 11.48
CA THR C 494 -45.83 46.08 11.59
C THR C 494 -46.33 45.34 10.36
N VAL C 495 -45.69 44.22 10.07
CA VAL C 495 -46.07 43.34 8.97
C VAL C 495 -46.26 41.95 9.56
N THR C 496 -47.50 41.47 9.56
CA THR C 496 -47.80 40.13 10.04
C THR C 496 -47.92 39.18 8.85
N ILE C 497 -47.02 38.20 8.78
CA ILE C 497 -46.97 37.32 7.62
C ILE C 497 -48.02 36.23 7.73
N ALA C 498 -47.89 35.36 8.73
CA ALA C 498 -48.82 34.24 8.96
C ALA C 498 -49.02 33.42 7.69
N LYS C 499 -47.91 33.01 7.09
CA LYS C 499 -47.94 32.30 5.82
C LYS C 499 -47.02 31.08 5.88
N ALA C 500 -47.51 29.95 5.37
CA ALA C 500 -46.73 28.72 5.22
C ALA C 500 -46.07 28.31 6.53
N GLY C 501 -46.82 28.41 7.62
CA GLY C 501 -46.30 28.05 8.92
C GLY C 501 -45.36 29.06 9.54
N ILE C 502 -45.23 30.24 8.95
CA ILE C 502 -44.36 31.29 9.47
C ILE C 502 -45.26 32.41 9.97
N HIS C 503 -45.53 32.43 11.27
CA HIS C 503 -46.30 33.49 11.92
C HIS C 503 -45.29 34.45 12.55
N THR C 504 -45.03 35.57 11.87
CA THR C 504 -44.00 36.51 12.31
C THR C 504 -44.54 37.93 12.19
N THR C 505 -44.15 38.78 13.14
CA THR C 505 -44.52 40.20 13.13
C THR C 505 -43.23 41.01 12.93
N LEU C 506 -42.94 41.36 11.69
CA LEU C 506 -41.77 42.17 11.38
C LEU C 506 -42.05 43.63 11.65
N ASN C 507 -41.01 44.37 12.02
CA ASN C 507 -41.12 45.79 12.30
C ASN C 507 -40.98 46.59 11.01
N ALA C 508 -41.92 47.48 10.75
CA ALA C 508 -41.93 48.33 9.56
C ALA C 508 -42.19 49.77 9.98
N ARG C 509 -41.47 50.21 11.01
CA ARG C 509 -41.62 51.57 11.55
C ARG C 509 -40.99 52.57 10.59
N CYS C 510 -41.69 52.81 9.49
CA CYS C 510 -41.20 53.66 8.41
C CYS C 510 -42.19 54.78 8.13
N SER C 511 -41.65 55.94 7.74
CA SER C 511 -42.46 57.06 7.30
C SER C 511 -42.57 57.03 5.78
N VAL C 512 -43.80 57.12 5.28
CA VAL C 512 -44.09 56.95 3.87
C VAL C 512 -44.36 58.31 3.26
N ILE C 513 -43.60 58.66 2.22
CA ILE C 513 -43.87 59.82 1.39
C ILE C 513 -44.18 59.32 -0.02
N ALA C 514 -45.31 59.76 -0.57
CA ALA C 514 -45.79 59.20 -1.82
C ALA C 514 -46.24 60.32 -2.75
N ALA C 515 -46.19 60.01 -4.05
CA ALA C 515 -46.64 60.92 -5.09
C ALA C 515 -47.69 60.23 -5.95
N ALA C 516 -48.73 60.98 -6.32
CA ALA C 516 -49.85 60.44 -7.07
C ALA C 516 -50.39 61.47 -8.05
N ASN C 517 -51.08 60.96 -9.07
CA ASN C 517 -51.74 61.74 -10.10
C ASN C 517 -53.25 61.63 -9.96
N PRO C 518 -54.00 62.64 -10.43
CA PRO C 518 -55.46 62.59 -10.32
C PRO C 518 -56.09 61.55 -11.24
N VAL C 519 -57.41 61.45 -11.22
CA VAL C 519 -58.10 60.46 -12.03
C VAL C 519 -57.94 60.78 -13.51
N PHE C 520 -58.18 62.03 -13.89
CA PHE C 520 -58.18 62.43 -15.29
C PHE C 520 -56.83 62.97 -15.74
N GLY C 521 -55.81 62.92 -14.89
CA GLY C 521 -54.51 63.46 -15.21
C GLY C 521 -54.35 64.94 -14.97
N GLN C 522 -55.44 65.66 -14.72
CA GLN C 522 -55.39 67.09 -14.41
C GLN C 522 -56.37 67.35 -13.28
N TYR C 523 -55.90 67.96 -12.19
CA TYR C 523 -56.75 68.23 -11.05
C TYR C 523 -57.78 69.29 -11.43
N ASP C 524 -59.03 68.89 -11.56
CA ASP C 524 -60.11 69.80 -11.91
C ASP C 524 -60.54 70.57 -10.67
N VAL C 525 -60.31 71.88 -10.68
CA VAL C 525 -60.69 72.71 -9.53
C VAL C 525 -62.21 72.78 -9.37
N ASN C 526 -62.96 72.55 -10.45
CA ASN C 526 -64.42 72.56 -10.35
C ASN C 526 -64.92 71.38 -9.52
N ARG C 527 -64.28 70.21 -9.68
CA ARG C 527 -64.70 69.02 -8.95
C ARG C 527 -64.21 69.10 -7.50
N ASP C 528 -64.60 68.09 -6.70
CA ASP C 528 -64.19 67.96 -5.31
C ASP C 528 -63.01 67.00 -5.20
N PRO C 529 -62.19 67.15 -4.15
CA PRO C 529 -61.02 66.25 -4.02
C PRO C 529 -61.37 64.78 -3.96
N HIS C 530 -62.47 64.41 -3.32
CA HIS C 530 -62.78 62.99 -3.14
C HIS C 530 -62.96 62.27 -4.47
N GLN C 531 -63.48 62.97 -5.49
CA GLN C 531 -63.60 62.40 -6.81
C GLN C 531 -62.33 62.53 -7.63
N ASN C 532 -61.48 63.51 -7.33
CA ASN C 532 -60.23 63.70 -8.06
C ASN C 532 -59.12 62.76 -7.61
N ILE C 533 -59.19 62.24 -6.39
CA ILE C 533 -58.13 61.39 -5.86
C ILE C 533 -58.31 59.92 -6.27
N ALA C 534 -59.53 59.39 -6.12
CA ALA C 534 -59.82 57.98 -6.38
C ALA C 534 -58.92 57.06 -5.56
N LEU C 535 -58.83 57.36 -4.27
CA LEU C 535 -58.14 56.49 -3.32
C LEU C 535 -59.05 56.19 -2.14
N PRO C 536 -58.91 55.03 -1.51
CA PRO C 536 -59.78 54.70 -0.37
C PRO C 536 -59.63 55.74 0.74
N ASP C 537 -60.77 56.08 1.35
CA ASP C 537 -60.75 57.10 2.40
C ASP C 537 -59.97 56.62 3.61
N SER C 538 -60.07 55.33 3.94
CA SER C 538 -59.28 54.78 5.03
C SER C 538 -57.79 54.87 4.74
N LEU C 539 -57.41 54.75 3.46
CA LEU C 539 -56.00 54.91 3.10
C LEU C 539 -55.55 56.36 3.19
N LEU C 540 -56.41 57.29 2.77
CA LEU C 540 -56.05 58.70 2.86
C LEU C 540 -56.00 59.18 4.30
N SER C 541 -56.72 58.57 5.21
CA SER C 541 -56.63 58.94 6.65
C SER C 541 -55.22 58.71 7.20
N ARG C 542 -54.54 57.64 6.79
CA ARG C 542 -53.21 57.27 7.32
C ARG C 542 -52.18 58.35 6.94
N PHE C 543 -52.31 58.94 5.78
CA PHE C 543 -51.42 60.02 5.33
C PHE C 543 -51.64 61.20 6.26
N ASP C 544 -50.60 61.59 6.97
CA ASP C 544 -50.71 62.68 7.92
C ASP C 544 -50.95 64.02 7.22
N LEU C 545 -50.29 64.23 6.09
CA LEU C 545 -50.41 65.48 5.35
C LEU C 545 -50.62 65.16 3.87
N LEU C 546 -51.77 65.55 3.34
CA LEU C 546 -52.11 65.35 1.93
C LEU C 546 -52.07 66.71 1.24
N PHE C 547 -51.13 66.87 0.31
CA PHE C 547 -50.96 68.12 -0.42
C PHE C 547 -51.44 67.93 -1.85
N VAL C 548 -52.42 68.74 -2.25
CA VAL C 548 -52.89 68.78 -3.62
C VAL C 548 -52.21 69.98 -4.29
N VAL C 549 -51.38 69.70 -5.30
CA VAL C 549 -50.66 70.74 -6.02
C VAL C 549 -51.21 70.82 -7.43
N THR C 550 -51.52 72.03 -7.88
CA THR C 550 -52.12 72.29 -9.17
C THR C 550 -51.23 73.21 -9.98
N ASP C 551 -51.06 72.91 -11.27
CA ASP C 551 -50.22 73.71 -12.15
C ASP C 551 -51.06 74.84 -12.74
N ASP C 552 -51.23 75.90 -11.95
CA ASP C 552 -51.97 77.07 -12.38
C ASP C 552 -51.05 77.97 -13.18
N ILE C 553 -51.51 78.36 -14.38
CA ILE C 553 -50.73 79.20 -15.29
C ILE C 553 -50.93 80.65 -14.87
N ASN C 554 -49.98 81.20 -14.11
CA ASN C 554 -50.00 82.59 -13.70
C ASN C 554 -48.70 83.24 -14.12
N GLU C 555 -48.78 84.45 -14.68
CA GLU C 555 -47.65 85.07 -15.36
C GLU C 555 -46.48 85.30 -14.42
N ILE C 556 -46.76 85.80 -13.20
CA ILE C 556 -45.70 86.09 -12.26
C ILE C 556 -44.90 84.83 -11.94
N ARG C 557 -45.59 83.80 -11.42
CA ARG C 557 -44.91 82.55 -11.13
C ARG C 557 -44.44 81.85 -12.40
N ASP C 558 -45.04 82.12 -13.54
CA ASP C 558 -44.56 81.53 -14.79
C ASP C 558 -43.15 82.01 -15.11
N ARG C 559 -42.96 83.33 -15.14
CA ARG C 559 -41.62 83.87 -15.37
C ARG C 559 -40.67 83.52 -14.24
N SER C 560 -41.14 83.52 -12.99
CA SER C 560 -40.26 83.21 -11.83
C SER C 560 -39.77 81.77 -11.84
N ILE C 561 -40.66 80.82 -12.11
CA ILE C 561 -40.27 79.38 -12.22
C ILE C 561 -39.35 79.17 -13.42
N SER C 562 -39.49 79.97 -14.49
CA SER C 562 -38.70 79.75 -15.72
C SER C 562 -37.31 80.34 -15.47
N GLU C 563 -37.22 81.53 -14.87
CA GLU C 563 -35.93 82.07 -14.47
C GLU C 563 -35.21 81.13 -13.50
N HIS C 564 -35.94 80.54 -12.55
CA HIS C 564 -35.30 79.56 -11.64
C HIS C 564 -34.79 78.37 -12.44
N VAL C 565 -35.63 77.79 -13.29
CA VAL C 565 -35.24 76.56 -14.04
C VAL C 565 -33.99 76.88 -14.86
N LEU C 566 -33.85 78.09 -15.38
CA LEU C 566 -32.72 78.41 -16.26
C LEU C 566 -31.50 78.70 -15.40
N ARG C 567 -31.66 79.39 -14.29
CA ARG C 567 -30.54 79.61 -13.38
C ARG C 567 -29.97 78.29 -12.89
N THR C 568 -30.85 77.33 -12.55
CA THR C 568 -30.36 76.02 -12.13
C THR C 568 -29.63 75.32 -13.26
N HIS C 569 -30.14 75.41 -14.49
CA HIS C 569 -29.47 74.83 -15.64
C HIS C 569 -28.14 75.52 -15.94
N ARG C 570 -28.01 76.79 -15.58
CA ARG C 570 -26.76 77.54 -15.76
C ARG C 570 -25.96 77.46 -14.47
N TYR C 571 -25.44 76.28 -14.19
CA TYR C 571 -24.67 76.04 -12.97
C TYR C 571 -23.39 75.30 -13.33
N LEU C 572 -22.29 75.68 -12.68
CA LEU C 572 -21.00 75.06 -12.89
C LEU C 572 -20.40 74.61 -11.56
N PRO C 573 -19.87 73.39 -11.49
CA PRO C 573 -19.18 72.96 -10.28
C PRO C 573 -17.89 73.74 -10.10
N PRO C 574 -17.38 73.81 -8.86
CA PRO C 574 -16.16 74.62 -8.62
C PRO C 574 -14.96 74.17 -9.43
N GLY C 575 -14.83 72.88 -9.72
CA GLY C 575 -13.66 72.38 -10.41
C GLY C 575 -13.92 71.88 -11.81
N TYR C 576 -14.75 72.61 -12.57
CA TYR C 576 -15.10 72.21 -13.93
C TYR C 576 -14.98 73.39 -14.88
N LEU C 577 -14.73 73.08 -16.15
CA LEU C 577 -14.64 74.08 -17.20
C LEU C 577 -16.04 74.42 -17.71
N GLU C 578 -16.10 75.41 -18.61
CA GLU C 578 -17.38 75.85 -19.14
C GLU C 578 -18.08 74.74 -19.92
N GLY C 579 -17.33 74.01 -20.75
CA GLY C 579 -17.92 72.97 -21.56
C GLY C 579 -17.43 71.57 -21.23
N GLU C 580 -17.25 71.29 -19.94
CA GLU C 580 -16.79 69.98 -19.50
C GLU C 580 -17.96 69.16 -18.99
N PRO C 581 -18.19 67.96 -19.52
CA PRO C 581 -19.28 67.11 -19.02
C PRO C 581 -19.01 66.73 -17.55
N VAL C 582 -19.99 67.00 -16.70
CA VAL C 582 -19.83 66.72 -15.27
C VAL C 582 -19.81 65.22 -15.05
N ARG C 583 -18.77 64.75 -14.36
CA ARG C 583 -18.70 63.33 -14.04
C ARG C 583 -19.63 63.01 -12.87
N GLU C 584 -19.90 61.72 -12.71
CA GLU C 584 -20.91 61.27 -11.76
C GLU C 584 -20.54 59.89 -11.23
N ARG C 585 -20.34 59.81 -9.91
CA ARG C 585 -20.08 58.54 -9.27
C ARG C 585 -21.33 58.07 -8.53
N LEU C 586 -21.27 56.87 -7.97
CA LEU C 586 -22.44 56.23 -7.37
C LEU C 586 -22.57 56.52 -5.87
N ASN C 587 -21.62 57.26 -5.29
CA ASN C 587 -21.70 57.74 -3.91
C ASN C 587 -21.88 56.58 -2.92
N LEU C 588 -20.85 55.73 -2.86
CA LEU C 588 -20.81 54.64 -1.89
C LEU C 588 -20.22 55.18 -0.59
N SER C 589 -21.07 55.84 0.18
CA SER C 589 -20.63 56.45 1.44
C SER C 589 -20.32 55.38 2.49
N LEU C 590 -19.40 55.70 3.38
CA LEU C 590 -19.03 54.82 4.47
C LEU C 590 -20.00 55.01 5.63
N ALA C 591 -20.76 53.96 5.95
CA ALA C 591 -21.65 54.01 7.10
C ALA C 591 -20.84 53.87 8.38
N VAL C 592 -20.40 55.01 8.92
CA VAL C 592 -19.52 55.04 10.09
C VAL C 592 -20.17 54.36 11.28
N ASP C 619 -16.79 72.32 3.95
CA ASP C 619 -16.66 72.38 5.40
C ASP C 619 -17.36 73.62 5.96
N HIS C 620 -18.31 74.15 5.20
CA HIS C 620 -19.03 75.35 5.58
C HIS C 620 -20.50 75.03 5.81
N VAL C 621 -21.11 75.76 6.73
CA VAL C 621 -22.51 75.54 7.07
C VAL C 621 -23.41 75.88 5.90
N PHE C 622 -23.21 77.05 5.29
CA PHE C 622 -24.12 77.58 4.29
C PHE C 622 -23.63 77.25 2.88
N GLU C 623 -24.53 77.45 1.92
CA GLU C 623 -24.31 77.05 0.53
C GLU C 623 -23.91 78.25 -0.31
N LYS C 624 -22.88 78.07 -1.15
CA LYS C 624 -22.43 79.14 -2.02
C LYS C 624 -23.39 79.34 -3.18
N PHE C 625 -23.92 78.27 -3.76
CA PHE C 625 -24.81 78.35 -4.91
C PHE C 625 -26.25 78.50 -4.42
N ASN C 626 -26.84 79.67 -4.69
CA ASN C 626 -28.22 79.96 -4.29
C ASN C 626 -29.07 80.16 -5.52
N PRO C 627 -29.89 79.18 -5.90
CA PRO C 627 -30.78 79.38 -7.06
C PRO C 627 -31.75 80.53 -6.87
N LEU C 628 -32.19 80.78 -5.65
CA LEU C 628 -33.06 81.90 -5.35
C LEU C 628 -32.24 83.16 -5.07
N LEU C 629 -32.68 84.28 -5.63
CA LEU C 629 -32.01 85.56 -5.41
C LEU C 629 -33.02 86.69 -5.30
N ILE C 647 -33.78 87.37 0.56
CA ILE C 647 -33.62 85.92 0.58
C ILE C 647 -32.85 85.49 1.82
N PRO C 648 -33.36 84.48 2.52
CA PRO C 648 -32.64 83.92 3.67
C PRO C 648 -31.48 83.05 3.21
N LYS C 649 -30.65 82.66 4.17
CA LYS C 649 -29.50 81.83 3.86
C LYS C 649 -29.90 80.36 3.74
N LEU C 650 -29.13 79.63 2.93
CA LEU C 650 -29.38 78.22 2.64
C LEU C 650 -28.20 77.40 3.08
N VAL C 651 -28.44 76.35 3.86
CA VAL C 651 -27.38 75.50 4.38
C VAL C 651 -27.12 74.38 3.38
N THR C 652 -25.90 73.86 3.40
CA THR C 652 -25.53 72.76 2.51
C THR C 652 -26.27 71.48 2.90
N ILE C 653 -26.48 70.63 1.89
CA ILE C 653 -27.18 69.36 2.14
C ILE C 653 -26.45 68.49 3.16
N PRO C 654 -25.12 68.30 3.08
CA PRO C 654 -24.45 67.54 4.16
C PRO C 654 -24.64 68.13 5.54
N PHE C 655 -24.59 69.46 5.67
CA PHE C 655 -24.82 70.07 6.97
C PHE C 655 -26.27 69.88 7.42
N LEU C 656 -27.21 69.95 6.48
CA LEU C 656 -28.61 69.69 6.83
C LEU C 656 -28.78 68.26 7.31
N ARG C 657 -28.11 67.31 6.67
CA ARG C 657 -28.15 65.92 7.13
C ARG C 657 -27.56 65.79 8.52
N LYS C 658 -26.46 66.49 8.79
CA LYS C 658 -25.88 66.47 10.13
C LYS C 658 -26.85 67.05 11.17
N TYR C 659 -27.51 68.15 10.83
CA TYR C 659 -28.47 68.77 11.75
C TYR C 659 -29.65 67.83 12.00
N VAL C 660 -30.17 67.20 10.95
CA VAL C 660 -31.27 66.27 11.10
C VAL C 660 -30.85 65.10 11.96
N GLN C 661 -29.64 64.57 11.75
CA GLN C 661 -29.15 63.47 12.56
C GLN C 661 -29.04 63.86 14.03
N TYR C 662 -28.49 65.05 14.30
CA TYR C 662 -28.33 65.50 15.68
C TYR C 662 -29.68 65.66 16.38
N ALA C 663 -30.62 66.34 15.72
CA ALA C 663 -31.93 66.54 16.31
C ALA C 663 -32.68 65.23 16.44
N LYS C 664 -32.47 64.30 15.51
CA LYS C 664 -33.19 63.03 15.51
C LYS C 664 -32.66 62.08 16.57
N GLU C 665 -31.38 62.17 16.93
CA GLU C 665 -30.77 61.21 17.84
C GLU C 665 -30.48 61.76 19.23
N ARG C 666 -30.54 63.07 19.44
CA ARG C 666 -30.25 63.63 20.75
C ARG C 666 -31.35 64.55 21.29
N VAL C 667 -32.52 64.58 20.65
CA VAL C 667 -33.64 65.39 21.11
C VAL C 667 -34.89 64.52 21.14
N ILE C 668 -35.51 64.42 22.31
CA ILE C 668 -36.77 63.70 22.48
C ILE C 668 -37.75 64.65 23.17
N PRO C 669 -38.49 65.47 22.42
CA PRO C 669 -39.34 66.48 23.04
C PRO C 669 -40.47 65.86 23.86
N GLN C 670 -40.85 66.55 24.92
CA GLN C 670 -41.98 66.18 25.77
C GLN C 670 -43.10 67.18 25.55
N LEU C 671 -44.32 66.66 25.36
CA LEU C 671 -45.47 67.52 25.17
C LEU C 671 -45.77 68.30 26.44
N THR C 672 -46.30 69.52 26.27
CA THR C 672 -46.64 70.38 27.39
C THR C 672 -48.10 70.78 27.32
N GLN C 673 -48.63 71.21 28.48
CA GLN C 673 -50.02 71.65 28.55
C GLN C 673 -50.24 72.88 27.68
N GLU C 674 -49.26 73.79 27.64
CA GLU C 674 -49.39 74.99 26.82
C GLU C 674 -49.42 74.64 25.33
N ALA C 675 -48.83 73.51 24.94
CA ALA C 675 -49.03 73.04 23.58
C ALA C 675 -50.32 72.25 23.43
N ILE C 676 -50.73 71.55 24.48
CA ILE C 676 -51.93 70.72 24.43
C ILE C 676 -53.16 71.58 24.23
N ASN C 677 -53.21 72.75 24.87
CA ASN C 677 -54.37 73.63 24.69
C ASN C 677 -54.55 74.01 23.24
N VAL C 678 -53.47 74.41 22.57
CA VAL C 678 -53.54 74.77 21.16
C VAL C 678 -53.91 73.55 20.32
N ILE C 679 -53.30 72.40 20.60
CA ILE C 679 -53.56 71.20 19.81
C ILE C 679 -55.03 70.80 19.92
N VAL C 680 -55.56 70.79 21.14
CA VAL C 680 -56.95 70.39 21.37
C VAL C 680 -57.90 71.37 20.73
N LYS C 681 -57.65 72.67 20.88
CA LYS C 681 -58.53 73.66 20.27
C LYS C 681 -58.54 73.52 18.76
N ASN C 682 -57.37 73.38 18.15
CA ASN C 682 -57.30 73.25 16.70
C ASN C 682 -57.98 71.97 16.22
N TYR C 683 -57.78 70.86 16.94
CA TYR C 683 -58.42 69.62 16.54
C TYR C 683 -59.94 69.71 16.65
N THR C 684 -60.44 70.32 17.72
CA THR C 684 -61.88 70.45 17.89
C THR C 684 -62.48 71.32 16.79
N ASP C 685 -61.81 72.44 16.48
CA ASP C 685 -62.28 73.29 15.39
C ASP C 685 -62.27 72.57 14.05
N LEU C 686 -61.18 71.86 13.74
CA LEU C 686 -61.08 71.15 12.48
C LEU C 686 -62.14 70.08 12.36
N ARG C 687 -62.42 69.38 13.47
CA ARG C 687 -63.46 68.35 13.45
C ARG C 687 -64.84 68.96 13.27
N ASN C 688 -65.13 70.05 13.97
CA ASN C 688 -66.49 70.62 13.95
C ASN C 688 -66.73 71.65 12.85
N ASP C 689 -65.72 72.44 12.47
CA ASP C 689 -65.93 73.47 11.46
C ASP C 689 -66.20 72.85 10.10
N ASP C 690 -67.17 73.40 9.38
CA ASP C 690 -67.53 72.92 8.04
C ASP C 690 -66.78 73.76 7.02
N ASN C 691 -65.77 73.15 6.38
CA ASN C 691 -64.95 73.86 5.41
C ASN C 691 -64.70 73.10 4.12
N THR C 692 -65.30 71.93 3.92
CA THR C 692 -65.07 71.09 2.74
C THR C 692 -63.58 70.76 2.61
N LYS C 693 -63.08 70.03 3.60
CA LYS C 693 -61.66 69.72 3.68
C LYS C 693 -61.24 68.79 2.55
N LYS C 694 -59.95 68.90 2.17
CA LYS C 694 -59.40 67.99 1.18
C LYS C 694 -59.38 66.56 1.69
N SER C 695 -59.09 66.38 2.98
CA SER C 695 -58.98 65.08 3.61
C SER C 695 -59.86 65.03 4.85
N PRO C 696 -60.34 63.85 5.23
CA PRO C 696 -61.23 63.75 6.39
C PRO C 696 -60.50 64.02 7.70
N ILE C 697 -61.28 64.31 8.73
CA ILE C 697 -60.77 64.63 10.05
C ILE C 697 -61.18 63.52 11.00
N THR C 698 -60.20 62.79 11.53
CA THR C 698 -60.45 61.65 12.44
C THR C 698 -59.58 61.84 13.69
N ALA C 699 -59.51 60.86 14.58
CA ALA C 699 -58.62 60.96 15.75
C ALA C 699 -57.19 60.88 15.27
N ARG C 700 -56.94 60.34 14.09
CA ARG C 700 -55.59 60.35 13.49
C ARG C 700 -55.15 61.80 13.30
N THR C 701 -56.06 62.71 12.99
CA THR C 701 -55.76 64.18 12.85
C THR C 701 -55.25 64.77 14.16
N LEU C 702 -55.77 64.35 15.30
CA LEU C 702 -55.25 64.83 16.60
C LEU C 702 -53.81 64.40 16.69
N GLU C 703 -53.52 63.17 16.29
CA GLU C 703 -52.15 62.62 16.42
C GLU C 703 -51.20 63.15 15.35
N THR C 704 -51.66 63.67 14.23
CA THR C 704 -50.75 64.26 13.23
C THR C 704 -50.49 65.65 13.75
N LEU C 705 -51.44 66.26 14.45
CA LEU C 705 -51.13 67.52 15.12
C LEU C 705 -50.04 67.31 16.15
N ILE C 706 -50.19 66.28 16.99
CA ILE C 706 -49.21 66.00 18.04
C ILE C 706 -47.85 65.68 17.43
N ARG C 707 -47.84 64.85 16.39
CA ARG C 707 -46.58 64.44 15.75
C ARG C 707 -45.88 65.61 15.10
N LEU C 708 -46.62 66.48 14.41
CA LEU C 708 -46.00 67.64 13.77
C LEU C 708 -45.48 68.63 14.81
N ALA C 709 -46.21 68.81 15.92
CA ALA C 709 -45.71 69.66 16.99
C ALA C 709 -44.41 69.10 17.56
N THR C 710 -44.37 67.79 17.78
CA THR C 710 -43.16 67.16 18.29
C THR C 710 -42.01 67.31 17.31
N ALA C 711 -42.28 67.15 16.02
CA ALA C 711 -41.24 67.29 15.00
C ALA C 711 -40.68 68.70 14.96
N HIS C 712 -41.56 69.71 15.04
CA HIS C 712 -41.09 71.09 15.03
C HIS C 712 -40.33 71.41 16.30
N ALA C 713 -40.73 70.83 17.43
CA ALA C 713 -39.94 70.97 18.65
C ALA C 713 -38.56 70.34 18.48
N LYS C 714 -38.49 69.20 17.80
CA LYS C 714 -37.21 68.57 17.49
C LYS C 714 -36.36 69.46 16.59
N VAL C 715 -37.00 70.22 15.69
CA VAL C 715 -36.27 71.11 14.79
C VAL C 715 -35.52 72.17 15.60
N ARG C 716 -36.17 72.75 16.60
CA ARG C 716 -35.57 73.78 17.42
C ARG C 716 -34.62 73.23 18.48
N LEU C 717 -34.37 71.93 18.50
CA LEU C 717 -33.56 71.25 19.51
C LEU C 717 -34.14 71.40 20.91
N SER C 718 -35.45 71.65 21.01
CA SER C 718 -36.10 71.83 22.30
C SER C 718 -36.56 70.49 22.85
N LYS C 719 -36.38 70.31 24.15
CA LYS C 719 -36.81 69.10 24.83
C LYS C 719 -38.26 69.15 25.30
N THR C 720 -38.93 70.29 25.12
CA THR C 720 -40.34 70.45 25.44
C THR C 720 -41.07 71.10 24.28
N VAL C 721 -42.25 70.60 23.97
CA VAL C 721 -43.07 71.15 22.89
C VAL C 721 -43.81 72.36 23.45
N ASN C 722 -43.41 73.56 23.03
CA ASN C 722 -44.04 74.78 23.51
C ASN C 722 -45.25 75.12 22.64
N LYS C 723 -45.86 76.27 22.94
CA LYS C 723 -47.08 76.67 22.27
C LYS C 723 -46.82 77.01 20.80
N VAL C 724 -45.66 77.58 20.49
CA VAL C 724 -45.35 77.96 19.11
C VAL C 724 -45.24 76.72 18.23
N ASP C 725 -44.70 75.62 18.76
CA ASP C 725 -44.60 74.39 17.97
C ASP C 725 -45.98 73.86 17.61
N ALA C 726 -46.90 73.83 18.58
CA ALA C 726 -48.25 73.40 18.29
C ALA C 726 -48.94 74.33 17.30
N LYS C 727 -48.73 75.65 17.44
CA LYS C 727 -49.34 76.59 16.51
C LYS C 727 -48.85 76.38 15.09
N VAL C 728 -47.54 76.20 14.91
CA VAL C 728 -47.02 76.04 13.54
C VAL C 728 -47.43 74.68 12.98
N ALA C 729 -47.49 73.65 13.82
CA ALA C 729 -47.97 72.35 13.36
C ALA C 729 -49.40 72.45 12.86
N ALA C 730 -50.27 73.08 13.65
CA ALA C 730 -51.66 73.25 13.23
C ALA C 730 -51.77 74.15 12.02
N ASN C 731 -50.86 75.14 11.90
CA ASN C 731 -50.84 76.01 10.72
C ASN C 731 -50.56 75.22 9.45
N LEU C 732 -49.51 74.39 9.48
CA LEU C 732 -49.19 73.55 8.34
C LEU C 732 -50.34 72.59 8.04
N LEU C 733 -50.93 72.02 9.08
CA LEU C 733 -52.06 71.11 8.87
C LEU C 733 -53.24 71.82 8.23
N ARG C 734 -53.50 73.07 8.63
CA ARG C 734 -54.65 73.78 8.08
C ARG C 734 -54.32 74.12 6.64
N PHE C 735 -53.06 74.45 6.36
CA PHE C 735 -52.69 74.65 4.95
C PHE C 735 -52.95 73.36 4.17
N ALA C 736 -52.40 72.25 4.66
CA ALA C 736 -52.58 70.97 4.00
C ALA C 736 -54.02 70.50 3.80
N LEU C 737 -54.92 70.91 4.71
CA LEU C 737 -56.32 70.52 4.60
C LEU C 737 -57.13 71.51 3.76
N LEU C 738 -56.82 72.79 3.86
CA LEU C 738 -57.64 73.83 3.23
C LEU C 738 -56.88 74.69 2.23
N GLY C 739 -55.65 75.07 2.53
CA GLY C 739 -54.94 76.04 1.71
C GLY C 739 -54.80 77.41 2.32
N GLU C 740 -55.07 77.54 3.62
CA GLU C 740 -54.98 78.84 4.28
C GLU C 740 -53.53 79.30 4.39
N ASP C 741 -53.36 80.60 4.61
CA ASP C 741 -52.05 81.21 4.78
C ASP C 741 -52.04 82.11 6.02
N ILE C 742 -52.74 81.68 7.06
CA ILE C 742 -52.79 82.44 8.31
C ILE C 742 -51.66 82.02 9.24
N LEU D 177 -44.07 -19.26 42.45
CA LEU D 177 -42.99 -18.29 42.34
C LEU D 177 -42.66 -18.03 40.88
N ARG D 178 -41.41 -17.62 40.64
CA ARG D 178 -40.83 -17.52 39.30
C ARG D 178 -41.63 -16.56 38.40
N ILE D 179 -41.61 -15.29 38.78
CA ILE D 179 -42.16 -14.25 37.91
C ILE D 179 -41.19 -13.99 36.77
N ILE D 180 -41.69 -13.33 35.73
CA ILE D 180 -40.89 -13.04 34.55
C ILE D 180 -40.05 -11.80 34.78
N TRP D 181 -38.79 -11.84 34.36
CA TRP D 181 -37.89 -10.71 34.52
C TRP D 181 -38.43 -9.49 33.75
N GLY D 182 -38.46 -8.35 34.42
CA GLY D 182 -38.94 -7.12 33.83
C GLY D 182 -40.44 -6.91 33.94
N THR D 183 -41.18 -7.91 34.43
CA THR D 183 -42.63 -7.83 34.54
C THR D 183 -43.07 -8.29 35.91
N ASN D 184 -44.31 -7.94 36.26
CA ASN D 184 -44.96 -8.48 37.45
C ASN D 184 -45.64 -9.82 37.17
N VAL D 185 -45.58 -10.30 35.94
CA VAL D 185 -46.38 -11.44 35.51
C VAL D 185 -45.74 -12.74 36.01
N SER D 186 -46.53 -13.55 36.69
CA SER D 186 -46.16 -14.92 37.04
C SER D 186 -47.07 -15.87 36.26
N ILE D 187 -46.45 -16.83 35.57
CA ILE D 187 -47.20 -17.68 34.65
C ILE D 187 -48.26 -18.49 35.39
N GLN D 188 -47.88 -19.11 36.52
CA GLN D 188 -48.81 -19.96 37.25
C GLN D 188 -49.98 -19.15 37.79
N GLU D 189 -49.70 -18.04 38.47
CA GLU D 189 -50.74 -17.25 39.09
C GLU D 189 -51.65 -16.61 38.04
N CYS D 190 -51.07 -16.07 36.97
CA CYS D 190 -51.88 -15.47 35.91
C CYS D 190 -52.76 -16.51 35.23
N THR D 191 -52.20 -17.69 34.97
CA THR D 191 -52.99 -18.75 34.36
C THR D 191 -54.15 -19.16 35.27
N THR D 192 -53.89 -19.32 36.57
CA THR D 192 -54.95 -19.70 37.50
C THR D 192 -56.04 -18.63 37.55
N ASN D 193 -55.64 -17.36 37.64
CA ASN D 193 -56.62 -16.27 37.72
C ASN D 193 -57.45 -16.19 36.46
N PHE D 194 -56.82 -16.30 35.28
CA PHE D 194 -57.57 -16.22 34.04
C PHE D 194 -58.50 -17.40 33.86
N ARG D 195 -58.06 -18.59 34.28
CA ARG D 195 -58.92 -19.77 34.20
C ARG D 195 -60.13 -19.62 35.12
N ASN D 196 -59.91 -19.11 36.35
CA ASN D 196 -61.03 -18.88 37.26
C ASN D 196 -61.98 -17.83 36.69
N PHE D 197 -61.45 -16.79 36.05
CA PHE D 197 -62.29 -15.79 35.42
C PHE D 197 -63.12 -16.40 34.29
N LEU D 198 -62.50 -17.25 33.48
CA LEU D 198 -63.21 -17.85 32.36
C LEU D 198 -64.32 -18.79 32.83
N MET D 199 -64.04 -19.61 33.85
CA MET D 199 -65.03 -20.57 34.35
C MET D 199 -66.16 -19.93 35.15
N SER D 200 -65.96 -18.73 35.70
CA SER D 200 -66.92 -18.23 36.68
C SER D 200 -67.27 -16.76 36.47
N PHE D 201 -67.39 -16.31 35.22
CA PHE D 201 -67.77 -14.94 34.93
C PHE D 201 -69.18 -14.90 34.36
N LYS D 202 -70.01 -14.01 34.89
CA LYS D 202 -71.33 -13.70 34.35
C LYS D 202 -71.44 -12.20 34.12
N TYR D 203 -72.19 -11.82 33.10
CA TYR D 203 -72.26 -10.41 32.70
C TYR D 203 -72.89 -9.53 33.78
N LYS D 204 -73.60 -10.13 34.73
CA LYS D 204 -74.11 -9.36 35.86
C LYS D 204 -72.97 -8.75 36.66
N PHE D 205 -71.78 -9.37 36.62
CA PHE D 205 -70.62 -8.77 37.25
C PHE D 205 -70.29 -7.42 36.65
N ARG D 206 -70.25 -7.33 35.31
CA ARG D 206 -69.98 -6.05 34.68
C ARG D 206 -71.13 -5.08 34.85
N LYS D 207 -72.37 -5.57 34.84
CA LYS D 207 -73.51 -4.69 35.06
C LYS D 207 -73.46 -4.07 36.45
N ILE D 208 -73.02 -4.84 37.45
CA ILE D 208 -72.76 -4.28 38.77
C ILE D 208 -71.61 -3.29 38.71
N LEU D 209 -70.56 -3.63 37.94
CA LEU D 209 -69.39 -2.76 37.85
C LEU D 209 -69.74 -1.40 37.26
N ASP D 210 -70.58 -1.38 36.22
CA ASP D 210 -70.95 -0.14 35.55
C ASP D 210 -72.09 0.59 36.24
N GLU D 211 -72.41 0.24 37.49
CA GLU D 211 -73.50 0.85 38.25
C GLU D 211 -74.82 0.76 37.50
N ARG D 212 -75.05 -0.39 36.86
CA ARG D 212 -76.27 -0.66 36.10
C ARG D 212 -76.97 -1.90 36.64
N GLU D 213 -77.08 -1.99 37.96
CA GLU D 213 -77.63 -3.18 38.59
C GLU D 213 -79.13 -3.36 38.31
N GLU D 214 -79.82 -2.30 37.90
CA GLU D 214 -81.25 -2.40 37.61
C GLU D 214 -81.54 -2.79 36.17
N PHE D 215 -80.50 -2.98 35.35
CA PHE D 215 -80.64 -3.61 34.05
C PHE D 215 -80.40 -5.12 34.10
N ILE D 216 -80.11 -5.66 35.28
CA ILE D 216 -79.73 -7.06 35.42
C ILE D 216 -80.97 -7.93 35.25
N ASN D 217 -80.93 -8.75 34.19
CA ASN D 217 -82.04 -9.69 33.87
C ASN D 217 -81.54 -11.10 34.15
N ASN D 218 -82.31 -11.93 34.86
CA ASN D 218 -81.76 -13.24 35.28
C ASN D 218 -81.53 -14.19 34.10
N THR D 219 -82.21 -13.98 32.96
CA THR D 219 -82.10 -14.98 31.85
C THR D 219 -80.74 -15.08 31.16
N THR D 220 -80.14 -13.97 30.74
CA THR D 220 -78.88 -14.11 29.94
C THR D 220 -77.69 -13.51 30.67
N ASP D 221 -77.91 -12.84 31.77
CA ASP D 221 -76.79 -12.18 32.46
C ASP D 221 -76.37 -13.07 33.63
N GLU D 222 -76.99 -14.24 33.74
CA GLU D 222 -76.67 -15.18 34.84
C GLU D 222 -76.12 -16.48 34.27
N GLU D 223 -75.78 -16.49 32.99
CA GLU D 223 -75.13 -17.71 32.45
C GLU D 223 -73.64 -17.43 32.40
N LEU D 224 -72.81 -18.45 32.58
CA LEU D 224 -71.36 -18.22 32.46
C LEU D 224 -71.16 -17.70 31.04
N TYR D 225 -70.56 -16.51 30.89
CA TYR D 225 -70.51 -15.83 29.58
C TYR D 225 -69.46 -16.47 28.70
N TYR D 226 -68.28 -16.65 29.26
CA TYR D 226 -67.17 -17.17 28.48
C TYR D 226 -67.23 -18.68 28.31
N ILE D 227 -67.92 -19.40 29.19
CA ILE D 227 -68.16 -20.81 28.93
C ILE D 227 -69.02 -20.99 27.68
N LYS D 228 -70.08 -20.18 27.56
CA LYS D 228 -70.91 -20.22 26.36
C LYS D 228 -70.09 -19.81 25.13
N GLN D 229 -69.25 -18.79 25.27
CA GLN D 229 -68.42 -18.37 24.14
C GLN D 229 -67.45 -19.49 23.71
N LEU D 230 -66.84 -20.16 24.68
CA LEU D 230 -65.94 -21.26 24.38
C LEU D 230 -66.68 -22.40 23.69
N ASN D 231 -67.89 -22.71 24.16
CA ASN D 231 -68.68 -23.76 23.51
C ASN D 231 -69.03 -23.38 22.09
N GLU D 232 -69.41 -22.13 21.86
CA GLU D 232 -69.75 -21.70 20.51
C GLU D 232 -68.54 -21.73 19.59
N MET D 233 -67.37 -21.35 20.11
CA MET D 233 -66.16 -21.42 19.29
C MET D 233 -65.76 -22.87 18.99
N ARG D 234 -65.98 -23.78 19.95
CA ARG D 234 -65.74 -25.19 19.69
C ARG D 234 -66.68 -25.73 18.61
N GLU D 235 -67.96 -25.34 18.68
CA GLU D 235 -68.91 -25.84 17.70
C GLU D 235 -68.66 -25.26 16.32
N LEU D 236 -68.32 -23.97 16.26
CA LEU D 236 -68.12 -23.29 14.99
C LEU D 236 -66.74 -23.52 14.38
N GLY D 237 -65.80 -24.05 15.14
CA GLY D 237 -64.46 -24.28 14.64
C GLY D 237 -63.55 -23.07 14.62
N THR D 238 -64.00 -21.93 15.14
CA THR D 238 -63.19 -20.73 15.16
C THR D 238 -62.06 -20.84 16.16
N SER D 239 -61.13 -19.88 16.11
CA SER D 239 -59.93 -19.92 16.92
C SER D 239 -59.68 -18.66 17.74
N ASN D 240 -60.48 -17.61 17.56
CA ASN D 240 -60.22 -16.32 18.19
C ASN D 240 -61.32 -16.02 19.20
N LEU D 241 -60.92 -15.72 20.43
CA LEU D 241 -61.85 -15.28 21.48
C LEU D 241 -61.70 -13.78 21.67
N ASN D 242 -62.81 -13.06 21.57
CA ASN D 242 -62.83 -11.62 21.77
C ASN D 242 -63.07 -11.34 23.25
N LEU D 243 -62.00 -11.02 23.97
CA LEU D 243 -62.08 -10.76 25.40
C LEU D 243 -62.29 -9.27 25.64
N ASP D 244 -63.38 -8.93 26.32
CA ASP D 244 -63.59 -7.56 26.77
C ASP D 244 -62.70 -7.32 27.99
N ALA D 245 -61.74 -6.41 27.86
CA ALA D 245 -60.79 -6.17 28.94
C ALA D 245 -61.48 -5.67 30.21
N ARG D 246 -62.48 -4.80 30.07
CA ARG D 246 -63.20 -4.29 31.23
C ARG D 246 -63.88 -5.39 32.04
N ASN D 247 -64.19 -6.52 31.41
CA ASN D 247 -64.74 -7.66 32.15
C ASN D 247 -63.78 -8.10 33.26
N LEU D 248 -62.47 -8.04 33.00
CA LEU D 248 -61.49 -8.42 34.02
C LEU D 248 -61.58 -7.50 35.23
N LEU D 249 -62.07 -6.28 35.06
CA LEU D 249 -62.27 -5.40 36.20
C LEU D 249 -63.46 -5.82 37.03
N ALA D 250 -64.47 -6.44 36.41
CA ALA D 250 -65.64 -6.88 37.15
C ALA D 250 -65.29 -8.01 38.12
N TYR D 251 -64.48 -8.97 37.67
CA TYR D 251 -64.09 -10.07 38.53
C TYR D 251 -63.05 -9.59 39.56
N LYS D 252 -63.17 -10.10 40.77
CA LYS D 252 -62.28 -9.66 41.85
C LYS D 252 -60.88 -10.21 41.66
N GLN D 253 -60.76 -11.48 41.28
CA GLN D 253 -59.44 -12.11 41.19
C GLN D 253 -58.62 -11.55 40.04
N THR D 254 -59.26 -11.01 39.01
CA THR D 254 -58.56 -10.49 37.84
C THR D 254 -58.48 -8.97 37.84
N GLU D 255 -58.70 -8.32 38.97
CA GLU D 255 -58.50 -6.88 39.04
C GLU D 255 -57.04 -6.51 38.79
N ASP D 256 -56.11 -7.35 39.23
CA ASP D 256 -54.71 -7.18 38.91
C ASP D 256 -54.34 -7.69 37.53
N LEU D 257 -55.05 -8.73 37.06
CA LEU D 257 -54.77 -9.25 35.71
C LEU D 257 -55.08 -8.22 34.64
N TYR D 258 -56.04 -7.33 34.88
CA TYR D 258 -56.30 -6.25 33.94
C TYR D 258 -55.09 -5.35 33.78
N HIS D 259 -54.49 -4.93 34.90
CA HIS D 259 -53.30 -4.08 34.83
C HIS D 259 -52.12 -4.84 34.24
N GLN D 260 -51.99 -6.13 34.56
CA GLN D 260 -50.90 -6.91 33.98
C GLN D 260 -51.05 -7.04 32.47
N LEU D 261 -52.27 -7.26 31.99
CA LEU D 261 -52.52 -7.34 30.55
C LEU D 261 -52.25 -6.02 29.86
N LEU D 262 -52.69 -4.91 30.47
CA LEU D 262 -52.44 -3.60 29.87
C LEU D 262 -50.95 -3.28 29.84
N ASN D 263 -50.24 -3.57 30.93
CA ASN D 263 -48.83 -3.22 31.03
C ASN D 263 -47.94 -4.16 30.23
N TYR D 264 -48.25 -5.45 30.22
CA TYR D 264 -47.43 -6.47 29.56
C TYR D 264 -48.30 -7.30 28.62
N PRO D 265 -48.74 -6.72 27.51
CA PRO D 265 -49.64 -7.46 26.61
C PRO D 265 -49.04 -8.74 26.05
N GLN D 266 -47.74 -8.77 25.76
CA GLN D 266 -47.15 -9.93 25.11
C GLN D 266 -47.25 -11.17 25.99
N GLU D 267 -46.65 -11.12 27.19
CA GLU D 267 -46.64 -12.28 28.08
C GLU D 267 -48.05 -12.67 28.48
N VAL D 268 -48.88 -11.68 28.83
CA VAL D 268 -50.21 -11.98 29.33
C VAL D 268 -51.07 -12.58 28.23
N ILE D 269 -50.97 -12.07 27.00
CA ILE D 269 -51.75 -12.63 25.90
C ILE D 269 -51.28 -14.03 25.55
N SER D 270 -49.97 -14.29 25.63
CA SER D 270 -49.50 -15.65 25.41
C SER D 270 -50.06 -16.61 26.46
N ILE D 271 -50.04 -16.18 27.73
CA ILE D 271 -50.61 -16.99 28.81
C ILE D 271 -52.11 -17.18 28.60
N MET D 272 -52.79 -16.16 28.09
CA MET D 272 -54.23 -16.26 27.84
C MET D 272 -54.53 -17.24 26.72
N ASP D 273 -53.71 -17.24 25.65
CA ASP D 273 -53.89 -18.22 24.59
C ASP D 273 -53.71 -19.64 25.12
N GLN D 274 -52.65 -19.86 25.90
CA GLN D 274 -52.45 -21.17 26.49
C GLN D 274 -53.63 -21.54 27.39
N THR D 275 -54.11 -20.60 28.20
CA THR D 275 -55.22 -20.86 29.11
C THR D 275 -56.50 -21.17 28.34
N ILE D 276 -56.71 -20.52 27.20
CA ILE D 276 -57.88 -20.84 26.36
C ILE D 276 -57.79 -22.26 25.87
N LYS D 277 -56.59 -22.69 25.43
CA LYS D 277 -56.44 -24.06 24.98
C LYS D 277 -56.72 -25.05 26.11
N ASP D 278 -56.18 -24.78 27.31
CA ASP D 278 -56.44 -25.64 28.46
C ASP D 278 -57.91 -25.66 28.82
N CYS D 279 -58.56 -24.49 28.77
CA CYS D 279 -59.97 -24.38 29.13
C CYS D 279 -60.84 -25.19 28.19
N MET D 280 -60.56 -25.12 26.88
CA MET D 280 -61.36 -25.87 25.92
C MET D 280 -61.11 -27.37 26.04
N VAL D 281 -59.86 -27.76 26.29
CA VAL D 281 -59.56 -29.17 26.53
C VAL D 281 -60.31 -29.66 27.77
N SER D 282 -60.33 -28.85 28.82
CA SER D 282 -61.06 -29.21 30.05
C SER D 282 -62.55 -29.28 29.79
N LEU D 283 -63.09 -28.37 28.97
CA LEU D 283 -64.51 -28.42 28.65
C LEU D 283 -64.86 -29.71 27.93
N ILE D 284 -64.01 -30.14 26.99
CA ILE D 284 -64.30 -31.37 26.25
C ILE D 284 -64.16 -32.58 27.17
N VAL D 285 -63.06 -32.69 27.92
CA VAL D 285 -62.76 -33.92 28.73
C VAL D 285 -63.64 -34.02 29.97
N ASP D 286 -63.72 -32.97 30.77
CA ASP D 286 -64.46 -33.03 32.06
C ASP D 286 -65.96 -33.30 31.85
N ASN D 287 -66.55 -32.73 30.80
CA ASN D 287 -68.00 -32.96 30.51
C ASN D 287 -68.15 -34.21 29.65
N ASN D 288 -67.05 -34.88 29.31
CA ASN D 288 -67.08 -36.14 28.54
C ASN D 288 -67.80 -35.95 27.20
N LEU D 289 -67.52 -34.84 26.50
CA LEU D 289 -68.12 -34.62 25.17
C LEU D 289 -67.58 -35.51 24.05
N ASP D 290 -68.34 -35.66 22.96
CA ASP D 290 -67.93 -36.51 21.81
C ASP D 290 -66.81 -35.92 20.91
N TYR D 291 -66.70 -34.59 20.95
CA TYR D 291 -65.71 -33.88 20.11
C TYR D 291 -64.28 -34.44 20.11
N ASP D 292 -63.70 -34.62 18.92
CA ASP D 292 -62.33 -35.09 18.82
C ASP D 292 -61.36 -34.10 19.44
N LEU D 293 -60.38 -34.63 20.18
CA LEU D 293 -59.36 -33.82 20.83
C LEU D 293 -58.12 -33.61 19.99
N ASP D 294 -57.95 -34.34 18.90
CA ASP D 294 -56.77 -34.17 18.06
C ASP D 294 -56.71 -32.79 17.43
N GLU D 295 -57.83 -32.34 16.84
CA GLU D 295 -57.83 -31.07 16.12
C GLU D 295 -57.93 -29.88 17.07
N ILE D 296 -58.39 -30.11 18.31
CA ILE D 296 -58.34 -29.06 19.32
C ILE D 296 -56.90 -28.82 19.77
N GLU D 297 -56.16 -29.90 20.04
CA GLU D 297 -54.80 -29.76 20.54
C GLU D 297 -53.88 -29.09 19.54
N THR D 298 -54.04 -29.40 18.26
CA THR D 298 -53.19 -28.85 17.21
C THR D 298 -53.62 -27.46 16.76
N LYS D 299 -54.72 -26.95 17.29
CA LYS D 299 -55.22 -25.63 16.92
C LYS D 299 -54.61 -24.56 17.82
N PHE D 300 -54.25 -23.43 17.21
CA PHE D 300 -53.70 -22.29 17.93
C PHE D 300 -54.84 -21.32 18.24
N TYR D 301 -55.16 -21.17 19.53
CA TYR D 301 -56.23 -20.28 19.95
C TYR D 301 -55.65 -18.94 20.36
N LYS D 302 -56.37 -17.87 20.02
CA LYS D 302 -55.89 -16.51 20.24
C LYS D 302 -56.92 -15.71 21.00
N VAL D 303 -56.45 -14.74 21.78
CA VAL D 303 -57.29 -13.84 22.56
C VAL D 303 -57.14 -12.44 22.01
N ARG D 304 -58.26 -11.72 21.92
CA ARG D 304 -58.31 -10.39 21.33
C ARG D 304 -58.92 -9.41 22.33
N PRO D 305 -58.11 -8.90 23.27
CA PRO D 305 -58.61 -7.87 24.18
C PRO D 305 -58.80 -6.55 23.43
N TYR D 306 -60.00 -5.97 23.56
CA TYR D 306 -60.31 -4.73 22.85
C TYR D 306 -60.63 -3.57 23.77
N ASN D 307 -61.56 -3.74 24.71
CA ASN D 307 -62.06 -2.62 25.50
C ASN D 307 -61.12 -2.31 26.68
N VAL D 308 -59.88 -1.99 26.33
CA VAL D 308 -58.91 -1.49 27.31
C VAL D 308 -59.19 -0.01 27.54
N GLY D 309 -58.56 0.57 28.55
CA GLY D 309 -58.81 1.95 28.90
C GLY D 309 -58.65 2.93 27.75
N SER D 310 -59.70 3.67 27.45
CA SER D 310 -59.73 4.59 26.31
C SER D 310 -59.45 6.00 26.80
N CYS D 311 -58.24 6.48 26.56
CA CYS D 311 -57.81 7.82 26.94
C CYS D 311 -56.46 8.08 26.28
N LYS D 312 -55.91 9.27 26.55
CA LYS D 312 -54.56 9.69 26.18
C LYS D 312 -54.34 9.82 24.68
N GLY D 313 -55.40 9.71 23.87
CA GLY D 313 -55.25 9.91 22.43
C GLY D 313 -54.19 8.99 21.84
N MET D 314 -53.31 9.56 21.01
CA MET D 314 -52.14 8.84 20.55
C MET D 314 -50.87 9.66 20.76
N ARG D 315 -50.98 10.98 20.63
CA ARG D 315 -49.83 11.87 20.81
C ARG D 315 -49.43 12.09 22.26
N GLU D 316 -50.29 11.74 23.21
CA GLU D 316 -49.98 11.93 24.62
C GLU D 316 -49.30 10.73 25.23
N LEU D 317 -48.97 9.72 24.43
CA LEU D 317 -48.28 8.53 24.92
C LEU D 317 -46.80 8.87 24.99
N ASN D 318 -46.20 8.60 26.14
CA ASN D 318 -44.79 8.83 26.38
C ASN D 318 -43.99 7.56 26.10
N PRO D 319 -42.66 7.65 26.05
CA PRO D 319 -41.86 6.44 25.87
C PRO D 319 -42.07 5.40 26.95
N ASN D 320 -42.59 5.78 28.12
CA ASN D 320 -42.95 4.79 29.14
C ASN D 320 -44.18 3.97 28.74
N ASP D 321 -44.90 4.37 27.70
CA ASP D 321 -46.06 3.63 27.22
C ASP D 321 -45.70 2.66 26.09
N ILE D 322 -44.42 2.54 25.75
CA ILE D 322 -44.01 1.57 24.73
C ILE D 322 -44.28 0.17 25.21
N ASP D 323 -44.69 -0.70 24.28
CA ASP D 323 -45.01 -2.11 24.56
C ASP D 323 -46.19 -2.27 25.52
N LYS D 324 -47.09 -1.28 25.54
CA LYS D 324 -48.31 -1.34 26.34
C LYS D 324 -49.52 -1.50 25.42
N LEU D 325 -50.58 -2.07 25.98
CA LEU D 325 -51.82 -2.28 25.25
C LEU D 325 -52.62 -0.97 25.24
N ILE D 326 -52.70 -0.34 24.07
CA ILE D 326 -53.39 0.93 23.92
C ILE D 326 -54.58 0.75 22.99
N ASN D 327 -55.46 1.74 23.01
CA ASN D 327 -56.69 1.71 22.22
C ASN D 327 -56.80 3.02 21.45
N LEU D 328 -56.75 2.94 20.13
CA LEU D 328 -56.90 4.08 19.24
C LEU D 328 -58.27 4.01 18.57
N LYS D 329 -58.71 5.16 18.04
CA LYS D 329 -59.97 5.25 17.33
C LYS D 329 -59.79 6.24 16.19
N GLY D 330 -60.13 5.82 14.98
CA GLY D 330 -59.88 6.70 13.85
C GLY D 330 -60.43 6.18 12.54
N LEU D 331 -59.91 6.75 11.46
CA LEU D 331 -60.36 6.49 10.10
C LEU D 331 -59.24 5.85 9.30
N VAL D 332 -59.56 4.78 8.56
CA VAL D 332 -58.59 4.11 7.72
C VAL D 332 -58.47 4.87 6.41
N LEU D 333 -57.24 5.29 6.08
CA LEU D 333 -56.99 6.04 4.86
C LEU D 333 -56.37 5.18 3.74
N ARG D 334 -55.51 4.24 4.09
CA ARG D 334 -54.71 3.54 3.10
C ARG D 334 -54.25 2.22 3.71
N SER D 335 -53.90 1.28 2.84
CA SER D 335 -53.40 -0.02 3.29
C SER D 335 -52.45 -0.57 2.24
N THR D 336 -51.24 -0.91 2.66
CA THR D 336 -50.26 -1.47 1.75
C THR D 336 -50.66 -2.89 1.34
N PRO D 337 -50.18 -3.36 0.19
CA PRO D 337 -50.43 -4.76 -0.19
C PRO D 337 -49.83 -5.73 0.82
N VAL D 338 -50.21 -7.00 0.67
CA VAL D 338 -49.79 -8.02 1.62
C VAL D 338 -48.29 -8.19 1.52
N ILE D 339 -47.59 -7.92 2.62
CA ILE D 339 -46.15 -8.06 2.69
C ILE D 339 -45.80 -9.43 3.28
N PRO D 340 -44.94 -10.21 2.63
CA PRO D 340 -44.50 -11.49 3.19
C PRO D 340 -43.47 -11.29 4.29
N ASP D 341 -43.78 -11.78 5.49
CA ASP D 341 -42.85 -11.75 6.62
C ASP D 341 -42.33 -13.18 6.80
N MET D 342 -41.03 -13.37 6.60
CA MET D 342 -40.46 -14.71 6.66
C MET D 342 -40.48 -15.23 8.10
N LYS D 343 -41.06 -16.42 8.28
CA LYS D 343 -41.04 -17.11 9.56
C LYS D 343 -40.06 -18.26 9.59
N VAL D 344 -39.90 -18.97 8.48
CA VAL D 344 -38.95 -20.07 8.35
C VAL D 344 -38.12 -19.84 7.11
N ALA D 345 -36.80 -19.85 7.26
CA ALA D 345 -35.88 -19.67 6.15
C ALA D 345 -35.42 -21.04 5.66
N PHE D 346 -35.58 -21.28 4.35
CA PHE D 346 -35.26 -22.55 3.73
C PHE D 346 -33.95 -22.39 2.97
N PHE D 347 -32.89 -23.02 3.47
CA PHE D 347 -31.57 -23.01 2.84
C PHE D 347 -31.35 -24.31 2.09
N LYS D 348 -30.43 -24.27 1.12
CA LYS D 348 -30.13 -25.44 0.31
C LYS D 348 -28.64 -25.47 0.01
N CYS D 349 -28.05 -26.65 0.04
CA CYS D 349 -26.62 -26.82 -0.18
C CYS D 349 -26.32 -26.78 -1.68
N ASN D 350 -25.35 -25.95 -2.07
CA ASN D 350 -24.93 -25.88 -3.46
C ASN D 350 -24.14 -27.10 -3.89
N VAL D 351 -23.75 -27.98 -2.96
CA VAL D 351 -22.92 -29.14 -3.26
C VAL D 351 -23.73 -30.44 -3.18
N CYS D 352 -24.26 -30.76 -2.01
CA CYS D 352 -24.97 -32.01 -1.79
C CYS D 352 -26.48 -31.85 -1.77
N ASP D 353 -27.00 -30.64 -1.94
CA ASP D 353 -28.44 -30.38 -1.98
C ASP D 353 -29.13 -30.84 -0.69
N HIS D 354 -28.47 -30.61 0.45
CA HIS D 354 -29.07 -30.87 1.75
C HIS D 354 -29.61 -29.56 2.31
N THR D 355 -30.80 -29.63 2.90
CA THR D 355 -31.54 -28.44 3.31
C THR D 355 -31.85 -28.50 4.80
N MET D 356 -31.51 -27.43 5.51
CA MET D 356 -32.10 -27.19 6.82
C MET D 356 -33.11 -26.05 6.73
N ALA D 357 -33.96 -25.96 7.75
CA ALA D 357 -35.04 -24.97 7.79
C ALA D 357 -34.90 -24.20 9.11
N VAL D 358 -34.29 -23.02 9.03
CA VAL D 358 -34.04 -22.21 10.22
C VAL D 358 -35.32 -21.49 10.60
N GLU D 359 -35.55 -21.35 11.91
CA GLU D 359 -36.70 -20.63 12.43
C GLU D 359 -36.28 -19.21 12.81
N ILE D 360 -37.16 -18.24 12.53
CA ILE D 360 -36.88 -16.87 12.91
C ILE D 360 -36.91 -16.74 14.43
N ASP D 361 -36.10 -15.83 14.95
CA ASP D 361 -36.02 -15.60 16.40
C ASP D 361 -35.84 -14.10 16.61
N ARG D 362 -36.93 -13.44 17.02
CA ARG D 362 -36.94 -11.99 17.28
C ARG D 362 -36.48 -11.20 16.06
N GLY D 363 -36.92 -11.63 14.88
CA GLY D 363 -36.59 -10.93 13.66
C GLY D 363 -35.22 -11.22 13.08
N VAL D 364 -34.50 -12.20 13.63
CA VAL D 364 -33.16 -12.54 13.18
C VAL D 364 -33.15 -14.03 12.83
N ILE D 365 -32.67 -14.34 11.63
CA ILE D 365 -32.54 -15.72 11.17
C ILE D 365 -31.05 -16.06 11.09
N GLN D 366 -30.65 -17.12 11.78
CA GLN D 366 -29.24 -17.51 11.84
C GLN D 366 -28.89 -18.27 10.57
N GLU D 367 -28.25 -17.57 9.62
CA GLU D 367 -27.82 -18.21 8.39
C GLU D 367 -26.70 -19.21 8.71
N PRO D 368 -26.79 -20.44 8.23
CA PRO D 368 -25.74 -21.42 8.53
C PRO D 368 -24.43 -21.08 7.81
N ALA D 369 -23.33 -21.15 8.55
CA ALA D 369 -22.01 -20.92 8.01
C ALA D 369 -21.29 -22.21 7.64
N ARG D 370 -22.01 -23.33 7.58
CA ARG D 370 -21.46 -24.62 7.22
C ARG D 370 -22.60 -25.60 7.04
N CYS D 371 -22.45 -26.50 6.05
CA CYS D 371 -23.44 -27.55 5.87
C CYS D 371 -23.41 -28.51 7.05
N GLU D 372 -24.55 -28.68 7.72
CA GLU D 372 -24.61 -29.53 8.90
C GLU D 372 -24.40 -31.00 8.59
N ARG D 373 -24.50 -31.39 7.33
CA ARG D 373 -24.22 -32.77 6.94
C ARG D 373 -22.77 -33.11 7.26
N ILE D 374 -22.55 -34.28 7.87
CA ILE D 374 -21.20 -34.69 8.22
C ILE D 374 -20.40 -35.08 6.98
N ASP D 375 -21.06 -35.39 5.87
CA ASP D 375 -20.35 -35.81 4.67
C ASP D 375 -19.57 -34.65 4.04
N CYS D 376 -20.22 -33.51 3.87
CA CYS D 376 -19.55 -32.33 3.32
C CYS D 376 -19.67 -31.18 4.31
N ASN D 377 -18.57 -30.48 4.54
CA ASN D 377 -18.53 -29.34 5.46
C ASN D 377 -18.08 -28.09 4.72
N GLU D 378 -18.64 -27.87 3.52
CA GLU D 378 -18.29 -26.69 2.75
C GLU D 378 -18.79 -25.44 3.48
N PRO D 379 -17.95 -24.40 3.63
CA PRO D 379 -18.33 -23.27 4.49
C PRO D 379 -19.50 -22.45 3.97
N ASN D 380 -19.39 -21.95 2.74
CA ASN D 380 -20.42 -21.10 2.15
C ASN D 380 -21.24 -21.86 1.10
N SER D 381 -21.49 -23.14 1.35
CA SER D 381 -22.26 -23.91 0.38
C SER D 381 -23.74 -23.59 0.44
N MET D 382 -24.22 -23.11 1.58
CA MET D 382 -25.65 -22.95 1.80
C MET D 382 -26.14 -21.64 1.18
N SER D 383 -27.26 -21.71 0.47
CA SER D 383 -27.87 -20.56 -0.17
C SER D 383 -29.35 -20.51 0.17
N LEU D 384 -29.87 -19.31 0.41
CA LEU D 384 -31.27 -19.15 0.79
C LEU D 384 -32.17 -19.27 -0.43
N ILE D 385 -33.19 -20.11 -0.32
CA ILE D 385 -34.17 -20.31 -1.39
C ILE D 385 -35.39 -19.46 -1.00
N HIS D 386 -35.51 -18.28 -1.63
CA HIS D 386 -36.54 -17.33 -1.21
C HIS D 386 -37.94 -17.88 -1.42
N ASN D 387 -38.17 -18.53 -2.56
CA ASN D 387 -39.50 -18.98 -2.92
C ASN D 387 -39.94 -20.27 -2.22
N ARG D 388 -39.02 -20.93 -1.50
CA ARG D 388 -39.36 -22.13 -0.75
C ARG D 388 -39.37 -21.89 0.75
N CYS D 389 -39.21 -20.64 1.19
CA CYS D 389 -39.33 -20.30 2.60
C CYS D 389 -40.79 -20.24 3.01
N SER D 390 -41.02 -20.13 4.31
CA SER D 390 -42.36 -19.99 4.87
C SER D 390 -42.60 -18.52 5.19
N PHE D 391 -43.71 -17.98 4.67
CA PHE D 391 -44.03 -16.58 4.83
C PHE D 391 -45.39 -16.41 5.52
N ALA D 392 -45.56 -15.26 6.14
CA ALA D 392 -46.80 -14.90 6.81
C ALA D 392 -47.24 -13.51 6.36
N ASP D 393 -48.52 -13.22 6.56
CA ASP D 393 -49.09 -11.97 6.08
C ASP D 393 -48.80 -10.83 7.04
N LYS D 394 -48.31 -9.70 6.50
CA LYS D 394 -48.15 -8.48 7.26
C LYS D 394 -48.72 -7.32 6.47
N GLN D 395 -49.43 -6.41 7.14
CA GLN D 395 -49.99 -5.28 6.43
C GLN D 395 -49.90 -4.02 7.27
N VAL D 396 -49.58 -2.91 6.62
CA VAL D 396 -49.46 -1.60 7.26
C VAL D 396 -50.64 -0.75 6.83
N ILE D 397 -51.35 -0.18 7.79
CA ILE D 397 -52.58 0.57 7.56
C ILE D 397 -52.37 1.99 8.07
N LYS D 398 -52.71 2.97 7.25
CA LYS D 398 -52.59 4.38 7.61
C LYS D 398 -53.89 4.85 8.26
N LEU D 399 -53.81 5.31 9.50
CA LEU D 399 -54.97 5.70 10.28
C LEU D 399 -54.87 7.15 10.70
N GLN D 400 -56.01 7.85 10.66
CA GLN D 400 -56.10 9.23 11.14
C GLN D 400 -56.72 9.23 12.53
N GLU D 401 -56.01 9.83 13.50
CA GLU D 401 -56.52 9.89 14.85
C GLU D 401 -57.76 10.78 14.93
N THR D 402 -58.77 10.30 15.64
CA THR D 402 -59.95 11.08 16.01
C THR D 402 -60.15 10.93 17.51
N PRO D 403 -59.24 11.49 18.31
CA PRO D 403 -59.30 11.26 19.77
C PRO D 403 -60.48 11.95 20.42
N ASP D 404 -60.88 11.42 21.57
CA ASP D 404 -61.93 12.06 22.34
C ASP D 404 -61.52 13.44 22.84
N PHE D 405 -60.26 13.58 23.26
CA PHE D 405 -59.71 14.86 23.71
C PHE D 405 -58.66 15.32 22.72
N VAL D 406 -58.81 16.56 22.25
CA VAL D 406 -57.89 17.17 21.30
C VAL D 406 -57.30 18.42 21.96
N PRO D 407 -56.01 18.41 22.32
CA PRO D 407 -55.40 19.62 22.89
C PRO D 407 -55.42 20.78 21.90
N ASP D 408 -55.48 21.98 22.44
CA ASP D 408 -55.56 23.18 21.62
C ASP D 408 -54.35 23.33 20.70
N GLY D 409 -54.62 23.71 19.45
CA GLY D 409 -53.59 24.08 18.51
C GLY D 409 -53.00 22.95 17.69
N GLN D 410 -53.35 21.70 17.98
CA GLN D 410 -52.78 20.59 17.23
C GLN D 410 -53.67 20.23 16.05
N THR D 411 -53.07 19.61 15.05
CA THR D 411 -53.72 19.19 13.81
C THR D 411 -53.87 17.68 13.79
N PRO D 412 -54.77 17.16 12.96
CA PRO D 412 -54.99 15.70 12.93
C PRO D 412 -53.70 14.93 12.63
N HIS D 413 -53.55 13.80 13.30
CA HIS D 413 -52.35 12.99 13.23
C HIS D 413 -52.62 11.70 12.46
N SER D 414 -51.56 11.16 11.85
CA SER D 414 -51.63 9.90 11.12
C SER D 414 -50.62 8.93 11.70
N ILE D 415 -51.05 7.68 11.91
CA ILE D 415 -50.22 6.64 12.48
C ILE D 415 -50.28 5.42 11.58
N SER D 416 -49.32 4.52 11.76
CA SER D 416 -49.25 3.28 11.00
C SER D 416 -49.54 2.10 11.92
N LEU D 417 -50.52 1.29 11.54
CA LEU D 417 -50.89 0.09 12.26
C LEU D 417 -50.38 -1.14 11.51
N CYS D 418 -50.05 -2.20 12.26
CA CYS D 418 -49.53 -3.43 11.69
C CYS D 418 -50.48 -4.57 12.03
N VAL D 419 -51.08 -5.17 11.01
CA VAL D 419 -51.96 -6.32 11.18
C VAL D 419 -51.25 -7.56 10.65
N TYR D 420 -51.48 -8.69 11.33
CA TYR D 420 -50.68 -9.90 11.14
C TYR D 420 -51.55 -11.13 10.99
N ASP D 421 -51.50 -11.74 9.81
CA ASP D 421 -51.79 -13.15 9.56
C ASP D 421 -53.26 -13.57 9.61
N GLU D 422 -54.13 -12.73 10.15
CA GLU D 422 -55.56 -12.95 9.92
C GLU D 422 -56.30 -11.63 9.79
N LEU D 423 -55.68 -10.55 10.25
CA LEU D 423 -56.29 -9.23 10.22
C LEU D 423 -55.91 -8.46 8.96
N VAL D 424 -55.13 -9.07 8.07
CA VAL D 424 -54.76 -8.43 6.81
C VAL D 424 -55.99 -8.29 5.94
N ASP D 425 -56.17 -7.10 5.36
CA ASP D 425 -57.28 -6.74 4.48
C ASP D 425 -58.63 -6.74 5.20
N SER D 426 -58.63 -6.77 6.54
CA SER D 426 -59.87 -6.66 7.28
C SER D 426 -60.36 -5.22 7.40
N CYS D 427 -59.49 -4.25 7.15
CA CYS D 427 -59.84 -2.83 7.20
C CYS D 427 -59.64 -2.23 5.82
N ARG D 428 -60.69 -1.59 5.30
CA ARG D 428 -60.63 -0.90 4.02
C ARG D 428 -60.61 0.60 4.25
N ALA D 429 -60.15 1.32 3.23
CA ALA D 429 -60.05 2.77 3.34
C ALA D 429 -61.43 3.39 3.53
N GLY D 430 -61.50 4.40 4.39
CA GLY D 430 -62.75 5.04 4.73
C GLY D 430 -63.48 4.43 5.91
N ASP D 431 -62.97 3.34 6.47
CA ASP D 431 -63.60 2.70 7.60
C ASP D 431 -63.28 3.46 8.90
N ARG D 432 -64.30 3.65 9.72
CA ARG D 432 -64.12 4.20 11.06
C ARG D 432 -64.00 3.02 12.03
N ILE D 433 -62.81 2.83 12.58
CA ILE D 433 -62.52 1.65 13.38
C ILE D 433 -61.92 2.07 14.73
N GLU D 434 -62.23 1.27 15.75
CA GLU D 434 -61.56 1.35 17.05
C GLU D 434 -60.62 0.17 17.16
N VAL D 435 -59.33 0.43 17.23
CA VAL D 435 -58.31 -0.60 17.14
C VAL D 435 -57.56 -0.68 18.47
N THR D 436 -57.46 -1.88 19.02
CA THR D 436 -56.67 -2.14 20.21
C THR D 436 -55.41 -2.88 19.81
N GLY D 437 -54.26 -2.40 20.28
CA GLY D 437 -53.01 -3.01 19.90
C GLY D 437 -51.86 -2.54 20.77
N THR D 438 -50.70 -3.13 20.53
CA THR D 438 -49.51 -2.83 21.30
C THR D 438 -48.79 -1.61 20.74
N PHE D 439 -48.53 -0.63 21.58
CA PHE D 439 -47.79 0.57 21.20
C PHE D 439 -46.31 0.22 21.14
N ARG D 440 -45.76 0.13 19.93
CA ARG D 440 -44.40 -0.33 19.71
C ARG D 440 -43.53 0.80 19.18
N SER D 441 -42.21 0.61 19.31
CA SER D 441 -41.22 1.52 18.76
C SER D 441 -40.12 0.70 18.12
N ILE D 442 -39.67 1.15 16.94
CA ILE D 442 -38.64 0.42 16.19
C ILE D 442 -37.55 1.42 15.79
N PRO D 443 -36.28 1.05 15.85
CA PRO D 443 -35.23 1.92 15.31
C PRO D 443 -35.17 1.82 13.80
N ILE D 444 -35.12 2.97 13.14
CA ILE D 444 -35.11 3.04 11.68
C ILE D 444 -33.69 3.31 11.20
N ARG D 445 -33.21 2.44 10.31
CA ARG D 445 -31.89 2.62 9.71
C ARG D 445 -31.84 3.89 8.89
N ALA D 446 -30.76 4.67 9.07
CA ALA D 446 -30.61 5.94 8.39
C ALA D 446 -30.43 5.76 6.89
N ASN D 447 -29.66 4.75 6.48
CA ASN D 447 -29.37 4.51 5.07
C ASN D 447 -29.52 3.03 4.78
N SER D 448 -29.74 2.73 3.50
CA SER D 448 -29.86 1.36 3.03
C SER D 448 -28.51 0.67 2.83
N ARG D 449 -27.42 1.42 2.84
CA ARG D 449 -26.10 0.85 2.62
C ARG D 449 -25.47 0.32 3.89
N GLN D 450 -25.37 1.16 4.92
CA GLN D 450 -24.81 0.77 6.20
C GLN D 450 -25.89 0.44 7.23
N ARG D 451 -25.45 -0.22 8.31
CA ARG D 451 -26.35 -0.77 9.30
C ARG D 451 -26.72 0.16 10.46
N VAL D 452 -26.48 1.45 10.27
CA VAL D 452 -26.58 2.42 11.35
C VAL D 452 -28.01 2.90 11.60
N LEU D 453 -28.50 2.72 12.82
CA LEU D 453 -29.85 3.10 13.21
C LEU D 453 -29.89 4.54 13.69
N LYS D 454 -31.08 5.13 13.63
CA LYS D 454 -31.29 6.48 14.13
C LYS D 454 -31.65 6.43 15.61
N SER D 455 -31.09 7.37 16.37
CA SER D 455 -31.33 7.41 17.81
C SER D 455 -32.78 7.77 18.15
N LEU D 456 -33.51 8.36 17.21
CA LEU D 456 -34.91 8.73 17.41
C LEU D 456 -35.78 7.59 16.87
N TYR D 457 -36.45 6.89 17.78
CA TYR D 457 -37.22 5.72 17.39
C TYR D 457 -38.52 6.10 16.70
N LYS D 458 -39.03 5.18 15.88
CA LYS D 458 -40.28 5.36 15.17
C LYS D 458 -41.37 4.52 15.83
N THR D 459 -42.52 5.13 16.09
CA THR D 459 -43.58 4.51 16.86
C THR D 459 -44.70 4.02 15.94
N TYR D 460 -45.27 2.87 16.28
CA TYR D 460 -46.38 2.30 15.53
C TYR D 460 -47.18 1.41 16.47
N VAL D 461 -48.15 0.70 15.91
CA VAL D 461 -49.06 -0.13 16.69
C VAL D 461 -49.15 -1.50 16.05
N ASP D 462 -48.91 -2.54 16.84
CA ASP D 462 -49.21 -3.91 16.45
C ASP D 462 -50.65 -4.24 16.79
N VAL D 463 -51.49 -4.37 15.76
CA VAL D 463 -52.91 -4.53 15.96
C VAL D 463 -53.21 -5.91 16.50
N VAL D 464 -53.98 -5.97 17.59
CA VAL D 464 -54.48 -7.24 18.11
C VAL D 464 -56.00 -7.36 18.00
N HIS D 465 -56.74 -6.24 17.91
CA HIS D 465 -58.17 -6.31 17.74
C HIS D 465 -58.65 -5.10 16.94
N VAL D 466 -59.62 -5.32 16.06
CA VAL D 466 -60.25 -4.27 15.28
C VAL D 466 -61.76 -4.35 15.52
N LYS D 467 -62.36 -3.22 15.91
CA LYS D 467 -63.80 -3.11 16.10
C LYS D 467 -64.34 -2.15 15.06
N LYS D 468 -65.18 -2.68 14.16
CA LYS D 468 -65.76 -1.90 13.08
C LYS D 468 -67.25 -1.63 13.28
N VAL D 469 -67.80 -1.98 14.44
CA VAL D 469 -69.20 -1.79 14.74
C VAL D 469 -69.30 -0.86 15.94
N SER D 470 -70.06 0.22 15.78
CA SER D 470 -70.32 1.18 16.85
C SER D 470 -71.79 1.10 17.21
N ASP D 471 -72.08 1.14 18.52
CA ASP D 471 -73.46 1.00 18.96
C ASP D 471 -74.30 2.23 18.69
N LYS D 472 -73.67 3.34 18.28
CA LYS D 472 -74.35 4.58 17.92
C LYS D 472 -74.08 4.94 16.47
N ARG D 473 -74.05 3.93 15.61
CA ARG D 473 -73.72 4.14 14.21
C ARG D 473 -74.39 3.06 13.37
N LEU D 474 -74.80 3.42 12.16
CA LEU D 474 -75.39 2.46 11.24
C LEU D 474 -74.37 1.41 10.82
N ASP D 475 -74.85 0.20 10.56
CA ASP D 475 -73.98 -0.86 10.06
C ASP D 475 -73.55 -0.55 8.63
N VAL D 476 -72.39 -1.09 8.26
CA VAL D 476 -71.89 -0.89 6.90
C VAL D 476 -72.81 -1.58 5.91
N ASP D 477 -72.97 -0.99 4.73
CA ASP D 477 -73.84 -1.53 3.70
C ASP D 477 -73.31 -2.88 3.22
N THR D 478 -74.06 -3.95 3.53
CA THR D 478 -73.61 -5.29 3.17
C THR D 478 -73.62 -5.54 1.66
N SER D 479 -74.37 -4.73 0.90
CA SER D 479 -74.38 -4.86 -0.54
C SER D 479 -73.07 -4.42 -1.19
N THR D 480 -72.21 -3.71 -0.45
CA THR D 480 -70.94 -3.24 -0.98
C THR D 480 -69.75 -4.07 -0.52
N ILE D 481 -69.94 -5.01 0.41
CA ILE D 481 -68.83 -5.76 0.98
C ILE D 481 -69.11 -7.26 0.93
N GLU D 482 -69.97 -7.69 0.01
CA GLU D 482 -70.29 -9.11 -0.09
C GLU D 482 -69.04 -9.93 -0.40
N GLN D 483 -68.28 -9.51 -1.42
CA GLN D 483 -67.00 -10.14 -1.71
C GLN D 483 -66.08 -10.07 -0.50
N GLU D 484 -66.07 -8.93 0.18
CA GLU D 484 -65.25 -8.78 1.38
C GLU D 484 -65.75 -9.65 2.53
N LEU D 485 -67.08 -9.79 2.68
CA LEU D 485 -67.60 -10.66 3.74
C LEU D 485 -67.18 -12.11 3.51
N MET D 486 -67.31 -12.59 2.28
CA MET D 486 -66.98 -13.99 2.03
C MET D 486 -65.46 -14.23 1.99
N GLN D 487 -64.69 -13.22 1.59
CA GLN D 487 -63.25 -13.30 1.78
C GLN D 487 -62.89 -13.34 3.26
N ASN D 488 -63.64 -12.60 4.09
CA ASN D 488 -63.45 -12.69 5.54
C ASN D 488 -63.75 -14.09 6.04
N LYS D 489 -64.71 -14.81 5.45
CA LYS D 489 -64.96 -16.22 5.87
C LYS D 489 -63.78 -17.15 5.53
N VAL D 490 -63.19 -17.03 4.36
CA VAL D 490 -61.98 -17.81 3.93
C VAL D 490 -60.82 -17.45 4.85
N ASP D 491 -60.70 -16.18 5.21
CA ASP D 491 -59.55 -15.71 6.02
C ASP D 491 -59.72 -16.12 7.48
N HIS D 492 -60.91 -16.58 7.88
CA HIS D 492 -61.14 -16.92 9.29
C HIS D 492 -60.67 -15.79 10.21
N ASN D 493 -60.85 -14.55 9.75
CA ASN D 493 -60.46 -13.41 10.57
C ASN D 493 -61.41 -13.17 11.72
N GLU D 494 -62.68 -13.57 11.57
CA GLU D 494 -63.70 -13.43 12.60
C GLU D 494 -63.89 -11.98 13.03
N VAL D 495 -63.69 -11.05 12.09
CA VAL D 495 -63.92 -9.63 12.36
C VAL D 495 -65.41 -9.35 12.18
N GLU D 496 -66.04 -8.79 13.21
CA GLU D 496 -67.48 -8.55 13.22
C GLU D 496 -67.76 -7.30 12.39
N GLU D 497 -68.20 -7.50 11.14
CA GLU D 497 -68.52 -6.38 10.27
C GLU D 497 -69.85 -5.73 10.62
N VAL D 498 -70.83 -6.53 11.03
CA VAL D 498 -72.17 -6.04 11.34
C VAL D 498 -72.58 -6.55 12.71
N ARG D 499 -73.32 -5.71 13.44
CA ARG D 499 -73.69 -6.05 14.80
C ARG D 499 -74.67 -7.21 14.83
N GLN D 500 -74.63 -7.95 15.94
CA GLN D 500 -75.49 -9.11 16.15
C GLN D 500 -76.86 -8.66 16.66
N ILE D 501 -77.92 -9.17 16.04
CA ILE D 501 -79.29 -8.86 16.44
C ILE D 501 -79.86 -10.11 17.09
N THR D 502 -80.14 -10.04 18.39
CA THR D 502 -80.67 -11.18 19.12
C THR D 502 -82.16 -11.34 18.83
N ASP D 503 -82.70 -12.48 19.27
CA ASP D 503 -84.11 -12.77 19.06
C ASP D 503 -85.00 -11.75 19.77
N GLN D 504 -84.63 -11.37 20.99
CA GLN D 504 -85.37 -10.32 21.69
C GLN D 504 -85.30 -9.00 20.95
N ASP D 505 -84.11 -8.65 20.44
CA ASP D 505 -83.97 -7.41 19.68
C ASP D 505 -84.79 -7.46 18.40
N LEU D 506 -84.81 -8.61 17.73
CA LEU D 506 -85.64 -8.76 16.53
C LEU D 506 -87.13 -8.61 16.85
N ALA D 507 -87.56 -9.21 17.97
CA ALA D 507 -88.96 -9.06 18.38
C ALA D 507 -89.30 -7.61 18.69
N LYS D 508 -88.39 -6.90 19.36
CA LYS D 508 -88.62 -5.48 19.64
C LYS D 508 -88.67 -4.67 18.35
N ILE D 509 -87.81 -5.00 17.39
CA ILE D 509 -87.81 -4.30 16.10
C ILE D 509 -89.14 -4.51 15.39
N ARG D 510 -89.63 -5.75 15.37
CA ARG D 510 -90.93 -6.02 14.75
C ARG D 510 -92.06 -5.30 15.48
N GLU D 511 -92.02 -5.29 16.82
CA GLU D 511 -93.07 -4.60 17.58
C GLU D 511 -93.08 -3.11 17.28
N VAL D 512 -91.91 -2.49 17.18
CA VAL D 512 -91.84 -1.07 16.86
C VAL D 512 -92.29 -0.82 15.41
N ALA D 513 -91.92 -1.71 14.50
CA ALA D 513 -92.38 -1.59 13.11
C ALA D 513 -93.88 -1.78 12.98
N ALA D 514 -94.51 -2.45 13.95
CA ALA D 514 -95.96 -2.64 13.94
C ALA D 514 -96.72 -1.45 14.50
N ARG D 515 -96.03 -0.41 14.96
CA ARG D 515 -96.70 0.75 15.52
C ARG D 515 -97.40 1.56 14.43
N GLU D 516 -98.45 2.28 14.84
CA GLU D 516 -99.20 3.09 13.89
C GLU D 516 -98.46 4.37 13.54
N ASP D 517 -97.71 4.95 14.49
CA ASP D 517 -96.96 6.17 14.28
C ASP D 517 -95.48 5.90 14.03
N LEU D 518 -95.16 4.81 13.32
CA LEU D 518 -93.77 4.41 13.12
C LEU D 518 -93.00 5.47 12.33
N TYR D 519 -93.62 6.03 11.28
CA TYR D 519 -92.94 7.01 10.45
C TYR D 519 -92.58 8.26 11.25
N SER D 520 -93.53 8.78 12.01
CA SER D 520 -93.29 10.03 12.78
C SER D 520 -92.36 9.73 13.96
N LEU D 521 -92.41 8.52 14.52
CA LEU D 521 -91.49 8.15 15.59
C LEU D 521 -90.05 8.09 15.08
N LEU D 522 -89.84 7.46 13.93
CA LEU D 522 -88.50 7.37 13.37
C LEU D 522 -88.01 8.74 12.89
N ALA D 523 -88.91 9.57 12.36
CA ALA D 523 -88.53 10.88 11.89
C ALA D 523 -88.07 11.78 13.03
N ARG D 524 -88.82 11.80 14.14
CA ARG D 524 -88.42 12.61 15.28
C ARG D 524 -87.32 11.97 16.10
N SER D 525 -87.06 10.67 15.92
CA SER D 525 -85.88 10.07 16.54
C SER D 525 -84.59 10.50 15.85
N ILE D 526 -84.67 10.97 14.61
CA ILE D 526 -83.50 11.44 13.88
C ILE D 526 -83.16 12.84 14.40
N ALA D 527 -82.02 12.98 15.06
CA ALA D 527 -81.58 14.26 15.64
C ALA D 527 -82.62 14.77 16.60
N PRO D 528 -82.80 14.17 17.78
CA PRO D 528 -83.87 14.59 18.67
C PRO D 528 -83.67 16.03 19.14
N SER D 529 -82.45 16.52 19.15
CA SER D 529 -82.14 17.86 19.70
C SER D 529 -82.27 18.95 18.66
N ILE D 530 -82.73 18.65 17.47
CA ILE D 530 -82.98 19.70 16.44
C ILE D 530 -84.47 20.00 16.51
N TYR D 531 -84.88 21.24 16.34
CA TYR D 531 -86.32 21.54 16.52
C TYR D 531 -87.15 20.82 15.46
N GLU D 532 -88.46 20.88 15.59
CA GLU D 532 -89.35 20.20 14.65
C GLU D 532 -89.03 20.64 13.22
N LEU D 533 -88.71 19.70 12.34
CA LEU D 533 -88.50 19.94 10.89
C LEU D 533 -88.97 18.59 10.37
N GLU D 534 -90.25 18.29 10.48
CA GLU D 534 -90.70 16.89 10.19
C GLU D 534 -90.34 16.41 8.80
N ASP D 535 -90.59 17.17 7.75
CA ASP D 535 -90.16 16.70 6.41
C ASP D 535 -88.63 16.62 6.28
N VAL D 536 -87.85 17.55 6.83
CA VAL D 536 -86.38 17.42 6.64
C VAL D 536 -85.91 16.14 7.32
N LYS D 537 -86.45 15.80 8.48
CA LYS D 537 -86.01 14.63 9.26
C LYS D 537 -86.65 13.37 8.69
N LYS D 538 -87.65 13.52 7.84
CA LYS D 538 -88.35 12.36 7.21
C LYS D 538 -87.62 12.04 5.93
N GLY D 539 -87.15 13.04 5.21
CA GLY D 539 -86.26 12.84 4.07
C GLY D 539 -84.91 12.28 4.48
N ILE D 540 -84.37 12.77 5.60
CA ILE D 540 -83.11 12.25 6.11
C ILE D 540 -83.25 10.77 6.46
N LEU D 541 -84.36 10.40 7.11
CA LEU D 541 -84.59 9.00 7.47
C LEU D 541 -84.70 8.13 6.23
N LEU D 542 -85.42 8.61 5.20
CA LEU D 542 -85.53 7.84 3.97
C LEU D 542 -84.19 7.70 3.26
N GLN D 543 -83.36 8.74 3.29
CA GLN D 543 -82.01 8.63 2.74
C GLN D 543 -81.19 7.61 3.51
N LEU D 544 -81.31 7.60 4.83
CA LEU D 544 -80.60 6.61 5.64
C LEU D 544 -81.05 5.19 5.28
N PHE D 545 -82.35 4.99 5.11
CA PHE D 545 -82.86 3.69 4.68
C PHE D 545 -82.40 3.36 3.26
N GLY D 546 -82.53 4.33 2.35
CA GLY D 546 -82.12 4.14 0.98
C GLY D 546 -83.14 3.33 0.18
N GLY D 547 -82.89 3.25 -1.12
CA GLY D 547 -83.73 2.48 -2.02
C GLY D 547 -83.31 1.04 -2.08
N THR D 548 -83.70 0.38 -3.17
CA THR D 548 -83.39 -1.02 -3.39
C THR D 548 -82.29 -1.13 -4.45
N ASN D 549 -81.23 -1.86 -4.12
CA ASN D 549 -80.11 -2.06 -5.03
C ASN D 549 -80.42 -3.24 -5.95
N LYS D 550 -80.55 -2.98 -7.25
CA LYS D 550 -80.93 -3.97 -8.23
C LYS D 550 -79.75 -4.24 -9.15
N THR D 551 -79.22 -5.47 -9.09
CA THR D 551 -78.14 -5.90 -9.97
C THR D 551 -78.73 -6.70 -11.12
N PHE D 552 -78.27 -6.41 -12.34
CA PHE D 552 -78.79 -7.02 -13.54
C PHE D 552 -78.06 -8.33 -13.81
N THR D 553 -78.82 -9.38 -14.11
CA THR D 553 -78.20 -10.66 -14.45
C THR D 553 -77.40 -10.56 -15.75
N LYS D 554 -77.86 -9.74 -16.68
CA LYS D 554 -77.20 -9.57 -17.97
C LYS D 554 -76.21 -8.41 -17.99
N GLY D 555 -76.03 -7.71 -16.86
CA GLY D 555 -75.08 -6.62 -16.80
C GLY D 555 -75.71 -5.26 -16.59
N GLY D 556 -75.62 -4.75 -15.36
CA GLY D 556 -76.17 -3.45 -15.05
C GLY D 556 -76.36 -3.30 -13.55
N ARG D 557 -76.55 -2.05 -13.13
CA ARG D 557 -76.64 -1.77 -11.71
C ARG D 557 -77.48 -0.54 -11.41
N TYR D 558 -78.45 -0.67 -10.52
CA TYR D 558 -79.21 0.45 -9.98
C TYR D 558 -78.97 0.52 -8.49
N ARG D 559 -78.58 1.68 -7.99
CA ARG D 559 -78.31 1.90 -6.58
C ARG D 559 -79.38 2.79 -5.98
N GLY D 560 -79.80 2.47 -4.76
CA GLY D 560 -80.88 3.18 -4.11
C GLY D 560 -80.44 4.38 -3.30
N ASP D 561 -79.21 4.85 -3.52
CA ASP D 561 -78.72 6.02 -2.81
C ASP D 561 -79.58 7.23 -3.14
N ILE D 562 -79.97 7.97 -2.10
CA ILE D 562 -80.84 9.13 -2.24
C ILE D 562 -80.02 10.37 -1.93
N ASN D 563 -79.98 11.31 -2.89
CA ASN D 563 -79.27 12.56 -2.73
C ASN D 563 -80.26 13.65 -2.32
N ILE D 564 -79.93 14.37 -1.26
CA ILE D 564 -80.81 15.39 -0.69
C ILE D 564 -80.05 16.70 -0.60
N LEU D 565 -80.67 17.77 -1.10
CA LEU D 565 -80.16 19.13 -0.98
C LEU D 565 -81.04 19.87 0.01
N LEU D 566 -80.42 20.64 0.90
CA LEU D 566 -81.12 21.49 1.87
C LEU D 566 -80.73 22.93 1.57
N CYS D 567 -81.51 23.58 0.71
CA CYS D 567 -81.33 24.98 0.41
C CYS D 567 -82.28 25.80 1.28
N GLY D 568 -81.77 26.83 1.92
CA GLY D 568 -82.70 27.52 2.78
C GLY D 568 -82.17 28.76 3.42
N ASP D 569 -83.04 29.45 4.15
CA ASP D 569 -82.65 30.69 4.83
C ASP D 569 -81.59 30.32 5.84
N PRO D 570 -80.66 31.23 6.16
CA PRO D 570 -79.60 30.97 7.11
C PRO D 570 -80.11 30.71 8.52
N SER D 571 -79.38 29.95 9.32
CA SER D 571 -79.73 29.66 10.74
C SER D 571 -80.88 28.67 10.91
N THR D 572 -81.06 27.76 9.97
CA THR D 572 -82.22 26.83 10.04
C THR D 572 -81.85 25.42 10.53
N SER D 573 -80.63 25.18 11.03
CA SER D 573 -80.15 23.86 11.53
C SER D 573 -79.83 22.90 10.40
N LYS D 574 -79.54 23.44 9.22
CA LYS D 574 -79.14 22.59 8.09
C LYS D 574 -77.81 21.93 8.44
N SER D 575 -76.86 22.65 8.98
CA SER D 575 -75.52 22.11 9.33
C SER D 575 -75.59 21.11 10.48
N GLN D 576 -76.44 21.33 11.48
CA GLN D 576 -76.61 20.33 12.56
C GLN D 576 -77.18 19.02 12.01
N ILE D 577 -78.08 19.07 11.03
CA ILE D 577 -78.61 17.86 10.35
C ILE D 577 -77.53 17.17 9.52
N LEU D 578 -76.60 17.88 8.87
CA LEU D 578 -75.47 17.24 8.20
C LEU D 578 -74.48 16.62 9.20
N GLN D 579 -74.30 17.26 10.33
CA GLN D 579 -73.37 16.77 11.38
C GLN D 579 -73.91 15.51 12.05
N TYR D 580 -75.22 15.37 12.23
CA TYR D 580 -75.85 14.14 12.76
C TYR D 580 -75.76 13.00 11.77
N VAL D 581 -75.90 13.27 10.47
CA VAL D 581 -75.94 12.18 9.46
C VAL D 581 -74.49 11.82 9.19
N HIS D 582 -73.54 12.72 9.43
CA HIS D 582 -72.14 12.32 9.36
C HIS D 582 -71.76 11.43 10.53
N LYS D 583 -72.24 11.77 11.73
CA LYS D 583 -71.90 10.97 12.90
C LYS D 583 -72.63 9.63 12.89
N ILE D 584 -73.83 9.57 12.31
CA ILE D 584 -74.61 8.33 12.39
C ILE D 584 -74.30 7.39 11.24
N THR D 585 -73.77 7.90 10.13
CA THR D 585 -73.48 7.04 8.98
C THR D 585 -72.25 6.18 9.25
N PRO D 586 -72.19 4.97 8.69
CA PRO D 586 -70.99 4.14 8.88
C PRO D 586 -69.76 4.73 8.21
N ARG D 587 -69.87 5.12 6.95
CA ARG D 587 -68.78 5.74 6.22
C ARG D 587 -69.26 7.05 5.61
N GLY D 588 -68.32 7.97 5.40
CA GLY D 588 -68.63 9.26 4.83
C GLY D 588 -67.64 10.30 5.27
N VAL D 589 -67.53 11.37 4.49
CA VAL D 589 -66.61 12.47 4.75
C VAL D 589 -67.39 13.77 4.71
N TYR D 590 -67.21 14.61 5.72
CA TYR D 590 -67.86 15.90 5.80
C TYR D 590 -66.95 16.95 5.15
N THR D 591 -67.41 17.54 4.06
CA THR D 591 -66.68 18.56 3.33
C THR D 591 -67.36 19.92 3.50
N SER D 592 -66.65 20.97 3.10
CA SER D 592 -67.11 22.34 3.30
C SER D 592 -67.29 23.11 1.99
N GLY D 593 -67.22 22.45 0.84
CA GLY D 593 -67.44 23.11 -0.42
C GLY D 593 -66.23 23.84 -0.96
N LYS D 594 -65.92 25.00 -0.38
CA LYS D 594 -64.77 25.77 -0.83
C LYS D 594 -63.45 25.12 -0.42
N GLY D 595 -63.45 24.29 0.62
CA GLY D 595 -62.28 23.56 1.03
C GLY D 595 -62.06 22.26 0.30
N SER D 596 -62.89 21.97 -0.70
CA SER D 596 -62.80 20.74 -1.48
C SER D 596 -62.35 21.04 -2.90
N SER D 597 -61.69 20.07 -3.52
CA SER D 597 -61.23 20.17 -4.89
C SER D 597 -61.64 18.92 -5.66
N ALA D 598 -61.64 19.04 -6.99
CA ALA D 598 -62.02 17.90 -7.82
C ALA D 598 -61.09 16.73 -7.61
N VAL D 599 -59.78 16.98 -7.54
CA VAL D 599 -58.83 15.92 -7.23
C VAL D 599 -59.01 15.46 -5.79
N GLY D 600 -59.30 16.39 -4.88
CA GLY D 600 -59.46 16.03 -3.47
C GLY D 600 -60.63 15.09 -3.24
N LEU D 601 -61.71 15.25 -4.00
CA LEU D 601 -62.88 14.38 -3.85
C LEU D 601 -62.72 13.04 -4.52
N THR D 602 -61.66 12.85 -5.33
CA THR D 602 -61.39 11.59 -6.01
C THR D 602 -60.01 11.09 -5.62
N ALA D 603 -59.57 10.01 -6.27
CA ALA D 603 -58.26 9.45 -5.99
C ALA D 603 -57.16 10.43 -6.38
N TYR D 604 -56.09 10.44 -5.58
CA TYR D 604 -54.95 11.29 -5.85
C TYR D 604 -53.67 10.54 -5.54
N ILE D 605 -52.56 11.09 -6.03
CA ILE D 605 -51.23 10.48 -5.86
C ILE D 605 -50.51 11.24 -4.76
N THR D 606 -50.09 10.52 -3.73
CA THR D 606 -49.31 11.09 -2.63
C THR D 606 -48.01 10.31 -2.48
N ARG D 607 -47.16 10.79 -1.58
CA ARG D 607 -45.87 10.16 -1.32
C ARG D 607 -45.85 9.63 0.10
N ASP D 608 -45.58 8.33 0.25
CA ASP D 608 -45.39 7.74 1.57
C ASP D 608 -44.03 8.16 2.12
N VAL D 609 -43.98 8.42 3.43
CA VAL D 609 -42.71 8.76 4.08
C VAL D 609 -41.94 7.53 4.55
N ASP D 610 -42.62 6.40 4.78
CA ASP D 610 -41.93 5.20 5.19
C ASP D 610 -41.20 4.55 4.02
N THR D 611 -41.93 4.26 2.94
CA THR D 611 -41.35 3.60 1.78
C THR D 611 -40.78 4.58 0.76
N LYS D 612 -41.03 5.89 0.91
CA LYS D 612 -40.58 6.90 -0.04
C LYS D 612 -41.07 6.62 -1.46
N GLN D 613 -42.28 6.09 -1.57
CA GLN D 613 -42.88 5.73 -2.85
C GLN D 613 -44.10 6.59 -3.15
N LEU D 614 -44.62 6.44 -4.36
CA LEU D 614 -45.82 7.14 -4.80
C LEU D 614 -47.00 6.16 -4.72
N VAL D 615 -48.02 6.54 -3.97
CA VAL D 615 -49.17 5.68 -3.73
C VAL D 615 -50.45 6.43 -4.02
N LEU D 616 -51.54 5.67 -4.16
CA LEU D 616 -52.86 6.21 -4.44
C LEU D 616 -53.66 6.29 -3.15
N GLU D 617 -54.27 7.45 -2.91
CA GLU D 617 -55.17 7.63 -1.77
C GLU D 617 -56.54 8.05 -2.27
N SER D 618 -57.57 7.59 -1.57
CA SER D 618 -58.95 7.85 -1.97
C SER D 618 -59.35 9.28 -1.64
N GLY D 619 -60.38 9.75 -2.34
CA GLY D 619 -60.96 11.05 -2.08
C GLY D 619 -62.16 10.97 -1.17
N ALA D 620 -62.78 12.14 -0.94
CA ALA D 620 -63.95 12.20 -0.07
C ALA D 620 -65.10 11.37 -0.63
N LEU D 621 -65.31 11.43 -1.95
CA LEU D 621 -66.39 10.68 -2.57
C LEU D 621 -66.11 9.19 -2.62
N VAL D 622 -64.83 8.79 -2.59
CA VAL D 622 -64.49 7.36 -2.57
C VAL D 622 -64.48 6.81 -1.16
N LEU D 623 -63.93 7.56 -0.20
CA LEU D 623 -63.99 7.15 1.20
C LEU D 623 -65.42 7.08 1.71
N SER D 624 -66.35 7.80 1.08
CA SER D 624 -67.75 7.80 1.47
C SER D 624 -68.55 6.66 0.83
N ASP D 625 -67.89 5.82 0.02
CA ASP D 625 -68.59 4.73 -0.65
C ASP D 625 -69.27 3.83 0.37
N GLY D 626 -70.54 3.51 0.12
CA GLY D 626 -71.33 2.75 1.07
C GLY D 626 -71.91 3.58 2.19
N GLY D 627 -71.74 4.89 2.17
CA GLY D 627 -72.27 5.76 3.21
C GLY D 627 -72.86 7.05 2.67
N VAL D 628 -72.74 8.13 3.44
CA VAL D 628 -73.29 9.42 3.07
C VAL D 628 -72.18 10.46 3.15
N CYS D 629 -71.97 11.17 2.05
CA CYS D 629 -71.03 12.30 2.01
C CYS D 629 -71.80 13.58 2.26
N CYS D 630 -71.44 14.30 3.32
CA CYS D 630 -72.10 15.54 3.70
C CYS D 630 -71.28 16.71 3.16
N ILE D 631 -71.91 17.55 2.34
CA ILE D 631 -71.25 18.67 1.69
C ILE D 631 -71.94 19.94 2.15
N ASP D 632 -71.29 20.67 3.05
CA ASP D 632 -71.80 21.96 3.49
C ASP D 632 -71.32 23.06 2.54
N GLU D 633 -72.11 24.14 2.49
CA GLU D 633 -71.84 25.26 1.60
C GLU D 633 -71.74 24.79 0.14
N PHE D 634 -72.78 24.09 -0.32
CA PHE D 634 -72.81 23.56 -1.67
C PHE D 634 -72.78 24.66 -2.72
N ASP D 635 -73.23 25.87 -2.39
CA ASP D 635 -73.22 26.96 -3.36
C ASP D 635 -71.81 27.55 -3.51
N LYS D 636 -71.02 27.55 -2.44
CA LYS D 636 -69.71 28.19 -2.47
C LYS D 636 -68.66 27.42 -3.25
N MET D 637 -68.85 26.11 -3.41
CA MET D 637 -67.89 25.31 -4.17
C MET D 637 -68.07 25.58 -5.66
N SER D 638 -66.96 25.56 -6.39
CA SER D 638 -66.94 26.07 -7.75
C SER D 638 -67.62 25.13 -8.74
N ASP D 639 -67.82 25.63 -9.96
CA ASP D 639 -68.32 24.78 -11.04
C ASP D 639 -67.53 23.55 -11.45
N SER D 640 -66.21 23.67 -11.51
CA SER D 640 -65.38 22.51 -11.85
C SER D 640 -65.21 21.40 -10.77
N THR D 641 -65.37 21.84 -9.52
CA THR D 641 -65.33 20.91 -8.39
C THR D 641 -66.68 20.20 -8.45
N ARG D 642 -67.76 20.93 -8.77
CA ARG D 642 -69.08 20.31 -8.83
C ARG D 642 -69.23 19.34 -9.99
N SER D 643 -68.29 19.35 -10.94
CA SER D 643 -68.42 18.48 -12.11
C SER D 643 -68.26 17.02 -11.75
N VAL D 644 -67.43 16.71 -10.74
CA VAL D 644 -67.16 15.32 -10.40
C VAL D 644 -68.38 14.68 -9.73
N LEU D 645 -69.26 15.51 -9.14
CA LEU D 645 -70.40 14.96 -8.43
C LEU D 645 -71.50 14.46 -9.36
N HIS D 646 -71.46 14.84 -10.63
CA HIS D 646 -72.49 14.40 -11.57
C HIS D 646 -72.50 12.89 -11.71
N GLU D 647 -71.33 12.31 -11.98
CA GLU D 647 -71.24 10.86 -12.17
C GLU D 647 -71.55 10.11 -10.88
N VAL D 648 -71.13 10.66 -9.74
CA VAL D 648 -71.42 10.02 -8.46
C VAL D 648 -72.92 10.04 -8.17
N MET D 649 -73.60 11.15 -8.40
CA MET D 649 -75.02 11.26 -8.03
C MET D 649 -75.89 10.48 -9.01
N GLU D 650 -75.41 10.24 -10.23
CA GLU D 650 -76.17 9.46 -11.23
C GLU D 650 -75.70 8.01 -11.34
N GLN D 651 -74.43 7.75 -11.63
CA GLN D 651 -73.98 6.36 -11.86
C GLN D 651 -73.44 5.76 -10.58
N GLN D 652 -73.16 6.57 -9.55
CA GLN D 652 -72.56 6.04 -8.33
C GLN D 652 -71.18 5.45 -8.60
N THR D 653 -70.44 6.07 -9.52
CA THR D 653 -69.08 5.64 -9.86
C THR D 653 -68.25 6.88 -10.17
N ILE D 654 -66.94 6.69 -10.22
CA ILE D 654 -66.00 7.70 -10.69
C ILE D 654 -65.08 7.02 -11.70
N SER D 655 -65.22 7.39 -12.98
CA SER D 655 -64.39 6.85 -14.04
C SER D 655 -63.19 7.78 -14.23
N ILE D 656 -62.06 7.42 -13.61
CA ILE D 656 -60.89 8.28 -13.58
C ILE D 656 -59.89 7.76 -14.61
N ALA D 657 -59.39 8.68 -15.44
CA ALA D 657 -58.33 8.39 -16.40
C ALA D 657 -57.26 9.49 -16.26
N LYS D 658 -56.34 9.29 -15.33
CA LYS D 658 -55.25 10.22 -15.05
C LYS D 658 -53.94 9.46 -15.08
N ALA D 659 -52.84 10.23 -15.06
CA ALA D 659 -51.52 9.64 -15.19
C ALA D 659 -51.24 8.71 -14.01
N GLY D 660 -51.27 7.41 -14.27
CA GLY D 660 -51.03 6.41 -13.25
C GLY D 660 -52.27 5.70 -12.74
N ILE D 661 -53.46 6.20 -13.03
CA ILE D 661 -54.70 5.60 -12.55
C ILE D 661 -55.78 5.71 -13.64
N ILE D 662 -56.14 4.58 -14.23
CA ILE D 662 -57.18 4.53 -15.26
C ILE D 662 -58.12 3.39 -14.89
N THR D 663 -59.21 3.71 -14.21
CA THR D 663 -60.15 2.69 -13.76
C THR D 663 -61.45 3.36 -13.34
N THR D 664 -62.46 2.51 -13.08
CA THR D 664 -63.75 2.94 -12.55
C THR D 664 -63.80 2.55 -11.07
N LEU D 665 -64.04 3.53 -10.21
CA LEU D 665 -64.05 3.35 -8.77
C LEU D 665 -65.47 3.48 -8.25
N ASN D 666 -65.92 2.51 -7.46
CA ASN D 666 -67.26 2.57 -6.89
C ASN D 666 -67.36 3.73 -5.91
N ALA D 667 -68.37 4.56 -6.10
CA ALA D 667 -68.65 5.72 -5.25
C ALA D 667 -70.12 5.75 -4.87
N ARG D 668 -70.63 4.60 -4.42
CA ARG D 668 -72.04 4.47 -4.09
C ARG D 668 -72.35 5.18 -2.79
N SER D 669 -72.25 6.51 -2.80
CA SER D 669 -72.47 7.33 -1.61
C SER D 669 -73.61 8.29 -1.86
N SER D 670 -74.57 8.32 -0.95
CA SER D 670 -75.58 9.36 -0.97
C SER D 670 -74.92 10.71 -0.71
N ILE D 671 -75.50 11.76 -1.27
CA ILE D 671 -74.96 13.11 -1.14
C ILE D 671 -75.95 13.95 -0.35
N LEU D 672 -75.53 14.42 0.83
CA LEU D 672 -76.34 15.30 1.66
C LEU D 672 -75.70 16.68 1.60
N ALA D 673 -76.24 17.54 0.74
CA ALA D 673 -75.69 18.87 0.52
C ALA D 673 -76.53 19.91 1.25
N SER D 674 -75.87 20.97 1.70
CA SER D 674 -76.53 22.09 2.35
C SER D 674 -76.09 23.38 1.68
N ALA D 675 -77.04 24.31 1.51
CA ALA D 675 -76.77 25.55 0.82
C ALA D 675 -77.78 26.62 1.21
N ASN D 676 -77.36 27.86 1.08
CA ASN D 676 -78.27 28.98 1.22
C ASN D 676 -78.40 29.74 -0.10
N PRO D 677 -79.53 30.36 -0.36
CA PRO D 677 -79.72 31.03 -1.65
C PRO D 677 -78.83 32.26 -1.80
N ILE D 678 -78.72 32.73 -3.04
CA ILE D 678 -77.92 33.91 -3.33
C ILE D 678 -78.48 35.10 -2.55
N GLY D 679 -77.58 35.92 -2.00
CA GLY D 679 -77.96 36.95 -1.06
C GLY D 679 -78.11 36.47 0.37
N SER D 680 -77.88 35.17 0.62
CA SER D 680 -77.97 34.54 1.94
C SER D 680 -79.36 34.65 2.55
N ARG D 681 -80.39 34.90 1.74
CA ARG D 681 -81.77 34.91 2.18
C ARG D 681 -82.65 34.53 1.00
N TYR D 682 -83.71 33.77 1.28
CA TYR D 682 -84.63 33.35 0.23
C TYR D 682 -85.54 34.52 -0.10
N ASN D 683 -85.20 35.25 -1.15
CA ASN D 683 -86.03 36.38 -1.57
C ASN D 683 -87.30 35.85 -2.24
N PRO D 684 -88.48 36.14 -1.70
CA PRO D 684 -89.71 35.65 -2.34
C PRO D 684 -89.96 36.26 -3.71
N ASN D 685 -89.36 37.40 -4.03
CA ASN D 685 -89.55 38.01 -5.34
C ASN D 685 -88.98 37.12 -6.45
N LEU D 686 -87.79 36.58 -6.23
CA LEU D 686 -87.17 35.72 -7.23
C LEU D 686 -87.78 34.32 -7.18
N PRO D 687 -87.86 33.64 -8.33
CA PRO D 687 -88.34 32.25 -8.33
C PRO D 687 -87.41 31.29 -7.62
N VAL D 688 -87.82 30.02 -7.54
CA VAL D 688 -87.05 29.03 -6.78
C VAL D 688 -85.69 28.79 -7.42
N THR D 689 -85.64 28.67 -8.75
CA THR D 689 -84.39 28.37 -9.43
C THR D 689 -83.40 29.52 -9.30
N GLU D 690 -83.89 30.75 -9.30
CA GLU D 690 -83.00 31.89 -9.10
C GLU D 690 -82.36 31.87 -7.72
N ASN D 691 -83.14 31.51 -6.70
CA ASN D 691 -82.60 31.45 -5.35
C ASN D 691 -81.60 30.31 -5.19
N ILE D 692 -81.98 29.11 -5.64
CA ILE D 692 -81.11 27.95 -5.48
C ILE D 692 -79.80 28.15 -6.23
N ASP D 693 -79.89 28.64 -7.47
CA ASP D 693 -78.73 28.96 -8.30
C ASP D 693 -77.84 27.73 -8.52
N LEU D 694 -78.46 26.69 -9.07
CA LEU D 694 -77.75 25.48 -9.46
C LEU D 694 -78.14 25.10 -10.88
N PRO D 695 -77.20 24.58 -11.66
CA PRO D 695 -77.51 24.17 -13.04
C PRO D 695 -78.59 23.10 -13.07
N PRO D 696 -79.52 23.13 -14.04
CA PRO D 696 -80.49 22.05 -14.20
C PRO D 696 -79.79 20.70 -14.10
N PRO D 697 -78.65 20.40 -14.77
CA PRO D 697 -78.05 19.09 -14.69
C PRO D 697 -77.69 18.64 -13.26
N LEU D 698 -77.37 19.53 -12.34
CA LEU D 698 -77.11 19.14 -10.93
C LEU D 698 -78.38 19.24 -10.09
N LEU D 699 -79.30 20.16 -10.36
CA LEU D 699 -80.48 20.18 -9.49
C LEU D 699 -81.41 19.01 -9.77
N SER D 700 -81.24 18.32 -10.89
CA SER D 700 -82.03 17.13 -11.24
C SER D 700 -81.51 15.92 -10.47
N ARG D 701 -80.22 15.90 -10.21
CA ARG D 701 -79.57 14.74 -9.55
C ARG D 701 -80.03 14.61 -8.11
N PHE D 702 -80.40 15.69 -7.46
CA PHE D 702 -80.95 15.66 -6.08
C PHE D 702 -82.33 15.04 -6.08
N ASP D 703 -82.53 13.94 -5.36
CA ASP D 703 -83.83 13.29 -5.21
C ASP D 703 -84.79 14.09 -4.34
N LEU D 704 -84.29 14.92 -3.44
CA LEU D 704 -85.14 15.72 -2.57
C LEU D 704 -84.48 17.07 -2.33
N VAL D 705 -85.10 18.13 -2.86
CA VAL D 705 -84.63 19.49 -2.66
C VAL D 705 -85.55 20.15 -1.64
N TYR D 706 -85.00 20.48 -0.48
CA TYR D 706 -85.75 21.09 0.62
C TYR D 706 -85.51 22.58 0.63
N LEU D 707 -86.58 23.35 0.74
CA LEU D 707 -86.50 24.81 0.93
C LEU D 707 -86.84 25.09 2.38
N VAL D 708 -85.81 25.31 3.19
CA VAL D 708 -85.98 25.54 4.62
C VAL D 708 -86.01 27.05 4.84
N LEU D 709 -87.19 27.56 5.17
CA LEU D 709 -87.42 29.00 5.27
C LEU D 709 -87.62 29.41 6.72
N ASP D 710 -87.07 30.56 7.09
CA ASP D 710 -87.18 31.08 8.45
C ASP D 710 -88.28 32.14 8.49
N LYS D 711 -89.52 31.67 8.61
CA LYS D 711 -90.66 32.56 8.73
C LYS D 711 -90.81 33.05 10.17
N VAL D 712 -91.32 34.28 10.32
CA VAL D 712 -91.56 34.87 11.63
C VAL D 712 -92.99 34.51 12.04
N ASP D 713 -93.13 33.47 12.86
CA ASP D 713 -94.40 33.06 13.44
C ASP D 713 -94.25 32.98 14.95
N GLU D 714 -95.19 33.60 15.67
CA GLU D 714 -95.01 33.80 17.11
C GLU D 714 -94.95 32.49 17.88
N LYS D 715 -95.83 31.54 17.55
CA LYS D 715 -95.77 30.24 18.21
C LYS D 715 -94.53 29.45 17.82
N ASN D 716 -94.10 29.61 16.57
CA ASN D 716 -92.87 28.95 16.16
C ASN D 716 -91.71 29.47 17.01
N ASP D 717 -91.64 30.79 17.21
CA ASP D 717 -90.60 31.33 18.07
C ASP D 717 -90.70 30.85 19.51
N ARG D 718 -91.90 30.89 20.08
CA ARG D 718 -92.21 30.39 21.41
C ARG D 718 -91.68 28.97 21.65
N GLU D 719 -91.92 28.08 20.70
CA GLU D 719 -91.54 26.66 20.87
C GLU D 719 -90.07 26.40 20.51
N LEU D 720 -89.52 27.04 19.50
CA LEU D 720 -88.08 26.90 19.17
C LEU D 720 -87.25 27.49 20.31
N ALA D 721 -87.79 28.48 21.02
CA ALA D 721 -87.05 29.14 22.11
C ALA D 721 -87.16 28.23 23.32
N LYS D 722 -88.35 27.68 23.62
CA LYS D 722 -88.29 26.66 24.68
C LYS D 722 -87.35 25.51 24.34
N HIS D 723 -87.34 25.06 23.09
CA HIS D 723 -86.48 23.89 22.81
C HIS D 723 -85.03 24.26 23.09
N LEU D 724 -84.55 25.37 22.54
CA LEU D 724 -83.13 25.73 22.66
C LEU D 724 -82.76 25.99 24.11
N THR D 725 -83.61 26.69 24.85
CA THR D 725 -83.32 27.05 26.26
C THR D 725 -83.50 25.85 27.18
N ASN D 726 -84.25 24.82 26.81
CA ASN D 726 -84.30 23.62 27.64
C ASN D 726 -82.97 22.88 27.62
N LEU D 727 -82.15 23.08 26.61
CA LEU D 727 -80.90 22.31 26.49
C LEU D 727 -79.91 22.90 27.49
N TYR D 728 -80.23 24.07 28.05
CA TYR D 728 -79.29 24.78 28.95
C TYR D 728 -79.74 24.73 30.41
N LEU D 729 -80.85 24.07 30.71
CA LEU D 729 -81.35 23.92 32.12
C LEU D 729 -80.38 23.04 32.90
N GLU D 730 -79.85 21.99 32.27
CA GLU D 730 -78.90 21.08 32.95
C GLU D 730 -77.55 21.14 32.21
N ASP D 731 -76.43 20.98 32.91
CA ASP D 731 -75.11 21.17 32.26
C ASP D 731 -74.94 20.22 31.08
N LYS D 732 -75.23 18.94 31.26
CA LYS D 732 -75.19 18.01 30.09
C LYS D 732 -76.62 17.54 29.89
N PRO D 733 -77.32 18.01 28.86
CA PRO D 733 -78.72 17.70 28.72
C PRO D 733 -79.08 16.27 28.30
N GLU D 734 -80.07 15.66 28.98
CA GLU D 734 -80.59 14.35 28.55
C GLU D 734 -81.88 14.73 27.83
N HIS D 735 -81.94 14.56 26.50
CA HIS D 735 -83.07 15.11 25.77
C HIS D 735 -84.19 14.08 25.66
N ILE D 736 -85.29 14.33 26.36
CA ILE D 736 -86.49 13.51 26.26
C ILE D 736 -87.69 14.43 26.04
N SER D 737 -87.45 15.61 25.48
CA SER D 737 -88.48 16.62 25.34
C SER D 737 -89.38 16.35 24.14
N GLN D 738 -89.94 15.15 24.09
CA GLN D 738 -90.91 14.77 23.05
C GLN D 738 -91.87 13.77 23.66
N ASP D 739 -92.82 13.30 22.84
CA ASP D 739 -93.70 12.23 23.28
C ASP D 739 -92.90 10.96 23.58
N ASP D 740 -92.10 10.53 22.62
CA ASP D 740 -91.16 9.43 22.79
C ASP D 740 -90.24 9.39 21.59
N VAL D 741 -88.95 9.23 21.83
CA VAL D 741 -87.96 9.07 20.77
C VAL D 741 -87.14 7.82 21.04
N LEU D 742 -86.92 7.03 20.00
CA LEU D 742 -86.11 5.83 20.14
C LEU D 742 -84.65 6.21 20.36
N PRO D 743 -83.93 5.48 21.21
CA PRO D 743 -82.51 5.74 21.38
C PRO D 743 -81.76 5.46 20.09
N VAL D 744 -80.64 6.18 19.90
CA VAL D 744 -79.83 5.97 18.71
C VAL D 744 -79.33 4.53 18.63
N GLU D 745 -79.15 3.88 19.78
CA GLU D 745 -78.76 2.48 19.80
C GLU D 745 -79.82 1.59 19.15
N PHE D 746 -81.10 1.84 19.45
CA PHE D 746 -82.18 1.09 18.82
C PHE D 746 -82.45 1.57 17.39
N LEU D 747 -82.36 2.88 17.16
CA LEU D 747 -82.65 3.44 15.85
C LEU D 747 -81.67 2.92 14.80
N THR D 748 -80.37 2.94 15.12
CA THR D 748 -79.37 2.46 14.18
C THR D 748 -79.55 0.98 13.89
N MET D 749 -79.85 0.18 14.92
CA MET D 749 -80.06 -1.25 14.71
C MET D 749 -81.28 -1.51 13.84
N TYR D 750 -82.37 -0.77 14.07
CA TYR D 750 -83.56 -0.91 13.24
C TYR D 750 -83.27 -0.58 11.79
N ILE D 751 -82.57 0.54 11.56
CA ILE D 751 -82.26 0.95 10.19
C ILE D 751 -81.35 -0.06 9.52
N SER D 752 -80.35 -0.56 10.25
CA SER D 752 -79.43 -1.54 9.68
C SER D 752 -80.15 -2.84 9.34
N TYR D 753 -81.04 -3.30 10.22
CA TYR D 753 -81.81 -4.51 9.94
C TYR D 753 -82.69 -4.34 8.71
N ALA D 754 -83.36 -3.19 8.61
CA ALA D 754 -84.22 -2.94 7.46
C ALA D 754 -83.40 -2.88 6.18
N LYS D 755 -82.24 -2.24 6.22
CA LYS D 755 -81.39 -2.16 5.04
C LYS D 755 -80.90 -3.54 4.61
N GLU D 756 -80.49 -4.36 5.59
CA GLU D 756 -79.90 -5.65 5.27
C GLU D 756 -80.94 -6.65 4.78
N HIS D 757 -82.08 -6.74 5.45
CA HIS D 757 -83.00 -7.86 5.25
C HIS D 757 -84.26 -7.52 4.45
N ILE D 758 -84.54 -6.25 4.19
CA ILE D 758 -85.74 -5.85 3.47
C ILE D 758 -85.34 -5.32 2.10
N HIS D 759 -85.92 -5.92 1.06
CA HIS D 759 -85.68 -5.50 -0.33
C HIS D 759 -87.03 -5.33 -1.01
N PRO D 760 -87.62 -4.14 -0.93
CA PRO D 760 -88.96 -3.94 -1.50
C PRO D 760 -88.98 -4.18 -2.99
N ILE D 761 -90.12 -4.72 -3.47
CA ILE D 761 -90.34 -4.99 -4.88
C ILE D 761 -91.57 -4.22 -5.33
N ILE D 762 -91.44 -3.51 -6.45
CA ILE D 762 -92.52 -2.65 -6.92
C ILE D 762 -93.67 -3.51 -7.43
N THR D 763 -94.89 -3.17 -7.00
CA THR D 763 -96.10 -3.83 -7.48
C THR D 763 -96.72 -3.04 -8.62
N GLU D 764 -97.71 -3.66 -9.29
CA GLU D 764 -98.32 -3.04 -10.46
C GLU D 764 -99.10 -1.78 -10.09
N ALA D 765 -99.82 -1.80 -8.97
CA ALA D 765 -100.53 -0.60 -8.54
C ALA D 765 -99.55 0.53 -8.24
N ALA D 766 -98.43 0.20 -7.61
CA ALA D 766 -97.38 1.19 -7.41
C ALA D 766 -96.86 1.71 -8.74
N LYS D 767 -96.73 0.85 -9.74
CA LYS D 767 -96.28 1.28 -11.05
C LYS D 767 -97.26 2.28 -11.67
N THR D 768 -98.56 1.97 -11.61
CA THR D 768 -99.56 2.88 -12.18
C THR D 768 -99.56 4.22 -11.45
N GLU D 769 -99.49 4.19 -10.11
CA GLU D 769 -99.44 5.44 -9.36
C GLU D 769 -98.19 6.23 -9.70
N LEU D 770 -97.05 5.55 -9.85
CA LEU D 770 -95.80 6.22 -10.20
C LEU D 770 -95.92 6.91 -11.55
N VAL D 771 -96.46 6.20 -12.54
CA VAL D 771 -96.59 6.77 -13.88
C VAL D 771 -97.60 7.92 -13.78
N ARG D 772 -98.73 7.68 -13.13
CA ARG D 772 -99.70 8.77 -12.94
C ARG D 772 -98.97 10.01 -12.41
N ALA D 773 -98.38 9.91 -11.22
CA ALA D 773 -97.75 11.08 -10.63
C ALA D 773 -96.67 11.75 -11.46
N TYR D 774 -95.83 10.95 -12.13
CA TYR D 774 -94.76 11.53 -12.95
C TYR D 774 -95.35 12.34 -14.09
N VAL D 775 -96.40 11.81 -14.74
CA VAL D 775 -97.06 12.55 -15.80
C VAL D 775 -97.74 13.80 -15.25
N GLY D 776 -98.28 13.74 -14.03
CA GLY D 776 -98.88 14.92 -13.42
C GLY D 776 -97.86 16.02 -13.18
N MET D 777 -96.68 15.67 -12.66
CA MET D 777 -95.65 16.69 -12.48
C MET D 777 -95.09 17.16 -13.82
N ARG D 778 -95.16 16.33 -14.85
CA ARG D 778 -94.62 16.69 -16.16
C ARG D 778 -95.63 17.51 -16.95
N LYS D 779 -96.14 18.59 -16.36
CA LYS D 779 -97.13 19.43 -17.01
C LYS D 779 -96.99 20.89 -16.57
N LYS D 789 -88.43 31.53 -14.45
CA LYS D 789 -89.14 30.33 -14.86
C LYS D 789 -89.56 29.49 -13.65
N ARG D 790 -89.67 28.18 -13.87
CA ARG D 790 -90.04 27.25 -12.81
C ARG D 790 -89.11 26.04 -12.89
N ILE D 791 -88.94 25.38 -11.75
CA ILE D 791 -88.08 24.20 -11.71
C ILE D 791 -88.66 23.11 -12.60
N THR D 792 -87.79 22.50 -13.41
CA THR D 792 -88.22 21.46 -14.32
C THR D 792 -88.41 20.13 -13.59
N ALA D 793 -89.04 19.19 -14.28
CA ALA D 793 -89.28 17.84 -13.75
C ALA D 793 -88.70 16.87 -14.78
N THR D 794 -87.48 16.42 -14.60
CA THR D 794 -86.83 15.49 -15.56
C THR D 794 -87.23 14.03 -15.34
N THR D 795 -86.67 13.11 -16.11
CA THR D 795 -86.94 11.66 -15.98
C THR D 795 -86.35 11.15 -14.68
N ARG D 796 -85.36 11.85 -14.14
CA ARG D 796 -84.71 11.48 -12.87
C ARG D 796 -85.68 11.58 -11.71
N GLN D 797 -86.68 12.46 -11.79
CA GLN D 797 -87.72 12.59 -10.74
C GLN D 797 -88.53 11.30 -10.64
N LEU D 798 -88.79 10.61 -11.73
CA LEU D 798 -89.48 9.31 -11.63
C LEU D 798 -88.60 8.33 -10.87
N GLU D 799 -87.28 8.39 -11.09
CA GLU D 799 -86.34 7.45 -10.43
C GLU D 799 -86.14 7.82 -8.96
N SER D 800 -86.47 9.03 -8.56
CA SER D 800 -86.37 9.49 -7.16
C SER D 800 -87.65 9.03 -6.50
N MET D 801 -88.77 9.09 -7.19
CA MET D 801 -90.03 8.54 -6.69
C MET D 801 -89.85 7.07 -6.32
N ILE D 802 -89.51 6.25 -7.31
CA ILE D 802 -89.35 4.82 -7.09
C ILE D 802 -88.50 4.56 -5.85
N ARG D 803 -87.25 5.04 -5.86
CA ARG D 803 -86.38 4.71 -4.74
C ARG D 803 -86.92 5.28 -3.44
N LEU D 804 -87.46 6.50 -3.47
CA LEU D 804 -88.07 7.05 -2.27
C LEU D 804 -89.19 6.14 -1.79
N ALA D 805 -90.07 5.74 -2.70
CA ALA D 805 -91.12 4.79 -2.34
C ALA D 805 -90.51 3.53 -1.75
N GLU D 806 -89.49 2.98 -2.42
CA GLU D 806 -88.81 1.80 -1.88
C GLU D 806 -88.30 2.06 -0.48
N ALA D 807 -87.68 3.22 -0.27
CA ALA D 807 -87.22 3.57 1.07
C ALA D 807 -88.36 3.49 2.07
N HIS D 808 -89.51 4.09 1.73
CA HIS D 808 -90.66 4.00 2.61
C HIS D 808 -91.08 2.55 2.81
N ALA D 809 -91.12 1.78 1.71
CA ALA D 809 -91.48 0.36 1.84
C ALA D 809 -90.44 -0.38 2.67
N LYS D 810 -89.19 0.08 2.64
CA LYS D 810 -88.17 -0.56 3.46
C LYS D 810 -88.29 -0.14 4.92
N MET D 811 -88.86 1.05 5.17
CA MET D 811 -88.99 1.53 6.54
C MET D 811 -89.97 0.68 7.33
N LYS D 812 -91.11 0.35 6.72
CA LYS D 812 -92.16 -0.42 7.38
C LYS D 812 -91.90 -1.92 7.33
N LEU D 813 -90.68 -2.33 6.96
CA LEU D 813 -90.29 -3.74 6.82
C LEU D 813 -91.15 -4.47 5.81
N LYS D 814 -91.72 -3.75 4.85
CA LYS D 814 -92.54 -4.34 3.81
C LYS D 814 -91.66 -4.74 2.63
N ASN D 815 -91.88 -5.96 2.13
CA ASN D 815 -91.11 -6.47 1.00
C ASN D 815 -91.72 -6.07 -0.34
N VAL D 816 -92.85 -5.37 -0.34
CA VAL D 816 -93.50 -4.90 -1.55
C VAL D 816 -93.86 -3.44 -1.38
N VAL D 817 -94.06 -2.77 -2.51
CA VAL D 817 -94.38 -1.35 -2.54
C VAL D 817 -95.81 -1.22 -3.03
N GLU D 818 -96.68 -0.65 -2.21
CA GLU D 818 -98.05 -0.37 -2.61
C GLU D 818 -98.13 1.07 -3.11
N LEU D 819 -99.36 1.53 -3.38
CA LEU D 819 -99.55 2.90 -3.82
C LEU D 819 -99.45 3.91 -2.67
N GLU D 820 -99.60 3.47 -1.41
CA GLU D 820 -99.40 4.38 -0.28
C GLU D 820 -97.96 4.87 -0.20
N ASP D 821 -97.00 3.97 -0.42
CA ASP D 821 -95.59 4.38 -0.39
C ASP D 821 -95.29 5.37 -1.51
N VAL D 822 -95.83 5.14 -2.71
CA VAL D 822 -95.61 6.07 -3.82
C VAL D 822 -96.27 7.41 -3.51
N GLN D 823 -97.46 7.39 -2.93
CA GLN D 823 -98.12 8.64 -2.55
C GLN D 823 -97.30 9.40 -1.51
N GLU D 824 -96.74 8.69 -0.53
CA GLU D 824 -95.89 9.33 0.46
C GLU D 824 -94.64 9.92 -0.18
N ALA D 825 -94.03 9.21 -1.12
CA ALA D 825 -92.86 9.74 -1.82
C ALA D 825 -93.21 11.00 -2.60
N VAL D 826 -94.33 10.99 -3.31
CA VAL D 826 -94.77 12.17 -4.07
C VAL D 826 -95.05 13.33 -3.13
N ARG D 827 -95.71 13.06 -2.01
CA ARG D 827 -96.00 14.11 -1.04
C ARG D 827 -94.74 14.70 -0.46
N LEU D 828 -93.75 13.85 -0.15
CA LEU D 828 -92.48 14.35 0.37
C LEU D 828 -91.75 15.19 -0.67
N ILE D 829 -91.75 14.76 -1.93
CA ILE D 829 -91.11 15.53 -2.99
C ILE D 829 -91.77 16.89 -3.13
N ARG D 830 -93.11 16.92 -3.13
CA ARG D 830 -93.81 18.19 -3.28
C ARG D 830 -93.60 19.11 -2.09
N SER D 831 -93.65 18.56 -0.87
CA SER D 831 -93.53 19.39 0.32
C SER D 831 -92.10 19.88 0.54
N ALA D 832 -91.11 19.11 0.08
CA ALA D 832 -89.72 19.55 0.23
C ALA D 832 -89.46 20.84 -0.52
N ILE D 833 -89.96 20.95 -1.75
CA ILE D 833 -89.79 22.16 -2.56
C ILE D 833 -90.87 23.19 -2.29
N LYS D 834 -91.84 22.87 -1.43
CA LYS D 834 -92.95 23.78 -1.09
C LYS D 834 -93.76 24.15 -2.33
N ASP D 835 -94.32 23.12 -2.97
CA ASP D 835 -95.22 23.36 -4.09
C ASP D 835 -96.58 23.87 -3.63
N TYR D 836 -96.92 23.64 -2.36
CA TYR D 836 -98.21 24.12 -1.85
C TYR D 836 -98.23 25.64 -1.71
N ALA D 837 -97.06 26.27 -1.71
CA ALA D 837 -96.96 27.72 -1.64
C ALA D 837 -96.35 28.33 -2.89
N THR D 838 -96.14 27.52 -3.94
CA THR D 838 -95.53 27.98 -5.18
C THR D 838 -96.60 28.12 -6.24
N ASP D 839 -96.66 29.29 -6.87
CA ASP D 839 -97.59 29.49 -7.97
C ASP D 839 -97.15 28.64 -9.16
N PRO D 840 -98.06 27.88 -9.78
CA PRO D 840 -97.66 27.07 -10.94
C PRO D 840 -97.08 27.88 -12.08
N LYS D 841 -97.60 29.10 -12.31
CA LYS D 841 -97.12 29.90 -13.43
C LYS D 841 -95.74 30.49 -13.15
N THR D 842 -95.54 31.03 -11.95
CA THR D 842 -94.27 31.65 -11.57
C THR D 842 -93.82 31.11 -10.22
N GLY D 843 -92.52 30.85 -10.10
CA GLY D 843 -92.01 30.16 -8.93
C GLY D 843 -91.85 30.98 -7.68
N LYS D 844 -92.83 31.83 -7.38
CA LYS D 844 -92.82 32.62 -6.15
C LYS D 844 -93.33 31.78 -4.99
N ILE D 845 -92.68 31.92 -3.84
CA ILE D 845 -93.17 31.31 -2.62
C ILE D 845 -94.06 32.30 -1.90
N ASP D 846 -95.33 31.95 -1.72
CA ASP D 846 -96.26 32.78 -0.96
C ASP D 846 -95.88 32.68 0.51
N MET D 847 -95.31 33.75 1.05
CA MET D 847 -94.83 33.73 2.43
C MET D 847 -95.96 33.46 3.41
N ASN D 848 -97.17 33.91 3.09
CA ASN D 848 -98.32 33.66 3.96
C ASN D 848 -98.80 32.23 3.89
N LEU D 849 -98.45 31.50 2.82
CA LEU D 849 -98.88 30.11 2.66
C LEU D 849 -97.90 29.12 3.26
N VAL D 850 -96.80 29.58 3.85
CA VAL D 850 -95.81 28.67 4.43
C VAL D 850 -96.42 28.01 5.66
N GLN D 851 -96.06 26.74 5.88
CA GLN D 851 -96.67 25.93 6.91
C GLN D 851 -95.64 25.49 7.95
N THR D 852 -94.85 26.45 8.43
CA THR D 852 -93.83 26.18 9.45
C THR D 852 -94.38 25.32 10.59
N GLY D 853 -95.41 25.80 11.27
CA GLY D 853 -96.04 25.05 12.35
C GLY D 853 -95.13 24.73 13.51
N SER E 2 28.02 15.91 7.24
CA SER E 2 27.26 17.15 7.33
C SER E 2 27.65 18.09 6.18
N PHE E 3 27.56 17.59 4.95
CA PHE E 3 27.97 18.35 3.78
C PHE E 3 26.77 18.82 2.98
N ASP E 4 27.04 19.63 1.96
CA ASP E 4 26.01 20.29 1.17
C ASP E 4 25.59 19.42 -0.01
N ARG E 5 24.81 19.99 -0.91
CA ARG E 5 24.33 19.29 -2.10
C ARG E 5 25.32 19.45 -3.23
N PRO E 6 25.86 18.37 -3.79
CA PRO E 6 26.74 18.50 -4.95
C PRO E 6 25.98 19.01 -6.16
N GLU E 7 26.62 19.91 -6.91
CA GLU E 7 26.00 20.55 -8.06
C GLU E 7 26.36 19.81 -9.35
N ILE E 8 25.49 19.96 -10.35
CA ILE E 8 25.69 19.40 -11.68
C ILE E 8 25.51 20.52 -12.69
N TYR E 9 26.47 20.66 -13.60
CA TYR E 9 26.46 21.74 -14.58
C TYR E 9 27.16 21.27 -15.84
N SER E 10 26.87 21.97 -16.95
CA SER E 10 27.38 21.59 -18.25
C SER E 10 27.83 22.84 -19.02
N ALA E 11 28.59 22.59 -20.09
CA ALA E 11 29.10 23.67 -20.94
C ALA E 11 29.36 23.12 -22.35
N PRO E 12 29.01 23.87 -23.39
CA PRO E 12 29.22 23.37 -24.75
C PRO E 12 30.68 23.47 -25.15
N VAL E 13 31.23 22.36 -25.64
CA VAL E 13 32.62 22.28 -26.07
C VAL E 13 32.73 21.95 -27.56
N LEU E 14 31.88 21.08 -28.07
CA LEU E 14 32.02 20.54 -29.42
C LEU E 14 30.67 20.52 -30.11
N GLN E 15 30.71 20.44 -31.44
CA GLN E 15 29.53 20.04 -32.20
C GLN E 15 29.19 18.60 -31.88
N GLY E 16 27.94 18.37 -31.46
CA GLY E 16 27.44 17.03 -31.25
C GLY E 16 26.93 16.43 -32.54
N GLU E 17 25.93 15.57 -32.43
CA GLU E 17 25.32 14.98 -33.60
C GLU E 17 24.49 15.99 -34.40
N SER E 18 24.38 15.72 -35.70
CA SER E 18 23.71 16.67 -36.61
C SER E 18 22.38 17.17 -36.06
N PRO E 19 22.12 18.48 -36.08
CA PRO E 19 20.90 18.97 -35.50
C PRO E 19 19.92 18.22 -36.38
N ASN E 20 18.93 17.55 -35.77
CA ASN E 20 17.84 16.88 -36.54
C ASN E 20 16.67 17.86 -36.55
N ASP E 21 15.87 17.91 -37.61
CA ASP E 21 14.78 18.91 -37.75
C ASP E 21 13.69 18.76 -36.68
N ASP E 22 13.39 17.55 -36.25
CA ASP E 22 12.30 17.30 -35.28
C ASP E 22 12.72 17.59 -33.85
N ASP E 23 13.99 17.80 -33.56
CA ASP E 23 14.46 17.94 -32.17
C ASP E 23 13.78 19.15 -31.52
N ASN E 24 13.33 19.00 -30.28
CA ASN E 24 12.59 20.08 -29.62
C ASN E 24 13.43 21.34 -29.70
N THR E 25 14.76 21.25 -29.58
CA THR E 25 15.64 22.45 -29.58
C THR E 25 15.72 23.05 -30.98
N GLU E 26 15.65 22.25 -32.04
CA GLU E 26 15.55 22.81 -33.40
C GLU E 26 14.21 23.50 -33.61
N ILE E 27 13.12 22.89 -33.11
CA ILE E 27 11.80 23.49 -33.23
C ILE E 27 11.74 24.82 -32.48
N ILE E 28 12.31 24.86 -31.28
CA ILE E 28 12.36 26.09 -30.51
C ILE E 28 13.17 27.16 -31.24
N LYS E 29 14.29 26.76 -31.84
CA LYS E 29 15.11 27.70 -32.59
C LYS E 29 14.34 28.26 -33.78
N SER E 30 13.60 27.41 -34.49
CA SER E 30 12.86 27.87 -35.67
C SER E 30 11.70 28.79 -35.27
N PHE E 31 10.99 28.47 -34.18
CA PHE E 31 10.00 29.40 -33.64
C PHE E 31 10.62 30.72 -33.22
N LYS E 32 11.78 30.69 -32.59
CA LYS E 32 12.44 31.93 -32.20
C LYS E 32 12.82 32.76 -33.41
N ASN E 33 13.32 32.10 -34.46
CA ASN E 33 13.65 32.80 -35.70
C ASN E 33 12.39 33.35 -36.37
N PHE E 34 11.29 32.61 -36.31
CA PHE E 34 10.02 33.11 -36.85
C PHE E 34 9.57 34.35 -36.10
N ILE E 35 9.69 34.34 -34.77
CA ILE E 35 9.28 35.49 -33.98
C ILE E 35 10.15 36.70 -34.29
N LEU E 36 11.47 36.50 -34.37
CA LEU E 36 12.38 37.62 -34.52
C LEU E 36 12.50 38.14 -35.94
N GLU E 37 12.26 37.28 -36.95
CA GLU E 37 12.62 37.61 -38.33
C GLU E 37 11.42 37.79 -39.24
N PHE E 38 10.21 37.43 -38.81
CA PHE E 38 9.06 37.56 -39.69
C PHE E 38 8.76 39.02 -39.97
N ARG E 39 8.48 39.33 -41.24
CA ARG E 39 8.20 40.69 -41.67
C ARG E 39 6.87 40.72 -42.41
N LEU E 40 6.01 41.66 -42.01
CA LEU E 40 4.74 41.92 -42.70
C LEU E 40 4.71 43.40 -43.05
N ASP E 41 4.74 43.71 -44.35
CA ASP E 41 4.83 45.08 -44.84
C ASP E 41 6.03 45.81 -44.25
N SER E 42 7.18 45.14 -44.29
CA SER E 42 8.45 45.67 -43.78
C SER E 42 8.38 46.01 -42.30
N GLN E 43 7.59 45.24 -41.54
CA GLN E 43 7.46 45.42 -40.11
C GLN E 43 7.64 44.09 -39.39
N PHE E 44 8.50 44.08 -38.37
CA PHE E 44 8.61 42.94 -37.47
C PHE E 44 7.40 42.97 -36.55
N ILE E 45 6.28 42.48 -37.07
CA ILE E 45 5.01 42.61 -36.35
C ILE E 45 5.04 41.84 -35.04
N TYR E 46 5.59 40.62 -35.05
CA TYR E 46 5.58 39.81 -33.83
C TYR E 46 6.60 40.28 -32.81
N ARG E 47 7.77 40.75 -33.26
CA ARG E 47 8.75 41.30 -32.33
C ARG E 47 8.20 42.54 -31.64
N ASP E 48 7.63 43.47 -32.43
CA ASP E 48 7.05 44.68 -31.86
C ASP E 48 5.87 44.35 -30.95
N GLN E 49 5.03 43.40 -31.35
CA GLN E 49 3.90 43.00 -30.52
C GLN E 49 4.37 42.41 -29.20
N LEU E 50 5.40 41.56 -29.23
CA LEU E 50 5.93 40.99 -27.99
C LEU E 50 6.50 42.07 -27.09
N ARG E 51 7.24 43.03 -27.66
CA ARG E 51 7.79 44.11 -26.86
C ARG E 51 6.68 44.94 -26.21
N ASN E 52 5.67 45.32 -27.00
CA ASN E 52 4.57 46.11 -26.47
C ASN E 52 3.80 45.35 -25.41
N ASN E 53 3.61 44.04 -25.61
CA ASN E 53 2.95 43.21 -24.60
C ASN E 53 3.76 43.16 -23.32
N ILE E 54 5.09 43.11 -23.44
CA ILE E 54 5.95 43.13 -22.25
C ILE E 54 5.79 44.45 -21.51
N LEU E 55 5.74 45.57 -22.23
CA LEU E 55 5.60 46.87 -21.56
C LEU E 55 4.28 46.98 -20.82
N VAL E 56 3.21 46.39 -21.37
CA VAL E 56 1.89 46.52 -20.76
C VAL E 56 1.64 45.33 -19.84
N LYS E 57 2.69 44.58 -19.53
CA LYS E 57 2.62 43.42 -18.63
C LYS E 57 1.61 42.40 -19.13
N ASN E 58 1.53 42.23 -20.45
CA ASN E 58 0.67 41.23 -21.08
C ASN E 58 1.58 40.11 -21.56
N TYR E 59 1.75 39.09 -20.71
CA TYR E 59 2.69 38.01 -20.98
C TYR E 59 2.05 36.98 -21.91
N SER E 60 1.84 37.40 -23.14
CA SER E 60 1.27 36.54 -24.18
C SER E 60 1.64 37.11 -25.54
N LEU E 61 1.52 36.26 -26.56
CA LEU E 61 1.78 36.65 -27.94
C LEU E 61 0.66 36.12 -28.82
N THR E 62 0.14 36.98 -29.70
CA THR E 62 -0.92 36.61 -30.62
C THR E 62 -0.33 36.40 -32.00
N VAL E 63 -0.52 35.20 -32.56
CA VAL E 63 0.13 34.77 -33.79
C VAL E 63 -0.93 34.28 -34.77
N ASN E 64 -0.84 34.74 -36.01
CA ASN E 64 -1.68 34.23 -37.10
C ASN E 64 -0.98 33.04 -37.73
N MET E 65 -1.69 31.91 -37.80
CA MET E 65 -1.06 30.68 -38.28
C MET E 65 -0.78 30.73 -39.78
N GLU E 66 -1.49 31.57 -40.54
CA GLU E 66 -1.16 31.74 -41.94
C GLU E 66 0.21 32.39 -42.11
N HIS E 67 0.57 33.30 -41.20
CA HIS E 67 1.93 33.82 -41.19
C HIS E 67 2.95 32.73 -40.93
N LEU E 68 2.58 31.73 -40.12
CA LEU E 68 3.47 30.58 -39.90
C LEU E 68 3.56 29.70 -41.14
N ILE E 69 2.45 29.59 -41.89
CA ILE E 69 2.49 28.87 -43.17
C ILE E 69 3.45 29.56 -44.12
N GLY E 70 3.37 30.89 -44.19
CA GLY E 70 4.23 31.66 -45.08
C GLY E 70 5.70 31.62 -44.71
N TYR E 71 6.04 31.16 -43.50
CA TYR E 71 7.43 31.13 -43.06
C TYR E 71 8.02 29.74 -43.16
N ASN E 72 7.40 28.75 -42.51
CA ASN E 72 7.89 27.38 -42.49
C ASN E 72 6.70 26.44 -42.50
N GLU E 73 6.52 25.69 -43.60
CA GLU E 73 5.35 24.84 -43.75
C GLU E 73 5.45 23.55 -42.94
N ASP E 74 6.65 22.97 -42.85
CA ASP E 74 6.79 21.69 -42.14
C ASP E 74 6.43 21.82 -40.67
N ILE E 75 6.88 22.89 -40.02
CA ILE E 75 6.64 22.97 -38.59
C ILE E 75 5.27 23.55 -38.32
N TYR E 76 4.67 24.23 -39.30
CA TYR E 76 3.23 24.46 -39.25
C TYR E 76 2.46 23.16 -39.27
N LYS E 77 2.90 22.21 -40.11
CA LYS E 77 2.30 20.87 -40.08
C LYS E 77 2.43 20.24 -38.70
N LYS E 78 3.62 20.37 -38.11
CA LYS E 78 3.84 19.83 -36.77
C LYS E 78 2.91 20.47 -35.74
N LEU E 79 2.75 21.80 -35.79
CA LEU E 79 1.88 22.49 -34.85
C LEU E 79 0.43 22.11 -35.04
N SER E 80 -0.03 21.99 -36.29
CA SER E 80 -1.43 21.72 -36.57
C SER E 80 -1.79 20.25 -36.42
N ASP E 81 -0.81 19.35 -36.39
CA ASP E 81 -1.07 17.93 -36.23
C ASP E 81 -0.77 17.39 -34.84
N GLU E 82 0.19 17.98 -34.14
CA GLU E 82 0.49 17.62 -32.75
C GLU E 82 0.57 18.89 -31.91
N PRO E 83 -0.56 19.59 -31.73
CA PRO E 83 -0.50 20.86 -31.00
C PRO E 83 -0.07 20.71 -29.55
N SER E 84 -0.45 19.62 -28.89
CA SER E 84 -0.12 19.44 -27.48
C SER E 84 1.37 19.30 -27.24
N ASP E 85 2.14 18.89 -28.26
CA ASP E 85 3.58 18.72 -28.11
C ASP E 85 4.38 19.88 -28.69
N ILE E 86 3.77 20.71 -29.54
CA ILE E 86 4.50 21.76 -30.25
C ILE E 86 4.20 23.12 -29.62
N ILE E 87 3.00 23.29 -29.09
CA ILE E 87 2.63 24.57 -28.46
C ILE E 87 3.55 24.91 -27.30
N PRO E 88 3.89 24.00 -26.38
CA PRO E 88 4.86 24.35 -25.34
C PRO E 88 6.21 24.80 -25.89
N LEU E 89 6.65 24.24 -27.02
CA LEU E 89 7.91 24.69 -27.62
C LEU E 89 7.80 26.13 -28.11
N PHE E 90 6.66 26.48 -28.73
CA PHE E 90 6.45 27.86 -29.13
C PHE E 90 6.41 28.79 -27.93
N GLU E 91 5.77 28.35 -26.85
CA GLU E 91 5.74 29.16 -25.63
C GLU E 91 7.13 29.34 -25.04
N THR E 92 7.96 28.31 -25.10
CA THR E 92 9.34 28.43 -24.64
C THR E 92 10.11 29.43 -25.49
N ALA E 93 9.93 29.38 -26.81
CA ALA E 93 10.58 30.36 -27.68
C ALA E 93 10.13 31.77 -27.36
N ILE E 94 8.82 31.97 -27.16
CA ILE E 94 8.32 33.28 -26.79
C ILE E 94 8.93 33.73 -25.46
N THR E 95 9.03 32.81 -24.50
CA THR E 95 9.58 33.16 -23.20
C THR E 95 11.03 33.60 -23.31
N GLN E 96 11.83 32.89 -24.13
CA GLN E 96 13.22 33.27 -24.30
C GLN E 96 13.35 34.64 -24.95
N VAL E 97 12.62 34.85 -26.05
CA VAL E 97 12.67 36.14 -26.74
C VAL E 97 12.18 37.26 -25.82
N ALA E 98 11.16 36.97 -25.01
CA ALA E 98 10.59 37.96 -24.12
C ALA E 98 11.57 38.31 -22.99
N LYS E 99 12.29 37.30 -22.47
CA LYS E 99 13.31 37.60 -21.48
C LYS E 99 14.38 38.49 -22.06
N ARG E 100 14.86 38.18 -23.28
CA ARG E 100 15.86 39.03 -23.91
C ARG E 100 15.34 40.45 -24.09
N ILE E 101 14.12 40.59 -24.62
CA ILE E 101 13.57 41.91 -24.89
C ILE E 101 13.37 42.70 -23.60
N SER E 102 12.82 42.05 -22.58
CA SER E 102 12.53 42.74 -21.32
C SER E 102 13.81 43.21 -20.65
N ILE E 103 14.84 42.35 -20.60
CA ILE E 103 16.08 42.76 -19.95
C ILE E 103 16.78 43.84 -20.76
N LEU E 104 16.74 43.76 -22.10
CA LEU E 104 17.37 44.79 -22.91
C LEU E 104 16.60 46.10 -22.88
N SER E 105 15.30 46.07 -22.57
CA SER E 105 14.50 47.28 -22.56
C SER E 105 14.34 47.91 -21.19
N ARG E 106 14.62 47.18 -20.10
CA ARG E 106 14.50 47.75 -18.77
C ARG E 106 15.49 48.91 -18.57
N ALA E 107 16.63 48.87 -19.26
CA ALA E 107 17.63 49.92 -19.17
C ALA E 107 17.40 50.98 -20.25
N GLN E 108 16.24 51.63 -20.16
CA GLN E 108 15.83 52.67 -21.10
C GLN E 108 15.83 52.16 -22.54
N SER E 131 10.45 37.49 -11.71
CA SER E 131 10.71 37.44 -13.15
C SER E 131 9.42 37.14 -13.92
N LEU E 132 9.47 37.38 -15.23
CA LEU E 132 8.30 37.12 -16.06
C LEU E 132 8.05 35.62 -16.16
N PRO E 133 6.79 35.20 -16.18
CA PRO E 133 6.48 33.76 -16.26
C PRO E 133 6.52 33.23 -17.69
N THR E 134 6.16 31.97 -17.86
CA THR E 134 6.07 31.40 -19.20
C THR E 134 4.96 32.08 -19.98
N PHE E 135 5.29 32.52 -21.20
CA PHE E 135 4.34 33.26 -22.02
C PHE E 135 3.30 32.33 -22.64
N GLN E 136 2.11 32.86 -22.86
CA GLN E 136 1.00 32.12 -23.45
C GLN E 136 0.92 32.40 -24.94
N LEU E 137 0.74 31.34 -25.73
CA LEU E 137 0.58 31.46 -27.17
C LEU E 137 -0.90 31.53 -27.50
N ILE E 138 -1.36 32.72 -27.90
CA ILE E 138 -2.74 32.89 -28.33
C ILE E 138 -2.77 32.95 -29.85
N LEU E 139 -2.97 31.80 -30.48
CA LEU E 139 -2.90 31.70 -31.94
C LEU E 139 -4.29 31.74 -32.54
N ASN E 140 -4.47 32.58 -33.56
CA ASN E 140 -5.72 32.71 -34.29
C ASN E 140 -5.46 32.48 -35.78
N SER E 141 -6.54 32.26 -36.52
CA SER E 141 -6.44 32.01 -37.95
C SER E 141 -7.75 32.38 -38.62
N ASN E 142 -7.69 32.55 -39.94
CA ASN E 142 -8.86 32.83 -40.76
C ASN E 142 -9.12 31.71 -41.77
N ALA E 143 -8.57 30.52 -41.52
CA ALA E 143 -8.74 29.40 -42.43
C ALA E 143 -10.17 28.86 -42.37
N ASN E 144 -10.42 27.82 -43.16
CA ASN E 144 -11.76 27.23 -43.22
C ASN E 144 -12.13 26.63 -41.86
N GLN E 145 -13.38 26.83 -41.47
CA GLN E 145 -13.87 26.43 -40.16
C GLN E 145 -14.69 25.15 -40.26
N ILE E 146 -14.44 24.23 -39.35
CA ILE E 146 -15.22 22.98 -39.30
C ILE E 146 -16.52 23.23 -38.55
N PRO E 147 -17.67 22.90 -39.13
CA PRO E 147 -18.93 23.03 -38.38
C PRO E 147 -18.93 22.11 -37.17
N LEU E 148 -19.63 22.55 -36.12
CA LEU E 148 -19.63 21.80 -34.87
C LEU E 148 -20.21 20.40 -35.04
N ARG E 149 -21.13 20.23 -35.98
CA ARG E 149 -21.70 18.92 -36.26
C ARG E 149 -20.81 18.06 -37.16
N ASP E 150 -19.72 18.61 -37.70
CA ASP E 150 -18.85 17.90 -38.63
C ASP E 150 -17.55 17.46 -37.96
N LEU E 151 -17.50 17.41 -36.64
CA LEU E 151 -16.31 17.00 -35.91
C LEU E 151 -16.35 15.49 -35.69
N ASP E 152 -15.54 14.76 -36.45
CA ASP E 152 -15.43 13.32 -36.29
C ASP E 152 -14.29 13.00 -35.32
N SER E 153 -13.92 11.72 -35.24
CA SER E 153 -12.84 11.29 -34.36
C SER E 153 -11.46 11.49 -34.97
N GLU E 154 -11.37 11.91 -36.23
CA GLU E 154 -10.10 12.20 -36.86
C GLU E 154 -9.55 13.57 -36.46
N HIS E 155 -10.37 14.42 -35.84
CA HIS E 155 -9.93 15.72 -35.36
C HIS E 155 -9.40 15.68 -33.94
N VAL E 156 -9.42 14.52 -33.29
CA VAL E 156 -8.99 14.43 -31.90
C VAL E 156 -7.51 14.77 -31.78
N SER E 157 -7.18 15.56 -30.75
CA SER E 157 -5.81 16.00 -30.49
C SER E 157 -5.22 16.75 -31.67
N LYS E 158 -6.05 17.54 -32.36
CA LYS E 158 -5.61 18.34 -33.49
C LYS E 158 -6.24 19.72 -33.41
N ILE E 159 -5.61 20.67 -34.09
CA ILE E 159 -6.08 22.05 -34.11
C ILE E 159 -7.26 22.14 -35.07
N VAL E 160 -8.39 22.62 -34.56
CA VAL E 160 -9.61 22.81 -35.34
C VAL E 160 -10.12 24.22 -35.14
N ARG E 161 -10.62 24.81 -36.21
CA ARG E 161 -11.32 26.09 -36.17
C ARG E 161 -12.81 25.83 -36.32
N LEU E 162 -13.60 26.31 -35.37
CA LEU E 162 -15.04 26.04 -35.38
C LEU E 162 -15.80 27.26 -34.89
N SER E 163 -16.86 27.61 -35.60
CA SER E 163 -17.68 28.77 -35.27
C SER E 163 -18.87 28.35 -34.42
N GLY E 164 -19.42 29.33 -33.70
CA GLY E 164 -20.59 29.06 -32.87
C GLY E 164 -20.95 30.27 -32.04
N ILE E 165 -21.77 30.03 -31.02
CA ILE E 165 -22.24 31.06 -30.10
C ILE E 165 -21.98 30.58 -28.68
N ILE E 166 -21.46 31.47 -27.84
CA ILE E 166 -21.20 31.15 -26.44
C ILE E 166 -22.52 31.24 -25.68
N ILE E 167 -22.87 30.18 -24.95
CA ILE E 167 -24.08 30.17 -24.15
C ILE E 167 -23.81 30.08 -22.67
N SER E 168 -22.55 29.92 -22.26
CA SER E 168 -22.22 29.85 -20.84
C SER E 168 -20.76 30.23 -20.66
N THR E 169 -20.48 30.99 -19.59
CA THR E 169 -19.12 31.31 -19.18
C THR E 169 -19.03 31.10 -17.68
N SER E 170 -18.33 30.05 -17.27
CA SER E 170 -18.25 29.72 -15.85
C SER E 170 -17.40 30.74 -15.10
N VAL E 171 -17.45 30.64 -13.76
CA VAL E 171 -16.61 31.49 -12.93
C VAL E 171 -15.15 31.06 -13.08
N LEU E 172 -14.26 32.04 -12.95
CA LEU E 172 -12.83 31.76 -13.03
C LEU E 172 -12.41 30.86 -11.87
N SER E 173 -11.61 29.85 -12.18
CA SER E 173 -11.08 28.93 -11.19
C SER E 173 -9.57 29.02 -11.17
N SER E 174 -8.98 28.83 -9.99
CA SER E 174 -7.55 28.98 -9.80
C SER E 174 -6.83 27.67 -10.09
N ARG E 175 -5.85 27.73 -10.97
CA ARG E 175 -5.02 26.58 -11.33
C ARG E 175 -3.57 26.86 -10.97
N ALA E 176 -2.93 25.92 -10.29
CA ALA E 176 -1.56 26.11 -9.84
C ALA E 176 -0.61 26.04 -11.02
N THR E 177 0.11 27.13 -11.26
CA THR E 177 1.16 27.15 -12.28
C THR E 177 2.55 26.98 -11.70
N TYR E 178 2.70 27.23 -10.39
CA TYR E 178 3.94 26.97 -9.68
C TYR E 178 3.58 26.88 -8.20
N LEU E 179 3.75 25.72 -7.59
CA LEU E 179 3.38 25.52 -6.20
C LEU E 179 4.54 24.92 -5.42
N SER E 180 4.83 25.54 -4.28
CA SER E 180 5.81 24.99 -3.35
C SER E 180 5.16 23.92 -2.48
N ILE E 181 5.89 22.82 -2.25
CA ILE E 181 5.39 21.71 -1.46
C ILE E 181 6.43 21.36 -0.41
N MET E 182 5.94 20.80 0.69
CA MET E 182 6.81 20.38 1.80
C MET E 182 6.27 19.08 2.38
N CYS E 183 7.18 18.17 2.69
CA CYS E 183 6.79 16.89 3.26
C CYS E 183 6.26 17.06 4.68
N ARG E 184 5.29 16.24 5.06
CA ARG E 184 4.73 16.33 6.40
C ARG E 184 5.70 15.78 7.45
N ASN E 185 6.08 14.51 7.32
CA ASN E 185 7.03 13.93 8.27
C ASN E 185 8.47 14.19 7.83
N CYS E 186 8.72 15.45 7.48
CA CYS E 186 10.01 15.99 7.08
C CYS E 186 9.85 17.51 7.01
N ARG E 187 10.84 18.18 6.46
CA ARG E 187 10.74 19.58 6.05
C ARG E 187 11.38 19.76 4.69
N HIS E 188 11.25 18.75 3.83
CA HIS E 188 11.86 18.74 2.50
C HIS E 188 11.07 19.66 1.58
N THR E 189 11.68 20.79 1.20
CA THR E 189 11.04 21.76 0.33
C THR E 189 11.29 21.41 -1.13
N THR E 190 10.22 21.41 -1.92
CA THR E 190 10.31 21.15 -3.35
C THR E 190 9.35 22.11 -4.05
N SER E 191 9.51 22.26 -5.35
CA SER E 191 8.62 23.10 -6.14
C SER E 191 8.16 22.34 -7.37
N ILE E 192 6.86 22.41 -7.67
CA ILE E 192 6.29 21.81 -8.86
C ILE E 192 5.84 22.94 -9.78
N THR E 193 6.35 22.94 -11.00
CA THR E 193 6.10 24.01 -11.97
C THR E 193 5.14 23.47 -13.04
N ILE E 194 4.04 24.20 -13.26
CA ILE E 194 3.11 23.88 -14.32
C ILE E 194 3.08 25.04 -15.31
N ASN E 195 3.91 24.94 -16.36
CA ASN E 195 3.93 25.94 -17.41
C ASN E 195 3.14 25.51 -18.63
N ASN E 196 2.90 24.22 -18.80
CA ASN E 196 2.10 23.67 -19.89
C ASN E 196 0.90 22.94 -19.31
N PHE E 197 0.18 22.22 -20.19
CA PHE E 197 -0.94 21.35 -19.84
C PHE E 197 -1.88 21.97 -18.80
N ASN E 198 -2.12 23.27 -18.89
CA ASN E 198 -3.09 23.93 -18.03
C ASN E 198 -4.53 23.76 -18.52
N SER E 199 -4.72 23.33 -19.76
CA SER E 199 -6.04 23.17 -20.36
C SER E 199 -6.37 21.68 -20.41
N ILE E 200 -7.01 21.20 -19.34
CA ILE E 200 -7.47 19.82 -19.27
C ILE E 200 -8.50 19.73 -18.15
N THR E 201 -9.57 18.97 -18.40
CA THR E 201 -10.63 18.83 -17.41
C THR E 201 -10.10 18.24 -16.10
N GLY E 202 -9.27 17.21 -16.20
CA GLY E 202 -8.59 16.66 -15.04
C GLY E 202 -7.33 17.42 -14.71
N ASN E 203 -6.53 16.83 -13.83
CA ASN E 203 -5.23 17.37 -13.46
C ASN E 203 -4.17 16.31 -13.75
N THR E 204 -3.40 16.51 -14.82
CA THR E 204 -2.44 15.50 -15.25
C THR E 204 -1.26 15.40 -14.30
N VAL E 205 -0.85 16.52 -13.72
CA VAL E 205 0.28 16.55 -12.79
C VAL E 205 -0.26 16.79 -11.39
N SER E 206 -0.01 15.82 -10.51
CA SER E 206 -0.44 15.89 -9.12
C SER E 206 0.79 15.95 -8.21
N LEU E 207 0.54 16.00 -6.90
CA LEU E 207 1.64 16.02 -5.94
C LEU E 207 2.31 14.65 -5.88
N PRO E 208 3.60 14.61 -5.58
CA PRO E 208 4.31 13.32 -5.54
C PRO E 208 3.74 12.40 -4.48
N ARG E 209 3.78 11.09 -4.77
CA ARG E 209 3.32 10.08 -3.85
C ARG E 209 4.42 9.58 -2.92
N SER E 210 5.63 10.13 -3.04
CA SER E 210 6.75 9.79 -2.18
C SER E 210 7.45 11.08 -1.74
N CYS E 211 8.27 10.96 -0.70
CA CYS E 211 8.92 12.13 -0.13
C CYS E 211 9.91 12.79 -1.09
N LEU E 212 10.43 12.03 -2.07
CA LEU E 212 11.36 12.54 -3.07
C LEU E 212 12.68 13.01 -2.45
N SER E 213 12.86 12.79 -1.15
CA SER E 213 14.12 13.11 -0.50
C SER E 213 15.09 11.93 -0.51
N THR E 214 14.68 10.77 -1.03
CA THR E 214 15.53 9.60 -1.09
C THR E 214 16.67 9.80 -2.09
N ASN E 235 10.94 6.13 5.82
CA ASN E 235 9.70 6.24 5.06
C ASN E 235 8.76 7.25 5.68
N CYS E 236 8.11 8.06 4.85
CA CYS E 236 7.19 9.09 5.33
C CYS E 236 5.73 8.75 5.11
N GLY E 237 5.41 7.99 4.07
CA GLY E 237 4.04 7.60 3.81
C GLY E 237 3.57 8.01 2.43
N PRO E 238 2.32 7.69 2.09
CA PRO E 238 1.78 8.06 0.79
C PRO E 238 1.27 9.48 0.76
N ASP E 239 1.62 10.19 -0.32
CA ASP E 239 1.27 11.60 -0.51
C ASP E 239 1.64 12.45 0.71
N PRO E 240 2.94 12.53 1.06
CA PRO E 240 3.32 13.27 2.27
C PRO E 240 3.46 14.77 2.06
N TYR E 241 3.23 15.27 0.86
CA TYR E 241 3.47 16.67 0.57
C TYR E 241 2.22 17.51 0.80
N ILE E 242 2.43 18.71 1.34
CA ILE E 242 1.39 19.71 1.48
C ILE E 242 1.85 20.97 0.76
N ILE E 243 0.88 21.75 0.28
CA ILE E 243 1.16 22.92 -0.54
C ILE E 243 1.28 24.14 0.35
N ILE E 244 2.40 24.84 0.24
CA ILE E 244 2.61 26.12 0.92
C ILE E 244 1.95 27.18 0.06
N HIS E 245 0.72 27.59 0.44
CA HIS E 245 -0.09 28.41 -0.44
C HIS E 245 0.39 29.86 -0.54
N GLU E 246 1.12 30.35 0.46
CA GLU E 246 1.57 31.73 0.42
C GLU E 246 2.82 31.92 -0.44
N SER E 247 3.40 30.85 -0.96
CA SER E 247 4.54 30.94 -1.87
C SER E 247 4.25 30.29 -3.21
N SER E 248 3.00 29.96 -3.50
CA SER E 248 2.60 29.35 -4.76
C SER E 248 2.02 30.39 -5.71
N LYS E 249 1.98 30.03 -6.99
CA LYS E 249 1.48 30.92 -8.03
C LYS E 249 0.33 30.26 -8.77
N PHE E 250 -0.72 31.03 -9.05
CA PHE E 250 -1.93 30.52 -9.66
C PHE E 250 -2.31 31.35 -10.87
N ILE E 251 -3.13 30.74 -11.73
CA ILE E 251 -3.62 31.35 -12.96
C ILE E 251 -5.12 31.13 -13.04
N ASP E 252 -5.77 31.89 -13.93
CA ASP E 252 -7.21 31.81 -14.11
C ASP E 252 -7.58 30.79 -15.17
N GLN E 253 -8.72 30.11 -14.96
CA GLN E 253 -9.28 29.22 -15.95
C GLN E 253 -10.77 29.47 -16.05
N GLN E 254 -11.32 29.26 -17.25
CA GLN E 254 -12.73 29.45 -17.51
C GLN E 254 -13.25 28.34 -18.40
N PHE E 255 -14.48 27.92 -18.12
CA PHE E 255 -15.21 26.95 -18.93
C PHE E 255 -16.26 27.70 -19.74
N LEU E 256 -16.15 27.63 -21.07
CA LEU E 256 -17.15 28.17 -21.98
C LEU E 256 -17.96 27.03 -22.58
N LYS E 257 -19.15 27.35 -23.06
CA LYS E 257 -20.03 26.37 -23.69
C LYS E 257 -20.40 26.89 -25.08
N LEU E 258 -19.71 26.39 -26.09
CA LEU E 258 -20.02 26.75 -27.46
C LEU E 258 -21.25 25.97 -27.92
N GLN E 259 -22.01 26.56 -28.83
CA GLN E 259 -23.14 25.88 -29.42
C GLN E 259 -23.24 26.27 -30.89
N GLU E 260 -23.65 25.31 -31.72
CA GLU E 260 -23.95 25.63 -33.11
C GLU E 260 -25.06 26.68 -33.14
N ILE E 261 -24.95 27.61 -34.10
CA ILE E 261 -25.93 28.70 -34.14
C ILE E 261 -27.32 28.13 -34.34
N PRO E 262 -28.34 28.59 -33.61
CA PRO E 262 -29.66 27.95 -33.70
C PRO E 262 -30.34 28.14 -35.04
N GLU E 263 -29.83 29.00 -35.93
CA GLU E 263 -30.41 29.13 -37.25
C GLU E 263 -30.19 27.87 -38.07
N LEU E 264 -28.97 27.34 -38.07
CA LEU E 264 -28.62 26.16 -38.86
C LEU E 264 -28.66 24.91 -37.98
N VAL E 265 -29.87 24.55 -37.56
CA VAL E 265 -30.10 23.38 -36.71
C VAL E 265 -31.21 22.54 -37.33
N PRO E 266 -31.11 21.21 -37.29
CA PRO E 266 -32.24 20.38 -37.72
C PRO E 266 -33.48 20.71 -36.90
N VAL E 267 -34.64 20.67 -37.57
CA VAL E 267 -35.87 21.18 -36.98
C VAL E 267 -36.21 20.41 -35.72
N GLY E 268 -36.08 19.08 -35.76
CA GLY E 268 -36.51 18.24 -34.66
C GLY E 268 -35.43 17.71 -33.73
N GLU E 269 -34.21 18.22 -33.81
CA GLU E 269 -33.14 17.72 -32.96
C GLU E 269 -32.59 18.81 -32.05
N MET E 270 -32.02 18.37 -30.94
CA MET E 270 -31.36 19.28 -30.01
C MET E 270 -30.17 19.95 -30.68
N PRO E 271 -30.01 21.27 -30.51
CA PRO E 271 -28.76 21.90 -30.95
C PRO E 271 -27.58 21.32 -30.17
N ARG E 272 -26.46 21.14 -30.87
CA ARG E 272 -25.29 20.46 -30.31
C ARG E 272 -24.36 21.49 -29.69
N ASN E 273 -23.98 21.25 -28.44
CA ASN E 273 -23.07 22.12 -27.71
C ASN E 273 -21.78 21.37 -27.41
N LEU E 274 -20.76 22.13 -27.02
CA LEU E 274 -19.42 21.60 -26.83
C LEU E 274 -18.72 22.40 -25.74
N THR E 275 -18.10 21.67 -24.81
CA THR E 275 -17.38 22.30 -23.71
C THR E 275 -16.01 22.79 -24.16
N MET E 276 -15.63 23.97 -23.70
CA MET E 276 -14.36 24.58 -24.04
C MET E 276 -13.70 25.07 -22.77
N THR E 277 -12.38 24.98 -22.73
CA THR E 277 -11.60 25.45 -21.58
C THR E 277 -10.55 26.45 -22.05
N CYS E 278 -10.48 27.60 -21.38
CA CYS E 278 -9.50 28.63 -21.67
C CYS E 278 -8.79 29.01 -20.38
N ASP E 279 -7.59 29.56 -20.51
CA ASP E 279 -6.76 29.86 -19.35
C ASP E 279 -5.97 31.15 -19.57
N ARG E 280 -5.58 31.76 -18.46
CA ARG E 280 -4.70 32.93 -18.42
C ARG E 280 -5.34 34.08 -19.21
N TYR E 281 -4.75 34.55 -20.30
CA TYR E 281 -5.20 35.76 -20.96
C TYR E 281 -6.35 35.52 -21.93
N LEU E 282 -6.86 34.30 -22.03
CA LEU E 282 -8.01 33.98 -22.86
C LEU E 282 -9.30 33.88 -22.05
N THR E 283 -9.24 34.29 -20.77
CA THR E 283 -10.38 34.26 -19.88
C THR E 283 -11.03 35.64 -19.83
N ASN E 284 -12.34 35.66 -19.63
CA ASN E 284 -13.14 36.90 -19.58
C ASN E 284 -13.00 37.69 -20.88
N LYS E 285 -12.83 37.00 -22.01
CA LYS E 285 -12.74 37.66 -23.30
C LYS E 285 -14.08 37.78 -24.00
N VAL E 286 -14.99 36.84 -23.76
CA VAL E 286 -16.30 36.85 -24.40
C VAL E 286 -17.37 36.64 -23.33
N ILE E 287 -18.58 37.08 -23.66
CA ILE E 287 -19.73 36.94 -22.77
C ILE E 287 -20.74 36.00 -23.43
N PRO E 288 -21.64 35.37 -22.68
CA PRO E 288 -22.63 34.50 -23.31
C PRO E 288 -23.48 35.26 -24.32
N GLY E 289 -23.83 34.57 -25.41
CA GLY E 289 -24.52 35.19 -26.52
C GLY E 289 -23.63 35.77 -27.60
N THR E 290 -22.32 35.78 -27.38
CA THR E 290 -21.38 36.29 -28.38
C THR E 290 -21.14 35.25 -29.47
N ARG E 291 -21.26 35.66 -30.72
CA ARG E 291 -20.95 34.79 -31.85
C ARG E 291 -19.45 34.82 -32.09
N VAL E 292 -18.80 33.67 -31.90
CA VAL E 292 -17.34 33.58 -31.93
C VAL E 292 -16.76 32.60 -32.94
N THR E 293 -15.51 32.85 -33.31
CA THR E 293 -14.62 31.88 -33.95
C THR E 293 -13.47 31.26 -33.16
N ILE E 294 -13.64 30.02 -32.72
CA ILE E 294 -12.76 29.40 -31.74
C ILE E 294 -11.74 28.57 -32.49
N VAL E 295 -10.47 28.89 -32.27
CA VAL E 295 -9.36 28.02 -32.66
C VAL E 295 -8.97 27.22 -31.42
N GLY E 296 -8.86 25.90 -31.57
CA GLY E 296 -8.55 25.12 -30.39
C GLY E 296 -8.00 23.76 -30.73
N ILE E 297 -7.74 23.00 -29.67
CA ILE E 297 -7.35 21.60 -29.79
C ILE E 297 -8.57 20.76 -29.44
N TYR E 298 -9.00 19.92 -30.38
CA TYR E 298 -10.15 19.04 -30.16
C TYR E 298 -9.68 17.85 -29.35
N SER E 299 -9.90 17.89 -28.04
CA SER E 299 -9.33 16.91 -27.12
C SER E 299 -10.42 16.12 -26.40
N ILE E 300 -10.00 15.26 -25.48
CA ILE E 300 -10.84 14.24 -24.89
C ILE E 300 -10.67 14.23 -23.38
N TYR E 301 -11.78 14.08 -22.65
CA TYR E 301 -11.70 13.80 -21.23
C TYR E 301 -12.72 12.72 -20.88
N ASN E 302 -12.44 12.01 -19.79
CA ASN E 302 -13.26 10.90 -19.33
C ASN E 302 -14.17 11.37 -18.20
N SER E 303 -15.44 11.03 -18.31
CA SER E 303 -16.42 11.41 -17.29
C SER E 303 -17.13 10.18 -16.73
N GLY E 317 -24.05 10.54 -24.26
CA GLY E 317 -22.88 10.47 -23.41
C GLY E 317 -23.10 9.65 -22.15
N GLY E 318 -24.19 8.87 -22.16
CA GLY E 318 -24.52 8.05 -21.00
C GLY E 318 -24.03 6.62 -21.13
N SER E 319 -24.96 5.69 -21.33
CA SER E 319 -24.61 4.27 -21.47
C SER E 319 -23.74 4.04 -22.69
N GLY E 320 -22.49 3.69 -22.49
CA GLY E 320 -21.57 3.44 -23.59
C GLY E 320 -20.33 2.73 -23.11
N VAL E 321 -19.62 2.14 -24.05
CA VAL E 321 -18.39 1.40 -23.77
C VAL E 321 -17.22 2.09 -24.48
N ALA E 322 -16.17 2.38 -23.72
CA ALA E 322 -14.95 3.02 -24.21
C ALA E 322 -15.21 4.36 -24.89
N ILE E 323 -16.36 4.97 -24.62
CA ILE E 323 -16.67 6.28 -25.19
C ILE E 323 -16.10 7.36 -24.28
N ARG E 324 -15.91 8.54 -24.87
CA ARG E 324 -15.24 9.63 -24.18
C ARG E 324 -15.97 10.94 -24.47
N THR E 325 -15.76 11.93 -23.61
CA THR E 325 -16.41 13.22 -23.78
C THR E 325 -15.45 14.19 -24.47
N PRO E 326 -15.79 14.67 -25.66
CA PRO E 326 -14.91 15.64 -26.34
C PRO E 326 -15.07 17.04 -25.81
N TYR E 327 -14.01 17.82 -25.95
CA TYR E 327 -14.02 19.23 -25.57
C TYR E 327 -12.95 19.95 -26.38
N ILE E 328 -12.81 21.25 -26.15
CA ILE E 328 -11.90 22.09 -26.93
C ILE E 328 -11.01 22.87 -25.96
N LYS E 329 -9.69 22.67 -26.08
CA LYS E 329 -8.73 23.54 -25.42
C LYS E 329 -8.57 24.78 -26.29
N ILE E 330 -9.04 25.93 -25.80
CA ILE E 330 -9.04 27.15 -26.62
C ILE E 330 -7.62 27.70 -26.71
N LEU E 331 -7.15 27.91 -27.93
CA LEU E 331 -5.89 28.61 -28.16
C LEU E 331 -6.09 30.04 -28.66
N GLY E 332 -7.33 30.42 -28.97
CA GLY E 332 -7.63 31.76 -29.43
C GLY E 332 -9.11 31.98 -29.69
N ILE E 333 -9.62 33.15 -29.32
CA ILE E 333 -11.02 33.51 -29.52
C ILE E 333 -11.07 34.73 -30.43
N GLN E 334 -11.87 34.65 -31.48
CA GLN E 334 -12.06 35.76 -32.41
C GLN E 334 -13.53 36.17 -32.36
N SER E 335 -13.84 37.14 -31.50
CA SER E 335 -15.19 37.67 -31.42
C SER E 335 -15.50 38.54 -32.63
N ASP E 336 -16.76 38.48 -33.07
CA ASP E 336 -17.21 39.29 -34.19
C ASP E 336 -17.83 40.58 -33.66
N VAL E 337 -18.44 41.37 -34.55
CA VAL E 337 -19.14 42.58 -34.12
C VAL E 337 -20.40 42.16 -33.38
N GLU E 338 -20.48 42.54 -32.10
CA GLU E 338 -21.57 42.08 -31.24
C GLU E 338 -22.27 43.23 -30.56
N THR E 339 -23.17 42.92 -29.62
CA THR E 339 -23.90 43.95 -28.90
C THR E 339 -22.95 44.77 -28.04
N SER E 340 -23.10 46.09 -28.12
CA SER E 340 -22.29 47.00 -27.32
C SER E 340 -22.95 47.23 -25.96
N SER E 341 -22.26 48.00 -25.13
CA SER E 341 -22.78 48.37 -23.81
C SER E 341 -21.97 49.54 -23.29
N ILE E 342 -22.43 50.12 -22.18
CA ILE E 342 -21.66 51.17 -21.52
C ILE E 342 -20.35 50.66 -20.97
N TRP E 343 -20.20 49.34 -20.83
CA TRP E 343 -18.93 48.74 -20.46
C TRP E 343 -18.06 48.44 -21.67
N ASN E 344 -18.68 48.18 -22.83
CA ASN E 344 -17.95 47.97 -24.08
C ASN E 344 -17.90 49.27 -24.88
N SER E 345 -17.25 50.27 -24.31
CA SER E 345 -17.08 51.57 -24.94
C SER E 345 -15.59 51.92 -24.93
N VAL E 346 -15.13 52.40 -26.09
CA VAL E 346 -13.70 52.80 -26.24
C VAL E 346 -13.44 54.01 -25.34
N THR E 347 -14.03 55.19 -25.66
CA THR E 347 -13.83 56.45 -24.90
C THR E 347 -12.41 56.94 -25.20
N MET E 348 -11.71 56.24 -26.07
CA MET E 348 -10.31 56.59 -26.41
C MET E 348 -10.25 56.84 -27.91
N PHE E 349 -9.87 58.04 -28.31
CA PHE E 349 -9.88 58.35 -29.75
C PHE E 349 -8.40 58.31 -30.16
N THR E 350 -8.10 57.75 -31.33
CA THR E 350 -6.73 57.86 -31.89
C THR E 350 -6.49 59.33 -32.20
N GLU E 351 -5.23 59.79 -32.20
CA GLU E 351 -4.98 61.24 -32.35
C GLU E 351 -5.57 61.85 -33.64
N GLU E 352 -5.48 61.12 -34.74
CA GLU E 352 -5.94 61.68 -36.02
C GLU E 352 -7.45 61.67 -36.02
N GLU E 353 -8.06 60.76 -35.26
CA GLU E 353 -9.51 60.66 -35.26
C GLU E 353 -10.13 61.88 -34.57
N GLU E 354 -9.53 62.33 -33.46
CA GLU E 354 -9.94 63.58 -32.85
C GLU E 354 -9.79 64.75 -33.83
N GLU E 355 -8.70 64.77 -34.59
CA GLU E 355 -8.47 65.86 -35.53
C GLU E 355 -9.47 65.84 -36.67
N GLU E 356 -9.81 64.65 -37.17
CA GLU E 356 -10.84 64.53 -38.20
C GLU E 356 -12.19 65.00 -37.69
N PHE E 357 -12.56 64.57 -36.47
CA PHE E 357 -13.83 65.02 -35.90
C PHE E 357 -13.86 66.53 -35.67
N LEU E 358 -12.73 67.09 -35.22
CA LEU E 358 -12.61 68.51 -34.94
C LEU E 358 -12.65 69.35 -36.22
N GLN E 359 -12.03 68.86 -37.29
CA GLN E 359 -12.16 69.52 -38.59
C GLN E 359 -13.61 69.45 -39.04
N LEU E 360 -14.24 68.30 -38.86
CA LEU E 360 -15.64 68.15 -39.26
C LEU E 360 -16.53 69.07 -38.43
N SER E 361 -16.12 69.39 -37.20
CA SER E 361 -16.90 70.29 -36.35
C SER E 361 -17.00 71.77 -36.73
N ARG E 362 -15.93 72.36 -37.26
CA ARG E 362 -16.07 73.73 -37.75
C ARG E 362 -16.90 73.96 -39.05
N ASN E 363 -17.36 72.84 -39.60
CA ASN E 363 -17.95 72.85 -40.93
C ASN E 363 -19.18 73.73 -40.68
N PRO E 364 -19.32 74.85 -41.39
CA PRO E 364 -20.43 75.76 -41.10
C PRO E 364 -21.78 75.15 -41.42
N LYS E 365 -21.81 74.29 -42.43
CA LYS E 365 -23.01 73.52 -42.74
C LYS E 365 -22.95 72.14 -42.10
N LEU E 366 -22.66 72.11 -40.79
CA LEU E 366 -22.65 70.86 -40.05
C LEU E 366 -24.07 70.40 -39.71
N TYR E 367 -24.96 71.34 -39.41
CA TYR E 367 -26.34 71.00 -39.10
C TYR E 367 -27.00 70.30 -40.29
N GLU E 368 -26.75 70.81 -41.50
CA GLU E 368 -27.36 70.22 -42.68
C GLU E 368 -26.72 68.88 -43.03
N ILE E 369 -25.39 68.77 -42.92
CA ILE E 369 -24.73 67.52 -43.27
C ILE E 369 -25.12 66.42 -42.30
N LEU E 370 -25.31 66.74 -41.02
CA LEU E 370 -25.76 65.73 -40.07
C LEU E 370 -27.26 65.46 -40.19
N THR E 371 -28.05 66.47 -40.53
CA THR E 371 -29.47 66.25 -40.75
C THR E 371 -29.72 65.40 -41.99
N ASN E 372 -29.02 65.70 -43.09
CA ASN E 372 -29.18 64.93 -44.31
C ASN E 372 -28.62 63.52 -44.20
N SER E 373 -27.83 63.24 -43.17
CA SER E 373 -27.30 61.90 -42.94
C SER E 373 -28.23 61.03 -42.11
N ILE E 374 -29.33 61.60 -41.60
CA ILE E 374 -30.32 60.84 -40.86
C ILE E 374 -31.26 60.19 -41.87
N ALA E 375 -31.02 58.92 -42.16
CA ALA E 375 -31.87 58.11 -43.05
C ALA E 375 -32.11 58.82 -44.37
N PRO E 376 -31.07 58.98 -45.24
CA PRO E 376 -31.28 59.77 -46.44
C PRO E 376 -32.38 59.08 -47.26
N SER E 377 -32.54 57.76 -47.09
CA SER E 377 -33.57 56.99 -47.82
C SER E 377 -34.99 57.37 -47.41
N ILE E 378 -35.24 57.63 -46.13
CA ILE E 378 -36.58 58.14 -45.74
C ILE E 378 -36.76 59.49 -46.40
N PHE E 379 -37.93 59.79 -46.95
CA PHE E 379 -38.09 61.07 -47.67
C PHE E 379 -39.08 62.06 -47.09
N GLY E 380 -38.70 63.32 -46.93
CA GLY E 380 -39.69 64.32 -46.52
C GLY E 380 -39.95 64.46 -45.06
N ASN E 381 -38.92 64.27 -44.25
CA ASN E 381 -39.06 64.32 -42.80
C ASN E 381 -37.92 65.12 -42.18
N GLU E 382 -37.67 66.31 -42.73
CA GLU E 382 -36.50 67.09 -42.31
C GLU E 382 -36.59 67.50 -40.84
N ASP E 383 -37.77 67.92 -40.38
CA ASP E 383 -37.91 68.30 -38.98
C ASP E 383 -37.71 67.10 -38.05
N ILE E 384 -38.26 65.95 -38.43
CA ILE E 384 -38.04 64.73 -37.65
C ILE E 384 -36.57 64.37 -37.63
N LYS E 385 -35.88 64.57 -38.75
CA LYS E 385 -34.45 64.26 -38.80
C LYS E 385 -33.65 65.22 -37.91
N LYS E 386 -34.03 66.49 -37.87
CA LYS E 386 -33.40 67.43 -36.94
C LYS E 386 -33.64 67.00 -35.50
N ALA E 387 -34.85 66.54 -35.20
CA ALA E 387 -35.14 66.03 -33.87
C ALA E 387 -34.28 64.82 -33.54
N ILE E 388 -34.07 63.94 -34.52
CA ILE E 388 -33.18 62.79 -34.32
C ILE E 388 -31.77 63.25 -34.04
N VAL E 389 -31.29 64.27 -34.76
CA VAL E 389 -29.95 64.79 -34.53
C VAL E 389 -29.83 65.33 -33.11
N CYS E 390 -30.83 66.10 -32.68
CA CYS E 390 -30.80 66.66 -31.33
C CYS E 390 -30.86 65.55 -30.27
N LEU E 391 -31.68 64.52 -30.50
CA LEU E 391 -31.78 63.41 -29.57
C LEU E 391 -30.45 62.66 -29.47
N LEU E 392 -29.79 62.44 -30.61
CA LEU E 392 -28.49 61.77 -30.60
C LEU E 392 -27.45 62.60 -29.87
N MET E 393 -27.49 63.93 -30.05
CA MET E 393 -26.62 64.80 -29.27
C MET E 393 -27.08 64.87 -27.82
N GLY E 394 -28.29 65.36 -27.60
CA GLY E 394 -28.81 65.53 -26.26
C GLY E 394 -28.22 66.75 -25.56
N GLY E 395 -28.94 67.21 -24.54
CA GLY E 395 -28.49 68.36 -23.77
C GLY E 395 -27.40 67.99 -22.77
N SER E 396 -26.96 68.99 -22.03
CA SER E 396 -25.93 68.81 -21.02
C SER E 396 -26.57 68.46 -19.68
N LYS E 397 -26.01 67.46 -19.01
CA LYS E 397 -26.48 67.05 -17.70
C LYS E 397 -25.98 68.02 -16.63
N LYS E 398 -26.76 68.18 -15.57
CA LYS E 398 -26.36 68.99 -14.42
C LYS E 398 -26.48 68.17 -13.15
N ILE E 399 -25.48 68.30 -12.28
CA ILE E 399 -25.49 67.70 -10.96
C ILE E 399 -25.43 68.86 -9.97
N LEU E 400 -26.58 69.27 -9.46
CA LEU E 400 -26.66 70.40 -8.55
C LEU E 400 -26.03 70.04 -7.21
N PRO E 401 -25.62 71.04 -6.42
CA PRO E 401 -25.05 70.73 -5.11
C PRO E 401 -26.01 70.01 -4.18
N ASP E 402 -27.32 70.05 -4.50
CA ASP E 402 -28.30 69.39 -3.66
C ASP E 402 -28.33 67.90 -3.91
N GLY E 403 -27.64 67.42 -4.94
CA GLY E 403 -27.92 66.13 -5.51
C GLY E 403 -29.07 66.07 -6.49
N MET E 404 -29.66 67.21 -6.82
CA MET E 404 -30.82 67.30 -7.71
C MET E 404 -30.27 67.07 -9.11
N ARG E 405 -30.45 65.91 -9.72
CA ARG E 405 -29.84 65.74 -11.06
C ARG E 405 -30.82 66.29 -12.08
N LEU E 406 -30.35 67.07 -13.05
CA LEU E 406 -31.22 67.58 -14.14
C LEU E 406 -30.86 66.75 -15.35
N ARG E 407 -31.84 66.29 -16.13
CA ARG E 407 -31.57 65.33 -17.24
C ARG E 407 -31.13 66.09 -18.48
N GLY E 408 -30.27 65.47 -19.27
CA GLY E 408 -29.77 66.08 -20.50
C GLY E 408 -30.26 65.35 -21.74
N ASP E 409 -30.63 64.08 -21.59
CA ASP E 409 -31.12 63.31 -22.71
C ASP E 409 -32.48 63.82 -23.17
N ILE E 410 -32.77 63.61 -24.45
CA ILE E 410 -33.98 64.08 -25.10
C ILE E 410 -34.84 62.88 -25.48
N ASN E 411 -36.13 62.97 -25.20
CA ASN E 411 -37.10 61.95 -25.57
C ASN E 411 -38.03 62.51 -26.64
N VAL E 412 -38.15 61.79 -27.75
CA VAL E 412 -38.95 62.24 -28.89
C VAL E 412 -40.00 61.18 -29.20
N LEU E 413 -41.25 61.60 -29.32
CA LEU E 413 -42.37 60.74 -29.68
C LEU E 413 -42.84 61.05 -31.09
N LEU E 414 -43.18 60.01 -31.84
CA LEU E 414 -43.69 60.13 -33.20
C LEU E 414 -45.03 59.44 -33.27
N LEU E 415 -46.11 60.20 -33.16
CA LEU E 415 -47.46 59.68 -33.34
C LEU E 415 -47.82 59.80 -34.82
N GLY E 416 -48.15 58.73 -35.49
CA GLY E 416 -48.46 58.96 -36.91
C GLY E 416 -49.26 57.93 -37.65
N ASP E 417 -49.66 58.26 -38.87
CA ASP E 417 -50.41 57.29 -39.70
C ASP E 417 -49.55 56.11 -40.07
N PRO E 418 -50.09 54.91 -40.32
CA PRO E 418 -49.25 53.75 -40.57
C PRO E 418 -48.58 54.01 -41.92
N GLY E 419 -47.36 53.51 -42.11
CA GLY E 419 -46.64 53.67 -43.39
C GLY E 419 -45.94 55.00 -43.52
N THR E 420 -45.76 55.73 -42.42
CA THR E 420 -45.16 57.09 -42.46
C THR E 420 -43.67 57.07 -42.12
N ALA E 421 -43.04 55.89 -42.07
CA ALA E 421 -41.58 55.73 -41.84
C ALA E 421 -41.16 55.86 -40.39
N LYS E 422 -42.10 55.81 -39.45
CA LYS E 422 -41.74 56.00 -38.03
C LYS E 422 -40.82 54.89 -37.56
N SER E 423 -41.09 53.65 -37.90
CA SER E 423 -40.25 52.50 -37.47
C SER E 423 -38.90 52.57 -38.16
N GLN E 424 -38.87 52.91 -39.44
CA GLN E 424 -37.61 52.94 -40.20
C GLN E 424 -36.71 54.01 -39.61
N LEU E 425 -37.27 55.15 -39.24
CA LEU E 425 -36.41 56.12 -38.54
C LEU E 425 -36.00 55.63 -37.15
N LEU E 426 -36.76 54.73 -36.48
CA LEU E 426 -36.31 54.12 -35.24
C LEU E 426 -35.17 53.12 -35.48
N LYS E 427 -35.30 52.30 -36.53
CA LYS E 427 -34.24 51.36 -36.87
C LYS E 427 -32.95 52.08 -37.26
N PHE E 428 -33.06 53.18 -38.01
CA PHE E 428 -31.86 53.92 -38.37
C PHE E 428 -31.20 54.52 -37.12
N VAL E 429 -32.00 55.04 -36.18
CA VAL E 429 -31.43 55.58 -34.96
C VAL E 429 -30.74 54.47 -34.16
N GLU E 430 -31.32 53.27 -34.16
CA GLU E 430 -30.66 52.14 -33.52
C GLU E 430 -29.32 51.83 -34.18
N LYS E 431 -29.28 51.86 -35.52
CA LYS E 431 -28.06 51.55 -36.24
C LYS E 431 -26.97 52.61 -36.01
N VAL E 432 -27.35 53.89 -36.03
CA VAL E 432 -26.36 54.97 -36.00
C VAL E 432 -25.93 55.34 -34.59
N SER E 433 -26.72 55.03 -33.57
CA SER E 433 -26.27 55.42 -32.24
C SER E 433 -25.15 54.49 -31.78
N PRO E 434 -24.19 55.02 -31.00
CA PRO E 434 -23.10 54.19 -30.48
C PRO E 434 -23.62 52.99 -29.70
N ILE E 435 -24.43 53.27 -28.68
CA ILE E 435 -25.16 52.25 -27.95
C ILE E 435 -26.65 52.55 -28.08
N ALA E 436 -27.41 51.55 -28.53
CA ALA E 436 -28.82 51.72 -28.81
C ALA E 436 -29.50 50.37 -28.78
N VAL E 437 -30.75 50.36 -28.32
CA VAL E 437 -31.57 49.15 -28.30
C VAL E 437 -32.91 49.45 -28.93
N TYR E 438 -33.31 48.65 -29.91
CA TYR E 438 -34.59 48.77 -30.58
C TYR E 438 -35.51 47.66 -30.08
N THR E 439 -36.63 48.05 -29.47
CA THR E 439 -37.60 47.11 -28.94
C THR E 439 -39.02 47.59 -29.25
N SER E 440 -39.98 46.77 -28.86
CA SER E 440 -41.39 47.08 -28.99
C SER E 440 -41.95 47.50 -27.63
N GLY E 441 -43.25 47.82 -27.61
CA GLY E 441 -43.89 48.15 -26.35
C GLY E 441 -43.93 46.97 -25.39
N LYS E 442 -44.21 45.78 -25.91
CA LYS E 442 -44.24 44.58 -25.11
C LYS E 442 -42.87 43.91 -25.00
N GLY E 443 -41.82 44.53 -25.53
CA GLY E 443 -40.50 43.94 -25.53
C GLY E 443 -40.26 43.07 -26.74
N SER E 444 -39.10 42.41 -26.72
CA SER E 444 -38.70 41.53 -27.80
C SER E 444 -39.32 40.15 -27.57
N SER E 445 -38.85 39.14 -28.31
CA SER E 445 -39.39 37.78 -28.17
C SER E 445 -39.19 37.25 -26.76
N ALA E 446 -37.98 37.39 -26.23
CA ALA E 446 -37.68 37.00 -24.86
C ALA E 446 -37.02 38.10 -24.05
N ALA E 447 -36.42 39.10 -24.72
CA ALA E 447 -35.82 40.21 -24.00
C ALA E 447 -36.89 41.09 -23.37
N GLY E 448 -36.57 41.65 -22.21
CA GLY E 448 -37.45 42.57 -21.52
C GLY E 448 -37.34 43.98 -22.07
N LEU E 449 -37.96 44.91 -21.35
CA LEU E 449 -37.93 46.32 -21.72
C LEU E 449 -37.34 47.21 -20.63
N THR E 450 -37.59 46.90 -19.36
CA THR E 450 -37.01 47.63 -18.24
C THR E 450 -36.22 46.65 -17.37
N ALA E 451 -35.67 47.17 -16.27
CA ALA E 451 -34.84 46.36 -15.38
C ALA E 451 -35.60 45.13 -14.88
N SER E 452 -35.15 43.95 -15.28
CA SER E 452 -35.79 42.68 -14.93
C SER E 452 -34.87 41.93 -13.98
N VAL E 453 -35.15 42.02 -12.69
CA VAL E 453 -34.38 41.30 -11.68
C VAL E 453 -34.92 39.88 -11.60
N GLN E 454 -34.03 38.90 -11.77
CA GLN E 454 -34.40 37.50 -11.84
C GLN E 454 -33.47 36.66 -10.98
N ARG E 455 -33.97 35.49 -10.57
CA ARG E 455 -33.17 34.55 -9.80
C ARG E 455 -32.05 33.98 -10.68
N ASP E 456 -30.92 33.67 -10.03
CA ASP E 456 -29.78 33.15 -10.76
C ASP E 456 -30.06 31.72 -11.23
N PRO E 457 -29.53 31.35 -12.41
CA PRO E 457 -29.78 29.99 -12.93
C PRO E 457 -29.29 28.87 -12.01
N MET E 458 -28.18 29.06 -11.30
CA MET E 458 -27.66 28.05 -10.39
C MET E 458 -27.66 28.49 -8.93
N THR E 459 -27.17 29.70 -8.62
CA THR E 459 -27.06 30.11 -7.24
C THR E 459 -28.36 30.67 -6.67
N ARG E 460 -29.39 30.86 -7.51
CA ARG E 460 -30.69 31.37 -7.08
C ARG E 460 -30.56 32.70 -6.34
N GLU E 461 -29.65 33.55 -6.82
CA GLU E 461 -29.43 34.87 -6.25
C GLU E 461 -29.89 35.93 -7.23
N PHE E 462 -30.55 36.97 -6.70
CA PHE E 462 -31.12 38.00 -7.53
C PHE E 462 -30.05 38.72 -8.35
N TYR E 463 -30.33 38.87 -9.65
CA TYR E 463 -29.44 39.60 -10.54
C TYR E 463 -30.28 40.22 -11.64
N LEU E 464 -29.72 41.23 -12.30
CA LEU E 464 -30.41 41.93 -13.36
C LEU E 464 -30.36 41.09 -14.62
N GLU E 465 -31.47 40.42 -14.95
CA GLU E 465 -31.53 39.59 -16.14
C GLU E 465 -31.35 40.42 -17.41
N GLY E 466 -31.93 41.62 -17.43
CA GLY E 466 -31.80 42.47 -18.59
C GLY E 466 -32.87 43.55 -18.66
N GLY E 467 -33.17 44.00 -19.87
CA GLY E 467 -34.12 45.08 -20.08
C GLY E 467 -33.51 46.11 -21.01
N ALA E 468 -34.33 46.61 -21.94
CA ALA E 468 -33.83 47.55 -22.94
C ALA E 468 -33.36 48.85 -22.31
N MET E 469 -34.00 49.28 -21.22
CA MET E 469 -33.67 50.56 -20.62
C MET E 469 -32.38 50.54 -19.81
N VAL E 470 -31.92 49.35 -19.39
CA VAL E 470 -30.69 49.25 -18.62
C VAL E 470 -29.56 48.76 -19.53
N LEU E 471 -29.91 47.95 -20.52
CA LEU E 471 -28.92 47.51 -21.51
C LEU E 471 -28.44 48.68 -22.35
N ALA E 472 -29.33 49.58 -22.72
CA ALA E 472 -29.00 50.75 -23.51
C ALA E 472 -28.63 51.95 -22.65
N ASP E 473 -28.15 51.73 -21.43
CA ASP E 473 -27.77 52.84 -20.57
C ASP E 473 -26.65 53.63 -21.20
N GLY E 474 -26.78 54.96 -21.20
CA GLY E 474 -25.85 55.84 -21.86
C GLY E 474 -26.14 56.10 -23.32
N GLY E 475 -27.17 55.48 -23.88
CA GLY E 475 -27.51 55.67 -25.28
C GLY E 475 -28.98 55.94 -25.52
N VAL E 476 -29.56 55.27 -26.51
CA VAL E 476 -30.96 55.50 -26.88
C VAL E 476 -31.69 54.17 -26.99
N VAL E 477 -32.99 54.22 -26.74
CA VAL E 477 -33.89 53.08 -26.91
C VAL E 477 -35.02 53.52 -27.84
N CYS E 478 -35.27 52.71 -28.87
CA CYS E 478 -36.26 52.99 -29.90
C CYS E 478 -37.46 52.07 -29.70
N ILE E 479 -38.43 52.63 -28.96
CA ILE E 479 -39.63 51.85 -28.58
C ILE E 479 -40.74 52.00 -29.59
N ASP E 480 -40.89 51.01 -30.42
CA ASP E 480 -42.00 51.00 -31.38
C ASP E 480 -43.28 50.58 -30.69
N GLU E 481 -44.42 50.95 -31.24
CA GLU E 481 -45.70 50.53 -30.66
C GLU E 481 -45.65 50.85 -29.16
N PHE E 482 -45.31 52.09 -28.85
CA PHE E 482 -45.18 52.52 -27.45
C PHE E 482 -46.57 52.47 -26.86
N ASP E 483 -47.63 52.58 -27.68
CA ASP E 483 -48.93 52.58 -27.03
C ASP E 483 -49.25 51.24 -26.37
N LYS E 484 -48.86 50.14 -27.00
CA LYS E 484 -49.16 48.80 -26.49
C LYS E 484 -48.04 48.38 -25.54
N MET E 485 -48.22 48.69 -24.26
CA MET E 485 -47.21 48.37 -23.26
C MET E 485 -47.90 48.12 -21.93
N ARG E 486 -47.36 47.18 -21.16
CA ARG E 486 -47.95 46.77 -19.89
C ARG E 486 -47.76 47.85 -18.82
N ASP E 487 -48.54 47.71 -17.74
CA ASP E 487 -48.46 48.65 -16.62
C ASP E 487 -47.22 48.42 -15.76
N GLU E 488 -46.66 47.21 -15.77
CA GLU E 488 -45.40 46.98 -15.05
C GLU E 488 -44.25 47.73 -15.70
N ASP E 489 -44.31 47.90 -17.02
CA ASP E 489 -43.32 48.67 -17.76
C ASP E 489 -43.69 50.14 -17.83
N ARG E 490 -44.97 50.46 -17.70
CA ARG E 490 -45.44 51.84 -17.70
C ARG E 490 -44.69 52.69 -16.69
N VAL E 491 -44.87 52.36 -15.40
CA VAL E 491 -44.31 53.19 -14.33
C VAL E 491 -42.79 53.17 -14.39
N ALA E 492 -42.20 52.04 -14.80
CA ALA E 492 -40.75 51.94 -14.89
C ALA E 492 -40.19 52.91 -15.92
N ILE E 493 -40.77 52.95 -17.12
CA ILE E 493 -40.30 53.89 -18.13
C ILE E 493 -40.65 55.33 -17.74
N HIS E 494 -41.80 55.55 -17.09
CA HIS E 494 -42.11 56.89 -16.61
C HIS E 494 -41.06 57.39 -15.62
N GLU E 495 -40.58 56.49 -14.74
CA GLU E 495 -39.51 56.87 -13.82
C GLU E 495 -38.20 57.09 -14.54
N ALA E 496 -37.89 56.24 -15.51
CA ALA E 496 -36.57 56.26 -16.14
C ALA E 496 -36.45 57.30 -17.26
N MET E 497 -37.50 58.04 -17.53
CA MET E 497 -37.34 59.17 -18.48
C MET E 497 -37.04 60.45 -17.70
N GLU E 498 -37.77 60.81 -16.66
CA GLU E 498 -37.33 62.00 -15.90
C GLU E 498 -36.11 61.79 -15.01
N GLN E 499 -36.04 60.72 -14.22
CA GLN E 499 -34.94 60.57 -13.24
C GLN E 499 -33.84 59.69 -13.81
N GLN E 500 -34.05 59.17 -15.01
CA GLN E 500 -33.08 58.31 -15.68
C GLN E 500 -32.61 57.17 -14.78
N THR E 501 -33.44 56.77 -13.83
CA THR E 501 -33.09 55.71 -12.89
C THR E 501 -34.30 54.82 -12.66
N ILE E 502 -34.08 53.51 -12.72
CA ILE E 502 -35.12 52.53 -12.42
C ILE E 502 -34.92 52.06 -10.97
N SER E 503 -35.93 52.28 -10.14
CA SER E 503 -35.85 51.95 -8.72
C SER E 503 -36.43 50.56 -8.49
N ILE E 504 -35.57 49.54 -8.55
CA ILE E 504 -35.99 48.17 -8.27
C ILE E 504 -36.09 47.99 -6.77
N ALA E 505 -37.22 47.44 -6.31
CA ALA E 505 -37.42 47.18 -4.89
C ALA E 505 -38.24 45.89 -4.78
N LYS E 506 -37.55 44.78 -4.57
CA LYS E 506 -38.18 43.47 -4.45
C LYS E 506 -37.90 42.91 -3.06
N ALA E 507 -38.32 41.66 -2.85
CA ALA E 507 -38.15 40.98 -1.56
C ALA E 507 -36.70 40.54 -1.43
N GLY E 508 -35.86 41.45 -0.91
CA GLY E 508 -34.45 41.17 -0.65
C GLY E 508 -33.51 42.10 -1.39
N ILE E 509 -33.86 42.52 -2.59
CA ILE E 509 -33.01 43.37 -3.42
C ILE E 509 -33.68 44.73 -3.60
N THR E 510 -32.95 45.79 -3.28
CA THR E 510 -33.41 47.16 -3.50
C THR E 510 -32.24 47.97 -4.04
N THR E 511 -32.40 48.53 -5.24
CA THR E 511 -31.32 49.27 -5.87
C THR E 511 -31.88 50.24 -6.89
N VAL E 512 -31.19 51.37 -7.03
CA VAL E 512 -31.53 52.38 -8.01
C VAL E 512 -30.53 52.20 -9.17
N LEU E 513 -31.00 51.58 -10.25
CA LEU E 513 -30.15 51.30 -11.39
C LEU E 513 -30.16 52.48 -12.36
N ASN E 514 -28.98 52.88 -12.80
CA ASN E 514 -28.86 53.99 -13.74
C ASN E 514 -29.45 53.60 -15.09
N SER E 515 -30.31 54.46 -15.62
CA SER E 515 -30.96 54.26 -16.91
C SER E 515 -30.89 55.55 -17.72
N ARG E 516 -29.68 56.11 -17.83
CA ARG E 516 -29.47 57.39 -18.51
C ARG E 516 -29.60 57.15 -20.01
N THR E 517 -30.85 57.05 -20.47
CA THR E 517 -31.15 56.64 -21.82
C THR E 517 -32.15 57.61 -22.46
N SER E 518 -31.83 58.08 -23.66
CA SER E 518 -32.80 58.80 -24.47
C SER E 518 -33.83 57.84 -25.02
N VAL E 519 -35.07 58.29 -25.12
CA VAL E 519 -36.17 57.45 -25.56
C VAL E 519 -36.74 58.04 -26.84
N LEU E 520 -36.72 57.25 -27.91
CA LEU E 520 -37.39 57.60 -29.17
C LEU E 520 -38.52 56.60 -29.36
N ALA E 521 -39.75 57.08 -29.27
CA ALA E 521 -40.93 56.21 -29.33
C ALA E 521 -41.71 56.49 -30.60
N ALA E 522 -42.30 55.43 -31.15
CA ALA E 522 -43.17 55.52 -32.32
C ALA E 522 -44.50 54.89 -31.97
N ALA E 523 -45.59 55.60 -32.26
CA ALA E 523 -46.91 55.16 -31.87
C ALA E 523 -47.90 55.37 -33.01
N ASN E 524 -48.96 54.56 -33.01
CA ASN E 524 -50.02 54.70 -34.04
C ASN E 524 -51.27 55.31 -33.38
N PRO E 525 -52.13 56.01 -34.12
CA PRO E 525 -53.38 56.55 -33.56
C PRO E 525 -54.32 55.42 -33.17
N ILE E 526 -55.27 55.66 -32.25
CA ILE E 526 -56.11 54.54 -31.77
C ILE E 526 -56.85 54.00 -32.99
N TYR E 527 -57.43 54.89 -33.80
CA TYR E 527 -58.03 54.46 -35.09
C TYR E 527 -56.81 54.38 -36.01
N GLY E 528 -56.86 53.67 -37.13
CA GLY E 528 -55.59 53.57 -37.89
C GLY E 528 -55.07 54.92 -38.35
N ARG E 529 -55.92 55.76 -38.93
CA ARG E 529 -55.49 57.11 -39.42
C ARG E 529 -55.60 58.12 -38.27
N TYR E 530 -54.87 59.23 -38.36
CA TYR E 530 -55.01 60.29 -37.34
C TYR E 530 -56.28 61.09 -37.63
N ASP E 531 -57.14 61.20 -36.63
CA ASP E 531 -58.43 61.92 -36.83
C ASP E 531 -58.16 63.41 -36.65
N ASP E 532 -58.20 64.15 -37.74
CA ASP E 532 -57.95 65.61 -37.69
C ASP E 532 -59.00 66.26 -36.80
N LEU E 533 -60.22 65.71 -36.77
CA LEU E 533 -61.28 66.34 -35.98
C LEU E 533 -60.90 66.31 -34.50
N LYS E 534 -60.68 65.11 -33.97
CA LYS E 534 -60.41 64.96 -32.55
C LYS E 534 -59.01 65.45 -32.20
N SER E 535 -58.82 65.73 -30.91
CA SER E 535 -57.53 66.16 -30.40
C SER E 535 -56.54 65.00 -30.45
N PRO E 536 -55.24 65.30 -30.39
CA PRO E 536 -54.25 64.21 -30.30
C PRO E 536 -54.51 63.26 -29.14
N GLY E 537 -54.95 63.78 -28.00
CA GLY E 537 -55.50 62.96 -26.94
C GLY E 537 -56.95 62.60 -27.23
N ASP E 538 -57.31 61.37 -26.84
CA ASP E 538 -58.50 60.59 -27.16
C ASP E 538 -58.40 60.02 -28.57
N ASN E 539 -57.39 60.42 -29.35
CA ASN E 539 -57.05 59.76 -30.60
C ASN E 539 -55.90 58.78 -30.41
N ILE E 540 -55.50 58.54 -29.17
CA ILE E 540 -54.36 57.69 -28.83
C ILE E 540 -54.78 56.70 -27.76
N ASP E 541 -54.08 55.57 -27.71
CA ASP E 541 -54.47 54.49 -26.80
C ASP E 541 -54.06 54.80 -25.36
N PHE E 542 -52.86 55.34 -25.17
CA PHE E 542 -52.31 55.47 -23.83
C PHE E 542 -52.81 56.74 -23.14
N GLN E 543 -52.32 56.98 -21.93
CA GLN E 543 -52.77 58.11 -21.13
C GLN E 543 -52.34 59.43 -21.76
N THR E 544 -53.22 60.44 -21.62
CA THR E 544 -52.94 61.75 -22.21
C THR E 544 -51.69 62.39 -21.61
N THR E 545 -51.55 62.32 -20.28
CA THR E 545 -50.44 63.00 -19.61
C THR E 545 -49.08 62.41 -19.98
N ILE E 546 -49.04 61.22 -20.59
CA ILE E 546 -47.78 60.68 -21.08
C ILE E 546 -47.18 61.60 -22.13
N LEU E 547 -48.02 62.33 -22.85
CA LEU E 547 -47.53 63.33 -23.80
C LEU E 547 -46.70 64.42 -23.13
N SER E 548 -46.85 64.59 -21.82
CA SER E 548 -46.05 65.60 -21.07
C SER E 548 -44.61 65.12 -20.92
N ARG E 549 -44.43 63.82 -20.69
CA ARG E 549 -43.10 63.24 -20.43
C ARG E 549 -42.17 63.42 -21.63
N PHE E 550 -42.69 63.29 -22.85
CA PHE E 550 -41.87 63.42 -24.09
C PHE E 550 -41.53 64.88 -24.35
N ASP E 551 -40.30 65.15 -24.80
CA ASP E 551 -39.85 66.52 -25.05
C ASP E 551 -40.49 67.08 -26.31
N MET E 552 -40.46 66.32 -27.41
CA MET E 552 -41.05 66.77 -28.67
C MET E 552 -41.92 65.66 -29.23
N ILE E 553 -43.14 66.03 -29.65
CA ILE E 553 -44.10 65.09 -30.20
C ILE E 553 -44.39 65.49 -31.64
N PHE E 554 -44.13 64.57 -32.57
CA PHE E 554 -44.35 64.81 -33.99
C PHE E 554 -45.60 64.04 -34.43
N ILE E 555 -46.58 64.76 -34.95
CA ILE E 555 -47.75 64.15 -35.56
C ILE E 555 -47.45 63.99 -37.04
N VAL E 556 -47.14 62.77 -37.45
CA VAL E 556 -46.72 62.50 -38.83
C VAL E 556 -48.01 62.24 -39.61
N LYS E 557 -48.71 63.30 -39.99
CA LYS E 557 -49.98 62.97 -40.69
C LYS E 557 -49.60 62.55 -42.11
N ASP E 558 -50.47 61.82 -42.80
CA ASP E 558 -50.20 61.44 -44.20
C ASP E 558 -50.98 62.39 -45.10
N ASP E 559 -50.29 63.02 -46.04
CA ASP E 559 -50.94 63.94 -46.98
C ASP E 559 -51.20 63.17 -48.27
N HIS E 560 -52.43 63.18 -48.77
CA HIS E 560 -52.77 62.37 -49.96
C HIS E 560 -52.58 63.16 -51.25
N ASN E 561 -51.88 64.30 -51.19
CA ASN E 561 -51.61 65.10 -52.42
C ASN E 561 -50.79 64.25 -53.38
N GLU E 562 -51.14 64.26 -54.67
CA GLU E 562 -50.47 63.42 -55.69
C GLU E 562 -49.02 63.83 -55.98
N GLU E 563 -48.70 65.13 -55.98
CA GLU E 563 -47.29 65.58 -56.17
C GLU E 563 -46.39 64.78 -55.23
N ARG E 564 -46.75 64.70 -53.95
CA ARG E 564 -46.00 63.96 -52.94
C ARG E 564 -46.06 62.47 -53.19
N ASP E 565 -47.22 61.97 -53.61
CA ASP E 565 -47.34 60.54 -53.88
C ASP E 565 -46.39 60.12 -55.00
N ILE E 566 -46.35 60.90 -56.09
CA ILE E 566 -45.47 60.57 -57.20
C ILE E 566 -44.01 60.66 -56.78
N SER E 567 -43.65 61.70 -56.02
CA SER E 567 -42.27 61.84 -55.58
C SER E 567 -41.87 60.69 -54.67
N ILE E 568 -42.75 60.30 -53.74
CA ILE E 568 -42.44 59.20 -52.83
C ILE E 568 -42.29 57.90 -53.61
N ALA E 569 -43.19 57.65 -54.57
CA ALA E 569 -43.10 56.43 -55.37
C ALA E 569 -41.80 56.39 -56.16
N ASN E 570 -41.41 57.53 -56.77
CA ASN E 570 -40.16 57.57 -57.51
C ASN E 570 -38.97 57.31 -56.61
N HIS E 571 -38.98 57.93 -55.42
CA HIS E 571 -37.90 57.72 -54.42
C HIS E 571 -37.86 56.25 -54.03
N VAL E 572 -39.00 55.68 -53.63
CA VAL E 572 -39.04 54.27 -53.15
C VAL E 572 -38.61 53.34 -54.28
N ILE E 573 -38.96 53.61 -55.54
CA ILE E 573 -38.46 52.76 -56.67
C ILE E 573 -36.95 52.94 -56.80
N ASN E 574 -36.43 54.16 -56.73
CA ASN E 574 -34.99 54.39 -56.71
C ASN E 574 -34.33 53.54 -55.63
N ILE E 575 -35.02 53.35 -54.51
CA ILE E 575 -34.53 52.43 -53.47
C ILE E 575 -34.49 51.01 -54.00
N HIS E 576 -35.57 50.58 -54.67
CA HIS E 576 -35.75 49.18 -55.08
C HIS E 576 -35.14 48.97 -56.46
N THR E 577 -33.90 48.49 -56.47
CA THR E 577 -33.12 48.12 -57.65
C THR E 577 -32.87 49.28 -58.60
N GLY E 578 -33.35 50.49 -58.29
CA GLY E 578 -32.94 51.64 -59.07
C GLY E 578 -31.47 51.95 -58.88
N ASN E 579 -30.94 51.64 -57.70
CA ASN E 579 -29.54 51.85 -57.34
C ASN E 579 -29.11 53.30 -57.49
N ALA E 580 -30.08 54.20 -57.67
CA ALA E 580 -29.79 55.63 -57.76
C ALA E 580 -29.46 56.23 -56.39
N ASN E 581 -30.19 55.84 -55.36
CA ASN E 581 -29.96 56.43 -54.03
C ASN E 581 -28.61 56.03 -53.48
N ALA E 582 -28.21 54.78 -53.67
CA ALA E 582 -26.90 54.33 -53.17
C ALA E 582 -25.78 55.12 -53.82
N MET E 583 -25.83 55.24 -55.15
CA MET E 583 -24.78 55.98 -55.86
C MET E 583 -24.78 57.45 -55.49
N GLN E 584 -25.97 58.07 -55.41
CA GLN E 584 -26.01 59.50 -55.11
C GLN E 584 -25.70 59.78 -53.65
N ASN E 585 -25.88 58.79 -52.76
CA ASN E 585 -25.44 58.95 -51.38
C ASN E 585 -23.93 58.83 -51.27
N GLN E 586 -23.34 57.89 -52.01
CA GLN E 586 -21.88 57.81 -52.03
C GLN E 586 -21.27 59.07 -52.62
N GLN E 587 -21.89 59.62 -53.67
CA GLN E 587 -21.44 60.90 -54.21
C GLN E 587 -21.64 62.03 -53.20
N GLU E 588 -22.79 62.04 -52.52
CA GLU E 588 -23.07 63.07 -51.53
C GLU E 588 -22.24 62.89 -50.26
N GLU E 589 -21.69 61.71 -50.02
CA GLU E 589 -20.83 61.51 -48.87
C GLU E 589 -19.57 62.35 -48.94
N ASN E 590 -19.20 62.81 -50.13
CA ASN E 590 -18.01 63.66 -50.31
C ASN E 590 -18.39 65.12 -50.09
N GLY E 591 -18.56 65.47 -48.81
CA GLY E 591 -18.81 66.84 -48.40
C GLY E 591 -20.22 67.15 -47.97
N SER E 592 -21.18 66.24 -48.17
CA SER E 592 -22.55 66.51 -47.79
C SER E 592 -23.22 65.38 -47.02
N GLU E 593 -22.58 64.22 -46.87
CA GLU E 593 -23.11 63.15 -46.05
C GLU E 593 -21.97 62.48 -45.29
N ILE E 594 -22.33 61.76 -44.24
CA ILE E 594 -21.36 61.10 -43.35
C ILE E 594 -21.79 59.65 -43.16
N SER E 595 -20.83 58.73 -43.25
CA SER E 595 -21.11 57.32 -43.04
C SER E 595 -21.50 57.07 -41.59
N ILE E 596 -22.25 55.98 -41.38
CA ILE E 596 -22.81 55.70 -40.06
C ILE E 596 -21.72 55.40 -39.05
N GLU E 597 -20.61 54.76 -39.48
CA GLU E 597 -19.51 54.55 -38.56
C GLU E 597 -18.90 55.87 -38.12
N LYS E 598 -18.57 56.73 -39.09
CA LYS E 598 -17.97 58.03 -38.76
C LYS E 598 -18.92 58.88 -37.95
N MET E 599 -20.21 58.87 -38.30
CA MET E 599 -21.18 59.68 -37.57
C MET E 599 -21.40 59.14 -36.16
N LYS E 600 -21.40 57.83 -36.00
CA LYS E 600 -21.51 57.23 -34.66
C LYS E 600 -20.32 57.61 -33.80
N ARG E 601 -19.12 57.54 -34.35
CA ARG E 601 -17.93 57.94 -33.59
C ARG E 601 -17.96 59.43 -33.27
N TYR E 602 -18.47 60.26 -34.19
CA TYR E 602 -18.63 61.68 -33.92
C TYR E 602 -19.63 61.92 -32.80
N ILE E 603 -20.71 61.14 -32.77
CA ILE E 603 -21.69 61.23 -31.69
C ILE E 603 -21.02 60.90 -30.36
N THR E 604 -20.23 59.82 -30.34
CA THR E 604 -19.51 59.45 -29.12
C THR E 604 -18.58 60.57 -28.67
N TYR E 605 -17.83 61.15 -29.60
CA TYR E 605 -16.89 62.22 -29.26
C TYR E 605 -17.62 63.45 -28.73
N CYS E 606 -18.73 63.82 -29.37
CA CYS E 606 -19.49 64.98 -28.92
C CYS E 606 -20.07 64.76 -27.53
N ARG E 607 -20.59 63.55 -27.28
CA ARG E 607 -21.15 63.27 -25.97
C ARG E 607 -20.09 63.21 -24.89
N LEU E 608 -18.89 62.71 -25.22
CA LEU E 608 -17.84 62.54 -24.23
C LEU E 608 -16.95 63.77 -24.08
N LYS E 609 -17.09 64.79 -24.93
CA LYS E 609 -16.19 65.93 -24.88
C LYS E 609 -16.88 67.26 -24.64
N CYS E 610 -18.14 67.43 -25.02
CA CYS E 610 -18.81 68.71 -24.96
C CYS E 610 -20.05 68.64 -24.09
N ALA E 611 -20.27 69.70 -23.30
CA ALA E 611 -21.47 69.85 -22.49
C ALA E 611 -21.74 71.34 -22.33
N PRO E 612 -22.36 71.96 -23.32
CA PRO E 612 -22.46 73.43 -23.34
C PRO E 612 -23.43 73.95 -22.28
N ARG E 613 -23.28 75.24 -22.01
CA ARG E 613 -24.16 75.99 -21.13
C ARG E 613 -25.01 76.96 -21.95
N LEU E 614 -25.76 77.81 -21.27
CA LEU E 614 -26.57 78.83 -21.91
C LEU E 614 -26.02 80.21 -21.56
N SER E 615 -25.95 81.08 -22.55
CA SER E 615 -25.61 82.47 -22.28
C SER E 615 -26.79 83.15 -21.56
N PRO E 616 -26.51 84.14 -20.72
CA PRO E 616 -27.61 84.77 -19.96
C PRO E 616 -28.70 85.35 -20.86
N GLN E 617 -28.33 85.97 -21.98
CA GLN E 617 -29.33 86.50 -22.91
C GLN E 617 -30.14 85.37 -23.54
N ALA E 618 -29.50 84.26 -23.87
CA ALA E 618 -30.22 83.11 -24.40
C ALA E 618 -31.23 82.59 -23.38
N ALA E 619 -30.83 82.54 -22.10
CA ALA E 619 -31.74 82.09 -21.06
C ALA E 619 -32.92 83.05 -20.89
N GLU E 620 -32.65 84.36 -20.92
CA GLU E 620 -33.74 85.33 -20.80
C GLU E 620 -34.72 85.21 -21.96
N LYS E 621 -34.22 85.03 -23.19
CA LYS E 621 -35.15 84.90 -24.30
C LYS E 621 -35.89 83.58 -24.26
N LEU E 622 -35.25 82.51 -23.75
CA LEU E 622 -35.97 81.25 -23.55
C LEU E 622 -37.10 81.42 -22.55
N SER E 623 -36.84 82.12 -21.44
CA SER E 623 -37.88 82.39 -20.46
C SER E 623 -39.01 83.20 -21.07
N SER E 624 -38.67 84.22 -21.86
CA SER E 624 -39.71 85.04 -22.48
C SER E 624 -40.54 84.19 -23.42
N ASN E 625 -39.88 83.33 -24.21
CA ASN E 625 -40.62 82.47 -25.14
C ASN E 625 -41.55 81.52 -24.38
N PHE E 626 -41.05 80.89 -23.31
CA PHE E 626 -41.89 79.99 -22.53
C PHE E 626 -43.08 80.69 -21.90
N VAL E 627 -42.87 81.90 -21.37
CA VAL E 627 -43.96 82.67 -20.79
C VAL E 627 -45.01 83.00 -21.86
N THR E 628 -44.55 83.36 -23.06
CA THR E 628 -45.49 83.64 -24.15
C THR E 628 -46.35 82.43 -24.48
N ILE E 629 -45.70 81.26 -24.63
CA ILE E 629 -46.43 80.04 -24.98
C ILE E 629 -47.43 79.70 -23.89
N ARG E 630 -47.00 79.76 -22.62
CA ARG E 630 -47.89 79.40 -21.53
C ARG E 630 -49.05 80.39 -21.39
N LYS E 631 -48.79 81.67 -21.63
CA LYS E 631 -49.88 82.65 -21.55
C LYS E 631 -50.89 82.43 -22.67
N GLN E 632 -50.42 82.11 -23.88
CA GLN E 632 -51.37 81.82 -24.95
C GLN E 632 -52.16 80.54 -24.67
N LEU E 633 -51.51 79.54 -24.07
CA LEU E 633 -52.25 78.35 -23.66
C LEU E 633 -53.31 78.70 -22.63
N LEU E 634 -52.97 79.58 -21.68
CA LEU E 634 -53.95 80.01 -20.68
C LEU E 634 -55.12 80.74 -21.33
N ILE E 635 -54.83 81.60 -22.32
CA ILE E 635 -55.90 82.30 -23.03
C ILE E 635 -56.80 81.32 -23.76
N ASN E 636 -56.20 80.33 -24.43
CA ASN E 636 -56.99 79.35 -25.16
C ASN E 636 -57.82 78.48 -24.22
N GLU E 637 -57.32 78.20 -23.02
CA GLU E 637 -58.03 77.34 -22.09
C GLU E 637 -59.06 78.08 -21.24
N LEU E 638 -58.92 79.39 -21.07
CA LEU E 638 -59.85 80.14 -20.24
C LEU E 638 -61.25 80.18 -20.86
N GLU E 639 -61.31 80.44 -22.17
CA GLU E 639 -62.62 80.55 -22.83
C GLU E 639 -63.28 79.18 -22.99
N SER E 640 -62.49 78.13 -23.14
CA SER E 640 -63.03 76.79 -23.32
C SER E 640 -63.39 76.20 -21.94
N THR E 641 -63.73 74.90 -21.93
CA THR E 641 -64.11 74.22 -20.70
C THR E 641 -63.10 73.16 -20.30
N GLU E 642 -62.79 72.22 -21.19
CA GLU E 642 -61.84 71.17 -20.89
C GLU E 642 -60.40 71.68 -21.09
N ARG E 643 -59.44 70.85 -20.69
CA ARG E 643 -58.03 71.18 -20.81
C ARG E 643 -57.46 70.59 -22.10
N SER E 644 -56.39 71.23 -22.58
CA SER E 644 -55.76 70.79 -23.82
C SER E 644 -55.11 69.42 -23.64
N SER E 645 -55.18 68.61 -24.70
CA SER E 645 -54.56 67.29 -24.66
C SER E 645 -53.05 67.39 -24.51
N ILE E 646 -52.42 68.29 -25.24
CA ILE E 646 -50.97 68.46 -25.18
C ILE E 646 -50.67 69.71 -24.37
N PRO E 647 -50.27 69.59 -23.11
CA PRO E 647 -50.01 70.76 -22.29
C PRO E 647 -48.54 71.16 -22.27
N ILE E 648 -48.33 72.47 -22.19
CA ILE E 648 -46.99 73.04 -22.08
C ILE E 648 -46.69 73.22 -20.60
N THR E 649 -45.83 72.35 -20.08
CA THR E 649 -45.53 72.34 -18.62
C THR E 649 -44.11 72.82 -18.43
N ILE E 650 -43.60 72.79 -17.20
CA ILE E 650 -42.20 73.19 -16.93
C ILE E 650 -41.26 72.20 -17.61
N ARG E 651 -41.71 70.97 -17.78
CA ARG E 651 -40.87 69.92 -18.42
C ARG E 651 -40.59 70.36 -19.84
N GLN E 652 -41.57 70.98 -20.50
CA GLN E 652 -41.41 71.47 -21.90
C GLN E 652 -40.38 72.58 -21.95
N LEU E 653 -40.35 73.47 -20.95
CA LEU E 653 -39.27 74.49 -20.88
C LEU E 653 -37.93 73.78 -20.75
N GLU E 654 -37.83 72.80 -19.88
CA GLU E 654 -36.53 72.15 -19.62
C GLU E 654 -36.11 71.40 -20.87
N ALA E 655 -37.06 71.09 -21.74
CA ALA E 655 -36.77 70.34 -22.98
C ALA E 655 -36.21 71.30 -24.01
N ILE E 656 -36.86 72.43 -24.22
CA ILE E 656 -36.31 73.42 -25.13
C ILE E 656 -34.86 73.74 -24.76
N ILE E 657 -34.58 73.81 -23.45
CA ILE E 657 -33.20 74.00 -23.00
C ILE E 657 -32.32 72.85 -23.48
N ARG E 658 -32.82 71.62 -23.35
CA ARG E 658 -32.05 70.45 -23.79
C ARG E 658 -31.79 70.49 -25.29
N ILE E 659 -32.79 70.90 -26.09
CA ILE E 659 -32.61 71.00 -27.53
C ILE E 659 -31.56 72.06 -27.86
N THR E 660 -31.62 73.20 -27.17
CA THR E 660 -30.62 74.23 -27.39
C THR E 660 -29.22 73.73 -27.08
N GLU E 661 -29.06 73.02 -25.95
CA GLU E 661 -27.76 72.49 -25.59
C GLU E 661 -27.29 71.42 -26.57
N SER E 662 -28.21 70.60 -27.09
CA SER E 662 -27.83 69.62 -28.10
C SER E 662 -27.35 70.29 -29.38
N LEU E 663 -28.06 71.36 -29.80
CA LEU E 663 -27.63 72.09 -30.99
C LEU E 663 -26.25 72.73 -30.77
N ALA E 664 -26.00 73.26 -29.57
CA ALA E 664 -24.69 73.82 -29.27
C ALA E 664 -23.61 72.75 -29.28
N LYS E 665 -23.90 71.58 -28.67
CA LYS E 665 -22.95 70.48 -28.64
C LYS E 665 -22.70 69.88 -30.01
N LEU E 666 -23.63 70.09 -30.95
CA LEU E 666 -23.44 69.59 -32.32
C LEU E 666 -22.12 70.08 -32.90
N GLU E 667 -21.85 71.38 -32.79
CA GLU E 667 -20.64 71.99 -33.34
C GLU E 667 -19.54 72.15 -32.30
N LEU E 668 -19.62 71.40 -31.21
CA LEU E 668 -18.63 71.45 -30.12
C LEU E 668 -18.52 72.85 -29.51
N SER E 669 -19.62 73.60 -29.52
CA SER E 669 -19.62 74.93 -28.95
C SER E 669 -19.77 74.84 -27.43
N PRO E 670 -18.82 75.37 -26.66
CA PRO E 670 -18.96 75.35 -25.20
C PRO E 670 -20.11 76.19 -24.67
N ILE E 671 -20.65 77.11 -25.47
CA ILE E 671 -21.73 77.99 -25.05
C ILE E 671 -22.81 77.99 -26.13
N ALA E 672 -24.07 77.93 -25.70
CA ALA E 672 -25.20 77.99 -26.62
C ALA E 672 -25.58 79.46 -26.82
N GLN E 673 -25.43 79.95 -28.04
CA GLN E 673 -25.71 81.35 -28.36
C GLN E 673 -27.15 81.51 -28.84
N GLU E 674 -27.46 82.68 -29.39
CA GLU E 674 -28.82 83.01 -29.78
C GLU E 674 -29.32 82.11 -30.90
N ARG E 675 -28.44 81.78 -31.86
CA ARG E 675 -28.89 80.99 -33.01
C ARG E 675 -29.32 79.58 -32.60
N HIS E 676 -28.62 78.98 -31.64
CA HIS E 676 -29.04 77.67 -31.14
C HIS E 676 -30.41 77.75 -30.49
N VAL E 677 -30.66 78.82 -29.73
CA VAL E 677 -31.96 79.01 -29.10
C VAL E 677 -33.04 79.16 -30.16
N ASP E 678 -32.76 79.95 -31.20
CA ASP E 678 -33.76 80.14 -32.26
C ASP E 678 -34.07 78.83 -32.97
N GLU E 679 -33.04 78.02 -33.25
CA GLU E 679 -33.27 76.74 -33.90
C GLU E 679 -34.08 75.80 -33.00
N ALA E 680 -33.76 75.78 -31.71
CA ALA E 680 -34.54 74.95 -30.78
C ALA E 680 -35.99 75.43 -30.69
N ILE E 681 -36.19 76.75 -30.72
CA ILE E 681 -37.55 77.29 -30.72
C ILE E 681 -38.30 76.86 -31.97
N ARG E 682 -37.65 76.93 -33.13
CA ARG E 682 -38.29 76.50 -34.36
C ARG E 682 -38.65 75.01 -34.31
N LEU E 683 -37.74 74.20 -33.76
CA LEU E 683 -38.04 72.78 -33.61
C LEU E 683 -39.23 72.55 -32.68
N PHE E 684 -39.31 73.32 -31.59
CA PHE E 684 -40.41 73.16 -30.65
C PHE E 684 -41.72 73.67 -31.23
N GLN E 685 -41.67 74.62 -32.16
CA GLN E 685 -42.89 75.01 -32.86
C GLN E 685 -43.30 73.96 -33.89
N ALA E 686 -42.31 73.28 -34.49
CA ALA E 686 -42.62 72.23 -35.44
C ALA E 686 -43.30 71.03 -34.78
N SER E 687 -42.89 70.69 -33.56
CA SER E 687 -43.42 69.54 -32.84
C SER E 687 -43.78 69.94 -31.42
N THR E 688 -44.94 69.47 -30.95
CA THR E 688 -45.57 69.74 -29.67
C THR E 688 -46.25 71.12 -29.67
N MET E 689 -46.03 71.93 -30.70
CA MET E 689 -46.83 73.14 -30.92
C MET E 689 -47.68 73.07 -32.18
N ASP E 690 -47.15 72.52 -33.28
CA ASP E 690 -48.02 72.10 -34.37
C ASP E 690 -48.85 70.89 -33.97
N ALA E 691 -48.31 70.04 -33.10
CA ALA E 691 -49.09 68.95 -32.53
C ALA E 691 -50.20 69.49 -31.63
N ALA E 692 -49.94 70.58 -30.92
CA ALA E 692 -50.97 71.25 -30.12
C ALA E 692 -51.90 72.12 -30.97
N SER E 693 -51.53 72.39 -32.22
CA SER E 693 -52.42 73.16 -33.09
C SER E 693 -53.69 72.38 -33.42
N GLN E 694 -53.56 71.06 -33.62
CA GLN E 694 -54.72 70.23 -33.88
C GLN E 694 -55.63 70.07 -32.67
N ASP E 695 -55.16 70.43 -31.49
CA ASP E 695 -55.99 70.39 -30.29
C ASP E 695 -57.05 71.48 -30.37
N PRO E 696 -58.34 71.15 -30.29
CA PRO E 696 -59.36 72.21 -30.28
C PRO E 696 -59.20 73.18 -29.13
N ILE E 697 -58.71 72.71 -27.97
CA ILE E 697 -58.45 73.60 -26.85
C ILE E 697 -57.04 74.20 -26.94
N GLY E 698 -56.07 73.44 -27.44
CA GLY E 698 -54.73 73.97 -27.61
C GLY E 698 -54.57 74.90 -28.80
N GLY E 699 -55.58 74.98 -29.67
CA GLY E 699 -55.55 75.89 -30.79
C GLY E 699 -56.30 77.18 -30.49
N LEU E 700 -56.25 78.10 -31.45
CA LEU E 700 -56.89 79.39 -31.31
C LEU E 700 -58.42 79.25 -31.41
N VAL F 100 -19.51 -36.99 -4.05
CA VAL F 100 -20.40 -36.86 -2.90
C VAL F 100 -21.77 -37.42 -3.22
N LYS F 101 -22.41 -38.02 -2.21
CA LYS F 101 -23.75 -38.59 -2.38
C LYS F 101 -24.77 -37.46 -2.30
N LYS F 102 -25.20 -36.96 -3.45
CA LYS F 102 -26.17 -35.88 -3.49
C LYS F 102 -27.49 -36.34 -2.89
N VAL F 103 -28.10 -35.49 -2.06
CA VAL F 103 -29.37 -35.82 -1.44
C VAL F 103 -30.46 -35.83 -2.49
N ASP F 104 -31.25 -36.90 -2.52
CA ASP F 104 -32.36 -37.03 -3.45
C ASP F 104 -33.68 -36.70 -2.77
N ASP F 105 -34.55 -36.01 -3.51
CA ASP F 105 -35.87 -35.67 -3.01
C ASP F 105 -36.79 -36.83 -3.36
N VAL F 106 -37.10 -37.67 -2.37
CA VAL F 106 -37.84 -38.91 -2.62
C VAL F 106 -39.23 -38.59 -3.17
N THR F 107 -39.94 -37.65 -2.52
CA THR F 107 -41.25 -37.29 -3.03
C THR F 107 -41.15 -36.56 -4.36
N GLY F 108 -40.03 -35.89 -4.63
CA GLY F 108 -39.83 -35.31 -5.94
C GLY F 108 -39.73 -36.36 -7.03
N GLU F 109 -38.98 -37.43 -6.77
CA GLU F 109 -38.90 -38.54 -7.71
C GLU F 109 -40.26 -39.21 -7.88
N LYS F 110 -41.01 -39.37 -6.78
CA LYS F 110 -42.33 -39.98 -6.86
C LYS F 110 -43.28 -39.12 -7.70
N VAL F 111 -43.24 -37.80 -7.50
CA VAL F 111 -44.08 -36.90 -8.29
C VAL F 111 -43.66 -36.93 -9.75
N ARG F 112 -42.36 -37.04 -10.02
CA ARG F 112 -41.91 -37.16 -11.41
C ARG F 112 -42.44 -38.42 -12.06
N GLU F 113 -42.40 -39.54 -11.34
CA GLU F 113 -42.93 -40.79 -11.88
C GLU F 113 -44.43 -40.71 -12.10
N ALA F 114 -45.15 -40.10 -11.16
CA ALA F 114 -46.59 -39.93 -11.32
C ALA F 114 -46.91 -39.05 -12.52
N PHE F 115 -46.14 -37.98 -12.71
CA PHE F 115 -46.30 -37.13 -13.89
C PHE F 115 -46.00 -37.89 -15.17
N GLU F 116 -45.01 -38.78 -15.15
CA GLU F 116 -44.71 -39.59 -16.33
C GLU F 116 -45.86 -40.49 -16.74
N GLN F 117 -46.46 -41.21 -15.78
CA GLN F 117 -47.62 -42.03 -16.08
C GLN F 117 -48.83 -41.18 -16.49
N PHE F 118 -48.95 -39.98 -15.93
CA PHE F 118 -50.03 -39.08 -16.31
C PHE F 118 -49.82 -38.69 -17.77
N LEU F 119 -48.59 -38.42 -18.17
CA LEU F 119 -48.32 -38.02 -19.54
C LEU F 119 -48.48 -39.18 -20.51
N GLU F 120 -48.14 -40.39 -20.08
CA GLU F 120 -48.20 -41.53 -20.98
C GLU F 120 -49.59 -42.15 -21.05
N ASP F 121 -50.13 -42.56 -19.91
CA ASP F 121 -51.30 -43.44 -19.86
C ASP F 121 -52.63 -42.70 -19.79
N PHE F 122 -52.64 -41.37 -19.76
CA PHE F 122 -53.90 -40.65 -19.67
C PHE F 122 -54.71 -40.83 -20.95
N SER F 123 -56.02 -41.06 -20.78
CA SER F 123 -56.92 -41.28 -21.91
C SER F 123 -58.19 -40.46 -21.73
N VAL F 124 -58.82 -40.11 -22.84
CA VAL F 124 -60.07 -39.34 -22.83
C VAL F 124 -61.07 -40.02 -23.74
N GLN F 125 -62.35 -39.94 -23.37
CA GLN F 125 -63.44 -40.47 -24.17
C GLN F 125 -63.99 -39.35 -25.05
N SER F 126 -63.93 -39.55 -26.37
CA SER F 126 -64.40 -38.56 -27.31
C SER F 126 -65.93 -38.52 -27.34
N THR F 127 -66.46 -37.41 -27.85
CA THR F 127 -67.91 -37.20 -27.88
C THR F 127 -68.47 -37.78 -29.19
N ASP F 128 -68.68 -39.09 -29.18
CA ASP F 128 -69.30 -39.81 -30.30
C ASP F 128 -68.54 -39.59 -31.60
N THR F 129 -67.21 -39.56 -31.53
CA THR F 129 -66.39 -39.40 -32.73
C THR F 129 -65.15 -40.28 -32.72
N GLY F 130 -65.00 -41.17 -31.75
CA GLY F 130 -63.84 -42.04 -31.72
C GLY F 130 -63.74 -42.75 -30.39
N GLU F 131 -62.75 -43.64 -30.32
CA GLU F 131 -62.49 -44.44 -29.13
C GLU F 131 -61.44 -43.73 -28.27
N VAL F 132 -60.87 -44.43 -27.30
CA VAL F 132 -59.83 -43.94 -26.41
C VAL F 132 -58.74 -43.19 -27.17
N GLU F 133 -58.43 -41.98 -26.73
CA GLU F 133 -57.35 -41.18 -27.29
C GLU F 133 -56.46 -40.66 -26.17
N LYS F 134 -55.14 -40.80 -26.35
CA LYS F 134 -54.18 -40.28 -25.40
C LYS F 134 -53.88 -38.83 -25.75
N VAL F 135 -54.37 -37.91 -24.91
CA VAL F 135 -54.32 -36.49 -25.25
C VAL F 135 -52.88 -35.98 -25.30
N TYR F 136 -52.09 -36.30 -24.28
CA TYR F 136 -50.77 -35.70 -24.14
C TYR F 136 -49.71 -36.31 -25.04
N ARG F 137 -49.80 -37.59 -25.37
CA ARG F 137 -48.92 -38.14 -26.40
C ARG F 137 -49.21 -37.50 -27.76
N ALA F 138 -50.50 -37.29 -28.07
CA ALA F 138 -50.86 -36.57 -29.27
C ALA F 138 -50.34 -35.13 -29.25
N GLN F 139 -50.41 -34.47 -28.10
CA GLN F 139 -49.86 -33.12 -27.99
C GLN F 139 -48.35 -33.11 -28.18
N ILE F 140 -47.66 -34.13 -27.66
CA ILE F 140 -46.22 -34.22 -27.81
C ILE F 140 -45.84 -34.41 -29.27
N GLU F 141 -46.54 -35.30 -29.99
CA GLU F 141 -46.23 -35.47 -31.41
C GLU F 141 -46.64 -34.23 -32.21
N PHE F 142 -47.69 -33.53 -31.78
CA PHE F 142 -48.07 -32.27 -32.40
C PHE F 142 -46.96 -31.24 -32.29
N MET F 143 -46.44 -31.04 -31.08
CA MET F 143 -45.38 -30.05 -30.90
C MET F 143 -44.06 -30.55 -31.47
N LYS F 144 -43.92 -31.86 -31.69
CA LYS F 144 -42.79 -32.36 -32.46
C LYS F 144 -42.88 -31.93 -33.92
N ILE F 145 -44.03 -32.18 -34.55
CA ILE F 145 -44.20 -31.80 -35.94
C ILE F 145 -44.09 -30.28 -36.11
N TYR F 146 -44.69 -29.52 -35.20
CA TYR F 146 -44.69 -28.07 -35.35
C TYR F 146 -43.61 -27.38 -34.52
N ASP F 147 -42.70 -28.14 -33.93
CA ASP F 147 -41.51 -27.58 -33.25
C ASP F 147 -41.90 -26.56 -32.18
N LEU F 148 -42.93 -26.89 -31.40
CA LEU F 148 -43.32 -26.02 -30.30
C LEU F 148 -42.51 -26.34 -29.05
N ASN F 149 -42.48 -25.39 -28.12
CA ASN F 149 -41.74 -25.55 -26.87
C ASN F 149 -42.64 -25.70 -25.66
N THR F 150 -43.93 -25.41 -25.78
CA THR F 150 -44.84 -25.39 -24.65
C THR F 150 -45.84 -26.52 -24.75
N ILE F 151 -46.01 -27.26 -23.66
CA ILE F 151 -47.02 -28.32 -23.54
C ILE F 151 -48.11 -27.82 -22.61
N TYR F 152 -49.36 -27.95 -23.04
CA TYR F 152 -50.51 -27.45 -22.29
C TYR F 152 -51.11 -28.60 -21.49
N ILE F 153 -50.99 -28.52 -20.16
CA ILE F 153 -51.50 -29.53 -19.26
C ILE F 153 -52.76 -29.01 -18.61
N ASP F 154 -53.85 -29.76 -18.73
CA ASP F 154 -55.11 -29.36 -18.12
C ASP F 154 -55.16 -29.84 -16.67
N TYR F 155 -55.41 -28.90 -15.75
CA TYR F 155 -55.51 -29.26 -14.34
C TYR F 155 -56.71 -30.14 -14.07
N GLN F 156 -57.78 -29.99 -14.85
CA GLN F 156 -58.94 -30.88 -14.72
C GLN F 156 -58.54 -32.31 -15.00
N HIS F 157 -57.72 -32.53 -16.03
CA HIS F 157 -57.22 -33.86 -16.33
C HIS F 157 -56.27 -34.35 -15.23
N LEU F 158 -55.45 -33.45 -14.70
CA LEU F 158 -54.45 -33.86 -13.71
C LEU F 158 -55.09 -34.23 -12.37
N SER F 159 -56.24 -33.64 -12.04
CA SER F 159 -56.83 -33.87 -10.72
C SER F 159 -57.26 -35.32 -10.58
N MET F 160 -57.69 -35.95 -11.68
CA MET F 160 -58.25 -37.30 -11.60
C MET F 160 -57.16 -38.32 -11.25
N ARG F 161 -55.94 -38.13 -11.75
CA ARG F 161 -54.89 -39.11 -11.56
C ARG F 161 -54.36 -39.16 -10.13
N GLU F 162 -53.92 -40.35 -9.73
CA GLU F 162 -53.34 -40.58 -8.40
C GLU F 162 -54.28 -40.14 -7.28
N ASN F 163 -55.58 -40.41 -7.47
CA ASN F 163 -56.67 -40.03 -6.58
C ASN F 163 -56.48 -38.62 -6.01
N GLY F 164 -55.97 -37.70 -6.83
CA GLY F 164 -55.70 -36.34 -6.39
C GLY F 164 -54.36 -36.12 -5.72
N ALA F 165 -53.57 -37.17 -5.50
CA ALA F 165 -52.28 -37.01 -4.81
C ALA F 165 -51.22 -36.33 -5.67
N LEU F 166 -51.27 -36.49 -6.99
CA LEU F 166 -50.41 -35.69 -7.85
C LEU F 166 -50.89 -34.25 -7.90
N ALA F 167 -52.22 -34.08 -7.87
CA ALA F 167 -52.81 -32.75 -7.92
C ALA F 167 -52.42 -31.91 -6.71
N MET F 168 -52.54 -32.46 -5.50
CA MET F 168 -52.15 -31.66 -4.34
C MET F 168 -50.72 -31.18 -4.48
N ALA F 169 -49.82 -32.11 -4.75
CA ALA F 169 -48.39 -31.80 -4.69
C ALA F 169 -48.00 -30.79 -5.76
N ILE F 170 -48.56 -30.92 -6.97
CA ILE F 170 -48.20 -29.97 -8.01
C ILE F 170 -48.78 -28.60 -7.71
N SER F 171 -50.02 -28.52 -7.22
CA SER F 171 -50.62 -27.20 -7.00
C SER F 171 -50.03 -26.51 -5.77
N GLU F 172 -49.72 -27.27 -4.73
CA GLU F 172 -49.33 -26.72 -3.43
C GLU F 172 -47.83 -26.48 -3.30
N GLN F 173 -47.00 -27.26 -3.99
CA GLN F 173 -45.55 -27.16 -3.94
C GLN F 173 -44.99 -27.10 -5.35
N TYR F 174 -45.57 -26.22 -6.18
CA TYR F 174 -45.18 -26.15 -7.57
C TYR F 174 -43.72 -25.76 -7.73
N TYR F 175 -43.24 -24.79 -6.95
CA TYR F 175 -41.86 -24.35 -7.07
C TYR F 175 -40.89 -25.47 -6.71
N ARG F 176 -41.31 -26.40 -5.85
CA ARG F 176 -40.45 -27.51 -5.46
C ARG F 176 -40.45 -28.63 -6.50
N PHE F 177 -41.61 -28.96 -7.05
CA PHE F 177 -41.75 -30.09 -7.96
C PHE F 177 -41.62 -29.72 -9.43
N LEU F 178 -41.42 -28.44 -9.75
CA LEU F 178 -41.27 -28.06 -11.16
C LEU F 178 -40.08 -28.72 -11.84
N PRO F 179 -38.87 -28.76 -11.24
CA PRO F 179 -37.77 -29.49 -11.91
C PRO F 179 -38.08 -30.96 -12.13
N PHE F 180 -38.80 -31.60 -11.21
CA PHE F 180 -39.14 -33.00 -11.38
C PHE F 180 -40.16 -33.19 -12.49
N LEU F 181 -41.11 -32.26 -12.62
CA LEU F 181 -42.03 -32.30 -13.76
C LEU F 181 -41.27 -32.13 -15.07
N GLN F 182 -40.29 -31.21 -15.08
CA GLN F 182 -39.47 -31.03 -16.28
C GLN F 182 -38.71 -32.30 -16.62
N LYS F 183 -38.13 -32.96 -15.61
CA LYS F 183 -37.40 -34.20 -15.85
C LYS F 183 -38.31 -35.30 -16.39
N GLY F 184 -39.52 -35.42 -15.82
CA GLY F 184 -40.45 -36.42 -16.30
C GLY F 184 -40.88 -36.16 -17.73
N LEU F 185 -41.18 -34.89 -18.06
CA LEU F 185 -41.53 -34.55 -19.43
C LEU F 185 -40.38 -34.82 -20.38
N ARG F 186 -39.15 -34.51 -19.97
CA ARG F 186 -37.99 -34.77 -20.81
C ARG F 186 -37.81 -36.26 -21.06
N ARG F 187 -37.99 -37.08 -20.02
CA ARG F 187 -37.90 -38.53 -20.21
C ARG F 187 -38.99 -39.04 -21.15
N VAL F 188 -40.22 -38.57 -20.98
CA VAL F 188 -41.31 -39.01 -21.84
C VAL F 188 -41.02 -38.62 -23.29
N VAL F 189 -40.49 -37.42 -23.52
CA VAL F 189 -40.10 -37.02 -24.87
C VAL F 189 -38.95 -37.88 -25.37
N ARG F 190 -38.02 -38.25 -24.48
CA ARG F 190 -36.89 -39.07 -24.89
C ARG F 190 -37.32 -40.46 -25.33
N LYS F 191 -38.36 -41.04 -24.73
CA LYS F 191 -38.82 -42.35 -25.18
C LYS F 191 -39.83 -42.24 -26.32
N TYR F 192 -40.76 -41.30 -26.23
CA TYR F 192 -41.71 -41.04 -27.31
C TYR F 192 -41.39 -39.71 -27.98
N ALA F 193 -41.16 -39.76 -29.28
CA ALA F 193 -40.72 -38.61 -30.08
C ALA F 193 -39.39 -38.09 -29.57
N PRO F 194 -38.30 -38.84 -29.72
CA PRO F 194 -37.01 -38.45 -29.13
C PRO F 194 -36.27 -37.34 -29.84
N GLU F 195 -36.78 -36.82 -30.96
CA GLU F 195 -36.10 -35.77 -31.72
C GLU F 195 -36.52 -34.38 -31.30
N LEU F 196 -37.36 -34.24 -30.28
CA LEU F 196 -37.83 -32.95 -29.80
C LEU F 196 -36.94 -32.37 -28.70
N LEU F 197 -35.98 -33.13 -28.20
CA LEU F 197 -35.13 -32.68 -27.10
C LEU F 197 -33.99 -31.79 -27.56
N ASN F 198 -33.92 -31.47 -28.86
CA ASN F 198 -32.87 -30.61 -29.39
C ASN F 198 -33.50 -29.37 -30.00
N THR F 199 -32.73 -28.28 -30.03
CA THR F 199 -33.26 -26.99 -30.46
C THR F 199 -33.69 -27.02 -31.92
N SER F 200 -33.04 -27.85 -32.73
CA SER F 200 -33.35 -27.97 -34.17
C SER F 200 -33.25 -26.62 -34.88
N THR F 259 -28.49 -26.77 -28.58
CA THR F 259 -27.94 -27.50 -27.45
C THR F 259 -29.01 -28.41 -26.86
N GLU F 260 -29.90 -27.80 -26.08
CA GLU F 260 -31.03 -28.51 -25.48
C GLU F 260 -32.30 -27.67 -25.53
N ARG F 261 -33.41 -28.29 -25.90
CA ARG F 261 -34.69 -27.58 -25.90
C ARG F 261 -35.17 -27.35 -24.47
N VAL F 262 -35.56 -26.11 -24.18
CA VAL F 262 -36.19 -25.76 -22.91
C VAL F 262 -37.69 -25.97 -23.05
N PHE F 263 -38.29 -26.66 -22.09
CA PHE F 263 -39.69 -27.04 -22.16
C PHE F 263 -40.50 -26.21 -21.17
N GLN F 264 -41.66 -25.73 -21.62
CA GLN F 264 -42.56 -24.93 -20.81
C GLN F 264 -43.82 -25.75 -20.54
N ILE F 265 -44.02 -26.15 -19.29
CA ILE F 265 -45.26 -26.79 -18.89
C ILE F 265 -46.25 -25.70 -18.51
N SER F 266 -47.38 -25.66 -19.22
CA SER F 266 -48.35 -24.57 -19.11
C SER F 266 -49.66 -25.12 -18.56
N PHE F 267 -49.79 -25.13 -17.24
CA PHE F 267 -51.04 -25.52 -16.61
C PHE F 267 -52.10 -24.45 -16.83
N PHE F 268 -53.36 -24.89 -16.91
CA PHE F 268 -54.49 -23.99 -17.07
C PHE F 268 -55.73 -24.70 -16.58
N ASN F 269 -56.87 -23.99 -16.64
CA ASN F 269 -58.16 -24.51 -16.22
C ASN F 269 -58.15 -24.90 -14.74
N LEU F 270 -57.62 -24.01 -13.90
CA LEU F 270 -57.65 -24.24 -12.47
C LEU F 270 -59.08 -24.13 -11.95
N PRO F 271 -59.41 -24.86 -10.87
CA PRO F 271 -60.78 -24.83 -10.36
C PRO F 271 -61.25 -23.45 -9.91
N THR F 272 -60.36 -22.62 -9.38
CA THR F 272 -60.73 -21.32 -8.85
C THR F 272 -59.78 -20.25 -9.37
N VAL F 273 -60.30 -19.03 -9.45
CA VAL F 273 -59.53 -17.86 -9.88
C VAL F 273 -59.50 -16.86 -8.73
N HIS F 274 -58.30 -16.38 -8.41
CA HIS F 274 -58.09 -15.48 -7.29
C HIS F 274 -58.04 -14.03 -7.75
N ARG F 275 -58.41 -13.13 -6.86
CA ARG F 275 -58.24 -11.70 -7.09
C ARG F 275 -56.84 -11.27 -6.63
N ILE F 276 -56.49 -10.03 -6.96
CA ILE F 276 -55.19 -9.50 -6.53
C ILE F 276 -55.15 -9.34 -5.02
N ARG F 277 -56.27 -8.95 -4.41
CA ARG F 277 -56.34 -8.79 -2.97
C ARG F 277 -56.53 -10.11 -2.23
N ASP F 278 -56.82 -11.19 -2.93
CA ASP F 278 -56.88 -12.52 -2.32
C ASP F 278 -55.52 -13.18 -2.26
N ILE F 279 -54.47 -12.52 -2.75
CA ILE F 279 -53.12 -13.07 -2.72
C ILE F 279 -52.58 -12.96 -1.30
N ARG F 280 -52.17 -14.09 -0.73
CA ARG F 280 -51.65 -14.14 0.62
C ARG F 280 -50.34 -14.92 0.63
N SER F 281 -49.54 -14.67 1.67
CA SER F 281 -48.22 -15.27 1.79
C SER F 281 -48.18 -16.77 2.06
N GLU F 282 -49.32 -17.42 2.33
CA GLU F 282 -49.30 -18.87 2.51
C GLU F 282 -49.06 -19.63 1.21
N LYS F 283 -49.28 -18.96 0.07
CA LYS F 283 -49.37 -19.61 -1.23
C LYS F 283 -48.11 -19.31 -2.03
N ILE F 284 -47.04 -18.88 -1.36
CA ILE F 284 -45.79 -18.58 -2.04
C ILE F 284 -45.20 -19.87 -2.59
N GLY F 285 -44.79 -19.83 -3.85
CA GLY F 285 -44.26 -21.02 -4.50
C GLY F 285 -45.29 -22.11 -4.72
N SER F 286 -46.51 -21.74 -5.12
CA SER F 286 -47.57 -22.71 -5.38
C SER F 286 -48.31 -22.31 -6.64
N LEU F 287 -48.86 -23.32 -7.33
CA LEU F 287 -49.63 -23.06 -8.53
C LEU F 287 -51.00 -22.49 -8.15
N LEU F 288 -51.43 -21.48 -8.89
CA LEU F 288 -52.68 -20.80 -8.68
C LEU F 288 -52.96 -19.84 -9.81
N SER F 289 -54.24 -19.48 -9.98
CA SER F 289 -54.68 -18.59 -11.05
C SER F 289 -55.21 -17.27 -10.48
N ILE F 290 -54.82 -16.17 -11.13
CA ILE F 290 -55.29 -14.83 -10.79
C ILE F 290 -55.89 -14.21 -12.04
N SER F 291 -56.52 -13.05 -11.87
CA SER F 291 -57.05 -12.28 -12.98
C SER F 291 -56.78 -10.81 -12.73
N GLY F 292 -56.62 -10.07 -13.82
CA GLY F 292 -56.36 -8.64 -13.70
C GLY F 292 -56.33 -7.97 -15.05
N THR F 293 -56.43 -6.64 -15.01
CA THR F 293 -56.44 -5.83 -16.22
C THR F 293 -55.02 -5.33 -16.49
N VAL F 294 -54.50 -5.64 -17.68
CA VAL F 294 -53.14 -5.27 -18.01
C VAL F 294 -53.04 -3.77 -18.24
N THR F 295 -52.04 -3.14 -17.61
CA THR F 295 -51.77 -1.72 -17.75
C THR F 295 -50.47 -1.44 -18.47
N ARG F 296 -49.44 -2.18 -18.12
CA ARG F 296 -48.13 -1.94 -18.74
C ARG F 296 -47.51 -3.27 -19.07
N THR F 297 -46.91 -3.42 -20.25
CA THR F 297 -46.16 -4.64 -20.61
C THR F 297 -44.72 -4.25 -20.98
N SER F 298 -43.70 -4.99 -20.53
CA SER F 298 -42.28 -4.74 -20.83
C SER F 298 -41.97 -5.17 -22.26
N GLU F 299 -40.84 -4.76 -22.80
CA GLU F 299 -40.39 -5.27 -24.12
C GLU F 299 -39.86 -6.64 -23.76
N VAL F 300 -40.01 -7.65 -24.61
CA VAL F 300 -39.39 -8.93 -24.22
C VAL F 300 -37.89 -8.75 -24.04
N ARG F 301 -37.33 -9.27 -22.95
CA ARG F 301 -35.92 -9.04 -22.63
C ARG F 301 -35.25 -10.37 -22.38
N PRO F 302 -33.96 -10.54 -22.71
CA PRO F 302 -33.26 -11.78 -22.42
C PRO F 302 -32.90 -12.02 -20.96
N GLU F 303 -33.25 -13.18 -20.40
CA GLU F 303 -32.99 -13.49 -19.00
C GLU F 303 -32.03 -14.66 -18.92
N LEU F 304 -30.96 -14.50 -18.16
CA LEU F 304 -29.91 -15.51 -18.04
C LEU F 304 -30.48 -16.81 -17.47
N TYR F 305 -30.54 -17.86 -18.27
CA TYR F 305 -31.12 -19.13 -17.84
C TYR F 305 -30.06 -20.17 -17.52
N LYS F 306 -29.15 -20.43 -18.46
CA LYS F 306 -28.01 -21.31 -18.23
C LYS F 306 -26.74 -20.53 -18.53
N ALA F 307 -26.12 -19.98 -17.49
CA ALA F 307 -24.96 -19.14 -17.64
C ALA F 307 -23.70 -19.97 -17.83
N SER F 308 -22.73 -19.40 -18.55
CA SER F 308 -21.40 -19.98 -18.69
C SER F 308 -20.41 -19.08 -17.97
N PHE F 309 -19.49 -19.70 -17.23
CA PHE F 309 -18.56 -18.98 -16.38
C PHE F 309 -17.13 -19.39 -16.70
N THR F 310 -16.23 -18.40 -16.68
CA THR F 310 -14.80 -18.61 -16.86
C THR F 310 -14.09 -18.22 -15.58
N CYS F 311 -13.24 -19.10 -15.08
CA CYS F 311 -12.51 -18.86 -13.84
C CYS F 311 -11.21 -18.14 -14.14
N ASP F 312 -10.83 -17.23 -13.25
CA ASP F 312 -9.68 -16.37 -13.49
C ASP F 312 -8.40 -17.19 -13.35
N MET F 313 -8.35 -18.11 -12.39
CA MET F 313 -7.22 -19.05 -12.31
C MET F 313 -7.19 -20.02 -13.48
N CYS F 314 -8.16 -20.92 -13.53
CA CYS F 314 -8.31 -21.87 -14.62
C CYS F 314 -9.21 -21.28 -15.68
N ARG F 315 -8.61 -20.84 -16.79
CA ARG F 315 -9.39 -20.27 -17.88
C ARG F 315 -10.05 -21.37 -18.69
N ALA F 316 -10.73 -22.28 -17.99
CA ALA F 316 -11.59 -23.26 -18.63
C ALA F 316 -12.98 -22.62 -18.75
N ILE F 317 -13.96 -23.38 -19.21
CA ILE F 317 -15.30 -22.87 -19.42
C ILE F 317 -16.29 -23.85 -18.78
N VAL F 318 -16.92 -23.43 -17.68
CA VAL F 318 -17.97 -24.24 -17.06
C VAL F 318 -19.32 -23.74 -17.57
N ASP F 319 -20.10 -24.65 -18.12
CA ASP F 319 -21.36 -24.31 -18.76
C ASP F 319 -22.51 -24.97 -18.03
N ASN F 320 -23.73 -24.67 -18.49
CA ASN F 320 -24.96 -25.23 -17.92
C ASN F 320 -25.10 -24.93 -16.44
N VAL F 321 -24.58 -23.77 -16.01
CA VAL F 321 -24.74 -23.32 -14.63
C VAL F 321 -26.17 -22.79 -14.52
N GLU F 322 -27.05 -23.60 -13.93
CA GLU F 322 -28.47 -23.25 -13.90
C GLU F 322 -28.70 -22.02 -13.04
N GLN F 323 -29.28 -20.99 -13.64
CA GLN F 323 -29.70 -19.78 -12.93
C GLN F 323 -31.17 -19.96 -12.59
N SER F 324 -31.46 -20.33 -11.34
CA SER F 324 -32.83 -20.64 -10.95
C SER F 324 -33.67 -19.37 -10.95
N PHE F 325 -33.36 -18.42 -10.06
CA PHE F 325 -34.09 -17.17 -9.98
C PHE F 325 -33.19 -15.94 -9.86
N LYS F 326 -31.89 -16.12 -9.71
CA LYS F 326 -30.99 -14.98 -9.50
C LYS F 326 -29.60 -15.34 -9.98
N TYR F 327 -28.79 -14.31 -10.24
CA TYR F 327 -27.41 -14.50 -10.66
C TYR F 327 -26.66 -15.34 -9.64
N THR F 328 -26.22 -16.53 -10.06
CA THR F 328 -25.56 -17.49 -9.18
C THR F 328 -24.29 -18.01 -9.84
N GLU F 329 -23.14 -17.65 -9.27
CA GLU F 329 -21.88 -18.20 -9.73
C GLU F 329 -21.71 -19.63 -9.22
N PRO F 330 -20.86 -20.44 -9.89
CA PRO F 330 -20.68 -21.82 -9.43
C PRO F 330 -19.90 -21.92 -8.14
N THR F 331 -19.69 -23.14 -7.65
CA THR F 331 -18.98 -23.37 -6.40
C THR F 331 -17.68 -24.14 -6.57
N PHE F 332 -17.60 -25.06 -7.52
CA PHE F 332 -16.40 -25.86 -7.75
C PHE F 332 -15.98 -25.74 -9.21
N CYS F 333 -14.68 -25.60 -9.43
CA CYS F 333 -14.14 -25.52 -10.77
C CYS F 333 -14.11 -26.90 -11.41
N PRO F 334 -14.23 -26.97 -12.74
CA PRO F 334 -14.02 -28.27 -13.41
C PRO F 334 -12.66 -28.92 -13.26
N ASN F 335 -11.58 -28.14 -13.25
CA ASN F 335 -10.25 -28.70 -13.03
C ASN F 335 -10.04 -28.87 -11.54
N PRO F 336 -9.57 -30.03 -11.07
CA PRO F 336 -9.35 -30.20 -9.62
C PRO F 336 -8.29 -29.34 -8.98
N SER F 337 -7.34 -28.83 -9.76
CA SER F 337 -6.18 -28.14 -9.18
C SER F 337 -6.53 -26.74 -8.70
N CYS F 338 -7.49 -26.06 -9.35
CA CYS F 338 -7.72 -24.66 -9.08
C CYS F 338 -8.21 -24.41 -7.66
N GLU F 339 -9.25 -25.13 -7.24
CA GLU F 339 -9.84 -25.00 -5.92
C GLU F 339 -10.24 -23.56 -5.62
N ASN F 340 -10.96 -22.96 -6.57
CA ASN F 340 -11.47 -21.60 -6.45
C ASN F 340 -12.99 -21.65 -6.48
N ARG F 341 -13.63 -20.72 -5.76
CA ARG F 341 -15.08 -20.70 -5.66
C ARG F 341 -15.72 -19.33 -5.83
N ALA F 342 -14.99 -18.23 -5.62
CA ALA F 342 -15.59 -16.91 -5.50
C ALA F 342 -15.31 -16.00 -6.69
N PHE F 343 -14.35 -16.34 -7.55
CA PHE F 343 -13.92 -15.47 -8.64
C PHE F 343 -14.31 -16.11 -9.97
N TRP F 344 -15.30 -15.52 -10.65
CA TRP F 344 -15.76 -16.03 -11.93
C TRP F 344 -16.17 -14.84 -12.80
N THR F 345 -16.19 -15.08 -14.12
CA THR F 345 -16.67 -14.09 -15.08
C THR F 345 -17.74 -14.72 -15.94
N LEU F 346 -18.78 -13.95 -16.26
CA LEU F 346 -19.92 -14.42 -17.03
C LEU F 346 -19.57 -14.02 -18.46
N ASN F 347 -19.62 -14.98 -19.39
CA ASN F 347 -19.39 -14.62 -20.80
C ASN F 347 -20.75 -14.83 -21.50
N VAL F 348 -21.26 -13.74 -22.09
CA VAL F 348 -22.66 -13.62 -22.46
C VAL F 348 -23.01 -14.41 -23.72
N THR F 349 -22.07 -14.52 -24.67
CA THR F 349 -22.34 -15.19 -25.94
C THR F 349 -22.46 -16.68 -25.63
N ARG F 350 -21.48 -17.25 -24.95
CA ARG F 350 -21.50 -18.62 -24.43
C ARG F 350 -22.57 -19.15 -23.32
N SER F 351 -23.23 -18.12 -22.79
CA SER F 351 -24.50 -18.26 -22.10
C SER F 351 -25.81 -18.51 -22.86
N ARG F 352 -26.84 -18.93 -22.11
CA ARG F 352 -28.17 -19.15 -22.65
C ARG F 352 -29.19 -18.25 -21.99
N PHE F 353 -30.22 -17.87 -22.74
CA PHE F 353 -31.20 -16.89 -22.29
C PHE F 353 -32.61 -17.37 -22.62
N LEU F 354 -33.57 -16.82 -21.88
CA LEU F 354 -35.01 -17.00 -22.10
C LEU F 354 -35.65 -15.65 -22.40
N ASP F 355 -36.91 -15.70 -22.80
CA ASP F 355 -37.65 -14.45 -23.07
C ASP F 355 -38.39 -14.09 -21.80
N TRP F 356 -38.31 -12.85 -21.38
CA TRP F 356 -38.94 -12.41 -20.13
C TRP F 356 -39.73 -11.16 -20.42
N GLN F 357 -40.99 -11.07 -20.02
CA GLN F 357 -41.74 -9.82 -20.10
C GLN F 357 -42.32 -9.62 -18.71
N LYS F 358 -42.34 -8.40 -18.19
CA LYS F 358 -42.97 -8.09 -16.90
C LYS F 358 -44.28 -7.38 -17.16
N VAL F 359 -45.40 -8.05 -16.94
CA VAL F 359 -46.71 -7.38 -17.07
C VAL F 359 -47.14 -6.70 -15.79
N ARG F 360 -47.72 -5.51 -15.86
CA ARG F 360 -48.33 -4.93 -14.68
C ARG F 360 -49.84 -5.09 -14.84
N ILE F 361 -50.48 -5.61 -13.80
CA ILE F 361 -51.91 -5.85 -13.82
C ILE F 361 -52.57 -5.16 -12.63
N GLN F 362 -53.60 -4.38 -12.91
CA GLN F 362 -54.44 -3.75 -11.89
C GLN F 362 -55.62 -4.66 -11.59
N GLU F 363 -56.25 -4.40 -10.45
CA GLU F 363 -57.50 -5.07 -10.12
C GLU F 363 -58.58 -4.70 -11.12
N ASN F 364 -59.45 -5.67 -11.40
CA ASN F 364 -60.61 -5.39 -12.24
C ASN F 364 -61.54 -4.40 -11.53
N ALA F 365 -62.24 -3.59 -12.34
CA ALA F 365 -63.07 -2.53 -11.77
C ALA F 365 -64.17 -3.09 -10.89
N ASN F 366 -64.59 -4.34 -11.12
CA ASN F 366 -65.63 -4.97 -10.32
C ASN F 366 -65.09 -5.68 -9.08
N GLU F 367 -63.77 -5.73 -8.90
CA GLU F 367 -63.17 -6.42 -7.78
C GLU F 367 -62.63 -5.47 -6.71
N ILE F 368 -62.55 -4.17 -7.00
CA ILE F 368 -62.04 -3.21 -6.01
C ILE F 368 -63.05 -3.09 -4.87
N PRO F 369 -62.62 -3.19 -3.61
CA PRO F 369 -63.56 -3.07 -2.49
C PRO F 369 -64.10 -1.66 -2.32
N THR F 370 -64.93 -1.46 -1.31
CA THR F 370 -65.48 -0.14 -1.02
C THR F 370 -64.39 0.79 -0.49
N GLY F 371 -64.30 1.98 -1.07
CA GLY F 371 -63.36 2.99 -0.63
C GLY F 371 -61.90 2.69 -0.88
N SER F 372 -61.55 1.49 -1.32
CA SER F 372 -60.16 1.10 -1.48
C SER F 372 -59.74 1.53 -2.89
N MET F 373 -58.44 1.53 -3.11
CA MET F 373 -57.82 1.84 -4.39
C MET F 373 -57.36 0.56 -5.06
N PRO F 374 -57.35 0.52 -6.39
CA PRO F 374 -56.89 -0.69 -7.08
C PRO F 374 -55.47 -1.13 -6.77
N ARG F 375 -55.29 -2.44 -6.63
CA ARG F 375 -53.99 -3.02 -6.37
C ARG F 375 -53.32 -3.44 -7.68
N THR F 376 -52.00 -3.32 -7.71
CA THR F 376 -51.21 -3.66 -8.88
C THR F 376 -50.23 -4.78 -8.55
N LEU F 377 -50.01 -5.66 -9.53
CA LEU F 377 -49.10 -6.79 -9.39
C LEU F 377 -48.22 -6.89 -10.62
N ASP F 378 -46.97 -7.32 -10.42
CA ASP F 378 -46.00 -7.49 -11.49
C ASP F 378 -45.93 -8.97 -11.86
N VAL F 379 -46.53 -9.33 -12.99
CA VAL F 379 -46.51 -10.69 -13.49
C VAL F 379 -45.34 -10.86 -14.45
N ILE F 380 -44.70 -12.02 -14.40
CA ILE F 380 -43.51 -12.32 -15.19
C ILE F 380 -43.90 -13.40 -16.21
N LEU F 381 -43.98 -13.01 -17.47
CA LEU F 381 -44.19 -13.96 -18.56
C LEU F 381 -42.85 -14.45 -19.07
N ARG F 382 -42.74 -15.76 -19.25
CA ARG F 382 -41.49 -16.39 -19.65
C ARG F 382 -41.74 -17.43 -20.72
N GLY F 383 -40.82 -17.52 -21.67
CA GLY F 383 -40.89 -18.53 -22.71
C GLY F 383 -41.76 -18.08 -23.86
N ASP F 384 -42.75 -18.90 -24.20
CA ASP F 384 -43.63 -18.63 -25.34
C ASP F 384 -44.84 -17.79 -24.96
N SER F 385 -45.03 -17.47 -23.68
CA SER F 385 -46.17 -16.69 -23.22
C SER F 385 -45.92 -15.19 -23.31
N VAL F 386 -44.75 -14.76 -23.75
CA VAL F 386 -44.46 -13.34 -23.86
C VAL F 386 -45.32 -12.72 -24.96
N GLU F 387 -45.66 -11.44 -24.78
CA GLU F 387 -46.47 -10.66 -25.70
C GLU F 387 -47.88 -11.20 -25.89
N ARG F 388 -48.30 -12.16 -25.06
CA ARG F 388 -49.66 -12.66 -25.13
C ARG F 388 -50.66 -11.75 -24.41
N ALA F 389 -50.18 -10.76 -23.67
CA ALA F 389 -51.04 -9.79 -22.99
C ALA F 389 -50.62 -8.40 -23.42
N LYS F 390 -51.61 -7.57 -23.75
CA LYS F 390 -51.38 -6.19 -24.15
C LYS F 390 -52.20 -5.25 -23.25
N PRO F 391 -51.76 -4.00 -23.10
CA PRO F 391 -52.46 -3.10 -22.15
C PRO F 391 -53.93 -2.93 -22.50
N GLY F 392 -54.76 -2.89 -21.44
CA GLY F 392 -56.18 -2.74 -21.56
C GLY F 392 -56.96 -4.04 -21.42
N ASP F 393 -56.41 -5.16 -21.89
CA ASP F 393 -57.12 -6.42 -21.84
C ASP F 393 -57.18 -6.96 -20.42
N ARG F 394 -58.31 -7.59 -20.09
CA ARG F 394 -58.48 -8.29 -18.83
C ARG F 394 -58.06 -9.74 -19.03
N CYS F 395 -56.92 -10.12 -18.46
CA CYS F 395 -56.35 -11.44 -18.65
C CYS F 395 -56.26 -12.18 -17.33
N LYS F 396 -56.43 -13.49 -17.39
CA LYS F 396 -56.24 -14.37 -16.26
C LYS F 396 -54.94 -15.15 -16.46
N PHE F 397 -54.13 -15.20 -15.42
CA PHE F 397 -52.82 -15.82 -15.45
C PHE F 397 -52.78 -17.04 -14.55
N THR F 398 -52.09 -18.08 -14.97
CA THR F 398 -51.82 -19.26 -14.16
C THR F 398 -50.32 -19.38 -13.96
N GLY F 399 -49.90 -19.60 -12.72
CA GLY F 399 -48.47 -19.74 -12.48
C GLY F 399 -48.15 -19.74 -10.99
N VAL F 400 -46.92 -19.37 -10.69
CA VAL F 400 -46.34 -19.46 -9.36
C VAL F 400 -46.40 -18.10 -8.67
N GLU F 401 -46.86 -18.08 -7.43
CA GLU F 401 -46.75 -16.88 -6.60
C GLU F 401 -45.37 -16.87 -5.95
N ILE F 402 -44.51 -15.95 -6.38
CA ILE F 402 -43.12 -15.93 -5.95
C ILE F 402 -42.85 -14.68 -5.13
N VAL F 403 -41.64 -14.57 -4.60
CA VAL F 403 -41.20 -13.41 -3.85
C VAL F 403 -39.95 -12.84 -4.51
N VAL F 404 -39.88 -11.51 -4.58
CA VAL F 404 -38.72 -10.84 -5.15
C VAL F 404 -38.20 -9.82 -4.14
N PRO F 405 -36.90 -9.52 -4.12
CA PRO F 405 -36.38 -8.56 -3.15
C PRO F 405 -37.05 -7.20 -3.30
N ASP F 406 -37.31 -6.56 -2.15
CA ASP F 406 -38.00 -5.27 -2.09
C ASP F 406 -37.29 -4.42 -1.04
N VAL F 407 -36.34 -3.60 -1.49
CA VAL F 407 -35.59 -2.74 -0.58
C VAL F 407 -36.39 -1.52 -0.12
N THR F 408 -37.55 -1.27 -0.71
CA THR F 408 -38.37 -0.13 -0.33
C THR F 408 -39.11 -0.34 0.99
N GLN F 409 -39.09 -1.55 1.53
CA GLN F 409 -39.72 -1.82 2.82
C GLN F 409 -38.93 -1.24 3.98
N LEU F 410 -37.79 -0.62 3.72
CA LEU F 410 -37.07 0.09 4.77
C LEU F 410 -37.90 1.25 5.29
N GLY F 411 -37.85 1.46 6.60
CA GLY F 411 -38.64 2.49 7.24
C GLY F 411 -40.06 2.08 7.55
N LEU F 412 -40.52 0.95 7.04
CA LEU F 412 -41.85 0.47 7.36
C LEU F 412 -41.91 0.02 8.82
N PRO F 413 -43.06 0.16 9.46
CA PRO F 413 -43.20 -0.30 10.84
C PRO F 413 -43.08 -1.81 10.94
N GLY F 414 -42.62 -2.27 12.09
CA GLY F 414 -42.45 -3.69 12.36
C GLY F 414 -40.98 -4.07 12.38
N VAL F 415 -40.76 -5.34 12.74
CA VAL F 415 -39.43 -5.91 12.84
C VAL F 415 -39.12 -6.59 11.50
N LYS F 416 -38.45 -5.87 10.61
CA LYS F 416 -38.08 -6.44 9.33
C LYS F 416 -37.08 -7.58 9.53
N PRO F 417 -37.27 -8.73 8.90
CA PRO F 417 -36.36 -9.85 9.11
C PRO F 417 -34.97 -9.57 8.58
N SER F 418 -33.98 -10.21 9.20
CA SER F 418 -32.59 -10.08 8.79
C SER F 418 -31.89 -11.40 9.06
N SER F 419 -30.75 -11.60 8.37
CA SER F 419 -30.00 -12.84 8.46
C SER F 419 -28.57 -12.53 8.88
N THR F 420 -28.02 -13.38 9.75
CA THR F 420 -26.65 -13.27 10.19
C THR F 420 -25.97 -14.63 10.12
N LEU F 421 -24.68 -14.62 9.77
CA LEU F 421 -23.91 -15.85 9.69
C LEU F 421 -23.73 -16.45 11.07
N ASP F 422 -23.83 -17.77 11.15
CA ASP F 422 -23.67 -18.48 12.43
C ASP F 422 -22.21 -18.47 12.82
N THR F 423 -21.91 -17.86 13.97
CA THR F 423 -20.54 -17.67 14.41
C THR F 423 -20.09 -18.69 15.46
N ARG F 424 -20.77 -19.83 15.55
CA ARG F 424 -20.36 -20.91 16.43
C ARG F 424 -19.84 -22.08 15.60
N GLY F 425 -18.91 -22.84 16.17
CA GLY F 425 -18.19 -23.84 15.41
C GLY F 425 -17.31 -23.22 14.36
N ILE F 426 -16.62 -22.13 14.70
CA ILE F 426 -15.87 -21.35 13.72
C ILE F 426 -14.40 -21.17 14.09
N SER F 427 -14.00 -21.48 15.33
CA SER F 427 -12.60 -21.54 15.74
C SER F 427 -11.88 -20.19 15.56
N LYS F 428 -12.32 -19.22 16.37
CA LYS F 428 -11.60 -17.96 16.49
C LYS F 428 -10.23 -18.16 17.14
N THR F 429 -9.35 -17.18 16.91
CA THR F 429 -8.10 -17.05 17.64
C THR F 429 -8.03 -15.66 18.23
N THR F 430 -7.70 -15.59 19.52
CA THR F 430 -7.66 -14.31 20.22
C THR F 430 -6.22 -13.93 20.58
N ARG F 441 -15.15 -7.48 9.94
CA ARG F 441 -15.48 -8.10 11.22
C ARG F 441 -16.41 -9.29 11.04
N SER F 442 -16.52 -9.75 9.78
CA SER F 442 -17.33 -10.92 9.42
C SER F 442 -18.79 -10.73 9.83
N LEU F 443 -19.43 -9.71 9.25
CA LEU F 443 -20.83 -9.44 9.56
C LEU F 443 -21.75 -10.35 8.74
N GLY F 444 -21.72 -10.21 7.42
CA GLY F 444 -22.59 -11.01 6.57
C GLY F 444 -24.06 -10.82 6.85
N VAL F 445 -24.49 -9.58 7.11
CA VAL F 445 -25.87 -9.28 7.48
C VAL F 445 -26.61 -8.83 6.23
N ARG F 446 -27.76 -9.45 5.98
CA ARG F 446 -28.59 -9.15 4.82
C ARG F 446 -30.01 -8.82 5.26
N ASP F 447 -30.74 -8.15 4.39
CA ASP F 447 -32.12 -7.75 4.65
C ASP F 447 -33.06 -8.72 3.95
N LEU F 448 -33.86 -9.44 4.73
CA LEU F 448 -34.81 -10.40 4.19
C LEU F 448 -36.19 -9.78 3.98
N THR F 449 -36.24 -8.68 3.25
CA THR F 449 -37.49 -8.02 2.91
C THR F 449 -37.86 -8.33 1.46
N TYR F 450 -39.07 -8.85 1.26
CA TYR F 450 -39.52 -9.30 -0.05
C TYR F 450 -40.89 -8.74 -0.35
N LYS F 451 -41.27 -8.80 -1.62
CA LYS F 451 -42.60 -8.44 -2.08
C LYS F 451 -43.12 -9.55 -2.99
N ILE F 452 -44.43 -9.73 -2.99
CA ILE F 452 -45.06 -10.83 -3.71
C ILE F 452 -45.19 -10.46 -5.17
N SER F 453 -44.66 -11.30 -6.04
CA SER F 453 -44.78 -11.17 -7.50
C SER F 453 -45.37 -12.46 -8.05
N PHE F 454 -45.62 -12.47 -9.36
CA PHE F 454 -46.25 -13.60 -10.01
C PHE F 454 -45.44 -14.00 -11.24
N LEU F 455 -45.31 -15.31 -11.45
CA LEU F 455 -44.59 -15.88 -12.59
C LEU F 455 -45.58 -16.74 -13.36
N ALA F 456 -46.03 -16.24 -14.51
CA ALA F 456 -47.11 -16.88 -15.26
C ALA F 456 -46.55 -17.82 -16.31
N CYS F 457 -47.05 -19.06 -16.31
CA CYS F 457 -46.78 -20.03 -17.37
C CYS F 457 -47.90 -20.13 -18.37
N HIS F 458 -49.00 -19.42 -18.18
CA HIS F 458 -50.14 -19.47 -19.10
C HIS F 458 -50.91 -18.16 -19.00
N VAL F 459 -51.21 -17.57 -20.15
CA VAL F 459 -52.00 -16.35 -20.24
C VAL F 459 -53.11 -16.55 -21.25
N ILE F 460 -54.34 -16.25 -20.86
CA ILE F 460 -55.48 -16.24 -21.77
C ILE F 460 -56.35 -15.03 -21.44
N SER F 461 -56.83 -14.36 -22.49
CA SER F 461 -57.63 -13.16 -22.31
C SER F 461 -59.09 -13.49 -22.10
N ILE F 462 -59.71 -12.81 -21.14
CA ILE F 462 -61.12 -13.01 -20.84
C ILE F 462 -61.87 -11.69 -20.90
N ASN F 497 -54.49 -10.36 -38.77
CA ASN F 497 -55.07 -10.28 -37.43
C ASN F 497 -56.57 -9.95 -37.49
N GLU F 498 -57.36 -10.96 -37.88
CA GLU F 498 -58.82 -10.89 -37.92
C GLU F 498 -59.31 -9.99 -39.05
N ARG F 499 -58.40 -9.32 -39.74
CA ARG F 499 -58.81 -8.50 -40.88
C ARG F 499 -59.22 -9.37 -42.07
N ASP F 500 -58.63 -10.54 -42.21
CA ASP F 500 -59.04 -11.46 -43.26
C ASP F 500 -60.33 -12.17 -42.84
N GLN F 501 -61.30 -12.22 -43.77
CA GLN F 501 -62.60 -12.80 -43.46
C GLN F 501 -62.51 -14.32 -43.27
N GLU F 502 -61.85 -15.00 -44.21
CA GLU F 502 -61.87 -16.45 -44.22
C GLU F 502 -61.21 -17.05 -42.98
N VAL F 503 -60.11 -16.47 -42.51
CA VAL F 503 -59.49 -16.99 -41.30
C VAL F 503 -60.39 -16.80 -40.09
N PHE F 504 -61.19 -15.72 -40.08
CA PHE F 504 -62.12 -15.52 -38.97
C PHE F 504 -63.25 -16.54 -38.99
N LEU F 505 -63.83 -16.79 -40.17
CA LEU F 505 -64.90 -17.78 -40.24
C LEU F 505 -64.39 -19.20 -40.03
N ASN F 506 -63.15 -19.50 -40.40
CA ASN F 506 -62.64 -20.86 -40.27
C ASN F 506 -62.58 -21.29 -38.81
N SER F 507 -62.09 -20.42 -37.93
CA SER F 507 -61.95 -20.74 -36.51
C SER F 507 -63.15 -20.18 -35.74
N LEU F 508 -64.29 -20.86 -35.90
CA LEU F 508 -65.53 -20.42 -35.29
C LEU F 508 -66.53 -21.56 -35.38
N SER F 509 -67.30 -21.74 -34.31
CA SER F 509 -68.15 -22.93 -34.16
C SER F 509 -69.24 -22.97 -35.22
N SER F 510 -69.62 -24.18 -35.63
CA SER F 510 -70.55 -24.34 -36.74
C SER F 510 -71.93 -23.77 -36.42
N ASP F 511 -72.42 -23.98 -35.20
CA ASP F 511 -73.72 -23.44 -34.83
C ASP F 511 -73.74 -21.93 -34.91
N GLU F 512 -72.65 -21.29 -34.48
CA GLU F 512 -72.53 -19.84 -34.66
C GLU F 512 -72.50 -19.47 -36.14
N ILE F 513 -71.94 -20.33 -36.99
CA ILE F 513 -72.01 -20.08 -38.42
C ILE F 513 -73.48 -20.18 -38.82
N ASN F 514 -74.19 -21.18 -38.29
CA ASN F 514 -75.62 -21.32 -38.60
C ASN F 514 -76.37 -20.02 -38.29
N GLU F 515 -76.26 -19.54 -37.06
CA GLU F 515 -76.95 -18.31 -36.73
C GLU F 515 -76.48 -17.05 -37.43
N LEU F 516 -75.17 -16.92 -37.70
CA LEU F 516 -74.65 -15.76 -38.42
C LEU F 516 -75.21 -15.70 -39.84
N LYS F 517 -75.22 -16.84 -40.53
CA LYS F 517 -75.73 -16.86 -41.90
C LYS F 517 -77.24 -16.66 -41.93
N GLU F 518 -77.96 -17.12 -40.89
CA GLU F 518 -79.37 -16.79 -40.77
C GLU F 518 -79.58 -15.29 -40.59
N MET F 519 -78.75 -14.65 -39.77
CA MET F 519 -78.85 -13.21 -39.57
C MET F 519 -78.57 -12.45 -40.85
N VAL F 520 -77.57 -12.90 -41.62
CA VAL F 520 -77.29 -12.29 -42.91
C VAL F 520 -78.47 -12.50 -43.86
N LYS F 521 -79.06 -13.69 -43.84
CA LYS F 521 -80.22 -13.98 -44.69
C LYS F 521 -81.44 -13.14 -44.32
N ASP F 522 -81.46 -12.57 -43.12
CA ASP F 522 -82.60 -11.76 -42.70
C ASP F 522 -82.71 -10.50 -43.57
N GLU F 523 -83.93 -10.00 -43.72
CA GLU F 523 -84.18 -8.92 -44.66
C GLU F 523 -84.06 -7.54 -44.01
N HIS F 524 -84.57 -7.38 -42.78
CA HIS F 524 -84.51 -6.09 -42.10
C HIS F 524 -83.36 -6.09 -41.10
N ILE F 525 -82.25 -6.69 -41.50
CA ILE F 525 -81.11 -6.87 -40.60
C ILE F 525 -80.65 -5.52 -40.06
N TYR F 526 -80.69 -4.46 -40.87
CA TYR F 526 -80.34 -3.13 -40.39
C TYR F 526 -81.26 -2.68 -39.26
N ASP F 527 -82.58 -2.81 -39.47
CA ASP F 527 -83.54 -2.39 -38.46
C ASP F 527 -83.42 -3.22 -37.19
N LYS F 528 -83.24 -4.53 -37.34
CA LYS F 528 -83.07 -5.38 -36.15
C LYS F 528 -81.80 -5.04 -35.40
N LEU F 529 -80.71 -4.75 -36.12
CA LEU F 529 -79.47 -4.34 -35.46
C LEU F 529 -79.66 -3.04 -34.70
N VAL F 530 -80.37 -2.08 -35.31
CA VAL F 530 -80.61 -0.80 -34.63
C VAL F 530 -81.46 -1.01 -33.38
N ARG F 531 -82.50 -1.85 -33.49
CA ARG F 531 -83.35 -2.13 -32.33
C ARG F 531 -82.62 -2.89 -31.24
N SER F 532 -81.50 -3.54 -31.57
CA SER F 532 -80.72 -4.31 -30.61
C SER F 532 -79.61 -3.49 -29.96
N ILE F 533 -79.51 -2.20 -30.26
CA ILE F 533 -78.48 -1.33 -29.71
C ILE F 533 -79.07 -0.57 -28.53
N ALA F 534 -78.45 -0.71 -27.36
CA ALA F 534 -78.89 -0.06 -26.13
C ALA F 534 -80.36 -0.30 -25.86
N PRO F 535 -80.78 -1.56 -25.51
CA PRO F 535 -82.20 -1.85 -25.39
C PRO F 535 -82.82 -1.08 -24.23
N ALA F 536 -82.03 -0.77 -23.21
CA ALA F 536 -82.53 -0.08 -22.00
C ALA F 536 -82.99 1.33 -22.34
N VAL F 537 -82.31 2.01 -23.27
CA VAL F 537 -82.73 3.36 -23.70
C VAL F 537 -83.97 3.21 -24.56
N PHE F 538 -84.91 4.14 -24.49
CA PHE F 538 -86.19 4.01 -25.20
C PHE F 538 -86.36 5.12 -26.23
N GLY F 539 -86.46 4.77 -27.51
CA GLY F 539 -86.85 5.77 -28.50
C GLY F 539 -85.79 6.64 -29.16
N HIS F 540 -84.55 6.58 -28.75
CA HIS F 540 -83.58 7.40 -29.53
C HIS F 540 -83.03 6.46 -30.59
N GLU F 541 -83.57 6.48 -31.80
CA GLU F 541 -83.19 5.47 -32.83
C GLU F 541 -82.09 6.00 -33.73
N ALA F 542 -82.07 7.32 -33.96
CA ALA F 542 -80.97 7.91 -34.71
C ALA F 542 -79.64 7.73 -33.98
N VAL F 543 -79.66 7.90 -32.66
CA VAL F 543 -78.45 7.72 -31.86
C VAL F 543 -78.00 6.26 -31.90
N LYS F 544 -78.96 5.32 -31.84
CA LYS F 544 -78.60 3.91 -31.94
C LYS F 544 -78.03 3.58 -33.31
N LYS F 545 -78.60 4.14 -34.37
CA LYS F 545 -78.04 3.96 -35.71
C LYS F 545 -76.60 4.47 -35.77
N GLY F 546 -76.37 5.67 -35.23
CA GLY F 546 -75.02 6.21 -35.22
C GLY F 546 -74.05 5.36 -34.43
N ILE F 547 -74.48 4.87 -33.27
CA ILE F 547 -73.61 4.03 -32.45
C ILE F 547 -73.28 2.74 -33.17
N LEU F 548 -74.28 2.12 -33.82
CA LEU F 548 -74.01 0.89 -34.57
C LEU F 548 -73.01 1.13 -35.69
N LEU F 549 -73.20 2.23 -36.45
CA LEU F 549 -72.25 2.54 -37.53
C LEU F 549 -70.86 2.84 -37.00
N GLN F 550 -70.76 3.55 -35.87
CA GLN F 550 -69.46 3.80 -35.25
C GLN F 550 -68.79 2.50 -34.84
N MET F 551 -69.57 1.59 -34.26
CA MET F 551 -69.04 0.29 -33.82
C MET F 551 -68.71 -0.61 -34.99
N LEU F 552 -69.26 -0.34 -36.17
CA LEU F 552 -68.84 -1.00 -37.41
C LEU F 552 -67.64 -0.31 -38.05
N GLY F 553 -67.78 0.97 -38.39
CA GLY F 553 -66.67 1.74 -38.89
C GLY F 553 -66.49 1.65 -40.40
N GLY F 554 -65.76 2.63 -40.93
CA GLY F 554 -65.41 2.65 -42.33
C GLY F 554 -64.09 1.95 -42.59
N VAL F 555 -63.47 2.31 -43.71
CA VAL F 555 -62.17 1.76 -44.09
C VAL F 555 -61.13 2.87 -44.03
N HIS F 556 -59.90 2.48 -43.68
CA HIS F 556 -58.79 3.41 -43.60
C HIS F 556 -58.10 3.46 -44.97
N LYS F 557 -58.02 4.67 -45.54
CA LYS F 557 -57.49 4.86 -46.87
C LYS F 557 -56.32 5.83 -46.83
N SER F 558 -55.21 5.45 -47.44
CA SER F 558 -54.00 6.26 -47.49
C SER F 558 -53.73 6.68 -48.93
N THR F 559 -53.46 7.96 -49.13
CA THR F 559 -53.21 8.50 -50.46
C THR F 559 -51.81 8.13 -50.93
N VAL F 560 -51.43 8.65 -52.10
CA VAL F 560 -50.10 8.39 -52.65
C VAL F 560 -49.04 9.04 -51.79
N GLU F 561 -49.24 10.30 -51.40
CA GLU F 561 -48.28 11.04 -50.60
C GLU F 561 -48.47 10.82 -49.10
N GLY F 562 -49.55 10.14 -48.69
CA GLY F 562 -49.73 9.81 -47.29
C GLY F 562 -50.62 10.76 -46.51
N ILE F 563 -51.74 11.17 -47.10
CA ILE F 563 -52.73 11.94 -46.34
C ILE F 563 -53.34 11.08 -45.25
N LYS F 564 -53.51 9.77 -45.53
CA LYS F 564 -53.99 8.79 -44.54
C LYS F 564 -55.39 9.17 -44.04
N LEU F 565 -56.33 9.14 -44.97
CA LEU F 565 -57.73 9.35 -44.62
C LEU F 565 -58.19 8.28 -43.64
N ARG F 566 -58.84 8.72 -42.57
CA ARG F 566 -59.26 7.84 -41.49
C ARG F 566 -60.74 7.48 -41.63
N GLY F 567 -61.07 6.25 -41.29
CA GLY F 567 -62.43 5.75 -41.43
C GLY F 567 -63.07 5.40 -40.12
N ASP F 568 -62.86 6.22 -39.10
CA ASP F 568 -63.45 6.04 -37.79
C ASP F 568 -64.49 7.13 -37.56
N ILE F 569 -65.72 6.72 -37.28
CA ILE F 569 -66.82 7.65 -37.07
C ILE F 569 -66.74 8.20 -35.66
N ASN F 570 -66.66 9.52 -35.53
CA ASN F 570 -66.67 10.20 -34.24
C ASN F 570 -68.03 10.86 -34.05
N ILE F 571 -68.65 10.60 -32.89
CA ILE F 571 -70.01 11.02 -32.60
C ILE F 571 -70.02 11.86 -31.34
N CYS F 572 -70.81 12.94 -31.36
CA CYS F 572 -71.06 13.74 -30.17
C CYS F 572 -72.56 13.75 -29.91
N VAL F 573 -72.93 13.60 -28.65
CA VAL F 573 -74.33 13.57 -28.23
C VAL F 573 -74.51 14.71 -27.23
N VAL F 574 -75.36 15.67 -27.60
CA VAL F 574 -75.63 16.84 -26.77
C VAL F 574 -77.14 17.00 -26.64
N GLY F 575 -77.55 17.75 -25.64
CA GLY F 575 -78.99 17.85 -25.47
C GLY F 575 -79.42 18.32 -24.10
N ASP F 576 -80.71 18.20 -23.83
CA ASP F 576 -81.27 18.68 -22.56
C ASP F 576 -80.86 17.71 -21.46
N PRO F 577 -80.95 18.06 -20.17
CA PRO F 577 -80.66 17.12 -19.10
C PRO F 577 -81.48 15.83 -19.03
N SER F 578 -80.89 14.74 -18.54
CA SER F 578 -81.59 13.45 -18.36
C SER F 578 -82.26 12.94 -19.63
N THR F 579 -81.51 12.86 -20.73
CA THR F 579 -82.07 12.45 -22.04
C THR F 579 -81.41 11.13 -22.43
N SER F 580 -80.81 10.40 -21.49
CA SER F 580 -80.16 9.10 -21.74
C SER F 580 -78.80 9.19 -22.43
N LYS F 581 -78.17 10.36 -22.44
CA LYS F 581 -76.89 10.54 -23.16
C LYS F 581 -75.82 9.66 -22.55
N SER F 582 -75.76 9.55 -21.24
CA SER F 582 -74.71 8.76 -20.55
C SER F 582 -75.10 7.29 -20.45
N GLN F 583 -76.34 6.95 -20.83
CA GLN F 583 -76.80 5.55 -20.80
C GLN F 583 -76.46 4.90 -22.12
N PHE F 584 -76.04 5.69 -23.10
CA PHE F 584 -75.59 5.16 -24.41
C PHE F 584 -74.10 4.97 -24.30
N LEU F 585 -73.40 5.89 -23.63
CA LEU F 585 -71.99 5.67 -23.34
C LEU F 585 -71.80 4.49 -22.40
N LYS F 586 -72.70 4.34 -21.43
CA LYS F 586 -72.64 3.16 -20.55
C LYS F 586 -72.85 1.88 -21.34
N TYR F 587 -73.75 1.89 -22.32
CA TYR F 587 -74.00 0.69 -23.10
C TYR F 587 -72.80 0.35 -23.98
N VAL F 588 -72.17 1.35 -24.57
CA VAL F 588 -71.05 1.09 -25.48
C VAL F 588 -69.89 0.44 -24.74
N VAL F 589 -69.54 0.95 -23.57
CA VAL F 589 -68.50 0.34 -22.75
C VAL F 589 -69.12 -0.85 -22.00
N GLY F 590 -68.56 -2.03 -22.22
CA GLY F 590 -69.14 -3.27 -21.74
C GLY F 590 -69.72 -4.13 -22.84
N PHE F 591 -69.96 -3.57 -24.03
CA PHE F 591 -70.31 -4.35 -25.20
C PHE F 591 -69.25 -4.27 -26.29
N ALA F 592 -68.85 -3.06 -26.67
CA ALA F 592 -67.85 -2.91 -27.72
C ALA F 592 -66.49 -3.37 -27.22
N PRO F 593 -65.81 -4.26 -27.95
CA PRO F 593 -64.47 -4.67 -27.53
C PRO F 593 -63.49 -3.50 -27.57
N ARG F 594 -62.55 -3.51 -26.63
CA ARG F 594 -61.53 -2.48 -26.51
C ARG F 594 -62.16 -1.09 -26.43
N SER F 595 -63.14 -0.95 -25.54
CA SER F 595 -63.82 0.31 -25.31
C SER F 595 -63.44 0.83 -23.93
N VAL F 596 -63.16 2.14 -23.86
CA VAL F 596 -62.69 2.76 -22.62
C VAL F 596 -63.60 3.94 -22.29
N TYR F 597 -64.18 3.93 -21.09
CA TYR F 597 -65.07 4.98 -20.63
C TYR F 597 -64.34 5.91 -19.66
N THR F 598 -64.57 7.21 -19.81
CA THR F 598 -63.94 8.20 -18.96
C THR F 598 -64.83 9.43 -18.88
N SER F 599 -64.55 10.28 -17.89
CA SER F 599 -65.31 11.49 -17.67
C SER F 599 -64.44 12.71 -17.95
N GLY F 600 -65.10 13.85 -18.15
CA GLY F 600 -64.37 15.07 -18.49
C GLY F 600 -63.52 15.60 -17.35
N LYS F 601 -64.09 15.68 -16.16
CA LYS F 601 -63.39 16.25 -15.02
C LYS F 601 -62.48 15.26 -14.30
N ALA F 602 -62.62 13.97 -14.59
CA ALA F 602 -61.77 12.94 -13.98
C ALA F 602 -60.67 12.48 -14.92
N SER F 603 -60.37 13.26 -15.96
CA SER F 603 -59.38 12.89 -16.95
C SER F 603 -58.37 14.02 -17.11
N SER F 604 -57.17 13.65 -17.57
CA SER F 604 -56.10 14.59 -17.85
C SER F 604 -55.49 14.27 -19.21
N ALA F 605 -54.68 15.21 -19.71
CA ALA F 605 -54.00 14.99 -20.98
C ALA F 605 -53.07 13.78 -20.92
N ALA F 606 -52.52 13.49 -19.74
CA ALA F 606 -51.65 12.34 -19.56
C ALA F 606 -52.41 11.06 -19.22
N GLY F 607 -53.72 11.16 -18.98
CA GLY F 607 -54.52 9.97 -18.70
C GLY F 607 -55.26 9.48 -19.93
N LEU F 608 -55.61 10.40 -20.82
CA LEU F 608 -56.24 10.06 -22.08
C LEU F 608 -55.21 9.63 -23.11
N THR F 609 -54.20 10.45 -23.34
CA THR F 609 -53.03 10.05 -24.09
C THR F 609 -52.01 9.44 -23.13
N ALA F 610 -50.95 8.85 -23.69
CA ALA F 610 -49.96 8.18 -22.86
C ALA F 610 -49.21 9.19 -21.99
N ALA F 611 -48.79 8.72 -20.83
CA ALA F 611 -48.01 9.52 -19.89
C ALA F 611 -46.60 8.97 -19.76
N VAL F 612 -45.71 9.79 -19.23
CA VAL F 612 -44.36 9.38 -18.88
C VAL F 612 -44.30 9.34 -17.36
N VAL F 613 -44.25 8.15 -16.79
CA VAL F 613 -44.34 7.95 -15.35
C VAL F 613 -43.05 7.34 -14.84
N ARG F 614 -42.88 7.36 -13.52
CA ARG F 614 -41.72 6.79 -12.86
C ARG F 614 -42.18 6.06 -11.61
N ASP F 615 -41.97 4.75 -11.57
CA ASP F 615 -42.41 3.95 -10.42
C ASP F 615 -41.51 4.17 -9.22
N GLU F 616 -40.19 4.21 -9.43
CA GLU F 616 -39.21 4.32 -8.37
C GLU F 616 -38.36 5.57 -8.58
N GLU F 617 -38.25 6.40 -7.54
CA GLU F 617 -37.28 7.49 -7.60
C GLU F 617 -35.88 6.93 -7.76
N GLY F 618 -35.14 7.49 -8.70
CA GLY F 618 -33.89 6.88 -9.12
C GLY F 618 -34.06 5.74 -10.11
N GLY F 619 -35.28 5.55 -10.63
CA GLY F 619 -35.52 4.51 -11.59
C GLY F 619 -35.77 5.24 -12.91
N ASP F 620 -35.80 4.48 -14.00
CA ASP F 620 -35.96 5.16 -15.31
C ASP F 620 -37.42 5.57 -15.50
N TYR F 621 -37.78 6.13 -16.65
CA TYR F 621 -39.18 6.50 -16.94
C TYR F 621 -39.81 5.53 -17.93
N THR F 622 -41.14 5.43 -17.96
CA THR F 622 -41.83 4.43 -18.82
C THR F 622 -43.03 5.10 -19.46
N ILE F 623 -43.64 4.47 -20.46
CA ILE F 623 -44.90 5.02 -21.06
C ILE F 623 -46.00 4.08 -20.59
N GLU F 624 -46.88 4.58 -19.72
CA GLU F 624 -48.11 3.80 -19.39
C GLU F 624 -49.19 4.33 -20.31
N ALA F 625 -49.90 3.47 -20.99
CA ALA F 625 -50.89 3.70 -22.02
C ALA F 625 -52.14 4.41 -21.54
N GLY F 626 -52.59 5.40 -22.32
CA GLY F 626 -53.70 6.24 -21.92
C GLY F 626 -55.04 5.67 -22.35
N ALA F 627 -56.10 6.44 -22.08
CA ALA F 627 -57.44 6.02 -22.45
C ALA F 627 -57.60 5.94 -23.96
N LEU F 628 -56.95 6.84 -24.69
CA LEU F 628 -57.01 6.82 -26.15
C LEU F 628 -56.22 5.67 -26.76
N MET F 629 -55.41 4.97 -25.97
CA MET F 629 -54.67 3.80 -26.45
C MET F 629 -55.19 2.48 -25.92
N LEU F 630 -55.75 2.45 -24.71
CA LEU F 630 -56.45 1.26 -24.25
C LEU F 630 -57.71 1.01 -25.06
N ALA F 631 -58.25 2.04 -25.72
CA ALA F 631 -59.38 1.90 -26.61
C ALA F 631 -58.95 1.83 -28.08
N ASP F 632 -57.70 1.46 -28.34
CA ASP F 632 -57.19 1.40 -29.70
C ASP F 632 -58.00 0.39 -30.52
N ASN F 633 -58.36 0.80 -31.74
CA ASN F 633 -59.26 0.02 -32.61
C ASN F 633 -60.59 -0.23 -31.90
N GLY F 634 -61.02 0.70 -31.07
CA GLY F 634 -62.26 0.59 -30.32
C GLY F 634 -62.90 1.95 -30.19
N ILE F 635 -63.58 2.18 -29.08
CA ILE F 635 -64.30 3.42 -28.83
C ILE F 635 -63.88 4.00 -27.49
N CYS F 636 -63.57 5.29 -27.48
CA CYS F 636 -63.35 6.04 -26.26
C CYS F 636 -64.61 6.84 -25.97
N CYS F 637 -65.31 6.47 -24.89
CA CYS F 637 -66.55 7.12 -24.48
C CYS F 637 -66.22 8.18 -23.43
N ILE F 638 -66.21 9.43 -23.86
CA ILE F 638 -65.88 10.56 -22.99
C ILE F 638 -67.20 11.23 -22.60
N ASP F 639 -67.61 11.05 -21.36
CA ASP F 639 -68.80 11.71 -20.86
C ASP F 639 -68.43 13.08 -20.29
N GLU F 640 -69.35 14.03 -20.44
CA GLU F 640 -69.14 15.42 -20.02
C GLU F 640 -67.91 16.00 -20.71
N PHE F 641 -67.94 16.00 -22.04
CA PHE F 641 -66.83 16.57 -22.81
C PHE F 641 -66.68 18.06 -22.56
N ASP F 642 -67.79 18.75 -22.25
CA ASP F 642 -67.73 20.19 -22.01
C ASP F 642 -66.95 20.50 -20.74
N LYS F 643 -67.07 19.66 -19.72
CA LYS F 643 -66.43 19.92 -18.44
C LYS F 643 -64.91 19.85 -18.56
N MET F 644 -64.42 19.16 -19.58
CA MET F 644 -62.98 18.92 -19.73
C MET F 644 -62.24 20.22 -20.02
N ASP F 645 -61.02 20.32 -19.51
CA ASP F 645 -60.21 21.52 -19.65
C ASP F 645 -59.76 21.73 -21.10
N ILE F 646 -59.35 22.96 -21.39
CA ILE F 646 -58.96 23.33 -22.75
C ILE F 646 -57.70 22.57 -23.17
N SER F 647 -56.72 22.47 -22.27
CA SER F 647 -55.48 21.78 -22.61
C SER F 647 -55.74 20.31 -22.92
N ASP F 648 -56.60 19.66 -22.14
CA ASP F 648 -56.96 18.27 -22.42
C ASP F 648 -57.65 18.16 -23.76
N GLN F 649 -58.50 19.14 -24.10
CA GLN F 649 -59.16 19.15 -25.39
C GLN F 649 -58.15 19.27 -26.52
N VAL F 650 -57.13 20.11 -26.35
CA VAL F 650 -56.08 20.23 -27.37
C VAL F 650 -55.31 18.92 -27.49
N ALA F 651 -55.06 18.25 -26.36
CA ALA F 651 -54.39 16.96 -26.40
C ALA F 651 -55.20 15.94 -27.18
N ILE F 652 -56.52 15.92 -26.97
CA ILE F 652 -57.38 15.02 -27.73
C ILE F 652 -57.43 15.43 -29.19
N HIS F 653 -57.32 16.74 -29.46
CA HIS F 653 -57.27 17.22 -30.84
C HIS F 653 -56.04 16.70 -31.56
N GLU F 654 -54.91 16.63 -30.85
CA GLU F 654 -53.69 16.10 -31.44
C GLU F 654 -53.85 14.65 -31.88
N ALA F 655 -54.77 13.91 -31.26
CA ALA F 655 -55.07 12.55 -31.67
C ALA F 655 -56.20 12.44 -32.67
N MET F 656 -57.13 13.39 -32.69
CA MET F 656 -58.18 13.38 -33.72
C MET F 656 -57.64 13.78 -35.09
N GLU F 657 -56.72 14.72 -35.15
CA GLU F 657 -56.17 15.04 -36.47
C GLU F 657 -55.39 13.86 -37.04
N GLN F 658 -54.29 13.46 -36.40
CA GLN F 658 -53.40 12.48 -37.03
C GLN F 658 -53.58 11.03 -36.58
N GLN F 659 -54.51 10.74 -35.69
CA GLN F 659 -54.69 9.38 -35.15
C GLN F 659 -53.36 8.88 -34.58
N THR F 660 -52.60 9.76 -33.94
CA THR F 660 -51.27 9.41 -33.39
C THR F 660 -50.98 10.37 -32.25
N ILE F 661 -50.18 9.96 -31.27
CA ILE F 661 -49.84 10.92 -30.23
C ILE F 661 -48.32 10.95 -30.07
N SER F 662 -47.76 12.14 -30.02
CA SER F 662 -46.32 12.34 -29.90
C SER F 662 -46.00 12.81 -28.50
N ILE F 663 -45.19 12.05 -27.77
CA ILE F 663 -44.73 12.42 -26.45
C ILE F 663 -43.22 12.53 -26.49
N ALA F 664 -42.70 13.69 -26.12
CA ALA F 664 -41.28 13.98 -26.14
C ALA F 664 -40.79 14.50 -24.78
N LYS F 665 -41.24 13.85 -23.72
CA LYS F 665 -40.99 14.29 -22.35
C LYS F 665 -39.98 13.38 -21.67
N ALA F 666 -39.00 13.91 -20.94
CA ALA F 666 -38.10 13.09 -20.08
C ALA F 666 -37.09 12.23 -20.80
N GLY F 667 -36.86 12.42 -22.10
CA GLY F 667 -35.93 11.50 -22.78
C GLY F 667 -36.63 10.35 -23.45
N ILE F 668 -37.95 10.38 -23.50
CA ILE F 668 -38.72 9.37 -24.25
C ILE F 668 -39.34 10.18 -25.38
N HIS F 669 -39.06 9.85 -26.63
CA HIS F 669 -39.54 10.68 -27.76
C HIS F 669 -40.50 9.85 -28.60
N ALA F 670 -41.19 8.90 -28.00
CA ALA F 670 -42.06 7.95 -28.73
C ALA F 670 -43.23 8.54 -29.47
N THR F 671 -43.56 7.98 -30.62
CA THR F 671 -44.75 8.36 -31.40
C THR F 671 -45.74 7.20 -31.32
N LEU F 672 -46.74 7.33 -30.49
CA LEU F 672 -47.76 6.28 -30.25
C LEU F 672 -48.92 6.48 -31.20
N ASN F 673 -49.64 5.42 -31.57
CA ASN F 673 -50.75 5.56 -32.55
C ASN F 673 -52.01 5.36 -31.73
N ALA F 674 -53.02 6.20 -31.95
CA ALA F 674 -54.26 6.13 -31.17
C ALA F 674 -55.40 6.06 -32.18
N ARG F 675 -55.59 4.90 -32.81
CA ARG F 675 -56.68 4.70 -33.79
C ARG F 675 -58.01 4.42 -33.11
N THR F 676 -58.64 5.45 -32.55
CA THR F 676 -59.86 5.28 -31.72
C THR F 676 -61.01 6.13 -32.22
N SER F 677 -62.24 5.68 -32.01
CA SER F 677 -63.41 6.48 -32.38
C SER F 677 -63.85 7.11 -31.07
N ILE F 678 -64.22 8.39 -31.07
CA ILE F 678 -64.54 9.10 -29.81
C ILE F 678 -66.03 9.32 -29.74
N LEU F 679 -66.69 8.63 -28.85
CA LEU F 679 -68.11 8.85 -28.57
C LEU F 679 -68.17 9.79 -27.37
N ALA F 680 -68.55 11.04 -27.62
CA ALA F 680 -68.55 12.08 -26.60
C ALA F 680 -69.98 12.42 -26.21
N ALA F 681 -70.17 12.71 -24.92
CA ALA F 681 -71.43 13.23 -24.40
C ALA F 681 -71.16 14.61 -23.79
N ALA F 682 -71.98 15.58 -24.14
CA ALA F 682 -71.76 16.96 -23.68
C ALA F 682 -73.04 17.63 -23.27
N ASN F 683 -72.94 18.67 -22.47
CA ASN F 683 -74.12 19.46 -22.04
C ASN F 683 -73.98 20.88 -22.56
N PRO F 684 -75.02 21.53 -23.11
CA PRO F 684 -74.84 22.88 -23.59
C PRO F 684 -74.50 23.84 -22.45
N VAL F 685 -73.91 25.01 -22.73
CA VAL F 685 -73.64 26.03 -21.74
C VAL F 685 -74.95 26.51 -21.12
N GLY F 686 -74.92 26.78 -19.82
CA GLY F 686 -76.13 27.10 -19.09
C GLY F 686 -76.93 25.90 -18.64
N GLY F 687 -76.50 24.68 -18.97
CA GLY F 687 -77.18 23.48 -18.54
C GLY F 687 -78.44 23.13 -19.29
N ARG F 688 -78.75 23.84 -20.38
CA ARG F 688 -79.95 23.57 -21.15
C ARG F 688 -79.74 24.05 -22.57
N TYR F 689 -80.20 23.25 -23.54
CA TYR F 689 -80.04 23.60 -24.93
C TYR F 689 -80.87 24.83 -25.28
N ASN F 690 -80.28 25.73 -26.07
CA ASN F 690 -80.96 26.92 -26.56
C ASN F 690 -81.38 26.67 -28.00
N ARG F 691 -82.68 26.52 -28.22
CA ARG F 691 -83.18 26.22 -29.56
C ARG F 691 -82.91 27.37 -30.53
N LYS F 692 -82.92 28.60 -30.05
CA LYS F 692 -82.69 29.78 -30.89
C LYS F 692 -81.22 30.15 -30.97
N LEU F 693 -80.31 29.20 -30.75
CA LEU F 693 -78.88 29.45 -30.82
C LEU F 693 -78.22 28.30 -31.58
N SER F 694 -77.12 28.61 -32.25
CA SER F 694 -76.43 27.62 -33.06
C SER F 694 -75.83 26.52 -32.20
N LEU F 695 -75.48 25.42 -32.84
CA LEU F 695 -74.85 24.31 -32.12
C LEU F 695 -73.50 24.74 -31.55
N ARG F 696 -72.75 25.54 -32.30
CA ARG F 696 -71.51 26.10 -31.78
C ARG F 696 -71.73 27.04 -30.60
N GLY F 697 -72.77 27.89 -30.65
CA GLY F 697 -73.03 28.76 -29.53
C GLY F 697 -73.56 28.02 -28.31
N ASN F 698 -74.17 26.86 -28.52
CA ASN F 698 -74.64 26.06 -27.38
C ASN F 698 -73.49 25.37 -26.67
N LEU F 699 -72.44 25.01 -27.41
CA LEU F 699 -71.35 24.20 -26.88
C LEU F 699 -70.10 25.05 -26.70
N ASN F 700 -69.51 24.95 -25.51
CA ASN F 700 -68.21 25.57 -25.28
C ASN F 700 -67.07 24.81 -25.94
N MET F 701 -67.36 23.64 -26.52
CA MET F 701 -66.36 22.83 -27.19
C MET F 701 -65.68 23.62 -28.30
N THR F 702 -64.35 23.55 -28.34
CA THR F 702 -63.59 24.32 -29.32
C THR F 702 -63.82 23.81 -30.73
N ALA F 703 -63.72 24.72 -31.69
CA ALA F 703 -63.96 24.38 -33.09
C ALA F 703 -63.03 23.30 -33.63
N PRO F 704 -61.71 23.30 -33.36
CA PRO F 704 -60.88 22.20 -33.87
C PRO F 704 -61.35 20.83 -33.44
N ILE F 705 -61.79 20.67 -32.19
CA ILE F 705 -62.44 19.42 -31.78
C ILE F 705 -63.75 19.23 -32.53
N MET F 706 -64.61 20.24 -32.56
CA MET F 706 -65.97 20.08 -33.15
C MET F 706 -65.93 19.58 -34.58
N SER F 707 -64.91 19.92 -35.36
CA SER F 707 -64.79 19.56 -36.79
C SER F 707 -64.65 18.07 -36.98
N ARG F 708 -63.97 17.39 -36.09
CA ARG F 708 -63.66 15.95 -36.29
C ARG F 708 -64.83 15.10 -35.84
N PHE F 709 -65.91 15.72 -35.42
CA PHE F 709 -67.07 14.89 -35.06
C PHE F 709 -67.98 14.75 -36.27
N ASP F 710 -68.16 13.51 -36.72
CA ASP F 710 -68.95 13.27 -37.92
C ASP F 710 -70.43 13.57 -37.69
N LEU F 711 -70.96 13.10 -36.56
CA LEU F 711 -72.38 13.24 -36.25
C LEU F 711 -72.55 13.98 -34.92
N PHE F 712 -73.51 14.90 -34.90
CA PHE F 712 -73.91 15.62 -33.70
C PHE F 712 -75.39 15.32 -33.45
N PHE F 713 -75.67 14.45 -32.48
CA PHE F 713 -77.04 14.09 -32.14
C PHE F 713 -77.51 15.02 -31.02
N VAL F 714 -78.46 15.89 -31.33
CA VAL F 714 -79.05 16.81 -30.38
C VAL F 714 -80.38 16.20 -29.92
N ILE F 715 -80.45 15.84 -28.64
CA ILE F 715 -81.64 15.23 -28.07
C ILE F 715 -82.32 16.24 -27.15
N LEU F 716 -83.58 16.53 -27.44
CA LEU F 716 -84.37 17.46 -26.67
C LEU F 716 -85.60 16.75 -26.12
N ASP F 717 -85.94 17.05 -24.87
CA ASP F 717 -87.13 16.50 -24.24
C ASP F 717 -88.28 17.51 -24.32
N ASP F 718 -89.50 16.97 -24.38
CA ASP F 718 -90.69 17.80 -24.48
C ASP F 718 -91.78 17.19 -23.62
N CYS F 719 -92.72 18.03 -23.21
CA CYS F 719 -93.81 17.62 -22.33
C CYS F 719 -94.95 17.00 -23.14
N ASN F 720 -94.61 15.97 -23.91
CA ASN F 720 -95.58 15.24 -24.71
C ASN F 720 -96.28 14.22 -23.83
N GLU F 721 -97.62 14.20 -23.87
CA GLU F 721 -98.39 13.39 -22.95
C GLU F 721 -98.08 11.90 -23.15
N LYS F 722 -98.19 11.45 -24.40
CA LYS F 722 -98.04 10.02 -24.72
C LYS F 722 -96.60 9.56 -24.53
N ILE F 723 -95.65 10.36 -25.03
CA ILE F 723 -94.24 9.99 -24.89
C ILE F 723 -93.82 9.88 -23.44
N ASP F 724 -94.24 10.81 -22.60
CA ASP F 724 -93.94 10.71 -21.18
C ASP F 724 -94.61 9.51 -20.52
N THR F 725 -95.87 9.24 -20.88
CA THR F 725 -96.52 8.09 -20.28
C THR F 725 -95.74 6.82 -20.62
N GLU F 726 -95.23 6.71 -21.85
CA GLU F 726 -94.53 5.49 -22.32
C GLU F 726 -93.08 5.42 -21.85
N LEU F 727 -92.36 6.54 -21.74
CA LEU F 727 -90.99 6.49 -21.17
C LEU F 727 -91.13 6.01 -19.74
N ALA F 728 -92.05 6.58 -18.99
CA ALA F 728 -92.23 6.24 -17.57
C ALA F 728 -92.63 4.79 -17.42
N SER F 729 -93.44 4.26 -18.31
CA SER F 729 -93.75 2.83 -18.20
C SER F 729 -92.48 2.02 -18.34
N HIS F 730 -91.62 2.37 -19.29
CA HIS F 730 -90.36 1.63 -19.52
C HIS F 730 -89.45 1.78 -18.32
N ILE F 731 -89.34 2.96 -17.74
CA ILE F 731 -88.39 3.15 -16.61
C ILE F 731 -88.88 2.30 -15.46
N VAL F 732 -90.17 2.28 -15.20
CA VAL F 732 -90.69 1.53 -14.02
C VAL F 732 -90.68 0.05 -14.35
N ASP F 733 -90.98 -0.34 -15.59
CA ASP F 733 -90.84 -1.77 -15.89
C ASP F 733 -89.38 -2.21 -15.85
N LEU F 734 -88.46 -1.34 -16.25
CA LEU F 734 -87.04 -1.63 -16.12
C LEU F 734 -86.61 -1.72 -14.67
N HIS F 735 -87.34 -1.06 -13.76
CA HIS F 735 -87.09 -1.21 -12.33
C HIS F 735 -87.78 -2.42 -11.72
N MET F 736 -89.04 -2.68 -12.09
CA MET F 736 -89.75 -3.85 -11.57
C MET F 736 -89.06 -5.13 -12.02
N LYS F 737 -89.06 -5.39 -13.33
CA LYS F 737 -88.27 -6.48 -13.88
C LYS F 737 -86.81 -6.06 -13.99
N ARG F 738 -85.94 -7.03 -14.22
CA ARG F 738 -84.50 -6.76 -14.36
C ARG F 738 -84.05 -6.96 -15.81
N ASP F 739 -84.28 -8.14 -16.38
CA ASP F 739 -83.98 -8.39 -17.78
C ASP F 739 -85.18 -8.80 -18.61
N GLU F 740 -86.31 -9.14 -17.98
CA GLU F 740 -87.52 -9.42 -18.72
C GLU F 740 -88.11 -8.18 -19.36
N ALA F 741 -87.84 -7.00 -18.81
CA ALA F 741 -88.27 -5.74 -19.42
C ALA F 741 -87.44 -5.37 -20.64
N ILE F 742 -86.30 -6.02 -20.85
CA ILE F 742 -85.46 -5.79 -22.01
C ILE F 742 -85.71 -6.92 -22.99
N GLU F 743 -86.18 -6.56 -24.18
CA GLU F 743 -86.55 -7.52 -25.22
C GLU F 743 -85.85 -7.14 -26.53
N PRO F 744 -84.56 -7.41 -26.65
CA PRO F 744 -83.84 -7.06 -27.87
C PRO F 744 -83.97 -8.17 -28.90
N PRO F 745 -84.04 -7.81 -30.19
CA PRO F 745 -84.06 -8.85 -31.23
C PRO F 745 -82.85 -9.76 -31.20
N PHE F 746 -81.68 -9.22 -30.84
CA PHE F 746 -80.46 -10.02 -30.74
C PHE F 746 -79.83 -9.83 -29.37
N SER F 747 -79.37 -10.91 -28.77
CA SER F 747 -78.60 -10.83 -27.55
C SER F 747 -77.24 -10.20 -27.83
N ALA F 748 -76.57 -9.77 -26.75
CA ALA F 748 -75.27 -9.14 -26.91
C ALA F 748 -74.25 -10.09 -27.53
N GLU F 749 -74.37 -11.38 -27.26
CA GLU F 749 -73.40 -12.35 -27.78
C GLU F 749 -73.44 -12.40 -29.30
N GLN F 750 -74.60 -12.67 -29.88
CA GLN F 750 -74.69 -12.81 -31.33
C GLN F 750 -74.59 -11.46 -32.03
N LEU F 751 -75.02 -10.37 -31.38
CA LEU F 751 -74.82 -9.05 -31.95
C LEU F 751 -73.33 -8.72 -32.04
N ARG F 752 -72.58 -9.01 -30.98
CA ARG F 752 -71.13 -8.81 -31.02
C ARG F 752 -70.47 -9.70 -32.05
N ARG F 753 -70.95 -10.94 -32.18
CA ARG F 753 -70.42 -11.84 -33.21
C ARG F 753 -70.66 -11.28 -34.61
N TYR F 754 -71.87 -10.76 -34.86
CA TYR F 754 -72.19 -10.19 -36.15
C TYR F 754 -71.32 -8.98 -36.45
N ILE F 755 -71.10 -8.13 -35.44
CA ILE F 755 -70.27 -6.95 -35.66
C ILE F 755 -68.82 -7.35 -35.90
N LYS F 756 -68.33 -8.35 -35.17
CA LYS F 756 -66.98 -8.88 -35.39
C LYS F 756 -66.84 -9.44 -36.79
N TYR F 757 -67.89 -10.07 -37.31
CA TYR F 757 -67.85 -10.58 -38.68
C TYR F 757 -67.91 -9.45 -39.71
N ALA F 758 -68.75 -8.45 -39.48
CA ALA F 758 -68.95 -7.39 -40.45
C ALA F 758 -67.79 -6.41 -40.48
N ARG F 759 -66.98 -6.35 -39.43
CA ARG F 759 -65.82 -5.48 -39.44
C ARG F 759 -64.72 -5.96 -40.39
N THR F 760 -64.84 -7.16 -40.93
CA THR F 760 -63.82 -7.74 -41.80
C THR F 760 -63.98 -7.37 -43.26
N PHE F 761 -65.00 -6.59 -43.61
CA PHE F 761 -65.26 -6.27 -45.00
C PHE F 761 -64.55 -5.00 -45.44
N LYS F 762 -64.29 -4.92 -46.75
CA LYS F 762 -63.83 -3.70 -47.41
C LYS F 762 -64.94 -3.28 -48.36
N PRO F 763 -65.85 -2.41 -47.91
CA PRO F 763 -66.91 -1.95 -48.82
C PRO F 763 -66.35 -1.14 -49.98
N ILE F 764 -66.97 -1.32 -51.15
CA ILE F 764 -66.64 -0.54 -52.34
C ILE F 764 -67.94 0.05 -52.89
N LEU F 765 -67.85 1.29 -53.36
CA LEU F 765 -68.98 1.98 -53.94
C LEU F 765 -68.91 1.90 -55.46
N THR F 766 -70.03 1.56 -56.08
CA THR F 766 -70.11 1.43 -57.52
C THR F 766 -70.18 2.80 -58.18
N LYS F 767 -70.11 2.80 -59.51
CA LYS F 767 -69.94 4.06 -60.25
C LYS F 767 -71.10 5.02 -60.03
N GLU F 768 -72.34 4.51 -60.04
CA GLU F 768 -73.48 5.39 -59.79
C GLU F 768 -73.43 5.96 -58.37
N ALA F 769 -72.78 5.26 -57.43
CA ALA F 769 -72.68 5.76 -56.07
C ALA F 769 -71.84 7.02 -56.00
N ARG F 770 -70.81 7.13 -56.85
CA ARG F 770 -69.98 8.34 -56.85
C ARG F 770 -70.80 9.57 -57.24
N SER F 771 -71.53 9.46 -58.35
CA SER F 771 -72.36 10.57 -58.81
C SER F 771 -73.48 10.95 -57.84
N TYR F 772 -74.09 9.95 -57.19
CA TYR F 772 -75.15 10.26 -56.23
C TYR F 772 -74.59 10.87 -54.94
N LEU F 773 -73.36 10.49 -54.58
CA LEU F 773 -72.67 11.12 -53.46
C LEU F 773 -72.46 12.58 -53.82
N VAL F 774 -72.03 12.85 -55.06
CA VAL F 774 -71.88 14.24 -55.49
C VAL F 774 -73.20 14.98 -55.41
N GLU F 775 -74.28 14.34 -55.88
CA GLU F 775 -75.59 14.98 -55.87
C GLU F 775 -76.07 15.24 -54.45
N LYS F 776 -75.85 14.29 -53.54
CA LYS F 776 -76.28 14.48 -52.15
C LYS F 776 -75.45 15.56 -51.47
N TYR F 777 -74.16 15.65 -51.77
CA TYR F 777 -73.37 16.75 -51.22
C TYR F 777 -73.87 18.09 -51.74
N LYS F 778 -74.23 18.14 -53.03
CA LYS F 778 -74.82 19.37 -53.58
C LYS F 778 -76.13 19.71 -52.86
N GLU F 779 -76.95 18.71 -52.59
CA GLU F 779 -78.23 18.97 -51.93
C GLU F 779 -78.02 19.46 -50.50
N LEU F 780 -77.02 18.91 -49.80
CA LEU F 780 -76.70 19.42 -48.47
C LEU F 780 -76.22 20.87 -48.54
N ARG F 781 -75.36 21.19 -49.51
CA ARG F 781 -74.87 22.56 -49.63
C ARG F 781 -76.00 23.52 -49.98
N LYS F 782 -76.93 23.10 -50.84
CA LYS F 782 -78.08 23.93 -51.18
C LYS F 782 -78.99 24.14 -49.98
N ASP F 783 -79.19 23.08 -49.18
CA ASP F 783 -80.01 23.21 -47.97
C ASP F 783 -79.38 24.21 -47.00
N ASP F 784 -78.06 24.16 -46.84
CA ASP F 784 -77.35 25.11 -46.00
C ASP F 784 -77.29 26.47 -46.66
N ALA F 785 -77.17 27.51 -45.84
CA ALA F 785 -77.08 28.90 -46.29
C ALA F 785 -78.26 29.30 -47.17
N GLN F 786 -79.42 28.67 -46.92
CA GLN F 786 -80.62 29.00 -47.71
C GLN F 786 -81.11 30.41 -47.41
N GLY F 787 -81.05 30.82 -46.14
CA GLY F 787 -81.52 32.14 -45.74
C GLY F 787 -82.48 32.07 -44.57
N PHE F 788 -83.31 31.02 -44.53
CA PHE F 788 -84.24 30.81 -43.44
C PHE F 788 -84.06 29.48 -42.72
N SER F 789 -83.27 28.56 -43.28
CA SER F 789 -83.06 27.28 -42.62
C SER F 789 -82.33 27.45 -41.29
N ARG F 790 -81.27 28.26 -41.28
CA ARG F 790 -80.48 28.53 -40.08
C ARG F 790 -80.01 27.24 -39.42
N SER F 791 -79.18 26.50 -40.15
CA SER F 791 -78.66 25.24 -39.66
C SER F 791 -77.78 25.46 -38.42
N SER F 792 -77.79 24.47 -37.53
CA SER F 792 -77.01 24.57 -36.30
C SER F 792 -75.51 24.67 -36.60
N TYR F 793 -75.00 23.76 -37.42
CA TYR F 793 -73.63 23.83 -37.90
C TYR F 793 -73.63 23.68 -39.42
N ARG F 794 -72.79 24.45 -40.08
CA ARG F 794 -72.83 24.59 -41.52
C ARG F 794 -72.06 23.46 -42.20
N ILE F 795 -72.26 23.31 -43.52
CA ILE F 795 -71.81 22.15 -44.28
C ILE F 795 -70.55 22.52 -45.06
N THR F 796 -69.64 21.56 -45.15
CA THR F 796 -68.39 21.75 -45.91
C THR F 796 -67.98 20.37 -46.41
N VAL F 797 -66.76 20.23 -46.91
CA VAL F 797 -66.27 18.92 -47.42
C VAL F 797 -65.99 17.89 -46.35
N ARG F 798 -65.97 18.30 -45.09
CA ARG F 798 -65.84 17.32 -43.97
C ARG F 798 -67.12 16.49 -43.88
N GLN F 799 -68.27 17.11 -44.15
CA GLN F 799 -69.56 16.40 -44.14
C GLN F 799 -69.50 15.38 -45.27
N LEU F 800 -68.92 15.74 -46.41
CA LEU F 800 -68.87 14.80 -47.57
C LEU F 800 -68.06 13.58 -47.20
N GLU F 801 -66.94 13.77 -46.50
CA GLU F 801 -66.13 12.62 -46.05
C GLU F 801 -66.91 11.82 -45.00
N SER F 802 -67.65 12.50 -44.12
CA SER F 802 -68.49 11.82 -43.10
C SER F 802 -69.48 10.94 -43.83
N MET F 803 -70.07 11.43 -44.91
CA MET F 803 -71.05 10.67 -45.66
C MET F 803 -70.45 9.41 -46.27
N ILE F 804 -69.24 9.52 -46.82
CA ILE F 804 -68.59 8.36 -47.42
C ILE F 804 -68.37 7.27 -46.37
N ARG F 805 -67.81 7.65 -45.21
CA ARG F 805 -67.52 6.63 -44.20
C ARG F 805 -68.80 6.09 -43.57
N LEU F 806 -69.84 6.92 -43.47
CA LEU F 806 -71.13 6.43 -42.98
C LEU F 806 -71.73 5.42 -43.95
N SER F 807 -71.59 5.68 -45.25
CA SER F 807 -72.05 4.73 -46.25
C SER F 807 -71.28 3.42 -46.16
N GLU F 808 -69.97 3.50 -45.93
CA GLU F 808 -69.18 2.29 -45.74
C GLU F 808 -69.64 1.52 -44.50
N ALA F 809 -69.93 2.24 -43.42
CA ALA F 809 -70.42 1.58 -42.21
C ALA F 809 -71.77 0.92 -42.44
N ILE F 810 -72.65 1.57 -43.21
CA ILE F 810 -73.95 0.97 -43.53
C ILE F 810 -73.76 -0.27 -44.38
N ALA F 811 -72.84 -0.23 -45.34
CA ALA F 811 -72.56 -1.40 -46.17
C ALA F 811 -72.05 -2.55 -45.30
N ARG F 812 -71.20 -2.24 -44.32
CA ARG F 812 -70.78 -3.26 -43.37
C ARG F 812 -71.95 -3.80 -42.57
N ALA F 813 -72.89 -2.92 -42.18
CA ALA F 813 -74.07 -3.36 -41.45
C ALA F 813 -74.89 -4.34 -42.26
N ASN F 814 -75.04 -4.09 -43.56
CA ASN F 814 -75.77 -5.00 -44.43
C ASN F 814 -74.94 -6.18 -44.91
N CYS F 815 -73.65 -6.21 -44.56
CA CYS F 815 -72.74 -7.30 -44.93
C CYS F 815 -72.71 -7.52 -46.45
N VAL F 816 -72.30 -6.48 -47.16
CA VAL F 816 -72.07 -6.55 -48.60
C VAL F 816 -70.79 -5.78 -48.91
N ASP F 817 -70.01 -6.30 -49.84
CA ASP F 817 -68.76 -5.66 -50.24
C ASP F 817 -68.98 -4.53 -51.24
N GLU F 818 -70.20 -4.33 -51.72
CA GLU F 818 -70.52 -3.25 -52.66
C GLU F 818 -71.49 -2.29 -52.01
N ILE F 819 -71.18 -0.99 -52.09
CA ILE F 819 -72.00 0.04 -51.47
C ILE F 819 -73.09 0.44 -52.47
N THR F 820 -74.29 -0.05 -52.21
CA THR F 820 -75.45 0.31 -53.04
C THR F 820 -75.78 1.80 -52.84
N PRO F 821 -76.23 2.48 -53.90
CA PRO F 821 -76.63 3.89 -53.73
C PRO F 821 -77.69 4.11 -52.67
N SER F 822 -78.50 3.10 -52.37
CA SER F 822 -79.43 3.22 -51.25
C SER F 822 -78.69 3.39 -49.94
N PHE F 823 -77.49 2.82 -49.81
CA PHE F 823 -76.69 3.05 -48.61
C PHE F 823 -76.25 4.51 -48.51
N ILE F 824 -75.85 5.10 -49.64
CA ILE F 824 -75.52 6.52 -49.65
C ILE F 824 -76.74 7.36 -49.29
N ALA F 825 -77.91 6.96 -49.77
CA ALA F 825 -79.14 7.67 -49.42
C ALA F 825 -79.40 7.59 -47.92
N GLU F 826 -79.23 6.39 -47.34
CA GLU F 826 -79.43 6.22 -45.90
C GLU F 826 -78.44 7.06 -45.10
N ALA F 827 -77.18 7.07 -45.51
CA ALA F 827 -76.18 7.88 -44.84
C ALA F 827 -76.50 9.37 -44.95
N TYR F 828 -76.96 9.80 -46.13
CA TYR F 828 -77.36 11.18 -46.34
C TYR F 828 -78.51 11.56 -45.42
N ASP F 829 -79.52 10.71 -45.31
CA ASP F 829 -80.63 10.99 -44.41
C ASP F 829 -80.18 11.05 -42.96
N LEU F 830 -79.33 10.09 -42.55
CA LEU F 830 -78.86 10.07 -41.17
C LEU F 830 -78.06 11.32 -40.84
N LEU F 831 -77.20 11.77 -41.76
CA LEU F 831 -76.45 13.00 -41.53
C LEU F 831 -77.36 14.21 -41.50
N ARG F 832 -78.28 14.31 -42.47
CA ARG F 832 -79.11 15.50 -42.60
C ARG F 832 -80.03 15.67 -41.40
N GLN F 833 -80.62 14.58 -40.90
CA GLN F 833 -81.50 14.68 -39.75
C GLN F 833 -80.74 15.07 -38.48
N SER F 834 -79.42 14.91 -38.46
CA SER F 834 -78.64 15.32 -37.30
C SER F 834 -78.61 16.84 -37.15
N ILE F 835 -78.48 17.56 -38.27
CA ILE F 835 -78.51 19.03 -38.21
C ILE F 835 -79.87 19.49 -37.74
N ILE F 836 -79.87 20.42 -36.79
CA ILE F 836 -81.09 20.98 -36.22
C ILE F 836 -81.23 22.42 -36.68
N ARG F 837 -82.38 22.75 -37.23
CA ARG F 837 -82.64 24.12 -37.66
C ARG F 837 -82.83 25.03 -36.45
N VAL F 838 -82.27 26.23 -36.52
CA VAL F 838 -82.39 27.18 -35.44
C VAL F 838 -83.70 27.97 -35.55
N SER G 2 1.37 12.83 28.51
CA SER G 2 1.61 13.95 29.41
C SER G 2 1.98 15.21 28.63
N ALA G 3 2.98 15.10 27.76
CA ALA G 3 3.29 16.19 26.85
C ALA G 3 2.12 16.47 25.93
N ALA G 4 1.51 15.41 25.39
CA ALA G 4 0.23 15.51 24.73
C ALA G 4 -0.89 15.41 25.76
N LEU G 5 -2.01 16.05 25.45
CA LEU G 5 -3.11 16.21 26.40
C LEU G 5 -2.61 16.85 27.70
N PRO G 6 -2.13 18.08 27.67
CA PRO G 6 -1.57 18.70 28.87
C PRO G 6 -2.65 19.00 29.90
N SER G 7 -2.23 19.04 31.16
CA SER G 7 -3.12 19.36 32.26
C SER G 7 -3.19 20.87 32.47
N ILE G 8 -4.35 21.35 32.91
CA ILE G 8 -4.56 22.76 33.18
C ILE G 8 -5.07 22.90 34.61
N GLN G 9 -4.79 24.04 35.21
CA GLN G 9 -5.16 24.32 36.60
C GLN G 9 -6.36 25.26 36.60
N LEU G 10 -7.55 24.70 36.83
CA LEU G 10 -8.77 25.49 36.90
C LEU G 10 -9.16 25.72 38.36
N PRO G 11 -9.83 26.83 38.67
CA PRO G 11 -10.24 27.12 40.05
C PRO G 11 -11.43 26.31 40.54
N VAL G 12 -11.82 25.26 39.83
CA VAL G 12 -12.99 24.46 40.17
C VAL G 12 -12.52 23.16 40.81
N ASP G 13 -12.89 22.96 42.08
CA ASP G 13 -12.66 21.70 42.78
C ASP G 13 -14.01 21.02 42.91
N TYR G 14 -14.16 19.86 42.28
CA TYR G 14 -15.46 19.20 42.23
C TYR G 14 -15.75 18.36 43.46
N ASN G 15 -14.74 17.98 44.24
CA ASN G 15 -14.98 17.17 45.44
C ASN G 15 -15.71 17.97 46.50
N ASN G 16 -15.19 19.14 46.86
CA ASN G 16 -15.89 19.95 47.85
C ASN G 16 -17.15 20.60 47.28
N LEU G 17 -17.21 20.79 45.96
CA LEU G 17 -18.48 21.21 45.35
C LEU G 17 -19.55 20.15 45.51
N PHE G 18 -19.18 18.88 45.32
CA PHE G 18 -20.12 17.79 45.57
C PHE G 18 -20.50 17.71 47.04
N ASN G 19 -19.53 17.94 47.93
CA ASN G 19 -19.84 17.96 49.36
C ASN G 19 -20.83 19.08 49.68
N GLU G 20 -20.64 20.26 49.10
CA GLU G 20 -21.57 21.36 49.30
C GLU G 20 -22.95 21.03 48.73
N ILE G 21 -22.98 20.36 47.58
CA ILE G 21 -24.26 19.95 46.99
C ILE G 21 -24.99 19.01 47.94
N THR G 22 -24.28 18.03 48.49
CA THR G 22 -24.90 17.10 49.43
C THR G 22 -25.39 17.82 50.68
N ASP G 23 -24.57 18.73 51.21
CA ASP G 23 -24.97 19.46 52.42
C ASP G 23 -26.20 20.32 52.15
N PHE G 24 -26.26 20.96 50.98
CA PHE G 24 -27.42 21.76 50.62
C PHE G 24 -28.66 20.89 50.48
N LEU G 25 -28.52 19.73 49.85
CA LEU G 25 -29.67 18.84 49.68
C LEU G 25 -30.19 18.32 51.01
N VAL G 26 -29.29 18.03 51.95
CA VAL G 26 -29.71 17.42 53.20
C VAL G 26 -30.21 18.46 54.20
N THR G 27 -29.58 19.64 54.25
CA THR G 27 -29.81 20.57 55.33
C THR G 27 -30.73 21.74 55.00
N PHE G 28 -30.86 22.10 53.72
CA PHE G 28 -31.67 23.26 53.36
C PHE G 28 -33.14 23.00 53.67
N LYS G 29 -33.73 23.86 54.50
CA LYS G 29 -35.12 23.69 54.90
C LYS G 29 -35.88 25.02 54.95
N GLN G 30 -35.29 26.12 54.48
CA GLN G 30 -35.92 27.42 54.61
C GLN G 30 -37.18 27.56 53.77
N ASP G 31 -37.38 26.70 52.78
CA ASP G 31 -38.60 26.72 51.98
C ASP G 31 -39.47 25.50 52.24
N LYS G 59 -42.40 20.47 57.19
CA LYS G 59 -41.65 20.89 58.32
C LYS G 59 -40.13 20.78 58.31
N GLY G 60 -39.63 19.81 57.57
CA GLY G 60 -38.20 19.57 57.46
C GLY G 60 -37.54 20.07 56.20
N PRO G 61 -36.43 19.44 55.81
CA PRO G 61 -35.74 19.86 54.59
C PRO G 61 -36.66 19.75 53.38
N LYS G 62 -36.60 20.76 52.51
CA LYS G 62 -37.44 20.78 51.32
C LYS G 62 -37.05 19.66 50.36
N TYR G 63 -35.76 19.55 50.07
CA TYR G 63 -35.32 18.58 49.08
C TYR G 63 -35.38 17.10 49.45
N MET G 64 -35.17 16.75 50.72
CA MET G 64 -35.46 15.37 51.13
C MET G 64 -36.95 15.03 51.18
N ALA G 65 -37.77 16.08 51.36
CA ALA G 65 -39.22 15.92 51.26
C ALA G 65 -39.46 15.58 49.80
N MET G 66 -38.81 16.29 48.87
CA MET G 66 -39.01 15.99 47.47
C MET G 66 -38.47 14.62 47.09
N LEU G 67 -37.29 14.25 47.59
CA LEU G 67 -36.79 12.90 47.33
C LEU G 67 -37.64 11.81 48.00
N GLN G 68 -38.23 12.08 49.16
CA GLN G 68 -39.17 11.12 49.74
C GLN G 68 -40.39 10.95 48.84
N LYS G 69 -40.89 12.06 48.28
CA LYS G 69 -42.00 11.96 47.32
C LYS G 69 -41.58 11.15 46.10
N VAL G 70 -40.36 11.37 45.61
CA VAL G 70 -39.88 10.66 44.42
C VAL G 70 -39.76 9.16 44.72
N ALA G 71 -39.28 8.82 45.91
CA ALA G 71 -39.12 7.42 46.28
C ALA G 71 -40.45 6.68 46.28
N ASN G 72 -41.49 7.32 46.82
CA ASN G 72 -42.82 6.75 46.84
C ASN G 72 -43.55 6.86 45.50
N ARG G 73 -42.92 7.51 44.52
CA ARG G 73 -43.40 7.57 43.13
C ARG G 73 -44.62 8.48 42.96
N GLU G 74 -44.67 9.59 43.69
CA GLU G 74 -45.59 10.67 43.42
C GLU G 74 -44.99 11.77 42.55
N LEU G 75 -43.68 11.69 42.27
CA LEU G 75 -43.00 12.74 41.51
C LEU G 75 -41.87 12.10 40.72
N ASN G 76 -41.72 12.54 39.47
CA ASN G 76 -40.67 12.02 38.59
C ASN G 76 -39.78 13.13 38.04
N SER G 77 -39.75 14.29 38.68
CA SER G 77 -38.94 15.41 38.23
C SER G 77 -38.45 16.19 39.44
N VAL G 78 -37.14 16.42 39.49
CA VAL G 78 -36.50 17.16 40.56
C VAL G 78 -36.03 18.50 40.00
N ILE G 79 -36.62 19.58 40.46
CA ILE G 79 -36.25 20.92 40.02
C ILE G 79 -35.39 21.56 41.10
N ILE G 80 -34.14 21.83 40.78
CA ILE G 80 -33.20 22.43 41.72
C ILE G 80 -33.26 23.94 41.53
N ASP G 81 -33.81 24.64 42.52
CA ASP G 81 -33.88 26.09 42.46
C ASP G 81 -32.51 26.70 42.73
N LEU G 82 -32.06 27.59 41.83
CA LEU G 82 -30.84 28.33 42.09
C LEU G 82 -31.03 29.40 43.14
N ASP G 83 -32.28 29.88 43.32
CA ASP G 83 -32.57 30.77 44.44
C ASP G 83 -32.34 30.08 45.77
N ASP G 84 -32.73 28.80 45.87
CA ASP G 84 -32.50 28.05 47.10
C ASP G 84 -31.01 27.90 47.39
N ILE G 85 -30.22 27.59 46.36
CA ILE G 85 -28.78 27.46 46.55
C ILE G 85 -28.15 28.79 46.94
N LEU G 86 -28.59 29.88 46.30
CA LEU G 86 -28.06 31.20 46.66
C LEU G 86 -28.42 31.57 48.09
N GLN G 87 -29.64 31.28 48.51
CA GLN G 87 -30.05 31.55 49.89
C GLN G 87 -29.27 30.71 50.88
N TYR G 88 -29.02 29.44 50.54
CA TYR G 88 -28.21 28.58 51.39
C TYR G 88 -26.79 29.12 51.54
N GLN G 89 -26.21 29.57 50.43
CA GLN G 89 -24.87 30.16 50.49
C GLN G 89 -24.87 31.43 51.31
N ASN G 90 -25.89 32.27 51.16
CA ASN G 90 -25.98 33.49 51.94
C ASN G 90 -26.08 33.19 53.43
N GLU G 91 -26.89 32.20 53.80
CA GLU G 91 -27.01 31.83 55.20
C GLU G 91 -25.70 31.26 55.74
N LYS G 92 -24.99 30.46 54.92
CA LYS G 92 -23.69 29.96 55.35
C LYS G 92 -22.70 31.09 55.56
N PHE G 93 -22.74 32.10 54.69
CA PHE G 93 -21.88 33.27 54.86
C PHE G 93 -22.23 34.04 56.12
N LEU G 94 -23.53 34.19 56.41
CA LEU G 94 -23.96 34.97 57.57
C LEU G 94 -23.51 34.33 58.88
N GLN G 95 -23.43 33.01 58.93
CA GLN G 95 -22.99 32.30 60.13
C GLN G 95 -21.48 32.13 60.19
N GLY G 96 -20.75 32.66 59.20
CA GLY G 96 -19.30 32.69 59.22
C GLY G 96 -18.62 31.64 58.37
N THR G 97 -19.32 30.59 57.99
CA THR G 97 -18.71 29.54 57.18
C THR G 97 -18.46 30.03 55.76
N GLN G 98 -17.28 29.71 55.24
CA GLN G 98 -16.92 30.06 53.86
C GLN G 98 -17.39 28.95 52.93
N ALA G 99 -18.35 29.26 52.07
CA ALA G 99 -18.94 28.28 51.15
C ALA G 99 -18.58 28.64 49.72
N ASP G 100 -18.21 27.63 48.94
CA ASP G 100 -17.89 27.85 47.53
C ASP G 100 -19.13 28.31 46.79
N ASP G 101 -18.92 29.12 45.75
CA ASP G 101 -20.03 29.64 44.97
C ASP G 101 -20.62 28.56 44.08
N LEU G 102 -21.56 27.80 44.61
CA LEU G 102 -22.19 26.73 43.83
C LEU G 102 -23.05 27.29 42.71
N VAL G 103 -23.72 28.42 42.96
CA VAL G 103 -24.59 29.01 41.95
C VAL G 103 -23.80 29.43 40.73
N SER G 104 -22.68 30.14 40.94
CA SER G 104 -21.86 30.58 39.83
C SER G 104 -21.25 29.41 39.09
N ALA G 105 -20.83 28.37 39.82
CA ALA G 105 -20.26 27.19 39.17
C ALA G 105 -21.31 26.48 38.32
N ILE G 106 -22.55 26.39 38.80
CA ILE G 106 -23.62 25.78 38.02
C ILE G 106 -23.91 26.62 36.77
N GLN G 107 -23.97 27.95 36.93
CA GLN G 107 -24.25 28.81 35.79
C GLN G 107 -23.16 28.71 34.72
N GLN G 108 -21.90 28.67 35.15
CA GLN G 108 -20.80 28.65 34.19
C GLN G 108 -20.72 27.31 33.46
N ASN G 109 -20.89 26.20 34.18
CA ASN G 109 -20.80 24.85 33.61
C ASN G 109 -21.94 24.03 34.21
N ALA G 110 -23.08 23.99 33.51
CA ALA G 110 -24.28 23.36 34.05
C ALA G 110 -24.38 21.88 33.72
N ASN G 111 -23.72 21.42 32.65
CA ASN G 111 -23.86 20.03 32.27
C ASN G 111 -23.25 19.09 33.30
N HIS G 112 -22.14 19.49 33.92
CA HIS G 112 -21.51 18.65 34.94
C HIS G 112 -22.34 18.61 36.22
N PHE G 113 -23.04 19.69 36.55
CA PHE G 113 -23.77 19.70 37.82
C PHE G 113 -25.10 18.95 37.78
N THR G 114 -25.71 18.73 36.61
CA THR G 114 -26.79 17.76 36.52
C THR G 114 -26.29 16.37 36.92
N GLU G 115 -25.14 15.99 36.37
CA GLU G 115 -24.45 14.74 36.69
C GLU G 115 -24.13 14.66 38.19
N LEU G 116 -23.60 15.75 38.74
CA LEU G 116 -23.23 15.80 40.16
C LEU G 116 -24.44 15.68 41.07
N PHE G 117 -25.47 16.50 40.82
CA PHE G 117 -26.66 16.51 41.66
C PHE G 117 -27.39 15.17 41.59
N CYS G 118 -27.36 14.52 40.43
CA CYS G 118 -27.96 13.18 40.35
C CYS G 118 -27.22 12.21 41.25
N ARG G 119 -25.88 12.24 41.24
CA ARG G 119 -25.16 11.35 42.15
C ARG G 119 -25.47 11.69 43.61
N ALA G 120 -25.52 12.98 43.95
CA ALA G 120 -25.80 13.38 45.33
C ALA G 120 -27.18 12.94 45.78
N ILE G 121 -28.18 13.06 44.91
CA ILE G 121 -29.53 12.60 45.25
C ILE G 121 -29.56 11.10 45.41
N ASP G 122 -28.84 10.36 44.54
CA ASP G 122 -28.78 8.92 44.68
C ASP G 122 -28.18 8.51 46.02
N ASN G 123 -27.16 9.25 46.48
CA ASN G 123 -26.56 8.93 47.77
C ASN G 123 -27.55 9.12 48.92
N ASN G 124 -28.33 10.21 48.89
CA ASN G 124 -29.27 10.54 49.95
C ASN G 124 -30.71 10.18 49.57
N MET G 125 -30.90 9.06 48.86
CA MET G 125 -32.20 8.71 48.34
C MET G 125 -32.97 7.94 49.41
N PRO G 126 -34.09 8.45 49.92
CA PRO G 126 -34.81 7.76 50.98
C PRO G 126 -35.46 6.48 50.48
N LEU G 127 -35.61 5.53 51.40
CA LEU G 127 -36.31 4.29 51.08
C LEU G 127 -37.80 4.57 50.89
N PRO G 128 -38.46 3.90 49.95
CA PRO G 128 -39.89 4.15 49.73
C PRO G 128 -40.74 3.58 50.87
N THR G 129 -41.73 4.36 51.30
CA THR G 129 -42.68 3.92 52.31
C THR G 129 -43.89 3.22 51.70
N LYS G 130 -43.97 3.14 50.38
CA LYS G 130 -45.05 2.46 49.68
C LYS G 130 -44.49 1.30 48.88
N GLU G 131 -45.12 0.14 49.02
CA GLU G 131 -44.65 -1.06 48.34
C GLU G 131 -45.07 -1.03 46.87
N ILE G 132 -44.34 -1.80 46.05
CA ILE G 132 -44.65 -1.90 44.64
C ILE G 132 -45.90 -2.77 44.47
N ASP G 133 -46.92 -2.22 43.81
CA ASP G 133 -48.15 -2.95 43.52
C ASP G 133 -48.37 -2.97 42.02
N TYR G 134 -49.54 -3.50 41.62
CA TYR G 134 -49.83 -3.72 40.20
C TYR G 134 -50.24 -2.44 39.48
N LYS G 135 -50.46 -1.34 40.19
CA LYS G 135 -50.85 -0.08 39.58
C LYS G 135 -49.66 0.86 39.33
N ASP G 136 -48.44 0.38 39.55
CA ASP G 136 -47.25 1.17 39.29
C ASP G 136 -46.83 1.04 37.82
N ASP G 137 -46.02 1.99 37.38
CA ASP G 137 -45.52 1.97 36.02
C ASP G 137 -44.56 0.81 35.81
N VAL G 138 -44.46 0.37 34.55
CA VAL G 138 -43.54 -0.71 34.21
C VAL G 138 -42.09 -0.29 34.46
N LEU G 139 -41.78 0.98 34.22
CA LEU G 139 -40.43 1.47 34.50
C LEU G 139 -40.10 1.37 35.99
N ASP G 140 -41.08 1.69 36.85
CA ASP G 140 -40.85 1.61 38.29
C ASP G 140 -40.55 0.18 38.73
N VAL G 141 -41.32 -0.79 38.25
CA VAL G 141 -41.08 -2.17 38.63
C VAL G 141 -39.77 -2.68 38.05
N ILE G 142 -39.40 -2.23 36.84
CA ILE G 142 -38.12 -2.62 36.27
C ILE G 142 -36.97 -2.10 37.12
N LEU G 143 -37.06 -0.83 37.54
CA LEU G 143 -36.01 -0.26 38.37
C LEU G 143 -35.93 -0.95 39.72
N ASN G 144 -37.07 -1.26 40.33
CA ASN G 144 -37.08 -2.00 41.59
C ASN G 144 -36.43 -3.36 41.42
N GLN G 145 -36.75 -4.06 40.32
CA GLN G 145 -36.18 -5.37 40.07
C GLN G 145 -34.67 -5.30 39.93
N ARG G 146 -34.16 -4.32 39.18
CA ARG G 146 -32.72 -4.26 39.00
C ARG G 146 -32.00 -3.81 40.26
N ARG G 147 -32.64 -2.94 41.07
CA ARG G 147 -32.06 -2.57 42.35
C ARG G 147 -31.94 -3.77 43.28
N LEU G 148 -33.02 -4.54 43.40
CA LEU G 148 -32.96 -5.75 44.22
C LEU G 148 -31.96 -6.75 43.67
N ARG G 149 -31.88 -6.87 42.33
CA ARG G 149 -30.93 -7.79 41.73
C ARG G 149 -29.48 -7.40 42.05
N ASN G 150 -29.17 -6.10 41.98
CA ASN G 150 -27.79 -5.71 42.24
C ASN G 150 -27.43 -5.83 43.71
N GLU G 151 -28.38 -5.53 44.61
CA GLU G 151 -28.11 -5.78 46.02
C GLU G 151 -27.93 -7.26 46.30
N ARG G 152 -28.69 -8.12 45.61
CA ARG G 152 -28.53 -9.56 45.81
C ARG G 152 -27.19 -10.05 45.25
N MET G 153 -26.73 -9.50 44.13
CA MET G 153 -25.42 -9.89 43.61
C MET G 153 -24.29 -9.42 44.52
N LEU G 154 -24.44 -8.23 45.12
CA LEU G 154 -23.49 -7.80 46.14
C LEU G 154 -23.44 -8.82 47.28
N SER G 155 -24.61 -9.20 47.80
CA SER G 155 -24.66 -10.17 48.89
C SER G 155 -24.08 -11.52 48.46
N ASP G 156 -24.23 -11.88 47.18
CA ASP G 156 -23.74 -13.17 46.72
C ASP G 156 -22.22 -13.19 46.60
N ARG G 157 -21.63 -12.12 46.05
CA ARG G 157 -20.19 -11.96 46.14
C ARG G 157 -19.72 -12.07 47.58
N THR G 158 -20.41 -11.39 48.49
CA THR G 158 -19.98 -11.37 49.89
C THR G 158 -20.00 -12.76 50.50
N ASN G 159 -21.10 -13.50 50.30
CA ASN G 159 -21.20 -14.84 50.84
C ASN G 159 -20.15 -15.78 50.23
N GLU G 160 -19.92 -15.65 48.92
CA GLU G 160 -18.93 -16.51 48.27
C GLU G 160 -17.54 -16.25 48.82
N ILE G 161 -17.16 -14.98 48.98
CA ILE G 161 -15.82 -14.67 49.49
C ILE G 161 -15.70 -15.07 50.95
N ARG G 162 -16.77 -14.92 51.73
CA ARG G 162 -16.75 -15.41 53.11
C ARG G 162 -16.54 -16.91 53.15
N SER G 163 -17.19 -17.65 52.25
CA SER G 163 -16.97 -19.09 52.17
C SER G 163 -15.56 -19.42 51.72
N GLU G 164 -14.94 -18.55 50.91
CA GLU G 164 -13.57 -18.78 50.49
C GLU G 164 -12.60 -18.71 51.66
N ASN G 165 -12.88 -17.83 52.64
CA ASN G 165 -12.05 -17.69 53.84
C ASN G 165 -10.61 -17.34 53.49
N LEU G 166 -10.44 -16.19 52.86
CA LEU G 166 -9.11 -15.68 52.50
C LEU G 166 -8.64 -14.61 53.47
N MET G 177 -11.46 -8.17 57.71
CA MET G 177 -12.22 -6.97 58.02
C MET G 177 -13.33 -6.79 56.97
N ASN G 178 -14.51 -6.37 57.43
CA ASN G 178 -15.65 -6.22 56.54
C ASN G 178 -15.45 -5.08 55.55
N ASP G 179 -14.62 -4.09 55.89
CA ASP G 179 -14.34 -2.99 54.96
C ASP G 179 -13.64 -3.53 53.71
N ALA G 180 -12.60 -4.34 53.90
CA ALA G 180 -11.89 -4.93 52.78
C ALA G 180 -12.76 -5.92 52.02
N LEU G 181 -13.57 -6.68 52.75
CA LEU G 181 -14.50 -7.62 52.11
C LEU G 181 -15.45 -6.89 51.18
N ARG G 182 -16.08 -5.82 51.69
CA ARG G 182 -16.96 -5.01 50.87
C ARG G 182 -16.21 -4.45 49.66
N GLU G 183 -15.06 -3.82 49.90
CA GLU G 183 -14.35 -3.17 48.80
C GLU G 183 -13.94 -4.19 47.73
N VAL G 184 -13.66 -5.44 48.11
CA VAL G 184 -13.49 -6.49 47.12
C VAL G 184 -14.80 -6.74 46.37
N VAL G 185 -15.92 -6.77 47.09
CA VAL G 185 -17.20 -7.09 46.47
C VAL G 185 -17.54 -6.07 45.39
N GLU G 186 -17.41 -4.77 45.70
CA GLU G 186 -17.69 -3.80 44.63
C GLU G 186 -16.63 -3.76 43.53
N ASP G 187 -15.48 -4.42 43.68
CA ASP G 187 -14.61 -4.63 42.53
C ASP G 187 -15.00 -5.83 41.69
N GLU G 188 -15.61 -6.85 42.29
CA GLU G 188 -15.98 -8.05 41.54
C GLU G 188 -17.46 -8.12 41.19
N THR G 189 -18.22 -7.05 41.41
CA THR G 189 -19.62 -6.99 41.01
C THR G 189 -19.77 -6.19 39.73
N GLU G 190 -20.60 -6.70 38.82
CA GLU G 190 -21.15 -5.90 37.73
C GLU G 190 -22.59 -5.58 38.11
N LEU G 191 -22.78 -4.42 38.75
CA LEU G 191 -24.10 -3.98 39.15
C LEU G 191 -24.72 -3.11 38.06
N PHE G 192 -26.02 -2.86 38.21
CA PHE G 192 -26.68 -1.88 37.35
C PHE G 192 -26.23 -0.49 37.78
N PRO G 193 -25.68 0.33 36.89
CA PRO G 193 -25.20 1.66 37.28
C PRO G 193 -26.34 2.54 37.74
N PRO G 194 -26.05 3.57 38.53
CA PRO G 194 -27.13 4.41 39.08
C PRO G 194 -28.00 5.07 38.02
N ASN G 195 -27.49 5.30 36.80
CA ASN G 195 -28.32 5.90 35.77
C ASN G 195 -29.36 4.93 35.24
N LEU G 196 -29.18 3.62 35.49
CA LEU G 196 -30.19 2.64 35.11
C LEU G 196 -31.20 2.37 36.20
N THR G 197 -30.88 2.69 37.45
CA THR G 197 -31.81 2.58 38.57
C THR G 197 -32.38 3.94 38.96
N ARG G 198 -32.56 4.81 37.97
CA ARG G 198 -32.91 6.21 38.19
C ARG G 198 -34.24 6.49 37.51
N ARG G 199 -35.20 7.02 38.28
CA ARG G 199 -36.55 7.26 37.78
C ARG G 199 -36.90 8.73 37.67
N TYR G 200 -36.14 9.63 38.28
CA TYR G 200 -36.45 11.05 38.26
C TYR G 200 -35.66 11.75 37.15
N PHE G 201 -36.05 12.99 36.88
CA PHE G 201 -35.35 13.86 35.95
C PHE G 201 -34.94 15.13 36.69
N LEU G 202 -33.75 15.63 36.39
CA LEU G 202 -33.19 16.77 37.10
C LEU G 202 -33.22 18.01 36.22
N TYR G 203 -33.67 19.12 36.79
CA TYR G 203 -33.74 20.40 36.07
C TYR G 203 -33.27 21.51 37.00
N PHE G 204 -32.75 22.57 36.39
CA PHE G 204 -32.23 23.72 37.12
C PHE G 204 -33.13 24.93 36.85
N LYS G 205 -33.85 25.36 37.87
CA LYS G 205 -34.63 26.59 37.76
C LYS G 205 -33.72 27.79 37.97
N PRO G 206 -33.73 28.77 37.08
CA PRO G 206 -32.81 29.91 37.22
C PRO G 206 -33.19 30.72 38.44
N LEU G 207 -32.19 31.40 39.00
CA LEU G 207 -32.40 32.25 40.16
C LEU G 207 -33.04 33.57 39.71
N SER G 208 -34.07 33.99 40.42
CA SER G 208 -34.88 35.12 40.00
C SER G 208 -34.12 36.44 40.00
N GLN G 209 -34.53 37.34 39.09
CA GLN G 209 -33.89 38.64 39.00
C GLN G 209 -34.07 39.45 40.29
N ASN G 210 -35.28 39.43 40.85
CA ASN G 210 -35.51 40.10 42.12
C ASN G 210 -34.77 39.40 43.25
N CYS G 211 -34.68 38.07 43.19
CA CYS G 211 -33.98 37.29 44.21
C CYS G 211 -32.53 37.01 43.84
N ALA G 212 -31.93 37.86 43.01
CA ALA G 212 -30.54 37.68 42.61
C ALA G 212 -29.59 38.36 43.59
N ILE G 220 -27.64 35.94 36.17
CA ILE G 220 -26.92 35.67 34.92
C ILE G 220 -27.65 34.61 34.11
N SER G 221 -28.14 33.58 34.80
CA SER G 221 -28.87 32.50 34.14
C SER G 221 -30.33 32.82 33.91
N SER G 222 -30.83 33.94 34.44
CA SER G 222 -32.24 34.29 34.30
C SER G 222 -32.49 35.59 33.55
N LYS G 223 -31.48 36.42 33.34
CA LYS G 223 -31.69 37.62 32.55
C LYS G 223 -31.97 37.20 31.11
N PRO G 224 -33.09 37.63 30.52
CA PRO G 224 -33.45 37.10 29.20
C PRO G 224 -32.51 37.59 28.12
N LEU G 225 -32.13 36.67 27.24
CA LEU G 225 -31.26 36.96 26.10
C LEU G 225 -32.02 36.75 24.81
N SER G 226 -31.69 37.57 23.81
CA SER G 226 -32.21 37.37 22.47
C SER G 226 -31.44 36.23 21.80
N VAL G 227 -31.98 35.73 20.68
CA VAL G 227 -31.29 34.68 19.95
C VAL G 227 -29.96 35.18 19.41
N ARG G 228 -29.91 36.46 19.00
CA ARG G 228 -28.65 37.04 18.53
C ARG G 228 -27.64 37.20 19.67
N GLN G 229 -28.11 37.58 20.85
CA GLN G 229 -27.22 37.82 21.98
C GLN G 229 -26.56 36.56 22.50
N ILE G 230 -27.04 35.38 22.09
CA ILE G 230 -26.47 34.10 22.53
C ILE G 230 -25.35 33.78 21.55
N LYS G 231 -24.14 34.19 21.89
CA LYS G 231 -22.97 33.93 21.06
C LYS G 231 -22.33 32.61 21.49
N GLY G 232 -21.14 32.33 20.96
CA GLY G 232 -20.41 31.16 21.39
C GLY G 232 -19.73 31.28 22.75
N ASP G 233 -19.66 32.49 23.31
CA ASP G 233 -19.12 32.65 24.65
C ASP G 233 -20.05 32.01 25.68
N PHE G 234 -21.36 32.10 25.45
CA PHE G 234 -22.36 31.53 26.36
C PHE G 234 -22.49 30.02 26.23
N LEU G 235 -21.73 29.38 25.34
CA LEU G 235 -21.85 27.94 25.12
C LEU G 235 -21.39 27.18 26.36
N GLY G 236 -22.20 26.20 26.78
CA GLY G 236 -21.92 25.42 27.96
C GLY G 236 -22.52 25.97 29.24
N GLN G 237 -23.10 27.17 29.20
CA GLN G 237 -23.66 27.80 30.38
C GLN G 237 -25.17 27.58 30.45
N LEU G 238 -25.71 27.79 31.65
CA LEU G 238 -27.16 27.80 31.86
C LEU G 238 -27.65 29.21 31.61
N ILE G 239 -28.43 29.39 30.54
CA ILE G 239 -28.87 30.71 30.12
C ILE G 239 -30.37 30.69 29.85
N THR G 240 -30.97 31.88 29.94
CA THR G 240 -32.38 32.07 29.66
C THR G 240 -32.54 32.86 28.37
N VAL G 241 -33.36 32.34 27.46
CA VAL G 241 -33.65 32.99 26.20
C VAL G 241 -35.13 33.36 26.18
N ARG G 242 -35.41 34.62 25.83
CA ARG G 242 -36.78 35.11 25.70
C ARG G 242 -37.17 35.09 24.23
N GLY G 243 -38.29 34.44 23.93
CA GLY G 243 -38.67 34.35 22.53
C GLY G 243 -40.08 33.84 22.36
N ILE G 244 -40.41 33.52 21.11
CA ILE G 244 -41.70 32.97 20.75
C ILE G 244 -41.47 31.63 20.05
N ILE G 245 -42.21 30.61 20.47
CA ILE G 245 -42.08 29.28 19.88
C ILE G 245 -42.81 29.25 18.55
N THR G 246 -42.14 28.75 17.51
CA THR G 246 -42.71 28.73 16.18
C THR G 246 -42.97 27.34 15.63
N ARG G 247 -42.34 26.30 16.18
CA ARG G 247 -42.56 24.94 15.68
C ARG G 247 -42.17 23.96 16.77
N VAL G 248 -43.07 23.03 17.09
CA VAL G 248 -42.81 22.00 18.09
C VAL G 248 -43.04 20.64 17.44
N SER G 249 -42.07 19.76 17.57
CA SER G 249 -42.19 18.41 17.05
C SER G 249 -42.95 17.49 17.99
N ASP G 250 -43.29 16.31 17.48
CA ASP G 250 -43.97 15.31 18.30
C ASP G 250 -43.00 14.68 19.31
N VAL G 251 -43.56 14.28 20.45
CA VAL G 251 -42.77 13.69 21.53
C VAL G 251 -42.39 12.28 21.06
N LYS G 252 -41.10 12.07 20.78
CA LYS G 252 -40.68 10.76 20.31
C LYS G 252 -39.75 10.10 21.33
N PRO G 253 -39.67 8.77 21.33
CA PRO G 253 -38.72 8.09 22.22
C PRO G 253 -37.31 8.13 21.66
N ALA G 254 -36.45 8.94 22.29
CA ALA G 254 -35.05 9.00 21.93
C ALA G 254 -34.27 8.09 22.87
N VAL G 255 -33.58 7.11 22.30
CA VAL G 255 -32.86 6.13 23.11
C VAL G 255 -31.60 6.76 23.69
N GLU G 256 -31.38 6.53 24.98
CA GLU G 256 -30.18 6.99 25.67
C GLU G 256 -29.24 5.86 26.03
N VAL G 257 -29.76 4.76 26.56
CA VAL G 257 -28.99 3.57 26.88
C VAL G 257 -29.78 2.38 26.32
N ILE G 258 -29.39 1.92 25.13
CA ILE G 258 -30.07 0.80 24.50
C ILE G 258 -29.61 -0.50 25.15
N ALA G 259 -30.56 -1.37 25.45
CA ALA G 259 -30.31 -2.60 26.18
C ALA G 259 -30.41 -3.81 25.27
N TYR G 260 -29.56 -4.80 25.51
CA TYR G 260 -29.62 -6.07 24.80
C TYR G 260 -29.53 -7.21 25.80
N THR G 261 -30.11 -8.34 25.43
CA THR G 261 -30.05 -9.57 26.20
C THR G 261 -29.31 -10.63 25.40
N CYS G 262 -28.40 -11.33 26.07
CA CYS G 262 -27.63 -12.42 25.46
C CYS G 262 -28.16 -13.75 25.96
N ASP G 263 -28.54 -14.63 25.03
CA ASP G 263 -29.09 -15.94 25.39
C ASP G 263 -28.01 -16.93 25.81
N GLN G 264 -26.73 -16.60 25.63
CA GLN G 264 -25.64 -17.50 25.97
C GLN G 264 -25.24 -17.37 27.44
N CYS G 265 -24.86 -16.17 27.87
CA CYS G 265 -24.41 -15.93 29.23
C CYS G 265 -25.50 -15.37 30.14
N GLY G 266 -26.66 -15.02 29.59
CA GLY G 266 -27.71 -14.46 30.41
C GLY G 266 -27.45 -13.07 30.94
N TYR G 267 -26.59 -12.30 30.27
CA TYR G 267 -26.28 -10.94 30.69
C TYR G 267 -27.15 -9.94 29.95
N GLU G 268 -27.22 -8.73 30.51
CA GLU G 268 -27.88 -7.60 29.86
C GLU G 268 -26.82 -6.55 29.56
N VAL G 269 -26.51 -6.38 28.27
CA VAL G 269 -25.46 -5.48 27.83
C VAL G 269 -26.10 -4.14 27.44
N PHE G 270 -25.64 -3.07 28.04
CA PHE G 270 -26.19 -1.74 27.82
C PHE G 270 -25.17 -0.89 27.07
N GLN G 271 -25.62 -0.25 25.98
CA GLN G 271 -24.78 0.61 25.17
C GLN G 271 -25.37 2.02 25.18
N GLU G 272 -24.58 2.99 25.62
CA GLU G 272 -25.05 4.36 25.66
C GLU G 272 -25.05 4.98 24.26
N VAL G 273 -26.03 5.84 24.01
CA VAL G 273 -26.18 6.52 22.72
C VAL G 273 -26.03 8.01 22.96
N ASN G 274 -25.13 8.65 22.21
CA ASN G 274 -24.85 10.07 22.38
C ASN G 274 -25.14 10.92 21.15
N SER G 275 -25.20 10.34 19.96
CA SER G 275 -25.28 11.09 18.72
C SER G 275 -26.62 10.86 18.03
N ARG G 276 -26.76 11.43 16.83
CA ARG G 276 -27.99 11.27 16.05
C ARG G 276 -28.21 9.82 15.66
N THR G 277 -27.14 9.08 15.39
CA THR G 277 -27.23 7.71 14.93
C THR G 277 -26.28 6.83 15.72
N PHE G 278 -26.60 5.54 15.81
CA PHE G 278 -25.79 4.59 16.54
C PHE G 278 -25.72 3.27 15.77
N THR G 279 -24.65 2.51 16.03
CA THR G 279 -24.46 1.20 15.43
C THR G 279 -24.77 0.13 16.46
N PRO G 280 -25.78 -0.72 16.23
CA PRO G 280 -26.13 -1.73 17.24
C PRO G 280 -25.04 -2.77 17.41
N LEU G 281 -24.97 -3.31 18.62
CA LEU G 281 -24.01 -4.37 18.92
C LEU G 281 -24.45 -5.69 18.28
N SER G 282 -23.48 -6.46 17.81
CA SER G 282 -23.75 -7.74 17.17
C SER G 282 -23.35 -8.93 18.04
N GLU G 283 -22.18 -8.87 18.68
CA GLU G 283 -21.71 -9.94 19.54
C GLU G 283 -21.61 -9.45 20.98
N CYS G 284 -21.86 -10.35 21.92
CA CYS G 284 -21.92 -9.98 23.33
C CYS G 284 -20.55 -9.53 23.83
N THR G 285 -20.55 -8.55 24.72
CA THR G 285 -19.32 -8.00 25.28
C THR G 285 -19.23 -8.18 26.79
N SER G 286 -20.05 -9.08 27.36
CA SER G 286 -20.03 -9.32 28.79
C SER G 286 -18.75 -10.06 29.18
N GLU G 287 -18.58 -10.26 30.49
CA GLU G 287 -17.38 -10.96 30.98
C GLU G 287 -17.34 -12.39 30.44
N GLU G 288 -18.45 -13.11 30.52
CA GLU G 288 -18.46 -14.52 30.16
C GLU G 288 -18.16 -14.72 28.68
N CYS G 289 -18.85 -13.97 27.81
CA CYS G 289 -18.65 -14.16 26.38
C CYS G 289 -17.29 -13.63 25.93
N SER G 290 -16.85 -12.51 26.49
CA SER G 290 -15.52 -11.99 26.14
C SER G 290 -14.42 -12.96 26.56
N GLN G 291 -14.56 -13.59 27.72
CA GLN G 291 -13.59 -14.58 28.16
C GLN G 291 -13.70 -15.88 27.36
N ASN G 292 -14.88 -16.20 26.85
CA ASN G 292 -15.10 -17.44 26.11
C ASN G 292 -14.76 -17.27 24.64
N GLN G 293 -14.70 -18.39 23.94
CA GLN G 293 -14.45 -18.39 22.49
C GLN G 293 -15.73 -18.50 21.67
N THR G 294 -16.80 -19.04 22.24
CA THR G 294 -18.10 -19.12 21.58
C THR G 294 -18.97 -17.94 22.04
N LYS G 295 -18.81 -16.83 21.35
CA LYS G 295 -19.55 -15.61 21.68
C LYS G 295 -21.04 -15.82 21.42
N GLY G 296 -21.85 -15.04 22.12
CA GLY G 296 -23.30 -15.09 22.00
C GLY G 296 -23.83 -13.88 21.25
N GLN G 297 -24.81 -14.12 20.39
CA GLN G 297 -25.45 -13.05 19.63
C GLN G 297 -26.62 -12.50 20.45
N LEU G 298 -26.64 -11.19 20.62
CA LEU G 298 -27.48 -10.54 21.62
C LEU G 298 -28.55 -9.68 20.96
N PHE G 299 -29.78 -9.79 21.46
CA PHE G 299 -30.95 -9.17 20.86
C PHE G 299 -31.38 -7.94 21.65
N MET G 300 -31.97 -6.98 20.94
CA MET G 300 -32.45 -5.77 21.59
C MET G 300 -33.58 -6.08 22.56
N SER G 301 -33.65 -5.31 23.64
CA SER G 301 -34.74 -5.39 24.61
C SER G 301 -35.28 -3.97 24.77
N THR G 302 -36.37 -3.68 24.05
CA THR G 302 -36.93 -2.33 24.08
C THR G 302 -37.43 -1.95 25.46
N ARG G 303 -38.07 -2.89 26.16
CA ARG G 303 -38.61 -2.60 27.48
C ARG G 303 -37.50 -2.35 28.49
N ALA G 304 -36.33 -2.96 28.32
CA ALA G 304 -35.20 -2.76 29.21
C ALA G 304 -34.33 -1.59 28.80
N SER G 305 -34.54 -1.02 27.61
CA SER G 305 -33.76 0.12 27.17
C SER G 305 -34.20 1.39 27.89
N LYS G 306 -33.31 2.37 27.94
CA LYS G 306 -33.59 3.66 28.54
C LYS G 306 -33.99 4.63 27.43
N PHE G 307 -35.20 5.19 27.54
CA PHE G 307 -35.72 6.13 26.56
C PHE G 307 -35.99 7.47 27.23
N SER G 308 -36.04 8.51 26.39
CA SER G 308 -36.36 9.85 26.84
C SER G 308 -37.43 10.43 25.94
N ALA G 309 -38.44 11.05 26.54
CA ALA G 309 -39.41 11.82 25.78
C ALA G 309 -38.70 13.01 25.15
N PHE G 310 -38.64 13.06 23.82
CA PHE G 310 -37.81 14.04 23.12
C PHE G 310 -38.69 14.94 22.27
N GLN G 311 -38.46 16.24 22.38
CA GLN G 311 -39.07 17.24 21.52
C GLN G 311 -37.99 18.22 21.07
N GLU G 312 -38.14 18.71 19.84
CA GLU G 312 -37.21 19.70 19.29
C GLU G 312 -38.03 20.93 18.89
N CYS G 313 -38.14 21.87 19.81
CA CYS G 313 -38.87 23.10 19.58
C CYS G 313 -37.96 24.14 18.91
N LYS G 314 -38.59 25.16 18.34
CA LYS G 314 -37.86 26.24 17.67
C LYS G 314 -38.34 27.56 18.23
N ILE G 315 -37.46 28.26 18.93
CA ILE G 315 -37.78 29.57 19.49
C ILE G 315 -37.33 30.64 18.50
N GLN G 316 -37.98 31.79 18.53
CA GLN G 316 -37.71 32.87 17.60
C GLN G 316 -37.67 34.19 18.33
N GLU G 317 -36.94 35.14 17.76
CA GLU G 317 -36.81 36.46 18.36
C GLU G 317 -38.15 37.21 18.32
N LEU G 318 -38.47 37.89 19.41
CA LEU G 318 -39.61 38.78 19.43
C LEU G 318 -39.33 40.03 18.60
N SER G 319 -40.40 40.68 18.14
CA SER G 319 -40.25 41.87 17.33
C SER G 319 -39.53 42.99 18.06
N GLN G 320 -39.59 43.02 19.40
CA GLN G 320 -38.90 44.04 20.16
C GLN G 320 -37.41 43.74 20.32
N GLN G 321 -36.97 42.52 19.97
CA GLN G 321 -35.58 42.13 20.11
C GLN G 321 -34.80 42.22 18.81
N VAL G 322 -35.48 42.16 17.67
CA VAL G 322 -34.78 42.21 16.37
C VAL G 322 -34.26 43.63 16.13
N PRO G 323 -33.00 43.80 15.71
CA PRO G 323 -32.50 45.14 15.41
C PRO G 323 -33.19 45.76 14.21
N VAL G 324 -32.80 47.00 13.87
CA VAL G 324 -33.44 47.71 12.78
C VAL G 324 -33.03 47.10 11.45
N GLY G 325 -34.02 46.74 10.63
CA GLY G 325 -33.75 46.21 9.31
C GLY G 325 -33.32 44.76 9.27
N HIS G 326 -33.49 44.01 10.35
CA HIS G 326 -33.05 42.63 10.42
C HIS G 326 -34.24 41.68 10.44
N ILE G 327 -33.98 40.44 10.04
CA ILE G 327 -34.96 39.37 10.07
C ILE G 327 -34.68 38.52 11.31
N PRO G 328 -35.70 38.22 12.13
CA PRO G 328 -35.45 37.41 13.34
C PRO G 328 -34.89 36.04 12.99
N ARG G 329 -33.98 35.56 13.84
CA ARG G 329 -33.36 34.26 13.68
C ARG G 329 -33.83 33.34 14.80
N SER G 330 -33.79 32.04 14.53
CA SER G 330 -34.37 31.05 15.41
C SER G 330 -33.28 30.25 16.12
N LEU G 331 -33.70 29.56 17.18
CA LEU G 331 -32.83 28.74 17.99
C LEU G 331 -33.50 27.42 18.29
N ASN G 332 -32.72 26.34 18.28
CA ASN G 332 -33.24 25.00 18.53
C ASN G 332 -33.24 24.70 20.02
N ILE G 333 -34.37 24.22 20.53
CA ILE G 333 -34.53 23.86 21.93
C ILE G 333 -34.78 22.36 22.01
N HIS G 334 -33.96 21.67 22.81
CA HIS G 334 -34.06 20.23 22.99
C HIS G 334 -34.74 19.97 24.34
N VAL G 335 -36.01 19.55 24.30
CA VAL G 335 -36.79 19.30 25.49
C VAL G 335 -36.81 17.80 25.76
N ASN G 336 -36.43 17.41 26.97
CA ASN G 336 -36.29 16.00 27.33
C ASN G 336 -36.97 15.75 28.67
N GLY G 337 -37.38 14.50 28.87
CA GLY G 337 -37.95 14.10 30.15
C GLY G 337 -39.39 14.56 30.31
N THR G 338 -39.74 14.87 31.56
CA THR G 338 -41.09 15.27 31.92
C THR G 338 -41.41 16.69 31.45
N LEU G 339 -40.40 17.40 30.95
CA LEU G 339 -40.56 18.78 30.50
C LEU G 339 -41.25 18.86 29.14
N VAL G 340 -41.46 17.73 28.45
CA VAL G 340 -42.07 17.77 27.13
C VAL G 340 -43.52 18.25 27.23
N ARG G 341 -44.05 18.68 26.08
CA ARG G 341 -45.41 19.20 25.96
C ARG G 341 -45.64 20.47 26.77
N SER G 342 -44.56 21.12 27.23
CA SER G 342 -44.66 22.39 27.91
C SER G 342 -44.47 23.58 26.97
N LEU G 343 -44.11 23.33 25.71
CA LEU G 343 -43.93 24.38 24.72
C LEU G 343 -44.83 24.08 23.53
N SER G 344 -45.57 25.09 23.09
CA SER G 344 -46.44 25.00 21.92
C SER G 344 -46.19 26.19 21.01
N PRO G 345 -46.43 26.04 19.71
CA PRO G 345 -46.21 27.16 18.80
C PRO G 345 -47.07 28.36 19.17
N GLY G 346 -46.48 29.56 19.05
CA GLY G 346 -47.13 30.78 19.43
C GLY G 346 -46.91 31.20 20.88
N ASP G 347 -46.29 30.36 21.70
CA ASP G 347 -46.04 30.71 23.08
C ASP G 347 -44.89 31.70 23.18
N ILE G 348 -45.09 32.77 23.93
CA ILE G 348 -44.04 33.72 24.26
C ILE G 348 -43.48 33.33 25.62
N VAL G 349 -42.26 32.79 25.63
CA VAL G 349 -41.72 32.12 26.79
C VAL G 349 -40.30 32.56 27.08
N ASP G 350 -39.93 32.45 28.36
CA ASP G 350 -38.55 32.50 28.82
C ASP G 350 -38.11 31.06 29.05
N VAL G 351 -37.25 30.55 28.18
CA VAL G 351 -36.77 29.17 28.26
C VAL G 351 -35.36 29.20 28.83
N THR G 352 -35.17 28.58 29.99
CA THR G 352 -33.86 28.47 30.63
C THR G 352 -33.32 27.07 30.38
N GLY G 353 -32.10 27.00 29.86
CA GLY G 353 -31.50 25.72 29.56
C GLY G 353 -30.00 25.83 29.37
N ILE G 354 -29.37 24.68 29.21
CA ILE G 354 -27.93 24.61 29.01
C ILE G 354 -27.65 24.76 27.53
N PHE G 355 -26.93 25.82 27.16
CA PHE G 355 -26.55 26.06 25.78
C PHE G 355 -25.40 25.11 25.43
N LEU G 356 -25.69 24.13 24.58
CA LEU G 356 -24.74 23.06 24.31
C LEU G 356 -24.44 22.96 22.82
N PRO G 357 -23.25 22.51 22.46
CA PRO G 357 -22.91 22.34 21.04
C PRO G 357 -23.27 20.95 20.53
N ALA G 358 -23.47 20.88 19.22
CA ALA G 358 -23.82 19.66 18.52
C ALA G 358 -22.92 19.50 17.31
N PRO G 359 -22.72 18.27 16.83
CA PRO G 359 -21.88 18.06 15.66
C PRO G 359 -22.43 18.79 14.44
N TYR G 360 -21.50 19.22 13.57
CA TYR G 360 -21.86 20.01 12.40
C TYR G 360 -22.78 19.21 11.47
N THR G 361 -23.80 19.89 10.94
CA THR G 361 -24.75 19.26 10.04
C THR G 361 -24.91 20.00 8.72
N GLY G 362 -24.13 21.04 8.46
CA GLY G 362 -24.19 21.76 7.21
C GLY G 362 -23.39 21.07 6.13
N PHE G 363 -23.17 21.80 5.04
CA PHE G 363 -22.41 21.28 3.91
C PHE G 363 -20.96 21.05 4.32
N LYS G 364 -20.41 19.90 3.91
CA LYS G 364 -19.05 19.56 4.30
C LYS G 364 -18.02 20.47 3.66
N ALA G 365 -18.27 20.93 2.44
CA ALA G 365 -17.33 21.83 1.77
C ALA G 365 -17.25 23.19 2.45
N LEU G 366 -18.25 23.58 3.23
CA LEU G 366 -18.27 24.85 3.92
C LEU G 366 -17.74 24.75 5.35
N LYS G 367 -17.24 23.60 5.75
CA LYS G 367 -16.71 23.42 7.10
C LYS G 367 -15.27 23.92 7.16
N ALA G 368 -15.03 24.96 7.97
CA ALA G 368 -13.71 25.53 8.16
C ALA G 368 -13.37 25.40 9.64
N GLY G 369 -12.76 24.27 9.99
CA GLY G 369 -12.44 23.97 11.38
C GLY G 369 -13.43 23.00 12.00
N LEU G 370 -13.51 23.06 13.32
CA LEU G 370 -14.44 22.22 14.07
C LEU G 370 -15.71 23.01 14.36
N LEU G 371 -16.46 23.29 13.29
CA LEU G 371 -17.72 23.99 13.41
C LEU G 371 -18.74 23.10 14.11
N THR G 372 -19.56 23.71 14.96
CA THR G 372 -20.54 22.97 15.76
C THR G 372 -21.89 23.67 15.71
N GLU G 373 -22.94 22.87 15.53
CA GLU G 373 -24.30 23.37 15.71
C GLU G 373 -24.59 23.51 17.21
N THR G 374 -25.56 24.37 17.51
CA THR G 374 -25.92 24.66 18.90
C THR G 374 -27.40 24.45 19.12
N TYR G 375 -27.73 24.08 20.36
CA TYR G 375 -29.12 23.94 20.79
C TYR G 375 -29.18 24.31 22.26
N LEU G 376 -30.41 24.36 22.78
CA LEU G 376 -30.66 24.70 24.18
C LEU G 376 -31.34 23.52 24.85
N GLU G 377 -30.61 22.82 25.71
CA GLU G 377 -31.19 21.73 26.49
C GLU G 377 -32.08 22.32 27.56
N ALA G 378 -33.38 22.41 27.28
CA ALA G 378 -34.30 23.15 28.14
C ALA G 378 -34.36 22.53 29.53
N GLN G 379 -34.32 23.40 30.54
CA GLN G 379 -34.45 23.01 31.93
C GLN G 379 -35.67 23.61 32.62
N PHE G 380 -36.11 24.80 32.17
CA PHE G 380 -37.24 25.48 32.79
C PHE G 380 -37.94 26.31 31.73
N VAL G 381 -39.26 26.45 31.86
CA VAL G 381 -40.07 27.25 30.95
C VAL G 381 -40.95 28.18 31.78
N ARG G 382 -40.89 29.47 31.46
CA ARG G 382 -41.76 30.47 32.09
C ARG G 382 -42.65 31.05 31.00
N GLN G 383 -43.96 30.95 31.20
CA GLN G 383 -44.94 31.43 30.22
C GLN G 383 -45.31 32.86 30.55
N HIS G 384 -45.13 33.76 29.57
CA HIS G 384 -45.53 35.15 29.76
C HIS G 384 -47.04 35.27 29.94
N LYS G 385 -47.80 34.51 29.15
CA LYS G 385 -49.26 34.50 29.22
C LYS G 385 -49.69 33.09 29.63
N LYS G 386 -50.03 32.92 30.91
CA LYS G 386 -50.48 31.62 31.39
C LYS G 386 -51.76 31.20 30.69
N LYS G 387 -51.80 29.96 30.24
CA LYS G 387 -52.97 29.45 29.53
C LYS G 387 -54.15 29.31 30.49
N PHE G 388 -55.36 29.51 29.95
CA PHE G 388 -56.57 29.39 30.74
C PHE G 388 -56.81 27.96 31.22
N ALA G 389 -56.27 26.97 30.51
CA ALA G 389 -56.48 25.58 30.90
C ALA G 389 -55.64 25.18 32.10
N SER G 390 -54.48 25.81 32.29
CA SER G 390 -53.57 25.48 33.38
C SER G 390 -53.84 26.28 34.64
N PHE G 391 -55.07 26.78 34.81
CA PHE G 391 -55.42 27.58 35.98
C PHE G 391 -55.66 26.68 37.19
N SER G 392 -55.06 27.05 38.32
CA SER G 392 -55.28 26.37 39.60
C SER G 392 -55.54 27.41 40.67
N LEU G 393 -56.51 27.15 41.53
CA LEU G 393 -56.91 28.09 42.58
C LEU G 393 -56.03 27.89 43.81
N THR G 394 -54.77 28.31 43.67
CA THR G 394 -53.85 28.32 44.80
C THR G 394 -54.16 29.54 45.69
N SER G 395 -53.36 29.69 46.75
CA SER G 395 -53.64 30.72 47.74
C SER G 395 -53.45 32.12 47.16
N ASP G 396 -52.37 32.32 46.40
CA ASP G 396 -52.05 33.67 45.94
C ASP G 396 -53.06 34.02 44.85
N VAL G 397 -53.38 33.06 43.99
CA VAL G 397 -54.45 33.33 43.01
C VAL G 397 -55.79 33.74 43.69
N GLU G 398 -56.14 32.99 44.74
CA GLU G 398 -57.29 33.38 45.57
C GLU G 398 -57.30 34.75 46.25
N GLU G 399 -56.18 35.13 46.86
CA GLU G 399 -56.09 36.44 47.49
C GLU G 399 -56.25 37.55 46.46
N ARG G 400 -55.61 37.41 45.30
CA ARG G 400 -55.74 38.42 44.25
C ARG G 400 -57.19 38.53 43.77
N VAL G 401 -57.87 37.40 43.62
CA VAL G 401 -59.24 37.43 43.11
C VAL G 401 -60.15 38.09 44.14
N MET G 402 -59.97 37.77 45.43
CA MET G 402 -60.77 38.50 46.42
C MET G 402 -60.44 39.98 46.49
N GLU G 403 -59.17 40.34 46.33
CA GLU G 403 -58.87 41.77 46.30
C GLU G 403 -59.42 42.47 45.06
N LEU G 404 -59.68 41.71 43.99
CA LEU G 404 -60.37 42.29 42.83
C LEU G 404 -61.88 42.39 43.07
N ILE G 405 -62.47 41.37 43.67
CA ILE G 405 -63.92 41.34 43.88
C ILE G 405 -64.34 42.35 44.93
N THR G 406 -63.63 42.38 46.07
CA THR G 406 -63.99 43.27 47.17
C THR G 406 -63.88 44.73 46.77
N SER G 407 -63.05 45.04 45.78
CA SER G 407 -63.01 46.39 45.24
C SER G 407 -64.33 46.78 44.58
N GLY G 408 -65.12 45.80 44.17
CA GLY G 408 -66.43 46.05 43.62
C GLY G 408 -66.38 46.45 42.16
N ASP G 409 -67.54 46.37 41.51
CA ASP G 409 -67.72 46.76 40.12
C ASP G 409 -66.74 46.02 39.21
N VAL G 410 -66.74 44.70 39.33
CA VAL G 410 -65.79 43.87 38.59
C VAL G 410 -66.03 43.98 37.08
N TYR G 411 -67.29 43.95 36.66
CA TYR G 411 -67.61 43.97 35.24
C TYR G 411 -67.10 45.25 34.58
N ASN G 412 -67.47 46.41 35.14
CA ASN G 412 -67.06 47.68 34.56
C ASN G 412 -65.56 47.93 34.69
N ARG G 413 -64.96 47.52 35.81
CA ARG G 413 -63.52 47.68 35.98
C ARG G 413 -62.76 46.86 34.93
N LEU G 414 -63.18 45.61 34.72
CA LEU G 414 -62.51 44.77 33.74
C LEU G 414 -62.74 45.28 32.32
N ALA G 415 -63.96 45.73 32.01
CA ALA G 415 -64.23 46.24 30.67
C ALA G 415 -63.42 47.51 30.37
N LYS G 416 -63.36 48.44 31.32
CA LYS G 416 -62.67 49.74 31.12
C LYS G 416 -61.16 49.56 31.17
N SER G 417 -60.69 48.44 31.73
CA SER G 417 -59.27 48.18 31.80
C SER G 417 -58.74 47.60 30.50
N ILE G 418 -59.61 47.24 29.56
CA ILE G 418 -59.20 46.72 28.26
C ILE G 418 -58.81 47.91 27.39
N ALA G 419 -57.51 48.06 27.12
CA ALA G 419 -56.98 49.20 26.39
C ALA G 419 -57.45 50.52 27.00
N PRO G 420 -56.86 50.93 28.15
CA PRO G 420 -57.36 52.09 28.83
C PRO G 420 -57.05 53.43 28.17
N GLU G 421 -56.09 53.48 27.27
CA GLU G 421 -55.79 54.71 26.48
C GLU G 421 -56.79 54.91 25.32
N ILE G 422 -57.48 53.84 24.96
CA ILE G 422 -58.60 53.93 23.98
C ILE G 422 -59.66 54.52 24.88
N TYR G 423 -60.42 55.51 24.43
CA TYR G 423 -61.36 56.22 25.31
C TYR G 423 -62.77 56.12 24.80
N GLY G 424 -63.73 55.92 25.68
CA GLY G 424 -65.13 56.04 25.26
C GLY G 424 -65.66 54.93 24.42
N ASN G 425 -65.15 53.73 24.61
CA ASN G 425 -65.75 52.62 23.87
C ASN G 425 -66.07 51.63 24.95
N LEU G 426 -67.10 51.88 25.75
CA LEU G 426 -67.36 51.04 26.94
C LEU G 426 -68.23 49.86 26.55
N ASP G 427 -69.29 50.08 25.76
CA ASP G 427 -70.00 48.89 25.28
C ASP G 427 -69.07 48.00 24.46
N VAL G 428 -68.17 48.63 23.69
CA VAL G 428 -67.22 47.86 22.89
C VAL G 428 -66.33 47.00 23.78
N LYS G 429 -65.80 47.61 24.84
CA LYS G 429 -64.92 46.89 25.75
C LYS G 429 -65.68 45.84 26.55
N LYS G 430 -66.95 46.11 26.88
CA LYS G 430 -67.78 45.10 27.53
C LYS G 430 -67.97 43.88 26.64
N ALA G 431 -68.28 44.10 25.36
CA ALA G 431 -68.44 42.99 24.44
C ALA G 431 -67.13 42.23 24.26
N LEU G 432 -66.01 42.96 24.21
CA LEU G 432 -64.71 42.30 24.09
C LEU G 432 -64.40 41.45 25.32
N LEU G 433 -64.75 41.97 26.50
CA LEU G 433 -64.54 41.19 27.73
C LEU G 433 -65.41 39.94 27.74
N LEU G 434 -66.66 40.05 27.26
CA LEU G 434 -67.51 38.88 27.14
C LEU G 434 -66.93 37.87 26.16
N LEU G 435 -66.37 38.35 25.06
CA LEU G 435 -65.69 37.46 24.11
C LEU G 435 -64.51 36.76 24.77
N LEU G 436 -63.75 37.48 25.57
CA LEU G 436 -62.62 36.87 26.29
C LEU G 436 -63.11 35.79 27.25
N VAL G 437 -64.16 36.08 28.01
CA VAL G 437 -64.70 35.09 28.94
C VAL G 437 -65.39 33.97 28.17
N GLY G 438 -66.20 34.33 27.18
CA GLY G 438 -66.94 33.33 26.41
C GLY G 438 -68.09 32.72 27.17
N GLY G 439 -69.02 32.10 26.45
CA GLY G 439 -70.16 31.45 27.07
C GLY G 439 -69.81 30.08 27.61
N VAL G 440 -70.83 29.21 27.72
CA VAL G 440 -70.68 27.83 28.28
C VAL G 440 -70.97 26.79 27.19
N ASP G 441 -69.95 26.04 26.77
CA ASP G 441 -70.08 25.07 25.66
C ASP G 441 -71.02 23.94 26.04
N LYS G 442 -72.01 23.64 25.21
CA LYS G 442 -73.01 22.63 25.60
C LYS G 442 -72.95 21.45 24.66
N ARG G 443 -72.74 20.25 25.18
CA ARG G 443 -72.78 19.04 24.34
C ARG G 443 -74.08 18.31 24.70
N VAL G 444 -75.01 18.26 23.77
CA VAL G 444 -76.31 17.57 24.01
C VAL G 444 -76.04 16.07 23.86
N GLY G 445 -76.81 15.22 24.54
CA GLY G 445 -76.54 13.77 24.55
C GLY G 445 -76.57 13.14 23.18
N ASP G 446 -77.26 13.74 22.22
CA ASP G 446 -77.41 13.15 20.86
C ASP G 446 -76.06 13.23 20.15
N GLY G 447 -75.10 13.93 20.75
CA GLY G 447 -73.77 14.13 20.14
C GLY G 447 -73.69 15.54 19.59
N MET G 448 -74.80 16.26 19.64
CA MET G 448 -74.83 17.66 19.16
C MET G 448 -73.88 18.49 20.00
N LYS G 449 -73.33 19.57 19.45
CA LYS G 449 -72.46 20.48 20.22
C LYS G 449 -72.95 21.90 19.94
N ILE G 450 -72.96 22.77 20.94
CA ILE G 450 -73.30 24.20 20.72
C ILE G 450 -71.98 24.96 20.93
N ARG G 451 -71.75 26.03 20.19
CA ARG G 451 -70.42 26.69 20.15
C ARG G 451 -69.93 27.20 21.49
N GLY G 452 -70.74 27.92 22.25
CA GLY G 452 -70.22 28.35 23.55
C GLY G 452 -69.25 29.50 23.50
N ASP G 453 -68.92 30.03 22.31
CA ASP G 453 -67.88 31.08 22.20
C ASP G 453 -68.51 32.25 21.48
N ILE G 454 -68.14 33.48 21.84
CA ILE G 454 -68.79 34.67 21.26
C ILE G 454 -67.92 35.26 20.15
N ASN G 455 -68.42 35.37 18.92
CA ASN G 455 -67.79 36.08 17.83
C ASN G 455 -68.32 37.51 17.79
N VAL G 456 -67.41 38.49 17.73
CA VAL G 456 -67.79 39.90 17.76
C VAL G 456 -67.20 40.57 16.52
N CYS G 457 -68.06 41.31 15.82
CA CYS G 457 -67.66 42.06 14.63
C CYS G 457 -67.78 43.55 14.93
N LEU G 458 -66.71 44.30 14.66
CA LEU G 458 -66.67 45.74 14.86
C LEU G 458 -66.55 46.37 13.48
N MET G 459 -67.67 46.80 12.91
CA MET G 459 -67.63 47.56 11.67
C MET G 459 -67.64 49.03 12.03
N GLY G 460 -66.69 49.80 11.52
CA GLY G 460 -66.75 51.21 11.92
C GLY G 460 -66.10 52.16 10.95
N ASP G 461 -66.08 53.43 11.28
CA ASP G 461 -65.48 54.43 10.39
C ASP G 461 -63.98 54.40 10.59
N PRO G 462 -63.18 55.05 9.73
CA PRO G 462 -61.76 55.13 9.99
C PRO G 462 -61.38 55.92 11.24
N GLY G 463 -60.26 55.59 11.88
CA GLY G 463 -59.75 56.31 13.07
C GLY G 463 -60.55 56.10 14.32
N VAL G 464 -61.31 55.01 14.42
CA VAL G 464 -62.18 54.74 15.62
C VAL G 464 -61.54 53.74 16.58
N ALA G 465 -60.30 53.29 16.34
CA ALA G 465 -59.56 52.35 17.21
C ALA G 465 -60.03 50.90 17.16
N LYS G 466 -60.59 50.44 16.05
CA LYS G 466 -60.97 49.04 15.92
C LYS G 466 -59.70 48.20 15.93
N SER G 467 -58.66 48.59 15.21
CA SER G 467 -57.38 47.86 15.12
C SER G 467 -56.62 47.92 16.43
N GLN G 468 -56.67 49.04 17.15
CA GLN G 468 -56.04 49.15 18.49
C GLN G 468 -56.76 48.24 19.49
N LEU G 469 -58.08 48.12 19.42
CA LEU G 469 -58.86 47.18 20.26
C LEU G 469 -58.52 45.72 19.91
N LEU G 470 -58.20 45.39 18.64
CA LEU G 470 -57.82 44.05 18.26
C LEU G 470 -56.49 43.64 18.89
N LYS G 471 -55.49 44.52 18.84
CA LYS G 471 -54.21 44.20 19.46
C LYS G 471 -54.30 44.19 20.98
N ALA G 472 -55.19 45.00 21.56
CA ALA G 472 -55.42 44.90 23.00
C ALA G 472 -55.94 43.51 23.38
N ILE G 473 -56.91 43.01 22.62
CA ILE G 473 -57.45 41.67 22.89
C ILE G 473 -56.38 40.61 22.67
N CYS G 474 -55.56 40.78 21.62
CA CYS G 474 -54.47 39.85 21.38
C CYS G 474 -53.48 39.82 22.53
N LYS G 475 -53.16 41.00 23.08
CA LYS G 475 -52.27 41.07 24.23
C LYS G 475 -52.88 40.40 25.45
N ILE G 476 -54.18 40.62 25.68
CA ILE G 476 -54.84 40.03 26.84
C ILE G 476 -54.93 38.51 26.70
N SER G 477 -55.33 38.04 25.52
CA SER G 477 -55.57 36.61 25.34
C SER G 477 -54.26 35.83 25.39
N PRO G 478 -54.23 34.71 26.14
CA PRO G 478 -53.03 33.87 26.12
C PRO G 478 -52.79 33.23 24.76
N ARG G 479 -53.83 32.94 24.01
CA ARG G 479 -53.73 32.40 22.65
C ARG G 479 -54.47 33.38 21.72
N GLY G 480 -53.76 34.42 21.28
CA GLY G 480 -54.36 35.41 20.41
C GLY G 480 -53.57 35.58 19.13
N VAL G 481 -54.25 35.48 17.98
CA VAL G 481 -53.60 35.59 16.68
C VAL G 481 -54.19 36.78 15.95
N TYR G 482 -53.35 37.76 15.65
CA TYR G 482 -53.75 38.94 14.90
C TYR G 482 -53.40 38.75 13.43
N THR G 483 -54.40 38.82 12.56
CA THR G 483 -54.20 38.65 11.13
C THR G 483 -54.86 39.80 10.39
N THR G 484 -54.37 40.05 9.18
CA THR G 484 -54.91 41.05 8.28
C THR G 484 -55.37 40.38 6.99
N GLY G 485 -56.60 40.65 6.59
CA GLY G 485 -57.13 40.03 5.38
C GLY G 485 -56.38 40.48 4.14
N LYS G 486 -56.31 39.57 3.16
CA LYS G 486 -55.62 39.82 1.89
C LYS G 486 -54.17 40.23 2.12
N GLY G 487 -53.53 39.61 3.10
CA GLY G 487 -52.11 39.79 3.32
C GLY G 487 -51.36 38.55 2.88
N SER G 488 -50.99 37.71 3.84
CA SER G 488 -50.45 36.39 3.55
C SER G 488 -51.16 35.32 4.37
N SER G 489 -52.40 35.58 4.78
CA SER G 489 -53.17 34.67 5.62
C SER G 489 -54.04 33.71 4.83
N GLY G 490 -53.91 33.67 3.50
CA GLY G 490 -54.68 32.71 2.73
C GLY G 490 -54.38 31.28 3.14
N VAL G 491 -53.10 30.96 3.30
CA VAL G 491 -52.73 29.69 3.91
C VAL G 491 -52.86 29.77 5.42
N GLY G 492 -52.85 30.99 5.98
CA GLY G 492 -52.97 31.15 7.42
C GLY G 492 -54.32 30.66 7.95
N LEU G 493 -55.39 30.97 7.23
CA LEU G 493 -56.70 30.48 7.66
C LEU G 493 -56.93 29.07 7.16
N THR G 494 -55.94 28.19 7.38
CA THR G 494 -55.92 26.79 6.95
C THR G 494 -54.65 26.21 7.56
N ALA G 495 -54.39 24.92 7.33
CA ALA G 495 -53.13 24.30 7.70
C ALA G 495 -52.41 23.79 6.46
N ALA G 496 -51.08 23.79 6.52
CA ALA G 496 -50.25 23.38 5.39
C ALA G 496 -49.50 22.10 5.75
N VAL G 497 -49.61 21.10 4.88
CA VAL G 497 -48.94 19.82 5.09
C VAL G 497 -47.49 19.95 4.66
N MET G 498 -46.57 19.55 5.54
CA MET G 498 -45.13 19.55 5.31
C MET G 498 -44.55 18.29 5.93
N LYS G 499 -43.22 18.19 5.88
CA LYS G 499 -42.47 17.12 6.55
C LYS G 499 -41.83 17.70 7.80
N ASP G 500 -41.96 16.97 8.90
CA ASP G 500 -41.23 17.31 10.11
C ASP G 500 -39.77 16.96 9.91
N PRO G 501 -38.85 17.93 10.05
CA PRO G 501 -37.42 17.59 9.87
C PRO G 501 -36.88 16.71 10.98
N VAL G 502 -37.38 16.88 12.20
CA VAL G 502 -36.88 16.09 13.33
C VAL G 502 -37.31 14.63 13.20
N THR G 503 -38.58 14.40 12.91
CA THR G 503 -39.15 13.06 12.81
C THR G 503 -39.67 12.84 11.41
N ASP G 504 -39.33 11.70 10.82
CA ASP G 504 -39.68 11.44 9.43
C ASP G 504 -41.17 11.19 9.27
N GLU G 505 -41.97 12.24 9.40
CA GLU G 505 -43.41 12.15 9.27
C GLU G 505 -43.92 13.33 8.46
N MET G 506 -45.09 13.14 7.84
CA MET G 506 -45.84 14.22 7.21
C MET G 506 -46.83 14.77 8.23
N ILE G 507 -46.63 16.03 8.62
CA ILE G 507 -47.49 16.70 9.58
C ILE G 507 -47.97 18.00 8.94
N LEU G 508 -49.24 18.33 9.16
CA LEU G 508 -49.77 19.60 8.68
C LEU G 508 -49.70 20.61 9.82
N GLU G 509 -48.92 21.67 9.61
CA GLU G 509 -48.79 22.74 10.59
C GLU G 509 -49.97 23.69 10.42
N GLY G 510 -50.63 24.00 11.54
CA GLY G 510 -51.78 24.86 11.49
C GLY G 510 -51.39 26.31 11.27
N GLY G 511 -52.37 27.08 10.82
CA GLY G 511 -52.19 28.49 10.55
C GLY G 511 -52.89 29.35 11.58
N ALA G 512 -53.45 30.47 11.11
CA ALA G 512 -54.05 31.45 12.01
C ALA G 512 -55.24 30.86 12.76
N LEU G 513 -56.17 30.24 12.04
CA LEU G 513 -57.37 29.69 12.67
C LEU G 513 -57.06 28.45 13.50
N VAL G 514 -55.89 27.84 13.32
CA VAL G 514 -55.56 26.62 14.03
C VAL G 514 -54.65 26.94 15.21
N LEU G 515 -53.71 27.88 15.01
CA LEU G 515 -52.84 28.26 16.12
C LEU G 515 -53.64 28.99 17.20
N ALA G 516 -54.66 29.74 16.81
CA ALA G 516 -55.58 30.36 17.76
C ALA G 516 -56.74 29.42 18.12
N ASP G 517 -56.39 28.19 18.48
CA ASP G 517 -57.37 27.20 18.90
C ASP G 517 -57.57 27.32 20.40
N ASN G 518 -58.83 27.31 20.85
CA ASN G 518 -59.20 27.63 22.22
C ASN G 518 -58.75 29.03 22.63
N GLY G 519 -58.58 29.90 21.63
CA GLY G 519 -58.15 31.27 21.84
C GLY G 519 -59.01 32.23 21.04
N ILE G 520 -58.37 33.32 20.59
CA ILE G 520 -59.06 34.38 19.87
C ILE G 520 -58.28 34.71 18.61
N CYS G 521 -58.97 34.76 17.47
CA CYS G 521 -58.41 35.23 16.22
C CYS G 521 -58.98 36.62 15.94
N CYS G 522 -58.11 37.63 15.98
CA CYS G 522 -58.48 39.01 15.67
C CYS G 522 -58.14 39.26 14.20
N ILE G 523 -59.18 39.33 13.38
CA ILE G 523 -59.03 39.51 11.93
C ILE G 523 -59.36 40.94 11.57
N ASP G 524 -58.33 41.71 11.25
CA ASP G 524 -58.48 43.08 10.78
C ASP G 524 -58.74 43.09 9.28
N GLU G 525 -59.39 44.15 8.82
CA GLU G 525 -59.79 44.28 7.41
C GLU G 525 -60.62 43.07 6.98
N PHE G 526 -61.66 42.77 7.76
CA PHE G 526 -62.48 41.58 7.51
C PHE G 526 -63.17 41.63 6.15
N ASP G 527 -63.52 42.83 5.67
CA ASP G 527 -64.24 42.96 4.42
C ASP G 527 -63.35 42.75 3.19
N LYS G 528 -62.09 42.39 3.37
CA LYS G 528 -61.12 42.30 2.28
C LYS G 528 -60.40 40.97 2.30
N MET G 529 -61.12 39.87 2.41
CA MET G 529 -60.54 38.55 2.34
C MET G 529 -61.01 37.81 1.09
N ASP G 530 -60.32 36.72 0.79
CA ASP G 530 -60.69 35.87 -0.34
C ASP G 530 -61.92 35.05 0.00
N GLU G 531 -62.54 34.49 -1.05
CA GLU G 531 -63.75 33.69 -0.85
C GLU G 531 -63.46 32.43 -0.05
N SER G 532 -62.33 31.77 -0.33
CA SER G 532 -61.97 30.58 0.43
C SER G 532 -61.76 30.90 1.90
N ASP G 533 -61.08 32.02 2.18
CA ASP G 533 -60.89 32.44 3.57
C ASP G 533 -62.23 32.74 4.24
N ARG G 534 -63.15 33.38 3.52
CA ARG G 534 -64.45 33.69 4.09
C ARG G 534 -65.24 32.42 4.40
N THR G 535 -65.19 31.43 3.50
CA THR G 535 -65.86 30.16 3.78
C THR G 535 -65.24 29.45 4.97
N ALA G 536 -63.90 29.50 5.08
CA ALA G 536 -63.24 28.91 6.24
C ALA G 536 -63.67 29.61 7.52
N ILE G 537 -63.81 30.93 7.49
CA ILE G 537 -64.27 31.68 8.65
C ILE G 537 -65.71 31.27 9.00
N HIS G 538 -66.56 31.09 8.00
CA HIS G 538 -67.92 30.63 8.23
C HIS G 538 -67.91 29.29 8.97
N GLU G 539 -67.13 28.34 8.47
CA GLU G 539 -67.08 27.02 9.09
C GLU G 539 -66.52 27.10 10.51
N VAL G 540 -65.51 27.94 10.72
CA VAL G 540 -64.92 28.06 12.05
C VAL G 540 -65.92 28.65 13.03
N MET G 541 -66.66 29.65 12.62
CA MET G 541 -67.63 30.37 13.48
C MET G 541 -68.89 29.57 13.80
N GLU G 542 -69.21 28.56 13.04
CA GLU G 542 -70.41 27.74 13.29
C GLU G 542 -70.01 26.41 13.96
N GLN G 543 -69.28 25.56 13.24
CA GLN G 543 -68.92 24.22 13.74
C GLN G 543 -67.58 24.19 14.48
N GLN G 544 -66.77 25.23 14.42
CA GLN G 544 -65.47 25.26 15.10
C GLN G 544 -64.52 24.22 14.52
N THR G 545 -64.68 23.91 13.23
CA THR G 545 -63.82 22.96 12.53
C THR G 545 -63.57 23.47 11.13
N ILE G 546 -62.50 22.96 10.53
CA ILE G 546 -62.15 23.28 9.14
C ILE G 546 -62.04 21.95 8.40
N SER G 547 -62.96 21.71 7.47
CA SER G 547 -62.95 20.48 6.68
C SER G 547 -62.17 20.72 5.39
N ILE G 548 -61.06 20.01 5.23
CA ILE G 548 -60.20 20.15 4.05
C ILE G 548 -60.22 18.83 3.31
N SER G 549 -60.58 18.88 2.02
CA SER G 549 -60.52 17.73 1.12
C SER G 549 -59.78 18.18 -0.13
N LYS G 550 -58.45 18.12 -0.08
CA LYS G 550 -57.61 18.59 -1.17
C LYS G 550 -56.64 17.48 -1.56
N ALA G 551 -55.92 17.71 -2.66
CA ALA G 551 -54.94 16.74 -3.13
C ALA G 551 -53.90 16.49 -2.05
N GLY G 552 -53.91 15.30 -1.47
CA GLY G 552 -52.98 14.93 -0.44
C GLY G 552 -53.52 14.99 0.98
N ILE G 553 -54.69 15.56 1.20
CA ILE G 553 -55.20 15.71 2.56
C ILE G 553 -56.72 15.57 2.56
N ASN G 554 -57.23 14.88 3.60
CA ASN G 554 -58.66 14.76 3.86
C ASN G 554 -58.82 14.75 5.37
N THR G 555 -59.05 15.94 5.95
CA THR G 555 -59.04 16.09 7.40
C THR G 555 -60.15 17.03 7.85
N THR G 556 -60.42 16.99 9.15
CA THR G 556 -61.32 17.93 9.82
C THR G 556 -60.54 18.51 10.99
N LEU G 557 -59.90 19.65 10.77
CA LEU G 557 -59.13 20.33 11.78
C LEU G 557 -60.05 20.91 12.85
N ASN G 558 -59.59 20.88 14.10
CA ASN G 558 -60.32 21.48 15.21
C ASN G 558 -59.87 22.93 15.39
N ALA G 559 -60.80 23.86 15.22
CA ALA G 559 -60.53 25.29 15.41
C ALA G 559 -61.62 25.84 16.33
N ARG G 560 -61.40 25.69 17.64
CA ARG G 560 -62.33 26.22 18.64
C ARG G 560 -61.99 27.67 18.96
N THR G 561 -62.13 28.51 17.95
CA THR G 561 -61.63 29.87 17.97
C THR G 561 -62.76 30.88 18.07
N SER G 562 -62.60 31.86 18.95
CA SER G 562 -63.48 33.01 19.01
C SER G 562 -62.98 34.06 18.03
N ILE G 563 -63.84 34.49 17.12
CA ILE G 563 -63.44 35.40 16.05
C ILE G 563 -63.83 36.82 16.45
N LEU G 564 -62.84 37.71 16.47
CA LEU G 564 -63.05 39.14 16.68
C LEU G 564 -62.63 39.82 15.38
N ALA G 565 -63.61 40.25 14.60
CA ALA G 565 -63.37 40.83 13.29
C ALA G 565 -63.50 42.35 13.37
N ALA G 566 -62.67 43.03 12.58
CA ALA G 566 -62.75 44.48 12.41
C ALA G 566 -62.93 44.77 10.93
N ALA G 567 -63.95 45.56 10.61
CA ALA G 567 -64.31 45.80 9.22
C ALA G 567 -64.60 47.29 9.01
N ASN G 568 -64.44 47.71 7.76
CA ASN G 568 -64.79 49.04 7.29
C ASN G 568 -66.08 48.97 6.49
N PRO G 569 -66.97 49.94 6.65
CA PRO G 569 -68.25 49.88 5.93
C PRO G 569 -68.10 50.11 4.43
N LEU G 570 -69.11 49.71 3.68
CA LEU G 570 -69.05 49.87 2.21
C LEU G 570 -68.63 51.33 1.94
N TYR G 571 -67.64 51.53 1.08
CA TYR G 571 -67.18 52.89 0.70
C TYR G 571 -66.18 53.42 1.74
N GLY G 572 -65.93 52.67 2.81
CA GLY G 572 -64.89 53.05 3.79
C GLY G 572 -65.37 54.04 4.82
N ARG G 573 -66.55 54.64 4.61
CA ARG G 573 -67.11 55.64 5.55
C ARG G 573 -68.62 55.39 5.59
N TYR G 574 -69.23 55.52 6.76
CA TYR G 574 -70.66 55.19 6.88
C TYR G 574 -71.48 56.24 6.16
N ASN G 575 -72.42 55.80 5.29
CA ASN G 575 -73.34 56.77 4.67
C ASN G 575 -74.67 56.56 5.39
N PRO G 576 -75.11 57.48 6.28
CA PRO G 576 -76.35 57.32 7.03
C PRO G 576 -77.54 57.40 6.06
N ARG G 577 -77.35 58.00 4.88
CA ARG G 577 -78.41 58.00 3.88
C ARG G 577 -78.71 56.60 3.38
N LEU G 578 -77.71 55.72 3.36
CA LEU G 578 -77.87 54.37 2.84
C LEU G 578 -78.26 53.40 3.95
N SER G 579 -78.89 52.30 3.56
CA SER G 579 -79.39 51.33 4.52
C SER G 579 -78.22 50.67 5.28
N PRO G 580 -78.43 50.33 6.55
CA PRO G 580 -77.36 49.65 7.31
C PRO G 580 -76.92 48.35 6.68
N LEU G 581 -77.87 47.51 6.27
CA LEU G 581 -77.50 46.27 5.57
C LEU G 581 -76.85 46.57 4.23
N ASP G 582 -77.28 47.65 3.57
CA ASP G 582 -76.64 48.05 2.31
C ASP G 582 -75.19 48.44 2.54
N ASN G 583 -74.90 49.15 3.63
CA ASN G 583 -73.54 49.62 3.88
C ASN G 583 -72.69 48.54 4.54
N ILE G 584 -73.31 47.47 5.02
CA ILE G 584 -72.62 46.32 5.58
C ILE G 584 -72.34 45.34 4.44
N ASN G 585 -71.07 45.15 4.11
CA ASN G 585 -70.67 44.20 3.08
C ASN G 585 -70.41 42.82 3.69
N LEU G 586 -71.39 42.34 4.44
CA LEU G 586 -71.35 41.02 5.03
C LEU G 586 -72.58 40.22 4.57
N PRO G 587 -72.39 39.01 4.04
CA PRO G 587 -73.56 38.18 3.70
C PRO G 587 -74.44 37.96 4.91
N ALA G 588 -75.75 37.97 4.72
CA ALA G 588 -76.69 37.79 5.85
C ALA G 588 -76.24 36.60 6.69
N ALA G 589 -75.51 35.67 6.09
CA ALA G 589 -75.07 34.45 6.82
C ALA G 589 -73.77 34.72 7.58
N LEU G 590 -72.84 35.56 7.09
CA LEU G 590 -71.65 35.96 7.89
C LEU G 590 -72.11 36.85 9.04
N LEU G 591 -73.01 37.80 8.77
CA LEU G 591 -73.51 38.74 9.80
C LEU G 591 -74.23 37.91 10.86
N SER G 592 -74.95 36.88 10.46
CA SER G 592 -75.73 36.08 11.41
C SER G 592 -74.79 35.42 12.39
N ARG G 593 -73.62 34.99 11.93
CA ARG G 593 -72.69 34.22 12.80
C ARG G 593 -72.18 35.07 13.96
N PHE G 594 -71.95 36.36 13.74
CA PHE G 594 -71.38 37.23 14.80
C PHE G 594 -72.43 37.43 15.89
N ASP G 595 -72.07 37.14 17.13
CA ASP G 595 -73.03 37.25 18.26
C ASP G 595 -73.32 38.71 18.52
N ILE G 596 -72.34 39.59 18.28
CA ILE G 596 -72.54 41.02 18.41
C ILE G 596 -71.87 41.71 17.24
N LEU G 597 -72.55 42.73 16.68
CA LEU G 597 -72.00 43.53 15.59
C LEU G 597 -72.12 45.00 15.96
N PHE G 598 -71.01 45.62 16.34
CA PHE G 598 -70.95 47.03 16.66
C PHE G 598 -70.75 47.89 15.42
N LEU G 599 -71.39 49.06 15.42
CA LEU G 599 -71.31 50.02 14.34
C LEU G 599 -70.65 51.26 14.93
N MET G 600 -69.32 51.30 14.86
CA MET G 600 -68.55 52.36 15.52
C MET G 600 -68.43 53.53 14.55
N LEU G 601 -69.32 54.50 14.70
CA LEU G 601 -69.38 55.65 13.81
C LEU G 601 -68.69 56.84 14.44
N ASP G 602 -67.96 57.60 13.61
CA ASP G 602 -67.22 58.77 14.06
C ASP G 602 -67.98 60.03 13.63
N ILE G 603 -68.93 60.45 14.48
CA ILE G 603 -69.68 61.67 14.23
C ILE G 603 -68.98 62.84 14.93
N PRO G 604 -68.77 63.96 14.24
CA PRO G 604 -68.13 65.11 14.89
C PRO G 604 -69.02 65.69 15.99
N SER G 605 -68.37 66.23 17.00
CA SER G 605 -69.05 66.86 18.12
C SER G 605 -68.09 67.81 18.81
N ARG G 606 -68.62 68.61 19.73
CA ARG G 606 -67.80 69.56 20.46
C ARG G 606 -67.29 68.99 21.78
N ASP G 607 -68.19 68.47 22.61
CA ASP G 607 -67.77 67.92 23.90
C ASP G 607 -67.08 66.57 23.76
N ASP G 608 -67.61 65.68 22.91
CA ASP G 608 -67.01 64.37 22.74
C ASP G 608 -65.61 64.47 22.16
N ASP G 609 -65.44 65.28 21.12
CA ASP G 609 -64.12 65.49 20.54
C ASP G 609 -63.18 66.19 21.51
N GLU G 610 -63.68 67.13 22.31
CA GLU G 610 -62.86 67.75 23.35
C GLU G 610 -62.34 66.71 24.32
N LYS G 611 -63.19 65.78 24.74
CA LYS G 611 -62.83 64.75 25.73
C LYS G 611 -61.89 63.70 25.17
N LEU G 612 -62.05 63.34 23.89
CA LEU G 612 -61.12 62.39 23.24
C LEU G 612 -59.77 63.06 23.15
N ALA G 613 -59.73 64.36 22.87
CA ALA G 613 -58.44 65.00 22.64
C ALA G 613 -57.75 65.20 23.96
N GLU G 614 -58.45 65.57 25.01
CA GLU G 614 -57.79 65.58 26.32
C GLU G 614 -57.22 64.21 26.64
N HIS G 615 -57.96 63.13 26.40
CA HIS G 615 -57.47 61.77 26.76
C HIS G 615 -56.23 61.44 25.93
N VAL G 616 -56.30 61.56 24.62
CA VAL G 616 -55.18 61.20 23.73
C VAL G 616 -53.97 62.06 24.06
N THR G 617 -54.15 63.34 24.40
CA THR G 617 -53.01 64.24 24.63
C THR G 617 -52.40 63.92 26.01
N TYR G 618 -53.22 63.58 26.99
CA TYR G 618 -52.67 63.09 28.26
C TYR G 618 -51.90 61.80 28.06
N VAL G 619 -52.42 60.89 27.25
CA VAL G 619 -51.70 59.64 26.98
C VAL G 619 -50.37 59.93 26.30
N HIS G 620 -50.31 60.98 25.48
CA HIS G 620 -49.06 61.33 24.84
C HIS G 620 -48.07 61.99 25.78
N MET G 621 -48.53 62.84 26.71
CA MET G 621 -47.61 63.34 27.74
C MET G 621 -47.10 62.21 28.62
N HIS G 622 -48.00 61.59 29.36
CA HIS G 622 -47.67 60.51 30.27
C HIS G 622 -48.20 59.20 29.70
N ASN G 623 -47.35 58.18 29.67
CA ASN G 623 -47.70 56.91 29.04
C ASN G 623 -48.67 56.12 29.92
N LYS G 624 -49.82 56.75 30.18
CA LYS G 624 -50.86 56.17 31.01
C LYS G 624 -52.14 56.95 30.79
N GLN G 625 -53.26 56.36 31.19
CA GLN G 625 -54.56 56.95 30.92
C GLN G 625 -54.82 58.13 31.87
N PRO G 626 -55.71 59.05 31.49
CA PRO G 626 -55.91 60.26 32.32
C PRO G 626 -56.53 60.00 33.67
N ASP G 627 -57.57 59.16 33.75
CA ASP G 627 -58.36 59.05 34.97
C ASP G 627 -57.52 58.61 36.16
N LEU G 628 -57.68 59.32 37.28
CA LEU G 628 -57.01 58.98 38.52
C LEU G 628 -57.89 58.20 39.49
N ASP G 629 -59.20 58.43 39.46
CA ASP G 629 -60.12 57.68 40.31
C ASP G 629 -60.13 56.20 39.92
N PHE G 630 -60.11 55.91 38.62
CA PHE G 630 -60.15 54.55 38.11
C PHE G 630 -58.73 54.08 37.81
N THR G 631 -58.34 52.96 38.42
CA THR G 631 -57.05 52.35 38.14
C THR G 631 -57.25 51.10 37.31
N PRO G 632 -56.62 51.01 36.13
CA PRO G 632 -56.82 49.82 35.29
C PRO G 632 -56.23 48.57 35.93
N VAL G 633 -56.87 47.44 35.66
CA VAL G 633 -56.39 46.15 36.13
C VAL G 633 -55.19 45.73 35.29
N GLU G 634 -54.15 45.23 35.96
CA GLU G 634 -52.96 44.77 35.26
C GLU G 634 -53.35 43.62 34.33
N PRO G 635 -52.85 43.52 33.08
CA PRO G 635 -53.32 42.47 32.18
C PRO G 635 -53.05 41.05 32.68
N SER G 636 -52.03 40.87 33.50
CA SER G 636 -51.80 39.53 34.10
C SER G 636 -52.89 39.21 35.10
N LYS G 637 -53.38 40.19 35.86
CA LYS G 637 -54.42 39.97 36.90
C LYS G 637 -55.77 39.84 36.22
N MET G 638 -55.96 40.45 35.05
CA MET G 638 -57.17 40.24 34.23
C MET G 638 -57.19 38.85 33.66
N ARG G 639 -56.07 38.33 33.18
CA ARG G 639 -56.00 36.95 32.64
C ARG G 639 -56.32 35.98 33.75
N GLU G 640 -55.85 36.20 34.98
CA GLU G 640 -56.11 35.30 36.13
C GLU G 640 -57.57 35.33 36.53
N TYR G 641 -58.19 36.51 36.54
CA TYR G 641 -59.63 36.57 36.81
C TYR G 641 -60.37 35.85 35.69
N ILE G 642 -60.03 36.11 34.43
CA ILE G 642 -60.79 35.50 33.35
C ILE G 642 -60.58 33.98 33.35
N ALA G 643 -59.37 33.53 33.67
CA ALA G 643 -59.13 32.11 33.79
C ALA G 643 -59.97 31.49 34.90
N TYR G 644 -60.08 32.19 36.04
CA TYR G 644 -60.95 31.71 37.11
C TYR G 644 -62.41 31.70 36.68
N ALA G 645 -62.85 32.74 35.97
CA ALA G 645 -64.23 32.83 35.53
C ALA G 645 -64.59 31.75 34.53
N LYS G 646 -63.66 31.38 33.65
CA LYS G 646 -63.93 30.36 32.64
C LYS G 646 -64.09 28.97 33.24
N THR G 647 -63.72 28.77 34.50
CA THR G 647 -63.91 27.48 35.15
C THR G 647 -65.34 27.27 35.61
N LYS G 648 -66.16 28.32 35.67
CA LYS G 648 -67.55 28.21 36.08
C LYS G 648 -68.41 27.88 34.87
N ARG G 649 -69.46 27.08 35.11
CA ARG G 649 -70.39 26.66 34.07
C ARG G 649 -71.81 26.93 34.55
N PRO G 650 -72.23 28.19 34.57
CA PRO G 650 -73.58 28.52 35.05
C PRO G 650 -74.66 27.92 34.16
N VAL G 651 -75.77 27.54 34.77
CA VAL G 651 -76.91 27.00 34.06
C VAL G 651 -78.08 27.97 34.22
N MET G 652 -79.07 27.82 33.33
CA MET G 652 -80.23 28.70 33.29
C MET G 652 -81.42 28.01 33.91
N SER G 653 -82.10 28.71 34.81
CA SER G 653 -83.32 28.20 35.41
C SER G 653 -84.53 28.49 34.52
N GLU G 654 -85.68 28.01 34.96
CA GLU G 654 -86.92 28.27 34.22
C GLU G 654 -87.28 29.75 34.27
N ALA G 655 -87.12 30.38 35.43
CA ALA G 655 -87.54 31.77 35.61
C ALA G 655 -86.75 32.74 34.75
N VAL G 656 -85.55 32.36 34.30
CA VAL G 656 -84.73 33.25 33.49
C VAL G 656 -84.94 32.90 32.01
N ASN G 657 -85.06 31.61 31.71
CA ASN G 657 -85.24 31.21 30.31
C ASN G 657 -86.63 31.56 29.79
N ASP G 658 -87.63 31.66 30.66
CA ASP G 658 -88.94 32.16 30.23
C ASP G 658 -88.83 33.60 29.70
N TYR G 659 -88.14 34.46 30.44
CA TYR G 659 -87.91 35.83 29.97
C TYR G 659 -87.06 35.81 28.70
N VAL G 660 -86.07 34.90 28.64
CA VAL G 660 -85.23 34.79 27.45
C VAL G 660 -86.10 34.48 26.23
N VAL G 661 -87.07 33.58 26.40
CA VAL G 661 -88.00 33.25 25.33
C VAL G 661 -88.84 34.46 24.95
N GLN G 662 -89.37 35.17 25.95
CA GLN G 662 -90.22 36.33 25.67
C GLN G 662 -89.44 37.41 24.92
N ALA G 663 -88.20 37.67 25.33
CA ALA G 663 -87.37 38.66 24.68
C ALA G 663 -87.04 38.23 23.25
N TYR G 664 -86.80 36.93 23.04
CA TYR G 664 -86.57 36.45 21.69
C TYR G 664 -87.79 36.66 20.80
N ILE G 665 -88.98 36.39 21.34
CA ILE G 665 -90.21 36.60 20.57
C ILE G 665 -90.39 38.06 20.23
N ARG G 666 -90.18 38.96 21.20
CA ARG G 666 -90.33 40.38 20.93
C ARG G 666 -89.30 40.85 19.91
N LEU G 667 -88.06 40.35 20.01
CA LEU G 667 -87.03 40.71 19.04
C LEU G 667 -87.41 40.24 17.64
N ARG G 668 -87.94 39.03 17.52
CA ARG G 668 -88.36 38.53 16.21
C ARG G 668 -89.49 39.37 15.63
N GLN G 669 -90.46 39.74 16.47
CA GLN G 669 -91.56 40.59 16.00
C GLN G 669 -91.05 41.96 15.55
N ASP G 670 -90.16 42.56 16.34
CA ASP G 670 -89.60 43.86 15.97
C ASP G 670 -88.81 43.78 14.67
N SER G 671 -88.05 42.69 14.49
CA SER G 671 -87.33 42.50 13.24
C SER G 671 -88.28 42.34 12.07
N LYS G 672 -89.40 41.63 12.27
CA LYS G 672 -90.39 41.48 11.21
C LYS G 672 -91.01 42.82 10.84
N ARG G 673 -91.29 43.66 11.84
CA ARG G 673 -91.97 44.93 11.55
C ARG G 673 -91.10 45.86 10.71
N GLU G 674 -89.77 45.74 10.79
CA GLU G 674 -88.86 46.54 9.98
C GLU G 674 -87.97 45.62 9.13
N MET G 675 -88.37 45.42 7.87
CA MET G 675 -87.49 44.67 6.99
C MET G 675 -86.67 45.59 6.10
N ASP G 676 -87.23 46.76 5.74
CA ASP G 676 -86.54 47.70 4.86
C ASP G 676 -86.77 49.15 5.28
N SER G 677 -86.88 49.41 6.58
CA SER G 677 -87.22 50.73 7.08
C SER G 677 -86.01 51.63 7.31
N LYS G 678 -84.89 51.42 6.62
CA LYS G 678 -83.64 52.20 6.71
C LYS G 678 -82.93 51.99 8.05
N PHE G 679 -83.52 51.23 8.97
CA PHE G 679 -82.84 50.84 10.20
C PHE G 679 -82.77 49.33 10.36
N SER G 680 -82.95 48.58 9.28
CA SER G 680 -82.95 47.12 9.36
C SER G 680 -81.54 46.59 9.53
N PHE G 681 -81.34 45.76 10.54
CA PHE G 681 -80.06 45.14 10.84
C PHE G 681 -79.99 43.68 10.42
N GLY G 682 -80.93 43.23 9.60
CA GLY G 682 -81.08 41.82 9.33
C GLY G 682 -81.95 41.24 10.40
N GLN G 683 -83.01 40.53 10.01
CA GLN G 683 -84.02 40.15 10.99
C GLN G 683 -83.43 39.18 12.01
N ALA G 684 -83.97 39.18 13.24
CA ALA G 684 -83.49 38.25 14.31
C ALA G 684 -83.60 36.79 13.88
N THR G 685 -82.79 35.91 14.44
CA THR G 685 -82.75 34.51 14.00
C THR G 685 -82.62 33.62 15.24
N PRO G 686 -82.72 32.28 15.16
CA PRO G 686 -82.47 31.45 16.32
C PRO G 686 -81.03 31.66 16.79
N ARG G 687 -80.14 32.12 15.92
CA ARG G 687 -78.74 32.44 16.29
C ARG G 687 -78.69 33.61 17.28
N THR G 688 -79.57 34.60 17.16
CA THR G 688 -79.67 35.69 18.16
C THR G 688 -80.08 35.15 19.53
N LEU G 689 -80.96 34.15 19.57
CA LEU G 689 -81.32 33.56 20.87
C LEU G 689 -80.08 32.96 21.49
N LEU G 690 -79.29 32.23 20.72
CA LEU G 690 -78.12 31.51 21.30
C LEU G 690 -77.04 32.52 21.62
N GLY G 691 -77.01 33.64 20.94
CA GLY G 691 -76.07 34.71 21.28
C GLY G 691 -76.49 35.38 22.55
N ILE G 692 -77.79 35.66 22.71
CA ILE G 692 -78.29 36.16 23.99
C ILE G 692 -77.92 35.20 25.11
N ILE G 693 -78.13 33.91 24.87
CA ILE G 693 -77.82 32.90 25.89
C ILE G 693 -76.33 32.90 26.21
N ARG G 694 -75.49 32.98 25.18
CA ARG G 694 -74.05 32.98 25.38
C ARG G 694 -73.58 34.21 26.16
N LEU G 695 -74.13 35.39 25.82
CA LEU G 695 -73.78 36.60 26.55
C LEU G 695 -74.23 36.53 28.00
N SER G 696 -75.43 35.99 28.24
CA SER G 696 -75.90 35.83 29.62
C SER G 696 -74.99 34.89 30.40
N GLN G 697 -74.58 33.78 29.78
CA GLN G 697 -73.70 32.85 30.46
C GLN G 697 -72.33 33.47 30.73
N ALA G 698 -71.81 34.25 29.79
CA ALA G 698 -70.53 34.92 30.01
C ALA G 698 -70.62 35.93 31.15
N LEU G 699 -71.73 36.70 31.20
CA LEU G 699 -71.91 37.65 32.28
C LEU G 699 -72.05 36.94 33.62
N ALA G 700 -72.73 35.79 33.63
CA ALA G 700 -72.81 35.01 34.86
C ALA G 700 -71.44 34.49 35.29
N LYS G 701 -70.62 34.08 34.32
CA LYS G 701 -69.26 33.63 34.62
C LYS G 701 -68.43 34.76 35.21
N LEU G 702 -68.59 35.98 34.68
CA LEU G 702 -67.84 37.12 35.21
C LEU G 702 -68.22 37.39 36.66
N ARG G 703 -69.42 37.02 37.08
CA ARG G 703 -69.83 37.13 38.47
C ARG G 703 -69.37 35.96 39.31
N LEU G 704 -68.70 34.97 38.71
CA LEU G 704 -68.29 33.75 39.40
C LEU G 704 -69.49 33.03 40.03
N ALA G 705 -70.60 33.06 39.32
CA ALA G 705 -71.85 32.46 39.80
C ALA G 705 -72.13 31.16 39.06
N ASP G 706 -72.99 30.34 39.67
CA ASP G 706 -73.47 29.12 39.06
C ASP G 706 -74.91 29.23 38.58
N MET G 707 -75.56 30.36 38.84
CA MET G 707 -76.94 30.60 38.41
C MET G 707 -76.94 31.75 37.41
N VAL G 708 -77.58 31.55 36.27
CA VAL G 708 -77.75 32.63 35.30
C VAL G 708 -78.93 33.49 35.75
N ASP G 709 -78.62 34.68 36.24
CA ASP G 709 -79.60 35.55 36.87
C ASP G 709 -80.17 36.55 35.87
N ILE G 710 -81.25 37.22 36.30
CA ILE G 710 -81.97 38.14 35.42
C ILE G 710 -81.10 39.34 35.06
N ASP G 711 -80.17 39.73 35.95
CA ASP G 711 -79.30 40.86 35.66
C ASP G 711 -78.44 40.59 34.43
N ASP G 712 -77.93 39.36 34.32
CA ASP G 712 -77.06 39.03 33.19
C ASP G 712 -77.83 39.04 31.88
N VAL G 713 -79.06 38.52 31.86
CA VAL G 713 -79.86 38.57 30.64
C VAL G 713 -80.24 40.00 30.31
N GLU G 714 -80.57 40.80 31.33
CA GLU G 714 -80.79 42.23 31.12
C GLU G 714 -79.60 42.88 30.44
N GLU G 715 -78.39 42.62 30.93
CA GLU G 715 -77.21 43.27 30.36
C GLU G 715 -76.91 42.73 28.97
N ALA G 716 -77.18 41.45 28.71
CA ALA G 716 -76.99 40.90 27.38
C ALA G 716 -77.92 41.56 26.37
N LEU G 717 -79.20 41.69 26.72
CA LEU G 717 -80.15 42.38 25.86
C LEU G 717 -79.73 43.84 25.67
N ARG G 718 -79.26 44.49 26.74
CA ARG G 718 -78.82 45.87 26.63
C ARG G 718 -77.64 46.00 25.67
N LEU G 719 -76.68 45.08 25.77
CA LEU G 719 -75.52 45.12 24.88
C LEU G 719 -75.93 44.91 23.43
N VAL G 720 -76.82 43.94 23.20
CA VAL G 720 -77.29 43.68 21.83
C VAL G 720 -78.02 44.90 21.28
N ARG G 721 -78.83 45.55 22.13
CA ARG G 721 -79.59 46.72 21.69
C ARG G 721 -78.68 47.91 21.40
N VAL G 722 -77.69 48.16 22.27
CA VAL G 722 -76.79 49.30 22.08
C VAL G 722 -75.69 49.01 21.08
N SER G 723 -75.60 47.77 20.59
CA SER G 723 -74.70 47.45 19.49
C SER G 723 -75.06 48.23 18.22
N LYS G 724 -76.22 48.87 18.20
CA LYS G 724 -76.82 49.38 16.97
C LYS G 724 -77.42 50.77 17.17
N GLU G 725 -77.26 51.37 18.35
CA GLU G 725 -77.81 52.68 18.64
C GLU G 725 -76.94 53.82 18.14
N SER G 726 -75.69 53.55 17.76
CA SER G 726 -74.85 54.58 17.18
C SER G 726 -75.38 55.08 15.84
N LEU G 727 -76.21 54.28 15.17
CA LEU G 727 -76.86 54.73 13.94
C LEU G 727 -77.79 55.91 14.21
N TYR G 728 -78.53 55.87 15.31
CA TYR G 728 -79.44 56.95 15.68
C TYR G 728 -78.67 58.16 16.17
N ASP H 10 66.13 47.46 -66.55
CA ASP H 10 64.75 47.16 -66.86
C ASP H 10 64.25 45.96 -66.06
N ILE H 11 65.16 45.04 -65.76
CA ILE H 11 64.79 43.80 -65.06
C ILE H 11 64.39 44.12 -63.63
N PRO H 12 63.32 43.52 -63.10
CA PRO H 12 62.96 43.77 -61.70
C PRO H 12 64.05 43.26 -60.78
N PRO H 13 64.22 43.89 -59.62
CA PRO H 13 65.36 43.52 -58.75
C PRO H 13 65.30 42.11 -58.19
N GLU H 14 64.11 41.58 -57.90
CA GLU H 14 64.04 40.28 -57.21
C GLU H 14 64.45 39.11 -58.10
N ILE H 15 64.47 39.29 -59.41
CA ILE H 15 64.91 38.23 -60.31
C ILE H 15 66.43 38.23 -60.45
N LYS H 16 67.09 39.32 -60.09
CA LYS H 16 68.55 39.36 -60.11
C LYS H 16 69.14 38.36 -59.12
N GLU H 17 68.54 38.24 -57.93
CA GLU H 17 69.00 37.23 -56.99
C GLU H 17 68.83 35.83 -57.54
N GLU H 18 67.73 35.57 -58.24
CA GLU H 18 67.51 34.25 -58.83
C GLU H 18 68.57 33.93 -59.88
N MET H 19 68.87 34.88 -60.76
CA MET H 19 69.87 34.60 -61.79
C MET H 19 71.27 34.50 -61.22
N ILE H 20 71.62 35.33 -60.22
CA ILE H 20 72.93 35.18 -59.60
C ILE H 20 72.99 33.88 -58.81
N GLN H 21 71.85 33.38 -58.32
CA GLN H 21 71.83 32.05 -57.74
C GLN H 21 72.13 30.98 -58.79
N LEU H 22 71.52 31.11 -59.98
CA LEU H 22 71.81 30.13 -61.03
C LEU H 22 73.26 30.21 -61.48
N TYR H 23 73.85 31.41 -61.51
CA TYR H 23 75.28 31.52 -61.77
C TYR H 23 76.10 30.85 -60.68
N HIS H 24 75.72 31.07 -59.42
CA HIS H 24 76.53 30.53 -58.30
C HIS H 24 76.33 29.03 -58.21
N ASP H 25 75.07 28.58 -58.28
CA ASP H 25 74.80 27.15 -58.11
C ASP H 25 75.48 26.30 -59.16
N LEU H 26 75.75 26.87 -60.35
CA LEU H 26 76.42 26.15 -61.44
C LEU H 26 77.75 26.83 -61.71
N PRO H 27 78.86 26.30 -61.18
CA PRO H 27 80.15 26.99 -61.37
C PRO H 27 80.59 27.10 -62.83
N GLY H 28 80.25 26.12 -63.66
CA GLY H 28 80.71 26.08 -65.04
C GLY H 28 79.80 26.73 -66.06
N ILE H 29 78.74 27.42 -65.64
CA ILE H 29 77.79 28.02 -66.57
C ILE H 29 78.06 29.52 -66.74
N GLU H 30 79.13 30.04 -66.13
CA GLU H 30 79.45 31.46 -66.27
C GLU H 30 79.59 31.85 -67.73
N ASN H 31 80.23 30.99 -68.53
CA ASN H 31 80.28 31.16 -69.97
C ASN H 31 79.30 30.19 -70.64
N GLU H 32 79.27 30.24 -71.97
CA GLU H 32 78.48 29.33 -72.81
C GLU H 32 76.99 29.62 -72.71
N TYR H 33 76.59 30.51 -71.79
CA TYR H 33 75.19 30.86 -71.57
C TYR H 33 75.15 32.18 -70.81
N LYS H 34 74.45 33.17 -71.37
CA LYS H 34 74.26 34.46 -70.72
C LYS H 34 72.77 34.70 -70.54
N LEU H 35 72.30 34.67 -69.30
CA LEU H 35 70.87 34.72 -69.07
C LEU H 35 70.36 36.15 -69.27
N ILE H 36 69.35 36.32 -70.11
CA ILE H 36 68.80 37.64 -70.37
C ILE H 36 67.58 37.92 -69.52
N ASP H 37 66.69 36.95 -69.35
CA ASP H 37 65.43 37.20 -68.66
C ASP H 37 64.90 35.89 -68.10
N LYS H 38 63.69 35.89 -67.53
CA LYS H 38 63.05 34.61 -67.12
C LYS H 38 61.75 34.47 -67.92
N ILE H 39 61.72 33.63 -68.96
CA ILE H 39 60.52 33.57 -69.85
C ILE H 39 59.28 33.09 -69.10
N GLY H 40 59.39 32.04 -68.31
CA GLY H 40 58.17 31.51 -67.67
C GLY H 40 58.47 30.61 -66.50
N GLU H 41 57.60 30.65 -65.49
CA GLU H 41 57.79 29.85 -64.27
C GLU H 41 56.76 28.72 -64.29
N GLY H 42 56.90 27.75 -63.41
CA GLY H 42 56.00 26.60 -63.40
C GLY H 42 56.02 25.93 -62.05
N THR H 43 55.12 24.99 -61.84
CA THR H 43 55.12 24.23 -60.57
C THR H 43 56.41 23.42 -60.46
N PHE H 44 56.87 22.78 -61.53
CA PHE H 44 58.06 21.90 -61.42
C PHE H 44 59.34 22.56 -61.91
N SER H 45 59.27 23.77 -62.48
CA SER H 45 60.51 24.36 -63.04
C SER H 45 60.37 25.86 -63.28
N SER H 46 61.49 26.58 -63.39
CA SER H 46 61.43 28.01 -63.78
C SER H 46 62.28 28.11 -65.04
N VAL H 47 61.70 28.50 -66.17
CA VAL H 47 62.47 28.46 -67.45
C VAL H 47 63.14 29.80 -67.65
N TYR H 48 64.34 29.81 -68.23
CA TYR H 48 64.99 31.13 -68.30
C TYR H 48 65.46 31.49 -69.72
N LYS H 49 65.10 32.68 -70.20
CA LYS H 49 65.54 33.15 -71.52
C LYS H 49 67.03 33.47 -71.46
N ALA H 50 67.82 32.82 -72.31
CA ALA H 50 69.27 32.99 -72.30
C ALA H 50 69.82 33.09 -73.71
N LYS H 51 70.90 33.86 -73.86
CA LYS H 51 71.65 33.92 -75.09
C LYS H 51 72.77 32.87 -75.06
N ASP H 52 73.15 32.42 -76.25
CA ASP H 52 74.18 31.40 -76.42
C ASP H 52 75.52 32.10 -76.68
N ILE H 53 76.43 32.04 -75.70
CA ILE H 53 77.74 32.68 -75.86
C ILE H 53 78.53 32.01 -76.97
N THR H 54 78.62 30.69 -76.95
CA THR H 54 79.30 29.93 -77.99
C THR H 54 78.26 29.09 -78.74
N GLY H 55 78.36 29.09 -80.06
CA GLY H 55 77.33 28.52 -80.90
C GLY H 55 77.46 27.04 -81.25
N LYS H 56 77.15 26.15 -80.29
CA LYS H 56 76.93 24.76 -80.68
C LYS H 56 75.47 24.53 -81.06
N ILE H 57 74.55 24.74 -80.10
CA ILE H 57 73.15 24.36 -80.29
C ILE H 57 72.37 25.34 -81.13
N THR H 58 72.92 26.54 -81.37
CA THR H 58 72.29 27.46 -82.31
C THR H 58 72.76 27.20 -83.74
N LYS H 59 74.04 26.87 -83.92
CA LYS H 59 74.54 26.52 -85.25
C LYS H 59 74.04 25.13 -85.65
N LYS H 60 74.04 24.20 -84.70
CA LYS H 60 73.27 22.98 -84.85
C LYS H 60 71.80 23.27 -84.56
N PHE H 61 70.94 22.27 -84.79
CA PHE H 61 69.52 22.34 -84.46
C PHE H 61 68.83 23.52 -85.15
N ALA H 62 69.41 24.02 -86.24
CA ALA H 62 68.88 25.22 -86.89
C ALA H 62 67.51 24.97 -87.52
N SER H 63 67.24 23.71 -87.91
CA SER H 63 65.92 23.37 -88.44
C SER H 63 64.85 23.54 -87.38
N HIS H 64 65.20 23.30 -86.12
CA HIS H 64 64.24 23.27 -85.03
C HIS H 64 63.89 24.69 -84.57
N PHE H 65 64.86 25.59 -84.64
CA PHE H 65 64.66 26.96 -84.20
C PHE H 65 63.68 27.69 -85.10
N TRP H 66 62.81 28.50 -84.49
CA TRP H 66 61.97 29.40 -85.26
C TRP H 66 62.74 30.65 -85.61
N ASN H 67 62.93 30.89 -86.91
CA ASN H 67 63.69 32.05 -87.37
C ASN H 67 62.82 33.31 -87.36
N TYR H 68 62.26 33.57 -86.18
CA TYR H 68 61.46 34.78 -85.93
C TYR H 68 62.30 35.72 -85.09
N GLY H 69 62.96 36.66 -85.74
CA GLY H 69 63.94 37.48 -85.05
C GLY H 69 65.21 36.67 -84.80
N SER H 70 66.07 37.22 -83.94
CA SER H 70 67.26 36.49 -83.53
C SER H 70 66.88 35.31 -82.64
N ASN H 71 67.67 34.25 -82.73
CA ASN H 71 67.38 32.99 -82.05
C ASN H 71 68.08 32.96 -80.70
N TYR H 72 67.33 32.61 -79.66
CA TYR H 72 67.82 32.48 -78.30
C TYR H 72 67.61 31.03 -77.83
N VAL H 73 67.95 30.71 -76.58
CA VAL H 73 67.81 29.29 -76.08
C VAL H 73 67.11 29.27 -74.73
N ALA H 74 66.22 28.31 -74.51
CA ALA H 74 65.48 28.23 -73.23
C ALA H 74 66.08 27.14 -72.36
N LEU H 75 66.57 27.50 -71.17
CA LEU H 75 67.16 26.52 -70.25
C LEU H 75 66.16 26.24 -69.14
N LYS H 76 65.70 25.00 -69.02
CA LYS H 76 64.66 24.68 -68.02
C LYS H 76 65.38 24.28 -66.74
N LYS H 77 65.34 25.14 -65.72
CA LYS H 77 66.00 24.82 -64.44
C LYS H 77 64.98 24.01 -63.66
N ILE H 78 65.13 22.69 -63.69
CA ILE H 78 64.20 21.80 -63.00
C ILE H 78 64.35 22.01 -61.51
N TYR H 79 63.22 22.14 -60.81
CA TYR H 79 63.28 22.42 -59.38
C TYR H 79 63.96 21.28 -58.62
N VAL H 80 64.58 21.66 -57.50
CA VAL H 80 65.44 20.75 -56.77
C VAL H 80 64.65 19.60 -56.17
N THR H 81 63.40 19.86 -55.76
CA THR H 81 62.61 18.84 -55.08
C THR H 81 62.20 17.69 -55.99
N SER H 82 62.38 17.82 -57.31
CA SER H 82 62.01 16.76 -58.23
C SER H 82 62.94 15.57 -58.05
N SER H 83 62.36 14.37 -58.10
CA SER H 83 63.13 13.14 -57.92
C SER H 83 64.06 12.93 -59.11
N PRO H 84 65.20 12.27 -58.89
CA PRO H 84 66.11 11.99 -60.01
C PRO H 84 65.48 11.15 -61.10
N GLN H 85 64.60 10.20 -60.75
CA GLN H 85 63.95 9.38 -61.76
C GLN H 85 62.96 10.17 -62.61
N ARG H 86 62.26 11.14 -62.01
CA ARG H 86 61.34 11.99 -62.77
C ARG H 86 62.08 12.94 -63.71
N ILE H 87 63.17 13.55 -63.23
CA ILE H 87 64.01 14.37 -64.09
C ILE H 87 64.58 13.55 -65.23
N TYR H 88 65.07 12.35 -64.91
CA TYR H 88 65.56 11.44 -65.96
C TYR H 88 64.44 11.08 -66.93
N ASN H 89 63.23 10.86 -66.42
CA ASN H 89 62.10 10.55 -67.29
C ASN H 89 61.87 11.67 -68.30
N GLU H 90 61.73 12.90 -67.80
CA GLU H 90 61.48 14.03 -68.68
C GLU H 90 62.61 14.20 -69.70
N LEU H 91 63.85 14.16 -69.23
CA LEU H 91 64.99 14.37 -70.13
C LEU H 91 65.12 13.25 -71.16
N ASN H 92 64.92 12.01 -70.73
CA ASN H 92 65.02 10.87 -71.64
C ASN H 92 63.95 10.93 -72.71
N LEU H 93 62.71 11.27 -72.34
CA LEU H 93 61.66 11.31 -73.35
C LEU H 93 61.84 12.52 -74.27
N LEU H 94 62.40 13.62 -73.77
CA LEU H 94 62.80 14.70 -74.67
C LEU H 94 63.92 14.25 -75.60
N TYR H 95 64.78 13.34 -75.13
CA TYR H 95 65.89 12.85 -75.95
C TYR H 95 65.40 11.95 -77.08
N ILE H 96 64.54 10.98 -76.77
CA ILE H 96 64.13 10.01 -77.78
C ILE H 96 63.36 10.62 -78.93
N MET H 97 62.72 11.77 -78.72
CA MET H 97 61.95 12.45 -79.77
C MET H 97 62.64 13.77 -80.11
N THR H 98 63.55 13.69 -81.06
CA THR H 98 64.22 14.84 -81.66
C THR H 98 64.04 14.78 -83.17
N GLY H 99 64.54 15.79 -83.86
CA GLY H 99 64.36 15.84 -85.29
C GLY H 99 62.96 16.22 -85.73
N SER H 100 62.10 16.65 -84.80
CA SER H 100 60.75 17.10 -85.10
C SER H 100 60.62 18.57 -84.73
N SER H 101 59.92 19.33 -85.57
CA SER H 101 59.83 20.77 -85.41
C SER H 101 58.71 21.20 -84.47
N ARG H 102 57.96 20.26 -83.89
CA ARG H 102 56.82 20.59 -83.03
C ARG H 102 56.95 19.96 -81.65
N VAL H 103 58.17 19.79 -81.16
CA VAL H 103 58.42 19.07 -79.91
C VAL H 103 59.33 19.82 -78.97
N ALA H 104 60.05 20.85 -79.44
CA ALA H 104 61.05 21.56 -78.65
C ALA H 104 62.08 20.56 -78.11
N PRO H 105 62.86 19.94 -78.98
CA PRO H 105 63.75 18.86 -78.53
C PRO H 105 64.95 19.37 -77.75
N LEU H 106 65.66 18.42 -77.15
CA LEU H 106 66.70 18.68 -76.16
C LEU H 106 68.01 19.03 -76.87
N CYS H 107 68.36 20.32 -76.88
CA CYS H 107 69.64 20.72 -77.47
C CYS H 107 70.81 20.40 -76.54
N ASP H 108 70.61 20.57 -75.23
CA ASP H 108 71.69 20.37 -74.28
C ASP H 108 71.12 20.07 -72.90
N ALA H 109 71.97 19.56 -72.02
CA ALA H 109 71.60 19.34 -70.63
C ALA H 109 72.84 19.42 -69.76
N LYS H 110 72.66 19.86 -68.52
CA LYS H 110 73.80 19.99 -67.60
C LYS H 110 73.32 19.72 -66.18
N ARG H 111 74.03 18.86 -65.47
CA ARG H 111 73.71 18.52 -64.08
C ARG H 111 74.89 18.87 -63.18
N VAL H 112 74.62 19.63 -62.13
CA VAL H 112 75.58 19.87 -61.05
C VAL H 112 74.85 19.69 -59.73
N ARG H 113 75.33 18.76 -58.90
CA ARG H 113 74.69 18.37 -57.65
C ARG H 113 73.21 18.09 -57.93
N ASP H 114 72.28 18.77 -57.26
CA ASP H 114 70.85 18.54 -57.38
C ASP H 114 70.18 19.42 -58.41
N GLN H 115 70.94 20.21 -59.16
CA GLN H 115 70.37 21.13 -60.14
C GLN H 115 70.60 20.62 -61.55
N VAL H 116 69.52 20.54 -62.33
CA VAL H 116 69.56 20.05 -63.70
C VAL H 116 68.98 21.13 -64.60
N ILE H 117 69.71 21.47 -65.66
CA ILE H 117 69.26 22.42 -66.66
C ILE H 117 69.03 21.70 -67.97
N ALA H 118 67.84 21.87 -68.54
CA ALA H 118 67.51 21.35 -69.86
C ALA H 118 67.48 22.51 -70.85
N VAL H 119 68.42 22.52 -71.78
CA VAL H 119 68.56 23.60 -72.74
C VAL H 119 67.83 23.19 -74.02
N LEU H 120 66.69 23.84 -74.31
CA LEU H 120 65.86 23.49 -75.51
C LEU H 120 65.71 24.75 -76.35
N PRO H 121 65.33 24.69 -77.64
CA PRO H 121 65.31 25.90 -78.47
C PRO H 121 64.32 26.93 -77.94
N TYR H 122 64.66 28.22 -77.93
CA TYR H 122 63.63 29.18 -77.48
C TYR H 122 62.60 29.32 -78.60
N TYR H 123 61.33 29.19 -78.25
CA TYR H 123 60.26 29.31 -79.26
C TYR H 123 59.40 30.51 -78.89
N PRO H 124 59.43 31.61 -79.66
CA PRO H 124 58.65 32.78 -79.29
C PRO H 124 57.18 32.36 -79.36
N HIS H 125 56.39 32.66 -78.32
CA HIS H 125 54.99 32.17 -78.28
C HIS H 125 54.08 33.23 -77.65
N GLU H 126 52.77 33.19 -77.90
CA GLU H 126 51.85 34.12 -77.21
C GLU H 126 51.01 33.32 -76.21
N GLU H 127 50.77 33.82 -74.98
CA GLU H 127 49.95 33.01 -74.09
C GLU H 127 48.50 32.91 -74.57
N PHE H 128 47.89 31.76 -74.30
CA PHE H 128 46.53 31.47 -74.78
C PHE H 128 45.55 32.52 -74.28
N ARG H 129 45.70 32.93 -73.02
CA ARG H 129 44.68 33.77 -72.40
C ARG H 129 44.65 35.15 -73.05
N THR H 130 45.65 35.46 -73.88
CA THR H 130 45.66 36.74 -74.58
C THR H 130 44.87 36.68 -75.89
N PHE H 131 45.12 35.65 -76.72
CA PHE H 131 44.55 35.61 -78.06
C PHE H 131 43.38 34.64 -78.19
N TYR H 132 42.95 33.96 -77.13
CA TYR H 132 41.88 32.95 -77.34
C TYR H 132 40.60 33.63 -77.83
N ARG H 133 40.21 34.73 -77.20
CA ARG H 133 38.94 35.40 -77.53
C ARG H 133 38.96 35.93 -78.95
N ASP H 134 40.09 36.46 -79.42
CA ASP H 134 40.11 37.12 -80.75
C ASP H 134 40.38 36.15 -81.91
N LEU H 135 40.72 34.88 -81.65
CA LEU H 135 41.09 33.98 -82.74
C LEU H 135 39.91 33.77 -83.67
N PRO H 136 40.06 34.02 -84.98
CA PRO H 136 39.02 33.63 -85.93
C PRO H 136 38.92 32.11 -86.05
N ILE H 137 37.83 31.66 -86.66
CA ILE H 137 37.57 30.23 -86.76
C ILE H 137 38.68 29.52 -87.54
N LYS H 138 39.20 30.18 -88.58
CA LYS H 138 40.32 29.60 -89.31
C LYS H 138 41.59 29.59 -88.45
N GLY H 139 41.75 30.59 -87.58
CA GLY H 139 42.85 30.55 -86.64
C GLY H 139 42.72 29.45 -85.61
N ILE H 140 41.50 29.24 -85.11
CA ILE H 140 41.24 28.09 -84.25
C ILE H 140 41.57 26.80 -84.97
N LYS H 141 41.24 26.74 -86.27
CA LYS H 141 41.56 25.56 -87.07
C LYS H 141 43.06 25.35 -87.19
N LYS H 142 43.82 26.43 -87.41
CA LYS H 142 45.28 26.30 -87.50
C LYS H 142 45.87 25.86 -86.15
N TYR H 143 45.35 26.43 -85.06
CA TYR H 143 45.73 26.02 -83.71
C TYR H 143 45.53 24.52 -83.52
N ILE H 144 44.32 24.06 -83.82
CA ILE H 144 44.00 22.65 -83.56
C ILE H 144 44.78 21.74 -84.50
N TRP H 145 45.03 22.19 -85.73
CA TRP H 145 45.84 21.40 -86.66
C TRP H 145 47.25 21.21 -86.13
N GLU H 146 47.87 22.29 -85.65
CA GLU H 146 49.24 22.18 -85.13
C GLU H 146 49.27 21.31 -83.87
N LEU H 147 48.27 21.50 -82.99
CA LEU H 147 48.19 20.70 -81.78
C LEU H 147 48.04 19.23 -82.13
N LEU H 148 47.18 18.91 -83.09
CA LEU H 148 46.94 17.53 -83.45
C LEU H 148 48.15 16.92 -84.16
N ARG H 149 48.90 17.72 -84.91
CA ARG H 149 50.14 17.20 -85.51
C ARG H 149 51.15 16.85 -84.42
N ALA H 150 51.30 17.72 -83.43
CA ALA H 150 52.22 17.43 -82.33
C ALA H 150 51.78 16.19 -81.55
N LEU H 151 50.49 16.11 -81.21
CA LEU H 151 49.95 14.91 -80.55
C LEU H 151 50.11 13.67 -81.41
N LYS H 152 49.94 13.80 -82.72
CA LYS H 152 50.15 12.66 -83.60
C LYS H 152 51.58 12.15 -83.55
N PHE H 153 52.57 13.04 -83.58
CA PHE H 153 53.94 12.57 -83.43
C PHE H 153 54.18 11.94 -82.07
N VAL H 154 53.69 12.58 -81.00
CA VAL H 154 53.90 12.05 -79.65
C VAL H 154 53.25 10.68 -79.50
N HIS H 155 52.06 10.50 -80.06
CA HIS H 155 51.34 9.24 -79.93
C HIS H 155 51.93 8.17 -80.83
N SER H 156 52.48 8.56 -81.98
CA SER H 156 53.22 7.61 -82.80
C SER H 156 54.46 7.12 -82.08
N LYS H 157 55.15 8.02 -81.37
CA LYS H 157 56.23 7.58 -80.49
C LYS H 157 55.73 6.69 -79.37
N GLY H 158 54.45 6.79 -79.04
CA GLY H 158 53.81 5.84 -78.15
C GLY H 158 53.85 6.18 -76.67
N ILE H 159 53.82 7.45 -76.30
CA ILE H 159 53.80 7.86 -74.90
C ILE H 159 52.60 8.78 -74.71
N ILE H 160 52.11 8.86 -73.48
CA ILE H 160 51.01 9.75 -73.17
C ILE H 160 51.56 11.04 -72.59
N HIS H 161 51.40 12.14 -73.33
CA HIS H 161 51.75 13.46 -72.80
C HIS H 161 50.57 13.93 -71.97
N ARG H 162 50.48 13.36 -70.76
CA ARG H 162 49.32 13.62 -69.87
C ARG H 162 48.94 15.10 -69.83
N ASP H 163 49.90 15.99 -69.61
CA ASP H 163 49.59 17.42 -69.46
C ASP H 163 49.49 18.13 -70.81
N ILE H 164 48.38 17.97 -71.55
CA ILE H 164 48.18 18.74 -72.81
C ILE H 164 47.28 19.90 -72.41
N LYS H 165 47.76 21.13 -72.57
CA LYS H 165 47.00 22.29 -72.09
C LYS H 165 47.45 23.49 -72.92
N PRO H 166 46.73 24.62 -72.94
CA PRO H 166 47.12 25.70 -73.81
C PRO H 166 48.54 26.17 -73.46
N THR H 167 48.89 26.23 -72.18
CA THR H 167 50.23 26.69 -71.75
C THR H 167 51.33 25.73 -72.24
N ASN H 168 51.07 24.43 -72.27
CA ASN H 168 52.11 23.43 -72.66
C ASN H 168 52.20 23.31 -74.17
N PHE H 169 51.36 24.01 -74.93
CA PHE H 169 51.52 24.05 -76.40
C PHE H 169 51.87 25.49 -76.73
N LEU H 170 53.06 25.76 -77.25
CA LEU H 170 53.48 27.16 -77.46
C LEU H 170 53.22 27.50 -78.91
N PHE H 171 52.40 28.51 -79.22
CA PHE H 171 52.01 28.76 -80.63
C PHE H 171 52.27 30.20 -81.05
N ASN H 172 53.12 30.40 -82.06
CA ASN H 172 53.33 31.75 -82.59
C ASN H 172 52.30 31.99 -83.69
N LEU H 173 51.53 33.07 -83.52
CA LEU H 173 50.43 33.39 -84.43
C LEU H 173 50.93 33.85 -85.79
N GLU H 174 51.90 34.76 -85.80
CA GLU H 174 52.38 35.36 -87.03
C GLU H 174 53.14 34.36 -87.90
N LEU H 175 53.96 33.51 -87.28
CA LEU H 175 54.41 32.31 -87.98
C LEU H 175 53.33 31.25 -88.03
N GLY H 176 52.40 31.27 -87.07
CA GLY H 176 51.25 30.39 -87.07
C GLY H 176 51.54 28.91 -86.87
N ARG H 177 52.56 28.58 -86.08
CA ARG H 177 52.80 27.18 -85.70
C ARG H 177 53.31 27.14 -84.27
N GLY H 178 53.28 25.95 -83.67
CA GLY H 178 53.66 25.82 -82.28
C GLY H 178 54.35 24.50 -81.99
N VAL H 179 54.74 24.37 -80.72
CA VAL H 179 55.48 23.21 -80.23
C VAL H 179 54.92 22.82 -78.87
N LEU H 180 55.04 21.51 -78.57
CA LEU H 180 54.61 20.96 -77.27
C LEU H 180 55.86 20.97 -76.40
N VAL H 181 55.85 21.65 -75.26
CA VAL H 181 57.11 21.81 -74.49
C VAL H 181 57.21 20.94 -73.25
N ASP H 182 56.24 20.96 -72.34
CA ASP H 182 56.39 20.23 -71.06
C ASP H 182 56.29 18.73 -71.26
N PHE H 183 57.07 17.96 -70.51
CA PHE H 183 56.94 16.48 -70.57
C PHE H 183 57.25 15.93 -69.17
N GLY H 184 57.41 16.80 -68.16
CA GLY H 184 57.75 16.26 -66.85
C GLY H 184 56.77 15.23 -66.36
N LEU H 185 55.49 15.39 -66.69
CA LEU H 185 54.43 14.49 -66.26
C LEU H 185 54.02 13.50 -67.35
N ALA H 186 54.80 13.39 -68.42
CA ALA H 186 54.43 12.56 -69.57
C ALA H 186 54.73 11.10 -69.24
N GLU H 187 53.67 10.33 -68.99
CA GLU H 187 53.80 8.90 -68.77
C GLU H 187 54.02 8.17 -70.10
N ALA H 188 54.71 7.04 -70.02
CA ALA H 188 54.89 6.14 -71.16
C ALA H 188 53.92 4.99 -71.07
N GLN H 189 53.07 4.84 -72.08
CA GLN H 189 52.21 3.68 -72.22
C GLN H 189 53.03 2.40 -72.35
N MET H 190 52.56 1.34 -71.70
CA MET H 190 53.09 0.01 -71.97
C MET H 190 51.99 -0.84 -72.58
N ASP H 191 52.40 -1.94 -73.22
CA ASP H 191 51.48 -2.76 -74.06
C ASP H 191 50.12 -3.11 -73.44
N TYR H 192 49.14 -3.34 -74.31
CA TYR H 192 47.78 -3.75 -73.86
C TYR H 192 47.85 -5.17 -73.31
N LYS H 193 48.58 -6.07 -73.98
CA LYS H 193 48.67 -7.44 -73.50
C LYS H 193 50.14 -7.79 -73.30
N SER H 194 50.46 -8.34 -72.14
CA SER H 194 51.84 -8.71 -71.81
C SER H 194 52.26 -9.95 -72.58
N ASN H 218 34.94 -5.62 -79.30
CA ASN H 218 36.30 -5.79 -78.82
C ASN H 218 36.52 -5.01 -77.52
N HIS H 219 35.49 -4.97 -76.67
CA HIS H 219 35.62 -4.27 -75.36
C HIS H 219 35.68 -5.33 -74.25
N GLU H 220 36.40 -6.41 -74.51
CA GLU H 220 36.47 -7.46 -73.50
C GLU H 220 37.71 -7.34 -72.62
N GLN H 221 38.77 -6.67 -73.10
CA GLN H 221 39.96 -6.75 -72.20
C GLN H 221 40.70 -5.42 -72.14
N PHE H 222 40.64 -4.62 -73.21
CA PHE H 222 41.31 -3.31 -73.06
C PHE H 222 40.63 -2.55 -71.93
N CYS H 223 39.30 -2.54 -71.89
CA CYS H 223 38.73 -1.72 -70.79
C CYS H 223 37.64 -2.37 -69.94
N PRO H 224 37.86 -3.50 -69.26
CA PRO H 224 37.00 -3.93 -68.18
C PRO H 224 37.87 -3.21 -67.17
N CYS H 225 39.01 -2.63 -67.63
CA CYS H 225 39.94 -1.80 -66.83
C CYS H 225 40.86 -2.73 -66.04
N ILE H 226 40.92 -4.01 -66.42
CA ILE H 226 41.68 -4.93 -65.54
C ILE H 226 43.14 -4.52 -65.64
N MET H 227 43.72 -4.12 -64.52
CA MET H 227 45.15 -3.75 -64.44
C MET H 227 45.37 -3.78 -62.92
N ARG H 228 46.61 -3.89 -62.45
CA ARG H 228 46.88 -4.05 -60.99
C ARG H 228 46.60 -5.53 -60.66
N ASN H 229 46.14 -6.31 -61.67
CA ASN H 229 45.93 -7.77 -61.51
C ASN H 229 44.95 -8.07 -60.39
N GLN H 230 43.94 -7.23 -60.18
CA GLN H 230 43.06 -7.47 -59.06
C GLN H 230 41.68 -7.89 -59.53
N TYR H 231 41.53 -8.10 -60.83
CA TYR H 231 40.32 -8.64 -61.46
C TYR H 231 40.16 -10.14 -61.23
N SER H 232 41.23 -10.84 -60.90
CA SER H 232 41.17 -12.30 -60.78
C SER H 232 40.27 -12.74 -59.63
N VAL H 256 25.45 -11.48 -53.56
CA VAL H 256 25.80 -11.84 -52.19
C VAL H 256 24.55 -11.84 -51.32
N ASN H 257 24.74 -12.04 -50.01
CA ASN H 257 23.63 -12.16 -49.07
C ASN H 257 23.80 -11.12 -47.97
N GLY H 258 22.78 -10.28 -47.78
CA GLY H 258 22.68 -9.40 -46.64
C GLY H 258 23.25 -8.01 -46.83
N VAL H 259 24.16 -7.82 -47.79
CA VAL H 259 24.84 -6.54 -48.02
C VAL H 259 24.66 -6.19 -49.49
N ASP H 260 24.56 -4.89 -49.77
CA ASP H 260 24.26 -4.42 -51.12
C ASP H 260 25.44 -3.72 -51.77
N LEU H 261 26.03 -2.74 -51.08
CA LEU H 261 27.16 -1.96 -51.59
C LEU H 261 26.82 -1.23 -52.89
N THR H 262 25.54 -0.94 -53.08
CA THR H 262 25.09 -0.05 -54.14
C THR H 262 24.29 1.13 -53.62
N LYS H 263 23.60 0.97 -52.48
CA LYS H 263 22.76 2.02 -51.91
C LYS H 263 23.52 2.85 -50.89
N GLY H 264 24.76 2.53 -50.60
CA GLY H 264 25.54 3.21 -49.58
C GLY H 264 26.92 2.61 -49.48
N TYR H 265 27.78 3.33 -48.78
CA TYR H 265 29.17 2.91 -48.62
C TYR H 265 29.45 2.46 -47.20
N PRO H 266 30.41 1.54 -47.03
CA PRO H 266 30.76 1.08 -45.67
C PRO H 266 31.26 2.23 -44.79
N LYS H 267 30.88 2.18 -43.52
CA LYS H 267 31.21 3.26 -42.60
C LYS H 267 32.70 3.29 -42.25
N ASN H 268 33.31 2.13 -42.05
CA ASN H 268 34.76 2.01 -41.84
C ASN H 268 35.30 1.05 -42.89
N GLU H 269 35.78 1.61 -43.99
CA GLU H 269 36.14 0.82 -45.15
C GLU H 269 37.48 0.12 -44.97
N THR H 270 37.52 -1.18 -45.28
CA THR H 270 38.72 -1.99 -45.16
C THR H 270 39.32 -2.32 -46.52
N ARG H 271 38.97 -1.57 -47.56
CA ARG H 271 39.45 -1.82 -48.91
C ARG H 271 40.31 -0.65 -49.36
N ARG H 272 41.35 -1.00 -50.13
CA ARG H 272 42.28 0.04 -50.61
C ARG H 272 41.68 0.70 -51.83
N ILE H 273 41.85 2.01 -51.94
CA ILE H 273 41.41 2.71 -53.14
C ILE H 273 42.35 2.35 -54.29
N LYS H 274 41.81 2.39 -55.51
CA LYS H 274 42.58 2.13 -56.74
C LYS H 274 43.72 3.13 -56.78
N ARG H 275 44.87 2.72 -57.27
CA ARG H 275 46.00 3.64 -57.44
C ARG H 275 46.33 3.72 -58.93
N ALA H 276 45.82 4.75 -59.59
CA ALA H 276 46.07 5.01 -61.00
C ALA H 276 46.65 6.41 -61.14
N ASN H 277 47.37 6.61 -62.25
CA ASN H 277 48.02 7.90 -62.49
C ASN H 277 47.00 9.02 -62.58
N ARG H 278 47.27 10.10 -61.85
CA ARG H 278 46.43 11.28 -61.87
C ARG H 278 47.21 12.52 -62.32
N ALA H 279 48.44 12.33 -62.79
CA ALA H 279 49.25 13.45 -63.24
C ALA H 279 48.58 14.15 -64.42
N GLY H 280 48.63 15.48 -64.40
CA GLY H 280 47.93 16.28 -65.38
C GLY H 280 47.61 17.65 -64.80
N THR H 281 46.62 18.30 -65.40
CA THR H 281 46.21 19.64 -65.02
C THR H 281 44.71 19.73 -64.83
N ARG H 282 44.32 20.43 -63.77
CA ARG H 282 42.93 20.72 -63.50
C ARG H 282 42.21 21.19 -64.76
N GLY H 283 41.04 20.62 -65.02
CA GLY H 283 40.17 21.12 -66.07
C GLY H 283 40.49 20.59 -67.45
N PHE H 284 41.53 19.76 -67.58
CA PHE H 284 41.83 19.09 -68.83
C PHE H 284 41.93 17.59 -68.65
N ARG H 285 41.56 17.08 -67.48
CA ARG H 285 41.61 15.64 -67.22
C ARG H 285 40.44 14.94 -67.90
N ALA H 286 40.75 13.86 -68.60
CA ALA H 286 39.77 13.09 -69.35
C ALA H 286 38.88 12.28 -68.40
N PRO H 287 37.71 11.84 -68.87
CA PRO H 287 36.84 11.01 -68.00
C PRO H 287 37.52 9.76 -67.47
N GLU H 288 38.37 9.14 -68.29
CA GLU H 288 39.07 7.88 -67.94
C GLU H 288 40.10 8.15 -66.83
N VAL H 289 40.66 9.37 -66.76
CA VAL H 289 41.58 9.69 -65.67
C VAL H 289 40.87 10.35 -64.50
N LEU H 290 39.63 10.78 -64.66
CA LEU H 290 38.83 11.30 -63.55
C LEU H 290 38.27 10.19 -62.67
N MET H 291 37.83 9.08 -63.26
CA MET H 291 37.49 7.87 -62.51
C MET H 291 38.69 6.95 -62.61
N LYS H 292 39.25 6.57 -61.45
CA LYS H 292 40.53 5.88 -61.41
C LYS H 292 40.54 4.65 -62.31
N CYS H 293 41.26 4.74 -63.42
CA CYS H 293 41.23 3.66 -64.43
C CYS H 293 42.63 3.28 -64.87
N GLY H 294 43.04 2.04 -64.63
CA GLY H 294 44.33 1.57 -65.15
C GLY H 294 44.21 1.33 -66.63
N ALA H 295 45.22 0.75 -67.26
CA ALA H 295 45.12 0.61 -68.73
C ALA H 295 44.77 1.98 -69.32
N GLN H 296 45.54 3.01 -69.00
CA GLN H 296 45.28 4.28 -69.65
C GLN H 296 46.03 4.34 -70.98
N SER H 297 45.44 5.07 -71.92
CA SER H 297 45.96 5.13 -73.27
C SER H 297 46.13 6.58 -73.69
N THR H 298 46.71 6.76 -74.88
CA THR H 298 46.92 8.11 -75.40
C THR H 298 45.61 8.83 -75.67
N LYS H 299 44.49 8.09 -75.72
CA LYS H 299 43.19 8.65 -76.07
C LYS H 299 42.86 9.86 -75.21
N ILE H 300 43.26 9.84 -73.94
CA ILE H 300 42.94 10.92 -73.01
C ILE H 300 43.49 12.26 -73.48
N ASP H 301 44.68 12.27 -74.08
CA ASP H 301 45.24 13.52 -74.57
C ASP H 301 44.34 14.13 -75.64
N ILE H 302 43.68 13.27 -76.43
CA ILE H 302 42.71 13.75 -77.41
C ILE H 302 41.62 14.56 -76.72
N TRP H 303 41.15 14.08 -75.56
CA TRP H 303 40.18 14.84 -74.79
C TRP H 303 40.73 16.21 -74.43
N SER H 304 41.99 16.28 -74.01
CA SER H 304 42.59 17.57 -73.69
C SER H 304 42.70 18.47 -74.90
N VAL H 305 42.66 17.92 -76.11
CA VAL H 305 42.53 18.74 -77.32
C VAL H 305 41.17 19.40 -77.44
N GLY H 306 40.10 18.69 -77.10
CA GLY H 306 38.77 19.23 -77.23
C GLY H 306 38.49 20.39 -76.30
N VAL H 307 38.93 20.27 -75.04
CA VAL H 307 38.67 21.30 -74.04
C VAL H 307 39.25 22.63 -74.53
N ILE H 308 40.49 22.61 -75.01
CA ILE H 308 41.07 23.82 -75.59
C ILE H 308 40.23 24.29 -76.77
N LEU H 309 39.86 23.37 -77.65
CA LEU H 309 38.91 23.65 -78.71
C LEU H 309 37.57 24.15 -78.19
N LEU H 310 37.15 23.69 -77.03
CA LEU H 310 36.00 24.26 -76.35
C LEU H 310 36.28 25.60 -75.69
N SER H 311 37.53 25.83 -75.27
CA SER H 311 37.87 27.14 -74.70
C SER H 311 37.79 28.23 -75.76
N LEU H 312 38.28 27.95 -76.97
CA LEU H 312 38.25 28.94 -78.04
C LEU H 312 36.81 29.25 -78.46
N LEU H 313 35.97 28.23 -78.56
CA LEU H 313 34.57 28.41 -78.94
C LEU H 313 33.77 28.64 -77.67
N GLY H 314 33.54 29.91 -77.35
CA GLY H 314 32.86 30.28 -76.12
C GLY H 314 33.57 31.41 -75.41
N ARG H 315 34.85 31.59 -75.74
CA ARG H 315 35.68 32.67 -75.21
C ARG H 315 35.83 32.63 -73.71
N ARG H 316 35.77 31.44 -73.12
CA ARG H 316 36.06 31.22 -71.70
C ARG H 316 37.32 30.36 -71.62
N PHE H 317 38.39 30.90 -71.01
CA PHE H 317 39.61 30.11 -70.89
C PHE H 317 39.49 29.06 -69.78
N PRO H 318 39.16 29.41 -68.53
CA PRO H 318 39.04 28.35 -67.51
C PRO H 318 37.77 27.53 -67.70
N MET H 319 37.84 26.56 -68.60
CA MET H 319 36.66 25.77 -68.96
C MET H 319 36.08 25.04 -67.76
N PHE H 320 36.92 24.40 -66.95
CA PHE H 320 36.46 23.64 -65.79
C PHE H 320 37.24 24.05 -64.55
N GLN H 321 36.52 24.37 -63.48
CA GLN H 321 37.16 24.69 -62.22
C GLN H 321 37.87 23.48 -61.63
N SER H 322 37.19 22.33 -61.60
CA SER H 322 37.81 21.03 -61.32
C SER H 322 38.52 21.00 -59.96
N LEU H 323 37.87 21.59 -58.94
CA LEU H 323 38.50 21.67 -57.63
C LEU H 323 38.86 20.29 -57.09
N ASP H 324 38.00 19.30 -57.33
CA ASP H 324 38.25 17.91 -56.97
C ASP H 324 37.99 17.03 -58.19
N ASP H 325 38.40 15.77 -58.09
CA ASP H 325 38.04 14.81 -59.13
C ASP H 325 36.54 14.64 -59.21
N ALA H 326 35.89 14.53 -58.05
CA ALA H 326 34.43 14.50 -58.00
C ALA H 326 33.84 15.80 -58.52
N ASP H 327 34.46 16.93 -58.17
CA ASP H 327 33.97 18.23 -58.62
C ASP H 327 34.06 18.35 -60.13
N SER H 328 35.19 17.93 -60.72
CA SER H 328 35.31 17.96 -62.17
C SER H 328 34.35 16.99 -62.84
N LEU H 329 34.13 15.83 -62.23
CA LEU H 329 33.20 14.86 -62.80
C LEU H 329 31.77 15.38 -62.79
N LEU H 330 31.35 16.04 -61.70
CA LEU H 330 30.06 16.71 -61.66
C LEU H 330 29.99 17.90 -62.61
N GLU H 331 31.12 18.59 -62.85
CA GLU H 331 31.15 19.64 -63.88
C GLU H 331 30.84 19.05 -65.25
N LEU H 332 31.43 17.89 -65.56
CA LEU H 332 31.07 17.18 -66.77
C LEU H 332 29.62 16.67 -66.74
N CYS H 333 29.03 16.52 -65.58
CA CYS H 333 27.61 16.14 -65.58
C CYS H 333 26.75 17.31 -66.06
N THR H 334 27.11 18.56 -65.72
CA THR H 334 26.23 19.71 -66.10
C THR H 334 26.14 19.90 -67.60
N ILE H 335 27.27 19.86 -68.31
CA ILE H 335 27.29 20.05 -69.79
C ILE H 335 26.66 18.84 -70.49
N PHE H 336 26.84 17.63 -69.98
CA PHE H 336 26.34 16.42 -70.68
C PHE H 336 25.08 15.82 -70.04
N GLY H 337 25.10 15.40 -68.76
CA GLY H 337 23.98 14.71 -68.18
C GLY H 337 24.43 13.56 -67.29
N TRP H 338 23.63 13.27 -66.27
CA TRP H 338 23.97 12.20 -65.35
C TRP H 338 24.04 10.86 -66.04
N LYS H 339 23.10 10.60 -66.96
CA LYS H 339 23.04 9.31 -67.63
C LYS H 339 24.25 9.05 -68.51
N GLU H 340 24.71 10.08 -69.24
CA GLU H 340 25.91 9.91 -70.05
C GLU H 340 27.12 9.58 -69.18
N LEU H 341 27.27 10.27 -68.06
CA LEU H 341 28.42 10.01 -67.19
C LEU H 341 28.34 8.62 -66.57
N ARG H 342 27.14 8.18 -66.17
CA ARG H 342 26.99 6.85 -65.61
C ARG H 342 27.26 5.77 -66.66
N LYS H 343 26.83 5.98 -67.90
CA LYS H 343 27.10 4.99 -68.94
C LYS H 343 28.57 4.99 -69.32
N CYS H 344 29.24 6.14 -69.18
CA CYS H 344 30.69 6.18 -69.33
C CYS H 344 31.37 5.37 -68.23
N ALA H 345 30.92 5.55 -66.97
CA ALA H 345 31.52 4.82 -65.86
C ALA H 345 31.30 3.33 -65.98
N ALA H 346 30.12 2.92 -66.46
CA ALA H 346 29.79 1.50 -66.56
C ALA H 346 30.76 0.75 -67.46
N LEU H 347 31.52 1.51 -68.26
CA LEU H 347 32.53 0.90 -69.18
C LEU H 347 33.79 0.49 -68.42
N HIS H 348 34.24 1.30 -67.47
CA HIS H 348 35.53 1.03 -66.76
C HIS H 348 35.25 0.11 -65.58
N GLY H 349 34.01 -0.36 -65.46
CA GLY H 349 33.67 -1.31 -64.39
C GLY H 349 33.22 -0.58 -63.14
N LEU H 350 32.89 0.70 -63.28
CA LEU H 350 32.52 1.46 -62.10
C LEU H 350 31.11 2.00 -62.24
N GLY H 351 30.45 2.18 -61.10
CA GLY H 351 29.07 2.64 -61.08
C GLY H 351 28.90 4.04 -60.57
N PHE H 352 28.14 4.86 -61.29
CA PHE H 352 27.87 6.24 -60.89
C PHE H 352 26.45 6.38 -60.38
N GLU H 353 26.28 7.28 -59.42
CA GLU H 353 24.97 7.50 -58.80
C GLU H 353 24.88 8.89 -58.20
N ALA H 354 23.87 9.66 -58.62
CA ALA H 354 23.65 11.00 -58.11
C ALA H 354 22.15 11.30 -58.16
N SER H 355 21.63 11.87 -57.07
CA SER H 355 20.21 12.19 -56.98
C SER H 355 20.02 13.33 -55.99
N GLY H 356 18.85 13.96 -56.08
CA GLY H 356 18.50 15.07 -55.21
C GLY H 356 19.18 16.38 -55.55
N LEU H 357 19.86 16.47 -56.68
CA LEU H 357 20.64 17.64 -57.05
C LEU H 357 19.83 18.53 -57.99
N ILE H 358 19.85 19.84 -57.74
CA ILE H 358 19.10 20.79 -58.60
C ILE H 358 19.93 21.15 -59.84
N TRP H 359 19.99 20.25 -60.82
CA TRP H 359 20.70 20.59 -62.08
C TRP H 359 19.80 21.50 -62.92
N ASP H 360 20.37 22.56 -63.49
CA ASP H 360 19.53 23.54 -64.24
C ASP H 360 18.87 22.84 -65.43
N LYS H 361 19.61 22.00 -66.15
CA LYS H 361 18.97 21.22 -67.24
C LYS H 361 19.27 19.74 -67.01
N PRO H 362 18.26 18.87 -66.80
CA PRO H 362 18.52 17.44 -66.67
C PRO H 362 18.98 16.95 -68.05
N ASN H 363 20.05 16.15 -68.11
CA ASN H 363 20.60 15.79 -69.44
C ASN H 363 20.80 17.11 -70.19
N GLY H 364 21.46 18.08 -69.58
CA GLY H 364 21.57 19.42 -70.18
C GLY H 364 22.38 19.48 -71.45
N TYR H 365 22.14 20.51 -72.26
CA TYR H 365 22.93 20.69 -73.51
C TYR H 365 22.91 19.39 -74.30
N SER H 366 21.71 18.86 -74.53
CA SER H 366 21.55 17.61 -75.32
C SER H 366 21.57 17.96 -76.81
N ASN H 367 21.02 19.12 -77.18
CA ASN H 367 21.14 19.50 -78.61
C ASN H 367 22.60 19.33 -79.00
N GLY H 368 23.51 19.66 -78.09
CA GLY H 368 24.93 19.41 -78.36
C GLY H 368 25.79 20.40 -77.63
N LEU H 369 27.09 20.35 -77.83
CA LEU H 369 27.95 21.39 -77.22
C LEU H 369 27.66 22.71 -77.94
N LYS H 370 27.00 22.62 -79.11
CA LYS H 370 26.61 23.81 -79.89
C LYS H 370 25.79 24.71 -78.97
N GLU H 371 24.72 24.17 -78.41
CA GLU H 371 23.83 24.98 -77.54
C GLU H 371 24.64 25.51 -76.36
N PHE H 372 25.55 24.70 -75.83
CA PHE H 372 26.40 25.13 -74.70
C PHE H 372 27.10 26.44 -75.08
N VAL H 373 27.89 26.41 -76.15
CA VAL H 373 28.69 27.62 -76.46
C VAL H 373 27.70 28.75 -76.72
N TYR H 374 26.52 28.41 -77.24
CA TYR H 374 25.51 29.45 -77.56
C TYR H 374 25.03 30.11 -76.27
N ASP H 375 24.84 29.34 -75.20
CA ASP H 375 24.47 29.98 -73.91
C ASP H 375 25.66 30.75 -73.36
N LEU H 376 26.86 30.16 -73.44
CA LEU H 376 28.07 30.85 -72.95
C LEU H 376 28.18 32.12 -73.78
N LEU H 377 27.59 32.08 -74.98
CA LEU H 377 27.62 33.32 -75.75
C LEU H 377 26.37 34.16 -75.49
N ASN H 378 25.25 33.51 -75.12
CA ASN H 378 24.02 34.24 -74.86
C ASN H 378 24.19 35.25 -73.74
N LYS H 379 24.67 34.75 -72.60
CA LYS H 379 24.83 35.68 -71.46
C LYS H 379 25.75 36.79 -71.95
N GLU H 380 26.74 36.43 -72.77
CA GLU H 380 27.74 37.42 -73.27
C GLU H 380 27.10 38.41 -74.25
N CYS H 381 26.19 37.95 -75.09
CA CYS H 381 25.61 38.85 -76.13
C CYS H 381 24.39 39.61 -75.61
N THR H 382 23.95 39.33 -74.39
CA THR H 382 22.86 40.12 -73.83
C THR H 382 23.39 41.22 -72.90
N ILE H 383 24.36 40.88 -72.05
CA ILE H 383 24.97 41.87 -71.17
C ILE H 383 25.80 42.86 -71.97
N GLY H 384 26.55 42.35 -72.95
CA GLY H 384 27.38 43.21 -73.82
C GLY H 384 28.87 43.01 -73.60
N THR H 385 29.27 41.83 -73.12
CA THR H 385 30.70 41.59 -72.75
C THR H 385 31.64 41.47 -73.95
N PHE H 386 31.11 41.33 -75.18
CA PHE H 386 31.99 41.27 -76.37
C PHE H 386 32.22 42.67 -77.00
N PRO H 387 33.39 42.98 -77.61
CA PRO H 387 33.65 44.23 -78.34
C PRO H 387 32.92 44.32 -79.68
N GLU H 388 32.99 45.48 -80.33
CA GLU H 388 32.36 45.65 -81.65
C GLU H 388 33.14 44.94 -82.75
N TYR H 389 34.45 44.91 -82.61
CA TYR H 389 35.35 44.17 -83.49
C TYR H 389 35.56 42.74 -83.01
N SER H 390 34.45 42.07 -82.68
CA SER H 390 34.53 40.74 -82.10
C SER H 390 34.43 39.68 -83.19
N VAL H 391 34.94 38.49 -82.86
CA VAL H 391 34.91 37.36 -83.77
C VAL H 391 33.86 36.38 -83.28
N ALA H 392 33.49 36.51 -82.00
CA ALA H 392 32.50 35.63 -81.40
C ALA H 392 31.12 35.79 -82.02
N PHE H 393 30.83 36.96 -82.61
CA PHE H 393 29.50 37.19 -83.18
C PHE H 393 29.24 36.28 -84.37
N GLU H 394 30.30 35.91 -85.10
CA GLU H 394 30.12 34.95 -86.19
C GLU H 394 29.66 33.60 -85.67
N THR H 395 30.29 33.11 -84.61
CA THR H 395 29.87 31.85 -84.00
C THR H 395 28.46 31.97 -83.42
N PHE H 396 28.14 33.12 -82.83
CA PHE H 396 26.81 33.32 -82.25
C PHE H 396 25.74 33.27 -83.33
N GLY H 397 25.97 33.96 -84.45
CA GLY H 397 25.04 33.91 -85.56
C GLY H 397 24.99 32.60 -86.31
N PHE H 398 26.04 31.78 -86.22
CA PHE H 398 26.00 30.43 -86.75
C PHE H 398 25.25 29.46 -85.84
N LEU H 399 25.31 29.66 -84.53
CA LEU H 399 24.47 28.86 -83.64
C LEU H 399 23.02 29.30 -83.70
N GLN H 400 22.77 30.57 -83.99
CA GLN H 400 21.41 30.98 -84.30
C GLN H 400 20.89 30.33 -85.57
N GLN H 401 21.79 29.83 -86.43
CA GLN H 401 21.43 28.92 -87.51
C GLN H 401 21.19 27.49 -87.03
N GLU H 402 22.15 26.89 -86.33
CA GLU H 402 22.09 25.50 -85.90
C GLU H 402 20.99 25.23 -84.87
N LEU H 403 20.45 26.25 -84.21
CA LEU H 403 19.52 26.02 -83.11
C LEU H 403 18.13 26.60 -83.32
N HIS H 404 17.95 27.55 -84.24
CA HIS H 404 16.69 28.19 -84.58
C HIS H 404 16.08 28.99 -83.43
N ASP H 405 16.77 29.10 -82.29
CA ASP H 405 16.22 29.81 -81.14
C ASP H 405 16.99 31.09 -80.87
N ASP H 424 27.10 44.64 -105.02
CA ASP H 424 27.82 43.37 -105.10
C ASP H 424 27.98 42.77 -103.70
N ALA H 425 29.23 42.72 -103.23
CA ALA H 425 29.59 42.31 -101.88
C ALA H 425 29.06 40.93 -101.50
N TYR H 426 29.22 39.90 -102.32
CA TYR H 426 28.82 38.58 -101.85
C TYR H 426 30.03 37.75 -101.43
N GLU H 427 31.22 38.36 -101.31
CA GLU H 427 32.16 37.77 -100.37
C GLU H 427 31.53 37.73 -98.99
N LEU H 428 30.67 38.69 -98.69
CA LEU H 428 29.83 38.55 -97.51
C LEU H 428 29.14 37.20 -97.52
N LYS H 429 28.53 36.82 -98.65
CA LYS H 429 27.72 35.60 -98.67
C LYS H 429 28.59 34.35 -98.68
N LYS H 430 29.74 34.36 -99.37
CA LYS H 430 30.44 33.08 -99.51
C LYS H 430 31.58 32.95 -98.51
N TYR H 431 32.07 34.07 -97.95
CA TYR H 431 32.79 34.03 -96.67
C TYR H 431 31.83 33.66 -95.53
N GLN H 432 30.57 34.09 -95.67
CA GLN H 432 29.50 33.61 -94.81
C GLN H 432 29.46 32.08 -94.84
N GLU H 433 29.40 31.51 -96.06
CA GLU H 433 29.44 30.07 -96.27
C GLU H 433 30.74 29.42 -95.79
N GLU H 434 31.88 30.07 -96.02
CA GLU H 434 33.19 29.63 -95.51
C GLU H 434 33.16 29.44 -94.00
N ILE H 435 32.87 30.51 -93.26
CA ILE H 435 32.95 30.43 -91.80
C ILE H 435 31.84 29.54 -91.25
N TRP H 436 30.71 29.44 -91.95
CA TRP H 436 29.65 28.54 -91.48
C TRP H 436 30.01 27.07 -91.68
N SER H 437 30.58 26.73 -92.84
CA SER H 437 31.05 25.35 -93.03
C SER H 437 32.16 25.02 -92.04
N ASP H 438 33.05 25.99 -91.80
CA ASP H 438 34.12 25.81 -90.84
C ASP H 438 33.57 25.54 -89.45
N HIS H 439 32.58 26.33 -89.01
CA HIS H 439 32.00 26.12 -87.69
C HIS H 439 31.28 24.77 -87.61
N TYR H 440 30.55 24.42 -88.68
CA TYR H 440 29.81 23.17 -88.71
C TYR H 440 30.74 21.97 -88.57
N TRP H 441 31.88 21.97 -89.26
CA TRP H 441 32.82 20.88 -89.08
C TRP H 441 33.61 20.99 -87.78
N CYS H 442 33.84 22.21 -87.29
CA CYS H 442 34.56 22.40 -86.03
C CYS H 442 33.81 21.74 -84.88
N PHE H 443 32.49 21.89 -84.85
CA PHE H 443 31.72 21.23 -83.80
C PHE H 443 31.74 19.72 -83.96
N GLN H 444 31.81 19.21 -85.20
CA GLN H 444 32.01 17.79 -85.41
C GLN H 444 33.32 17.28 -84.82
N VAL H 445 34.42 18.01 -84.99
CA VAL H 445 35.68 17.52 -84.42
C VAL H 445 35.62 17.70 -82.91
N LEU H 446 34.94 18.76 -82.47
CA LEU H 446 34.81 19.03 -81.04
C LEU H 446 34.08 17.92 -80.32
N GLU H 447 33.06 17.31 -80.95
CA GLU H 447 32.35 16.21 -80.31
C GLU H 447 33.05 14.87 -80.46
N GLN H 448 33.86 14.69 -81.51
CA GLN H 448 34.71 13.51 -81.57
C GLN H 448 35.76 13.55 -80.45
N CYS H 449 36.31 14.73 -80.18
CA CYS H 449 37.21 14.87 -79.04
C CYS H 449 36.48 14.63 -77.71
N PHE H 450 35.25 15.13 -77.60
CA PHE H 450 34.46 15.00 -76.37
C PHE H 450 33.58 13.75 -76.43
N GLU H 451 34.24 12.60 -76.29
CA GLU H 451 33.57 11.32 -76.24
C GLU H 451 33.95 10.57 -74.96
N MET H 452 32.95 9.93 -74.35
CA MET H 452 33.14 9.20 -73.12
C MET H 452 33.85 7.85 -73.33
N ASP H 453 33.60 7.19 -74.44
CA ASP H 453 34.20 5.88 -74.68
C ASP H 453 35.67 6.05 -75.07
N PRO H 454 36.65 5.42 -74.37
CA PRO H 454 38.03 5.53 -74.80
C PRO H 454 38.24 4.89 -76.19
N GLN H 455 37.78 3.66 -76.39
CA GLN H 455 38.10 2.97 -77.64
C GLN H 455 37.43 3.63 -78.84
N LYS H 456 36.13 3.93 -78.73
CA LYS H 456 35.42 4.46 -79.89
C LYS H 456 35.74 5.94 -80.11
N ARG H 457 36.46 6.55 -79.18
CA ARG H 457 37.01 7.87 -79.45
C ARG H 457 38.04 7.80 -80.57
N SER H 458 38.04 8.80 -81.43
CA SER H 458 38.94 8.83 -82.58
C SER H 458 40.37 9.14 -82.13
N SER H 459 41.33 8.58 -82.85
CA SER H 459 42.73 8.83 -82.58
C SER H 459 43.21 10.10 -83.28
N ALA H 460 44.48 10.42 -83.08
CA ALA H 460 45.04 11.64 -83.66
C ALA H 460 45.03 11.60 -85.19
N GLU H 461 45.39 10.45 -85.77
CA GLU H 461 45.42 10.33 -87.22
C GLU H 461 44.03 10.54 -87.82
N ASP H 462 43.04 9.80 -87.33
CA ASP H 462 41.69 9.93 -87.85
C ASP H 462 41.12 11.32 -87.59
N LEU H 463 41.44 11.91 -86.43
CA LEU H 463 40.99 13.26 -86.13
C LEU H 463 41.60 14.27 -87.10
N LEU H 464 42.84 14.05 -87.51
CA LEU H 464 43.48 14.92 -88.50
C LEU H 464 42.98 14.66 -89.91
N LYS H 465 42.45 13.48 -90.21
CA LYS H 465 41.88 13.21 -91.53
C LYS H 465 40.46 13.73 -91.69
N THR H 466 39.86 14.28 -90.64
CA THR H 466 38.49 14.76 -90.72
C THR H 466 38.42 15.97 -91.67
N PRO H 467 37.28 16.16 -92.36
CA PRO H 467 37.23 17.21 -93.41
C PRO H 467 37.23 18.64 -92.88
N PHE H 468 37.25 18.84 -91.56
CA PHE H 468 37.44 20.19 -91.03
C PHE H 468 38.82 20.74 -91.35
N PHE H 469 39.83 19.86 -91.47
CA PHE H 469 41.20 20.29 -91.68
C PHE H 469 41.61 20.21 -93.14
N ASN H 470 40.69 20.54 -94.06
CA ASN H 470 40.96 20.44 -95.49
C ASN H 470 41.80 21.61 -95.96
N GLU H 471 42.94 21.83 -95.32
CA GLU H 471 43.95 22.79 -95.74
C GLU H 471 45.34 22.17 -95.69
N LEU H 472 45.39 20.85 -95.63
CA LEU H 472 46.64 20.11 -95.60
C LEU H 472 47.15 19.76 -96.99
N ASN H 473 46.40 20.12 -98.03
CA ASN H 473 46.86 19.85 -99.40
C ASN H 473 48.11 20.63 -99.75
N GLU H 474 48.35 21.76 -99.08
CA GLU H 474 49.54 22.57 -99.31
C GLU H 474 50.67 22.00 -98.44
N ASN H 475 51.12 20.81 -98.81
CA ASN H 475 52.20 20.14 -98.09
C ASN H 475 53.14 19.42 -99.05
N GLU I 111 6.20 -23.80 -84.53
CA GLU I 111 6.67 -22.46 -84.20
C GLU I 111 5.64 -21.71 -83.38
N TRP I 112 5.73 -21.83 -82.05
CA TRP I 112 4.79 -21.18 -81.15
C TRP I 112 5.29 -19.83 -80.64
N GLN I 113 6.56 -19.48 -80.91
CA GLN I 113 7.14 -18.28 -80.33
C GLN I 113 6.74 -17.00 -81.06
N THR I 114 6.11 -17.09 -82.22
CA THR I 114 5.74 -15.92 -83.00
C THR I 114 4.25 -15.80 -83.20
N ASN I 115 3.58 -16.87 -83.65
CA ASN I 115 2.14 -16.79 -83.91
C ASN I 115 1.33 -16.59 -82.64
N TRP I 116 1.85 -17.03 -81.50
CA TRP I 116 1.19 -16.79 -80.22
C TRP I 116 1.67 -15.51 -79.56
N LYS I 117 2.82 -14.98 -79.99
CA LYS I 117 3.36 -13.76 -79.41
C LYS I 117 2.83 -12.49 -80.08
N LYS I 118 2.01 -12.62 -81.12
CA LYS I 118 1.40 -11.42 -81.71
C LYS I 118 0.23 -10.93 -80.86
N ILE I 119 -0.63 -11.85 -80.42
CA ILE I 119 -1.68 -11.51 -79.44
C ILE I 119 -1.12 -11.36 -78.04
N MET I 120 0.18 -11.58 -77.86
CA MET I 120 0.80 -11.51 -76.54
C MET I 120 0.83 -10.07 -76.02
N LYS I 121 0.83 -9.09 -76.92
CA LYS I 121 1.00 -7.69 -76.54
C LYS I 121 -0.31 -6.90 -76.59
N ARG I 122 -1.33 -7.39 -77.27
CA ARG I 122 -2.52 -6.60 -77.56
C ARG I 122 -3.81 -7.17 -76.99
N ASP I 123 -3.92 -8.49 -76.90
CA ASP I 123 -5.14 -9.16 -76.46
C ASP I 123 -4.82 -10.21 -75.41
N SER I 124 -3.95 -9.85 -74.46
CA SER I 124 -3.35 -10.85 -73.58
C SER I 124 -3.53 -10.41 -72.14
N ARG I 125 -4.61 -10.84 -71.50
CA ARG I 125 -4.90 -10.49 -70.13
C ARG I 125 -5.43 -11.73 -69.43
N ILE I 126 -4.84 -12.07 -68.28
CA ILE I 126 -4.96 -13.39 -67.68
C ILE I 126 -5.25 -13.26 -66.19
N TYR I 127 -6.16 -14.10 -65.69
CA TYR I 127 -6.45 -14.23 -64.25
C TYR I 127 -5.79 -15.49 -63.69
N PHE I 128 -5.28 -15.38 -62.45
CA PHE I 128 -4.66 -16.50 -61.74
C PHE I 128 -5.57 -16.93 -60.60
N ASP I 129 -6.02 -18.18 -60.62
CA ASP I 129 -6.95 -18.67 -59.60
C ASP I 129 -6.24 -18.90 -58.28
N ILE I 130 -6.96 -18.66 -57.18
CA ILE I 130 -6.39 -18.74 -55.83
C ILE I 130 -6.97 -19.89 -55.02
N THR I 131 -8.08 -20.47 -55.45
CA THR I 131 -8.72 -21.54 -54.69
C THR I 131 -8.04 -22.87 -54.90
N ASP I 132 -8.33 -23.81 -54.00
CA ASP I 132 -7.83 -25.18 -54.07
C ASP I 132 -8.97 -26.15 -53.82
N ASP I 133 -9.12 -27.16 -54.66
CA ASP I 133 -10.22 -28.11 -54.50
C ASP I 133 -10.01 -29.02 -53.30
N VAL I 134 -8.82 -29.57 -53.14
CA VAL I 134 -8.57 -30.63 -52.18
C VAL I 134 -7.76 -30.06 -51.01
N GLU I 135 -7.82 -30.75 -49.87
CA GLU I 135 -7.09 -30.33 -48.68
C GLU I 135 -5.59 -30.35 -48.94
N MET I 136 -4.88 -29.45 -48.28
CA MET I 136 -3.48 -29.22 -48.61
C MET I 136 -2.74 -28.89 -47.32
N ASN I 137 -1.41 -28.98 -47.37
CA ASN I 137 -0.58 -28.69 -46.21
C ASN I 137 -0.12 -27.24 -46.23
N THR I 138 0.27 -26.73 -45.06
CA THR I 138 0.62 -25.31 -44.94
C THR I 138 1.95 -25.00 -45.63
N TYR I 139 2.96 -25.84 -45.44
CA TYR I 139 4.21 -25.67 -46.18
C TYR I 139 3.97 -25.81 -47.68
N ASN I 140 3.16 -26.80 -48.07
CA ASN I 140 2.75 -26.90 -49.45
C ASN I 140 1.96 -25.68 -49.90
N LYS I 141 1.15 -25.09 -49.01
CA LYS I 141 0.46 -23.86 -49.36
C LYS I 141 1.45 -22.74 -49.67
N SER I 142 2.51 -22.64 -48.87
CA SER I 142 3.52 -21.61 -49.13
C SER I 142 4.22 -21.86 -50.46
N LYS I 143 4.55 -23.11 -50.77
CA LYS I 143 5.27 -23.34 -52.02
C LYS I 143 4.36 -23.24 -53.24
N MET I 144 3.07 -23.51 -53.10
CA MET I 144 2.15 -23.17 -54.20
C MET I 144 1.93 -21.68 -54.35
N ASP I 145 2.00 -20.92 -53.25
CA ASP I 145 2.05 -19.46 -53.39
C ASP I 145 3.30 -19.04 -54.16
N LYS I 146 4.42 -19.70 -53.88
CA LYS I 146 5.65 -19.41 -54.62
C LYS I 146 5.53 -19.77 -56.10
N ARG I 147 4.87 -20.88 -56.43
CA ARG I 147 4.56 -21.13 -57.85
C ARG I 147 3.63 -20.07 -58.43
N ARG I 148 2.63 -19.63 -57.68
CA ARG I 148 1.72 -18.62 -58.22
C ARG I 148 2.48 -17.36 -58.56
N ASP I 149 3.38 -16.94 -57.66
CA ASP I 149 4.24 -15.78 -57.94
C ASP I 149 5.25 -16.06 -59.05
N LEU I 150 5.71 -17.31 -59.18
CA LEU I 150 6.68 -17.65 -60.21
C LEU I 150 6.06 -17.53 -61.59
N LEU I 151 4.87 -18.12 -61.77
CA LEU I 151 4.11 -17.92 -63.00
C LEU I 151 3.71 -16.46 -63.17
N LYS I 152 3.46 -15.75 -62.08
CA LYS I 152 3.14 -14.34 -62.17
C LYS I 152 4.28 -13.55 -62.81
N ARG I 153 5.51 -13.79 -62.35
CA ARG I 153 6.62 -13.02 -62.93
C ARG I 153 7.18 -13.65 -64.19
N GLY I 154 6.81 -14.90 -64.51
CA GLY I 154 7.09 -15.45 -65.83
C GLY I 154 6.14 -14.93 -66.89
N PHE I 155 4.92 -14.54 -66.50
CA PHE I 155 4.01 -13.84 -67.39
C PHE I 155 4.25 -12.33 -67.39
N LEU I 156 4.80 -11.79 -66.30
CA LEU I 156 5.06 -10.36 -66.18
C LEU I 156 6.26 -9.93 -67.00
N THR I 157 7.30 -10.78 -67.07
CA THR I 157 8.51 -10.42 -67.80
C THR I 157 8.21 -10.16 -69.27
N LEU I 158 7.33 -10.97 -69.85
CA LEU I 158 6.95 -10.80 -71.26
C LEU I 158 6.04 -9.60 -71.47
N GLY I 159 5.55 -8.98 -70.40
CA GLY I 159 4.75 -7.78 -70.51
C GLY I 159 3.26 -7.97 -70.56
N ALA I 160 2.76 -9.21 -70.45
CA ALA I 160 1.34 -9.45 -70.48
C ALA I 160 0.64 -8.82 -69.28
N GLN I 161 -0.46 -8.11 -69.55
CA GLN I 161 -1.26 -7.55 -68.48
C GLN I 161 -2.00 -8.66 -67.73
N ILE I 162 -2.33 -8.39 -66.47
CA ILE I 162 -2.96 -9.36 -65.59
C ILE I 162 -4.10 -8.67 -64.85
N THR I 163 -5.24 -9.35 -64.75
CA THR I 163 -6.41 -8.82 -64.06
C THR I 163 -6.60 -9.57 -62.74
N GLN I 164 -6.41 -8.86 -61.62
CA GLN I 164 -6.72 -9.45 -60.33
C GLN I 164 -8.22 -9.66 -60.15
N PHE I 165 -9.03 -8.89 -60.87
CA PHE I 165 -10.48 -8.98 -60.79
C PHE I 165 -10.98 -9.80 -61.97
N PHE I 166 -11.59 -10.94 -61.67
CA PHE I 166 -12.12 -11.79 -62.74
C PHE I 166 -13.23 -11.06 -63.47
N ASP I 167 -13.25 -11.22 -64.79
CA ASP I 167 -14.16 -10.47 -65.63
C ASP I 167 -14.72 -11.42 -66.67
N THR I 168 -15.41 -10.85 -67.66
CA THR I 168 -15.81 -11.61 -68.83
C THR I 168 -14.85 -11.37 -69.99
N THR I 169 -13.98 -10.36 -69.87
CA THR I 169 -12.91 -10.12 -70.84
C THR I 169 -11.56 -10.63 -70.29
N VAL I 170 -11.53 -11.91 -69.95
CA VAL I 170 -10.34 -12.57 -69.44
C VAL I 170 -9.94 -13.65 -70.45
N THR I 171 -8.66 -13.69 -70.82
CA THR I 171 -8.25 -14.60 -71.89
C THR I 171 -7.92 -15.99 -71.36
N ILE I 172 -7.13 -16.08 -70.30
CA ILE I 172 -6.68 -17.37 -69.77
C ILE I 172 -6.87 -17.36 -68.26
N VAL I 173 -7.20 -18.54 -67.72
CA VAL I 173 -7.11 -18.80 -66.30
C VAL I 173 -6.31 -20.08 -66.10
N ILE I 174 -5.43 -20.09 -65.10
CA ILE I 174 -4.60 -21.24 -64.80
C ILE I 174 -4.98 -21.72 -63.41
N THR I 175 -5.36 -22.98 -63.29
CA THR I 175 -5.94 -23.49 -62.07
C THR I 175 -5.11 -24.63 -61.50
N ARG I 176 -4.61 -24.41 -60.29
CA ARG I 176 -4.35 -25.53 -59.38
C ARG I 176 -5.60 -26.39 -59.19
N ARG I 177 -6.79 -25.85 -59.48
CA ARG I 177 -7.99 -26.68 -59.60
C ARG I 177 -7.84 -27.67 -60.75
N SER I 178 -8.57 -28.77 -60.64
CA SER I 178 -8.62 -29.72 -61.74
C SER I 178 -9.50 -29.17 -62.86
N VAL I 179 -8.85 -28.72 -63.93
CA VAL I 179 -9.53 -28.41 -65.19
C VAL I 179 -10.37 -29.61 -65.61
N GLU I 180 -9.70 -30.72 -65.88
CA GLU I 180 -10.25 -32.05 -65.98
C GLU I 180 -11.06 -32.41 -64.73
N ASN I 181 -11.90 -33.44 -64.84
CA ASN I 181 -12.99 -33.76 -63.90
C ASN I 181 -13.97 -32.61 -63.71
N ILE I 182 -14.09 -31.71 -64.70
CA ILE I 182 -14.99 -30.57 -64.61
C ILE I 182 -16.45 -30.94 -64.70
N TYR I 183 -16.76 -32.24 -64.81
CA TYR I 183 -18.10 -32.69 -65.18
C TYR I 183 -19.18 -32.09 -64.27
N LEU I 184 -18.93 -32.08 -62.96
CA LEU I 184 -19.90 -31.58 -61.98
C LEU I 184 -19.28 -30.39 -61.25
N LEU I 185 -19.83 -29.21 -61.47
CA LEU I 185 -19.37 -28.02 -60.78
C LEU I 185 -20.50 -27.01 -60.70
N LYS I 186 -20.37 -26.05 -59.78
CA LYS I 186 -21.38 -25.03 -59.60
C LYS I 186 -21.42 -24.09 -60.80
N ASP I 187 -22.62 -23.56 -61.07
CA ASP I 187 -22.79 -22.63 -62.18
C ASP I 187 -21.99 -21.34 -61.95
N THR I 188 -21.75 -21.00 -60.68
CA THR I 188 -21.02 -19.80 -60.33
C THR I 188 -19.51 -20.03 -60.24
N ASP I 189 -19.05 -21.28 -60.25
CA ASP I 189 -17.63 -21.56 -60.16
C ASP I 189 -16.94 -21.18 -61.47
N ILE I 190 -15.74 -20.64 -61.35
CA ILE I 190 -15.08 -19.95 -62.47
C ILE I 190 -14.82 -20.88 -63.65
N LEU I 191 -14.60 -22.17 -63.38
CA LEU I 191 -14.39 -23.08 -64.50
C LEU I 191 -15.67 -23.26 -65.31
N SER I 192 -16.82 -23.21 -64.65
CA SER I 192 -18.09 -23.28 -65.37
C SER I 192 -18.26 -22.09 -66.31
N ARG I 193 -17.82 -20.90 -65.87
CA ARG I 193 -17.95 -19.72 -66.72
C ARG I 193 -16.81 -19.64 -67.74
N ALA I 194 -15.73 -20.39 -67.51
CA ALA I 194 -14.67 -20.53 -68.50
C ALA I 194 -15.12 -21.41 -69.67
N LYS I 195 -15.76 -22.54 -69.33
CA LYS I 195 -16.52 -23.28 -70.34
C LYS I 195 -17.57 -22.40 -71.00
N LYS I 196 -18.06 -21.39 -70.28
CA LYS I 196 -19.26 -20.69 -70.68
C LYS I 196 -18.94 -19.61 -71.71
N ASN I 197 -17.78 -18.94 -71.56
CA ASN I 197 -17.39 -17.86 -72.45
C ASN I 197 -16.17 -18.19 -73.33
N TYR I 198 -15.95 -19.45 -73.71
CA TYR I 198 -14.79 -19.83 -74.54
C TYR I 198 -13.45 -19.51 -73.88
N MET I 199 -13.38 -19.52 -72.55
CA MET I 199 -12.13 -19.15 -71.90
C MET I 199 -11.11 -20.29 -71.95
N LYS I 200 -9.87 -19.92 -72.25
CA LYS I 200 -8.79 -20.87 -72.45
C LYS I 200 -8.34 -21.40 -71.09
N VAL I 201 -8.85 -22.57 -70.69
CA VAL I 201 -8.67 -23.07 -69.34
C VAL I 201 -7.42 -23.95 -69.29
N TRP I 202 -6.54 -23.67 -68.33
CA TRP I 202 -5.30 -24.41 -68.16
C TRP I 202 -5.13 -24.85 -66.71
N SER I 203 -4.14 -25.70 -66.49
CA SER I 203 -3.72 -26.10 -65.16
C SER I 203 -2.27 -25.65 -64.98
N TYR I 204 -1.79 -25.72 -63.73
CA TYR I 204 -0.44 -25.27 -63.44
C TYR I 204 0.61 -26.15 -64.09
N GLU I 205 0.33 -27.46 -64.21
CA GLU I 205 1.24 -28.32 -64.98
C GLU I 205 1.20 -27.96 -66.46
N LYS I 206 0.00 -27.70 -67.00
CA LYS I 206 -0.10 -27.28 -68.40
C LYS I 206 0.55 -25.91 -68.60
N ALA I 207 0.40 -25.02 -67.61
CA ALA I 207 1.07 -23.72 -67.70
C ALA I 207 2.58 -23.86 -67.64
N ALA I 208 3.09 -24.80 -66.83
CA ALA I 208 4.53 -25.05 -66.81
C ALA I 208 5.01 -25.61 -68.14
N ARG I 209 4.20 -26.48 -68.76
CA ARG I 209 4.54 -26.97 -70.10
C ARG I 209 4.60 -25.81 -71.10
N PHE I 210 3.64 -24.90 -71.04
CA PHE I 210 3.62 -23.75 -71.93
C PHE I 210 4.88 -22.91 -71.69
N LEU I 211 5.22 -22.67 -70.42
CA LEU I 211 6.39 -21.86 -70.09
C LEU I 211 7.66 -22.51 -70.61
N LYS I 212 7.78 -23.83 -70.48
CA LYS I 212 8.93 -24.52 -71.06
C LYS I 212 8.94 -24.39 -72.58
N ASN I 213 7.77 -24.34 -73.21
CA ASN I 213 7.70 -24.13 -74.65
C ASN I 213 7.83 -22.66 -75.05
N LEU I 214 7.88 -21.75 -74.09
CA LEU I 214 8.16 -20.33 -74.31
C LEU I 214 9.64 -20.03 -74.45
N ASP I 215 10.51 -21.02 -74.23
CA ASP I 215 11.95 -20.80 -74.24
C ASP I 215 12.38 -19.80 -73.18
N VAL I 216 11.62 -19.74 -72.08
CA VAL I 216 11.93 -18.87 -70.95
C VAL I 216 12.38 -19.73 -69.79
N ASP I 217 13.35 -19.23 -69.02
CA ASP I 217 13.98 -20.03 -67.97
C ASP I 217 12.99 -20.29 -66.83
N LEU I 218 12.93 -21.55 -66.39
CA LEU I 218 12.12 -21.89 -65.23
C LEU I 218 12.73 -21.33 -63.95
N ASP I 219 14.06 -21.31 -63.88
CA ASP I 219 14.78 -20.78 -62.73
C ASP I 219 15.21 -19.33 -62.92
N HIS I 220 14.38 -18.52 -63.58
CA HIS I 220 14.63 -17.10 -63.85
C HIS I 220 15.77 -16.92 -64.86
N ALA I 231 24.88 -19.06 -52.16
CA ALA I 231 26.12 -19.43 -52.84
C ALA I 231 26.24 -20.94 -52.99
N PRO I 232 26.74 -21.40 -54.13
CA PRO I 232 26.83 -22.83 -54.38
C PRO I 232 27.82 -23.55 -53.48
N THR I 233 29.00 -22.97 -53.29
CA THR I 233 30.10 -23.63 -52.61
C THR I 233 30.24 -23.13 -51.17
N LEU I 234 30.48 -24.06 -50.26
CA LEU I 234 30.71 -23.69 -48.85
C LEU I 234 31.96 -22.83 -48.71
N SER I 235 33.01 -23.14 -49.48
CA SER I 235 34.22 -22.33 -49.43
C SER I 235 33.93 -20.90 -49.89
N ASN I 236 33.10 -20.75 -50.92
CA ASN I 236 32.70 -19.41 -51.35
C ASN I 236 31.90 -18.69 -50.28
N LEU I 237 31.03 -19.42 -49.58
CA LEU I 237 30.27 -18.81 -48.49
C LEU I 237 31.19 -18.33 -47.37
N LEU I 238 32.19 -19.14 -47.01
CA LEU I 238 33.14 -18.73 -45.98
C LEU I 238 34.00 -17.55 -46.44
N HIS I 239 34.37 -17.53 -47.73
CA HIS I 239 35.09 -16.37 -48.26
C HIS I 239 34.25 -15.11 -48.19
N ASN I 240 32.95 -15.22 -48.52
CA ASN I 240 32.06 -14.08 -48.42
C ASN I 240 31.88 -13.64 -46.97
N GLU I 241 31.93 -14.59 -46.03
CA GLU I 241 31.80 -14.24 -44.62
C GLU I 241 33.09 -13.72 -44.02
N LYS I 242 34.23 -13.94 -44.67
CA LYS I 242 35.46 -13.30 -44.22
C LYS I 242 35.33 -11.78 -44.28
N LEU I 243 34.67 -11.28 -45.33
CA LEU I 243 34.22 -9.91 -45.40
C LEU I 243 32.74 -9.85 -45.02
N TYR I 244 32.16 -8.66 -45.11
CA TYR I 244 30.71 -8.45 -45.06
C TYR I 244 30.07 -9.06 -43.82
N GLY I 245 30.85 -9.44 -42.82
CA GLY I 245 30.32 -10.05 -41.63
C GLY I 245 29.74 -11.44 -41.90
N PRO I 246 28.94 -11.95 -40.96
CA PRO I 246 28.30 -13.25 -41.15
C PRO I 246 26.98 -13.12 -41.89
N THR I 247 26.31 -14.26 -42.07
CA THR I 247 25.05 -14.31 -42.80
C THR I 247 23.84 -14.56 -41.91
N ASP I 248 24.03 -14.78 -40.61
CA ASP I 248 22.92 -15.07 -39.70
C ASP I 248 22.20 -13.77 -39.35
N ARG I 249 21.54 -13.21 -40.37
CA ARG I 249 20.79 -11.97 -40.21
C ARG I 249 19.82 -11.85 -41.38
N ASP I 250 18.88 -10.93 -41.23
CA ASP I 250 17.90 -10.69 -42.29
C ASP I 250 18.60 -10.13 -43.53
N PRO I 251 18.47 -10.76 -44.70
CA PRO I 251 19.17 -10.26 -45.89
C PRO I 251 18.79 -8.85 -46.29
N ARG I 252 17.54 -8.44 -46.08
CA ARG I 252 17.05 -7.12 -46.48
C ARG I 252 16.69 -6.33 -45.22
N THR I 253 17.69 -5.64 -44.66
CA THR I 253 17.51 -4.82 -43.46
C THR I 253 18.69 -3.86 -43.40
N LYS I 254 18.43 -2.65 -42.88
CA LYS I 254 19.49 -1.69 -42.68
C LYS I 254 20.56 -2.28 -41.78
N ARG I 255 21.76 -2.51 -42.35
CA ARG I 255 22.78 -3.28 -41.68
C ARG I 255 23.37 -2.55 -40.47
N ASP I 256 23.28 -1.23 -40.45
CA ASP I 256 23.86 -0.37 -39.41
C ASP I 256 25.38 -0.43 -39.46
N ASP I 257 25.92 -1.24 -40.36
CA ASP I 257 27.35 -1.31 -40.63
C ASP I 257 27.74 -0.47 -41.83
N ILE I 258 26.78 -0.14 -42.69
CA ILE I 258 27.01 0.60 -43.93
C ILE I 258 26.22 1.90 -43.87
N HIS I 259 26.89 3.01 -44.16
CA HIS I 259 26.23 4.32 -44.14
C HIS I 259 25.30 4.43 -45.34
N TYR I 260 24.01 4.61 -45.09
CA TYR I 260 23.00 4.65 -46.14
C TYR I 260 22.66 6.09 -46.50
N PHE I 261 22.27 6.30 -47.75
CA PHE I 261 22.01 7.62 -48.27
C PHE I 261 20.54 7.99 -48.10
N LYS I 262 20.29 9.19 -47.57
CA LYS I 262 18.94 9.72 -47.43
C LYS I 262 18.77 11.13 -47.95
N TYR I 263 19.85 11.87 -48.16
CA TYR I 263 19.86 13.24 -48.63
C TYR I 263 20.43 13.31 -50.05
N PRO I 264 20.37 14.47 -50.69
CA PRO I 264 21.06 14.63 -51.98
C PRO I 264 22.53 14.26 -51.85
N HIS I 265 23.02 13.47 -52.81
CA HIS I 265 24.32 12.85 -52.68
C HIS I 265 24.89 12.51 -54.05
N VAL I 266 26.20 12.28 -54.06
CA VAL I 266 26.91 11.78 -55.23
C VAL I 266 27.78 10.61 -54.78
N TYR I 267 27.68 9.48 -55.48
CA TYR I 267 28.37 8.27 -55.04
C TYR I 267 28.86 7.50 -56.25
N LEU I 268 30.19 7.51 -56.44
CA LEU I 268 30.85 6.74 -57.47
C LEU I 268 31.65 5.63 -56.80
N TYR I 269 31.39 4.39 -57.22
CA TYR I 269 31.94 3.19 -56.60
C TYR I 269 32.39 2.23 -57.68
N ASP I 270 32.95 1.10 -57.25
CA ASP I 270 33.28 0.01 -58.15
C ASP I 270 32.22 -1.08 -58.04
N LEU I 271 31.61 -1.42 -59.19
CA LEU I 271 30.57 -2.46 -59.18
C LEU I 271 31.13 -3.80 -58.74
N TRP I 272 32.38 -4.08 -59.14
CA TRP I 272 33.04 -5.29 -58.65
C TRP I 272 33.28 -5.22 -57.16
N GLN I 273 33.17 -4.02 -56.58
CA GLN I 273 33.35 -3.72 -55.16
C GLN I 273 34.74 -4.12 -54.72
N THR I 274 35.65 -4.28 -55.68
CA THR I 274 37.02 -4.65 -55.42
C THR I 274 37.84 -3.47 -54.89
N TRP I 275 37.56 -2.27 -55.36
CA TRP I 275 38.20 -1.05 -54.85
C TRP I 275 37.25 -0.26 -53.97
N ALA I 276 37.84 0.59 -53.13
CA ALA I 276 37.06 1.50 -52.32
C ALA I 276 36.34 2.52 -53.20
N PRO I 277 35.17 2.99 -52.78
CA PRO I 277 34.45 4.00 -53.58
C PRO I 277 35.29 5.26 -53.77
N ILE I 278 35.25 5.78 -54.99
CA ILE I 278 36.05 6.96 -55.30
C ILE I 278 35.36 8.23 -54.81
N ILE I 279 34.05 8.34 -55.03
CA ILE I 279 33.30 9.54 -54.67
C ILE I 279 32.23 9.18 -53.67
N THR I 280 32.25 9.82 -52.51
CA THR I 280 31.21 9.67 -51.48
C THR I 280 30.93 11.07 -50.93
N LEU I 281 29.97 11.77 -51.53
CA LEU I 281 29.58 13.10 -51.11
C LEU I 281 28.13 13.07 -50.61
N GLU I 282 27.93 13.54 -49.38
CA GLU I 282 26.64 13.44 -48.70
C GLU I 282 26.38 14.78 -48.02
N TRP I 283 25.45 15.56 -48.57
CA TRP I 283 25.19 16.91 -48.10
C TRP I 283 23.86 16.97 -47.37
N LYS I 284 23.86 17.58 -46.19
CA LYS I 284 22.64 17.78 -45.43
C LYS I 284 21.76 18.85 -46.10
N PRO I 285 20.45 18.82 -45.86
CA PRO I 285 19.56 19.77 -46.56
C PRO I 285 19.88 21.23 -46.31
N GLN I 286 20.31 21.60 -45.10
CA GLN I 286 20.61 23.01 -44.84
C GLN I 286 21.83 23.45 -45.62
N GLU I 287 22.71 22.51 -45.99
CA GLU I 287 23.83 22.84 -46.86
C GLU I 287 23.38 23.11 -48.29
N LEU I 288 22.21 22.61 -48.68
CA LEU I 288 21.67 22.88 -50.01
C LEU I 288 21.05 24.26 -50.13
N THR I 289 20.84 24.96 -49.02
CA THR I 289 20.35 26.33 -49.07
C THR I 289 21.47 27.27 -49.49
N ASN I 290 21.16 28.56 -49.56
CA ASN I 290 22.10 29.59 -50.00
C ASN I 290 22.64 29.26 -51.40
N LEU I 291 21.73 29.30 -52.38
CA LEU I 291 22.08 28.91 -53.77
C LEU I 291 23.21 29.77 -54.33
N ASP I 292 23.63 30.81 -53.61
CA ASP I 292 24.81 31.59 -54.09
C ASP I 292 26.01 30.65 -54.11
N GLU I 293 26.18 29.83 -53.06
CA GLU I 293 27.32 28.88 -53.00
C GLU I 293 26.85 27.46 -52.69
N LEU I 294 26.81 26.57 -53.69
CA LEU I 294 26.52 25.17 -53.42
C LEU I 294 27.82 24.41 -53.12
N PRO I 295 27.74 23.30 -52.37
CA PRO I 295 28.90 22.44 -52.19
C PRO I 295 29.28 21.63 -53.42
N TYR I 296 28.56 21.79 -54.53
CA TYR I 296 28.81 21.09 -55.78
C TYR I 296 28.65 22.09 -56.91
N PRO I 297 29.23 21.90 -58.14
CA PRO I 297 29.12 22.94 -59.16
C PRO I 297 27.80 22.87 -59.95
N ILE I 298 26.82 23.69 -59.56
CA ILE I 298 25.57 23.78 -60.38
C ILE I 298 25.99 24.63 -61.59
N LEU I 299 25.58 24.25 -62.81
CA LEU I 299 26.10 25.03 -63.96
C LEU I 299 25.65 26.49 -63.85
N LYS I 300 26.59 27.41 -64.05
CA LYS I 300 26.25 28.85 -64.10
C LYS I 300 26.84 29.26 -65.45
N ILE I 301 26.43 30.37 -66.03
CA ILE I 301 27.08 30.68 -67.34
C ILE I 301 28.20 31.71 -67.16
N GLY I 302 27.85 32.91 -66.70
CA GLY I 302 28.85 33.97 -66.53
C GLY I 302 29.11 34.72 -67.81
N SER I 303 30.04 35.68 -67.80
CA SER I 303 30.31 36.53 -68.97
C SER I 303 31.76 37.02 -68.96
N PHE I 304 32.24 37.63 -70.04
CA PHE I 304 33.61 38.19 -70.11
C PHE I 304 34.65 37.10 -69.84
N GLY I 305 34.44 35.91 -70.39
CA GLY I 305 35.48 34.87 -70.26
C GLY I 305 35.47 34.16 -68.94
N ARG I 306 34.43 34.34 -68.15
CA ARG I 306 34.43 33.75 -66.79
C ARG I 306 34.38 32.24 -66.91
N CYS I 307 34.87 31.54 -65.90
CA CYS I 307 34.77 30.07 -65.89
C CYS I 307 33.27 29.84 -65.74
N PRO I 308 32.58 29.08 -66.60
CA PRO I 308 31.13 29.01 -66.54
C PRO I 308 30.64 28.74 -65.11
N PHE I 309 31.25 27.79 -64.42
CA PHE I 309 30.80 27.41 -63.05
C PHE I 309 30.97 28.62 -62.12
N ILE I 310 32.04 29.39 -62.29
CA ILE I 310 32.22 30.65 -61.48
C ILE I 310 31.22 31.70 -61.97
N GLY I 311 30.51 32.36 -61.06
CA GLY I 311 29.56 33.43 -61.46
C GLY I 311 30.21 34.79 -61.47
N ASP I 312 29.44 35.85 -61.73
CA ASP I 312 30.00 37.23 -61.61
C ASP I 312 29.80 37.61 -60.14
N ARG I 313 30.69 37.15 -59.26
CA ARG I 313 30.51 37.33 -57.82
C ARG I 313 31.13 38.63 -57.32
N ASN I 314 30.29 39.47 -56.73
CA ASN I 314 30.60 40.86 -56.41
C ASN I 314 31.02 41.64 -57.65
N TYR I 315 30.48 41.23 -58.80
CA TYR I 315 30.76 41.86 -60.07
C TYR I 315 29.46 42.11 -60.79
N ASP I 316 29.14 43.38 -61.05
CA ASP I 316 27.98 43.75 -61.83
C ASP I 316 28.47 44.41 -63.11
N GLU I 317 28.53 43.62 -64.19
CA GLU I 317 29.00 44.14 -65.47
C GLU I 317 28.08 45.23 -66.01
N SER I 318 26.84 45.31 -65.52
CA SER I 318 25.94 46.38 -65.88
C SER I 318 26.25 47.68 -65.11
N SER I 319 27.09 47.64 -64.09
CA SER I 319 27.47 48.88 -63.43
C SER I 319 28.37 49.71 -64.34
N TYR I 320 27.96 50.96 -64.56
CA TYR I 320 28.75 51.87 -65.42
C TYR I 320 30.18 51.95 -64.87
N LYS I 321 30.35 52.06 -63.54
CA LYS I 321 31.71 52.04 -63.00
C LYS I 321 32.53 50.90 -63.59
N ARG I 322 31.91 49.73 -63.80
CA ARG I 322 32.58 48.64 -64.50
C ARG I 322 32.66 48.91 -65.99
N VAL I 323 31.61 49.52 -66.55
CA VAL I 323 31.48 49.65 -68.00
C VAL I 323 32.56 50.57 -68.56
N VAL I 324 32.85 51.68 -67.87
CA VAL I 324 33.90 52.57 -68.34
C VAL I 324 35.26 51.91 -68.32
N LYS I 325 35.30 50.77 -67.61
CA LYS I 325 36.54 49.95 -67.66
C LYS I 325 36.57 49.04 -68.90
N ARG I 326 35.59 48.14 -69.08
CA ARG I 326 35.65 47.13 -70.18
C ARG I 326 35.64 47.79 -71.56
N TYR I 327 34.79 48.77 -71.80
CA TYR I 327 34.85 49.43 -73.13
C TYR I 327 36.20 50.10 -73.33
N SER I 328 36.69 50.81 -72.32
CA SER I 328 37.98 51.53 -72.47
C SER I 328 39.12 50.52 -72.62
N ARG I 329 39.06 49.41 -71.89
CA ARG I 329 40.08 48.36 -72.05
C ARG I 329 39.97 47.88 -73.49
N ASP I 330 38.74 47.75 -73.97
CA ASP I 330 38.59 47.40 -75.39
C ASP I 330 39.11 48.54 -76.27
N LYS I 331 39.14 49.80 -75.77
CA LYS I 331 39.64 50.72 -76.79
C LYS I 331 41.15 50.55 -76.99
N ALA I 332 41.90 50.38 -75.89
CA ALA I 332 43.33 50.14 -76.02
C ALA I 332 43.63 48.77 -76.60
N ASN I 333 42.76 47.79 -76.36
CA ASN I 333 42.91 46.44 -76.92
C ASN I 333 42.32 46.32 -78.31
N LYS I 334 41.94 47.43 -78.93
CA LYS I 334 41.23 47.36 -80.20
C LYS I 334 42.14 46.83 -81.31
N LYS I 335 43.20 47.59 -81.64
CA LYS I 335 43.98 47.31 -82.83
C LYS I 335 44.91 46.09 -82.69
N TYR I 336 45.22 45.62 -81.48
CA TYR I 336 45.87 44.31 -81.40
C TYR I 336 44.95 43.25 -81.98
N ALA I 337 43.67 43.29 -81.60
CA ALA I 337 42.68 42.41 -82.20
C ALA I 337 42.42 42.72 -83.66
N LEU I 338 42.51 43.99 -84.09
CA LEU I 338 42.44 44.29 -85.52
C LEU I 338 43.59 43.67 -86.31
N GLN I 339 44.82 43.78 -85.83
CA GLN I 339 45.96 43.12 -86.47
C GLN I 339 45.73 41.61 -86.55
N LEU I 340 45.31 41.01 -85.43
CA LEU I 340 45.09 39.56 -85.40
C LEU I 340 43.98 39.15 -86.37
N ARG I 341 42.89 39.94 -86.40
CA ARG I 341 41.80 39.72 -87.33
C ARG I 341 42.27 39.76 -88.77
N ALA I 342 42.96 40.83 -89.16
CA ALA I 342 43.48 40.96 -90.52
C ALA I 342 44.50 39.90 -90.86
N LEU I 343 45.15 39.30 -89.86
CA LEU I 343 46.18 38.31 -90.12
C LEU I 343 45.59 36.91 -90.23
N PHE I 344 44.44 36.66 -89.59
CA PHE I 344 43.75 35.38 -89.61
C PHE I 344 42.35 35.44 -90.23
N GLN I 345 42.15 36.26 -91.26
CA GLN I 345 40.79 36.45 -91.80
C GLN I 345 40.48 35.44 -92.91
N TYR I 346 41.28 35.45 -93.99
CA TYR I 346 40.94 34.72 -95.21
C TYR I 346 41.43 33.29 -95.24
N HIS I 347 42.68 33.04 -94.82
CA HIS I 347 43.28 31.71 -94.90
C HIS I 347 43.70 31.25 -93.52
N ALA I 348 43.39 29.99 -93.20
CA ALA I 348 43.85 29.40 -91.94
C ALA I 348 45.37 29.36 -91.88
N ASP I 349 46.01 28.95 -92.98
CA ASP I 349 47.46 29.04 -93.07
C ASP I 349 47.87 30.49 -93.28
N THR I 350 48.83 30.95 -92.49
CA THR I 350 49.21 32.36 -92.47
C THR I 350 50.33 32.69 -93.46
N LEU I 351 50.75 31.74 -94.29
CA LEU I 351 51.79 31.98 -95.26
C LEU I 351 51.29 32.69 -96.52
N LEU I 352 49.99 32.89 -96.66
CA LEU I 352 49.39 33.57 -97.80
C LEU I 352 48.59 34.79 -97.34
N ASN I 353 49.16 35.56 -96.42
CA ASN I 353 48.43 36.67 -95.82
C ASN I 353 48.38 37.88 -96.74
N THR I 354 49.51 38.26 -97.33
CA THR I 354 49.57 39.46 -98.15
C THR I 354 48.72 39.30 -99.40
N SER I 355 47.91 40.32 -99.69
CA SER I 355 47.04 40.30 -100.86
C SER I 355 47.48 41.32 -101.90
N LYS I 362 37.10 45.16 -98.34
CA LYS I 362 38.38 44.84 -98.96
C LYS I 362 39.43 44.52 -97.90
N ASN I 363 39.81 45.55 -97.13
CA ASN I 363 40.77 45.34 -96.06
C ASN I 363 40.18 44.49 -94.95
N LEU I 364 39.07 44.95 -94.36
CA LEU I 364 38.39 44.24 -93.28
C LEU I 364 36.95 44.03 -93.70
N ILE I 365 36.45 42.81 -93.48
CA ILE I 365 35.04 42.51 -93.65
C ILE I 365 34.52 41.96 -92.33
N PHE I 366 33.23 42.19 -92.11
CA PHE I 366 32.60 41.81 -90.85
C PHE I 366 31.23 41.20 -91.14
N ILE I 367 30.79 40.34 -90.24
CA ILE I 367 29.44 39.76 -90.30
C ILE I 367 28.51 40.64 -89.48
N PRO I 368 27.44 41.16 -90.07
CA PRO I 368 26.55 42.07 -89.35
C PRO I 368 25.87 41.39 -88.18
N HIS I 369 25.60 42.18 -87.14
CA HIS I 369 24.98 41.69 -85.92
C HIS I 369 24.04 42.76 -85.40
N THR I 370 23.22 42.37 -84.41
CA THR I 370 22.25 43.25 -83.79
C THR I 370 22.25 43.18 -82.27
N CYS I 371 23.04 42.28 -81.68
CA CYS I 371 23.17 42.20 -80.24
C CYS I 371 23.99 43.37 -79.71
N ASN I 372 23.55 43.93 -78.59
CA ASN I 372 24.21 45.12 -78.03
C ASN I 372 25.59 44.77 -77.50
N ASP I 373 26.40 45.81 -77.30
CA ASP I 373 27.84 45.63 -77.17
C ASP I 373 28.40 46.36 -75.95
N SER I 374 29.73 46.29 -75.78
CA SER I 374 30.43 47.18 -74.87
C SER I 374 30.40 48.61 -75.40
N THR I 375 30.68 48.79 -76.69
CA THR I 375 30.51 50.11 -77.30
C THR I 375 29.05 50.52 -77.29
N LYS I 376 28.16 49.60 -77.66
CA LYS I 376 26.73 49.89 -77.61
C LYS I 376 26.28 50.12 -76.17
N SER I 377 26.82 49.36 -75.22
CA SER I 377 26.46 49.60 -73.82
C SER I 377 26.89 51.00 -73.39
N PHE I 378 28.11 51.40 -73.74
CA PHE I 378 28.61 52.69 -73.30
C PHE I 378 27.81 53.83 -73.94
N LYS I 379 27.45 53.66 -75.22
CA LYS I 379 26.56 54.62 -75.86
C LYS I 379 25.18 54.63 -75.20
N LYS I 380 24.73 53.48 -74.70
CA LYS I 380 23.50 53.43 -73.90
C LYS I 380 23.66 54.12 -72.54
N TRP I 381 24.84 54.03 -71.94
CA TRP I 381 25.00 54.68 -70.65
C TRP I 381 25.07 56.18 -70.83
N MET I 382 25.49 56.63 -72.01
CA MET I 382 25.37 58.05 -72.32
C MET I 382 23.96 58.40 -72.80
N GLN I 383 23.22 57.39 -73.31
CA GLN I 383 21.77 57.54 -73.46
C GLN I 383 21.12 57.86 -72.13
N GLU I 384 21.56 57.19 -71.06
CA GLU I 384 20.73 57.04 -69.88
C GLU I 384 21.20 57.86 -68.68
N LYS I 385 22.49 58.13 -68.55
CA LYS I 385 23.02 58.84 -67.38
C LYS I 385 23.52 60.24 -67.67
N ALA I 386 24.15 60.47 -68.82
CA ALA I 386 24.86 61.74 -69.07
C ALA I 386 23.85 62.83 -69.40
N LYS I 387 23.69 63.77 -68.48
CA LYS I 387 22.81 64.93 -68.64
C LYS I 387 21.40 64.57 -69.09
N ASN I 388 20.90 63.39 -68.68
CA ASN I 388 19.52 62.99 -68.98
C ASN I 388 19.03 61.92 -68.02
N PHE I 389 17.75 61.55 -68.17
CA PHE I 389 16.98 60.91 -67.12
C PHE I 389 16.71 59.45 -67.45
N GLU I 390 16.22 58.74 -66.44
CA GLU I 390 15.76 57.36 -66.58
C GLU I 390 14.98 56.95 -65.34
N GLY I 509 50.95 23.40 -52.80
CA GLY I 509 51.80 24.55 -53.04
C GLY I 509 52.92 24.28 -54.02
N ASN I 510 53.87 23.46 -53.59
CA ASN I 510 55.01 23.08 -54.43
C ASN I 510 54.57 22.33 -55.68
N GLY I 511 53.63 21.39 -55.53
CA GLY I 511 53.11 20.66 -56.70
C GLY I 511 53.14 19.16 -56.48
N LEU I 512 53.87 18.70 -55.46
CA LEU I 512 53.87 17.26 -55.12
C LEU I 512 53.27 17.05 -53.73
N GLY I 513 53.01 15.81 -53.34
CA GLY I 513 52.43 15.42 -52.09
C GLY I 513 52.91 14.07 -51.62
N PRO I 514 52.90 13.85 -50.30
CA PRO I 514 53.30 12.55 -49.77
C PRO I 514 52.29 11.46 -50.13
N THR I 515 52.79 10.23 -50.22
CA THR I 515 51.96 9.08 -50.54
C THR I 515 51.33 8.58 -49.25
N ARG I 516 50.04 8.83 -49.08
CA ARG I 516 49.31 8.45 -47.89
C ARG I 516 48.52 7.16 -48.11
N ALA I 517 48.37 6.39 -47.04
CA ALA I 517 47.58 5.18 -47.09
C ALA I 517 46.09 5.51 -47.21
N SER I 518 45.35 4.57 -47.78
CA SER I 518 43.92 4.78 -48.03
C SER I 518 43.05 4.39 -46.83
N VAL I 519 43.41 3.34 -46.12
CA VAL I 519 42.60 2.84 -45.02
C VAL I 519 42.86 3.69 -43.77
N MET I 520 41.79 4.29 -43.25
CA MET I 520 41.87 5.10 -42.04
C MET I 520 41.43 4.26 -40.84
N SER I 521 42.22 4.31 -39.77
CA SER I 521 41.88 3.55 -38.58
C SER I 521 40.67 4.16 -37.88
N LYS I 522 40.00 3.33 -37.07
CA LYS I 522 38.81 3.79 -36.36
C LYS I 522 39.16 4.87 -35.34
N ASN I 523 40.31 4.72 -34.65
CA ASN I 523 40.71 5.72 -33.67
C ASN I 523 40.98 7.07 -34.33
N MET I 524 41.64 7.06 -35.49
CA MET I 524 41.95 8.31 -36.18
C MET I 524 40.67 9.01 -36.64
N LYS I 525 39.68 8.24 -37.10
CA LYS I 525 38.39 8.84 -37.45
C LYS I 525 37.66 9.36 -36.22
N SER I 526 37.76 8.66 -35.09
CA SER I 526 37.13 9.13 -33.86
C SER I 526 37.75 10.44 -33.39
N LEU I 527 39.07 10.59 -33.56
CA LEU I 527 39.74 11.83 -33.16
C LEU I 527 39.28 13.03 -33.99
N SER I 528 38.67 12.80 -35.16
CA SER I 528 38.24 13.90 -35.99
C SER I 528 37.05 14.66 -35.39
N ARG I 529 36.30 14.02 -34.49
CA ARG I 529 35.17 14.67 -33.85
C ARG I 529 35.58 15.67 -32.78
N LEU I 530 36.76 15.50 -32.18
CA LEU I 530 37.19 16.30 -31.05
C LEU I 530 37.95 17.56 -31.46
N MET I 531 38.05 17.85 -32.75
CA MET I 531 38.90 18.93 -33.22
C MET I 531 38.33 20.30 -32.85
N VAL I 532 39.19 21.18 -32.36
CA VAL I 532 38.86 22.57 -32.09
C VAL I 532 39.96 23.45 -32.65
N ASP I 533 39.64 24.74 -32.83
CA ASP I 533 40.56 25.66 -33.47
C ASP I 533 41.80 25.90 -32.60
N ARG I 534 42.90 26.27 -33.26
CA ARG I 534 44.16 26.48 -32.54
C ARG I 534 44.17 27.78 -31.74
N LYS I 535 43.16 28.65 -31.91
CA LYS I 535 43.06 29.81 -31.02
C LYS I 535 43.03 29.35 -29.57
N LEU I 536 42.48 28.17 -29.31
CA LEU I 536 42.68 27.48 -28.04
C LEU I 536 43.94 26.65 -28.11
N GLY I 537 44.78 26.76 -27.08
CA GLY I 537 45.97 25.94 -26.99
C GLY I 537 46.98 26.21 -28.08
N VAL I 538 47.86 25.24 -28.28
CA VAL I 538 48.90 25.33 -29.31
C VAL I 538 49.24 23.94 -29.83
N VAL I 655 59.13 33.30 -46.39
CA VAL I 655 59.13 31.89 -46.01
C VAL I 655 57.84 31.21 -46.49
N LYS I 656 57.18 31.83 -47.46
CA LYS I 656 55.92 31.28 -47.98
C LYS I 656 56.14 29.99 -48.76
N ASN I 657 57.36 29.72 -49.20
CA ASN I 657 57.64 28.52 -49.99
C ASN I 657 57.55 27.28 -49.11
N SER I 658 56.58 26.42 -49.37
CA SER I 658 56.38 25.20 -48.61
C SER I 658 55.78 24.13 -49.50
N GLY I 659 56.19 22.89 -49.27
CA GLY I 659 55.68 21.79 -50.07
C GLY I 659 56.49 20.54 -49.84
N TYR I 660 56.15 19.52 -50.63
CA TYR I 660 56.82 18.23 -50.54
C TYR I 660 58.17 18.26 -51.25
N CYS I 661 59.00 17.27 -50.94
CA CYS I 661 60.30 17.10 -51.58
C CYS I 661 60.45 15.63 -51.93
N GLU I 662 60.33 15.31 -53.22
CA GLU I 662 60.42 13.91 -53.65
C GLU I 662 61.80 13.31 -53.41
N ASN I 663 62.83 14.15 -53.25
CA ASN I 663 64.16 13.65 -52.96
C ASN I 663 64.25 13.11 -51.54
N CYS I 664 63.91 13.95 -50.56
CA CYS I 664 64.06 13.60 -49.15
C CYS I 664 62.83 12.91 -48.57
N ARG I 665 61.72 12.89 -49.31
CA ARG I 665 60.46 12.31 -48.82
C ARG I 665 59.98 12.98 -47.54
N VAL I 666 60.30 14.25 -47.35
CA VAL I 666 59.88 15.01 -46.19
C VAL I 666 59.24 16.31 -46.64
N LYS I 667 58.24 16.78 -45.90
CA LYS I 667 57.61 18.05 -46.19
C LYS I 667 58.29 19.17 -45.42
N TYR I 668 58.55 20.28 -46.11
CA TYR I 668 59.25 21.41 -45.53
C TYR I 668 58.37 22.65 -45.58
N GLU I 669 58.56 23.52 -44.60
CA GLU I 669 57.88 24.82 -44.57
C GLU I 669 58.71 25.93 -45.21
N SER I 670 59.96 25.64 -45.61
CA SER I 670 60.88 26.66 -46.08
C SER I 670 61.90 26.04 -47.02
N LEU I 671 61.97 26.56 -48.24
CA LEU I 671 62.90 26.02 -49.22
C LEU I 671 64.35 26.28 -48.84
N GLU I 672 64.65 27.49 -48.34
CA GLU I 672 66.04 27.83 -48.03
C GLU I 672 66.60 27.07 -46.84
N GLN I 673 65.75 26.37 -46.06
CA GLN I 673 66.23 25.52 -44.97
C GLN I 673 66.14 24.03 -45.28
N HIS I 674 65.33 23.63 -46.25
CA HIS I 674 65.35 22.25 -46.69
C HIS I 674 66.58 21.94 -47.52
N ILE I 675 66.97 22.85 -48.42
CA ILE I 675 68.13 22.59 -49.28
C ILE I 675 69.43 22.61 -48.50
N VAL I 676 69.46 23.24 -47.33
CA VAL I 676 70.63 23.26 -46.46
C VAL I 676 70.52 22.24 -45.35
N SER I 677 69.45 21.45 -45.34
CA SER I 677 69.27 20.42 -44.33
C SER I 677 70.27 19.28 -44.55
N GLU I 678 70.35 18.39 -43.56
CA GLU I 678 71.31 17.28 -43.62
C GLU I 678 70.97 16.29 -44.73
N LYS I 679 69.72 15.82 -44.77
CA LYS I 679 69.36 14.77 -45.71
C LYS I 679 69.45 15.24 -47.16
N HIS I 680 69.04 16.48 -47.41
CA HIS I 680 69.10 16.99 -48.78
C HIS I 680 70.53 17.14 -49.26
N LEU I 681 71.42 17.64 -48.39
CA LEU I 681 72.83 17.74 -48.77
C LEU I 681 73.44 16.37 -48.98
N SER I 682 73.10 15.40 -48.13
CA SER I 682 73.61 14.05 -48.31
C SER I 682 73.13 13.45 -49.63
N PHE I 683 71.87 13.68 -49.98
CA PHE I 683 71.35 13.18 -51.25
C PHE I 683 72.04 13.84 -52.43
N ALA I 684 72.26 15.16 -52.36
CA ALA I 684 72.89 15.88 -53.47
C ALA I 684 74.34 15.45 -53.66
N GLU I 685 75.08 15.28 -52.55
CA GLU I 685 76.48 14.91 -52.66
C GLU I 685 76.70 13.49 -53.17
N ASN I 686 75.66 12.65 -53.13
CA ASN I 686 75.78 11.25 -53.56
C ASN I 686 75.49 11.19 -55.05
N ASP I 687 76.54 10.93 -55.85
CA ASP I 687 76.41 10.87 -57.30
C ASP I 687 75.72 9.60 -57.79
N LEU I 688 75.60 8.58 -56.94
CA LEU I 688 74.91 7.35 -57.36
C LEU I 688 73.43 7.60 -57.61
N ASN I 689 72.82 8.53 -56.87
CA ASN I 689 71.42 8.87 -57.11
C ASN I 689 71.23 9.49 -58.49
N PHE I 690 72.14 10.39 -58.87
CA PHE I 690 72.09 11.05 -60.18
C PHE I 690 72.99 10.30 -61.15
N GLU I 691 72.53 9.12 -61.56
CA GLU I 691 73.31 8.25 -62.44
C GLU I 691 72.74 8.23 -63.86
N ALA I 692 71.43 8.01 -64.00
CA ALA I 692 70.84 7.94 -65.33
C ALA I 692 70.91 9.29 -66.05
N ILE I 693 70.83 10.39 -65.30
CA ILE I 693 71.02 11.71 -65.89
C ILE I 693 72.48 11.90 -66.33
N ASP I 694 73.41 11.27 -65.61
CA ASP I 694 74.81 11.32 -65.99
C ASP I 694 75.07 10.71 -67.35
N SER I 695 74.24 9.76 -67.78
CA SER I 695 74.35 9.28 -69.14
C SER I 695 74.06 10.40 -70.14
N LEU I 696 73.03 11.20 -69.86
CA LEU I 696 72.63 12.22 -70.81
C LEU I 696 73.60 13.39 -70.88
N ILE I 697 74.21 13.79 -69.75
CA ILE I 697 75.05 15.00 -69.83
C ILE I 697 76.10 14.88 -70.94
N GLU I 698 76.73 13.72 -71.09
CA GLU I 698 77.76 13.52 -72.09
C GLU I 698 77.30 12.66 -73.25
N ASN I 699 76.09 12.09 -73.20
CA ASN I 699 75.54 11.45 -74.37
C ASN I 699 75.25 12.48 -75.46
N LEU I 700 74.70 13.63 -75.08
CA LEU I 700 74.54 14.73 -76.03
C LEU I 700 75.87 15.34 -76.42
N ARG I 701 76.79 15.45 -75.47
CA ARG I 701 78.09 16.07 -75.71
C ARG I 701 79.19 15.02 -75.86
N UNK J 1 -53.01 -41.64 53.43
CA UNK J 1 -51.96 -41.10 52.58
C UNK J 1 -52.47 -39.95 51.72
N UNK J 2 -52.24 -40.05 50.42
CA UNK J 2 -52.67 -39.03 49.47
C UNK J 2 -53.52 -39.68 48.37
N UNK J 3 -54.02 -38.88 47.42
CA UNK J 3 -54.78 -39.49 46.30
C UNK J 3 -54.78 -38.59 45.07
N UNK J 4 -55.54 -38.95 44.05
CA UNK J 4 -55.61 -38.17 42.80
C UNK J 4 -57.03 -37.62 42.59
N ARG K 178 -13.20 -47.16 -20.86
CA ARG K 178 -13.98 -45.95 -20.65
C ARG K 178 -13.52 -45.22 -19.39
N GLU K 179 -14.25 -45.43 -18.29
CA GLU K 179 -13.89 -44.82 -17.01
C GLU K 179 -13.37 -45.84 -16.01
N GLU K 180 -13.28 -47.12 -16.38
CA GLU K 180 -12.77 -48.17 -15.50
C GLU K 180 -12.01 -49.18 -16.34
N LEU K 181 -10.82 -49.55 -15.88
CA LEU K 181 -9.91 -50.40 -16.63
C LEU K 181 -9.65 -51.70 -15.88
N THR K 182 -8.91 -52.59 -16.52
CA THR K 182 -8.50 -53.84 -15.91
C THR K 182 -6.97 -53.92 -15.90
N LEU K 183 -6.46 -55.04 -15.36
CA LEU K 183 -5.02 -55.22 -15.25
C LEU K 183 -4.47 -55.37 -16.66
N GLU K 184 -5.18 -56.11 -17.53
CA GLU K 184 -4.67 -56.30 -18.89
C GLU K 184 -4.59 -54.98 -19.68
N SER K 185 -5.69 -54.22 -19.65
CA SER K 185 -5.71 -52.90 -20.26
C SER K 185 -4.89 -51.79 -19.62
N LEU K 186 -4.31 -52.03 -18.45
CA LEU K 186 -3.49 -51.04 -17.78
C LEU K 186 -2.18 -50.80 -18.51
N SER K 187 -1.66 -51.81 -19.22
CA SER K 187 -0.38 -51.67 -19.89
C SER K 187 -0.43 -50.63 -21.00
N ASN K 188 -1.51 -50.60 -21.78
CA ASN K 188 -1.63 -49.66 -22.87
C ASN K 188 -1.80 -48.24 -22.31
N VAL K 189 -0.82 -47.39 -22.58
CA VAL K 189 -0.79 -46.04 -22.03
C VAL K 189 -1.25 -45.06 -23.10
N LYS K 190 -2.30 -44.30 -22.78
CA LYS K 190 -2.81 -43.27 -23.69
C LYS K 190 -2.12 -41.93 -23.49
N ALA K 191 -1.23 -41.80 -22.51
CA ALA K 191 -0.54 -40.56 -22.23
C ALA K 191 0.90 -40.61 -22.73
N ASN K 192 1.52 -39.42 -22.80
CA ASN K 192 2.89 -39.34 -23.29
C ASN K 192 3.87 -40.02 -22.36
N SER K 193 3.70 -39.85 -21.04
CA SER K 193 4.59 -40.43 -20.06
C SER K 193 3.77 -41.09 -18.96
N TYR K 194 4.46 -41.91 -18.15
CA TYR K 194 3.78 -42.69 -17.13
C TYR K 194 3.18 -41.81 -16.04
N SER K 195 3.74 -40.61 -15.83
CA SER K 195 3.21 -39.72 -14.80
C SER K 195 1.78 -39.29 -15.12
N GLU K 196 1.54 -38.83 -16.35
CA GLU K 196 0.18 -38.47 -16.75
C GLU K 196 -0.75 -39.68 -16.75
N TRP K 197 -0.22 -40.86 -17.09
CA TRP K 197 -1.04 -42.05 -17.06
C TRP K 197 -1.52 -42.35 -15.65
N ILE K 198 -0.61 -42.33 -14.68
CA ILE K 198 -0.97 -42.68 -13.31
C ILE K 198 -1.85 -41.60 -12.69
N THR K 199 -1.53 -40.32 -12.95
CA THR K 199 -2.35 -39.24 -12.42
C THR K 199 -3.77 -39.25 -12.96
N GLN K 200 -4.00 -39.88 -14.10
CA GLN K 200 -5.31 -39.88 -14.71
C GLN K 200 -6.30 -40.65 -13.81
N PRO K 201 -7.43 -40.04 -13.46
CA PRO K 201 -8.35 -40.71 -12.51
C PRO K 201 -8.83 -42.07 -12.98
N ASN K 202 -9.09 -42.22 -14.29
CA ASN K 202 -9.51 -43.52 -14.82
C ASN K 202 -8.46 -44.59 -14.52
N VAL K 203 -7.19 -44.21 -14.53
CA VAL K 203 -6.12 -45.13 -14.16
C VAL K 203 -5.87 -45.15 -12.66
N SER K 204 -6.10 -44.02 -11.98
CA SER K 204 -5.83 -43.97 -10.54
C SER K 204 -6.76 -44.91 -9.77
N ARG K 205 -8.05 -44.89 -10.08
CA ARG K 205 -8.97 -45.79 -9.38
C ARG K 205 -8.70 -47.25 -9.71
N THR K 206 -8.35 -47.54 -10.97
CA THR K 206 -7.98 -48.90 -11.33
C THR K 206 -6.78 -49.38 -10.53
N ILE K 207 -5.74 -48.53 -10.44
CA ILE K 207 -4.54 -48.89 -9.69
C ILE K 207 -4.87 -49.07 -8.20
N ALA K 208 -5.71 -48.20 -7.65
CA ALA K 208 -6.07 -48.30 -6.24
C ALA K 208 -6.82 -49.59 -5.94
N ARG K 209 -7.83 -49.90 -6.73
CA ARG K 209 -8.56 -51.15 -6.57
C ARG K 209 -7.65 -52.35 -6.69
N GLU K 210 -6.74 -52.33 -7.66
CA GLU K 210 -5.95 -53.51 -7.98
C GLU K 210 -4.87 -53.73 -6.91
N LEU K 211 -4.33 -52.65 -6.35
CA LEU K 211 -3.41 -52.78 -5.20
C LEU K 211 -4.17 -53.25 -3.96
N LYS K 212 -5.42 -52.79 -3.80
CA LYS K 212 -6.25 -53.31 -2.72
C LYS K 212 -6.42 -54.82 -2.85
N SER K 213 -6.65 -55.30 -4.08
CA SER K 213 -6.71 -56.74 -4.30
C SER K 213 -5.37 -57.42 -4.02
N PHE K 214 -4.26 -56.80 -4.43
CA PHE K 214 -2.95 -57.42 -4.26
C PHE K 214 -2.60 -57.60 -2.79
N LEU K 215 -2.92 -56.61 -1.95
CA LEU K 215 -2.65 -56.77 -0.52
C LEU K 215 -3.47 -57.90 0.08
N LEU K 216 -4.68 -58.12 -0.42
CA LEU K 216 -5.57 -59.10 0.19
C LEU K 216 -5.24 -60.52 -0.26
N GLU K 217 -5.06 -60.74 -1.55
CA GLU K 217 -4.99 -62.12 -2.05
C GLU K 217 -3.63 -62.77 -1.90
N TYR K 218 -2.53 -62.03 -2.07
CA TYR K 218 -1.22 -62.67 -2.14
C TYR K 218 -0.94 -63.48 -0.89
N THR K 219 -0.54 -64.74 -1.08
CA THR K 219 -0.18 -65.62 0.03
C THR K 219 1.11 -66.36 -0.30
N ASP K 220 1.79 -66.84 0.74
CA ASP K 220 3.07 -67.49 0.57
C ASP K 220 2.85 -68.92 0.05
N GLU K 221 3.95 -69.56 -0.37
CA GLU K 221 3.84 -70.93 -0.90
C GLU K 221 3.33 -71.89 0.17
N THR K 222 3.65 -71.64 1.44
CA THR K 222 3.17 -72.51 2.51
C THR K 222 1.70 -72.28 2.82
N GLY K 223 1.18 -71.11 2.48
CA GLY K 223 -0.22 -70.81 2.75
C GLY K 223 -0.41 -69.54 3.56
N ARG K 224 0.66 -69.04 4.17
CA ARG K 224 0.58 -67.83 4.97
C ARG K 224 0.36 -66.62 4.08
N SER K 225 -0.64 -65.81 4.42
CA SER K 225 -0.85 -64.52 3.77
C SER K 225 0.11 -63.54 4.42
N VAL K 226 1.24 -63.28 3.74
CA VAL K 226 2.30 -62.48 4.35
C VAL K 226 1.82 -61.08 4.67
N TYR K 227 1.05 -60.48 3.76
CA TYR K 227 0.47 -59.17 4.06
C TYR K 227 -0.60 -59.26 5.14
N GLY K 228 -1.27 -60.40 5.27
CA GLY K 228 -2.16 -60.57 6.40
C GLY K 228 -1.41 -60.46 7.72
N ALA K 229 -0.33 -61.23 7.86
CA ALA K 229 0.46 -61.18 9.09
C ALA K 229 1.10 -59.81 9.30
N ARG K 230 1.49 -59.15 8.21
CA ARG K 230 2.09 -57.81 8.33
C ARG K 230 1.07 -56.80 8.82
N ILE K 231 -0.17 -56.87 8.32
CA ILE K 231 -1.22 -56.00 8.87
C ILE K 231 -1.53 -56.23 10.33
N ARG K 232 -1.56 -57.50 10.77
CA ARG K 232 -1.81 -57.80 12.18
C ARG K 232 -0.68 -57.29 13.09
N THR K 233 0.55 -57.45 12.61
CA THR K 233 1.72 -56.96 13.34
C THR K 233 1.64 -55.44 13.41
N LEU K 234 1.29 -54.80 12.29
CA LEU K 234 1.18 -53.35 12.27
C LEU K 234 0.09 -52.87 13.23
N GLY K 235 -1.05 -53.56 13.24
CA GLY K 235 -2.10 -53.21 14.18
C GLY K 235 -1.71 -53.47 15.62
N GLU K 236 -1.04 -54.58 15.88
CA GLU K 236 -0.68 -54.95 17.23
C GLU K 236 0.49 -54.13 17.78
N MET K 237 1.25 -53.44 16.93
CA MET K 237 2.36 -52.62 17.38
C MET K 237 2.12 -51.12 17.19
N ASN K 238 0.95 -50.73 16.70
CA ASN K 238 0.59 -49.33 16.47
C ASN K 238 1.56 -48.63 15.53
N SER K 239 2.28 -49.39 14.69
CA SER K 239 3.21 -48.80 13.76
C SER K 239 2.49 -48.26 12.54
N GLU K 240 3.14 -47.31 11.85
CA GLU K 240 2.60 -46.73 10.63
C GLU K 240 3.42 -47.11 9.41
N SER K 241 4.21 -48.18 9.49
CA SER K 241 5.03 -48.63 8.38
C SER K 241 4.60 -50.03 7.96
N LEU K 242 4.28 -50.19 6.69
CA LEU K 242 3.95 -51.49 6.11
C LEU K 242 5.13 -51.95 5.26
N GLU K 243 5.67 -53.13 5.58
CA GLU K 243 6.89 -53.63 4.96
C GLU K 243 6.54 -54.45 3.71
N VAL K 244 6.20 -53.73 2.64
CA VAL K 244 5.74 -54.35 1.40
C VAL K 244 6.93 -54.77 0.56
N ASN K 245 6.93 -56.03 0.10
CA ASN K 245 8.03 -56.60 -0.65
C ASN K 245 7.85 -56.35 -2.15
N TYR K 246 8.95 -56.52 -2.91
CA TYR K 246 8.90 -56.28 -4.35
C TYR K 246 8.87 -57.54 -5.22
N ARG K 247 9.41 -58.67 -4.74
CA ARG K 247 9.04 -59.98 -5.28
C ARG K 247 7.54 -60.18 -5.41
N HIS K 248 6.80 -59.94 -4.33
CA HIS K 248 5.39 -60.34 -4.33
C HIS K 248 4.63 -59.48 -5.34
N LEU K 249 4.91 -58.17 -5.35
CA LEU K 249 4.28 -57.30 -6.33
C LEU K 249 4.71 -57.65 -7.75
N ALA K 250 6.00 -57.89 -7.96
CA ALA K 250 6.50 -58.17 -9.31
C ALA K 250 5.96 -59.50 -9.84
N GLU K 251 5.97 -60.54 -9.02
CA GLU K 251 5.47 -61.85 -9.43
C GLU K 251 3.96 -61.80 -9.65
N SER K 252 3.24 -61.15 -8.74
CA SER K 252 1.78 -61.16 -8.83
C SER K 252 1.31 -60.19 -9.90
N LYS K 253 1.73 -58.92 -9.82
CA LYS K 253 1.32 -57.88 -10.76
C LYS K 253 2.56 -57.19 -11.32
N ALA K 254 3.09 -57.71 -12.42
CA ALA K 254 4.33 -57.18 -12.98
C ALA K 254 4.18 -55.75 -13.47
N ILE K 255 3.03 -55.42 -14.09
CA ILE K 255 2.85 -54.09 -14.63
C ILE K 255 2.83 -53.04 -13.53
N LEU K 256 2.24 -53.37 -12.38
CA LEU K 256 2.21 -52.42 -11.27
C LEU K 256 3.58 -52.26 -10.63
N ALA K 257 4.36 -53.33 -10.54
CA ALA K 257 5.74 -53.19 -10.06
C ALA K 257 6.56 -52.33 -11.01
N LEU K 258 6.36 -52.51 -12.32
CA LEU K 258 7.04 -51.66 -13.29
C LEU K 258 6.62 -50.21 -13.15
N PHE K 259 5.33 -49.97 -12.92
CA PHE K 259 4.85 -48.60 -12.70
C PHE K 259 5.47 -47.99 -11.45
N LEU K 260 5.57 -48.79 -10.37
CA LEU K 260 6.18 -48.30 -9.14
C LEU K 260 7.65 -47.96 -9.36
N ALA K 261 8.37 -48.81 -10.07
CA ALA K 261 9.76 -48.52 -10.40
C ALA K 261 9.90 -47.35 -11.36
N LYS K 262 8.86 -47.07 -12.13
CA LYS K 262 8.83 -45.96 -13.09
C LYS K 262 8.56 -44.61 -12.42
N CYS K 263 7.42 -44.47 -11.75
CA CYS K 263 7.01 -43.22 -11.14
C CYS K 263 6.61 -43.47 -9.69
N PRO K 264 7.60 -43.57 -8.80
CA PRO K 264 7.32 -43.91 -7.40
C PRO K 264 6.77 -42.77 -6.56
N GLU K 265 6.43 -41.63 -7.16
CA GLU K 265 5.82 -40.52 -6.43
C GLU K 265 4.30 -40.56 -6.48
N GLU K 266 3.73 -40.71 -7.68
CA GLU K 266 2.29 -40.93 -7.78
C GLU K 266 1.90 -42.25 -7.16
N MET K 267 2.65 -43.31 -7.45
CA MET K 267 2.56 -44.51 -6.65
C MET K 267 3.21 -44.25 -5.29
N LEU K 268 2.91 -45.13 -4.32
CA LEU K 268 3.25 -44.92 -2.92
C LEU K 268 2.48 -43.74 -2.36
N LYS K 269 1.62 -43.13 -3.17
CA LYS K 269 0.60 -42.21 -2.70
C LYS K 269 -0.79 -42.80 -2.83
N ILE K 270 -1.07 -43.48 -3.95
CA ILE K 270 -2.24 -44.33 -4.05
C ILE K 270 -2.16 -45.56 -3.14
N PHE K 271 -0.99 -46.19 -3.06
CA PHE K 271 -0.87 -47.45 -2.33
C PHE K 271 -0.79 -47.20 -0.83
N ASP K 272 -0.34 -46.02 -0.41
CA ASP K 272 -0.36 -45.70 1.02
C ASP K 272 -1.82 -45.64 1.45
N LEU K 273 -2.67 -45.03 0.63
CA LEU K 273 -4.11 -45.05 0.87
C LEU K 273 -4.66 -46.47 0.82
N VAL K 274 -4.17 -47.27 -0.12
CA VAL K 274 -4.62 -48.66 -0.24
C VAL K 274 -4.27 -49.44 1.03
N ALA K 275 -3.05 -49.24 1.53
CA ALA K 275 -2.62 -49.91 2.76
C ALA K 275 -3.41 -49.42 3.95
N MET K 276 -3.74 -48.12 3.98
CA MET K 276 -4.60 -47.60 5.03
C MET K 276 -5.96 -48.27 5.02
N GLU K 277 -6.55 -48.44 3.83
CA GLU K 277 -7.84 -49.12 3.73
C GLU K 277 -7.73 -50.57 4.18
N ALA K 278 -6.67 -51.25 3.75
CA ALA K 278 -6.48 -52.65 4.09
C ALA K 278 -6.28 -52.85 5.59
N THR K 279 -5.55 -51.95 6.24
CA THR K 279 -5.36 -52.04 7.68
C THR K 279 -6.55 -51.54 8.47
N GLU K 280 -7.40 -50.69 7.88
CA GLU K 280 -8.64 -50.31 8.53
C GLU K 280 -9.68 -51.41 8.47
N LEU K 281 -9.68 -52.23 7.42
CA LEU K 281 -10.61 -53.36 7.36
C LEU K 281 -10.36 -54.33 8.50
N HIS K 282 -9.10 -54.70 8.73
CA HIS K 282 -8.78 -55.60 9.83
C HIS K 282 -8.82 -54.87 11.17
N TYR K 283 -8.32 -53.63 11.22
CA TYR K 283 -8.23 -52.85 12.45
C TYR K 283 -9.09 -51.60 12.27
N PRO K 284 -10.40 -51.71 12.53
CA PRO K 284 -11.27 -50.55 12.37
C PRO K 284 -10.94 -49.46 13.39
N ASP K 285 -11.28 -48.22 13.01
CA ASP K 285 -11.03 -47.04 13.84
C ASP K 285 -9.54 -46.89 14.12
N TYR K 286 -8.72 -47.07 13.09
CA TYR K 286 -7.28 -46.92 13.19
C TYR K 286 -6.80 -45.53 12.78
N ALA K 287 -7.60 -44.77 12.05
CA ALA K 287 -7.20 -43.43 11.65
C ALA K 287 -7.04 -42.49 12.84
N ARG K 288 -7.73 -42.77 13.96
CA ARG K 288 -7.57 -41.94 15.14
C ARG K 288 -6.18 -42.09 15.75
N ILE K 289 -5.55 -43.25 15.56
CA ILE K 289 -4.21 -43.47 16.09
C ILE K 289 -3.16 -42.84 15.18
N HIS K 290 -3.12 -43.29 13.92
CA HIS K 290 -2.17 -42.77 12.94
C HIS K 290 -2.95 -42.25 11.74
N SER K 291 -2.54 -41.07 11.24
CA SER K 291 -3.24 -40.44 10.14
C SER K 291 -3.17 -41.29 8.87
N GLU K 292 -1.99 -41.83 8.58
CA GLU K 292 -1.80 -42.63 7.37
C GLU K 292 -0.73 -43.69 7.62
N ILE K 293 -0.76 -44.73 6.79
CA ILE K 293 0.22 -45.81 6.84
C ILE K 293 1.27 -45.54 5.77
N HIS K 294 2.54 -45.66 6.14
CA HIS K 294 3.65 -45.49 5.21
C HIS K 294 4.09 -46.87 4.71
N VAL K 295 4.36 -46.97 3.42
CA VAL K 295 4.72 -48.24 2.80
C VAL K 295 6.22 -48.26 2.55
N ARG K 296 6.88 -49.33 2.98
CA ARG K 296 8.34 -49.48 2.85
C ARG K 296 8.61 -50.57 1.82
N ILE K 297 8.92 -50.16 0.59
CA ILE K 297 9.26 -51.12 -0.45
C ILE K 297 10.63 -51.71 -0.17
N SER K 298 10.71 -53.04 -0.17
CA SER K 298 11.94 -53.75 0.15
C SER K 298 12.26 -54.76 -0.94
N ASP K 299 13.52 -55.17 -0.99
CA ASP K 299 14.02 -56.14 -1.97
C ASP K 299 13.83 -55.64 -3.40
N PHE K 300 14.18 -54.39 -3.63
CA PHE K 300 14.23 -53.86 -4.97
C PHE K 300 15.37 -54.54 -5.74
N PRO K 301 15.14 -54.97 -6.98
CA PRO K 301 16.18 -55.74 -7.68
C PRO K 301 17.35 -54.90 -8.14
N THR K 302 17.10 -53.71 -8.69
CA THR K 302 18.15 -52.89 -9.26
C THR K 302 18.88 -52.14 -8.14
N ILE K 303 20.11 -52.56 -7.86
CA ILE K 303 20.94 -51.94 -6.84
C ILE K 303 21.97 -51.06 -7.56
N TYR K 304 21.87 -49.75 -7.36
CA TYR K 304 22.79 -48.80 -7.97
C TYR K 304 23.93 -48.45 -7.03
N SER K 305 24.92 -47.75 -7.58
CA SER K 305 25.99 -47.14 -6.81
C SER K 305 25.90 -45.64 -6.97
N LEU K 306 26.33 -44.91 -5.94
CA LEU K 306 26.19 -43.46 -5.94
C LEU K 306 26.96 -42.80 -7.07
N ARG K 307 28.00 -43.45 -7.60
CA ARG K 307 28.68 -42.94 -8.77
C ARG K 307 27.98 -43.30 -10.06
N GLU K 308 27.04 -44.24 -10.03
CA GLU K 308 26.33 -44.68 -11.21
C GLU K 308 25.01 -43.94 -11.43
N LEU K 309 24.63 -43.05 -10.52
CA LEU K 309 23.36 -42.34 -10.63
C LEU K 309 23.51 -41.22 -11.67
N ARG K 310 22.59 -41.20 -12.63
CA ARG K 310 22.59 -40.20 -13.70
C ARG K 310 21.23 -39.51 -13.75
N GLU K 311 21.06 -38.66 -14.76
CA GLU K 311 19.79 -37.96 -14.94
C GLU K 311 18.67 -38.90 -15.35
N SER K 312 19.00 -40.06 -15.93
CA SER K 312 17.98 -41.03 -16.30
C SER K 312 17.29 -41.64 -15.10
N ASN K 313 17.92 -41.60 -13.92
CA ASN K 313 17.33 -42.12 -12.71
C ASN K 313 16.52 -41.07 -11.94
N LEU K 314 16.39 -39.87 -12.49
CA LEU K 314 15.65 -38.81 -11.81
C LEU K 314 14.16 -39.15 -11.75
N SER K 315 13.54 -38.79 -10.62
CA SER K 315 12.11 -38.98 -10.38
C SER K 315 11.74 -40.46 -10.38
N SER K 316 12.73 -41.35 -10.35
CA SER K 316 12.50 -42.78 -10.32
C SER K 316 12.90 -43.33 -8.96
N LEU K 317 12.72 -44.64 -8.80
CA LEU K 317 13.02 -45.34 -7.56
C LEU K 317 14.35 -46.07 -7.73
N VAL K 318 15.33 -45.71 -6.91
CA VAL K 318 16.64 -46.33 -6.93
C VAL K 318 16.88 -47.03 -5.59
N ARG K 319 17.91 -47.88 -5.57
CA ARG K 319 18.31 -48.60 -4.36
C ARG K 319 19.84 -48.54 -4.30
N VAL K 320 20.36 -47.59 -3.54
CA VAL K 320 21.80 -47.39 -3.42
C VAL K 320 22.26 -48.01 -2.11
N THR K 321 23.58 -48.13 -1.95
CA THR K 321 24.18 -48.62 -0.72
C THR K 321 25.37 -47.74 -0.35
N GLY K 322 25.59 -47.56 0.93
CA GLY K 322 26.71 -46.73 1.37
C GLY K 322 26.74 -46.59 2.87
N VAL K 323 27.81 -45.96 3.34
CA VAL K 323 28.03 -45.72 4.76
C VAL K 323 27.47 -44.35 5.12
N VAL K 324 26.75 -44.27 6.24
CA VAL K 324 26.29 -42.99 6.75
C VAL K 324 27.46 -42.24 7.37
N THR K 325 27.61 -40.97 6.99
CA THR K 325 28.77 -40.15 7.43
C THR K 325 28.34 -38.96 8.30
N ARG K 326 27.09 -38.52 8.23
CA ARG K 326 26.58 -37.37 9.01
C ARG K 326 25.07 -37.50 9.16
N ARG K 327 24.48 -36.96 10.23
CA ARG K 327 23.00 -36.90 10.43
C ARG K 327 22.72 -35.50 10.99
N THR K 328 21.71 -34.78 10.53
CA THR K 328 21.33 -33.43 10.95
C THR K 328 20.04 -33.54 11.76
N GLY K 329 20.19 -33.83 13.05
CA GLY K 329 19.17 -33.85 14.07
C GLY K 329 17.87 -34.48 13.62
N VAL K 330 16.77 -33.98 14.18
CA VAL K 330 15.41 -34.31 13.75
C VAL K 330 14.60 -33.02 13.81
N PHE K 331 14.01 -32.63 12.68
CA PHE K 331 13.27 -31.38 12.64
C PHE K 331 11.82 -31.61 12.23
N PRO K 332 10.87 -30.90 12.84
CA PRO K 332 9.49 -30.98 12.37
C PRO K 332 9.31 -30.34 11.00
N GLN K 333 8.38 -30.90 10.23
CA GLN K 333 8.06 -30.41 8.90
C GLN K 333 6.54 -30.38 8.75
N LEU K 334 6.02 -29.33 8.13
CA LEU K 334 4.58 -29.15 8.01
C LEU K 334 3.96 -30.31 7.24
N LYS K 335 2.92 -30.92 7.82
CA LYS K 335 2.18 -31.99 7.15
C LYS K 335 0.73 -31.64 6.93
N TYR K 336 0.01 -31.25 7.98
CA TYR K 336 -1.38 -30.79 7.88
C TYR K 336 -1.39 -29.35 8.40
N VAL K 337 -1.34 -28.40 7.48
CA VAL K 337 -1.15 -27.00 7.82
C VAL K 337 -2.53 -26.37 8.06
N LYS K 338 -2.70 -25.72 9.19
CA LYS K 338 -3.93 -24.93 9.44
C LYS K 338 -3.45 -23.49 9.49
N PHE K 339 -3.97 -22.61 8.64
CA PHE K 339 -3.48 -21.21 8.55
C PHE K 339 -4.44 -20.27 9.27
N ASN K 340 -3.90 -19.45 10.15
CA ASN K 340 -4.70 -18.43 10.87
C ASN K 340 -4.87 -17.16 10.04
N CYS K 341 -6.10 -16.69 9.85
CA CYS K 341 -6.43 -15.43 9.20
C CYS K 341 -6.26 -14.30 10.19
N LEU K 342 -5.46 -13.31 9.83
CA LEU K 342 -5.20 -12.16 10.70
C LEU K 342 -6.27 -11.09 10.62
N LYS K 343 -7.29 -11.29 9.77
CA LYS K 343 -8.41 -10.37 9.69
C LYS K 343 -9.58 -10.82 10.56
N CYS K 344 -9.93 -12.10 10.51
CA CYS K 344 -10.98 -12.63 11.38
C CYS K 344 -10.41 -13.14 12.70
N GLY K 345 -9.34 -13.93 12.61
CA GLY K 345 -8.91 -14.78 13.70
C GLY K 345 -9.32 -16.21 13.43
N SER K 346 -9.77 -16.45 12.19
CA SER K 346 -10.22 -17.80 11.72
C SER K 346 -9.13 -18.84 11.42
N ILE K 347 -9.29 -20.09 11.89
CA ILE K 347 -8.30 -21.15 11.60
C ILE K 347 -8.78 -22.01 10.43
N LEU K 348 -8.27 -21.76 9.22
CA LEU K 348 -8.63 -22.48 8.00
C LEU K 348 -8.22 -23.95 8.13
N GLY K 349 -9.01 -24.84 7.54
CA GLY K 349 -8.89 -26.26 7.74
C GLY K 349 -7.56 -26.84 7.30
N PRO K 350 -7.34 -28.12 7.62
CA PRO K 350 -6.05 -28.75 7.29
C PRO K 350 -5.82 -28.82 5.79
N PHE K 351 -4.63 -28.41 5.37
CA PHE K 351 -4.21 -28.47 3.97
C PHE K 351 -2.93 -29.28 3.91
N PHE K 352 -2.97 -30.38 3.17
CA PHE K 352 -1.85 -31.32 3.15
C PHE K 352 -0.63 -30.70 2.47
N GLN K 353 0.47 -30.60 3.22
CA GLN K 353 1.73 -30.14 2.69
C GLN K 353 2.69 -31.33 2.57
N ASP K 354 3.46 -31.35 1.49
CA ASP K 354 4.34 -32.47 1.19
C ASP K 354 5.77 -31.96 1.02
N SER K 355 6.66 -32.86 0.58
CA SER K 355 8.08 -32.56 0.50
C SER K 355 8.46 -31.75 -0.73
N ASN K 356 7.50 -31.39 -1.59
CA ASN K 356 7.82 -30.64 -2.79
C ASN K 356 8.13 -29.18 -2.47
N GLU K 357 7.14 -28.46 -1.94
CA GLU K 357 7.32 -27.05 -1.61
C GLU K 357 6.25 -26.64 -0.61
N GLU K 358 6.52 -25.54 0.10
CA GLU K 358 5.57 -25.01 1.06
C GLU K 358 4.30 -24.52 0.35
N ILE K 359 3.18 -24.64 1.05
CA ILE K 359 1.89 -24.24 0.52
C ILE K 359 1.51 -22.87 1.09
N ARG K 360 0.58 -22.22 0.40
CA ARG K 360 0.11 -20.90 0.82
C ARG K 360 -1.38 -20.80 0.52
N ILE K 361 -2.08 -20.00 1.31
CA ILE K 361 -3.53 -19.84 1.20
C ILE K 361 -3.83 -18.35 1.04
N SER K 362 -4.65 -18.02 0.06
CA SER K 362 -5.05 -16.65 -0.19
C SER K 362 -6.55 -16.40 -0.07
N PHE K 363 -7.35 -17.45 0.16
CA PHE K 363 -8.80 -17.33 0.21
C PHE K 363 -9.27 -17.62 1.63
N CYS K 364 -10.04 -16.69 2.20
CA CYS K 364 -10.69 -16.91 3.48
C CYS K 364 -12.11 -17.43 3.24
N THR K 365 -12.80 -17.79 4.31
CA THR K 365 -14.20 -18.18 4.13
C THR K 365 -15.06 -17.16 4.87
N ASN K 366 -14.79 -16.95 6.15
CA ASN K 366 -15.67 -16.06 6.95
C ASN K 366 -15.63 -14.62 6.44
N CYS K 367 -14.46 -14.10 6.08
CA CYS K 367 -14.36 -12.69 5.63
C CYS K 367 -13.72 -12.62 4.25
N LYS K 368 -13.32 -13.74 3.69
CA LYS K 368 -12.80 -13.78 2.30
C LYS K 368 -11.64 -12.79 2.13
N SER K 369 -10.84 -12.57 3.16
CA SER K 369 -9.63 -11.72 3.03
C SER K 369 -8.57 -12.45 2.22
N LYS K 370 -7.67 -11.69 1.58
CA LYS K 370 -6.54 -12.33 0.86
C LYS K 370 -5.27 -11.78 1.51
N GLY K 371 -5.39 -11.08 2.64
CA GLY K 371 -4.24 -10.39 3.25
C GLY K 371 -3.24 -11.31 3.95
N PRO K 372 -2.50 -10.89 5.01
CA PRO K 372 -1.51 -11.80 5.60
C PRO K 372 -2.18 -13.01 6.25
N PHE K 373 -1.76 -14.20 5.84
CA PHE K 373 -2.25 -15.46 6.40
C PHE K 373 -1.06 -16.18 7.02
N ARG K 374 -1.13 -16.47 8.32
CA ARG K 374 0.04 -17.08 9.02
C ARG K 374 -0.21 -18.55 9.37
N VAL K 375 0.79 -19.41 9.17
CA VAL K 375 0.63 -20.82 9.60
C VAL K 375 0.39 -20.79 11.10
N ASN K 376 -0.56 -21.56 11.62
CA ASN K 376 -0.75 -21.65 13.09
C ASN K 376 0.06 -22.84 13.56
N GLY K 377 1.18 -22.59 14.24
CA GLY K 377 2.05 -23.67 14.72
C GLY K 377 1.36 -24.55 15.72
N GLU K 378 0.52 -23.96 16.56
CA GLU K 378 -0.14 -24.76 17.63
C GLU K 378 -1.07 -25.78 16.99
N LYS K 379 -1.84 -25.40 15.97
CA LYS K 379 -2.84 -26.32 15.39
C LYS K 379 -2.31 -27.04 14.14
N THR K 380 -1.12 -26.67 13.64
CA THR K 380 -0.53 -27.43 12.52
C THR K 380 0.03 -28.76 13.00
N VAL K 381 0.02 -29.79 12.17
CA VAL K 381 0.56 -31.13 12.39
C VAL K 381 1.91 -31.22 11.69
N TYR K 382 2.85 -31.91 12.33
CA TYR K 382 4.21 -31.99 11.85
C TYR K 382 4.65 -33.45 11.70
N ARG K 383 5.66 -33.65 10.86
CA ARG K 383 6.28 -34.94 10.64
C ARG K 383 7.78 -34.82 10.84
N ASN K 384 8.41 -35.91 11.24
CA ASN K 384 9.85 -35.89 11.45
C ASN K 384 10.58 -35.79 10.12
N TYR K 385 11.70 -35.07 10.15
CA TYR K 385 12.53 -34.87 8.96
C TYR K 385 14.00 -34.94 9.36
N GLN K 386 14.78 -35.64 8.56
CA GLN K 386 16.20 -35.78 8.85
C GLN K 386 16.98 -35.89 7.55
N ARG K 387 18.18 -35.31 7.53
CA ARG K 387 19.09 -35.43 6.41
C ARG K 387 20.27 -36.31 6.82
N VAL K 388 20.57 -37.31 6.00
CA VAL K 388 21.66 -38.24 6.25
C VAL K 388 22.59 -38.20 5.05
N THR K 389 23.86 -37.95 5.28
CA THR K 389 24.85 -37.99 4.20
C THR K 389 25.28 -39.42 3.97
N LEU K 390 24.99 -39.95 2.79
CA LEU K 390 25.35 -41.31 2.42
C LEU K 390 26.54 -41.26 1.48
N GLN K 391 27.67 -41.81 1.92
CA GLN K 391 28.91 -41.78 1.16
C GLN K 391 29.29 -43.20 0.77
N GLU K 392 29.80 -43.36 -0.45
CA GLU K 392 30.16 -44.68 -0.95
C GLU K 392 31.13 -45.38 -0.01
N ALA K 393 30.90 -46.67 0.21
CA ALA K 393 31.80 -47.45 1.03
C ALA K 393 33.21 -47.41 0.42
N PRO K 394 34.24 -47.04 1.19
CA PRO K 394 35.57 -46.87 0.60
C PRO K 394 36.12 -48.11 -0.06
N GLY K 395 35.72 -49.30 0.39
CA GLY K 395 36.21 -50.52 -0.24
C GLY K 395 35.72 -50.69 -1.66
N THR K 396 34.47 -50.30 -1.93
CA THR K 396 33.87 -50.52 -3.24
C THR K 396 34.26 -49.47 -4.27
N VAL K 397 34.94 -48.40 -3.87
CA VAL K 397 35.30 -47.34 -4.82
C VAL K 397 36.42 -47.84 -5.73
N PRO K 398 36.34 -47.61 -7.03
CA PRO K 398 37.43 -48.02 -7.93
C PRO K 398 38.71 -47.26 -7.61
N PRO K 399 39.87 -47.84 -7.90
CA PRO K 399 41.14 -47.17 -7.58
C PRO K 399 41.28 -45.84 -8.29
N GLY K 400 41.82 -44.86 -7.58
CA GLY K 400 42.07 -43.54 -8.12
C GLY K 400 40.87 -42.61 -8.11
N ARG K 401 39.68 -43.10 -7.76
CA ARG K 401 38.47 -42.30 -7.76
C ARG K 401 38.14 -41.97 -6.31
N LEU K 402 37.59 -40.78 -6.07
CA LEU K 402 37.25 -40.36 -4.69
C LEU K 402 35.82 -40.77 -4.37
N PRO K 403 35.51 -41.23 -3.14
CA PRO K 403 34.17 -41.67 -2.80
C PRO K 403 33.12 -40.59 -3.06
N ARG K 404 31.94 -40.97 -3.52
CA ARG K 404 30.90 -40.00 -3.87
C ARG K 404 29.81 -40.02 -2.84
N HIS K 405 29.16 -38.89 -2.59
CA HIS K 405 28.16 -38.77 -1.50
C HIS K 405 26.81 -38.30 -2.03
N ARG K 406 25.73 -38.59 -1.31
CA ARG K 406 24.43 -38.00 -1.66
C ARG K 406 23.73 -37.63 -0.37
N GLU K 407 22.65 -36.87 -0.45
CA GLU K 407 21.84 -36.49 0.70
C GLU K 407 20.54 -37.28 0.67
N VAL K 408 20.29 -38.05 1.73
CA VAL K 408 19.12 -38.88 1.85
C VAL K 408 18.18 -38.25 2.87
N ILE K 409 16.92 -38.08 2.48
CA ILE K 409 15.91 -37.43 3.31
C ILE K 409 15.03 -38.51 3.92
N LEU K 410 15.01 -38.57 5.25
CA LEU K 410 14.24 -39.53 6.01
C LEU K 410 13.04 -38.80 6.62
N LEU K 411 11.85 -39.35 6.43
CA LEU K 411 10.60 -38.62 6.67
C LEU K 411 9.69 -39.37 7.63
N ALA K 412 9.64 -38.91 8.88
CA ALA K 412 8.56 -39.15 9.83
C ALA K 412 8.49 -40.56 10.40
N ASP K 413 9.26 -41.50 9.85
CA ASP K 413 9.37 -42.81 10.47
C ASP K 413 10.77 -43.39 10.45
N LEU K 414 11.64 -42.98 9.54
CA LEU K 414 12.98 -43.52 9.43
C LEU K 414 14.00 -42.74 10.24
N VAL K 415 13.59 -41.67 10.92
CA VAL K 415 14.54 -40.80 11.61
C VAL K 415 15.24 -41.57 12.73
N ASP K 416 16.55 -41.38 12.82
CA ASP K 416 17.37 -41.92 13.92
C ASP K 416 17.35 -43.45 13.92
N VAL K 417 17.64 -44.04 12.76
CA VAL K 417 17.80 -45.49 12.66
C VAL K 417 19.14 -45.90 12.08
N SER K 418 19.92 -44.96 11.54
CA SER K 418 21.20 -45.27 10.91
C SER K 418 22.25 -44.32 11.47
N LYS K 419 23.07 -44.82 12.38
CA LYS K 419 24.14 -44.03 12.97
C LYS K 419 25.26 -43.82 11.95
N PRO K 420 26.07 -42.77 12.14
CA PRO K 420 27.23 -42.59 11.27
C PRO K 420 28.19 -43.78 11.35
N GLY K 421 28.80 -44.11 10.22
CA GLY K 421 29.65 -45.27 10.14
C GLY K 421 28.93 -46.57 9.84
N GLU K 422 27.61 -46.54 9.73
CA GLU K 422 26.83 -47.74 9.45
C GLU K 422 26.66 -47.90 7.95
N GLU K 423 26.91 -49.11 7.45
CA GLU K 423 26.71 -49.42 6.05
C GLU K 423 25.26 -49.87 5.86
N VAL K 424 24.50 -49.10 5.07
CA VAL K 424 23.07 -49.34 4.88
C VAL K 424 22.76 -49.37 3.39
N GLU K 425 21.59 -49.92 3.08
CA GLU K 425 21.04 -49.95 1.73
C GLU K 425 19.80 -49.07 1.74
N VAL K 426 19.88 -47.93 1.08
CA VAL K 426 18.78 -46.97 1.03
C VAL K 426 18.01 -47.16 -0.26
N THR K 427 16.75 -47.56 -0.12
CA THR K 427 15.81 -47.54 -1.23
C THR K 427 15.03 -46.24 -1.17
N GLY K 428 14.91 -45.55 -2.30
CA GLY K 428 14.24 -44.26 -2.26
C GLY K 428 13.96 -43.75 -3.65
N ILE K 429 13.56 -42.48 -3.70
CA ILE K 429 13.26 -41.78 -4.94
C ILE K 429 14.38 -40.79 -5.21
N TYR K 430 15.00 -40.89 -6.38
CA TYR K 430 16.08 -40.00 -6.77
C TYR K 430 15.47 -38.77 -7.44
N LYS K 431 15.57 -37.62 -6.77
CA LYS K 431 14.89 -36.43 -7.25
C LYS K 431 15.82 -35.22 -7.16
N ASN K 432 15.35 -34.11 -7.73
CA ASN K 432 16.13 -32.87 -7.78
C ASN K 432 15.73 -31.96 -6.63
N ASN K 433 16.72 -31.49 -5.88
CA ASN K 433 16.48 -30.48 -4.86
C ASN K 433 16.42 -29.11 -5.52
N TYR K 434 15.21 -28.58 -5.69
CA TYR K 434 15.00 -27.34 -6.43
C TYR K 434 15.16 -26.14 -5.51
N ASP K 435 15.94 -25.16 -5.96
CA ASP K 435 16.14 -23.93 -5.20
C ASP K 435 16.35 -22.75 -6.15
N ASN K 439 23.25 -22.66 -9.76
CA ASN K 439 22.76 -22.25 -11.07
C ASN K 439 23.61 -21.13 -11.65
N ALA K 440 24.11 -20.24 -10.80
CA ALA K 440 24.89 -19.10 -11.35
C ALA K 440 26.34 -19.20 -10.88
N LYS K 441 26.61 -19.96 -9.82
CA LYS K 441 28.01 -20.21 -9.39
C LYS K 441 28.71 -21.07 -10.46
N ASN K 442 27.98 -22.01 -11.07
CA ASN K 442 28.57 -22.93 -12.07
C ASN K 442 28.54 -22.34 -13.49
N GLY K 443 27.76 -21.28 -13.70
CA GLY K 443 27.59 -20.74 -15.06
C GLY K 443 26.60 -21.58 -15.86
N PHE K 444 26.04 -22.66 -15.27
CA PHE K 444 25.14 -23.54 -15.98
C PHE K 444 23.92 -23.82 -15.12
N PRO K 445 22.77 -24.10 -15.74
CA PRO K 445 21.59 -24.46 -14.95
C PRO K 445 21.72 -25.85 -14.34
N VAL K 446 22.47 -25.95 -13.25
CA VAL K 446 22.83 -27.22 -12.64
C VAL K 446 22.04 -27.37 -11.34
N PHE K 447 21.47 -28.56 -11.15
CA PHE K 447 20.64 -28.85 -10.00
C PHE K 447 21.32 -29.89 -9.10
N ALA K 448 21.16 -29.70 -7.79
CA ALA K 448 21.59 -30.72 -6.84
C ALA K 448 20.53 -31.82 -6.74
N THR K 449 20.96 -32.99 -6.31
CA THR K 449 20.07 -34.14 -6.21
C THR K 449 20.00 -34.65 -4.78
N ILE K 450 18.86 -35.26 -4.46
CA ILE K 450 18.62 -35.90 -3.17
C ILE K 450 17.95 -37.24 -3.42
N ILE K 451 17.98 -38.09 -2.39
CA ILE K 451 17.29 -39.37 -2.39
C ILE K 451 16.30 -39.33 -1.25
N GLU K 452 15.02 -39.18 -1.57
CA GLU K 452 13.97 -39.24 -0.55
C GLU K 452 13.74 -40.70 -0.21
N ALA K 453 14.21 -41.13 0.96
CA ALA K 453 14.23 -42.54 1.29
C ALA K 453 12.82 -43.05 1.57
N ASN K 454 12.46 -44.17 0.95
CA ASN K 454 11.26 -44.90 1.31
C ASN K 454 11.54 -45.86 2.45
N SER K 455 12.49 -46.77 2.26
CA SER K 455 12.89 -47.73 3.27
C SER K 455 14.41 -47.72 3.40
N ILE K 456 14.90 -47.71 4.63
CA ILE K 456 16.32 -47.74 4.93
C ILE K 456 16.60 -48.92 5.85
N LYS K 457 17.66 -49.66 5.56
CA LYS K 457 17.96 -50.90 6.26
C LYS K 457 19.46 -51.14 6.26
N ARG K 458 19.97 -51.72 7.33
CA ARG K 458 21.38 -52.05 7.41
C ARG K 458 21.65 -53.36 6.67
N ARG K 459 22.67 -53.35 5.81
CA ARG K 459 22.89 -54.48 4.91
C ARG K 459 23.61 -55.63 5.62
N GLU K 460 24.49 -55.33 6.57
CA GLU K 460 25.35 -56.33 7.21
C GLU K 460 26.14 -57.14 6.20
N ASP K 472 19.74 -53.51 21.38
CA ASP K 472 19.28 -54.49 20.41
C ASP K 472 20.25 -55.65 20.29
N VAL K 473 21.50 -55.34 19.94
CA VAL K 473 22.52 -56.37 19.81
C VAL K 473 22.81 -57.00 21.18
N PHE K 474 22.89 -56.19 22.22
CA PHE K 474 23.18 -56.67 23.57
C PHE K 474 21.93 -57.03 24.35
N SER K 475 20.74 -56.88 23.76
CA SER K 475 19.51 -57.23 24.45
C SER K 475 19.34 -58.76 24.49
N TRP K 476 18.60 -59.22 25.49
CA TRP K 476 18.37 -60.64 25.68
C TRP K 476 16.89 -60.90 25.90
N THR K 477 16.46 -62.11 25.56
CA THR K 477 15.10 -62.55 25.78
C THR K 477 15.03 -63.47 27.00
N GLU K 478 13.81 -63.86 27.36
CA GLU K 478 13.63 -64.76 28.50
C GLU K 478 14.29 -66.11 28.24
N GLU K 479 14.13 -66.64 27.02
CA GLU K 479 14.82 -67.88 26.67
C GLU K 479 16.33 -67.71 26.71
N GLU K 480 16.82 -66.58 26.18
CA GLU K 480 18.26 -66.31 26.23
C GLU K 480 18.74 -66.08 27.66
N GLU K 481 17.91 -65.46 28.51
CA GLU K 481 18.27 -65.30 29.91
C GLU K 481 18.36 -66.67 30.60
N ARG K 482 17.43 -67.57 30.31
CA ARG K 482 17.50 -68.92 30.85
C ARG K 482 18.75 -69.64 30.35
N GLU K 483 19.09 -69.46 29.08
CA GLU K 483 20.30 -70.06 28.54
C GLU K 483 21.54 -69.53 29.26
N PHE K 484 21.58 -68.22 29.52
CA PHE K 484 22.68 -67.64 30.29
C PHE K 484 22.77 -68.27 31.67
N ARG K 485 21.64 -68.31 32.38
CA ARG K 485 21.61 -68.84 33.74
C ARG K 485 21.97 -70.31 33.80
N LYS K 486 21.69 -71.07 32.74
CA LYS K 486 22.04 -72.49 32.73
C LYS K 486 23.51 -72.70 32.35
N ILE K 487 24.00 -71.96 31.35
CA ILE K 487 25.39 -72.12 30.95
C ILE K 487 26.33 -71.61 32.03
N SER K 488 25.85 -70.70 32.89
CA SER K 488 26.68 -70.24 33.99
C SER K 488 26.93 -71.34 35.02
N ARG K 489 25.95 -72.22 35.22
CA ARG K 489 26.07 -73.25 36.25
C ARG K 489 27.15 -74.27 35.95
N ASP K 490 27.57 -74.38 34.69
CA ASP K 490 28.60 -75.34 34.32
C ASP K 490 29.94 -74.95 34.94
N ARG K 491 30.67 -75.95 35.41
CA ARG K 491 31.98 -75.71 35.98
C ARG K 491 32.98 -75.35 34.89
N GLY K 492 34.02 -74.61 35.28
CA GLY K 492 35.02 -74.17 34.32
C GLY K 492 34.52 -73.12 33.35
N ILE K 493 33.45 -72.40 33.70
CA ILE K 493 32.93 -71.37 32.82
C ILE K 493 33.91 -70.22 32.69
N ILE K 494 34.64 -69.90 33.76
CA ILE K 494 35.57 -68.77 33.74
C ILE K 494 36.63 -68.99 32.66
N ASP K 495 37.18 -70.20 32.59
CA ASP K 495 38.17 -70.51 31.57
C ASP K 495 37.57 -70.45 30.17
N LYS K 496 36.30 -70.86 30.03
CA LYS K 496 35.64 -70.76 28.72
C LYS K 496 35.52 -69.32 28.27
N ILE K 497 35.13 -68.41 29.19
CA ILE K 497 35.05 -66.99 28.84
C ILE K 497 36.44 -66.44 28.52
N ILE K 498 37.45 -66.84 29.30
CA ILE K 498 38.81 -66.35 29.07
C ILE K 498 39.30 -66.77 27.69
N SER K 499 39.09 -68.03 27.32
CA SER K 499 39.47 -68.51 26.00
C SER K 499 38.61 -67.91 24.89
N SER K 500 37.39 -67.48 25.22
CA SER K 500 36.53 -66.89 24.21
C SER K 500 37.06 -65.54 23.73
N MET K 501 37.68 -64.78 24.62
CA MET K 501 38.16 -63.45 24.26
C MET K 501 39.33 -63.53 23.28
N ALA K 502 39.33 -62.64 22.29
CA ALA K 502 40.36 -62.51 21.28
C ALA K 502 40.62 -63.85 20.57
N PRO K 503 39.69 -64.37 19.73
CA PRO K 503 39.91 -65.68 19.13
C PRO K 503 40.76 -65.71 17.86
N SER K 504 41.51 -64.63 17.60
CA SER K 504 42.50 -64.58 16.53
C SER K 504 43.88 -63.97 17.06
N ILE K 505 44.01 -64.13 18.38
CA ILE K 505 45.19 -63.58 19.12
C ILE K 505 45.76 -64.87 19.72
N TYR K 506 46.99 -65.22 19.36
CA TYR K 506 47.57 -66.50 19.85
C TYR K 506 48.12 -66.36 21.27
N GLY K 507 47.72 -67.28 22.14
CA GLY K 507 48.21 -67.29 23.52
C GLY K 507 47.82 -66.02 24.23
N HIS K 508 48.76 -65.40 24.95
CA HIS K 508 48.40 -64.21 25.73
C HIS K 508 47.24 -64.60 26.62
N ARG K 509 47.40 -65.57 27.52
CA ARG K 509 46.27 -66.10 28.32
C ARG K 509 46.06 -65.23 29.55
N ASP K 510 47.12 -64.67 30.13
CA ASP K 510 46.97 -63.72 31.22
C ASP K 510 46.32 -62.42 30.74
N ILE K 511 46.69 -61.96 29.54
CA ILE K 511 46.07 -60.77 28.98
C ILE K 511 44.57 -60.99 28.80
N LYS K 512 44.19 -62.15 28.28
CA LYS K 512 42.77 -62.44 28.07
C LYS K 512 42.03 -62.56 29.40
N THR K 513 42.68 -63.12 30.43
CA THR K 513 42.05 -63.18 31.74
C THR K 513 41.80 -61.77 32.29
N ALA K 514 42.80 -60.89 32.17
CA ALA K 514 42.64 -59.51 32.63
C ALA K 514 41.57 -58.79 31.81
N VAL K 515 41.52 -59.05 30.51
CA VAL K 515 40.51 -58.41 29.66
C VAL K 515 39.11 -58.86 30.06
N ALA K 516 38.94 -60.15 30.33
CA ALA K 516 37.64 -60.64 30.80
C ALA K 516 37.27 -60.02 32.14
N CYS K 517 38.23 -59.93 33.05
CA CYS K 517 37.96 -59.34 34.36
C CYS K 517 37.54 -57.89 34.23
N SER K 518 38.22 -57.13 33.37
CA SER K 518 37.85 -55.73 33.14
C SER K 518 36.50 -55.62 32.45
N LEU K 519 36.22 -56.52 31.50
CA LEU K 519 34.96 -56.47 30.77
C LEU K 519 33.78 -56.72 31.71
N PHE K 520 33.91 -57.67 32.63
CA PHE K 520 32.87 -57.85 33.62
C PHE K 520 32.98 -56.85 34.77
N GLY K 521 34.19 -56.58 35.22
CA GLY K 521 34.42 -55.54 36.21
C GLY K 521 33.95 -55.88 37.61
N GLY K 522 34.22 -55.00 38.56
CA GLY K 522 33.76 -55.17 39.92
C GLY K 522 32.44 -54.48 40.14
N VAL K 523 32.24 -54.00 41.36
CA VAL K 523 31.01 -53.28 41.72
C VAL K 523 31.37 -52.07 42.57
N PRO K 524 30.94 -50.87 42.19
CA PRO K 524 31.25 -49.68 43.00
C PRO K 524 30.56 -49.73 44.36
N LYS K 525 31.19 -49.10 45.34
CA LYS K 525 30.76 -49.18 46.73
C LYS K 525 30.87 -47.82 47.40
N ASN K 526 29.81 -47.46 48.12
CA ASN K 526 29.80 -46.27 48.98
C ASN K 526 29.42 -46.75 50.37
N VAL K 527 30.27 -46.43 51.35
CA VAL K 527 30.02 -46.86 52.72
C VAL K 527 28.78 -46.18 53.28
N ASN K 528 28.84 -44.86 53.42
CA ASN K 528 27.69 -44.09 53.86
C ASN K 528 27.56 -42.77 53.09
N GLY K 529 28.08 -42.70 51.87
CA GLY K 529 28.28 -41.44 51.21
C GLY K 529 29.53 -40.70 51.64
N LYS K 530 30.32 -41.38 52.48
CA LYS K 530 31.53 -40.76 53.07
C LYS K 530 32.80 -41.39 52.48
N HIS K 531 32.82 -42.69 52.18
CA HIS K 531 34.00 -43.35 51.57
C HIS K 531 33.60 -44.04 50.27
N SER K 532 34.30 -43.78 49.19
CA SER K 532 33.89 -44.35 47.88
C SER K 532 35.01 -45.21 47.31
N ILE K 533 34.65 -46.33 46.72
CA ILE K 533 35.61 -47.21 46.08
C ILE K 533 35.11 -47.53 44.68
N ARG K 534 35.99 -47.41 43.70
CA ARG K 534 35.61 -47.69 42.32
C ARG K 534 35.35 -49.18 42.14
N GLY K 535 34.46 -49.49 41.21
CA GLY K 535 34.13 -50.87 40.88
C GLY K 535 34.56 -51.24 39.48
N ASP K 536 35.63 -50.59 39.01
CA ASP K 536 36.17 -50.82 37.68
C ASP K 536 37.60 -51.33 37.78
N ILE K 537 37.95 -52.22 36.86
CA ILE K 537 39.28 -52.84 36.83
C ILE K 537 40.04 -52.23 35.66
N ASN K 538 41.01 -51.38 35.96
CA ASN K 538 41.87 -50.80 34.94
C ASN K 538 43.01 -51.76 34.63
N VAL K 539 43.21 -52.05 33.35
CA VAL K 539 44.20 -53.02 32.90
C VAL K 539 45.17 -52.33 31.95
N LEU K 540 46.46 -52.43 32.26
CA LEU K 540 47.52 -51.94 31.39
C LEU K 540 48.16 -53.11 30.66
N LEU K 541 48.48 -52.91 29.39
CA LEU K 541 49.15 -53.91 28.55
C LEU K 541 50.48 -53.31 28.13
N LEU K 542 51.54 -53.65 28.85
CA LEU K 542 52.88 -53.20 28.52
C LEU K 542 53.53 -54.25 27.64
N GLY K 543 53.74 -53.90 26.38
CA GLY K 543 54.30 -54.91 25.46
C GLY K 543 55.27 -54.34 24.46
N ASP K 544 56.07 -55.22 23.85
CA ASP K 544 57.05 -54.81 22.81
C ASP K 544 56.26 -54.66 21.52
N PRO K 545 56.82 -54.12 20.42
CA PRO K 545 56.06 -54.04 19.19
C PRO K 545 55.67 -55.42 18.68
N GLY K 546 54.58 -55.51 17.92
CA GLY K 546 54.11 -56.79 17.38
C GLY K 546 53.76 -57.76 18.49
N THR K 547 53.12 -57.30 19.57
CA THR K 547 52.66 -58.21 20.64
C THR K 547 51.12 -58.32 20.59
N ALA K 548 50.50 -57.79 19.54
CA ALA K 548 49.03 -57.81 19.33
C ALA K 548 48.27 -56.91 20.29
N LYS K 549 48.91 -55.92 20.91
CA LYS K 549 48.21 -55.11 21.94
C LYS K 549 47.04 -54.37 21.30
N SER K 550 47.23 -53.80 20.12
CA SER K 550 46.14 -53.07 19.44
C SER K 550 44.99 -54.04 19.18
N GLN K 551 45.29 -55.27 18.79
CA GLN K 551 44.19 -56.21 18.45
C GLN K 551 43.37 -56.53 19.68
N ILE K 552 44.01 -56.70 20.84
CA ILE K 552 43.21 -56.92 22.07
C ILE K 552 42.41 -55.66 22.44
N LEU K 553 42.74 -54.48 21.89
CA LEU K 553 41.91 -53.29 22.11
C LEU K 553 40.73 -53.26 21.15
N LYS K 554 40.98 -53.58 19.87
CA LYS K 554 39.88 -53.61 18.90
C LYS K 554 38.88 -54.73 19.22
N TYR K 555 39.36 -55.83 19.81
CA TYR K 555 38.42 -56.87 20.22
C TYR K 555 37.56 -56.41 21.39
N VAL K 556 38.13 -55.65 22.32
CA VAL K 556 37.32 -55.13 23.42
C VAL K 556 36.30 -54.15 22.89
N GLU K 557 36.68 -53.33 21.91
CA GLU K 557 35.72 -52.42 21.29
C GLU K 557 34.64 -53.21 20.54
N LYS K 558 35.03 -54.32 19.89
CA LYS K 558 34.08 -55.30 19.39
C LYS K 558 33.04 -55.70 20.45
N THR K 559 33.49 -56.24 21.58
CA THR K 559 32.60 -56.98 22.46
C THR K 559 31.95 -56.15 23.55
N ALA K 560 32.52 -55.00 23.91
CA ALA K 560 32.03 -54.25 25.05
C ALA K 560 30.87 -53.33 24.67
N HIS K 561 29.89 -53.25 25.56
CA HIS K 561 28.83 -52.26 25.47
C HIS K 561 29.30 -50.95 26.08
N ARG K 562 29.05 -49.84 25.39
CA ARG K 562 29.53 -48.52 25.80
C ARG K 562 31.05 -48.51 25.90
N ALA K 563 31.69 -48.80 24.76
CA ALA K 563 33.14 -48.84 24.66
C ALA K 563 33.61 -47.72 23.75
N VAL K 564 34.55 -46.91 24.23
CA VAL K 564 35.08 -45.78 23.49
C VAL K 564 36.57 -45.96 23.29
N PHE K 565 37.02 -45.88 22.04
CA PHE K 565 38.42 -46.08 21.68
C PHE K 565 39.08 -44.74 21.40
N ALA K 566 40.21 -44.50 22.06
CA ALA K 566 41.00 -43.29 21.89
C ALA K 566 42.47 -43.66 21.78
N THR K 567 43.27 -42.69 21.33
CA THR K 567 44.70 -42.89 21.14
C THR K 567 45.46 -41.72 21.75
N GLY K 568 46.68 -42.02 22.23
CA GLY K 568 47.54 -40.94 22.69
C GLY K 568 47.92 -39.99 21.57
N GLN K 569 48.21 -40.54 20.39
CA GLN K 569 48.44 -39.73 19.20
C GLN K 569 47.95 -40.52 18.00
N GLY K 570 47.39 -39.82 17.02
CA GLY K 570 46.85 -40.47 15.84
C GLY K 570 45.46 -40.00 15.47
N ALA K 571 44.61 -40.94 15.04
CA ALA K 571 43.24 -40.61 14.66
C ALA K 571 42.46 -40.07 15.84
N SER K 572 42.11 -38.78 15.79
CA SER K 572 41.46 -38.11 16.91
C SER K 572 39.94 -38.16 16.76
N ALA K 573 39.41 -39.38 16.80
CA ALA K 573 37.97 -39.55 16.85
C ALA K 573 37.40 -38.97 18.14
N VAL K 574 38.07 -39.21 19.26
CA VAL K 574 37.74 -38.60 20.54
C VAL K 574 39.03 -38.05 21.13
N GLY K 575 38.88 -37.04 21.99
CA GLY K 575 40.03 -36.26 22.43
C GLY K 575 40.54 -36.55 23.82
N LEU K 576 39.87 -37.43 24.57
CA LEU K 576 40.19 -37.83 25.93
C LEU K 576 40.01 -36.68 26.93
N THR K 577 39.63 -35.49 26.48
CA THR K 577 39.53 -34.32 27.34
C THR K 577 38.23 -33.60 27.04
N ALA K 578 37.48 -33.26 28.09
CA ALA K 578 36.23 -32.53 27.94
C ALA K 578 36.53 -31.07 27.65
N SER K 579 35.86 -30.51 26.65
CA SER K 579 36.08 -29.12 26.27
C SER K 579 34.80 -28.51 25.75
N VAL K 580 34.64 -27.22 25.99
CA VAL K 580 33.55 -26.44 25.41
C VAL K 580 34.09 -25.83 24.12
N ARG K 581 33.62 -26.32 22.99
CA ARG K 581 34.17 -25.95 21.70
C ARG K 581 33.06 -25.38 20.81
N LYS K 582 33.35 -24.27 20.14
CA LYS K 582 32.38 -23.60 19.30
C LYS K 582 32.49 -24.14 17.88
N ASP K 583 31.44 -24.82 17.42
CA ASP K 583 31.46 -25.41 16.10
C ASP K 583 31.46 -24.31 15.04
N PRO K 584 32.43 -24.29 14.11
CA PRO K 584 32.59 -23.14 13.23
C PRO K 584 31.56 -23.03 12.12
N ILE K 585 30.73 -24.05 11.89
CA ILE K 585 29.76 -24.03 10.80
C ILE K 585 28.33 -23.84 11.31
N THR K 586 27.99 -24.47 12.44
CA THR K 586 26.65 -24.39 12.99
C THR K 586 26.51 -23.26 14.03
N LYS K 587 27.61 -22.57 14.32
CA LYS K 587 27.63 -21.34 15.11
C LYS K 587 27.42 -21.56 16.60
N GLU K 588 27.13 -22.78 17.03
CA GLU K 588 26.74 -23.06 18.41
C GLU K 588 27.79 -23.89 19.13
N TRP K 589 27.95 -23.58 20.41
CA TRP K 589 28.92 -24.23 21.28
C TRP K 589 28.41 -25.62 21.66
N THR K 590 29.36 -26.53 21.89
CA THR K 590 29.06 -27.87 22.37
C THR K 590 30.04 -28.25 23.48
N LEU K 591 29.50 -28.88 24.53
CA LEU K 591 30.32 -29.38 25.63
C LEU K 591 30.63 -30.84 25.34
N GLU K 592 31.82 -31.08 24.79
CA GLU K 592 32.26 -32.44 24.45
C GLU K 592 32.88 -33.07 25.69
N GLY K 593 32.22 -34.07 26.25
CA GLY K 593 32.85 -34.89 27.25
C GLY K 593 33.98 -35.71 26.63
N GLY K 594 35.01 -35.96 27.42
CA GLY K 594 36.15 -36.72 26.93
C GLY K 594 35.77 -38.17 26.65
N ALA K 595 36.75 -38.90 26.10
CA ALA K 595 36.55 -40.32 25.85
C ALA K 595 36.21 -41.06 27.14
N LEU K 596 36.68 -40.56 28.28
CA LEU K 596 36.36 -41.14 29.56
C LEU K 596 34.96 -40.75 30.04
N VAL K 597 34.39 -39.68 29.50
CA VAL K 597 33.02 -39.29 29.81
C VAL K 597 32.03 -40.05 28.95
N LEU K 598 32.34 -40.23 27.67
CA LEU K 598 31.44 -40.94 26.76
C LEU K 598 31.20 -42.36 27.23
N ALA K 599 32.25 -43.06 27.65
CA ALA K 599 32.12 -44.38 28.24
C ALA K 599 31.93 -44.27 29.75
N ASP K 600 30.84 -43.60 30.14
CA ASP K 600 30.61 -43.33 31.55
C ASP K 600 30.43 -44.61 32.35
N LYS K 601 29.71 -45.59 31.82
CA LYS K 601 29.48 -46.86 32.49
C LYS K 601 30.11 -48.03 31.74
N GLY K 602 31.01 -47.77 30.80
CA GLY K 602 31.61 -48.83 30.03
C GLY K 602 33.13 -48.88 30.12
N VAL K 603 33.79 -48.98 28.97
CA VAL K 603 35.24 -49.16 28.89
C VAL K 603 35.84 -48.10 27.99
N CYS K 604 36.96 -47.54 28.43
CA CYS K 604 37.77 -46.62 27.62
C CYS K 604 39.06 -47.32 27.23
N LEU K 605 39.30 -47.47 25.93
CA LEU K 605 40.44 -48.20 25.40
C LEU K 605 41.41 -47.20 24.80
N ILE K 606 42.55 -47.01 25.45
CA ILE K 606 43.56 -46.05 25.01
C ILE K 606 44.71 -46.81 24.37
N ASP K 607 45.05 -46.46 23.14
CA ASP K 607 46.26 -47.07 22.53
C ASP K 607 47.35 -46.01 22.69
N GLU K 608 48.61 -46.40 22.65
CA GLU K 608 49.74 -45.44 22.80
C GLU K 608 49.66 -44.72 24.14
N PHE K 609 49.24 -45.40 25.21
CA PHE K 609 49.25 -44.70 26.50
C PHE K 609 50.68 -44.29 26.90
N ASP K 610 51.73 -44.82 26.26
CA ASP K 610 53.04 -44.34 26.70
C ASP K 610 53.17 -42.89 26.30
N LYS K 611 52.72 -42.54 25.09
CA LYS K 611 52.84 -41.18 24.57
C LYS K 611 51.53 -40.40 24.55
N MET K 612 51.40 -39.47 25.51
CA MET K 612 50.24 -38.60 25.60
C MET K 612 50.61 -37.18 25.97
N ASN K 613 49.76 -36.23 25.58
CA ASN K 613 49.96 -34.85 25.96
C ASN K 613 49.75 -34.67 27.45
N ASP K 614 50.27 -33.57 27.98
CA ASP K 614 50.07 -33.27 29.40
C ASP K 614 48.60 -33.08 29.71
N GLN K 615 47.83 -32.53 28.77
CA GLN K 615 46.39 -32.36 28.97
C GLN K 615 45.70 -33.72 29.08
N ASP K 616 45.99 -34.63 28.15
CA ASP K 616 45.38 -35.95 28.20
C ASP K 616 45.84 -36.72 29.43
N ARG K 617 47.12 -36.59 29.78
CA ARG K 617 47.63 -37.25 30.98
C ARG K 617 46.91 -36.76 32.23
N THR K 618 46.74 -35.44 32.35
CA THR K 618 46.02 -34.89 33.50
C THR K 618 44.58 -35.35 33.53
N SER K 619 43.92 -35.35 32.37
CA SER K 619 42.52 -35.78 32.30
C SER K 619 42.37 -37.23 32.76
N ILE K 620 43.21 -38.11 32.21
CA ILE K 620 43.12 -39.52 32.57
C ILE K 620 43.47 -39.73 34.05
N HIS K 621 44.51 -39.04 34.53
CA HIS K 621 44.91 -39.20 35.93
C HIS K 621 43.80 -38.77 36.88
N GLU K 622 43.18 -37.62 36.62
CA GLU K 622 42.17 -37.14 37.55
C GLU K 622 40.84 -37.86 37.39
N ALA K 623 40.53 -38.41 36.22
CA ALA K 623 39.35 -39.25 36.08
C ALA K 623 39.56 -40.65 36.65
N MET K 624 40.79 -41.11 36.80
CA MET K 624 41.05 -42.39 37.49
C MET K 624 41.08 -42.14 39.01
N GLU K 625 41.63 -41.04 39.49
CA GLU K 625 41.55 -40.71 40.94
C GLU K 625 40.14 -40.38 41.43
N GLN K 626 39.35 -39.58 40.71
CA GLN K 626 38.04 -39.10 41.22
C GLN K 626 36.86 -39.72 40.50
N GLN K 627 37.07 -40.34 39.34
CA GLN K 627 35.98 -40.88 38.52
C GLN K 627 35.07 -39.77 38.02
N SER K 628 35.64 -38.59 37.78
CA SER K 628 34.88 -37.45 37.29
C SER K 628 35.81 -36.53 36.50
N ILE K 629 35.20 -35.69 35.67
CA ILE K 629 35.90 -34.72 34.82
C ILE K 629 35.37 -33.34 35.18
N SER K 630 36.22 -32.51 35.76
CA SER K 630 35.84 -31.15 36.15
C SER K 630 36.25 -30.18 35.04
N ILE K 631 35.31 -29.35 34.61
CA ILE K 631 35.56 -28.38 33.55
C ILE K 631 34.97 -27.03 33.94
N SER K 632 35.78 -25.98 33.83
CA SER K 632 35.35 -24.60 34.00
C SER K 632 35.83 -23.80 32.79
N LYS K 633 35.03 -23.83 31.73
CA LYS K 633 35.38 -23.19 30.47
C LYS K 633 34.16 -22.53 29.85
N ALA K 634 34.36 -21.32 29.31
CA ALA K 634 33.33 -20.60 28.57
C ALA K 634 32.06 -20.41 29.39
N GLY K 635 32.22 -20.14 30.68
CA GLY K 635 31.09 -19.93 31.55
C GLY K 635 30.42 -21.20 32.06
N ILE K 636 30.91 -22.36 31.67
CA ILE K 636 30.37 -23.65 32.10
C ILE K 636 31.28 -24.23 33.16
N VAL K 637 30.76 -24.42 34.36
CA VAL K 637 31.49 -24.98 35.48
C VAL K 637 30.71 -26.22 35.93
N THR K 638 31.22 -27.40 35.60
CA THR K 638 30.50 -28.62 35.92
C THR K 638 31.46 -29.79 36.04
N THR K 639 31.02 -30.82 36.78
CA THR K 639 31.79 -32.04 36.99
C THR K 639 31.02 -33.20 36.35
N LEU K 640 31.43 -33.56 35.14
CA LEU K 640 30.87 -34.71 34.43
C LEU K 640 31.34 -36.00 35.09
N GLN K 641 30.59 -37.08 34.85
CA GLN K 641 30.89 -38.37 35.43
C GLN K 641 31.68 -39.23 34.45
N ALA K 642 32.76 -39.85 34.94
CA ALA K 642 33.66 -40.64 34.11
C ALA K 642 34.00 -41.96 34.81
N ARG K 643 32.96 -42.66 35.28
CA ARG K 643 33.13 -43.91 36.03
C ARG K 643 33.46 -45.07 35.09
N CYS K 644 34.55 -44.89 34.34
CA CYS K 644 34.93 -45.82 33.28
C CYS K 644 36.02 -46.78 33.76
N SER K 645 36.04 -47.97 33.15
CA SER K 645 37.16 -48.89 33.30
C SER K 645 38.12 -48.67 32.14
N ILE K 646 39.39 -48.45 32.46
CA ILE K 646 40.40 -48.03 31.50
C ILE K 646 41.24 -49.25 31.13
N ILE K 647 41.31 -49.54 29.83
CA ILE K 647 42.25 -50.53 29.29
C ILE K 647 43.22 -49.77 28.40
N ALA K 648 44.50 -49.80 28.78
CA ALA K 648 45.52 -49.04 28.08
C ALA K 648 46.54 -49.98 27.46
N ALA K 649 47.09 -49.58 26.31
CA ALA K 649 48.12 -50.32 25.62
C ALA K 649 49.35 -49.42 25.46
N ALA K 650 50.52 -49.85 25.92
CA ALA K 650 51.71 -48.98 25.89
C ALA K 650 52.90 -49.73 25.27
N ASN K 651 53.95 -49.03 24.85
CA ASN K 651 55.18 -49.68 24.33
C ASN K 651 56.28 -49.36 25.34
N PRO K 652 57.26 -50.24 25.65
CA PRO K 652 58.22 -49.93 26.71
C PRO K 652 59.04 -48.69 26.34
N ASN K 653 59.76 -48.15 27.33
CA ASN K 653 60.54 -46.92 27.14
C ASN K 653 61.86 -47.31 26.48
N GLY K 654 61.90 -47.18 25.15
CA GLY K 654 63.10 -47.51 24.41
C GLY K 654 62.84 -48.40 23.21
N GLY K 655 61.90 -49.34 23.33
CA GLY K 655 61.57 -50.22 22.24
C GLY K 655 61.38 -51.67 22.66
N ARG K 656 62.11 -52.10 23.68
CA ARG K 656 62.01 -53.46 24.19
C ARG K 656 61.96 -53.43 25.70
N TYR K 657 61.29 -54.42 26.29
CA TYR K 657 61.27 -54.55 27.74
C TYR K 657 62.64 -54.97 28.24
N ASN K 658 63.06 -54.40 29.37
CA ASN K 658 64.30 -54.75 30.03
C ASN K 658 63.96 -55.41 31.37
N SER K 659 64.18 -56.73 31.45
CA SER K 659 63.84 -57.45 32.68
C SER K 659 64.74 -57.01 33.83
N THR K 660 65.96 -56.60 33.54
CA THR K 660 66.88 -56.15 34.58
C THR K 660 66.37 -54.89 35.26
N LEU K 661 65.65 -54.03 34.53
CA LEU K 661 65.10 -52.83 35.11
C LEU K 661 63.67 -53.04 35.60
N PRO K 662 63.26 -52.34 36.65
CA PRO K 662 61.87 -52.43 37.12
C PRO K 662 60.91 -51.75 36.15
N LEU K 663 59.63 -52.15 36.26
CA LEU K 663 58.61 -51.65 35.34
C LEU K 663 58.45 -50.13 35.45
N ALA K 664 58.74 -49.56 36.61
CA ALA K 664 58.57 -48.11 36.78
C ALA K 664 59.45 -47.33 35.82
N GLN K 665 60.69 -47.78 35.62
CA GLN K 665 61.62 -47.10 34.72
C GLN K 665 61.75 -47.79 33.36
N ASN K 666 60.91 -48.78 33.07
CA ASN K 666 60.84 -49.39 31.74
C ASN K 666 59.80 -48.73 30.84
N VAL K 667 59.07 -47.74 31.33
CA VAL K 667 58.00 -47.11 30.56
C VAL K 667 57.88 -45.66 31.00
N SER K 668 57.39 -44.82 30.09
CA SER K 668 57.43 -43.37 30.29
C SER K 668 56.57 -42.94 31.47
N LEU K 669 55.35 -43.48 31.58
CA LEU K 669 54.45 -43.04 32.64
C LEU K 669 54.97 -43.46 34.01
N THR K 670 54.62 -42.66 35.02
CA THR K 670 55.27 -42.69 36.32
C THR K 670 54.39 -43.23 37.45
N GLU K 671 54.94 -43.23 38.67
CA GLU K 671 54.25 -43.86 39.82
C GLU K 671 52.76 -43.55 39.91
N PRO K 672 52.28 -42.28 39.98
CA PRO K 672 50.86 -42.09 40.20
C PRO K 672 49.89 -42.78 39.24
N ILE K 673 50.13 -42.73 37.94
CA ILE K 673 49.23 -43.39 36.96
C ILE K 673 49.32 -44.92 37.03
N LEU K 674 50.51 -45.50 37.22
CA LEU K 674 50.71 -46.96 37.27
C LEU K 674 49.99 -47.55 38.49
N SER K 675 49.95 -46.84 39.60
CA SER K 675 49.25 -47.31 40.82
C SER K 675 47.76 -47.54 40.56
N ARG K 676 47.10 -46.65 39.83
CA ARG K 676 45.66 -46.76 39.53
C ARG K 676 45.30 -47.99 38.70
N PHE K 677 46.20 -48.50 37.88
CA PHE K 677 45.97 -49.76 37.12
C PHE K 677 45.89 -50.97 38.05
N ASP K 678 44.72 -51.61 38.14
CA ASP K 678 44.51 -52.82 38.92
C ASP K 678 45.40 -53.98 38.46
N ILE K 679 45.52 -54.17 37.15
CA ILE K 679 46.26 -55.28 36.57
C ILE K 679 47.27 -54.73 35.57
N LEU K 680 48.50 -55.21 35.66
CA LEU K 680 49.56 -54.89 34.70
C LEU K 680 49.95 -56.19 34.00
N CYS K 681 49.65 -56.28 32.71
CA CYS K 681 50.01 -57.44 31.89
C CYS K 681 51.27 -57.06 31.13
N VAL K 682 52.39 -57.64 31.53
CA VAL K 682 53.69 -57.38 30.91
C VAL K 682 53.97 -58.53 29.93
N VAL K 683 54.06 -58.20 28.65
CA VAL K 683 54.32 -59.19 27.62
C VAL K 683 55.49 -58.73 26.77
N ARG K 684 56.44 -59.64 26.54
CA ARG K 684 57.70 -59.31 25.90
C ARG K 684 57.77 -60.25 24.71
N ASP K 685 58.58 -59.86 23.72
CA ASP K 685 58.71 -60.60 22.47
C ASP K 685 59.81 -61.65 22.71
N LEU K 686 59.39 -62.89 22.95
CA LEU K 686 60.28 -63.94 23.45
C LEU K 686 61.11 -64.50 22.29
N VAL K 687 62.01 -65.43 22.64
CA VAL K 687 63.00 -65.94 21.69
C VAL K 687 62.94 -67.46 21.64
N ASP K 688 61.76 -68.03 21.89
CA ASP K 688 61.61 -69.48 21.94
C ASP K 688 61.36 -70.04 20.54
N GLU K 689 61.94 -71.22 20.29
CA GLU K 689 61.68 -71.92 19.03
C GLU K 689 60.19 -72.24 18.87
N GLU K 690 59.60 -72.87 19.89
CA GLU K 690 58.26 -73.43 19.75
C GLU K 690 57.18 -72.35 19.64
N ALA K 691 57.28 -71.32 20.49
CA ALA K 691 56.28 -70.25 20.47
C ALA K 691 56.35 -69.55 19.12
N ASP K 692 57.55 -69.27 18.64
CA ASP K 692 57.66 -68.59 17.35
C ASP K 692 57.14 -69.41 16.17
N GLU K 693 57.53 -70.69 16.12
CA GLU K 693 56.95 -71.62 15.15
C GLU K 693 55.43 -71.67 15.09
N ARG K 694 54.80 -71.76 16.27
CA ARG K 694 53.32 -71.90 16.37
C ARG K 694 52.63 -70.56 16.12
N LEU K 695 53.23 -69.44 16.52
CA LEU K 695 52.62 -68.14 16.14
C LEU K 695 52.66 -68.00 14.62
N ALA K 696 53.71 -68.49 13.96
CA ALA K 696 53.88 -68.30 12.50
C ALA K 696 52.96 -69.28 11.81
N THR K 697 52.77 -70.45 12.40
CA THR K 697 51.78 -71.36 11.84
C THR K 697 50.39 -70.75 11.86
N PHE K 698 50.05 -70.10 12.98
CA PHE K 698 48.74 -69.42 13.12
C PHE K 698 48.60 -68.30 12.09
N VAL K 699 49.60 -67.42 11.97
CA VAL K 699 49.53 -66.27 11.03
C VAL K 699 49.45 -66.76 9.58
N VAL K 700 50.16 -67.83 9.21
CA VAL K 700 50.13 -68.27 7.78
C VAL K 700 48.80 -68.97 7.55
N ASP K 701 48.24 -69.61 8.58
CA ASP K 701 46.92 -70.20 8.38
C ASP K 701 45.86 -69.13 8.17
N SER K 702 45.91 -68.06 8.97
CA SER K 702 44.99 -66.94 8.80
C SER K 702 45.18 -66.28 7.44
N HIS K 703 46.42 -66.13 6.99
CA HIS K 703 46.66 -65.60 5.65
C HIS K 703 46.09 -66.53 4.59
N VAL K 704 46.14 -67.83 4.83
CA VAL K 704 45.65 -68.78 3.85
C VAL K 704 44.14 -68.62 3.84
N ARG K 705 43.52 -68.54 5.02
CA ARG K 705 42.06 -68.43 5.03
C ARG K 705 41.52 -67.15 4.35
N SER K 706 42.22 -66.05 4.58
CA SER K 706 41.82 -64.77 4.04
C SER K 706 42.03 -64.45 2.57
N HIS K 707 42.55 -65.40 1.78
CA HIS K 707 42.84 -65.15 0.38
C HIS K 707 41.55 -64.77 -0.38
N PRO K 708 41.63 -63.83 -1.32
CA PRO K 708 40.41 -63.45 -2.07
C PRO K 708 39.80 -64.58 -2.87
N GLU K 709 40.60 -65.55 -3.32
CA GLU K 709 40.04 -66.74 -3.94
C GLU K 709 39.34 -67.59 -2.90
N ASN K 710 38.79 -68.72 -3.36
CA ASN K 710 38.11 -69.64 -2.45
C ASN K 710 39.10 -70.28 -1.48
N ASP K 711 40.39 -70.16 -1.77
CA ASP K 711 41.45 -70.74 -0.95
C ASP K 711 41.38 -70.28 0.51
N SER K 756 34.99 -74.93 21.98
CA SER K 756 34.73 -74.58 23.38
C SER K 756 34.64 -73.07 23.67
N PRO K 757 35.28 -72.20 22.86
CA PRO K 757 34.99 -70.77 22.98
C PRO K 757 33.51 -70.49 22.79
N ILE K 758 33.00 -69.57 23.61
CA ILE K 758 31.61 -69.12 23.48
C ILE K 758 31.48 -68.29 22.20
N PRO K 759 30.41 -68.46 21.41
CA PRO K 759 30.26 -67.64 20.21
C PRO K 759 30.21 -66.15 20.55
N GLN K 760 30.69 -65.34 19.59
CA GLN K 760 30.96 -63.93 19.88
C GLN K 760 29.69 -63.19 20.33
N GLU K 761 28.61 -63.29 19.56
CA GLU K 761 27.41 -62.53 19.89
C GLU K 761 26.77 -63.04 21.17
N LEU K 762 26.78 -64.36 21.36
CA LEU K 762 26.27 -64.92 22.61
C LEU K 762 27.08 -64.42 23.80
N LEU K 763 28.41 -64.38 23.65
CA LEU K 763 29.27 -63.87 24.71
C LEU K 763 29.01 -62.39 24.99
N MET K 764 28.76 -61.61 23.93
CA MET K 764 28.50 -60.18 24.11
C MET K 764 27.21 -59.95 24.87
N LYS K 765 26.14 -60.65 24.49
CA LYS K 765 24.90 -60.56 25.24
C LYS K 765 25.07 -61.06 26.67
N TYR K 766 25.88 -62.11 26.84
CA TYR K 766 26.15 -62.66 28.17
C TYR K 766 26.85 -61.64 29.05
N ILE K 767 27.85 -60.95 28.50
CA ILE K 767 28.57 -59.94 29.26
C ILE K 767 27.65 -58.78 29.63
N HIS K 768 26.82 -58.32 28.69
CA HIS K 768 25.90 -57.25 29.01
C HIS K 768 24.93 -57.66 30.11
N TYR K 769 24.40 -58.88 30.03
CA TYR K 769 23.47 -59.36 31.07
C TYR K 769 24.17 -59.45 32.42
N ALA K 770 25.39 -59.98 32.44
CA ALA K 770 26.11 -60.12 33.71
C ALA K 770 26.41 -58.75 34.33
N ARG K 771 26.80 -57.78 33.51
CA ARG K 771 27.05 -56.44 34.03
C ARG K 771 25.77 -55.80 34.55
N THR K 772 24.66 -56.00 33.84
CA THR K 772 23.43 -55.30 34.22
C THR K 772 22.79 -55.91 35.47
N LYS K 773 22.84 -57.23 35.60
CA LYS K 773 21.99 -57.91 36.58
C LYS K 773 22.71 -58.44 37.82
N ILE K 774 24.02 -58.63 37.77
CA ILE K 774 24.73 -59.38 38.79
C ILE K 774 25.58 -58.44 39.63
N TYR K 775 25.25 -58.33 40.92
CA TYR K 775 26.00 -57.48 41.84
C TYR K 775 26.45 -58.35 43.01
N PRO K 776 27.63 -58.98 42.89
CA PRO K 776 28.06 -59.94 43.90
C PRO K 776 28.54 -59.28 45.18
N LYS K 777 28.64 -60.09 46.22
CA LYS K 777 29.11 -59.68 47.54
C LYS K 777 30.03 -60.76 48.09
N LEU K 778 30.76 -60.42 49.15
CA LEU K 778 31.50 -61.39 49.94
C LEU K 778 30.85 -61.52 51.31
N HIS K 779 31.46 -62.37 52.14
CA HIS K 779 31.00 -62.55 53.51
C HIS K 779 32.23 -62.70 54.40
N GLN K 780 32.05 -62.46 55.70
CA GLN K 780 33.19 -62.48 56.60
C GLN K 780 33.88 -63.84 56.67
N MET K 781 33.22 -64.92 56.25
CA MET K 781 33.82 -66.25 56.30
C MET K 781 35.13 -66.32 55.52
N ASP K 782 35.31 -65.43 54.53
CA ASP K 782 36.52 -65.41 53.71
C ASP K 782 37.43 -64.24 54.04
N MET K 783 37.36 -63.71 55.27
CA MET K 783 38.29 -62.65 55.66
C MET K 783 39.69 -63.19 55.94
N ASP K 784 39.78 -64.21 56.80
CA ASP K 784 41.05 -64.65 57.36
C ASP K 784 42.15 -64.78 56.32
N LYS K 785 41.97 -65.70 55.36
CA LYS K 785 43.03 -65.96 54.39
C LYS K 785 43.50 -64.68 53.71
N VAL K 786 42.54 -63.85 53.28
CA VAL K 786 42.91 -62.67 52.51
C VAL K 786 43.84 -61.77 53.31
N SER K 787 43.51 -61.54 54.59
CA SER K 787 44.36 -60.72 55.43
C SER K 787 45.79 -61.26 55.46
N ARG K 788 45.92 -62.57 55.71
CA ARG K 788 47.25 -63.18 55.79
C ARG K 788 47.98 -62.99 54.47
N VAL K 789 47.28 -63.19 53.35
CA VAL K 789 47.93 -63.04 52.05
C VAL K 789 48.47 -61.63 51.90
N TYR K 790 47.66 -60.63 52.29
CA TYR K 790 48.10 -59.25 52.21
C TYR K 790 49.40 -59.07 52.98
N ALA K 791 49.43 -59.59 54.22
CA ALA K 791 50.62 -59.43 55.04
C ALA K 791 51.83 -60.05 54.34
N ASP K 792 51.67 -61.25 53.80
CA ASP K 792 52.78 -61.94 53.16
C ASP K 792 53.30 -61.11 52.00
N LEU K 793 52.35 -60.58 51.22
CA LEU K 793 52.71 -59.78 50.05
C LEU K 793 53.56 -58.62 50.51
N ARG K 794 53.13 -57.97 51.60
CA ARG K 794 53.88 -56.84 52.12
C ARG K 794 55.29 -57.26 52.52
N ARG K 795 55.40 -58.38 53.24
CA ARG K 795 56.68 -58.68 53.87
C ARG K 795 57.64 -59.14 52.78
N GLU K 796 57.21 -60.03 51.87
CA GLU K 796 58.14 -60.27 50.75
C GLU K 796 58.45 -59.05 49.88
N SER K 797 57.51 -58.12 49.79
CA SER K 797 57.85 -56.85 49.10
C SER K 797 58.86 -55.85 49.67
N ILE K 798 58.83 -55.60 50.98
CA ILE K 798 59.86 -54.74 51.63
C ILE K 798 61.25 -55.42 51.78
N SER K 799 61.24 -56.76 51.79
CA SER K 799 62.48 -57.56 51.91
C SER K 799 63.13 -57.30 50.55
N THR K 800 62.34 -57.43 49.48
CA THR K 800 62.82 -57.06 48.16
C THR K 800 63.05 -55.55 48.13
N GLY K 801 62.03 -54.79 48.52
CA GLY K 801 62.14 -53.34 48.55
C GLY K 801 61.96 -52.67 47.21
N SER K 802 61.77 -53.44 46.13
CA SER K 802 61.65 -52.84 44.81
C SER K 802 60.27 -52.23 44.59
N PHE K 803 59.20 -52.91 44.96
CA PHE K 803 57.88 -52.31 44.61
C PHE K 803 57.00 -52.25 45.84
N PRO K 804 56.33 -51.13 46.10
CA PRO K 804 55.45 -51.07 47.23
C PRO K 804 54.16 -51.79 46.83
N ILE K 805 53.69 -52.70 47.68
CA ILE K 805 52.31 -53.25 47.50
C ILE K 805 51.58 -52.64 48.69
N THR K 806 50.54 -51.84 48.45
CA THR K 806 49.93 -51.03 49.52
C THR K 806 48.55 -51.62 49.76
N VAL K 807 47.63 -50.84 50.33
CA VAL K 807 46.23 -51.29 50.54
C VAL K 807 45.53 -51.32 49.18
N ARG K 808 46.09 -50.66 48.19
CA ARG K 808 45.48 -50.60 46.84
C ARG K 808 45.46 -51.99 46.25
N HIS K 809 46.50 -52.78 46.49
CA HIS K 809 46.57 -54.17 46.00
C HIS K 809 45.52 -55.06 46.67
N LEU K 810 45.30 -54.91 47.97
CA LEU K 810 44.21 -55.69 48.62
C LEU K 810 42.88 -55.32 47.97
N GLU K 811 42.66 -54.05 47.66
CA GLU K 811 41.36 -53.58 47.14
C GLU K 811 41.24 -53.95 45.66
N SER K 812 42.32 -54.37 45.03
CA SER K 812 42.31 -54.80 43.61
C SER K 812 42.04 -56.27 43.63
N ILE K 813 42.56 -56.98 44.62
CA ILE K 813 42.21 -58.38 44.84
C ILE K 813 40.70 -58.53 45.04
N LEU K 814 40.14 -57.65 45.88
CA LEU K 814 38.70 -57.68 46.11
C LEU K 814 37.92 -57.43 44.84
N ARG K 815 38.33 -56.43 44.04
CA ARG K 815 37.61 -56.09 42.82
C ARG K 815 37.64 -57.24 41.82
N ILE K 816 38.81 -57.84 41.64
CA ILE K 816 38.93 -58.96 40.72
C ILE K 816 38.17 -60.18 41.22
N ALA K 817 38.07 -60.37 42.54
CA ALA K 817 37.19 -61.40 43.08
C ALA K 817 35.73 -61.15 42.74
N GLU K 818 35.28 -59.89 42.86
CA GLU K 818 33.92 -59.55 42.45
C GLU K 818 33.71 -59.85 40.96
N SER K 819 34.69 -59.53 40.12
CA SER K 819 34.57 -59.82 38.69
C SER K 819 34.50 -61.33 38.44
N PHE K 820 35.33 -62.10 39.13
CA PHE K 820 35.32 -63.55 38.98
C PHE K 820 33.96 -64.12 39.37
N ALA K 821 33.37 -63.61 40.45
CA ALA K 821 32.02 -64.02 40.81
C ALA K 821 31.00 -63.58 39.76
N LYS K 822 31.20 -62.40 39.17
CA LYS K 822 30.27 -61.91 38.17
C LYS K 822 30.23 -62.80 36.93
N MET K 823 31.40 -63.27 36.48
CA MET K 823 31.38 -64.13 35.29
C MET K 823 30.70 -65.47 35.53
N ARG K 824 30.56 -65.88 36.78
CA ARG K 824 29.86 -67.11 37.11
C ARG K 824 28.38 -66.89 37.43
N LEU K 825 27.89 -65.65 37.31
CA LEU K 825 26.51 -65.29 37.62
C LEU K 825 26.18 -65.50 39.10
N SER K 826 27.21 -65.69 39.93
CA SER K 826 27.00 -65.89 41.35
C SER K 826 26.66 -64.57 42.04
N GLU K 827 25.95 -64.69 43.16
CA GLU K 827 25.59 -63.53 43.97
C GLU K 827 26.52 -63.35 45.16
N PHE K 828 27.20 -64.40 45.59
CA PHE K 828 28.27 -64.32 46.57
C PHE K 828 29.58 -64.77 45.95
N VAL K 829 30.68 -64.26 46.48
CA VAL K 829 32.01 -64.59 45.99
C VAL K 829 32.51 -65.82 46.73
N SER K 830 32.82 -66.87 45.97
CA SER K 830 33.36 -68.09 46.57
C SER K 830 34.85 -67.94 46.83
N SER K 831 35.38 -68.83 47.66
CA SER K 831 36.80 -68.80 47.99
C SER K 831 37.67 -69.10 46.77
N TYR K 832 37.15 -69.85 45.80
CA TYR K 832 37.91 -70.12 44.59
C TYR K 832 38.06 -68.86 43.73
N ASP K 833 37.02 -68.02 43.71
CA ASP K 833 37.15 -66.73 43.03
C ASP K 833 38.20 -65.86 43.71
N LEU K 834 38.23 -65.88 45.04
CA LEU K 834 39.28 -65.14 45.77
C LEU K 834 40.66 -65.69 45.45
N ASP K 835 40.78 -67.02 45.36
CA ASP K 835 42.07 -67.62 45.01
C ASP K 835 42.51 -67.20 43.61
N ARG K 836 41.58 -67.20 42.65
CA ARG K 836 41.92 -66.78 41.29
C ARG K 836 42.31 -65.30 41.25
N ALA K 837 41.59 -64.45 41.98
CA ALA K 837 41.93 -63.04 42.03
C ALA K 837 43.30 -62.82 42.65
N ILE K 838 43.60 -63.55 43.73
CA ILE K 838 44.91 -63.45 44.36
C ILE K 838 45.99 -63.90 43.38
N LYS K 839 45.74 -64.98 42.65
CA LYS K 839 46.71 -65.47 41.67
C LYS K 839 46.98 -64.41 40.60
N VAL K 840 45.91 -63.80 40.07
CA VAL K 840 46.08 -62.79 39.04
C VAL K 840 46.87 -61.61 39.57
N VAL K 841 46.52 -61.14 40.77
CA VAL K 841 47.18 -59.96 41.33
C VAL K 841 48.66 -60.24 41.59
N VAL K 842 48.96 -61.39 42.20
CA VAL K 842 50.36 -61.70 42.51
C VAL K 842 51.15 -61.94 41.24
N ASP K 843 50.54 -62.55 40.23
CA ASP K 843 51.25 -62.76 38.97
C ASP K 843 51.55 -61.43 38.29
N SER K 844 50.58 -60.51 38.28
CA SER K 844 50.82 -59.19 37.68
C SER K 844 51.89 -58.42 38.43
N PHE K 845 51.86 -58.47 39.76
CA PHE K 845 52.85 -57.77 40.56
C PHE K 845 54.24 -58.37 40.40
N VAL K 846 54.31 -59.70 40.34
CA VAL K 846 55.59 -60.39 40.21
C VAL K 846 56.20 -60.13 38.83
N ASP K 847 55.39 -60.21 37.77
CA ASP K 847 55.91 -60.03 36.42
C ASP K 847 56.32 -58.59 36.15
N ALA K 848 55.94 -57.65 37.01
CA ALA K 848 56.35 -56.26 36.88
C ALA K 848 57.64 -55.95 37.62
N GLN K 849 58.28 -56.95 38.22
CA GLN K 849 59.47 -56.78 39.02
C GLN K 849 60.71 -57.07 38.17
N LYS K 850 61.88 -56.96 38.82
CA LYS K 850 63.14 -57.31 38.19
C LYS K 850 63.37 -58.82 38.28
N VAL K 851 64.33 -59.31 37.49
CA VAL K 851 64.70 -60.72 37.59
C VAL K 851 65.28 -61.02 38.95
N SER K 852 66.06 -60.08 39.50
CA SER K 852 66.61 -60.25 40.84
C SER K 852 65.50 -60.24 41.89
N VAL K 853 64.46 -59.43 41.66
CA VAL K 853 63.33 -59.33 42.59
C VAL K 853 62.31 -60.45 42.39
N ARG K 854 62.36 -61.14 41.25
CA ARG K 854 61.42 -62.20 40.89
C ARG K 854 61.37 -63.49 41.71
N ARG K 855 62.31 -63.66 42.65
CA ARG K 855 62.34 -64.77 43.60
C ARG K 855 61.05 -65.09 44.38
N GLN K 856 60.24 -64.04 44.51
CA GLN K 856 59.02 -64.08 45.30
C GLN K 856 58.13 -65.06 44.53
N LEU K 857 58.29 -65.15 43.22
CA LEU K 857 57.56 -66.18 42.48
C LEU K 857 57.97 -67.62 42.71
N ARG K 858 59.28 -67.88 42.76
CA ARG K 858 59.73 -69.26 42.91
C ARG K 858 59.64 -69.97 44.28
N ARG K 859 59.80 -69.18 45.34
CA ARG K 859 59.89 -69.69 46.69
C ARG K 859 59.15 -68.88 47.77
N SER K 860 58.66 -67.70 47.39
CA SER K 860 57.89 -66.91 48.36
C SER K 860 56.42 -67.14 48.02
N PHE K 861 55.97 -66.74 46.84
CA PHE K 861 54.56 -66.80 46.48
C PHE K 861 54.22 -68.02 45.62
N ALA K 862 55.05 -69.05 45.65
CA ALA K 862 54.71 -70.29 44.94
C ALA K 862 53.49 -70.97 45.56
N ILE K 863 53.16 -70.65 46.81
CA ILE K 863 52.00 -71.26 47.45
C ILE K 863 50.71 -70.78 46.80
N TYR K 864 50.68 -69.55 46.30
CA TYR K 864 49.49 -69.02 45.63
C TYR K 864 49.57 -69.24 44.13
N ALA L 16 2.75 22.89 24.72
CA ALA L 16 1.72 23.47 25.57
C ALA L 16 2.05 23.26 27.05
N PRO L 17 1.90 24.29 27.86
CA PRO L 17 2.24 24.20 29.28
C PRO L 17 1.39 23.15 29.99
N ASP L 18 2.01 22.48 30.96
CA ASP L 18 1.35 21.46 31.78
C ASP L 18 1.29 21.93 33.22
N ALA L 19 0.11 21.80 33.83
CA ALA L 19 -0.06 22.24 35.22
C ALA L 19 0.79 21.41 36.17
N VAL L 20 0.85 20.09 35.96
CA VAL L 20 1.66 19.24 36.83
C VAL L 20 3.14 19.58 36.67
N PHE L 21 3.57 19.87 35.45
CA PHE L 21 4.97 20.24 35.21
C PHE L 21 5.32 21.51 35.98
N GLY L 22 4.44 22.52 35.93
CA GLY L 22 4.69 23.73 36.70
C GLY L 22 4.66 23.52 38.19
N ASP L 23 3.75 22.67 38.66
CA ASP L 23 3.69 22.34 40.09
C ASP L 23 4.99 21.71 40.56
N ARG L 24 5.51 20.75 39.79
CA ARG L 24 6.78 20.13 40.14
C ARG L 24 7.93 21.11 40.04
N VAL L 25 7.90 22.02 39.06
CA VAL L 25 8.94 23.03 38.92
C VAL L 25 8.97 23.91 40.17
N ARG L 26 7.80 24.37 40.62
CA ARG L 26 7.77 25.23 41.79
C ARG L 26 8.11 24.46 43.07
N ARG L 27 7.76 23.17 43.14
CA ARG L 27 8.15 22.37 44.29
C ARG L 27 9.67 22.22 44.36
N PHE L 28 10.32 21.96 43.22
CA PHE L 28 11.78 21.87 43.24
C PHE L 28 12.43 23.23 43.47
N GLN L 29 11.78 24.31 43.04
CA GLN L 29 12.28 25.64 43.38
C GLN L 29 12.22 25.88 44.88
N GLU L 30 11.14 25.43 45.52
CA GLU L 30 11.06 25.50 46.98
C GLU L 30 12.17 24.67 47.62
N PHE L 31 12.43 23.48 47.07
CA PHE L 31 13.51 22.63 47.59
C PHE L 31 14.86 23.33 47.48
N LEU L 32 15.12 23.96 46.33
CA LEU L 32 16.38 24.67 46.13
C LEU L 32 16.49 25.87 47.05
N ASP L 33 15.38 26.56 47.31
CA ASP L 33 15.41 27.69 48.24
C ASP L 33 15.67 27.22 49.67
N THR L 34 15.11 26.07 50.05
CA THR L 34 15.30 25.57 51.40
C THR L 34 16.77 25.22 51.68
N PHE L 35 17.40 24.50 50.75
CA PHE L 35 18.81 24.11 50.88
C PHE L 35 19.66 25.13 50.12
N THR L 36 20.27 26.06 50.87
CA THR L 36 21.00 27.16 50.26
C THR L 36 22.28 26.74 49.56
N SER L 37 22.76 25.53 49.84
CA SER L 37 24.01 25.07 49.23
C SER L 37 23.91 25.03 47.72
N TYR L 38 22.70 24.84 47.19
CA TYR L 38 22.56 24.78 45.74
C TYR L 38 22.60 26.17 45.09
N ARG L 39 22.14 27.20 45.76
CA ARG L 39 22.35 28.54 45.18
C ARG L 39 23.84 28.83 45.31
N ASP L 40 24.48 28.41 46.42
CA ASP L 40 25.89 28.71 46.59
C ASP L 40 26.70 28.03 45.50
N SER L 41 26.40 26.77 45.18
CA SER L 41 27.12 26.06 44.13
C SER L 41 26.89 26.73 42.77
N VAL L 42 25.64 27.06 42.46
CA VAL L 42 25.36 27.65 41.15
C VAL L 42 26.00 29.02 41.04
N ARG L 43 25.93 29.82 42.12
CA ARG L 43 26.57 31.13 42.13
C ARG L 43 28.08 31.01 41.96
N SER L 44 28.71 30.04 42.64
CA SER L 44 30.13 29.84 42.50
C SER L 44 30.50 29.45 41.07
N ILE L 45 29.71 28.56 40.46
CA ILE L 45 29.97 28.16 39.08
C ILE L 45 29.86 29.36 38.15
N GLN L 46 28.82 30.17 38.33
CA GLN L 46 28.62 31.31 37.44
C GLN L 46 29.73 32.35 37.61
N VAL L 47 30.15 32.63 38.85
CA VAL L 47 31.21 33.62 39.04
C VAL L 47 32.54 33.09 38.51
N TYR L 48 32.79 31.78 38.67
CA TYR L 48 33.99 31.19 38.07
C TYR L 48 34.00 31.35 36.56
N ASN L 49 32.86 31.03 35.91
CA ASN L 49 32.78 31.14 34.47
C ASN L 49 32.97 32.58 34.01
N SER L 50 32.30 33.53 34.69
CA SER L 50 32.44 34.93 34.32
C SER L 50 33.86 35.44 34.52
N ASN L 51 34.51 35.05 35.62
CA ASN L 51 35.86 35.52 35.91
C ASN L 51 36.99 35.16 34.95
N ASN L 52 37.01 33.92 34.46
CA ASN L 52 37.96 33.57 33.41
C ASN L 52 37.49 33.79 31.91
N ALA L 53 36.25 34.24 31.82
CA ALA L 53 35.66 34.68 30.56
C ALA L 53 36.18 36.10 30.40
N ALA L 54 36.05 36.94 31.43
CA ALA L 54 36.60 38.29 31.37
C ALA L 54 38.12 38.30 31.42
N ASN L 55 38.73 37.31 32.08
CA ASN L 55 40.19 37.25 32.14
C ASN L 55 40.80 37.02 30.77
N TYR L 56 40.21 36.12 29.98
CA TYR L 56 40.70 35.78 28.65
C TYR L 56 39.78 36.31 27.55
N ASN L 57 39.05 37.38 27.84
CA ASN L 57 38.14 38.01 26.88
C ASN L 57 37.13 37.03 26.31
N LEU L 89 41.57 29.25 31.81
CA LEU L 89 41.72 27.86 32.18
C LEU L 89 40.65 26.99 31.53
N ASN L 90 39.62 26.65 32.30
CA ASN L 90 38.53 25.82 31.81
C ASN L 90 37.21 26.39 32.28
N ILE L 91 36.15 26.04 31.58
CA ILE L 91 34.80 26.51 31.89
C ILE L 91 34.05 25.39 32.61
N LEU L 92 33.57 25.68 33.81
CA LEU L 92 32.86 24.68 34.58
C LEU L 92 31.51 24.36 33.93
N PRO L 93 31.10 23.10 33.94
CA PRO L 93 29.81 22.74 33.35
C PRO L 93 28.64 23.25 34.18
N HIS L 94 27.50 23.41 33.50
CA HIS L 94 26.27 23.83 34.16
C HIS L 94 25.56 22.59 34.73
N ARG L 95 26.17 22.06 35.79
CA ARG L 95 25.70 20.82 36.42
C ARG L 95 25.81 20.95 37.92
N ILE L 96 24.80 20.44 38.63
CA ILE L 96 24.73 20.53 40.08
C ILE L 96 24.52 19.13 40.65
N ILE L 97 25.33 18.79 41.65
CA ILE L 97 25.18 17.52 42.37
C ILE L 97 24.05 17.70 43.37
N ILE L 98 23.04 16.84 43.31
CA ILE L 98 21.89 16.90 44.20
C ILE L 98 21.92 15.69 45.13
N SER L 99 21.89 15.96 46.43
CA SER L 99 21.87 14.90 47.42
C SER L 99 20.44 14.39 47.59
N LEU L 100 20.23 13.11 47.27
CA LEU L 100 18.89 12.54 47.35
C LEU L 100 18.40 12.44 48.80
N ASP L 101 19.32 12.36 49.76
CA ASP L 101 18.92 12.33 51.17
C ASP L 101 18.26 13.65 51.57
N ASP L 102 18.83 14.78 51.14
CA ASP L 102 18.21 16.07 51.42
C ASP L 102 16.84 16.19 50.75
N LEU L 103 16.70 15.68 49.52
CA LEU L 103 15.41 15.70 48.85
C LEU L 103 14.38 14.84 49.59
N ARG L 104 14.81 13.67 50.09
CA ARG L 104 13.90 12.85 50.89
C ARG L 104 13.49 13.55 52.17
N GLU L 105 14.43 14.25 52.81
CA GLU L 105 14.10 15.04 54.00
C GLU L 105 13.10 16.13 53.67
N PHE L 106 13.29 16.83 52.55
CA PHE L 106 12.40 17.93 52.19
C PHE L 106 11.04 17.41 51.74
N ASP L 107 11.01 16.64 50.65
CA ASP L 107 9.77 16.13 50.08
C ASP L 107 10.00 14.68 49.67
N ARG L 108 9.49 13.74 50.48
CA ARG L 108 9.59 12.32 50.13
C ARG L 108 8.94 11.84 48.85
N SER L 109 7.80 12.42 48.48
CA SER L 109 7.20 12.07 47.19
C SER L 109 7.96 12.59 45.95
N PHE L 110 8.59 13.76 46.11
CA PHE L 110 9.41 14.31 45.04
C PHE L 110 10.60 13.38 44.93
N TRP L 111 11.15 12.94 46.08
CA TRP L 111 12.27 12.01 46.07
C TRP L 111 11.88 10.68 45.43
N SER L 112 10.74 10.12 45.86
CA SER L 112 10.27 8.87 45.27
C SER L 112 9.88 9.06 43.80
N GLY L 113 9.38 10.25 43.43
CA GLY L 113 9.07 10.50 42.03
C GLY L 113 10.32 10.53 41.17
N ILE L 114 11.38 11.17 41.65
CA ILE L 114 12.63 11.17 40.90
C ILE L 114 13.21 9.77 40.80
N LEU L 115 13.16 9.00 41.90
CA LEU L 115 13.78 7.68 41.88
C LEU L 115 12.99 6.69 41.03
N VAL L 116 11.67 6.79 41.03
CA VAL L 116 10.81 5.80 40.39
C VAL L 116 10.29 6.27 39.05
N GLU L 117 10.00 7.56 38.91
CA GLU L 117 9.46 8.13 37.68
C GLU L 117 10.33 9.31 37.23
N PRO L 118 11.59 9.05 36.88
CA PRO L 118 12.50 10.16 36.57
C PRO L 118 12.08 10.99 35.38
N ALA L 119 11.43 10.39 34.38
CA ALA L 119 11.04 11.13 33.18
C ALA L 119 10.03 12.22 33.47
N TYR L 120 9.30 12.13 34.59
CA TYR L 120 8.30 13.12 34.94
C TYR L 120 8.75 14.09 36.02
N PHE L 121 9.85 13.79 36.73
CA PHE L 121 10.29 14.62 37.83
C PHE L 121 11.65 15.27 37.63
N ILE L 122 12.49 14.72 36.75
CA ILE L 122 13.82 15.28 36.50
C ILE L 122 13.73 16.48 35.56
N PRO L 123 12.97 16.45 34.47
CA PRO L 123 12.84 17.65 33.62
C PRO L 123 12.30 18.85 34.38
N PRO L 124 11.26 18.71 35.21
CA PRO L 124 10.81 19.88 35.98
C PRO L 124 11.87 20.40 36.94
N ALA L 125 12.63 19.50 37.58
CA ALA L 125 13.68 19.92 38.49
C ALA L 125 14.80 20.64 37.76
N GLU L 126 15.17 20.15 36.58
CA GLU L 126 16.17 20.83 35.77
C GLU L 126 15.69 22.19 35.31
N LYS L 127 14.41 22.31 34.93
CA LYS L 127 13.88 23.62 34.57
C LYS L 127 13.89 24.57 35.76
N ALA L 128 13.57 24.07 36.95
CA ALA L 128 13.62 24.90 38.14
C ALA L 128 15.06 25.37 38.41
N LEU L 129 16.03 24.47 38.27
CA LEU L 129 17.43 24.86 38.46
C LEU L 129 17.86 25.90 37.43
N THR L 130 17.45 25.72 36.18
CA THR L 130 17.80 26.69 35.14
C THR L 130 17.16 28.05 35.41
N ASP L 131 15.90 28.05 35.84
CA ASP L 131 15.24 29.30 36.19
C ASP L 131 15.96 29.97 37.35
N LEU L 132 16.38 29.19 38.34
CA LEU L 132 17.07 29.75 39.49
C LEU L 132 18.41 30.36 39.08
N ALA L 133 19.14 29.65 38.21
CA ALA L 133 20.44 30.12 37.74
C ALA L 133 20.31 31.40 36.91
N ASP L 134 19.30 31.46 36.04
CA ASP L 134 19.08 32.69 35.28
C ASP L 134 18.50 33.81 36.14
N SER L 135 17.91 33.47 37.29
CA SER L 135 17.47 34.51 38.22
C SER L 135 18.66 35.12 38.94
N MET L 136 19.64 34.30 39.32
CA MET L 136 20.80 34.87 40.00
C MET L 136 21.77 35.52 39.03
N ASP L 137 21.58 35.32 37.72
CA ASP L 137 22.53 35.77 36.72
C ASP L 137 22.36 37.26 36.46
N ASP L 138 22.50 38.06 37.52
CA ASP L 138 22.44 39.51 37.38
C ASP L 138 23.63 40.03 36.59
N VAL L 139 24.79 39.39 36.76
CA VAL L 139 25.99 39.72 36.00
C VAL L 139 26.22 38.63 34.96
N PRO L 140 25.72 38.80 33.73
CA PRO L 140 25.87 37.75 32.72
C PRO L 140 27.33 37.58 32.31
N HIS L 141 27.63 36.38 31.83
CA HIS L 141 28.97 36.11 31.33
C HIS L 141 29.25 36.98 30.10
N PRO L 142 30.49 37.43 29.92
CA PRO L 142 30.80 38.26 28.75
C PRO L 142 30.51 37.52 27.45
N ASN L 143 29.87 38.22 26.52
CA ASN L 143 29.49 37.67 25.23
C ASN L 143 28.71 36.35 25.37
N SER L 149 14.62 28.19 30.14
CA SER L 149 15.28 29.47 29.86
C SER L 149 16.58 29.25 29.10
N ARG L 150 17.49 30.23 29.21
CA ARG L 150 18.79 30.16 28.56
C ARG L 150 19.76 29.33 29.40
N HIS L 151 20.76 28.76 28.70
CA HIS L 151 21.82 27.96 29.31
C HIS L 151 21.23 26.86 30.17
N PRO L 152 20.67 25.80 29.57
CA PRO L 152 20.02 24.75 30.36
C PRO L 152 20.98 24.10 31.35
N TRP L 153 20.57 24.02 32.60
CA TRP L 153 21.35 23.40 33.65
C TRP L 153 20.91 21.97 33.86
N LYS L 154 21.87 21.05 33.89
CA LYS L 154 21.59 19.64 34.10
C LYS L 154 21.76 19.28 35.57
N LEU L 155 21.16 18.15 35.96
CA LEU L 155 21.19 17.68 37.33
C LEU L 155 21.98 16.38 37.44
N SER L 156 22.71 16.24 38.54
CA SER L 156 23.37 14.99 38.91
C SER L 156 22.98 14.65 40.34
N PHE L 157 22.91 13.35 40.61
CA PHE L 157 22.34 12.87 41.86
C PHE L 157 23.36 12.05 42.65
N LYS L 158 23.27 12.15 43.97
CA LYS L 158 24.12 11.40 44.88
C LYS L 158 23.34 11.11 46.16
N GLY L 159 23.79 10.11 46.89
CA GLY L 159 23.17 9.72 48.14
C GLY L 159 22.83 8.25 48.14
N SER L 160 21.89 7.89 49.01
CA SER L 160 21.46 6.50 49.16
C SER L 160 20.33 6.22 48.19
N PHE L 161 20.53 5.23 47.32
CA PHE L 161 19.52 4.85 46.34
C PHE L 161 18.64 3.69 46.79
N GLY L 162 19.04 2.96 47.83
CA GLY L 162 18.26 1.86 48.33
C GLY L 162 18.23 0.68 47.39
N ALA L 163 17.04 0.33 46.90
CA ALA L 163 16.89 -0.79 45.98
C ALA L 163 17.33 -0.47 44.56
N HIS L 164 17.57 0.80 44.25
CA HIS L 164 18.02 1.20 42.92
C HIS L 164 19.54 1.19 42.77
N ALA L 165 20.28 0.98 43.86
CA ALA L 165 21.73 0.81 43.79
C ALA L 165 22.01 -0.61 43.34
N LEU L 166 22.34 -0.78 42.06
CA LEU L 166 22.41 -2.11 41.47
C LEU L 166 23.74 -2.38 40.80
N SER L 167 23.82 -3.51 40.10
CA SER L 167 24.96 -3.94 39.31
C SER L 167 24.44 -4.39 37.96
N PRO L 168 25.31 -4.48 36.95
CA PRO L 168 24.84 -4.91 35.62
C PRO L 168 24.21 -6.29 35.63
N ARG L 169 24.50 -7.14 36.62
CA ARG L 169 23.86 -8.44 36.70
C ARG L 169 22.46 -8.35 37.30
N THR L 170 22.30 -7.55 38.36
CA THR L 170 21.02 -7.43 39.05
C THR L 170 20.11 -6.37 38.42
N LEU L 171 20.56 -5.69 37.37
CA LEU L 171 19.75 -4.68 36.70
C LEU L 171 18.87 -5.38 35.69
N THR L 172 17.60 -5.58 36.03
CA THR L 172 16.65 -6.32 35.22
C THR L 172 15.69 -5.36 34.52
N ALA L 173 14.72 -5.94 33.81
CA ALA L 173 13.78 -5.15 33.02
C ALA L 173 12.71 -4.46 33.87
N GLN L 174 12.58 -4.81 35.15
CA GLN L 174 11.65 -4.12 36.02
C GLN L 174 12.27 -2.89 36.67
N HIS L 175 13.53 -2.60 36.37
CA HIS L 175 14.16 -1.33 36.71
C HIS L 175 14.10 -0.32 35.57
N LEU L 176 13.45 -0.67 34.47
CA LEU L 176 13.39 0.22 33.32
C LEU L 176 12.58 1.47 33.65
N ASN L 177 13.00 2.59 33.06
CA ASN L 177 12.42 3.91 33.34
C ASN L 177 12.53 4.27 34.83
N LYS L 178 13.65 3.90 35.44
CA LYS L 178 13.95 4.25 36.83
C LYS L 178 15.35 4.86 36.91
N LEU L 179 15.53 5.72 37.90
CA LEU L 179 16.83 6.30 38.20
C LEU L 179 17.63 5.29 39.03
N VAL L 180 18.66 4.71 38.42
CA VAL L 180 19.43 3.65 39.05
C VAL L 180 20.90 4.05 39.10
N SER L 181 21.57 3.61 40.16
CA SER L 181 23.01 3.72 40.30
C SER L 181 23.62 2.35 40.10
N VAL L 182 24.46 2.22 39.07
CA VAL L 182 25.05 0.95 38.68
C VAL L 182 26.55 1.03 38.93
N GLU L 183 27.07 0.08 39.69
CA GLU L 183 28.50 -0.04 39.96
C GLU L 183 29.08 -1.17 39.11
N GLY L 184 30.19 -0.88 38.44
CA GLY L 184 30.80 -1.88 37.60
C GLY L 184 32.20 -1.49 37.18
N ILE L 185 32.69 -2.17 36.15
CA ILE L 185 34.00 -1.90 35.57
C ILE L 185 33.81 -1.47 34.12
N VAL L 186 34.51 -0.41 33.73
CA VAL L 186 34.44 0.06 32.35
C VAL L 186 35.29 -0.85 31.48
N THR L 187 34.66 -1.51 30.50
CA THR L 187 35.37 -2.39 29.59
C THR L 187 35.57 -1.79 28.20
N LYS L 188 34.63 -0.98 27.73
CA LYS L 188 34.74 -0.33 26.43
C LYS L 188 34.34 1.13 26.56
N THR L 189 35.11 1.99 25.90
CA THR L 189 34.78 3.41 25.78
C THR L 189 34.84 3.78 24.31
N SER L 190 33.69 4.10 23.72
CA SER L 190 33.64 4.47 22.32
C SER L 190 34.29 5.84 22.11
N LEU L 191 34.50 6.18 20.85
CA LEU L 191 35.07 7.48 20.51
C LEU L 191 34.12 8.59 20.92
N VAL L 192 34.68 9.70 21.40
CA VAL L 192 33.89 10.86 21.77
C VAL L 192 33.51 11.56 20.46
N ARG L 193 32.32 11.28 19.98
CA ARG L 193 31.92 11.77 18.66
C ARG L 193 31.03 12.99 18.81
N PRO L 194 31.21 14.02 17.99
CA PRO L 194 30.24 15.13 18.01
C PRO L 194 28.91 14.69 17.41
N LYS L 195 27.85 15.26 17.96
CA LYS L 195 26.48 15.03 17.50
C LYS L 195 25.90 16.38 17.11
N LEU L 196 25.41 16.49 15.88
CA LEU L 196 24.86 17.74 15.40
C LEU L 196 23.51 17.99 16.05
N ILE L 197 23.42 19.03 16.89
CA ILE L 197 22.15 19.40 17.51
C ILE L 197 21.57 20.67 16.93
N ARG L 198 22.35 21.42 16.15
CA ARG L 198 21.83 22.59 15.44
C ARG L 198 22.78 22.89 14.29
N SER L 199 22.25 22.90 13.06
CA SER L 199 23.03 23.18 11.87
C SER L 199 22.67 24.57 11.36
N VAL L 200 23.69 25.38 11.10
CA VAL L 200 23.53 26.74 10.61
C VAL L 200 24.03 26.80 9.18
N HIS L 201 23.19 27.35 8.28
CA HIS L 201 23.47 27.42 6.87
C HIS L 201 23.40 28.87 6.40
N TYR L 202 24.03 29.14 5.26
CA TYR L 202 24.09 30.47 4.67
C TYR L 202 23.53 30.41 3.27
N ALA L 203 22.62 31.32 2.94
CA ALA L 203 22.09 31.49 1.60
C ALA L 203 22.72 32.74 1.00
N ALA L 204 23.54 32.54 -0.03
CA ALA L 204 24.29 33.66 -0.60
C ALA L 204 23.40 34.55 -1.46
N LYS L 205 22.41 33.98 -2.15
CA LYS L 205 21.52 34.79 -2.98
C LYS L 205 20.74 35.78 -2.13
N THR L 206 20.19 35.33 -1.01
CA THR L 206 19.56 36.24 -0.06
C THR L 206 20.52 36.75 0.99
N GLY L 207 21.70 36.15 1.11
CA GLY L 207 22.66 36.57 2.13
C GLY L 207 22.13 36.42 3.54
N ARG L 208 21.44 35.30 3.82
CA ARG L 208 20.74 35.13 5.07
C ARG L 208 21.17 33.84 5.75
N PHE L 209 21.21 33.86 7.08
CA PHE L 209 21.61 32.70 7.87
C PHE L 209 20.38 31.98 8.39
N HIS L 210 20.27 30.71 8.06
CA HIS L 210 19.20 29.84 8.50
C HIS L 210 19.75 28.80 9.47
N TYR L 211 18.86 28.10 10.17
CA TYR L 211 19.29 27.07 11.10
C TYR L 211 18.21 26.01 11.24
N ARG L 212 18.62 24.84 11.72
CA ARG L 212 17.71 23.74 12.00
C ARG L 212 18.19 22.98 13.22
N ASP L 213 17.28 22.70 14.13
CA ASP L 213 17.58 21.96 15.35
C ASP L 213 17.22 20.48 15.16
N TYR L 214 18.07 19.61 15.71
CA TYR L 214 17.90 18.17 15.57
C TYR L 214 17.69 17.53 16.94
N THR L 215 16.85 16.50 16.98
CA THR L 215 16.48 15.83 18.21
C THR L 215 16.49 14.32 17.98
N ASP L 216 16.97 13.58 18.97
CA ASP L 216 16.99 12.13 18.93
C ASP L 216 16.27 11.58 20.15
N ALA L 217 16.19 10.25 20.23
CA ALA L 217 15.44 9.61 21.31
C ALA L 217 16.19 9.63 22.64
N THR L 218 17.50 9.84 22.62
CA THR L 218 18.30 9.78 23.85
C THR L 218 18.51 11.14 24.51
N THR L 219 18.15 12.23 23.84
CA THR L 219 18.41 13.56 24.40
C THR L 219 17.36 14.00 25.41
N THR L 220 16.21 13.33 25.46
CA THR L 220 15.16 13.66 26.42
C THR L 220 14.73 12.40 27.15
N LEU L 221 14.35 12.57 28.42
CA LEU L 221 13.83 11.45 29.20
C LEU L 221 12.44 11.03 28.75
N THR L 222 11.61 11.98 28.34
CA THR L 222 10.30 11.67 27.80
C THR L 222 10.38 11.37 26.30
N THR L 223 9.39 10.65 25.79
CA THR L 223 9.33 10.30 24.38
C THR L 223 8.60 11.39 23.62
N ARG L 224 9.19 11.83 22.53
CA ARG L 224 8.64 12.86 21.69
C ARG L 224 7.82 12.21 20.59
N ILE L 225 7.26 13.02 19.71
CA ILE L 225 6.91 12.49 18.40
C ILE L 225 8.21 12.58 17.61
N PRO L 226 8.64 11.50 16.97
CA PRO L 226 9.83 11.57 16.10
C PRO L 226 9.58 12.50 14.93
N THR L 227 10.53 13.41 14.70
CA THR L 227 10.47 14.38 13.60
C THR L 227 11.76 14.27 12.79
N PRO L 228 11.82 13.36 11.81
CA PRO L 228 13.05 13.21 11.02
C PRO L 228 13.25 14.35 10.04
N ALA L 229 13.52 15.55 10.55
CA ALA L 229 13.80 16.69 9.68
C ALA L 229 15.09 16.47 8.92
N ILE L 230 15.02 16.60 7.59
CA ILE L 230 16.20 16.34 6.77
C ILE L 230 17.21 17.47 6.93
N TYR L 231 18.44 17.20 6.54
CA TYR L 231 19.47 18.23 6.54
C TYR L 231 19.16 19.24 5.44
N PRO L 232 19.02 20.52 5.75
CA PRO L 232 18.63 21.50 4.73
C PRO L 232 19.73 21.74 3.69
N THR L 233 19.53 21.21 2.49
CA THR L 233 20.46 21.42 1.39
C THR L 233 20.08 22.61 0.52
N GLU L 234 18.91 23.19 0.73
CA GLU L 234 18.48 24.34 -0.03
C GLU L 234 17.47 25.11 0.82
N ASP L 235 17.24 26.36 0.44
CA ASP L 235 16.25 27.18 1.12
C ASP L 235 14.86 26.71 0.74
N THR L 236 13.85 27.32 1.41
CA THR L 236 12.46 27.01 1.11
C THR L 236 12.12 27.33 -0.35
N GLU L 237 12.74 28.37 -0.90
CA GLU L 237 12.41 28.90 -2.22
C GLU L 237 13.45 28.59 -3.29
N GLY L 238 14.37 27.65 -3.04
CA GLY L 238 15.25 27.15 -4.06
C GLY L 238 16.69 27.59 -3.98
N ASN L 239 17.04 28.51 -3.09
CA ASN L 239 18.41 28.97 -2.98
C ASN L 239 19.30 27.89 -2.36
N LYS L 240 20.47 27.68 -2.97
CA LYS L 240 21.41 26.70 -2.45
C LYS L 240 22.02 27.17 -1.14
N LEU L 241 22.09 26.27 -0.16
CA LEU L 241 22.61 26.58 1.16
C LEU L 241 24.04 26.06 1.30
N THR L 242 24.84 26.81 2.05
CA THR L 242 26.22 26.43 2.37
C THR L 242 26.31 26.22 3.86
N THR L 243 26.76 25.03 4.28
CA THR L 243 26.87 24.73 5.70
C THR L 243 27.94 25.62 6.34
N GLU L 244 27.57 26.24 7.46
CA GLU L 244 28.48 27.11 8.20
C GLU L 244 28.98 26.37 9.42
N TYR L 245 30.05 25.59 9.24
CA TYR L 245 30.73 24.98 10.38
C TYR L 245 31.36 26.07 11.25
N GLY L 246 31.38 25.81 12.55
CA GLY L 246 31.78 26.80 13.53
C GLY L 246 30.65 27.66 14.05
N TYR L 247 29.54 27.73 13.32
CA TYR L 247 28.30 28.30 13.83
C TYR L 247 27.25 27.23 14.12
N SER L 248 27.38 26.05 13.53
CA SER L 248 26.57 24.90 13.93
C SER L 248 26.99 24.42 15.31
N THR L 249 26.09 23.70 15.97
CA THR L 249 26.31 23.25 17.33
C THR L 249 26.50 21.74 17.34
N PHE L 250 27.63 21.30 17.87
CA PHE L 250 27.95 19.88 18.03
C PHE L 250 28.17 19.59 19.52
N ILE L 251 27.57 18.49 19.97
CA ILE L 251 27.59 18.09 21.38
C ILE L 251 28.33 16.77 21.49
N ASP L 252 29.31 16.72 22.40
CA ASP L 252 30.09 15.49 22.57
C ASP L 252 29.18 14.36 23.05
N HIS L 253 29.40 13.17 22.48
CA HIS L 253 28.61 12.00 22.81
C HIS L 253 29.54 10.80 22.93
N GLN L 254 29.41 10.05 24.02
CA GLN L 254 30.19 8.84 24.22
C GLN L 254 29.27 7.72 24.69
N ARG L 255 29.66 6.49 24.37
CA ARG L 255 28.90 5.29 24.76
C ARG L 255 29.87 4.30 25.39
N ILE L 256 29.82 4.17 26.71
CA ILE L 256 30.70 3.27 27.43
C ILE L 256 29.91 2.03 27.80
N THR L 257 30.65 0.96 28.11
CA THR L 257 30.07 -0.31 28.53
C THR L 257 30.56 -0.62 29.94
N VAL L 258 29.61 -0.80 30.85
CA VAL L 258 29.91 -1.05 32.26
C VAL L 258 29.60 -2.52 32.54
N GLN L 259 30.60 -3.25 32.99
CA GLN L 259 30.49 -4.68 33.27
C GLN L 259 30.66 -4.91 34.77
N GLU L 260 30.04 -5.97 35.27
CA GLU L 260 30.14 -6.31 36.68
C GLU L 260 31.60 -6.44 37.10
N MET L 261 31.94 -5.84 38.23
CA MET L 261 33.32 -5.81 38.67
C MET L 261 33.81 -7.22 38.96
N PRO L 262 35.07 -7.54 38.63
CA PRO L 262 35.58 -8.88 38.91
C PRO L 262 35.56 -9.23 40.39
N GLU L 263 35.71 -8.24 41.29
CA GLU L 263 35.72 -8.52 42.71
C GLU L 263 34.35 -8.92 43.25
N MET L 264 33.26 -8.62 42.53
CA MET L 264 31.94 -9.00 42.97
C MET L 264 31.19 -9.87 41.96
N ALA L 265 31.69 -10.04 40.74
CA ALA L 265 31.04 -10.92 39.80
C ALA L 265 31.25 -12.38 40.21
N PRO L 266 30.25 -13.24 39.97
CA PRO L 266 30.44 -14.66 40.29
C PRO L 266 31.58 -15.28 39.50
N ALA L 267 32.31 -16.17 40.16
CA ALA L 267 33.46 -16.80 39.53
C ALA L 267 33.03 -17.89 38.57
N GLY L 268 33.65 -17.92 37.39
CA GLY L 268 33.35 -18.92 36.39
C GLY L 268 32.12 -18.64 35.55
N GLN L 269 31.45 -17.51 35.76
CA GLN L 269 30.24 -17.17 35.02
C GLN L 269 30.50 -16.01 34.08
N LEU L 270 29.83 -16.04 32.93
CA LEU L 270 29.98 -14.97 31.96
C LEU L 270 29.43 -13.66 32.54
N PRO L 271 30.18 -12.57 32.47
CA PRO L 271 29.74 -11.33 33.12
C PRO L 271 28.62 -10.65 32.34
N ARG L 272 27.93 -9.75 33.03
CA ARG L 272 26.85 -8.97 32.46
C ARG L 272 27.30 -7.53 32.24
N SER L 273 26.86 -6.94 31.14
CA SER L 273 27.26 -5.60 30.76
C SER L 273 26.02 -4.74 30.50
N ILE L 274 26.22 -3.43 30.58
CA ILE L 274 25.15 -2.46 30.34
C ILE L 274 25.75 -1.25 29.64
N ASP L 275 25.00 -0.69 28.68
CA ASP L 275 25.45 0.47 27.94
C ASP L 275 25.07 1.76 28.65
N VAL L 276 26.01 2.72 28.68
CA VAL L 276 25.79 4.03 29.28
C VAL L 276 26.15 5.09 28.27
N ILE L 277 25.29 6.09 28.12
CA ILE L 277 25.46 7.17 27.16
C ILE L 277 25.74 8.46 27.92
N LEU L 278 26.84 9.11 27.58
CA LEU L 278 27.29 10.34 28.22
C LEU L 278 27.30 11.48 27.21
N ASP L 279 26.92 12.68 27.64
CA ASP L 279 26.67 13.78 26.72
C ASP L 279 27.27 15.08 27.26
N ASP L 280 28.32 15.55 26.60
CA ASP L 280 28.80 16.94 26.60
C ASP L 280 29.50 17.38 27.87
N ASP L 281 29.37 16.64 28.97
CA ASP L 281 30.26 16.86 30.11
C ASP L 281 30.68 15.60 30.83
N LEU L 282 30.02 14.47 30.63
CA LEU L 282 30.42 13.21 31.25
C LEU L 282 31.31 12.38 30.34
N VAL L 283 31.56 12.86 29.11
CA VAL L 283 32.49 12.16 28.23
C VAL L 283 33.92 12.30 28.76
N ASP L 284 34.73 11.28 28.53
CA ASP L 284 36.12 11.23 28.98
C ASP L 284 36.26 11.33 30.49
N LYS L 285 35.19 11.04 31.24
CA LYS L 285 35.28 11.01 32.69
C LYS L 285 35.87 9.71 33.21
N THR L 286 35.93 8.67 32.38
CA THR L 286 36.47 7.37 32.77
C THR L 286 37.28 6.80 31.61
N LYS L 287 38.07 5.78 31.93
CA LYS L 287 38.89 5.05 30.97
C LYS L 287 38.62 3.57 31.14
N PRO L 288 38.89 2.75 30.12
CA PRO L 288 38.67 1.30 30.25
C PRO L 288 39.47 0.73 31.41
N GLY L 289 38.84 -0.19 32.13
CA GLY L 289 39.41 -0.77 33.33
C GLY L 289 39.09 -0.02 34.60
N ASP L 290 38.48 1.16 34.50
CA ASP L 290 38.14 1.92 35.69
C ASP L 290 36.92 1.33 36.38
N ARG L 291 36.98 1.26 37.71
CA ARG L 291 35.77 1.02 38.49
C ARG L 291 34.92 2.28 38.44
N VAL L 292 33.62 2.12 38.19
CA VAL L 292 32.74 3.25 37.94
C VAL L 292 31.41 3.05 38.65
N ASN L 293 30.83 4.16 39.08
CA ASN L 293 29.45 4.20 39.57
C ASN L 293 28.71 5.22 38.70
N VAL L 294 27.80 4.74 37.87
CA VAL L 294 27.05 5.59 36.96
C VAL L 294 25.62 5.70 37.45
N VAL L 295 25.18 6.92 37.71
CA VAL L 295 23.79 7.21 38.06
C VAL L 295 23.08 7.70 36.82
N GLY L 296 21.99 7.04 36.46
CA GLY L 296 21.28 7.41 35.25
C GLY L 296 19.94 6.71 35.16
N VAL L 297 19.18 7.12 34.15
CA VAL L 297 17.84 6.57 33.93
C VAL L 297 17.97 5.35 33.03
N PHE L 298 17.51 4.20 33.52
CA PHE L 298 17.52 2.97 32.73
C PHE L 298 16.40 3.06 31.69
N LYS L 299 16.76 3.44 30.48
CA LYS L 299 15.80 3.72 29.42
C LYS L 299 15.66 2.53 28.47
N SER L 300 14.47 2.44 27.88
CA SER L 300 14.19 1.52 26.78
C SER L 300 13.95 2.33 25.52
N LEU L 301 14.53 1.87 24.41
CA LEU L 301 14.49 2.63 23.17
C LEU L 301 14.05 1.72 22.04
N GLY L 302 13.64 2.33 20.94
CA GLY L 302 13.18 1.58 19.79
C GLY L 302 11.83 0.94 20.03
N ALA L 303 11.54 -0.07 19.22
CA ALA L 303 10.29 -0.81 19.31
C ALA L 303 10.48 -2.28 19.69
N GLY L 304 11.71 -2.78 19.67
CA GLY L 304 11.95 -4.18 20.00
C GLY L 304 11.32 -5.15 19.05
N GLY L 305 11.28 -4.82 17.76
CA GLY L 305 10.71 -5.69 16.75
C GLY L 305 9.22 -5.56 16.55
N MET L 306 8.53 -4.79 17.40
CA MET L 306 7.10 -4.62 17.22
C MET L 306 6.78 -3.76 16.00
N ASN L 307 7.53 -2.69 15.79
CA ASN L 307 7.31 -1.85 14.62
C ASN L 307 7.73 -2.61 13.37
N GLN L 308 6.76 -2.89 12.51
CA GLN L 308 6.95 -3.74 11.34
C GLN L 308 7.71 -2.95 10.27
N SER L 309 8.93 -3.40 9.97
CA SER L 309 9.75 -2.77 8.95
C SER L 309 9.89 -3.68 7.73
N LEU L 314 14.02 -6.65 15.92
CA LEU L 314 14.86 -6.98 17.06
C LEU L 314 14.22 -8.06 17.93
N ILE L 315 15.05 -8.82 18.63
CA ILE L 315 14.53 -9.85 19.54
C ILE L 315 13.81 -9.20 20.72
N GLY L 316 14.37 -8.12 21.25
CA GLY L 316 13.77 -7.42 22.37
C GLY L 316 14.07 -5.94 22.28
N PHE L 317 13.56 -5.21 23.26
CA PHE L 317 13.75 -3.76 23.29
C PHE L 317 15.20 -3.40 23.60
N LYS L 318 15.68 -2.35 22.94
CA LYS L 318 17.04 -1.86 23.13
C LYS L 318 17.08 -1.02 24.40
N THR L 319 17.83 -1.49 25.40
CA THR L 319 17.89 -0.83 26.70
C THR L 319 19.30 -0.33 26.97
N LEU L 320 19.37 0.84 27.60
CA LEU L 320 20.65 1.44 27.98
C LEU L 320 20.38 2.46 29.09
N ILE L 321 21.46 2.98 29.65
CA ILE L 321 21.39 3.94 30.75
C ILE L 321 21.78 5.32 30.22
N LEU L 322 20.88 6.29 30.38
CA LEU L 322 21.18 7.68 30.06
C LEU L 322 21.92 8.26 31.27
N GLY L 323 23.24 8.28 31.19
CA GLY L 323 24.07 8.69 32.31
C GLY L 323 23.84 10.12 32.77
N ASN L 324 23.51 10.27 34.04
CA ASN L 324 23.42 11.60 34.66
C ASN L 324 24.66 11.95 35.47
N THR L 325 25.30 10.95 36.09
CA THR L 325 26.46 11.17 36.95
C THR L 325 27.44 10.03 36.76
N VAL L 326 28.73 10.36 36.73
CA VAL L 326 29.79 9.38 36.62
C VAL L 326 30.77 9.60 37.78
N TYR L 327 30.91 8.59 38.64
CA TYR L 327 31.88 8.60 39.74
C TYR L 327 32.93 7.53 39.52
N PRO L 328 34.15 7.88 39.11
CA PRO L 328 35.24 6.91 39.17
C PRO L 328 35.51 6.51 40.61
N LEU L 329 35.56 5.20 40.84
CA LEU L 329 35.77 4.64 42.16
C LEU L 329 37.20 4.17 42.33
N HIS L 330 37.68 4.19 43.57
CA HIS L 330 39.03 3.74 43.89
C HIS L 330 38.96 2.33 44.48
N ALA L 331 39.51 1.36 43.77
CA ALA L 331 39.71 0.01 44.27
C ALA L 331 41.19 -0.33 44.20
N ARG L 332 41.63 -1.16 45.14
CA ARG L 332 43.04 -1.50 45.19
C ARG L 332 43.46 -2.28 43.94
N SER L 333 44.70 -2.06 43.53
CA SER L 333 45.26 -2.65 42.31
C SER L 333 44.43 -2.29 41.08
N THR L 334 43.97 -1.03 41.02
CA THR L 334 43.29 -0.49 39.87
C THR L 334 43.98 0.79 39.43
N GLY L 335 43.55 1.31 38.28
CA GLY L 335 44.19 2.47 37.69
C GLY L 335 43.62 3.80 38.11
N VAL L 336 42.85 3.81 39.20
CA VAL L 336 42.21 5.02 39.71
C VAL L 336 42.93 5.45 40.97
N ALA L 337 43.44 6.68 40.98
CA ALA L 337 44.10 7.21 42.17
C ALA L 337 43.08 7.55 43.25
N ALA L 338 43.59 7.85 44.44
CA ALA L 338 42.74 8.11 45.61
C ALA L 338 42.83 9.59 45.98
N ARG L 339 41.96 10.38 45.36
CA ARG L 339 41.71 11.74 45.81
C ARG L 339 41.08 11.71 47.20
N GLN L 340 41.55 12.61 48.07
CA GLN L 340 40.97 12.74 49.41
C GLN L 340 40.68 14.21 49.69
N MET L 341 39.62 14.42 50.47
CA MET L 341 39.23 15.78 50.84
C MET L 341 40.04 16.24 52.05
N LEU L 342 40.76 17.34 51.87
CA LEU L 342 41.61 17.91 52.91
C LEU L 342 40.93 19.16 53.45
N THR L 343 40.29 19.02 54.61
CA THR L 343 39.72 20.18 55.28
C THR L 343 40.81 21.03 55.88
N ASP L 344 40.45 22.26 56.26
CA ASP L 344 41.42 23.16 56.88
C ASP L 344 41.94 22.59 58.19
N PHE L 345 41.10 21.84 58.92
CA PHE L 345 41.56 21.17 60.13
C PHE L 345 42.63 20.13 59.82
N ASP L 346 42.44 19.37 58.73
CA ASP L 346 43.42 18.38 58.34
C ASP L 346 44.75 19.01 57.97
N ILE L 347 44.72 20.11 57.21
CA ILE L 347 45.95 20.80 56.82
C ILE L 347 46.63 21.39 58.05
N ARG L 348 45.84 21.93 58.98
CA ARG L 348 46.39 22.47 60.22
C ARG L 348 47.10 21.40 61.02
N ASN L 349 46.46 20.22 61.15
CA ASN L 349 47.10 19.12 61.86
C ASN L 349 48.37 18.66 61.15
N ILE L 350 48.32 18.60 59.82
CA ILE L 350 49.49 18.18 59.05
C ILE L 350 50.67 19.13 59.30
N ASN L 351 50.39 20.44 59.26
CA ASN L 351 51.45 21.41 59.49
C ASN L 351 51.87 21.29 60.95
N LYS L 352 50.91 21.10 61.86
CA LYS L 352 51.28 20.99 63.27
C LYS L 352 52.26 19.84 63.51
N LEU L 353 51.94 18.65 62.99
CA LEU L 353 52.88 17.54 63.07
C LEU L 353 54.18 17.69 62.30
N SER L 354 54.15 18.36 61.15
CA SER L 354 55.38 18.60 60.40
C SER L 354 56.34 19.48 61.18
N LYS L 355 55.82 20.35 62.04
CA LYS L 355 56.70 21.16 62.89
C LYS L 355 57.49 20.32 63.88
N LYS L 356 57.02 19.11 64.20
CA LYS L 356 57.74 18.25 65.12
C LYS L 356 59.03 17.73 64.50
N LYS L 357 60.06 17.55 65.34
CA LYS L 357 61.35 17.11 64.85
C LYS L 357 61.29 15.65 64.40
N ASP L 358 60.70 14.78 65.22
CA ASP L 358 60.71 13.34 64.97
C ASP L 358 59.54 12.89 64.11
N ILE L 359 58.95 13.78 63.32
CA ILE L 359 57.78 13.44 62.53
C ILE L 359 58.09 12.28 61.60
N PHE L 360 59.27 12.29 60.97
CA PHE L 360 59.70 11.14 60.16
C PHE L 360 59.49 9.84 60.93
N ASP L 361 60.06 9.75 62.14
CA ASP L 361 59.89 8.54 62.93
C ASP L 361 58.42 8.29 63.21
N ILE L 362 57.66 9.33 63.54
CA ILE L 362 56.24 9.18 63.80
C ILE L 362 55.53 8.61 62.57
N LEU L 363 55.94 9.07 61.39
CA LEU L 363 55.37 8.53 60.16
C LEU L 363 55.93 7.15 59.84
N SER L 364 57.16 6.86 60.28
CA SER L 364 57.77 5.58 59.97
C SER L 364 57.15 4.45 60.77
N GLN L 365 56.96 4.65 62.08
CA GLN L 365 56.38 3.62 62.92
C GLN L 365 54.90 3.42 62.66
N SER L 366 54.18 4.46 62.25
CA SER L 366 52.75 4.36 62.03
C SER L 366 52.38 3.68 60.72
N LEU L 367 53.36 3.40 59.86
CA LEU L 367 53.08 2.70 58.61
C LEU L 367 52.54 1.30 58.89
N ALA L 368 53.37 0.42 59.45
CA ALA L 368 53.00 -0.96 59.73
C ALA L 368 53.30 -1.30 61.19
N PRO L 369 52.45 -0.83 62.12
CA PRO L 369 52.69 -1.10 63.52
C PRO L 369 52.56 -2.61 63.68
N SER L 370 51.70 -3.24 62.90
CA SER L 370 51.43 -4.70 63.05
C SER L 370 52.71 -5.47 62.75
N ILE L 371 53.49 -5.01 61.79
CA ILE L 371 54.81 -5.64 61.55
C ILE L 371 55.74 -5.13 62.65
N TYR L 372 56.48 -6.04 63.29
CA TYR L 372 57.45 -5.64 64.32
C TYR L 372 58.79 -5.39 63.64
N GLY L 373 59.39 -4.26 63.95
CA GLY L 373 60.70 -3.97 63.39
C GLY L 373 60.59 -3.51 61.96
N HIS L 374 61.58 -3.82 61.14
CA HIS L 374 61.58 -3.35 59.74
C HIS L 374 61.39 -1.85 59.80
N ASP L 375 62.21 -1.16 60.58
CA ASP L 375 61.98 0.29 60.82
C ASP L 375 62.56 1.11 59.68
N HIS L 376 63.77 0.82 59.23
CA HIS L 376 64.36 1.53 58.10
C HIS L 376 63.68 1.12 56.80
N ILE L 377 63.19 -0.11 56.71
CA ILE L 377 62.36 -0.49 55.57
C ILE L 377 61.11 0.38 55.52
N LYS L 378 60.49 0.62 56.68
CA LYS L 378 59.34 1.51 56.73
C LYS L 378 59.72 2.94 56.39
N LYS L 379 60.90 3.39 56.83
CA LYS L 379 61.38 4.71 56.45
C LYS L 379 61.53 4.83 54.94
N ALA L 380 62.13 3.81 54.32
CA ALA L 380 62.29 3.79 52.87
C ALA L 380 60.95 3.76 52.16
N ILE L 381 60.00 3.00 52.70
CA ILE L 381 58.67 2.93 52.10
C ILE L 381 57.97 4.29 52.17
N LEU L 382 58.09 4.97 53.30
CA LEU L 382 57.51 6.31 53.42
C LEU L 382 58.18 7.29 52.45
N LEU L 383 59.50 7.22 52.32
CA LEU L 383 60.20 8.08 51.38
C LEU L 383 59.77 7.80 49.94
N MET L 384 59.58 6.53 49.59
CA MET L 384 59.09 6.18 48.27
C MET L 384 57.66 6.68 48.06
N LEU L 385 56.83 6.62 49.10
CA LEU L 385 55.49 7.19 49.01
C LEU L 385 55.54 8.68 48.73
N MET L 386 56.44 9.40 49.40
CA MET L 386 56.70 10.79 49.04
C MET L 386 57.43 10.88 47.71
N GLY L 387 58.62 10.29 47.64
CA GLY L 387 59.40 10.30 46.43
C GLY L 387 60.10 11.63 46.20
N GLY L 388 61.04 11.62 45.25
CA GLY L 388 61.72 12.82 44.83
C GLY L 388 60.90 13.60 43.81
N VAL L 389 61.53 14.61 43.24
CA VAL L 389 60.92 15.43 42.20
C VAL L 389 61.68 15.16 40.90
N GLU L 390 60.93 14.78 39.86
CA GLU L 390 61.54 14.50 38.56
C GLU L 390 62.00 15.78 37.89
N LYS L 391 63.06 15.68 37.10
CA LYS L 391 63.63 16.82 36.39
C LYS L 391 63.42 16.63 34.90
N ASN L 392 62.84 17.64 34.25
CA ASN L 392 62.62 17.64 32.82
C ASN L 392 63.42 18.81 32.24
N LEU L 393 64.63 18.52 31.78
CA LEU L 393 65.50 19.56 31.27
C LEU L 393 64.98 20.08 29.93
N GLU L 394 65.44 21.28 29.56
CA GLU L 394 64.89 21.96 28.38
C GLU L 394 65.15 21.16 27.10
N ASN L 395 66.34 20.55 27.00
CA ASN L 395 66.66 19.77 25.81
C ASN L 395 65.76 18.56 25.65
N GLY L 396 65.16 18.06 26.74
CA GLY L 396 64.23 16.96 26.65
C GLY L 396 64.59 15.77 27.52
N SER L 397 65.76 15.80 28.14
CA SER L 397 66.19 14.71 28.98
C SER L 397 65.35 14.62 30.25
N HIS L 398 65.38 13.46 30.88
CA HIS L 398 64.51 13.24 32.05
C HIS L 398 65.35 12.68 33.19
N LEU L 399 65.17 13.22 34.39
CA LEU L 399 65.87 12.66 35.56
C LEU L 399 64.77 12.06 36.41
N ARG L 400 64.96 10.84 36.93
CA ARG L 400 63.90 10.09 37.63
C ARG L 400 63.73 10.66 39.03
N GLY L 401 62.52 10.73 39.50
CA GLY L 401 62.26 11.20 40.84
C GLY L 401 61.48 10.20 41.66
N ASP L 402 61.44 8.96 41.18
CA ASP L 402 60.73 7.86 41.82
C ASP L 402 61.73 6.93 42.47
N ILE L 403 61.41 6.46 43.68
CA ILE L 403 62.31 5.62 44.46
C ILE L 403 61.85 4.17 44.36
N ASN L 404 62.76 3.29 43.95
CA ASN L 404 62.49 1.86 43.91
C ASN L 404 63.13 1.17 45.11
N ILE L 405 62.45 0.16 45.63
CA ILE L 405 62.91 -0.58 46.79
C ILE L 405 62.82 -2.06 46.48
N LEU L 406 63.87 -2.81 46.83
CA LEU L 406 63.86 -4.27 46.73
C LEU L 406 64.12 -4.83 48.12
N MET L 407 63.38 -5.88 48.47
CA MET L 407 63.53 -6.56 49.76
C MET L 407 63.81 -8.03 49.49
N VAL L 408 65.06 -8.44 49.64
CA VAL L 408 65.42 -9.85 49.53
C VAL L 408 65.48 -10.43 50.94
N GLY L 409 64.83 -11.55 51.16
CA GLY L 409 64.89 -12.01 52.54
C GLY L 409 64.49 -13.43 52.73
N ASP L 410 64.51 -13.88 53.98
CA ASP L 410 64.22 -15.28 54.32
C ASP L 410 62.72 -15.44 54.32
N PRO L 411 62.17 -16.66 54.33
CA PRO L 411 60.73 -16.83 54.44
C PRO L 411 60.14 -16.22 55.72
N SER L 412 58.93 -15.68 55.64
CA SER L 412 58.23 -15.07 56.80
C SER L 412 58.97 -13.96 57.56
N THR L 413 59.49 -12.95 56.87
CA THR L 413 60.06 -11.75 57.52
C THR L 413 59.13 -10.60 57.08
N ALA L 414 57.89 -10.93 56.69
CA ALA L 414 56.83 -9.96 56.30
C ALA L 414 57.07 -9.11 55.06
N LYS L 415 57.85 -9.59 54.11
CA LYS L 415 58.06 -8.86 52.85
C LYS L 415 56.73 -8.69 52.12
N SER L 416 55.95 -9.73 52.01
CA SER L 416 54.62 -9.65 51.36
C SER L 416 53.60 -8.85 52.14
N GLN L 417 53.63 -8.90 53.46
CA GLN L 417 52.72 -8.04 54.26
C GLN L 417 53.14 -6.58 54.08
N LEU L 418 54.43 -6.28 54.03
CA LEU L 418 54.89 -4.90 53.71
C LEU L 418 54.53 -4.55 52.27
N LEU L 419 54.42 -5.51 51.34
CA LEU L 419 53.93 -5.18 50.00
C LEU L 419 52.42 -4.93 50.00
N ARG L 420 51.67 -5.77 50.72
CA ARG L 420 50.22 -5.61 50.78
C ARG L 420 49.83 -4.32 51.48
N PHE L 421 50.57 -3.93 52.52
CA PHE L 421 50.29 -2.65 53.17
C PHE L 421 50.49 -1.50 52.20
N VAL L 422 51.58 -1.52 51.44
CA VAL L 422 51.82 -0.45 50.46
C VAL L 422 50.71 -0.44 49.41
N LEU L 423 50.26 -1.62 48.99
CA LEU L 423 49.14 -1.69 48.05
C LEU L 423 47.89 -1.05 48.64
N ASN L 424 47.63 -1.30 49.92
CA ASN L 424 46.40 -0.81 50.53
C ASN L 424 46.47 0.70 50.81
N THR L 425 47.63 1.22 51.18
CA THR L 425 47.72 2.59 51.66
C THR L 425 48.15 3.59 50.60
N ALA L 426 48.79 3.14 49.51
CA ALA L 426 49.23 4.08 48.50
C ALA L 426 48.08 4.74 47.75
N SER L 427 48.34 5.96 47.28
CA SER L 427 47.35 6.68 46.49
C SER L 427 46.97 5.87 45.25
N LEU L 428 47.97 5.37 44.53
CA LEU L 428 47.74 4.52 43.36
C LEU L 428 48.78 3.42 43.36
N ALA L 429 48.33 2.18 43.55
CA ALA L 429 49.23 1.05 43.64
C ALA L 429 48.64 -0.14 42.89
N ILE L 430 49.50 -0.83 42.14
CA ILE L 430 49.13 -2.03 41.39
C ILE L 430 49.97 -3.19 41.91
N ALA L 431 49.32 -4.29 42.26
CA ALA L 431 49.99 -5.46 42.82
C ALA L 431 50.16 -6.51 41.74
N THR L 432 51.40 -6.96 41.54
CA THR L 432 51.74 -7.99 40.57
C THR L 432 52.61 -9.04 41.23
N THR L 433 52.62 -10.23 40.64
CA THR L 433 53.50 -11.31 41.08
C THR L 433 54.37 -11.77 39.93
N GLY L 434 55.58 -12.18 40.27
CA GLY L 434 56.54 -12.64 39.27
C GLY L 434 56.02 -13.87 38.54
N ARG L 435 55.99 -13.80 37.21
CA ARG L 435 55.52 -14.82 36.28
C ARG L 435 54.00 -14.95 36.30
N GLY L 436 53.32 -14.34 37.28
CA GLY L 436 51.88 -14.18 37.17
C GLY L 436 51.50 -13.11 36.18
N SER L 437 52.41 -12.16 35.94
CA SER L 437 52.26 -11.14 34.91
C SER L 437 53.54 -11.07 34.11
N SER L 438 53.41 -11.17 32.78
CA SER L 438 54.57 -11.10 31.90
C SER L 438 54.83 -9.66 31.49
N GLY L 439 55.80 -9.48 30.59
CA GLY L 439 56.04 -8.16 30.02
C GLY L 439 54.82 -7.63 29.28
N VAL L 440 54.07 -8.52 28.63
CA VAL L 440 52.78 -8.15 28.07
C VAL L 440 51.83 -7.69 29.17
N GLY L 441 51.85 -8.38 30.31
CA GLY L 441 51.02 -7.99 31.43
C GLY L 441 51.59 -6.87 32.28
N LEU L 442 52.90 -6.66 32.25
CA LEU L 442 53.53 -5.56 32.98
C LEU L 442 53.55 -4.29 32.14
N THR L 443 54.14 -4.36 30.94
CA THR L 443 54.17 -3.24 30.02
C THR L 443 52.96 -3.31 29.09
N ALA L 444 52.95 -2.48 28.05
CA ALA L 444 51.81 -2.39 27.16
C ALA L 444 51.68 -3.63 26.30
N ALA L 445 50.58 -3.69 25.54
CA ALA L 445 50.31 -4.79 24.64
C ALA L 445 49.48 -4.29 23.47
N VAL L 446 49.77 -4.81 22.28
CA VAL L 446 49.03 -4.45 21.08
C VAL L 446 47.90 -5.44 20.90
N THR L 447 46.67 -4.91 20.79
CA THR L 447 45.49 -5.75 20.64
C THR L 447 45.01 -5.73 19.19
N ARG L 455 45.68 -3.46 16.59
CA ARG L 455 45.78 -2.12 16.06
C ARG L 455 45.55 -1.07 17.15
N ARG L 456 45.34 -1.55 18.38
CA ARG L 456 45.14 -0.68 19.52
C ARG L 456 45.97 -1.20 20.69
N LEU L 457 46.31 -0.29 21.61
CA LEU L 457 47.18 -0.60 22.73
C LEU L 457 46.36 -0.81 24.00
N GLU L 458 46.74 -1.83 24.76
CA GLU L 458 46.15 -2.10 26.07
C GLU L 458 47.24 -1.91 27.12
N ALA L 459 46.98 -1.02 28.08
CA ALA L 459 47.96 -0.71 29.09
C ALA L 459 48.18 -1.89 30.03
N GLY L 460 49.45 -2.11 30.40
CA GLY L 460 49.81 -3.17 31.31
C GLY L 460 49.89 -2.70 32.75
N ALA L 461 50.58 -3.50 33.57
CA ALA L 461 50.64 -3.22 35.00
C ALA L 461 51.37 -1.92 35.29
N MET L 462 52.49 -1.69 34.62
CA MET L 462 53.33 -0.53 34.89
C MET L 462 52.92 0.70 34.09
N VAL L 463 51.98 0.57 33.16
CA VAL L 463 51.44 1.74 32.48
C VAL L 463 50.21 2.28 33.21
N LEU L 464 49.36 1.39 33.73
CA LEU L 464 48.25 1.82 34.57
C LEU L 464 48.76 2.45 35.86
N ALA L 465 49.89 1.98 36.38
CA ALA L 465 50.48 2.50 37.60
C ALA L 465 51.33 3.73 37.38
N ASP L 466 51.15 4.43 36.26
CA ASP L 466 51.86 5.68 36.03
C ASP L 466 51.58 6.66 37.15
N ARG L 467 52.62 7.34 37.62
CA ARG L 467 52.55 8.22 38.79
C ARG L 467 52.05 7.46 40.01
N GLY L 468 52.42 6.19 40.11
CA GLY L 468 51.98 5.36 41.23
C GLY L 468 53.05 4.40 41.72
N VAL L 469 52.62 3.29 42.31
CA VAL L 469 53.52 2.30 42.89
C VAL L 469 53.18 0.94 42.31
N VAL L 470 54.22 0.16 42.01
CA VAL L 470 54.07 -1.22 41.53
C VAL L 470 54.68 -2.14 42.59
N CYS L 471 53.84 -2.96 43.21
CA CYS L 471 54.26 -3.90 44.24
C CYS L 471 54.41 -5.27 43.60
N ILE L 472 55.65 -5.68 43.35
CA ILE L 472 55.95 -6.95 42.69
C ILE L 472 56.40 -7.95 43.74
N ASP L 473 55.58 -8.96 43.97
CA ASP L 473 55.92 -10.06 44.86
C ASP L 473 56.53 -11.20 44.04
N GLU L 474 57.42 -11.96 44.68
CA GLU L 474 58.19 -13.01 44.03
C GLU L 474 58.96 -12.46 42.83
N PHE L 475 59.77 -11.44 43.09
CA PHE L 475 60.51 -10.77 42.02
C PHE L 475 61.54 -11.69 41.37
N ASP L 476 62.12 -12.60 42.15
CA ASP L 476 63.14 -13.50 41.60
C ASP L 476 62.56 -14.44 40.55
N LYS L 477 61.30 -14.84 40.72
CA LYS L 477 60.65 -15.76 39.77
C LYS L 477 60.05 -14.97 38.60
N MET L 478 60.92 -14.21 37.93
CA MET L 478 60.55 -13.40 36.78
C MET L 478 61.44 -13.74 35.61
N THR L 479 60.84 -13.90 34.43
CA THR L 479 61.59 -14.25 33.25
C THR L 479 62.43 -13.08 32.75
N ASP L 480 63.50 -13.40 32.00
CA ASP L 480 64.38 -12.37 31.48
C ASP L 480 63.68 -11.50 30.45
N VAL L 481 62.73 -12.06 29.70
CA VAL L 481 61.95 -11.27 28.76
C VAL L 481 61.21 -10.16 29.50
N ASP L 482 60.67 -10.47 30.67
CA ASP L 482 60.09 -9.44 31.51
C ASP L 482 61.17 -8.55 32.10
N ARG L 483 62.35 -9.12 32.40
CA ARG L 483 63.40 -8.38 33.06
C ARG L 483 63.91 -7.22 32.21
N VAL L 484 63.99 -7.42 30.89
CA VAL L 484 64.47 -6.34 30.03
C VAL L 484 63.48 -5.18 30.00
N ALA L 485 62.19 -5.49 29.90
CA ALA L 485 61.17 -4.44 29.95
C ALA L 485 61.21 -3.70 31.28
N ILE L 486 61.40 -4.44 32.38
CA ILE L 486 61.55 -3.81 33.68
C ILE L 486 62.78 -2.92 33.73
N HIS L 487 63.88 -3.35 33.08
CA HIS L 487 65.06 -2.51 32.96
C HIS L 487 64.73 -1.17 32.33
N GLU L 488 63.97 -1.18 31.24
CA GLU L 488 63.58 0.08 30.61
C GLU L 488 62.68 0.89 31.53
N VAL L 489 61.73 0.24 32.21
CA VAL L 489 60.72 0.98 32.96
C VAL L 489 61.33 1.66 34.18
N MET L 490 62.25 1.00 34.86
CA MET L 490 62.79 1.58 36.11
C MET L 490 63.58 2.87 35.92
N GLU L 491 64.48 3.02 34.96
CA GLU L 491 65.29 4.28 34.90
C GLU L 491 64.69 5.32 33.98
N GLN L 492 64.30 4.95 32.77
CA GLN L 492 63.83 5.93 31.75
C GLN L 492 62.36 6.23 31.93
N GLN L 493 61.65 5.43 32.70
CA GLN L 493 60.24 5.66 33.02
C GLN L 493 59.42 5.74 31.74
N THR L 494 59.62 4.81 30.79
CA THR L 494 58.88 4.79 29.53
C THR L 494 58.83 3.37 29.01
N VAL L 495 57.82 3.10 28.18
CA VAL L 495 57.64 1.81 27.52
C VAL L 495 57.55 2.08 26.03
N THR L 496 58.55 1.62 25.29
CA THR L 496 58.56 1.77 23.84
C THR L 496 58.08 0.47 23.21
N ILE L 497 56.95 0.52 22.51
CA ILE L 497 56.35 -0.71 21.98
C ILE L 497 57.02 -1.10 20.66
N ALA L 498 56.88 -0.26 19.64
CA ALA L 498 57.46 -0.50 18.32
C ALA L 498 57.10 -1.90 17.79
N LYS L 499 55.80 -2.19 17.82
CA LYS L 499 55.31 -3.51 17.45
C LYS L 499 54.11 -3.38 16.51
N ALA L 500 54.11 -4.19 15.46
CA ALA L 500 52.97 -4.30 14.53
C ALA L 500 52.56 -2.93 13.99
N GLY L 501 53.55 -2.12 13.63
CA GLY L 501 53.27 -0.79 13.11
C GLY L 501 52.86 0.23 14.13
N ILE L 502 52.95 -0.10 15.43
CA ILE L 502 52.59 0.83 16.50
C ILE L 502 53.87 1.20 17.22
N HIS L 503 54.44 2.35 16.84
CA HIS L 503 55.62 2.91 17.51
C HIS L 503 55.13 3.97 18.50
N THR L 504 55.06 3.60 19.77
CA THR L 504 54.50 4.45 20.80
C THR L 504 55.39 4.41 22.04
N THR L 505 55.52 5.56 22.70
CA THR L 505 56.27 5.67 23.95
C THR L 505 55.29 6.01 25.07
N LEU L 506 54.82 4.99 25.77
CA LEU L 506 53.91 5.17 26.89
C LEU L 506 54.68 5.59 28.13
N ASN L 507 54.02 6.37 28.99
CA ASN L 507 54.62 6.82 30.22
C ASN L 507 54.41 5.78 31.32
N ALA L 508 55.50 5.41 32.00
CA ALA L 508 55.47 4.42 33.07
C ALA L 508 56.24 4.97 34.27
N ARG L 509 55.96 6.23 34.61
CA ARG L 509 56.63 6.91 35.72
C ARG L 509 56.12 6.36 37.05
N CYS L 510 56.57 5.15 37.37
CA CYS L 510 56.11 4.44 38.55
C CYS L 510 57.29 4.05 39.42
N SER L 511 57.05 4.04 40.73
CA SER L 511 58.03 3.57 41.70
C SER L 511 57.76 2.11 42.02
N VAL L 512 58.80 1.28 41.92
CA VAL L 512 58.66 -0.17 42.02
C VAL L 512 59.18 -0.60 43.39
N ILE L 513 58.33 -1.29 44.15
CA ILE L 513 58.73 -1.97 45.37
C ILE L 513 58.52 -3.45 45.17
N ALA L 514 59.56 -4.24 45.44
CA ALA L 514 59.55 -5.66 45.10
C ALA L 514 60.06 -6.49 46.26
N ALA L 515 59.62 -7.74 46.30
CA ALA L 515 60.05 -8.71 47.30
C ALA L 515 60.61 -9.93 46.60
N ALA L 516 61.69 -10.48 47.14
CA ALA L 516 62.39 -11.60 46.54
C ALA L 516 62.95 -12.52 47.60
N ASN L 517 63.19 -13.78 47.21
CA ASN L 517 63.79 -14.81 48.04
C ASN L 517 65.19 -15.15 47.54
N PRO L 518 66.06 -15.64 48.42
CA PRO L 518 67.43 -15.99 47.99
C PRO L 518 67.47 -17.20 47.07
N VAL L 519 68.67 -17.61 46.66
CA VAL L 519 68.82 -18.73 45.75
C VAL L 519 68.39 -20.03 46.44
N PHE L 520 68.90 -20.25 47.65
CA PHE L 520 68.68 -21.50 48.37
C PHE L 520 67.49 -21.43 49.31
N GLY L 521 66.74 -20.33 49.31
CA GLY L 521 65.62 -20.16 50.20
C GLY L 521 65.98 -19.64 51.58
N GLN L 522 67.26 -19.62 51.94
CA GLN L 522 67.73 -19.08 53.21
C GLN L 522 68.97 -18.27 52.95
N TYR L 523 68.98 -17.01 53.38
CA TYR L 523 70.13 -16.14 53.16
C TYR L 523 71.30 -16.62 54.00
N ASP L 524 72.31 -17.20 53.33
CA ASP L 524 73.50 -17.70 54.02
C ASP L 524 74.41 -16.53 54.34
N VAL L 525 74.60 -16.25 55.64
CA VAL L 525 75.48 -15.16 56.04
C VAL L 525 76.93 -15.45 55.71
N ASN L 526 77.30 -16.73 55.56
CA ASN L 526 78.67 -17.07 55.19
C ASN L 526 78.97 -16.63 53.75
N ARG L 527 78.01 -16.78 52.85
CA ARG L 527 78.21 -16.41 51.46
C ARG L 527 78.13 -14.89 51.31
N ASP L 528 78.38 -14.43 50.07
CA ASP L 528 78.30 -13.02 49.72
C ASP L 528 76.95 -12.71 49.07
N PRO L 529 76.49 -11.46 49.15
CA PRO L 529 75.17 -11.14 48.57
C PRO L 529 75.07 -11.42 47.09
N HIS L 530 76.13 -11.21 46.31
CA HIS L 530 76.04 -11.36 44.87
C HIS L 530 75.66 -12.79 44.47
N GLN L 531 76.10 -13.78 45.25
CA GLN L 531 75.72 -15.17 44.99
C GLN L 531 74.39 -15.53 45.61
N ASN L 532 73.98 -14.83 46.67
CA ASN L 532 72.71 -15.12 47.33
C ASN L 532 71.50 -14.51 46.61
N ILE L 533 71.71 -13.46 45.80
CA ILE L 533 70.61 -12.78 45.13
C ILE L 533 70.23 -13.47 43.82
N ALA L 534 71.23 -13.78 42.99
CA ALA L 534 71.02 -14.34 41.65
C ALA L 534 70.12 -13.45 40.80
N LEU L 535 70.42 -12.16 40.79
CA LEU L 535 69.77 -11.20 39.92
C LEU L 535 70.80 -10.42 39.14
N PRO L 536 70.47 -9.98 37.92
CA PRO L 536 71.45 -9.21 37.14
C PRO L 536 71.89 -7.96 37.88
N ASP L 537 73.19 -7.67 37.78
CA ASP L 537 73.74 -6.51 38.49
C ASP L 537 73.16 -5.21 37.94
N SER L 538 72.95 -5.15 36.61
CA SER L 538 72.32 -3.97 36.03
C SER L 538 70.90 -3.79 36.54
N LEU L 539 70.20 -4.89 36.83
CA LEU L 539 68.86 -4.79 37.40
C LEU L 539 68.91 -4.32 38.85
N LEU L 540 69.87 -4.83 39.63
CA LEU L 540 69.99 -4.41 41.03
C LEU L 540 70.43 -2.96 41.14
N SER L 541 71.13 -2.42 40.16
CA SER L 541 71.50 -0.98 40.20
C SER L 541 70.27 -0.08 40.18
N ARG L 542 69.22 -0.44 39.43
CA ARG L 542 68.01 0.40 39.30
C ARG L 542 67.30 0.53 40.64
N PHE L 543 67.32 -0.51 41.44
CA PHE L 543 66.70 -0.48 42.79
C PHE L 543 67.49 0.51 43.61
N ASP L 544 66.81 1.56 44.06
CA ASP L 544 67.47 2.60 44.84
C ASP L 544 67.92 2.09 46.19
N LEU L 545 67.10 1.25 46.83
CA LEU L 545 67.41 0.72 48.15
C LEU L 545 67.15 -0.78 48.16
N LEU L 546 68.21 -1.57 48.38
CA LEU L 546 68.12 -3.01 48.45
C LEU L 546 68.32 -3.43 49.90
N PHE L 547 67.28 -4.01 50.50
CA PHE L 547 67.31 -4.43 51.89
C PHE L 547 67.36 -5.95 51.94
N VAL L 548 68.40 -6.49 52.56
CA VAL L 548 68.52 -7.92 52.83
C VAL L 548 68.09 -8.15 54.27
N VAL L 549 67.00 -8.89 54.44
CA VAL L 549 66.47 -9.18 55.77
C VAL L 549 66.66 -10.66 56.05
N THR L 550 67.20 -10.97 57.23
CA THR L 550 67.52 -12.33 57.63
C THR L 550 66.78 -12.66 58.91
N ASP L 551 66.23 -13.87 58.98
CA ASP L 551 65.47 -14.33 60.15
C ASP L 551 66.45 -14.94 61.14
N ASP L 552 67.12 -14.08 61.90
CA ASP L 552 68.04 -14.51 62.94
C ASP L 552 67.27 -14.86 64.21
N ILE L 553 67.53 -16.04 64.74
CA ILE L 553 66.83 -16.52 65.93
C ILE L 553 67.56 -15.96 67.15
N ASN L 554 67.02 -14.88 67.71
CA ASN L 554 67.56 -14.27 68.92
C ASN L 554 66.45 -14.16 69.95
N GLU L 555 66.76 -14.52 71.20
CA GLU L 555 65.73 -14.72 72.21
C GLU L 555 64.95 -13.45 72.49
N ILE L 556 65.65 -12.31 72.60
CA ILE L 556 64.98 -11.05 72.91
C ILE L 556 63.95 -10.72 71.83
N ARG L 557 64.40 -10.60 70.58
CA ARG L 557 63.46 -10.33 69.49
C ARG L 557 62.52 -11.50 69.25
N ASP L 558 62.89 -12.72 69.64
CA ASP L 558 61.96 -13.84 69.50
C ASP L 558 60.72 -13.64 70.37
N ARG L 559 60.93 -13.40 71.67
CA ARG L 559 59.80 -13.13 72.55
C ARG L 559 59.10 -11.84 72.17
N SER L 560 59.83 -10.80 71.77
CA SER L 560 59.21 -9.49 71.42
C SER L 560 58.32 -9.59 70.17
N ILE L 561 58.79 -10.27 69.13
CA ILE L 561 57.97 -10.49 67.91
C ILE L 561 56.77 -11.38 68.22
N SER L 562 56.89 -12.29 69.19
CA SER L 562 55.79 -13.25 69.48
C SER L 562 54.74 -12.51 70.30
N GLU L 563 55.16 -11.72 71.30
CA GLU L 563 54.23 -10.86 72.02
C GLU L 563 53.52 -9.90 71.08
N HIS L 564 54.24 -9.32 70.12
CA HIS L 564 53.58 -8.43 69.14
C HIS L 564 52.56 -9.23 68.33
N VAL L 565 52.95 -10.37 67.79
CA VAL L 565 52.05 -11.16 66.91
C VAL L 565 50.80 -11.50 67.71
N LEU L 566 50.90 -11.75 69.00
CA LEU L 566 49.74 -12.19 69.79
C LEU L 566 48.90 -10.97 70.15
N ARG L 567 49.54 -9.86 70.49
CA ARG L 567 48.78 -8.64 70.75
C ARG L 567 47.98 -8.22 69.53
N THR L 568 48.58 -8.32 68.34
CA THR L 568 47.85 -7.99 67.12
C THR L 568 46.68 -8.95 66.90
N HIS L 569 46.90 -10.24 67.17
CA HIS L 569 45.82 -11.22 67.06
C HIS L 569 44.73 -10.99 68.10
N ARG L 570 45.07 -10.40 69.25
CA ARG L 570 44.10 -10.09 70.30
C ARG L 570 43.65 -8.64 70.10
N TYR L 571 42.89 -8.41 69.05
CA TYR L 571 42.39 -7.09 68.72
C TYR L 571 40.90 -7.15 68.42
N LEU L 572 40.16 -6.15 68.90
CA LEU L 572 38.74 -6.07 68.67
C LEU L 572 38.36 -4.71 68.08
N PRO L 573 37.52 -4.69 67.04
CA PRO L 573 37.04 -3.42 66.51
C PRO L 573 36.14 -2.72 67.51
N PRO L 574 35.99 -1.40 67.41
CA PRO L 574 35.16 -0.68 68.40
C PRO L 574 33.73 -1.15 68.47
N GLY L 575 33.14 -1.58 67.35
CA GLY L 575 31.75 -1.98 67.33
C GLY L 575 31.51 -3.46 67.13
N TYR L 576 32.30 -4.30 67.80
CA TYR L 576 32.18 -5.74 67.67
C TYR L 576 32.19 -6.41 69.03
N LEU L 577 31.56 -7.57 69.11
CA LEU L 577 31.52 -8.37 70.32
C LEU L 577 32.79 -9.22 70.43
N GLU L 578 32.93 -9.92 71.55
CA GLU L 578 34.12 -10.73 71.79
C GLU L 578 34.24 -11.85 70.77
N GLY L 579 33.13 -12.52 70.45
CA GLY L 579 33.17 -13.64 69.53
C GLY L 579 32.38 -13.40 68.26
N GLU L 580 32.43 -12.19 67.73
CA GLU L 580 31.73 -11.85 66.50
C GLU L 580 32.69 -11.85 65.32
N PRO L 581 32.41 -12.62 64.27
CA PRO L 581 33.28 -12.60 63.08
C PRO L 581 33.27 -11.22 62.44
N VAL L 582 34.47 -10.66 62.25
CA VAL L 582 34.58 -9.32 61.69
C VAL L 582 34.16 -9.34 60.23
N ARG L 583 33.22 -8.47 59.87
CA ARG L 583 32.81 -8.37 58.48
C ARG L 583 33.85 -7.61 57.67
N GLU L 584 33.76 -7.74 56.36
CA GLU L 584 34.79 -7.22 55.46
C GLU L 584 34.15 -6.84 54.13
N ARG L 585 34.28 -5.55 53.78
CA ARG L 585 33.80 -5.08 52.49
C ARG L 585 35.00 -4.83 51.57
N LEU L 586 34.71 -4.49 50.31
CA LEU L 586 35.76 -4.37 49.30
C LEU L 586 36.32 -2.96 49.18
N ASN L 587 35.81 -2.00 49.96
CA ASN L 587 36.37 -0.66 50.06
C ASN L 587 36.41 0.03 48.69
N LEU L 588 35.23 0.25 48.12
CA LEU L 588 35.10 1.00 46.87
C LEU L 588 35.03 2.48 47.21
N SER L 589 36.19 3.07 47.45
CA SER L 589 36.27 4.48 47.82
C SER L 589 35.93 5.38 46.64
N LEU L 590 35.38 6.55 46.96
CA LEU L 590 35.05 7.54 45.95
C LEU L 590 36.28 8.37 45.61
N ALA L 591 36.74 8.27 44.36
CA ALA L 591 37.86 9.10 43.92
C ALA L 591 37.37 10.53 43.69
N VAL L 592 37.44 11.34 44.73
CA VAL L 592 36.92 12.71 44.69
C VAL L 592 37.60 13.54 43.61
N ASP L 619 38.09 10.58 63.06
CA ASP L 619 38.34 11.99 62.81
C ASP L 619 39.49 12.51 63.66
N HIS L 620 40.34 11.60 64.13
CA HIS L 620 41.46 11.94 64.98
C HIS L 620 42.77 11.66 64.27
N VAL L 621 43.78 12.47 64.59
CA VAL L 621 45.09 12.33 63.96
C VAL L 621 45.75 11.01 64.34
N PHE L 622 45.75 10.69 65.63
CA PHE L 622 46.51 9.57 66.15
C PHE L 622 45.63 8.33 66.31
N GLU L 623 46.28 7.19 66.50
CA GLU L 623 45.63 5.89 66.51
C GLU L 623 45.42 5.42 67.95
N LYS L 624 44.20 4.91 68.22
CA LYS L 624 43.90 4.39 69.54
C LYS L 624 44.57 3.05 69.78
N PHE L 625 44.58 2.18 68.79
CA PHE L 625 45.16 0.84 68.93
C PHE L 625 46.65 0.90 68.61
N ASN L 626 47.48 0.65 69.61
CA ASN L 626 48.93 0.67 69.46
C ASN L 626 49.48 -0.72 69.73
N PRO L 627 49.86 -1.49 68.71
CA PRO L 627 50.46 -2.81 68.95
C PRO L 627 51.75 -2.73 69.76
N LEU L 628 52.52 -1.66 69.59
CA LEU L 628 53.74 -1.47 70.37
C LEU L 628 53.43 -0.75 71.68
N LEU L 629 54.03 -1.22 72.76
CA LEU L 629 53.84 -0.61 74.07
C LEU L 629 55.14 -0.62 74.87
N ILE L 647 57.46 4.77 73.91
CA ILE L 647 56.89 4.60 72.58
C ILE L 647 56.35 5.93 72.07
N PRO L 648 56.68 6.26 70.83
CA PRO L 648 56.13 7.47 70.20
C PRO L 648 54.69 7.25 69.77
N LYS L 649 54.04 8.33 69.37
CA LYS L 649 52.65 8.25 68.95
C LYS L 649 52.55 7.78 67.51
N LEU L 650 51.42 7.13 67.20
CA LEU L 650 51.17 6.55 65.88
C LEU L 650 49.93 7.19 65.29
N VAL L 651 50.03 7.67 64.06
CA VAL L 651 48.93 8.32 63.39
C VAL L 651 48.10 7.29 62.64
N THR L 652 46.83 7.59 62.43
CA THR L 652 45.96 6.68 61.71
C THR L 652 46.33 6.61 60.23
N ILE L 653 46.03 5.47 59.61
CA ILE L 653 46.36 5.29 58.20
C ILE L 653 45.66 6.31 57.31
N PRO L 654 44.37 6.62 57.47
CA PRO L 654 43.78 7.70 56.67
C PRO L 654 44.48 9.05 56.85
N PHE L 655 44.86 9.40 58.08
CA PHE L 655 45.57 10.66 58.29
C PHE L 655 46.95 10.61 57.65
N LEU L 656 47.61 9.46 57.71
CA LEU L 656 48.90 9.33 57.04
C LEU L 656 48.76 9.49 55.53
N ARG L 657 47.69 8.94 54.96
CA ARG L 657 47.44 9.13 53.54
C ARG L 657 47.19 10.59 53.22
N LYS L 658 46.44 11.29 54.08
CA LYS L 658 46.22 12.72 53.88
C LYS L 658 47.54 13.49 53.94
N TYR L 659 48.40 13.16 54.90
CA TYR L 659 49.69 13.84 55.02
C TYR L 659 50.56 13.58 53.79
N VAL L 660 50.60 12.32 53.34
CA VAL L 660 51.37 11.98 52.16
C VAL L 660 50.83 12.73 50.94
N GLN L 661 49.52 12.81 50.80
CA GLN L 661 48.93 13.54 49.68
C GLN L 661 49.30 15.02 49.73
N TYR L 662 49.22 15.62 50.91
CA TYR L 662 49.53 17.05 51.05
C TYR L 662 50.99 17.33 50.70
N ALA L 663 51.91 16.54 51.27
CA ALA L 663 53.32 16.73 51.00
C ALA L 663 53.66 16.41 49.55
N LYS L 664 52.96 15.44 48.96
CA LYS L 664 53.23 15.03 47.59
C LYS L 664 52.73 16.02 46.56
N GLU L 665 51.65 16.77 46.88
CA GLU L 665 51.02 17.65 45.90
C GLU L 665 51.26 19.13 46.15
N ARG L 666 51.75 19.52 47.33
CA ARG L 666 51.97 20.94 47.61
C ARG L 666 53.39 21.26 48.07
N VAL L 667 54.32 20.31 47.97
CA VAL L 667 55.71 20.55 48.35
C VAL L 667 56.61 20.05 47.23
N ILE L 668 57.44 20.95 46.70
CA ILE L 668 58.43 20.61 45.67
C ILE L 668 59.79 21.12 46.16
N PRO L 669 60.53 20.34 46.94
CA PRO L 669 61.77 20.83 47.53
C PRO L 669 62.83 21.16 46.48
N GLN L 670 63.64 22.17 46.79
CA GLN L 670 64.77 22.56 45.96
C GLN L 670 66.06 22.18 46.67
N LEU L 671 66.97 21.55 45.94
CA LEU L 671 68.26 21.17 46.51
C LEU L 671 69.07 22.41 46.87
N THR L 672 69.88 22.28 47.92
CA THR L 672 70.72 23.38 48.38
C THR L 672 72.18 22.94 48.42
N GLN L 673 73.07 23.94 48.41
CA GLN L 673 74.51 23.66 48.48
C GLN L 673 74.87 22.97 49.80
N GLU L 674 74.24 23.39 50.89
CA GLU L 674 74.52 22.77 52.19
C GLU L 674 74.06 21.31 52.21
N ALA L 675 73.09 20.93 51.38
CA ALA L 675 72.79 19.51 51.22
C ALA L 675 73.72 18.86 50.20
N ILE L 676 74.15 19.62 49.19
CA ILE L 676 74.99 19.07 48.14
C ILE L 676 76.35 18.65 48.69
N ASN L 677 76.89 19.43 49.63
CA ASN L 677 78.18 19.06 50.21
C ASN L 677 78.12 17.69 50.87
N VAL L 678 77.08 17.46 51.68
CA VAL L 678 76.90 16.17 52.33
C VAL L 678 76.68 15.07 51.30
N ILE L 679 75.84 15.34 50.29
CA ILE L 679 75.53 14.32 49.29
C ILE L 679 76.79 13.91 48.54
N VAL L 680 77.58 14.90 48.10
CA VAL L 680 78.79 14.64 47.33
C VAL L 680 79.82 13.91 48.19
N LYS L 681 80.00 14.34 49.43
CA LYS L 681 80.96 13.67 50.30
C LYS L 681 80.57 12.21 50.53
N ASN L 682 79.30 11.97 50.82
CA ASN L 682 78.84 10.61 51.07
C ASN L 682 78.98 9.75 49.82
N TYR L 683 78.64 10.30 48.65
CA TYR L 683 78.76 9.53 47.41
C TYR L 683 80.21 9.20 47.11
N THR L 684 81.11 10.16 47.30
CA THR L 684 82.52 9.89 47.04
C THR L 684 83.07 8.83 47.98
N ASP L 685 82.70 8.91 49.27
CA ASP L 685 83.14 7.89 50.22
C ASP L 685 82.58 6.52 49.85
N LEU L 686 81.29 6.44 49.54
CA LEU L 686 80.68 5.16 49.19
C LEU L 686 81.31 4.56 47.95
N ARG L 687 81.63 5.40 46.96
CA ARG L 687 82.28 4.91 45.75
C ARG L 687 83.69 4.42 46.03
N ASN L 688 84.45 5.18 46.83
CA ASN L 688 85.86 4.84 47.03
C ASN L 688 86.13 3.91 48.21
N ASP L 689 85.35 3.98 49.28
CA ASP L 689 85.62 3.13 50.43
C ASP L 689 85.34 1.67 50.12
N ASP L 690 86.24 0.79 50.57
CA ASP L 690 86.10 -0.64 50.36
C ASP L 690 85.40 -1.25 51.58
N ASN L 691 84.14 -1.64 51.40
CA ASN L 691 83.36 -2.19 52.51
C ASN L 691 82.59 -3.46 52.16
N THR L 692 82.75 -4.01 50.96
CA THR L 692 82.00 -5.19 50.51
C THR L 692 80.50 -4.92 50.60
N LYS L 693 80.05 -3.97 49.79
CA LYS L 693 78.67 -3.52 49.82
C LYS L 693 77.72 -4.61 49.32
N LYS L 694 76.49 -4.56 49.83
CA LYS L 694 75.46 -5.48 49.35
C LYS L 694 75.12 -5.22 47.88
N SER L 695 75.11 -3.95 47.48
CA SER L 695 74.79 -3.53 46.12
C SER L 695 75.89 -2.64 45.57
N PRO L 696 76.06 -2.62 44.24
CA PRO L 696 77.14 -1.81 43.66
C PRO L 696 76.85 -0.31 43.78
N ILE L 697 77.91 0.46 43.62
CA ILE L 697 77.85 1.92 43.73
C ILE L 697 78.13 2.50 42.35
N THR L 698 77.13 3.18 41.78
CA THR L 698 77.24 3.77 40.42
C THR L 698 76.80 5.22 40.51
N ALA L 699 76.67 5.93 39.39
CA ALA L 699 76.15 7.31 39.42
C ALA L 699 74.68 7.28 39.81
N ARG L 700 74.02 6.14 39.65
CA ARG L 700 72.62 5.99 40.13
C ARG L 700 72.60 6.18 41.63
N THR L 701 73.65 5.77 42.35
CA THR L 701 73.76 5.96 43.83
C THR L 701 73.79 7.45 44.20
N LEU L 702 74.42 8.30 43.40
CA LEU L 702 74.41 9.74 43.67
C LEU L 702 72.97 10.19 43.59
N GLU L 703 72.23 9.70 42.61
CA GLU L 703 70.84 10.14 42.39
C GLU L 703 69.85 9.51 43.38
N THR L 704 70.17 8.40 44.02
CA THR L 704 69.26 7.83 45.04
C THR L 704 69.57 8.63 46.28
N LEU L 705 70.80 9.10 46.45
CA LEU L 705 71.05 10.03 47.55
C LEU L 705 70.23 11.30 47.37
N ILE L 706 70.27 11.87 46.17
CA ILE L 706 69.53 13.10 45.89
C ILE L 706 68.03 12.88 46.07
N ARG L 707 67.51 11.76 45.53
CA ARG L 707 66.08 11.48 45.61
C ARG L 707 65.63 11.28 47.05
N LEU L 708 66.40 10.54 47.85
CA LEU L 708 66.02 10.32 49.23
C LEU L 708 66.09 11.61 50.04
N ALA L 709 67.09 12.46 49.77
CA ALA L 709 67.15 13.75 50.44
C ALA L 709 65.92 14.60 50.09
N THR L 710 65.53 14.60 48.81
CA THR L 710 64.35 15.34 48.38
C THR L 710 63.09 14.78 49.04
N ALA L 711 62.99 13.45 49.14
CA ALA L 711 61.82 12.84 49.76
C ALA L 711 61.72 13.20 51.24
N HIS L 712 62.86 13.17 51.95
CA HIS L 712 62.83 13.53 53.36
C HIS L 712 62.52 15.01 53.54
N ALA L 713 63.00 15.85 52.62
CA ALA L 713 62.61 17.26 52.66
C ALA L 713 61.10 17.41 52.45
N LYS L 714 60.53 16.60 51.55
CA LYS L 714 59.09 16.60 51.35
C LYS L 714 58.36 16.14 52.60
N VAL L 715 58.96 15.23 53.37
CA VAL L 715 58.33 14.76 54.60
C VAL L 715 58.15 15.90 55.59
N ARG L 716 59.16 16.75 55.73
CA ARG L 716 59.11 17.87 56.66
C ARG L 716 58.34 19.06 56.12
N LEU L 717 57.71 18.94 54.95
CA LEU L 717 57.01 20.02 54.27
C LEU L 717 57.93 21.19 53.94
N SER L 718 59.23 20.93 53.83
CA SER L 718 60.20 21.98 53.53
C SER L 718 60.35 22.14 52.02
N LYS L 719 60.46 23.39 51.57
CA LYS L 719 60.66 23.70 50.17
C LYS L 719 62.12 23.72 49.77
N THR L 720 63.04 23.53 50.72
CA THR L 720 64.46 23.44 50.44
C THR L 720 65.04 22.24 51.16
N VAL L 721 65.92 21.51 50.47
CA VAL L 721 66.58 20.34 51.05
C VAL L 721 67.76 20.84 51.88
N ASN L 722 67.64 20.76 53.20
CA ASN L 722 68.71 21.22 54.08
C ASN L 722 69.72 20.10 54.31
N LYS L 723 70.69 20.39 55.17
CA LYS L 723 71.77 19.45 55.42
C LYS L 723 71.29 18.20 56.15
N VAL L 724 70.32 18.36 57.05
CA VAL L 724 69.80 17.22 57.81
C VAL L 724 69.12 16.21 56.88
N ASP L 725 68.42 16.69 55.85
CA ASP L 725 67.77 15.79 54.91
C ASP L 725 68.80 14.94 54.16
N ALA L 726 69.87 15.58 53.69
CA ALA L 726 70.92 14.83 53.01
C ALA L 726 71.59 13.85 53.97
N LYS L 727 71.83 14.26 55.21
CA LYS L 727 72.46 13.36 56.18
C LYS L 727 71.59 12.13 56.44
N VAL L 728 70.29 12.32 56.64
CA VAL L 728 69.43 11.17 56.93
C VAL L 728 69.26 10.29 55.69
N ALA L 729 69.21 10.90 54.50
CA ALA L 729 69.16 10.11 53.28
C ALA L 729 70.39 9.23 53.14
N ALA L 730 71.57 9.82 53.34
CA ALA L 730 72.80 9.04 53.26
C ALA L 730 72.87 8.00 54.39
N ASN L 731 72.30 8.31 55.55
CA ASN L 731 72.26 7.37 56.66
C ASN L 731 71.47 6.12 56.28
N LEU L 732 70.26 6.34 55.76
CA LEU L 732 69.43 5.22 55.33
C LEU L 732 70.12 4.44 54.22
N LEU L 733 70.76 5.15 53.28
CA LEU L 733 71.46 4.47 52.22
C LEU L 733 72.62 3.63 52.75
N ARG L 734 73.33 4.13 53.76
CA ARG L 734 74.47 3.39 54.28
C ARG L 734 73.92 2.18 55.03
N PHE L 735 72.79 2.35 55.71
CA PHE L 735 72.17 1.17 56.32
C PHE L 735 71.84 0.15 55.23
N ALA L 736 71.12 0.58 54.20
CA ALA L 736 70.73 -0.30 53.11
C ALA L 736 71.88 -0.99 52.37
N LEU L 737 73.05 -0.34 52.32
CA LEU L 737 74.20 -0.92 51.64
C LEU L 737 75.04 -1.79 52.58
N LEU L 738 75.16 -1.40 53.84
CA LEU L 738 76.07 -2.06 54.77
C LEU L 738 75.39 -2.64 55.99
N GLY L 739 74.44 -1.93 56.59
CA GLY L 739 73.88 -2.32 57.85
C GLY L 739 74.31 -1.48 59.03
N GLU L 740 74.91 -0.32 58.79
CA GLU L 740 75.38 0.54 59.86
C GLU L 740 74.19 1.14 60.62
N ASP L 741 74.48 1.61 61.84
CA ASP L 741 73.50 2.27 62.69
C ASP L 741 74.05 3.58 63.24
N ILE L 742 74.82 4.29 62.41
CA ILE L 742 75.41 5.56 62.82
C ILE L 742 74.45 6.71 62.47
N LEU M 177 45.18 23.72 -38.88
CA LEU M 177 44.44 24.09 -37.67
C LEU M 177 43.86 22.86 -37.00
N ARG M 178 42.77 23.07 -36.25
CA ARG M 178 41.94 22.00 -35.70
C ARG M 178 42.75 21.08 -34.79
N ILE M 179 43.20 21.65 -33.67
CA ILE M 179 43.81 20.83 -32.62
C ILE M 179 42.72 20.09 -31.86
N ILE M 180 43.13 19.07 -31.11
CA ILE M 180 42.19 18.24 -30.36
C ILE M 180 41.85 18.92 -29.05
N TRP M 181 40.56 18.89 -28.69
CA TRP M 181 40.11 19.48 -27.44
C TRP M 181 40.78 18.81 -26.24
N GLY M 182 41.32 19.61 -25.34
CA GLY M 182 41.99 19.12 -24.16
C GLY M 182 43.46 18.81 -24.36
N THR M 183 43.97 18.88 -25.58
CA THR M 183 45.36 18.57 -25.88
C THR M 183 45.95 19.65 -26.76
N ASN M 184 47.29 19.67 -26.80
CA ASN M 184 48.02 20.50 -27.76
C ASN M 184 48.17 19.82 -29.11
N VAL M 185 47.67 18.60 -29.25
CA VAL M 185 47.97 17.77 -30.43
C VAL M 185 47.12 18.23 -31.60
N SER M 186 47.77 18.49 -32.73
CA SER M 186 47.10 18.70 -34.00
C SER M 186 47.46 17.55 -34.92
N ILE M 187 46.44 16.93 -35.52
CA ILE M 187 46.66 15.69 -36.28
C ILE M 187 47.57 15.95 -37.47
N GLN M 188 47.31 17.02 -38.23
CA GLN M 188 48.08 17.29 -39.43
C GLN M 188 49.54 17.58 -39.09
N GLU M 189 49.77 18.48 -38.14
CA GLU M 189 51.13 18.89 -37.79
C GLU M 189 51.91 17.73 -37.16
N CYS M 190 51.27 16.98 -36.25
CA CYS M 190 51.94 15.85 -35.63
C CYS M 190 52.27 14.78 -36.66
N THR M 191 51.35 14.50 -37.58
CA THR M 191 51.61 13.52 -38.62
C THR M 191 52.78 13.96 -39.50
N THR M 192 52.80 15.24 -39.90
CA THR M 192 53.90 15.73 -40.73
C THR M 192 55.23 15.64 -40.01
N ASN M 193 55.27 16.05 -38.73
CA ASN M 193 56.50 16.01 -37.98
C ASN M 193 57.01 14.58 -37.79
N PHE M 194 56.10 13.65 -37.46
CA PHE M 194 56.52 12.26 -37.26
C PHE M 194 56.97 11.63 -38.56
N ARG M 195 56.31 11.96 -39.68
CA ARG M 195 56.75 11.45 -40.97
C ARG M 195 58.13 11.97 -41.34
N ASN M 196 58.38 13.26 -41.11
CA ASN M 196 59.69 13.82 -41.38
C ASN M 196 60.75 13.18 -40.49
N PHE M 197 60.41 12.92 -39.22
CA PHE M 197 61.33 12.23 -38.33
C PHE M 197 61.64 10.82 -38.84
N LEU M 198 60.62 10.10 -39.30
CA LEU M 198 60.83 8.73 -39.77
C LEU M 198 61.68 8.70 -41.03
N MET M 199 61.43 9.61 -41.98
CA MET M 199 62.17 9.62 -43.23
C MET M 199 63.60 10.15 -43.10
N SER M 200 63.92 10.91 -42.05
CA SER M 200 65.19 11.63 -42.05
C SER M 200 65.89 11.57 -40.70
N PHE M 201 65.85 10.42 -40.01
CA PHE M 201 66.54 10.26 -38.74
C PHE M 201 67.71 9.31 -38.92
N LYS M 202 68.87 9.72 -38.40
CA LYS M 202 70.05 8.86 -38.30
C LYS M 202 70.54 8.85 -36.87
N TYR M 203 71.11 7.72 -36.44
CA TYR M 203 71.50 7.57 -35.04
C TYR M 203 72.60 8.53 -34.63
N LYS M 204 73.31 9.12 -35.59
CA LYS M 204 74.28 10.15 -35.26
C LYS M 204 73.60 11.35 -34.60
N PHE M 205 72.31 11.57 -34.89
CA PHE M 205 71.57 12.61 -34.20
C PHE M 205 71.53 12.35 -32.69
N ARG M 206 71.19 11.13 -32.29
CA ARG M 206 71.16 10.82 -30.86
C ARG M 206 72.57 10.79 -30.26
N LYS M 207 73.56 10.32 -31.03
CA LYS M 207 74.93 10.34 -30.53
C LYS M 207 75.41 11.76 -30.26
N ILE M 208 75.01 12.71 -31.12
CA ILE M 208 75.26 14.12 -30.85
C ILE M 208 74.46 14.57 -29.63
N LEU M 209 73.22 14.11 -29.51
CA LEU M 209 72.37 14.50 -28.38
C LEU M 209 72.96 14.07 -27.05
N ASP M 210 73.50 12.86 -26.99
CA ASP M 210 74.04 12.31 -25.75
C ASP M 210 75.49 12.74 -25.50
N GLU M 211 75.96 13.76 -26.21
CA GLU M 211 77.34 14.25 -26.08
C GLU M 211 78.35 13.13 -26.31
N ARG M 212 78.08 12.28 -27.28
CA ARG M 212 78.92 11.15 -27.65
C ARG M 212 79.34 11.24 -29.11
N GLU M 213 79.73 12.44 -29.54
CA GLU M 213 80.04 12.68 -30.95
C GLU M 213 81.29 11.94 -31.41
N GLU M 214 82.16 11.52 -30.49
CA GLU M 214 83.37 10.81 -30.86
C GLU M 214 83.18 9.31 -30.95
N PHE M 215 81.97 8.81 -30.68
CA PHE M 215 81.58 7.44 -31.00
C PHE M 215 80.93 7.31 -32.36
N ILE M 216 80.80 8.42 -33.09
CA ILE M 216 80.05 8.43 -34.34
C ILE M 216 80.89 7.77 -35.43
N ASN M 217 80.35 6.64 -35.93
CA ASN M 217 81.02 5.87 -37.00
C ASN M 217 80.21 6.05 -38.28
N ASN M 218 80.83 6.34 -39.41
CA ASN M 218 80.04 6.69 -40.62
C ASN M 218 79.26 5.49 -41.17
N THR M 219 79.67 4.26 -40.86
CA THR M 219 79.02 3.09 -41.50
C THR M 219 77.56 2.82 -41.11
N THR M 220 77.23 2.79 -39.82
CA THR M 220 75.84 2.39 -39.45
C THR M 220 75.08 3.53 -38.78
N ASP M 221 75.76 4.61 -38.47
CA ASP M 221 75.08 5.70 -37.75
C ASP M 221 74.73 6.77 -38.75
N GLU M 222 74.97 6.51 -40.03
CA GLU M 222 74.66 7.48 -41.09
C GLU M 222 73.63 6.90 -42.06
N GLU M 223 73.00 5.79 -41.68
CA GLU M 223 71.90 5.27 -42.52
C GLU M 223 70.59 5.73 -41.89
N LEU M 224 69.56 5.98 -42.69
CA LEU M 224 68.26 6.34 -42.11
C LEU M 224 67.90 5.15 -41.22
N TYR M 225 67.67 5.38 -39.93
CA TYR M 225 67.51 4.27 -38.96
C TYR M 225 66.13 3.66 -39.10
N TYR M 226 65.13 4.50 -39.11
CA TYR M 226 63.75 4.02 -39.14
C TYR M 226 63.32 3.59 -40.54
N ILE M 227 63.95 4.09 -41.60
CA ILE M 227 63.69 3.55 -42.93
C ILE M 227 64.13 2.10 -42.99
N LYS M 228 65.31 1.80 -42.46
CA LYS M 228 65.78 0.41 -42.40
C LYS M 228 64.86 -0.44 -41.53
N GLN M 229 64.41 0.10 -40.40
CA GLN M 229 63.49 -0.64 -39.54
C GLN M 229 62.17 -0.93 -40.25
N LEU M 230 61.64 0.06 -40.97
CA LEU M 230 60.39 -0.14 -41.71
C LEU M 230 60.57 -1.19 -42.80
N ASN M 231 61.72 -1.16 -43.50
CA ASN M 231 61.98 -2.17 -44.53
C ASN M 231 62.07 -3.57 -43.91
N GLU M 232 62.74 -3.69 -42.77
CA GLU M 232 62.87 -4.98 -42.11
C GLU M 232 61.50 -5.49 -41.64
N MET M 233 60.66 -4.60 -41.12
CA MET M 233 59.32 -5.02 -40.70
C MET M 233 58.46 -5.41 -41.89
N ARG M 234 58.62 -4.73 -43.02
CA ARG M 234 57.91 -5.14 -44.23
C ARG M 234 58.35 -6.51 -44.70
N GLU M 235 59.67 -6.77 -44.68
CA GLU M 235 60.17 -8.05 -45.14
C GLU M 235 59.78 -9.18 -44.20
N LEU M 236 59.83 -8.93 -42.88
CA LEU M 236 59.54 -9.95 -41.89
C LEU M 236 58.06 -10.15 -41.63
N GLY M 237 57.21 -9.23 -42.08
CA GLY M 237 55.78 -9.35 -41.85
C GLY M 237 55.31 -8.90 -40.50
N THR M 238 56.19 -8.35 -39.67
CA THR M 238 55.80 -7.90 -38.34
C THR M 238 54.95 -6.63 -38.41
N SER M 239 54.38 -6.26 -37.28
CA SER M 239 53.46 -5.14 -37.21
C SER M 239 53.81 -4.08 -36.17
N ASN M 240 54.80 -4.33 -35.32
CA ASN M 240 55.11 -3.44 -34.20
C ASN M 240 56.45 -2.77 -34.43
N LEU M 241 56.47 -1.45 -34.34
CA LEU M 241 57.70 -0.67 -34.40
C LEU M 241 58.07 -0.19 -33.00
N ASN M 242 59.30 -0.50 -32.57
CA ASN M 242 59.79 -0.09 -31.26
C ASN M 242 60.44 1.28 -31.43
N LEU M 243 59.74 2.32 -31.03
CA LEU M 243 60.23 3.69 -31.15
C LEU M 243 60.93 4.09 -29.86
N ASP M 244 62.20 4.45 -29.97
CA ASP M 244 62.91 5.04 -28.84
C ASP M 244 62.46 6.49 -28.69
N ALA M 245 61.81 6.81 -27.56
CA ALA M 245 61.27 8.15 -27.38
C ALA M 245 62.36 9.22 -27.38
N ARG M 246 63.51 8.94 -26.77
CA ARG M 246 64.60 9.90 -26.74
C ARG M 246 65.09 10.27 -28.13
N ASN M 247 64.90 9.40 -29.13
CA ASN M 247 65.24 9.75 -30.50
C ASN M 247 64.49 11.00 -30.95
N LEU M 248 63.23 11.16 -30.51
CA LEU M 248 62.46 12.35 -30.87
C LEU M 248 63.11 13.61 -30.33
N LEU M 249 63.90 13.51 -29.25
CA LEU M 249 64.61 14.66 -28.74
C LEU M 249 65.80 15.02 -29.63
N ALA M 250 66.38 14.03 -30.31
CA ALA M 250 67.51 14.30 -31.19
C ALA M 250 67.09 15.14 -32.39
N TYR M 251 65.95 14.79 -33.00
CA TYR M 251 65.45 15.55 -34.14
C TYR M 251 64.90 16.89 -33.68
N LYS M 252 65.15 17.92 -34.48
CA LYS M 252 64.72 19.28 -34.12
C LYS M 252 63.20 19.43 -34.24
N GLN M 253 62.63 18.89 -35.32
CA GLN M 253 61.21 19.10 -35.58
C GLN M 253 60.33 18.35 -34.57
N THR M 254 60.84 17.28 -33.97
CA THR M 254 60.07 16.48 -33.03
C THR M 254 60.44 16.74 -31.58
N GLU M 255 61.12 17.86 -31.30
CA GLU M 255 61.39 18.22 -29.91
C GLU M 255 60.08 18.47 -29.15
N ASP M 256 59.08 19.02 -29.82
CA ASP M 256 57.76 19.18 -29.24
C ASP M 256 56.93 17.91 -29.31
N LEU M 257 57.15 17.08 -30.33
CA LEU M 257 56.42 15.82 -30.44
C LEU M 257 56.76 14.88 -29.29
N TYR M 258 57.97 14.97 -28.75
CA TYR M 258 58.32 14.18 -27.56
C TYR M 258 57.41 14.54 -26.39
N HIS M 259 57.26 15.83 -26.11
CA HIS M 259 56.40 16.26 -25.01
C HIS M 259 54.94 15.94 -25.29
N GLN M 260 54.51 16.07 -26.55
CA GLN M 260 53.13 15.71 -26.89
C GLN M 260 52.86 14.23 -26.68
N LEU M 261 53.82 13.38 -27.07
CA LEU M 261 53.65 11.95 -26.86
C LEU M 261 53.65 11.60 -25.38
N LEU M 262 54.54 12.21 -24.60
CA LEU M 262 54.55 11.94 -23.16
C LEU M 262 53.27 12.41 -22.50
N ASN M 263 52.79 13.59 -22.86
CA ASN M 263 51.61 14.17 -22.21
C ASN M 263 50.31 13.53 -22.69
N TYR M 264 50.21 13.21 -23.97
CA TYR M 264 48.98 12.67 -24.57
C TYR M 264 49.33 11.40 -25.34
N PRO M 265 49.63 10.31 -24.64
CA PRO M 265 50.02 9.07 -25.33
C PRO M 265 48.95 8.52 -26.26
N GLN M 266 47.67 8.64 -25.90
CA GLN M 266 46.62 8.00 -26.70
C GLN M 266 46.55 8.61 -28.10
N GLU M 267 46.30 9.92 -28.18
CA GLU M 267 46.17 10.57 -29.48
C GLU M 267 47.46 10.47 -30.29
N VAL M 268 48.59 10.71 -29.65
CA VAL M 268 49.86 10.73 -30.37
C VAL M 268 50.21 9.33 -30.88
N ILE M 269 49.96 8.30 -30.08
CA ILE M 269 50.26 6.94 -30.53
C ILE M 269 49.32 6.52 -31.65
N SER M 270 48.04 6.94 -31.60
CA SER M 270 47.15 6.66 -32.72
C SER M 270 47.65 7.33 -34.00
N ILE M 271 48.06 8.59 -33.89
CA ILE M 271 48.60 9.30 -35.05
C ILE M 271 49.87 8.63 -35.55
N MET M 272 50.69 8.11 -34.63
CA MET M 272 51.92 7.44 -35.02
C MET M 272 51.64 6.12 -35.73
N ASP M 273 50.63 5.37 -35.28
CA ASP M 273 50.24 4.16 -35.99
C ASP M 273 49.78 4.48 -37.41
N GLN M 274 48.92 5.49 -37.55
CA GLN M 274 48.49 5.90 -38.88
C GLN M 274 49.68 6.32 -39.73
N THR M 275 50.60 7.10 -39.15
CA THR M 275 51.77 7.57 -39.87
C THR M 275 52.68 6.42 -40.29
N ILE M 276 52.79 5.39 -39.46
CA ILE M 276 53.57 4.21 -39.84
C ILE M 276 52.94 3.53 -41.04
N LYS M 277 51.61 3.42 -41.04
CA LYS M 277 50.94 2.80 -42.19
C LYS M 277 51.18 3.63 -43.46
N ASP M 278 51.04 4.96 -43.36
CA ASP M 278 51.30 5.82 -44.52
C ASP M 278 52.76 5.71 -44.97
N CYS M 279 53.69 5.67 -44.02
CA CYS M 279 55.11 5.61 -44.33
C CYS M 279 55.44 4.33 -45.08
N MET M 280 54.89 3.19 -44.64
CA MET M 280 55.17 1.93 -45.32
C MET M 280 54.52 1.88 -46.70
N VAL M 281 53.30 2.41 -46.82
CA VAL M 281 52.67 2.50 -48.13
C VAL M 281 53.51 3.36 -49.07
N SER M 282 54.03 4.48 -48.55
CA SER M 282 54.89 5.35 -49.36
C SER M 282 56.18 4.66 -49.74
N LEU M 283 56.75 3.87 -48.81
CA LEU M 283 57.97 3.14 -49.13
C LEU M 283 57.74 2.14 -50.25
N ILE M 284 56.60 1.44 -50.22
CA ILE M 284 56.32 0.46 -51.27
C ILE M 284 56.05 1.17 -52.60
N VAL M 285 55.18 2.18 -52.62
CA VAL M 285 54.73 2.84 -53.88
C VAL M 285 55.82 3.73 -54.50
N ASP M 286 56.39 4.63 -53.72
CA ASP M 286 57.38 5.60 -54.27
C ASP M 286 58.62 4.91 -54.83
N ASN M 287 59.09 3.84 -54.19
CA ASN M 287 60.28 3.11 -54.68
C ASN M 287 59.84 2.04 -55.69
N ASN M 288 58.54 1.95 -55.97
CA ASN M 288 58.01 1.00 -56.99
C ASN M 288 58.41 -0.44 -56.65
N LEU M 289 58.32 -0.83 -55.38
CA LEU M 289 58.61 -2.23 -54.99
C LEU M 289 57.58 -3.27 -55.42
N ASP M 290 57.98 -4.54 -55.49
CA ASP M 290 57.07 -5.63 -55.93
C ASP M 290 55.99 -6.06 -54.86
N TYR M 291 56.30 -5.76 -53.60
CA TYR M 291 55.38 -6.15 -52.50
C TYR M 291 53.91 -5.81 -52.68
N ASP M 292 53.03 -6.78 -52.42
CA ASP M 292 51.60 -6.54 -52.51
C ASP M 292 51.14 -5.50 -51.49
N LEU M 293 50.26 -4.60 -51.92
CA LEU M 293 49.73 -3.55 -51.08
C LEU M 293 48.42 -3.94 -50.38
N ASP M 294 47.80 -5.04 -50.76
CA ASP M 294 46.56 -5.45 -50.12
C ASP M 294 46.77 -5.80 -48.65
N GLU M 295 47.78 -6.61 -48.36
CA GLU M 295 47.99 -7.08 -47.00
C GLU M 295 48.67 -6.02 -46.13
N ILE M 296 49.32 -5.03 -46.75
CA ILE M 296 49.83 -3.90 -46.00
C ILE M 296 48.69 -3.01 -45.54
N GLU M 297 47.74 -2.71 -46.43
CA GLU M 297 46.65 -1.80 -46.09
C GLU M 297 45.77 -2.37 -44.99
N THR M 298 45.50 -3.67 -45.03
CA THR M 298 44.63 -4.31 -44.05
C THR M 298 45.34 -4.63 -42.75
N LYS M 299 46.64 -4.38 -42.65
CA LYS M 299 47.41 -4.67 -41.44
C LYS M 299 47.38 -3.47 -40.50
N PHE M 300 47.23 -3.74 -39.20
CA PHE M 300 47.25 -2.71 -38.18
C PHE M 300 48.66 -2.60 -37.62
N TYR M 301 49.31 -1.47 -37.86
CA TYR M 301 50.67 -1.24 -37.39
C TYR M 301 50.63 -0.47 -36.07
N LYS M 302 51.52 -0.83 -35.16
CA LYS M 302 51.55 -0.26 -33.83
C LYS M 302 52.93 0.29 -33.50
N VAL M 303 52.96 1.32 -32.66
CA VAL M 303 54.19 1.95 -32.21
C VAL M 303 54.34 1.70 -30.72
N ARG M 304 55.57 1.39 -30.30
CA ARG M 304 55.88 1.05 -28.92
C ARG M 304 56.97 1.97 -28.39
N PRO M 305 56.61 3.17 -27.93
CA PRO M 305 57.59 4.05 -27.30
C PRO M 305 57.99 3.51 -25.92
N TYR M 306 59.29 3.36 -25.71
CA TYR M 306 59.77 2.80 -24.45
C TYR M 306 60.65 3.75 -23.65
N ASN M 307 61.68 4.34 -24.26
CA ASN M 307 62.67 5.12 -23.52
C ASN M 307 62.18 6.55 -23.29
N VAL M 308 61.05 6.65 -22.60
CA VAL M 308 60.53 7.94 -22.13
C VAL M 308 61.30 8.31 -20.87
N GLY M 309 61.13 9.55 -20.40
CA GLY M 309 61.86 10.03 -19.24
C GLY M 309 61.72 9.15 -18.02
N SER M 310 62.85 8.67 -17.50
CA SER M 310 62.86 7.75 -16.38
C SER M 310 63.15 8.52 -15.09
N CYS M 311 62.11 8.73 -14.29
CA CYS M 311 62.21 9.44 -13.01
C CYS M 311 60.88 9.27 -12.28
N LYS M 312 60.80 9.88 -11.10
CA LYS M 312 59.59 10.00 -10.29
C LYS M 312 59.06 8.67 -9.77
N GLY M 313 59.81 7.58 -9.91
CA GLY M 313 59.38 6.30 -9.35
C GLY M 313 57.99 5.91 -9.82
N MET M 314 57.15 5.49 -8.87
CA MET M 314 55.74 5.29 -9.16
C MET M 314 54.87 5.99 -8.13
N ARG M 315 55.33 6.06 -6.89
CA ARG M 315 54.57 6.72 -5.82
C ARG M 315 54.63 8.24 -5.85
N GLU M 316 55.54 8.82 -6.62
CA GLU M 316 55.65 10.27 -6.71
C GLU M 316 54.81 10.85 -7.82
N LEU M 317 54.02 10.03 -8.50
CA LEU M 317 53.14 10.49 -9.56
C LEU M 317 51.90 11.07 -8.90
N ASN M 318 51.53 12.29 -9.29
CA ASN M 318 50.35 12.97 -8.79
C ASN M 318 49.18 12.73 -9.71
N PRO M 319 47.97 13.10 -9.29
CA PRO M 319 46.81 12.97 -10.20
C PRO M 319 46.96 13.75 -11.50
N ASN M 320 47.84 14.77 -11.54
CA ASN M 320 48.12 15.45 -12.79
C ASN M 320 48.91 14.58 -13.77
N ASP M 321 49.45 13.45 -13.33
CA ASP M 321 50.18 12.53 -14.18
C ASP M 321 49.28 11.42 -14.74
N ILE M 322 47.99 11.46 -14.47
CA ILE M 322 47.07 10.46 -15.02
C ILE M 322 47.02 10.61 -16.53
N ASP M 323 46.91 9.47 -17.22
CA ASP M 323 46.85 9.41 -18.69
C ASP M 323 48.13 9.92 -19.35
N LYS M 324 49.26 9.85 -18.65
CA LYS M 324 50.56 10.21 -19.20
C LYS M 324 51.40 8.97 -19.41
N LEU M 325 52.35 9.09 -20.34
CA LEU M 325 53.26 7.99 -20.66
C LEU M 325 54.38 7.96 -19.63
N ILE M 326 54.37 6.94 -18.77
CA ILE M 326 55.34 6.80 -17.70
C ILE M 326 56.15 5.53 -17.94
N ASN M 327 57.28 5.45 -17.23
CA ASN M 327 58.22 4.34 -17.36
C ASN M 327 58.52 3.80 -15.97
N LEU M 328 58.13 2.56 -15.72
CA LEU M 328 58.41 1.86 -14.47
C LEU M 328 59.48 0.81 -14.70
N LYS M 329 60.09 0.37 -13.61
CA LYS M 329 61.12 -0.66 -13.66
C LYS M 329 60.97 -1.52 -12.41
N GLY M 330 60.87 -2.83 -12.59
CA GLY M 330 60.63 -3.67 -11.43
C GLY M 330 60.67 -5.15 -11.75
N LEU M 331 60.09 -5.92 -10.83
CA LEU M 331 60.11 -7.37 -10.85
C LEU M 331 58.68 -7.90 -10.99
N VAL M 332 58.49 -8.86 -11.89
CA VAL M 332 57.18 -9.47 -12.08
C VAL M 332 56.98 -10.55 -11.02
N LEU M 333 55.90 -10.43 -10.25
CA LEU M 333 55.58 -11.37 -9.20
C LEU M 333 54.50 -12.37 -9.58
N ARG M 334 53.51 -11.94 -10.35
CA ARG M 334 52.31 -12.75 -10.58
C ARG M 334 51.64 -12.25 -11.85
N SER M 335 50.83 -13.12 -12.45
CA SER M 335 50.09 -12.76 -13.64
C SER M 335 48.80 -13.56 -13.69
N THR M 336 47.67 -12.86 -13.82
CA THR M 336 46.38 -13.51 -13.88
C THR M 336 46.23 -14.25 -15.22
N PRO M 337 45.37 -15.25 -15.27
CA PRO M 337 45.09 -15.92 -16.56
C PRO M 337 44.49 -14.94 -17.56
N VAL M 338 44.43 -15.41 -18.81
CA VAL M 338 43.97 -14.55 -19.90
C VAL M 338 42.49 -14.23 -19.68
N ILE M 339 42.19 -12.94 -19.52
CA ILE M 339 40.84 -12.46 -19.32
C ILE M 339 40.26 -12.04 -20.66
N PRO M 340 39.07 -12.52 -21.02
CA PRO M 340 38.42 -12.07 -22.26
C PRO M 340 37.78 -10.69 -22.08
N ASP M 341 38.21 -9.73 -22.92
CA ASP M 341 37.64 -8.39 -22.93
C ASP M 341 36.78 -8.30 -24.18
N MET M 342 35.48 -8.13 -24.01
CA MET M 342 34.56 -8.12 -25.15
C MET M 342 34.78 -6.87 -25.98
N LYS M 343 34.99 -7.05 -27.28
CA LYS M 343 35.08 -5.96 -28.23
C LYS M 343 33.83 -5.82 -29.08
N VAL M 344 33.21 -6.94 -29.45
CA VAL M 344 31.98 -6.95 -30.22
C VAL M 344 30.98 -7.84 -29.51
N ALA M 345 29.79 -7.30 -29.24
CA ALA M 345 28.73 -8.05 -28.58
C ALA M 345 27.77 -8.59 -29.63
N PHE M 346 27.53 -9.90 -29.58
CA PHE M 346 26.70 -10.60 -30.55
C PHE M 346 25.36 -10.89 -29.90
N PHE M 347 24.32 -10.21 -30.37
CA PHE M 347 22.96 -10.41 -29.88
C PHE M 347 22.17 -11.26 -30.87
N LYS M 348 21.11 -11.90 -30.37
CA LYS M 348 20.28 -12.76 -31.21
C LYS M 348 18.83 -12.60 -30.79
N CYS M 349 17.94 -12.58 -31.79
CA CYS M 349 16.51 -12.40 -31.54
C CYS M 349 15.89 -13.70 -31.08
N ASN M 350 15.15 -13.65 -29.96
CA ASN M 350 14.44 -14.82 -29.47
C ASN M 350 13.24 -15.19 -30.32
N VAL M 351 12.85 -14.34 -31.26
CA VAL M 351 11.66 -14.56 -32.09
C VAL M 351 12.04 -14.94 -33.53
N CYS M 352 12.73 -14.05 -34.23
CA CYS M 352 13.05 -14.26 -35.64
C CYS M 352 14.50 -14.65 -35.86
N ASP M 353 15.30 -14.79 -34.80
CA ASP M 353 16.69 -15.21 -34.89
C ASP M 353 17.51 -14.28 -35.80
N HIS M 354 17.25 -12.97 -35.71
CA HIS M 354 18.03 -11.97 -36.40
C HIS M 354 19.05 -11.39 -35.45
N THR M 355 20.28 -11.20 -35.93
CA THR M 355 21.42 -10.84 -35.09
C THR M 355 22.04 -9.55 -35.58
N MET M 356 22.22 -8.59 -34.67
CA MET M 356 23.15 -7.51 -34.89
C MET M 356 24.39 -7.71 -34.05
N ALA M 357 25.46 -6.99 -34.41
CA ALA M 357 26.77 -7.10 -33.75
C ALA M 357 27.18 -5.71 -33.31
N VAL M 358 26.95 -5.41 -32.03
CA VAL M 358 27.25 -4.08 -31.50
C VAL M 358 28.74 -3.98 -31.22
N GLU M 359 29.30 -2.80 -31.46
CA GLU M 359 30.71 -2.53 -31.18
C GLU M 359 30.85 -1.82 -29.84
N ILE M 360 31.88 -2.19 -29.07
CA ILE M 360 32.12 -1.53 -27.80
C ILE M 360 32.56 -0.09 -28.05
N ASP M 361 32.21 0.80 -27.13
CA ASP M 361 32.54 2.22 -27.23
C ASP M 361 32.89 2.72 -25.85
N ARG M 362 34.19 2.88 -25.59
CA ARG M 362 34.69 3.35 -24.29
C ARG M 362 34.20 2.48 -23.14
N GLY M 363 34.21 1.16 -23.36
CA GLY M 363 33.81 0.22 -22.34
C GLY M 363 32.32 0.05 -22.14
N VAL M 364 31.50 0.63 -23.01
CA VAL M 364 30.05 0.54 -22.90
C VAL M 364 29.51 -0.03 -24.21
N ILE M 365 28.67 -1.06 -24.10
CA ILE M 365 28.04 -1.68 -25.26
C ILE M 365 26.55 -1.37 -25.20
N GLN M 366 26.02 -0.77 -26.26
CA GLN M 366 24.62 -0.36 -26.31
C GLN M 366 23.75 -1.57 -26.62
N GLU M 367 23.16 -2.16 -25.60
CA GLU M 367 22.27 -3.29 -25.80
C GLU M 367 21.01 -2.83 -26.53
N PRO M 368 20.61 -3.50 -27.60
CA PRO M 368 19.41 -3.06 -28.35
C PRO M 368 18.14 -3.29 -27.54
N ALA M 369 17.28 -2.28 -27.52
CA ALA M 369 16.00 -2.35 -26.84
C ALA M 369 14.86 -2.70 -27.78
N ARG M 370 15.18 -3.15 -29.00
CA ARG M 370 14.19 -3.53 -30.00
C ARG M 370 14.90 -4.21 -31.16
N CYS M 371 14.27 -5.23 -31.73
CA CYS M 371 14.83 -5.88 -32.91
C CYS M 371 14.79 -4.91 -34.09
N GLU M 372 15.95 -4.66 -34.68
CA GLU M 372 16.05 -3.69 -35.77
C GLU M 372 15.33 -4.16 -37.03
N ARG M 373 15.00 -5.45 -37.13
CA ARG M 373 14.24 -5.95 -38.27
C ARG M 373 12.87 -5.28 -38.31
N ILE M 374 12.47 -4.82 -39.51
CA ILE M 374 11.18 -4.17 -39.64
C ILE M 374 10.03 -5.14 -39.52
N ASP M 375 10.29 -6.44 -39.70
CA ASP M 375 9.20 -7.43 -39.64
C ASP M 375 8.68 -7.60 -38.21
N CYS M 376 9.58 -7.77 -37.26
CA CYS M 376 9.18 -7.89 -35.85
C CYS M 376 9.87 -6.80 -35.05
N ASN M 377 9.12 -6.14 -34.16
CA ASN M 377 9.65 -5.09 -33.31
C ASN M 377 9.44 -5.44 -31.84
N GLU M 378 9.73 -6.69 -31.49
CA GLU M 378 9.57 -7.13 -30.10
C GLU M 378 10.57 -6.39 -29.22
N PRO M 379 10.15 -5.83 -28.10
CA PRO M 379 11.05 -4.95 -27.32
C PRO M 379 12.24 -5.66 -26.70
N ASN M 380 12.00 -6.69 -25.91
CA ASN M 380 13.06 -7.42 -25.23
C ASN M 380 13.34 -8.76 -25.88
N SER M 381 13.25 -8.82 -27.21
CA SER M 381 13.49 -10.10 -27.89
C SER M 381 14.97 -10.43 -27.96
N MET M 382 15.83 -9.42 -27.89
CA MET M 382 17.25 -9.62 -28.14
C MET M 382 17.94 -10.13 -26.88
N SER M 383 18.79 -11.15 -27.05
CA SER M 383 19.54 -11.73 -25.96
C SER M 383 21.01 -11.84 -26.36
N LEU M 384 21.90 -11.59 -25.41
CA LEU M 384 23.33 -11.62 -25.69
C LEU M 384 23.84 -13.06 -25.72
N ILE M 385 24.55 -13.40 -26.79
CA ILE M 385 25.14 -14.72 -26.95
C ILE M 385 26.61 -14.59 -26.55
N HIS M 386 26.92 -15.02 -25.33
CA HIS M 386 28.25 -14.78 -24.77
C HIS M 386 29.34 -15.49 -25.58
N ASN M 387 29.08 -16.73 -25.98
CA ASN M 387 30.09 -17.54 -26.63
C ASN M 387 30.27 -17.22 -28.11
N ARG M 388 29.40 -16.39 -28.69
CA ARG M 388 29.54 -15.97 -30.08
C ARG M 388 29.98 -14.52 -30.22
N CYS M 389 30.31 -13.86 -29.11
CA CYS M 389 30.86 -12.53 -29.15
C CYS M 389 32.34 -12.56 -29.55
N SER M 390 32.90 -11.38 -29.81
CA SER M 390 34.30 -11.23 -30.13
C SER M 390 35.05 -10.76 -28.89
N PHE M 391 36.10 -11.49 -28.52
CA PHE M 391 36.86 -11.21 -27.32
C PHE M 391 38.32 -10.94 -27.66
N ALA M 392 38.99 -10.23 -26.76
CA ALA M 392 40.40 -9.90 -26.89
C ALA M 392 41.11 -10.23 -25.59
N ASP M 393 42.43 -10.38 -25.66
CA ASP M 393 43.21 -10.80 -24.51
C ASP M 393 43.51 -9.63 -23.59
N LYS M 394 43.28 -9.80 -22.30
CA LYS M 394 43.67 -8.83 -21.28
C LYS M 394 44.36 -9.57 -20.15
N GLN M 395 45.44 -9.00 -19.63
CA GLN M 395 46.13 -9.65 -18.52
C GLN M 395 46.62 -8.61 -17.52
N VAL M 396 46.50 -8.95 -16.24
CA VAL M 396 46.94 -8.11 -15.14
C VAL M 396 48.18 -8.74 -14.52
N ILE M 397 49.24 -7.95 -14.39
CA ILE M 397 50.54 -8.40 -13.92
C ILE M 397 50.90 -7.62 -12.66
N LYS M 398 51.31 -8.34 -11.62
CA LYS M 398 51.70 -7.73 -10.36
C LYS M 398 53.19 -7.44 -10.38
N LEU M 399 53.56 -6.17 -10.23
CA LEU M 399 54.94 -5.73 -10.34
C LEU M 399 55.39 -5.07 -9.05
N GLN M 400 56.63 -5.32 -8.65
CA GLN M 400 57.24 -4.67 -7.49
C GLN M 400 58.14 -3.55 -7.97
N GLU M 401 57.91 -2.34 -7.48
CA GLU M 401 58.73 -1.20 -7.86
C GLU M 401 60.15 -1.36 -7.35
N THR M 402 61.12 -1.07 -8.22
CA THR M 402 62.52 -0.94 -7.85
C THR M 402 63.04 0.39 -8.40
N PRO M 403 62.56 1.50 -7.85
CA PRO M 403 62.87 2.81 -8.43
C PRO M 403 64.34 3.18 -8.20
N ASP M 404 64.83 4.06 -9.09
CA ASP M 404 66.18 4.57 -8.93
C ASP M 404 66.32 5.39 -7.65
N PHE M 405 65.32 6.19 -7.32
CA PHE M 405 65.30 6.99 -6.09
C PHE M 405 64.23 6.44 -5.17
N VAL M 406 64.61 6.16 -3.92
CA VAL M 406 63.72 5.64 -2.89
C VAL M 406 63.70 6.63 -1.74
N PRO M 407 62.60 7.36 -1.52
CA PRO M 407 62.54 8.27 -0.37
C PRO M 407 62.66 7.52 0.95
N ASP M 408 63.21 8.21 1.93
CA ASP M 408 63.44 7.61 3.25
C ASP M 408 62.15 7.13 3.89
N GLY M 409 62.21 5.95 4.49
CA GLY M 409 61.14 5.43 5.31
C GLY M 409 60.07 4.64 4.58
N GLN M 410 60.08 4.61 3.25
CA GLN M 410 59.05 3.89 2.53
C GLN M 410 59.48 2.46 2.26
N THR M 411 58.49 1.60 2.06
CA THR M 411 58.67 0.18 1.81
C THR M 411 58.35 -0.14 0.36
N PRO M 412 58.82 -1.28 -0.16
CA PRO M 412 58.58 -1.61 -1.57
C PRO M 412 57.10 -1.63 -1.91
N HIS M 413 56.77 -1.13 -3.09
CA HIS M 413 55.40 -0.98 -3.55
C HIS M 413 55.09 -1.99 -4.64
N SER M 414 53.81 -2.34 -4.76
CA SER M 414 53.31 -3.25 -5.77
C SER M 414 52.22 -2.56 -6.58
N ILE M 415 52.31 -2.69 -7.91
CA ILE M 415 51.37 -2.07 -8.82
C ILE M 415 50.84 -3.16 -9.77
N SER M 416 49.73 -2.84 -10.42
CA SER M 416 49.10 -3.74 -11.39
C SER M 416 49.24 -3.15 -12.79
N LEU M 417 49.81 -3.93 -13.70
CA LEU M 417 49.97 -3.56 -15.10
C LEU M 417 48.95 -4.31 -15.94
N CYS M 418 48.51 -3.68 -17.03
CA CYS M 418 47.53 -4.26 -17.93
C CYS M 418 48.14 -4.41 -19.32
N VAL M 419 48.27 -5.64 -19.78
CA VAL M 419 48.78 -5.94 -21.12
C VAL M 419 47.62 -6.42 -21.99
N TYR M 420 47.66 -6.04 -23.26
CA TYR M 420 46.52 -6.18 -24.16
C TYR M 420 46.91 -6.77 -25.50
N ASP M 421 46.41 -7.97 -25.77
CA ASP M 421 46.18 -8.53 -27.11
C ASP M 421 47.43 -8.98 -27.87
N GLU M 422 48.62 -8.60 -27.43
CA GLU M 422 49.82 -9.27 -27.92
C GLU M 422 50.86 -9.41 -26.82
N LEU M 423 50.73 -8.60 -25.77
CA LEU M 423 51.67 -8.61 -24.67
C LEU M 423 51.25 -9.55 -23.55
N VAL M 424 50.13 -10.26 -23.72
CA VAL M 424 49.68 -11.22 -22.74
C VAL M 424 50.65 -12.39 -22.69
N ASP M 425 51.03 -12.79 -21.48
CA ASP M 425 51.95 -13.90 -21.20
C ASP M 425 53.36 -13.62 -21.69
N SER M 426 53.69 -12.37 -22.04
CA SER M 426 55.04 -12.03 -22.42
C SER M 426 55.95 -11.82 -21.21
N CYS M 427 55.38 -11.64 -20.02
CA CYS M 427 56.13 -11.46 -18.79
C CYS M 427 55.80 -12.60 -17.85
N ARG M 428 56.83 -13.30 -17.38
CA ARG M 428 56.67 -14.38 -16.41
C ARG M 428 57.16 -13.92 -15.05
N ALA M 429 56.71 -14.61 -14.01
CA ALA M 429 57.07 -14.25 -12.64
C ALA M 429 58.58 -14.38 -12.45
N GLY M 430 59.15 -13.42 -11.71
CA GLY M 430 60.57 -13.37 -11.50
C GLY M 430 61.35 -12.59 -12.54
N ASP M 431 60.69 -12.08 -13.58
CA ASP M 431 61.36 -11.30 -14.60
C ASP M 431 61.60 -9.88 -14.11
N ARG M 432 62.81 -9.38 -14.38
CA ARG M 432 63.13 -7.97 -14.14
C ARG M 432 62.90 -7.22 -15.44
N ILE M 433 61.88 -6.37 -15.48
CA ILE M 433 61.44 -5.71 -16.70
C ILE M 433 61.34 -4.21 -16.49
N GLU M 434 61.62 -3.47 -17.56
CA GLU M 434 61.36 -2.05 -17.64
C GLU M 434 60.16 -1.85 -18.56
N VAL M 435 59.06 -1.35 -18.00
CA VAL M 435 57.79 -1.29 -18.71
C VAL M 435 57.39 0.16 -18.92
N THR M 436 57.07 0.51 -20.16
CA THR M 436 56.56 1.84 -20.49
C THR M 436 55.07 1.71 -20.78
N GLY M 437 54.28 2.57 -20.17
CA GLY M 437 52.84 2.48 -20.35
C GLY M 437 52.13 3.72 -19.84
N THR M 438 50.83 3.75 -20.05
CA THR M 438 50.01 4.88 -19.68
C THR M 438 49.57 4.76 -18.22
N PHE M 439 49.83 5.80 -17.44
CA PHE M 439 49.41 5.85 -16.04
C PHE M 439 47.92 6.18 -15.99
N ARG M 440 47.10 5.20 -15.66
CA ARG M 440 45.66 5.33 -15.71
C ARG M 440 45.06 5.26 -14.31
N SER M 441 43.82 5.75 -14.20
CA SER M 441 43.04 5.68 -12.97
C SER M 441 41.62 5.27 -13.31
N ILE M 442 41.06 4.37 -12.51
CA ILE M 442 39.72 3.85 -12.76
C ILE M 442 38.92 3.96 -11.47
N PRO M 443 37.63 4.33 -11.52
CA PRO M 443 36.80 4.29 -10.31
C PRO M 443 36.35 2.86 -10.03
N ILE M 444 36.48 2.44 -8.78
CA ILE M 444 36.14 1.09 -8.36
C ILE M 444 34.80 1.10 -7.66
N ARG M 445 33.87 0.28 -8.14
CA ARG M 445 32.57 0.14 -7.52
C ARG M 445 32.71 -0.41 -6.10
N ALA M 446 31.99 0.21 -5.16
CA ALA M 446 32.07 -0.19 -3.76
C ALA M 446 31.48 -1.57 -3.53
N ASN M 447 30.37 -1.88 -4.19
CA ASN M 447 29.69 -3.16 -4.01
C ASN M 447 29.32 -3.73 -5.37
N SER M 448 29.12 -5.05 -5.40
CA SER M 448 28.70 -5.74 -6.60
C SER M 448 27.21 -5.65 -6.88
N ARG M 449 26.42 -5.19 -5.90
CA ARG M 449 24.98 -5.09 -6.07
C ARG M 449 24.55 -3.79 -6.72
N GLN M 450 24.96 -2.66 -6.15
CA GLN M 450 24.64 -1.35 -6.70
C GLN M 450 25.78 -0.76 -7.50
N ARG M 451 25.44 0.28 -8.28
CA ARG M 451 26.35 0.85 -9.26
C ARG M 451 27.24 1.98 -8.75
N VAL M 452 27.37 2.09 -7.44
CA VAL M 452 28.02 3.23 -6.80
C VAL M 452 29.53 3.11 -6.76
N LEU M 453 30.22 4.09 -7.34
CA LEU M 453 31.67 4.11 -7.41
C LEU M 453 32.26 4.79 -6.17
N LYS M 454 33.51 4.46 -5.89
CA LYS M 454 34.24 5.10 -4.79
C LYS M 454 34.91 6.37 -5.29
N SER M 455 34.86 7.41 -4.44
CA SER M 455 35.44 8.70 -4.82
C SER M 455 36.97 8.64 -4.91
N LEU M 456 37.60 7.64 -4.30
CA LEU M 456 39.04 7.47 -4.35
C LEU M 456 39.38 6.52 -5.49
N TYR M 457 40.00 7.04 -6.53
CA TYR M 457 40.27 6.28 -7.73
C TYR M 457 41.42 5.29 -7.51
N LYS M 458 41.41 4.23 -8.31
CA LYS M 458 42.45 3.20 -8.27
C LYS M 458 43.37 3.37 -9.49
N THR M 459 44.67 3.37 -9.25
CA THR M 459 45.65 3.66 -10.28
C THR M 459 46.31 2.39 -10.78
N TYR M 460 46.58 2.36 -12.09
CA TYR M 460 47.25 1.22 -12.71
C TYR M 460 47.95 1.73 -13.97
N VAL M 461 48.51 0.79 -14.74
CA VAL M 461 49.28 1.13 -15.92
C VAL M 461 48.80 0.26 -17.08
N ASP M 462 48.47 0.91 -18.19
CA ASP M 462 48.22 0.23 -19.46
C ASP M 462 49.55 0.07 -20.19
N VAL M 463 50.03 -1.17 -20.27
CA VAL M 463 51.36 -1.43 -20.82
C VAL M 463 51.34 -1.23 -22.32
N VAL M 464 52.30 -0.45 -22.82
CA VAL M 464 52.51 -0.33 -24.25
C VAL M 464 53.84 -0.90 -24.70
N HIS M 465 54.83 -1.02 -23.82
CA HIS M 465 56.10 -1.64 -24.19
C HIS M 465 56.71 -2.32 -22.98
N VAL M 466 57.33 -3.47 -23.20
CA VAL M 466 58.05 -4.22 -22.18
C VAL M 466 59.47 -4.46 -22.67
N LYS M 467 60.45 -4.10 -21.85
CA LYS M 467 61.86 -4.31 -22.15
C LYS M 467 62.39 -5.31 -21.12
N LYS M 468 62.80 -6.48 -21.61
CA LYS M 468 63.30 -7.56 -20.76
C LYS M 468 64.80 -7.77 -20.91
N VAL M 469 65.49 -6.90 -21.65
CA VAL M 469 66.91 -7.00 -21.88
C VAL M 469 67.58 -5.76 -21.32
N SER M 470 68.55 -5.96 -20.45
CA SER M 470 69.33 -4.87 -19.87
C SER M 470 70.76 -4.98 -20.39
N ASP M 471 71.36 -3.83 -20.73
CA ASP M 471 72.69 -3.85 -21.31
C ASP M 471 73.77 -4.15 -20.28
N LYS M 472 73.42 -4.17 -18.99
CA LYS M 472 74.34 -4.50 -17.90
C LYS M 472 73.85 -5.74 -17.15
N ARG M 473 73.31 -6.70 -17.88
CA ARG M 473 72.72 -7.89 -17.28
C ARG M 473 72.82 -9.05 -18.26
N LEU M 474 73.02 -10.25 -17.72
CA LEU M 474 73.05 -11.44 -18.55
C LEU M 474 71.69 -11.71 -19.19
N ASP M 475 71.71 -12.30 -20.38
CA ASP M 475 70.47 -12.68 -21.04
C ASP M 475 69.82 -13.85 -20.30
N VAL M 476 68.49 -13.94 -20.43
CA VAL M 476 67.77 -15.03 -19.81
C VAL M 476 68.18 -16.35 -20.44
N ASP M 477 68.21 -17.41 -19.64
CA ASP M 477 68.60 -18.73 -20.12
C ASP M 477 67.61 -19.24 -21.14
N THR M 478 68.03 -19.35 -22.40
CA THR M 478 67.14 -19.77 -23.47
C THR M 478 66.72 -21.23 -23.33
N SER M 479 67.46 -22.04 -22.57
CA SER M 479 67.08 -23.42 -22.35
C SER M 479 65.85 -23.56 -21.47
N THR M 480 65.45 -22.50 -20.77
CA THR M 480 64.29 -22.54 -19.90
C THR M 480 63.05 -21.89 -20.51
N ILE M 481 63.18 -21.22 -21.65
CA ILE M 481 62.06 -20.48 -22.23
C ILE M 481 61.85 -20.85 -23.69
N GLU M 482 62.31 -22.04 -24.08
CA GLU M 482 62.14 -22.47 -25.48
C GLU M 482 60.67 -22.52 -25.87
N GLN M 483 59.85 -23.19 -25.05
CA GLN M 483 58.41 -23.18 -25.26
C GLN M 483 57.88 -21.75 -25.26
N GLU M 484 58.37 -20.92 -24.34
CA GLU M 484 57.94 -19.53 -24.29
C GLU M 484 58.43 -18.74 -25.51
N LEU M 485 59.65 -19.01 -25.99
CA LEU M 485 60.13 -18.32 -27.19
C LEU M 485 59.25 -18.64 -28.40
N MET M 486 58.92 -19.92 -28.59
CA MET M 486 58.14 -20.28 -29.77
C MET M 486 56.66 -19.91 -29.62
N GLN M 487 56.15 -19.89 -28.38
CA GLN M 487 54.85 -19.28 -28.15
C GLN M 487 54.86 -17.79 -28.46
N ASN M 488 55.96 -17.12 -28.15
CA ASN M 488 56.12 -15.71 -28.53
C ASN M 488 56.09 -15.57 -30.05
N LYS M 489 56.63 -16.52 -30.81
CA LYS M 489 56.54 -16.43 -32.30
C LYS M 489 55.10 -16.54 -32.80
N VAL M 490 54.29 -17.46 -32.27
CA VAL M 490 52.84 -17.62 -32.61
C VAL M 490 52.11 -16.35 -32.20
N ASP M 491 52.46 -15.77 -31.07
CA ASP M 491 51.73 -14.58 -30.54
C ASP M 491 52.12 -13.33 -31.33
N HIS M 492 53.18 -13.39 -32.14
CA HIS M 492 53.62 -12.19 -32.86
C HIS M 492 53.75 -11.00 -31.90
N ASN M 493 54.18 -11.28 -30.67
CA ASN M 493 54.36 -10.21 -29.69
C ASN M 493 55.59 -9.37 -29.98
N GLU M 494 56.61 -9.96 -30.62
CA GLU M 494 57.84 -9.26 -30.99
C GLU M 494 58.55 -8.69 -29.76
N VAL M 495 58.42 -9.36 -28.62
CA VAL M 495 59.12 -8.94 -27.41
C VAL M 495 60.53 -9.52 -27.46
N GLU M 496 61.53 -8.64 -27.33
CA GLU M 496 62.93 -9.03 -27.45
C GLU M 496 63.36 -9.69 -26.15
N GLU M 497 63.41 -11.02 -26.15
CA GLU M 497 63.82 -11.75 -24.96
C GLU M 497 65.34 -11.70 -24.76
N VAL M 498 66.11 -11.75 -25.85
CA VAL M 498 67.56 -11.78 -25.79
C VAL M 498 68.12 -10.69 -26.69
N ARG M 499 69.23 -10.09 -26.26
CA ARG M 499 69.80 -8.98 -26.99
C ARG M 499 70.36 -9.44 -28.34
N GLN M 500 70.38 -8.51 -29.28
CA GLN M 500 70.87 -8.75 -30.62
C GLN M 500 72.39 -8.60 -30.66
N ILE M 501 73.06 -9.59 -31.24
CA ILE M 501 74.52 -9.57 -31.38
C ILE M 501 74.83 -9.34 -32.85
N THR M 502 75.42 -8.18 -33.16
CA THR M 502 75.74 -7.84 -34.54
C THR M 502 77.00 -8.58 -34.99
N ASP M 503 77.27 -8.52 -36.29
CA ASP M 503 78.44 -9.19 -36.85
C ASP M 503 79.73 -8.62 -36.28
N GLN M 504 79.80 -7.30 -36.12
CA GLN M 504 80.96 -6.68 -35.49
C GLN M 504 81.11 -7.15 -34.04
N ASP M 505 80.00 -7.22 -33.31
CA ASP M 505 80.06 -7.69 -31.93
C ASP M 505 80.49 -9.15 -31.86
N LEU M 506 80.01 -9.97 -32.79
CA LEU M 506 80.43 -11.37 -32.84
C LEU M 506 81.93 -11.48 -33.14
N ALA M 507 82.43 -10.66 -34.06
CA ALA M 507 83.85 -10.67 -34.37
C ALA M 507 84.68 -10.24 -33.16
N LYS M 508 84.21 -9.23 -32.44
CA LYS M 508 84.91 -8.80 -31.23
C LYS M 508 84.89 -9.90 -30.16
N ILE M 509 83.76 -10.60 -30.03
CA ILE M 509 83.66 -11.69 -29.07
C ILE M 509 84.66 -12.79 -29.42
N ARG M 510 84.74 -13.16 -30.69
CA ARG M 510 85.70 -14.17 -31.12
C ARG M 510 87.14 -13.70 -30.89
N GLU M 511 87.44 -12.44 -31.18
CA GLU M 511 88.78 -11.92 -30.98
C GLU M 511 89.18 -11.96 -29.50
N VAL M 512 88.25 -11.61 -28.61
CA VAL M 512 88.53 -11.66 -27.18
C VAL M 512 88.68 -13.10 -26.72
N ALA M 513 87.85 -14.01 -27.25
CA ALA M 513 87.98 -15.42 -26.91
C ALA M 513 89.27 -16.03 -27.42
N ALA M 514 89.89 -15.42 -28.43
CA ALA M 514 91.16 -15.89 -28.96
C ALA M 514 92.36 -15.40 -28.16
N ARG M 515 92.14 -14.58 -27.13
CA ARG M 515 93.24 -14.06 -26.34
C ARG M 515 93.87 -15.16 -25.48
N GLU M 516 95.16 -14.98 -25.16
CA GLU M 516 95.86 -15.97 -24.35
C GLU M 516 95.47 -15.87 -22.88
N ASP M 517 95.18 -14.66 -22.39
CA ASP M 517 94.80 -14.43 -21.00
C ASP M 517 93.29 -14.27 -20.83
N LEU M 518 92.51 -15.02 -21.62
CA LEU M 518 91.06 -14.86 -21.60
C LEU M 518 90.48 -15.20 -20.23
N TYR M 519 90.96 -16.27 -19.61
CA TYR M 519 90.42 -16.69 -18.32
C TYR M 519 90.66 -15.63 -17.25
N SER M 520 91.87 -15.12 -17.18
CA SER M 520 92.20 -14.11 -16.14
C SER M 520 91.55 -12.78 -16.46
N LEU M 521 91.37 -12.46 -17.74
CA LEU M 521 90.66 -11.24 -18.13
C LEU M 521 89.20 -11.30 -17.71
N LEU M 522 88.54 -12.43 -17.99
CA LEU M 522 87.13 -12.56 -17.60
C LEU M 522 86.98 -12.65 -16.09
N ALA M 523 87.94 -13.27 -15.40
CA ALA M 523 87.85 -13.39 -13.95
C ALA M 523 87.97 -12.04 -13.27
N ARG M 524 88.94 -11.21 -13.70
CA ARG M 524 89.09 -9.89 -13.12
C ARG M 524 88.08 -8.89 -13.66
N SER M 525 87.41 -9.19 -14.76
CA SER M 525 86.29 -8.37 -15.20
C SER M 525 85.07 -8.56 -14.32
N ILE M 526 84.98 -9.67 -13.60
CA ILE M 526 83.87 -9.93 -12.69
C ILE M 526 84.09 -9.10 -11.43
N ALA M 527 83.23 -8.12 -11.18
CA ALA M 527 83.36 -7.24 -10.00
C ALA M 527 84.70 -6.57 -10.01
N PRO M 528 84.98 -5.60 -10.90
CA PRO M 528 86.29 -5.02 -10.98
C PRO M 528 86.66 -4.28 -9.69
N SER M 529 85.68 -3.82 -8.93
CA SER M 529 85.93 -2.99 -7.73
C SER M 529 86.12 -3.84 -6.49
N ILE M 530 86.18 -5.15 -6.60
CA ILE M 530 86.47 -6.01 -5.42
C ILE M 530 87.95 -6.35 -5.52
N TYR M 531 88.66 -6.42 -4.40
CA TYR M 531 90.13 -6.64 -4.52
C TYR M 531 90.42 -8.01 -5.14
N GLU M 532 91.68 -8.26 -5.42
CA GLU M 532 92.07 -9.52 -6.06
C GLU M 532 91.56 -10.69 -5.23
N LEU M 533 90.76 -11.58 -5.82
CA LEU M 533 90.30 -12.85 -5.21
C LEU M 533 90.20 -13.69 -6.45
N GLU M 534 91.33 -14.03 -7.07
CA GLU M 534 91.24 -14.65 -8.43
C GLU M 534 90.44 -15.93 -8.46
N ASP M 535 90.65 -16.88 -7.56
CA ASP M 535 89.78 -18.08 -7.57
C ASP M 535 88.31 -17.76 -7.24
N VAL M 536 88.00 -16.86 -6.31
CA VAL M 536 86.57 -16.61 -6.03
C VAL M 536 85.91 -16.04 -7.28
N LYS M 537 86.58 -15.18 -8.01
CA LYS M 537 86.02 -14.50 -9.20
C LYS M 537 86.09 -15.43 -10.40
N LYS M 538 86.86 -16.51 -10.30
CA LYS M 538 87.01 -17.50 -11.40
C LYS M 538 85.92 -18.54 -11.22
N GLY M 539 85.62 -18.92 -9.99
CA GLY M 539 84.46 -19.74 -9.69
C GLY M 539 83.15 -19.05 -10.00
N ILE M 540 83.06 -17.75 -9.67
CA ILE M 540 81.86 -16.98 -9.98
C ILE M 540 81.64 -16.93 -11.48
N LEU M 541 82.70 -16.72 -12.26
CA LEU M 541 82.59 -16.68 -13.71
C LEU M 541 82.12 -18.03 -14.26
N LEU M 542 82.69 -19.12 -13.74
CA LEU M 542 82.27 -20.44 -14.20
C LEU M 542 80.81 -20.73 -13.84
N GLN M 543 80.37 -20.28 -12.67
CA GLN M 543 78.96 -20.42 -12.30
C GLN M 543 78.07 -19.62 -13.25
N LEU M 544 78.51 -18.41 -13.61
CA LEU M 544 77.74 -17.60 -14.56
C LEU M 544 77.66 -18.30 -15.92
N PHE M 545 78.76 -18.88 -16.38
CA PHE M 545 78.73 -19.65 -17.62
C PHE M 545 77.86 -20.90 -17.47
N GLY M 546 78.06 -21.64 -16.39
CA GLY M 546 77.29 -22.84 -16.14
C GLY M 546 77.79 -24.02 -16.95
N GLY M 547 77.23 -25.18 -16.64
CA GLY M 547 77.56 -26.40 -17.35
C GLY M 547 76.72 -26.57 -18.61
N THR M 548 76.63 -27.82 -19.05
CA THR M 548 75.86 -28.17 -20.24
C THR M 548 74.56 -28.85 -19.82
N ASN M 549 73.44 -28.35 -20.34
CA ASN M 549 72.12 -28.90 -20.03
C ASN M 549 71.84 -30.05 -21.00
N LYS M 550 71.72 -31.26 -20.46
CA LYS M 550 71.54 -32.46 -21.26
C LYS M 550 70.15 -33.02 -21.01
N THR M 551 69.31 -33.00 -22.04
CA THR M 551 67.97 -33.57 -21.98
C THR M 551 67.99 -34.97 -22.60
N PHE M 552 67.36 -35.92 -21.92
CA PHE M 552 67.38 -37.31 -22.34
C PHE M 552 66.24 -37.56 -23.33
N THR M 553 66.55 -38.24 -24.43
CA THR M 553 65.52 -38.59 -25.40
C THR M 553 64.49 -39.54 -24.81
N LYS M 554 64.95 -40.43 -23.92
CA LYS M 554 64.07 -41.42 -23.28
C LYS M 554 63.51 -40.95 -21.95
N GLY M 555 63.81 -39.72 -21.53
CA GLY M 555 63.28 -39.21 -20.28
C GLY M 555 64.32 -38.97 -19.21
N GLY M 556 64.69 -37.71 -18.99
CA GLY M 556 65.66 -37.37 -17.98
C GLY M 556 66.24 -36.00 -18.25
N ARG M 557 66.88 -35.45 -17.22
CA ARG M 557 67.40 -34.09 -17.32
C ARG M 557 68.62 -33.87 -16.44
N TYR M 558 69.69 -33.33 -17.01
CA TYR M 558 70.85 -32.88 -16.27
C TYR M 558 71.01 -31.38 -16.51
N ARG M 559 71.13 -30.62 -15.43
CA ARG M 559 71.28 -29.16 -15.51
C ARG M 559 72.68 -28.78 -15.07
N GLY M 560 73.26 -27.80 -15.77
CA GLY M 560 74.62 -27.40 -15.51
C GLY M 560 74.77 -26.31 -14.48
N ASP M 561 73.74 -26.08 -13.68
CA ASP M 561 73.80 -25.08 -12.63
C ASP M 561 74.87 -25.44 -11.62
N ILE M 562 75.71 -24.47 -11.27
CA ILE M 562 76.82 -24.66 -10.36
C ILE M 562 76.51 -23.93 -9.07
N ASN M 563 76.53 -24.67 -7.95
CA ASN M 563 76.29 -24.10 -6.63
C ASN M 563 77.61 -23.83 -5.95
N ILE M 564 77.78 -22.61 -5.45
CA ILE M 564 79.03 -22.18 -4.85
C ILE M 564 78.75 -21.65 -3.44
N LEU M 565 79.52 -22.14 -2.47
CA LEU M 565 79.50 -21.64 -1.11
C LEU M 565 80.77 -20.85 -0.84
N LEU M 566 80.63 -19.71 -0.18
CA LEU M 566 81.76 -18.87 0.20
C LEU M 566 81.77 -18.81 1.73
N CYS M 567 82.47 -19.74 2.36
CA CYS M 567 82.66 -19.73 3.79
C CYS M 567 83.98 -19.07 4.12
N GLY M 568 83.97 -18.15 5.06
CA GLY M 568 85.25 -17.50 5.28
C GLY M 568 85.29 -16.55 6.42
N ASP M 569 86.47 -16.00 6.67
CA ASP M 569 86.65 -15.04 7.77
C ASP M 569 85.80 -13.83 7.44
N PRO M 570 85.30 -13.12 8.45
CA PRO M 570 84.47 -11.94 8.23
C PRO M 570 85.21 -10.80 7.53
N SER M 571 84.49 -9.97 6.79
CA SER M 571 85.07 -8.78 6.09
C SER M 571 85.88 -9.12 4.85
N THR M 572 85.55 -10.22 4.17
CA THR M 572 86.34 -10.65 3.00
C THR M 572 85.70 -10.30 1.64
N SER M 573 84.64 -9.49 1.60
CA SER M 573 83.91 -9.10 0.36
C SER M 573 83.06 -10.24 -0.19
N LYS M 574 82.66 -11.16 0.66
CA LYS M 574 81.77 -12.24 0.23
C LYS M 574 80.43 -11.63 -0.16
N SER M 575 79.89 -10.73 0.62
CA SER M 575 78.59 -10.09 0.35
C SER M 575 78.63 -9.18 -0.88
N GLN M 576 79.72 -8.47 -1.12
CA GLN M 576 79.84 -7.65 -2.36
C GLN M 576 79.84 -8.56 -3.59
N ILE M 577 80.45 -9.74 -3.53
CA ILE M 577 80.41 -10.74 -4.63
C ILE M 577 79.01 -11.31 -4.82
N LEU M 578 78.20 -11.52 -3.77
CA LEU M 578 76.81 -11.92 -3.94
C LEU M 578 75.95 -10.79 -4.52
N GLN M 579 76.25 -9.57 -4.15
CA GLN M 579 75.50 -8.37 -4.62
C GLN M 579 75.79 -8.11 -6.11
N TYR M 580 76.99 -8.37 -6.60
CA TYR M 580 77.33 -8.25 -8.04
C TYR M 580 76.67 -9.35 -8.85
N VAL M 581 76.56 -10.55 -8.32
CA VAL M 581 76.03 -11.70 -9.11
C VAL M 581 74.52 -11.57 -9.04
N HIS M 582 73.98 -10.93 -8.02
CA HIS M 582 72.55 -10.64 -8.03
C HIS M 582 72.21 -9.57 -9.06
N LYS M 583 73.04 -8.53 -9.15
CA LYS M 583 72.78 -7.46 -10.10
C LYS M 583 73.04 -7.90 -11.54
N ILE M 584 73.99 -8.81 -11.75
CA ILE M 584 74.36 -9.18 -13.11
C ILE M 584 73.51 -10.33 -13.65
N THR M 585 72.91 -11.13 -12.78
CA THR M 585 72.12 -12.26 -13.24
C THR M 585 70.78 -11.78 -13.81
N PRO M 586 70.23 -12.49 -14.80
CA PRO M 586 68.92 -12.08 -15.34
C PRO M 586 67.80 -12.23 -14.32
N ARG M 587 67.72 -13.40 -13.67
CA ARG M 587 66.72 -13.66 -12.65
C ARG M 587 67.40 -14.16 -11.39
N GLY M 588 66.76 -13.93 -10.26
CA GLY M 588 67.30 -14.35 -8.98
C GLY M 588 66.79 -13.46 -7.87
N VAL M 589 66.84 -14.01 -6.65
CA VAL M 589 66.37 -13.30 -5.46
C VAL M 589 67.47 -13.36 -4.41
N TYR M 590 67.80 -12.21 -3.83
CA TYR M 590 68.80 -12.13 -2.78
C TYR M 590 68.12 -12.29 -1.42
N THR M 591 68.47 -13.36 -0.72
CA THR M 591 67.92 -13.65 0.60
C THR M 591 68.99 -13.48 1.66
N SER M 592 68.55 -13.48 2.93
CA SER M 592 69.44 -13.20 4.05
C SER M 592 69.51 -14.35 5.04
N GLY M 593 68.98 -15.52 4.71
CA GLY M 593 69.07 -16.67 5.59
C GLY M 593 68.05 -16.70 6.70
N LYS M 594 68.24 -15.87 7.73
CA LYS M 594 67.30 -15.82 8.83
C LYS M 594 65.99 -15.15 8.45
N GLY M 595 66.00 -14.31 7.42
CA GLY M 595 64.79 -13.69 6.90
C GLY M 595 64.03 -14.53 5.92
N SER M 596 64.47 -15.77 5.68
CA SER M 596 63.83 -16.67 4.74
C SER M 596 63.16 -17.82 5.48
N SER M 597 62.11 -18.36 4.86
CA SER M 597 61.38 -19.49 5.40
C SER M 597 61.20 -20.54 4.31
N ALA M 598 60.92 -21.78 4.74
CA ALA M 598 60.73 -22.86 3.79
C ALA M 598 59.56 -22.58 2.84
N VAL M 599 58.45 -22.08 3.39
CA VAL M 599 57.33 -21.68 2.55
C VAL M 599 57.71 -20.45 1.73
N GLY M 600 58.47 -19.53 2.31
CA GLY M 600 58.85 -18.32 1.60
C GLY M 600 59.70 -18.59 0.37
N LEU M 601 60.56 -19.61 0.44
CA LEU M 601 61.42 -19.95 -0.68
C LEU M 601 60.70 -20.76 -1.76
N THR M 602 59.49 -21.23 -1.48
CA THR M 602 58.70 -22.00 -2.43
C THR M 602 57.36 -21.30 -2.67
N ALA M 603 56.48 -21.96 -3.42
CA ALA M 603 55.17 -21.39 -3.70
C ALA M 603 54.35 -21.27 -2.41
N TYR M 604 53.56 -20.20 -2.34
CA TYR M 604 52.69 -19.98 -1.20
C TYR M 604 51.36 -19.42 -1.67
N ILE M 605 50.37 -19.46 -0.78
CA ILE M 605 49.02 -19.01 -1.05
C ILE M 605 48.84 -17.64 -0.43
N THR M 606 48.49 -16.64 -1.26
CA THR M 606 48.21 -15.30 -0.79
C THR M 606 46.81 -14.89 -1.25
N ARG M 607 46.38 -13.72 -0.81
CA ARG M 607 45.07 -13.18 -1.16
C ARG M 607 45.23 -11.92 -1.99
N ASP M 608 44.64 -11.92 -3.17
CA ASP M 608 44.60 -10.71 -3.99
C ASP M 608 43.61 -9.73 -3.42
N VAL M 609 43.95 -8.43 -3.48
CA VAL M 609 43.04 -7.40 -3.00
C VAL M 609 42.07 -6.93 -4.08
N ASP M 610 42.42 -7.10 -5.36
CA ASP M 610 41.52 -6.69 -6.44
C ASP M 610 40.36 -7.68 -6.58
N THR M 611 40.69 -8.96 -6.77
CA THR M 611 39.69 -10.00 -6.97
C THR M 611 39.20 -10.62 -5.66
N LYS M 612 39.86 -10.34 -4.54
CA LYS M 612 39.51 -10.93 -3.24
C LYS M 612 39.55 -12.45 -3.29
N GLN M 613 40.47 -13.02 -4.05
CA GLN M 613 40.61 -14.46 -4.23
C GLN M 613 41.93 -14.95 -3.65
N LEU M 614 42.06 -16.27 -3.63
CA LEU M 614 43.28 -16.93 -3.15
C LEU M 614 44.09 -17.37 -4.37
N VAL M 615 45.34 -16.90 -4.44
CA VAL M 615 46.19 -17.16 -5.59
C VAL M 615 47.54 -17.70 -5.12
N LEU M 616 48.27 -18.28 -6.07
CA LEU M 616 49.58 -18.85 -5.81
C LEU M 616 50.66 -17.87 -6.23
N GLU M 617 51.63 -17.63 -5.36
CA GLU M 617 52.78 -16.81 -5.67
C GLU M 617 54.06 -17.61 -5.49
N SER M 618 55.04 -17.34 -6.34
CA SER M 618 56.29 -18.08 -6.33
C SER M 618 57.17 -17.65 -5.16
N GLY M 619 58.10 -18.55 -4.81
CA GLY M 619 59.08 -18.27 -3.78
C GLY M 619 60.39 -17.77 -4.37
N ALA M 620 61.36 -17.56 -3.47
CA ALA M 620 62.66 -17.08 -3.91
C ALA M 620 63.35 -18.09 -4.82
N LEU M 621 63.24 -19.38 -4.50
CA LEU M 621 63.87 -20.40 -5.33
C LEU M 621 63.14 -20.61 -6.66
N VAL M 622 61.87 -20.26 -6.73
CA VAL M 622 61.12 -20.39 -7.98
C VAL M 622 61.29 -19.14 -8.84
N LEU M 623 61.24 -17.95 -8.23
CA LEU M 623 61.51 -16.72 -8.98
C LEU M 623 62.93 -16.68 -9.50
N SER M 624 63.85 -17.43 -8.90
CA SER M 624 65.24 -17.49 -9.33
C SER M 624 65.47 -18.50 -10.45
N ASP M 625 64.43 -19.21 -10.88
CA ASP M 625 64.59 -20.22 -11.92
C ASP M 625 65.19 -19.61 -13.17
N GLY M 626 66.20 -20.29 -13.73
CA GLY M 626 66.93 -19.75 -14.85
C GLY M 626 67.99 -18.74 -14.48
N GLY M 627 68.22 -18.49 -13.19
CA GLY M 627 69.21 -17.53 -12.77
C GLY M 627 70.01 -18.00 -11.57
N VAL M 628 70.41 -17.07 -10.70
CA VAL M 628 71.22 -17.38 -9.53
C VAL M 628 70.53 -16.80 -8.31
N CYS M 629 70.28 -17.65 -7.31
CA CYS M 629 69.74 -17.22 -6.03
C CYS M 629 70.90 -17.01 -5.07
N CYS M 630 71.03 -15.78 -4.56
CA CYS M 630 72.09 -15.42 -3.64
C CYS M 630 71.56 -15.50 -2.22
N ILE M 631 72.20 -16.32 -1.39
CA ILE M 631 71.77 -16.56 -0.01
C ILE M 631 72.90 -16.11 0.91
N ASP M 632 72.73 -14.96 1.54
CA ASP M 632 73.69 -14.49 2.52
C ASP M 632 73.36 -15.06 3.89
N GLU M 633 74.39 -15.16 4.73
CA GLU M 633 74.27 -15.74 6.07
C GLU M 633 73.68 -17.16 6.00
N PHE M 634 74.32 -18.01 5.19
CA PHE M 634 73.86 -19.38 5.02
C PHE M 634 73.91 -20.18 6.31
N ASP M 635 74.77 -19.81 7.25
CA ASP M 635 74.84 -20.53 8.51
C ASP M 635 73.70 -20.16 9.45
N LYS M 636 73.22 -18.92 9.39
CA LYS M 636 72.19 -18.44 10.32
C LYS M 636 70.80 -18.99 10.02
N MET M 637 70.54 -19.41 8.78
CA MET M 637 69.24 -19.97 8.44
C MET M 637 69.13 -21.38 9.01
N SER M 638 67.92 -21.74 9.44
CA SER M 638 67.72 -22.93 10.25
C SER M 638 67.83 -24.21 9.44
N ASP M 639 67.87 -25.35 10.15
CA ASP M 639 67.82 -26.65 9.50
C ASP M 639 66.63 -27.00 8.62
N SER M 640 65.43 -26.64 9.07
CA SER M 640 64.23 -26.90 8.26
C SER M 640 64.01 -26.01 7.00
N THR M 641 64.59 -24.81 7.09
CA THR M 641 64.55 -23.90 5.94
C THR M 641 65.56 -24.47 4.96
N ARG M 642 66.70 -24.98 5.47
CA ARG M 642 67.72 -25.52 4.58
C ARG M 642 67.29 -26.81 3.91
N SER M 643 66.19 -27.43 4.37
CA SER M 643 65.77 -28.70 3.80
C SER M 643 65.27 -28.56 2.37
N VAL M 644 64.66 -27.42 2.05
CA VAL M 644 64.09 -27.24 0.72
C VAL M 644 65.17 -27.07 -0.33
N LEU M 645 66.36 -26.65 0.09
CA LEU M 645 67.44 -26.40 -0.87
C LEU M 645 68.07 -27.70 -1.38
N HIS M 646 67.85 -28.83 -0.70
CA HIS M 646 68.45 -30.08 -1.15
C HIS M 646 67.97 -30.46 -2.53
N GLU M 647 66.64 -30.46 -2.74
CA GLU M 647 66.08 -30.85 -4.03
C GLU M 647 66.45 -29.85 -5.12
N VAL M 648 66.51 -28.56 -4.77
CA VAL M 648 66.90 -27.55 -5.75
C VAL M 648 68.34 -27.73 -6.17
N MET M 649 69.26 -27.96 -5.23
CA MET M 649 70.69 -28.02 -5.57
C MET M 649 71.02 -29.33 -6.26
N GLU M 650 70.22 -30.38 -6.09
CA GLU M 650 70.45 -31.67 -6.77
C GLU M 650 69.55 -31.87 -7.99
N GLN M 651 68.23 -31.80 -7.86
CA GLN M 651 67.34 -32.12 -9.00
C GLN M 651 66.97 -30.85 -9.74
N GLN M 652 67.20 -29.67 -9.16
CA GLN M 652 66.78 -28.42 -9.80
C GLN M 652 65.26 -28.36 -9.95
N THR M 653 64.54 -28.90 -8.98
CA THR M 653 63.09 -28.89 -8.97
C THR M 653 62.62 -28.73 -7.53
N ILE M 654 61.34 -28.41 -7.38
CA ILE M 654 60.65 -28.42 -6.09
C ILE M 654 59.36 -29.20 -6.26
N SER M 655 59.30 -30.38 -5.64
CA SER M 655 58.10 -31.22 -5.70
C SER M 655 57.23 -30.89 -4.49
N ILE M 656 56.24 -30.04 -4.69
CA ILE M 656 55.41 -29.51 -3.61
C ILE M 656 54.09 -30.27 -3.61
N ALA M 657 53.70 -30.74 -2.43
CA ALA M 657 52.40 -31.37 -2.20
C ALA M 657 51.78 -30.75 -0.95
N LYS M 658 51.10 -29.63 -1.14
CA LYS M 658 50.44 -28.89 -0.08
C LYS M 658 48.99 -28.65 -0.46
N ALA M 659 48.20 -28.18 0.51
CA ALA M 659 46.77 -28.00 0.31
C ALA M 659 46.53 -26.95 -0.77
N GLY M 660 46.10 -27.42 -1.94
CA GLY M 660 45.83 -26.55 -3.07
C GLY M 660 46.89 -26.56 -4.16
N ILE M 661 48.06 -27.12 -3.90
CA ILE M 661 49.15 -27.13 -4.89
C ILE M 661 49.92 -28.45 -4.78
N ILE M 662 49.76 -29.31 -5.79
CA ILE M 662 50.46 -30.59 -5.84
C ILE M 662 51.07 -30.71 -7.22
N THR M 663 52.35 -30.34 -7.35
CA THR M 663 53.01 -30.37 -8.65
C THR M 663 54.52 -30.25 -8.44
N THR M 664 55.25 -30.45 -9.53
CA THR M 664 56.70 -30.26 -9.57
C THR M 664 56.98 -28.95 -10.30
N LEU M 665 57.71 -28.06 -9.65
CA LEU M 665 58.01 -26.74 -10.17
C LEU M 665 59.50 -26.64 -10.51
N ASN M 666 59.80 -26.21 -11.72
CA ASN M 666 61.19 -26.05 -12.12
C ASN M 666 61.87 -24.97 -11.29
N ALA M 667 63.02 -25.32 -10.72
CA ALA M 667 63.82 -24.41 -9.89
C ALA M 667 65.28 -24.48 -10.31
N ARG M 668 65.51 -24.41 -11.62
CA ARG M 668 66.85 -24.54 -12.17
C ARG M 668 67.68 -23.29 -11.88
N SER M 669 67.97 -23.05 -10.62
CA SER M 669 68.70 -21.87 -10.18
C SER M 669 69.99 -22.28 -9.49
N SER M 670 71.10 -21.71 -9.92
CA SER M 670 72.34 -21.87 -9.17
C SER M 670 72.19 -21.20 -7.80
N ILE M 671 72.92 -21.72 -6.82
CA ILE M 671 72.85 -21.22 -5.46
C ILE M 671 74.20 -20.63 -5.10
N LEU M 672 74.23 -19.33 -4.84
CA LEU M 672 75.45 -18.65 -4.41
C LEU M 672 75.26 -18.29 -2.94
N ALA M 673 75.81 -19.12 -2.05
CA ALA M 673 75.65 -18.94 -0.62
C ALA M 673 76.91 -18.34 -0.01
N SER M 674 76.72 -17.54 1.03
CA SER M 674 77.82 -16.94 1.77
C SER M 674 77.65 -17.24 3.25
N ALA M 675 78.75 -17.52 3.93
CA ALA M 675 78.71 -17.90 5.34
C ALA M 675 80.06 -17.66 5.99
N ASN M 676 80.02 -17.44 7.30
CA ASN M 676 81.22 -17.40 8.10
C ASN M 676 81.24 -18.56 9.09
N PRO M 677 82.42 -19.05 9.48
CA PRO M 677 82.48 -20.22 10.37
C PRO M 677 81.99 -19.88 11.76
N ILE M 678 81.73 -20.93 12.53
CA ILE M 678 81.29 -20.77 13.91
C ILE M 678 82.34 -20.01 14.70
N GLY M 679 81.88 -19.10 15.56
CA GLY M 679 82.76 -18.16 16.21
C GLY M 679 83.11 -16.95 15.38
N SER M 680 82.58 -16.84 14.16
CA SER M 680 82.78 -15.74 13.23
C SER M 680 84.25 -15.56 12.84
N ARG M 681 85.08 -16.59 13.02
CA ARG M 681 86.46 -16.58 12.60
C ARG M 681 86.87 -18.02 12.30
N TYR M 682 87.69 -18.19 11.26
CA TYR M 682 88.15 -19.52 10.90
C TYR M 682 89.26 -19.91 11.87
N ASN M 683 88.93 -20.68 12.89
CA ASN M 683 89.92 -21.15 13.84
C ASN M 683 90.77 -22.24 13.20
N PRO M 684 92.08 -22.04 13.07
CA PRO M 684 92.92 -23.09 12.47
C PRO M 684 93.00 -24.36 13.29
N ASN M 685 92.72 -24.28 14.60
CA ASN M 685 92.75 -25.48 15.43
C ASN M 685 91.70 -26.49 15.00
N LEU M 686 90.48 -26.02 14.74
CA LEU M 686 89.42 -26.91 14.31
C LEU M 686 89.58 -27.28 12.84
N PRO M 687 89.16 -28.49 12.45
CA PRO M 687 89.19 -28.87 11.03
C PRO M 687 88.21 -28.07 10.18
N VAL M 688 88.22 -28.33 8.87
CA VAL M 688 87.41 -27.55 7.94
C VAL M 688 85.92 -27.78 8.20
N THR M 689 85.53 -29.04 8.41
CA THR M 689 84.12 -29.36 8.60
C THR M 689 83.57 -28.74 9.88
N GLU M 690 84.40 -28.69 10.93
CA GLU M 690 83.97 -28.06 12.18
C GLU M 690 83.70 -26.57 11.97
N ASN M 691 84.56 -25.89 11.19
CA ASN M 691 84.37 -24.47 10.95
C ASN M 691 83.15 -24.22 10.07
N ILE M 692 83.02 -24.96 8.97
CA ILE M 692 81.92 -24.72 8.05
C ILE M 692 80.58 -25.00 8.74
N ASP M 693 80.52 -26.11 9.46
CA ASP M 693 79.33 -26.50 10.25
C ASP M 693 78.10 -26.64 9.37
N LEU M 694 78.22 -27.51 8.36
CA LEU M 694 77.12 -27.86 7.50
C LEU M 694 77.02 -29.38 7.38
N PRO M 695 75.81 -29.92 7.32
CA PRO M 695 75.63 -31.37 7.18
C PRO M 695 76.30 -31.88 5.92
N PRO M 696 76.94 -33.09 5.95
CA PRO M 696 77.47 -33.70 4.75
C PRO M 696 76.45 -33.62 3.61
N PRO M 697 75.16 -33.96 3.78
CA PRO M 697 74.22 -33.92 2.66
C PRO M 697 74.10 -32.54 1.98
N LEU M 698 74.29 -31.43 2.70
CA LEU M 698 74.28 -30.09 2.03
C LEU M 698 75.68 -29.66 1.62
N LEU M 699 76.74 -30.03 2.33
CA LEU M 699 78.04 -29.57 1.85
C LEU M 699 78.49 -30.31 0.59
N SER M 700 77.85 -31.41 0.27
CA SER M 700 78.15 -32.18 -0.97
C SER M 700 77.48 -31.50 -2.16
N ARG M 701 76.34 -30.87 -1.93
CA ARG M 701 75.57 -30.24 -3.03
C ARG M 701 76.30 -29.04 -3.62
N PHE M 702 77.13 -28.38 -2.83
CA PHE M 702 77.95 -27.24 -3.32
C PHE M 702 79.05 -27.76 -4.24
N ASP M 703 79.07 -27.32 -5.49
CA ASP M 703 80.10 -27.67 -6.46
C ASP M 703 81.45 -27.01 -6.15
N LEU M 704 81.45 -25.88 -5.46
CA LEU M 704 82.68 -25.19 -5.13
C LEU M 704 82.54 -24.54 -3.76
N VAL M 705 83.30 -25.04 -2.79
CA VAL M 705 83.32 -24.50 -1.43
C VAL M 705 84.62 -23.71 -1.27
N TYR M 706 84.49 -22.40 -1.11
CA TYR M 706 85.62 -21.50 -1.00
C TYR M 706 85.85 -21.16 0.47
N LEU M 707 87.09 -21.26 0.91
CA LEU M 707 87.50 -20.82 2.25
C LEU M 707 88.25 -19.51 2.08
N VAL M 708 87.57 -18.41 2.34
CA VAL M 708 88.14 -17.07 2.18
C VAL M 708 88.66 -16.64 3.53
N LEU M 709 89.98 -16.59 3.66
CA LEU M 709 90.65 -16.33 4.92
C LEU M 709 91.31 -14.96 4.92
N ASP M 710 91.24 -14.26 6.04
CA ASP M 710 91.82 -12.92 6.19
C ASP M 710 93.16 -13.04 6.91
N LYS M 711 94.19 -13.38 6.13
CA LYS M 711 95.54 -13.47 6.67
C LYS M 711 96.18 -12.08 6.75
N VAL M 712 97.05 -11.89 7.74
CA VAL M 712 97.76 -10.62 7.92
C VAL M 712 99.07 -10.73 7.14
N ASP M 713 99.09 -10.18 5.94
CA ASP M 713 100.28 -10.08 5.10
C ASP M 713 100.48 -8.62 4.71
N GLU M 714 101.72 -8.12 4.88
CA GLU M 714 101.95 -6.69 4.77
C GLU M 714 101.69 -6.16 3.37
N LYS M 715 102.14 -6.88 2.34
CA LYS M 715 101.86 -6.45 0.97
C LYS M 715 100.38 -6.59 0.63
N ASN M 716 99.72 -7.59 1.18
CA ASN M 716 98.30 -7.72 0.96
C ASN M 716 97.59 -6.50 1.52
N ASP M 717 97.97 -6.07 2.73
CA ASP M 717 97.37 -4.86 3.29
C ASP M 717 97.67 -3.62 2.46
N ARG M 718 98.93 -3.44 2.07
CA ARG M 718 99.40 -2.35 1.21
C ARG M 718 98.53 -2.20 -0.05
N GLU M 719 98.26 -3.32 -0.72
CA GLU M 719 97.52 -3.27 -2.02
C GLU M 719 96.00 -3.21 -1.82
N LEU M 720 95.43 -3.90 -0.83
CA LEU M 720 93.98 -3.80 -0.53
C LEU M 720 93.68 -2.38 -0.06
N ALA M 721 94.64 -1.72 0.57
CA ALA M 721 94.42 -0.36 1.11
C ALA M 721 94.54 0.60 -0.06
N LYS M 722 95.54 0.43 -0.94
CA LYS M 722 95.44 1.27 -2.14
C LYS M 722 94.15 1.05 -2.90
N HIS M 723 93.70 -0.19 -3.03
CA HIS M 723 92.49 -0.39 -3.85
C HIS M 723 91.34 0.36 -3.21
N LEU M 724 91.09 0.17 -1.93
CA LEU M 724 89.91 0.77 -1.27
C LEU M 724 90.01 2.29 -1.29
N THR M 725 91.18 2.85 -1.01
CA THR M 725 91.35 4.31 -0.94
C THR M 725 91.38 4.94 -2.34
N ASN M 726 91.68 4.18 -3.40
CA ASN M 726 91.56 4.75 -4.73
C ASN M 726 90.11 5.01 -5.11
N LEU M 727 89.17 4.34 -4.48
CA LEU M 727 87.76 4.49 -4.87
C LEU M 727 87.26 5.82 -4.31
N TYR M 728 88.04 6.44 -3.44
CA TYR M 728 87.60 7.67 -2.74
C TYR M 728 88.35 8.91 -3.26
N LEU M 729 89.25 8.76 -4.23
CA LEU M 729 90.00 9.90 -4.82
C LEU M 729 89.04 10.79 -5.59
N GLU M 730 88.08 10.18 -6.30
CA GLU M 730 87.09 10.95 -7.09
C GLU M 730 85.70 10.67 -6.53
N ASP M 731 84.78 11.64 -6.59
CA ASP M 731 83.47 11.45 -5.93
C ASP M 731 82.74 10.25 -6.50
N LYS M 732 82.66 10.11 -7.82
CA LYS M 732 82.07 8.88 -8.40
C LYS M 732 83.20 8.18 -9.13
N PRO M 733 83.74 7.07 -8.61
CA PRO M 733 84.91 6.48 -9.22
C PRO M 733 84.70 5.74 -10.55
N GLU M 734 85.60 5.99 -11.51
CA GLU M 734 85.58 5.21 -12.78
C GLU M 734 86.71 4.21 -12.56
N HIS M 735 86.40 2.91 -12.42
CA HIS M 735 87.43 1.98 -11.99
C HIS M 735 88.13 1.37 -13.20
N ILE M 736 89.40 1.75 -13.41
CA ILE M 736 90.23 1.16 -14.45
C ILE M 736 91.56 0.75 -13.82
N SER M 737 91.55 0.48 -12.51
CA SER M 737 92.77 0.21 -11.77
C SER M 737 93.24 -1.24 -11.96
N GLN M 738 93.39 -1.66 -13.21
CA GLN M 738 93.91 -2.97 -13.55
C GLN M 738 94.65 -2.86 -14.87
N ASP M 739 95.18 -3.99 -15.35
CA ASP M 739 95.78 -4.00 -16.68
C ASP M 739 94.75 -3.70 -17.75
N ASP M 740 93.63 -4.43 -17.74
CA ASP M 740 92.48 -4.16 -18.58
C ASP M 740 91.33 -5.04 -18.11
N VAL M 741 90.15 -4.44 -18.00
CA VAL M 741 88.93 -5.17 -17.65
C VAL M 741 87.87 -4.87 -18.70
N LEU M 742 87.17 -5.91 -19.14
CA LEU M 742 86.11 -5.73 -20.10
C LEU M 742 84.92 -5.04 -19.45
N PRO M 743 84.25 -4.13 -20.17
CA PRO M 743 83.05 -3.51 -19.62
C PRO M 743 81.96 -4.55 -19.39
N VAL M 744 81.11 -4.28 -18.40
CA VAL M 744 80.00 -5.18 -18.11
C VAL M 744 79.09 -5.33 -19.33
N GLU M 745 79.01 -4.30 -20.17
CA GLU M 745 78.23 -4.39 -21.40
C GLU M 745 78.79 -5.47 -22.33
N PHE M 746 80.11 -5.54 -22.48
CA PHE M 746 80.74 -6.58 -23.29
C PHE M 746 80.79 -7.92 -22.57
N LEU M 747 81.04 -7.89 -21.25
CA LEU M 747 81.15 -9.13 -20.48
C LEU M 747 79.85 -9.91 -20.49
N THR M 748 78.73 -9.21 -20.23
CA THR M 748 77.43 -9.88 -20.21
C THR M 748 77.09 -10.44 -21.59
N MET M 749 77.37 -9.69 -22.64
CA MET M 749 77.09 -10.18 -24.00
C MET M 749 77.93 -11.40 -24.33
N TYR M 750 79.21 -11.40 -23.95
CA TYR M 750 80.06 -12.55 -24.18
C TYR M 750 79.54 -13.78 -23.43
N ILE M 751 79.18 -13.61 -22.16
CA ILE M 751 78.69 -14.73 -21.36
C ILE M 751 77.38 -15.26 -21.94
N SER M 752 76.48 -14.35 -22.34
CA SER M 752 75.21 -14.78 -22.92
C SER M 752 75.41 -15.53 -24.22
N TYR M 753 76.30 -15.03 -25.08
CA TYR M 753 76.57 -15.73 -26.34
C TYR M 753 77.15 -17.11 -26.10
N ALA M 754 78.09 -17.22 -25.16
CA ALA M 754 78.68 -18.52 -24.86
C ALA M 754 77.63 -19.48 -24.29
N LYS M 755 76.76 -18.98 -23.41
CA LYS M 755 75.71 -19.83 -22.85
C LYS M 755 74.74 -20.30 -23.93
N GLU M 756 74.36 -19.40 -24.84
CA GLU M 756 73.34 -19.73 -25.83
C GLU M 756 73.88 -20.68 -26.90
N HIS M 757 75.09 -20.40 -27.42
CA HIS M 757 75.54 -21.05 -28.65
C HIS M 757 76.61 -22.12 -28.44
N ILE M 758 77.19 -22.23 -27.26
CA ILE M 758 78.25 -23.20 -27.00
C ILE M 758 77.71 -24.29 -26.08
N HIS M 759 77.81 -25.54 -26.52
CA HIS M 759 77.37 -26.70 -25.76
C HIS M 759 78.51 -27.71 -25.75
N PRO M 760 79.43 -27.62 -24.80
CA PRO M 760 80.60 -28.52 -24.79
C PRO M 760 80.19 -29.98 -24.66
N ILE M 761 80.94 -30.85 -25.32
CA ILE M 761 80.73 -32.28 -25.31
C ILE M 761 81.99 -32.95 -24.76
N ILE M 762 81.81 -33.84 -23.79
CA ILE M 762 82.95 -34.48 -23.14
C ILE M 762 83.64 -35.43 -24.10
N THR M 763 84.96 -35.35 -24.17
CA THR M 763 85.76 -36.27 -24.97
C THR M 763 86.31 -37.39 -24.11
N GLU M 764 86.87 -38.41 -24.77
CA GLU M 764 87.33 -39.59 -24.05
C GLU M 764 88.51 -39.28 -23.15
N ALA M 765 89.46 -38.45 -23.61
CA ALA M 765 90.57 -38.06 -22.75
C ALA M 765 90.08 -37.31 -21.53
N ALA M 766 89.09 -36.43 -21.72
CA ALA M 766 88.47 -35.76 -20.58
C ALA M 766 87.82 -36.77 -19.64
N LYS M 767 87.20 -37.82 -20.20
CA LYS M 767 86.61 -38.85 -19.36
C LYS M 767 87.66 -39.56 -18.51
N THR M 768 88.78 -39.93 -19.13
CA THR M 768 89.84 -40.62 -18.38
C THR M 768 90.41 -39.72 -17.29
N GLU M 769 90.66 -38.45 -17.63
CA GLU M 769 91.17 -37.52 -16.62
C GLU M 769 90.17 -37.33 -15.49
N LEU M 770 88.88 -37.24 -15.82
CA LEU M 770 87.84 -37.10 -14.81
C LEU M 770 87.84 -38.29 -13.87
N VAL M 771 87.88 -39.50 -14.41
CA VAL M 771 87.85 -40.70 -13.59
C VAL M 771 89.14 -40.72 -12.78
N ARG M 772 90.27 -40.49 -13.43
CA ARG M 772 91.54 -40.43 -12.69
C ARG M 772 91.37 -39.51 -11.49
N ALA M 773 91.09 -38.22 -11.71
CA ALA M 773 91.00 -37.28 -10.61
C ALA M 773 89.99 -37.63 -9.52
N TYR M 774 88.82 -38.14 -9.90
CA TYR M 774 87.82 -38.50 -8.90
C TYR M 774 88.32 -39.63 -8.00
N VAL M 775 88.97 -40.62 -8.60
CA VAL M 775 89.56 -41.70 -7.81
C VAL M 775 90.68 -41.18 -6.93
N GLY M 776 91.45 -40.20 -7.42
CA GLY M 776 92.50 -39.62 -6.59
C GLY M 776 91.96 -38.91 -5.37
N MET M 777 90.88 -38.13 -5.54
CA MET M 777 90.28 -37.49 -4.38
C MET M 777 89.58 -38.50 -3.47
N ARG M 778 89.15 -39.63 -4.03
CA ARG M 778 88.45 -40.64 -3.24
C ARG M 778 89.44 -41.55 -2.53
N LYS M 779 90.36 -40.98 -1.77
CA LYS M 779 91.38 -41.75 -1.07
C LYS M 779 91.79 -41.06 0.23
N LYS M 789 87.58 -34.76 11.79
CA LYS M 789 87.78 -35.55 10.60
C LYS M 789 88.21 -34.68 9.42
N ARG M 790 87.87 -35.13 8.21
CA ARG M 790 88.18 -34.39 6.99
C ARG M 790 86.95 -34.39 6.10
N ILE M 791 86.86 -33.37 5.24
CA ILE M 791 85.73 -33.28 4.33
C ILE M 791 85.72 -34.47 3.39
N THR M 792 84.54 -35.07 3.21
CA THR M 792 84.40 -36.22 2.35
C THR M 792 84.37 -35.80 0.88
N ALA M 793 84.50 -36.79 0.00
CA ALA M 793 84.43 -36.59 -1.44
C ALA M 793 83.37 -37.55 -1.98
N THR M 794 82.14 -37.08 -2.14
CA THR M 794 81.04 -37.95 -2.63
C THR M 794 81.03 -38.09 -4.15
N THR M 795 80.05 -38.81 -4.70
CA THR M 795 79.89 -39.00 -6.16
C THR M 795 79.51 -37.67 -6.82
N ARG M 796 78.94 -36.76 -6.04
CA ARG M 796 78.54 -35.43 -6.54
C ARG M 796 79.74 -34.62 -6.96
N GLN M 797 80.90 -34.84 -6.35
CA GLN M 797 82.15 -34.14 -6.73
C GLN M 797 82.54 -34.51 -8.16
N LEU M 798 82.32 -35.72 -8.62
CA LEU M 798 82.59 -36.05 -10.03
C LEU M 798 81.66 -35.22 -10.91
N GLU M 799 80.41 -35.03 -10.50
CA GLU M 799 79.41 -34.28 -11.30
C GLU M 799 79.70 -32.78 -11.27
N SER M 800 80.45 -32.30 -10.30
CA SER M 800 80.85 -30.89 -10.18
C SER M 800 82.04 -30.73 -11.08
N MET M 801 82.94 -31.69 -11.12
CA MET M 801 84.05 -31.70 -12.07
C MET M 801 83.55 -31.52 -13.49
N ILE M 802 82.74 -32.49 -13.95
CA ILE M 802 82.22 -32.47 -15.31
C ILE M 802 81.65 -31.09 -15.64
N ARG M 803 80.65 -30.65 -14.88
CA ARG M 803 80.00 -29.39 -15.24
C ARG M 803 81.00 -28.24 -15.16
N LEU M 804 81.84 -28.23 -14.13
CA LEU M 804 82.87 -27.19 -14.06
C LEU M 804 83.74 -27.22 -15.29
N ALA M 805 84.22 -28.41 -15.67
CA ALA M 805 84.99 -28.55 -16.90
C ALA M 805 84.19 -28.00 -18.08
N GLU M 806 82.92 -28.42 -18.18
CA GLU M 806 82.09 -27.91 -19.26
C GLU M 806 82.02 -26.40 -19.23
N ALA M 807 81.84 -25.82 -18.04
CA ALA M 807 81.85 -24.36 -17.93
C ALA M 807 83.12 -23.78 -18.51
N HIS M 808 84.26 -24.35 -18.15
CA HIS M 808 85.52 -23.87 -18.72
C HIS M 808 85.52 -24.05 -20.23
N ALA M 809 85.07 -25.22 -20.71
CA ALA M 809 85.00 -25.43 -22.15
C ALA M 809 84.03 -24.46 -22.80
N LYS M 810 82.99 -24.05 -22.06
CA LYS M 810 82.06 -23.08 -22.61
C LYS M 810 82.66 -21.68 -22.59
N MET M 811 83.60 -21.41 -21.68
CA MET M 811 84.19 -20.08 -21.59
C MET M 811 85.04 -19.78 -22.81
N LYS M 812 85.85 -20.74 -23.24
CA LYS M 812 86.74 -20.56 -24.39
C LYS M 812 86.03 -20.77 -25.72
N LEU M 813 84.70 -20.82 -25.72
CA LEU M 813 83.89 -21.07 -26.91
C LEU M 813 84.22 -22.40 -27.56
N LYS M 814 84.72 -23.35 -26.79
CA LYS M 814 85.05 -24.68 -27.30
C LYS M 814 83.84 -25.58 -27.19
N ASN M 815 83.55 -26.32 -28.26
CA ASN M 815 82.43 -27.24 -28.29
C ASN M 815 82.78 -28.61 -27.74
N VAL M 816 84.03 -28.82 -27.36
CA VAL M 816 84.48 -30.09 -26.78
C VAL M 816 85.29 -29.79 -25.53
N VAL M 817 85.40 -30.81 -24.68
CA VAL M 817 86.11 -30.70 -23.41
C VAL M 817 87.36 -31.57 -23.52
N GLU M 818 88.53 -30.96 -23.39
CA GLU M 818 89.77 -31.70 -23.36
C GLU M 818 90.16 -31.96 -21.92
N LEU M 819 91.36 -32.50 -21.71
CA LEU M 819 91.86 -32.75 -20.36
C LEU M 819 92.34 -31.47 -19.67
N GLU M 820 92.64 -30.42 -20.41
CA GLU M 820 93.01 -29.15 -19.78
C GLU M 820 91.84 -28.56 -19.00
N ASP M 821 90.63 -28.62 -19.55
CA ASP M 821 89.47 -28.12 -18.84
C ASP M 821 89.21 -28.91 -17.55
N VAL M 822 89.35 -30.23 -17.63
CA VAL M 822 89.17 -31.06 -16.43
C VAL M 822 90.24 -30.75 -15.39
N GLN M 823 91.49 -30.56 -15.85
CA GLN M 823 92.56 -30.20 -14.93
C GLN M 823 92.27 -28.85 -14.26
N GLU M 824 91.78 -27.88 -15.03
CA GLU M 824 91.43 -26.59 -14.45
C GLU M 824 90.30 -26.73 -13.43
N ALA M 825 89.30 -27.55 -13.74
CA ALA M 825 88.20 -27.76 -12.79
C ALA M 825 88.71 -28.40 -11.50
N VAL M 826 89.58 -29.40 -11.62
CA VAL M 826 90.14 -30.05 -10.43
C VAL M 826 90.98 -29.06 -9.63
N ARG M 827 91.78 -28.25 -10.31
CA ARG M 827 92.60 -27.26 -9.63
C ARG M 827 91.74 -26.23 -8.90
N LEU M 828 90.66 -25.78 -9.54
CA LEU M 828 89.75 -24.83 -8.89
C LEU M 828 89.09 -25.45 -7.67
N ILE M 829 88.66 -26.71 -7.78
CA ILE M 829 88.04 -27.39 -6.65
C ILE M 829 89.02 -27.51 -5.49
N ARG M 830 90.26 -27.89 -5.78
CA ARG M 830 91.26 -28.04 -4.72
C ARG M 830 91.63 -26.70 -4.09
N SER M 831 91.79 -25.66 -4.92
CA SER M 831 92.22 -24.37 -4.39
C SER M 831 91.10 -23.66 -3.65
N ALA M 832 89.85 -23.93 -4.00
CA ALA M 832 88.73 -23.29 -3.30
C ALA M 832 88.71 -23.71 -1.84
N ILE M 833 88.89 -25.00 -1.57
CA ILE M 833 88.90 -25.51 -0.19
C ILE M 833 90.28 -25.42 0.44
N LYS M 834 91.29 -24.95 -0.29
CA LYS M 834 92.66 -24.81 0.21
C LYS M 834 93.22 -26.16 0.67
N ASP M 835 93.28 -27.09 -0.30
CA ASP M 835 93.90 -28.38 -0.02
C ASP M 835 95.42 -28.27 0.04
N TYR M 836 95.99 -27.22 -0.57
CA TYR M 836 97.44 -27.05 -0.55
C TYR M 836 97.94 -26.67 0.83
N ALA M 837 97.05 -26.22 1.71
CA ALA M 837 97.41 -25.89 3.08
C ALA M 837 96.72 -26.77 4.10
N THR M 838 96.03 -27.82 3.64
CA THR M 838 95.31 -28.75 4.52
C THR M 838 96.09 -30.05 4.64
N ASP M 839 96.34 -30.45 5.88
CA ASP M 839 96.99 -31.74 6.11
C ASP M 839 96.04 -32.86 5.69
N PRO M 840 96.51 -33.85 4.92
CA PRO M 840 95.61 -34.94 4.53
C PRO M 840 95.05 -35.71 5.71
N LYS M 841 95.83 -35.88 6.78
CA LYS M 841 95.37 -36.66 7.92
C LYS M 841 94.34 -35.89 8.74
N THR M 842 94.59 -34.61 9.01
CA THR M 842 93.70 -33.78 9.80
C THR M 842 93.45 -32.47 9.09
N GLY M 843 92.20 -32.00 9.12
CA GLY M 843 91.80 -30.87 8.31
C GLY M 843 92.21 -29.50 8.83
N LYS M 844 93.44 -29.38 9.33
CA LYS M 844 93.96 -28.10 9.78
C LYS M 844 94.46 -27.29 8.58
N ILE M 845 94.18 -25.99 8.59
CA ILE M 845 94.75 -25.09 7.60
C ILE M 845 96.04 -24.52 8.16
N ASP M 846 97.15 -24.78 7.47
CA ASP M 846 98.44 -24.21 7.84
C ASP M 846 98.42 -22.73 7.49
N MET M 847 98.33 -21.87 8.50
CA MET M 847 98.22 -20.44 8.26
C MET M 847 99.43 -19.89 7.51
N ASN M 848 100.60 -20.50 7.71
CA ASN M 848 101.80 -20.05 7.00
C ASN M 848 101.79 -20.50 5.54
N LEU M 849 101.00 -21.52 5.20
CA LEU M 849 100.94 -22.03 3.84
C LEU M 849 99.88 -21.33 2.99
N VAL M 850 99.14 -20.37 3.55
CA VAL M 850 98.10 -19.68 2.80
C VAL M 850 98.75 -18.80 1.73
N GLN M 851 98.10 -18.71 0.56
CA GLN M 851 98.67 -18.05 -0.59
C GLN M 851 97.83 -16.85 -1.00
N THR M 852 97.51 -15.99 -0.03
CA THR M 852 96.74 -14.77 -0.28
C THR M 852 97.26 -14.00 -1.49
N GLY M 853 98.52 -13.59 -1.45
CA GLY M 853 99.14 -12.90 -2.57
C GLY M 853 98.47 -11.58 -2.93
N SER N 2 -19.33 17.85 20.05
CA SER N 2 -18.24 17.90 21.02
C SER N 2 -18.59 17.10 22.28
N PHE N 3 -18.95 15.84 22.08
CA PHE N 3 -19.40 14.98 23.17
C PHE N 3 -18.33 13.94 23.51
N ASP N 4 -18.59 13.21 24.58
CA ASP N 4 -17.63 12.26 25.15
C ASP N 4 -17.80 10.88 24.51
N ARG N 5 -17.12 9.89 25.07
CA ARG N 5 -17.17 8.52 24.58
C ARG N 5 -18.32 7.78 25.25
N PRO N 6 -19.26 7.23 24.49
CA PRO N 6 -20.33 6.43 25.11
C PRO N 6 -19.76 5.15 25.70
N GLU N 7 -20.26 4.79 26.88
CA GLU N 7 -19.77 3.62 27.60
C GLU N 7 -20.63 2.40 27.30
N ILE N 8 -20.03 1.23 27.47
CA ILE N 8 -20.71 -0.07 27.32
C ILE N 8 -20.45 -0.89 28.57
N TYR N 9 -21.51 -1.43 29.14
CA TYR N 9 -21.42 -2.18 30.39
C TYR N 9 -22.51 -3.24 30.44
N SER N 10 -22.31 -4.25 31.28
CA SER N 10 -23.20 -5.39 31.36
C SER N 10 -23.42 -5.77 32.82
N ALA N 11 -24.46 -6.59 33.04
CA ALA N 11 -24.82 -7.07 34.37
C ALA N 11 -25.56 -8.39 34.26
N PRO N 12 -25.26 -9.36 35.13
CA PRO N 12 -25.94 -10.67 35.04
C PRO N 12 -27.36 -10.58 35.57
N VAL N 13 -28.32 -11.06 34.78
CA VAL N 13 -29.72 -11.06 35.15
C VAL N 13 -30.29 -12.47 35.23
N LEU N 14 -29.87 -13.36 34.32
CA LEU N 14 -30.50 -14.67 34.17
C LEU N 14 -29.42 -15.73 33.99
N GLN N 15 -29.80 -16.98 34.25
CA GLN N 15 -29.02 -18.11 33.78
C GLN N 15 -29.05 -18.15 32.26
N GLY N 16 -27.87 -18.17 31.64
CA GLY N 16 -27.76 -18.34 30.20
C GLY N 16 -27.78 -19.80 29.83
N GLU N 17 -27.09 -20.13 28.75
CA GLU N 17 -26.98 -21.51 28.33
C GLU N 17 -26.11 -22.35 29.26
N SER N 18 -26.40 -23.64 29.30
CA SER N 18 -25.72 -24.55 30.26
C SER N 18 -24.22 -24.35 30.26
N PRO N 19 -23.58 -24.23 31.44
CA PRO N 19 -22.17 -23.97 31.47
C PRO N 19 -21.70 -25.21 30.73
N ASN N 20 -20.84 -25.05 29.72
CA ASN N 20 -20.21 -26.20 29.01
C ASN N 20 -18.85 -26.40 29.66
N ASP N 21 -18.35 -27.63 29.76
CA ASP N 21 -17.08 -27.92 30.46
C ASP N 21 -15.86 -27.26 29.81
N ASP N 22 -15.84 -27.15 28.50
CA ASP N 22 -14.67 -26.60 27.76
C ASP N 22 -14.63 -25.08 27.79
N ASP N 23 -15.67 -24.40 28.23
CA ASP N 23 -15.71 -22.92 28.14
C ASP N 23 -14.59 -22.32 28.95
N ASN N 24 -13.90 -21.31 28.41
CA ASN N 24 -12.73 -20.74 29.09
C ASN N 24 -13.17 -20.35 30.50
N THR N 25 -14.38 -19.86 30.71
CA THR N 25 -14.84 -19.41 32.04
C THR N 25 -15.07 -20.60 32.96
N GLU N 26 -15.50 -21.75 32.46
CA GLU N 26 -15.57 -22.96 33.27
C GLU N 26 -14.18 -23.46 33.64
N ILE N 27 -13.24 -23.40 32.70
CA ILE N 27 -11.87 -23.81 32.97
C ILE N 27 -11.23 -22.92 34.02
N ILE N 28 -11.46 -21.61 33.91
CA ILE N 28 -10.94 -20.67 34.90
C ILE N 28 -11.55 -20.93 36.27
N LYS N 29 -12.86 -21.23 36.31
CA LYS N 29 -13.51 -21.55 37.58
C LYS N 29 -12.92 -22.80 38.20
N SER N 30 -12.65 -23.83 37.39
CA SER N 30 -12.12 -25.08 37.93
C SER N 30 -10.68 -24.91 38.41
N PHE N 31 -9.86 -24.14 37.68
CA PHE N 31 -8.54 -23.77 38.19
C PHE N 31 -8.61 -22.99 39.48
N LYS N 32 -9.54 -22.04 39.58
CA LYS N 32 -9.69 -21.27 40.81
C LYS N 32 -10.09 -22.17 41.98
N ASN N 33 -10.99 -23.11 41.73
CA ASN N 33 -11.39 -24.06 42.76
C ASN N 33 -10.23 -24.99 43.14
N PHE N 34 -9.41 -25.38 42.16
CA PHE N 34 -8.22 -26.17 42.45
C PHE N 34 -7.25 -25.41 43.33
N ILE N 35 -7.05 -24.12 43.03
CA ILE N 35 -6.13 -23.31 43.83
C ILE N 35 -6.65 -23.15 45.25
N LEU N 36 -7.95 -22.87 45.39
CA LEU N 36 -8.50 -22.55 46.70
C LEU N 36 -8.78 -23.78 47.56
N GLU N 37 -9.07 -24.93 46.94
CA GLU N 37 -9.63 -26.06 47.66
C GLU N 37 -8.69 -27.25 47.77
N PHE N 38 -7.58 -27.27 47.03
CA PHE N 38 -6.69 -28.41 47.08
C PHE N 38 -6.05 -28.54 48.45
N ARG N 39 -6.00 -29.75 48.98
CA ARG N 39 -5.44 -30.03 50.30
C ARG N 39 -4.38 -31.11 50.18
N LEU N 40 -3.21 -30.84 50.76
CA LEU N 40 -2.13 -31.82 50.86
C LEU N 40 -1.75 -31.93 52.33
N ASP N 41 -2.00 -33.09 52.93
CA ASP N 41 -1.78 -33.29 54.37
C ASP N 41 -2.53 -32.26 55.20
N SER N 42 -3.80 -32.07 54.86
CA SER N 42 -4.69 -31.13 55.55
C SER N 42 -4.17 -29.70 55.49
N GLN N 43 -3.50 -29.35 54.39
CA GLN N 43 -2.97 -28.01 54.19
C GLN N 43 -3.36 -27.50 52.81
N PHE N 44 -3.91 -26.28 52.76
CA PHE N 44 -4.14 -25.59 51.49
C PHE N 44 -2.78 -25.07 51.01
N ILE N 45 -2.02 -25.98 50.41
CA ILE N 45 -0.63 -25.67 50.05
C ILE N 45 -0.58 -24.55 49.02
N TYR N 46 -1.44 -24.59 48.01
CA TYR N 46 -1.38 -23.58 46.95
C TYR N 46 -1.95 -22.25 47.41
N ARG N 47 -3.00 -22.23 48.22
CA ARG N 47 -3.51 -20.97 48.77
C ARG N 47 -2.46 -20.30 49.64
N ASP N 48 -1.84 -21.06 50.55
CA ASP N 48 -0.81 -20.49 51.41
C ASP N 48 0.39 -20.04 50.60
N GLN N 49 0.79 -20.83 49.60
CA GLN N 49 1.92 -20.45 48.75
C GLN N 49 1.62 -19.16 48.00
N LEU N 50 0.41 -19.02 47.46
CA LEU N 50 0.05 -17.79 46.75
C LEU N 50 0.06 -16.60 47.69
N ARG N 51 -0.48 -16.76 48.90
CA ARG N 51 -0.46 -15.66 49.86
C ARG N 51 0.97 -15.25 50.20
N ASN N 52 1.82 -16.23 50.52
CA ASN N 52 3.20 -15.93 50.87
C ASN N 52 3.94 -15.29 49.70
N ASN N 53 3.68 -15.75 48.48
CA ASN N 53 4.27 -15.13 47.30
C ASN N 53 3.82 -13.69 47.15
N ILE N 54 2.55 -13.41 47.45
CA ILE N 54 2.06 -12.04 47.40
C ILE N 54 2.78 -11.16 48.42
N LEU N 55 2.98 -11.68 49.63
CA LEU N 55 3.66 -10.89 50.65
C LEU N 55 5.10 -10.57 50.26
N VAL N 56 5.77 -11.50 49.59
CA VAL N 56 7.18 -11.30 49.24
C VAL N 56 7.28 -10.70 47.84
N LYS N 57 6.15 -10.21 47.32
CA LYS N 57 6.09 -9.59 45.99
C LYS N 57 6.60 -10.52 44.90
N ASN N 58 6.30 -11.81 45.04
CA ASN N 58 6.64 -12.83 44.05
C ASN N 58 5.35 -13.19 43.32
N TYR N 59 5.10 -12.51 42.21
CA TYR N 59 3.84 -12.65 41.48
C TYR N 59 3.90 -13.88 40.57
N SER N 60 3.92 -15.04 41.22
CA SER N 60 3.94 -16.32 40.52
C SER N 60 3.45 -17.40 41.47
N LEU N 61 3.06 -18.54 40.89
CA LEU N 61 2.60 -19.69 41.65
C LEU N 61 3.25 -20.94 41.09
N THR N 62 3.78 -21.78 41.98
CA THR N 62 4.43 -23.03 41.61
C THR N 62 3.48 -24.19 41.88
N VAL N 63 3.17 -24.96 40.84
CA VAL N 63 2.15 -25.99 40.90
C VAL N 63 2.74 -27.31 40.41
N ASN N 64 2.49 -28.38 41.16
CA ASN N 64 2.86 -29.72 40.73
C ASN N 64 1.70 -30.31 39.94
N MET N 65 2.00 -30.77 38.71
CA MET N 65 0.93 -31.24 37.83
C MET N 65 0.32 -32.56 38.31
N GLU N 66 1.06 -33.33 39.11
CA GLU N 66 0.47 -34.53 39.69
C GLU N 66 -0.65 -34.18 40.66
N HIS N 67 -0.50 -33.06 41.39
CA HIS N 67 -1.59 -32.56 42.21
C HIS N 67 -2.80 -32.20 41.36
N LEU N 68 -2.57 -31.70 40.14
CA LEU N 68 -3.67 -31.42 39.23
C LEU N 68 -4.31 -32.70 38.72
N ILE N 69 -3.51 -33.75 38.51
CA ILE N 69 -4.07 -35.06 38.16
C ILE N 69 -4.98 -35.56 39.27
N GLY N 70 -4.52 -35.43 40.51
CA GLY N 70 -5.30 -35.88 41.66
C GLY N 70 -6.57 -35.11 41.90
N TYR N 71 -6.73 -33.95 41.25
CA TYR N 71 -7.92 -33.12 41.45
C TYR N 71 -8.92 -33.26 40.31
N ASN N 72 -8.46 -33.00 39.07
CA ASN N 72 -9.33 -33.06 37.90
C ASN N 72 -8.51 -33.58 36.73
N GLU N 73 -8.84 -34.78 36.25
CA GLU N 73 -8.05 -35.42 35.20
C GLU N 73 -8.33 -34.83 33.83
N ASP N 74 -9.58 -34.48 33.54
CA ASP N 74 -9.93 -33.98 32.21
C ASP N 74 -9.20 -32.68 31.88
N ILE N 75 -9.15 -31.77 32.85
CA ILE N 75 -8.56 -30.48 32.52
C ILE N 75 -7.04 -30.55 32.66
N TYR N 76 -6.53 -31.53 33.40
CA TYR N 76 -5.11 -31.88 33.26
C TYR N 76 -4.80 -32.35 31.84
N LYS N 77 -5.69 -33.15 31.25
CA LYS N 77 -5.53 -33.53 29.85
C LYS N 77 -5.51 -32.29 28.97
N LYS N 78 -6.43 -31.35 29.23
CA LYS N 78 -6.47 -30.12 28.46
C LYS N 78 -5.17 -29.32 28.57
N LEU N 79 -4.64 -29.22 29.80
CA LEU N 79 -3.40 -28.46 30.02
C LEU N 79 -2.22 -29.15 29.36
N SER N 80 -2.14 -30.48 29.44
CA SER N 80 -0.99 -31.19 28.91
C SER N 80 -1.06 -31.41 27.41
N ASP N 81 -2.23 -31.22 26.79
CA ASP N 81 -2.37 -31.39 25.35
C ASP N 81 -2.48 -30.08 24.58
N GLU N 82 -3.03 -29.04 25.19
CA GLU N 82 -3.07 -27.70 24.60
C GLU N 82 -2.55 -26.67 25.61
N PRO N 83 -1.26 -26.74 25.96
CA PRO N 83 -0.75 -25.82 26.99
C PRO N 83 -0.86 -24.35 26.61
N SER N 84 -0.67 -24.02 25.33
CA SER N 84 -0.69 -22.63 24.90
C SER N 84 -2.05 -21.97 25.07
N ASP N 85 -3.13 -22.77 25.12
CA ASP N 85 -4.47 -22.23 25.27
C ASP N 85 -5.01 -22.36 26.69
N ILE N 86 -4.40 -23.20 27.53
CA ILE N 86 -4.92 -23.47 28.86
C ILE N 86 -4.10 -22.76 29.92
N ILE N 87 -2.80 -22.59 29.66
CA ILE N 87 -1.93 -21.90 30.62
C ILE N 87 -2.39 -20.46 30.89
N PRO N 88 -2.76 -19.66 29.89
CA PRO N 88 -3.30 -18.32 30.21
C PRO N 88 -4.54 -18.37 31.09
N LEU N 89 -5.39 -19.39 30.94
CA LEU N 89 -6.56 -19.50 31.81
C LEU N 89 -6.15 -19.77 33.26
N PHE N 90 -5.15 -20.62 33.46
CA PHE N 90 -4.64 -20.85 34.81
C PHE N 90 -4.03 -19.58 35.38
N GLU N 91 -3.30 -18.82 34.55
CA GLU N 91 -2.74 -17.56 35.01
C GLU N 91 -3.83 -16.56 35.39
N THR N 92 -4.92 -16.54 34.62
CA THR N 92 -6.05 -15.66 34.96
C THR N 92 -6.67 -16.07 36.30
N ALA N 93 -6.83 -17.38 36.52
CA ALA N 93 -7.35 -17.84 37.80
C ALA N 93 -6.43 -17.44 38.95
N ILE N 94 -5.12 -17.62 38.77
CA ILE N 94 -4.16 -17.20 39.79
C ILE N 94 -4.28 -15.70 40.04
N THR N 95 -4.41 -14.91 38.97
CA THR N 95 -4.51 -13.47 39.11
C THR N 95 -5.75 -13.07 39.90
N GLN N 96 -6.89 -13.71 39.64
CA GLN N 96 -8.11 -13.40 40.37
C GLN N 96 -7.97 -13.75 41.85
N VAL N 97 -7.49 -14.97 42.13
CA VAL N 97 -7.32 -15.39 43.52
C VAL N 97 -6.31 -14.49 44.22
N ALA N 98 -5.26 -14.09 43.51
CA ALA N 98 -4.23 -13.25 44.11
C ALA N 98 -4.75 -11.84 44.39
N LYS N 99 -5.59 -11.30 43.49
CA LYS N 99 -6.20 -10.02 43.78
C LYS N 99 -7.06 -10.10 45.03
N ARG N 100 -7.89 -11.15 45.14
CA ARG N 100 -8.72 -11.30 46.33
C ARG N 100 -7.86 -11.40 47.58
N ILE N 101 -6.82 -12.24 47.55
CA ILE N 101 -5.98 -12.44 48.72
C ILE N 101 -5.25 -11.16 49.10
N SER N 102 -4.68 -10.47 48.11
CA SER N 102 -3.91 -9.26 48.39
C SER N 102 -4.79 -8.17 48.98
N ILE N 103 -5.98 -7.96 48.42
CA ILE N 103 -6.84 -6.91 48.94
C ILE N 103 -7.37 -7.29 50.32
N LEU N 104 -7.68 -8.56 50.55
CA LEU N 104 -8.14 -8.98 51.86
C LEU N 104 -7.04 -8.97 52.91
N SER N 105 -5.78 -9.06 52.49
CA SER N 105 -4.66 -9.10 53.43
C SER N 105 -4.00 -7.75 53.66
N ARG N 106 -4.22 -6.77 52.77
CA ARG N 106 -3.61 -5.46 52.98
C ARG N 106 -4.14 -4.79 54.24
N ALA N 107 -5.37 -5.10 54.65
CA ALA N 107 -5.95 -4.54 55.86
C ALA N 107 -5.69 -5.46 57.05
N GLN N 108 -4.40 -5.61 57.36
CA GLN N 108 -3.94 -6.45 58.47
C GLN N 108 -4.44 -7.89 58.34
N SER N 131 -1.24 -1.70 40.65
CA SER N 131 -1.83 -2.98 41.01
C SER N 131 -0.93 -4.14 40.60
N LEU N 132 -1.21 -5.32 41.15
CA LEU N 132 -0.41 -6.49 40.82
C LEU N 132 -0.65 -6.90 39.37
N PRO N 133 0.38 -7.38 38.68
CA PRO N 133 0.21 -7.77 37.27
C PRO N 133 -0.33 -9.20 37.13
N THR N 134 -0.41 -9.68 35.89
CA THR N 134 -0.83 -11.05 35.66
C THR N 134 0.21 -12.01 36.23
N PHE N 135 -0.25 -12.98 37.00
CA PHE N 135 0.66 -13.90 37.66
C PHE N 135 1.18 -14.95 36.68
N GLN N 136 2.39 -15.43 36.96
CA GLN N 136 3.04 -16.44 36.13
C GLN N 136 2.84 -17.82 36.73
N LEU N 137 2.50 -18.78 35.88
CA LEU N 137 2.33 -20.17 36.30
C LEU N 137 3.65 -20.91 36.08
N ILE N 138 4.33 -21.23 37.18
CA ILE N 138 5.56 -22.01 37.11
C ILE N 138 5.23 -23.44 37.53
N LEU N 139 4.92 -24.30 36.55
CA LEU N 139 4.47 -25.65 36.83
C LEU N 139 5.63 -26.63 36.68
N ASN N 140 5.78 -27.50 37.66
CA ASN N 140 6.80 -28.55 37.66
C ASN N 140 6.14 -29.90 37.86
N SER N 141 6.90 -30.96 37.57
CA SER N 141 6.37 -32.32 37.71
C SER N 141 7.54 -33.28 37.90
N ASN N 142 7.21 -34.47 38.38
CA ASN N 142 8.17 -35.55 38.56
C ASN N 142 7.84 -36.75 37.68
N ALA N 143 7.04 -36.55 36.64
CA ALA N 143 6.63 -37.64 35.77
C ALA N 143 7.81 -38.10 34.91
N ASN N 144 7.55 -39.08 34.05
CA ASN N 144 8.59 -39.63 33.19
C ASN N 144 9.08 -38.57 32.21
N GLN N 145 10.39 -38.54 32.00
CA GLN N 145 11.04 -37.52 31.19
C GLN N 145 11.40 -38.08 29.81
N ILE N 146 11.11 -37.29 28.78
CA ILE N 146 11.45 -37.67 27.42
C ILE N 146 12.92 -37.32 27.16
N PRO N 147 13.74 -38.27 26.71
CA PRO N 147 15.12 -37.92 26.34
C PRO N 147 15.14 -36.92 25.19
N LEU N 148 16.17 -36.08 25.17
CA LEU N 148 16.25 -35.02 24.17
C LEU N 148 16.32 -35.58 22.77
N ARG N 149 16.89 -36.77 22.60
CA ARG N 149 16.95 -37.42 21.29
C ARG N 149 15.66 -38.13 20.92
N ASP N 150 14.70 -38.23 21.83
CA ASP N 150 13.46 -38.95 21.60
C ASP N 150 12.27 -38.02 21.34
N LEU N 151 12.54 -36.76 20.99
CA LEU N 151 11.49 -35.79 20.72
C LEU N 151 11.13 -35.84 19.23
N ASP N 152 9.98 -36.43 18.92
CA ASP N 152 9.49 -36.49 17.56
C ASP N 152 8.58 -35.29 17.30
N SER N 153 7.87 -35.31 16.17
CA SER N 153 6.95 -34.23 15.82
C SER N 153 5.60 -34.35 16.48
N GLU N 154 5.33 -35.45 17.19
CA GLU N 154 4.09 -35.61 17.93
C GLU N 154 4.09 -34.85 19.24
N HIS N 155 5.25 -34.37 19.70
CA HIS N 155 5.36 -33.59 20.92
C HIS N 155 5.20 -32.09 20.68
N VAL N 156 5.02 -31.67 19.42
CA VAL N 156 4.95 -30.25 19.10
C VAL N 156 3.71 -29.64 19.75
N SER N 157 3.88 -28.45 20.33
CA SER N 157 2.81 -27.72 21.01
C SER N 157 2.21 -28.53 22.15
N LYS N 158 3.05 -29.30 22.85
CA LYS N 158 2.60 -30.10 23.98
C LYS N 158 3.61 -29.98 25.11
N ILE N 159 3.16 -30.29 26.31
CA ILE N 159 4.00 -30.22 27.51
C ILE N 159 4.88 -31.47 27.54
N VAL N 160 6.20 -31.25 27.59
CA VAL N 160 7.18 -32.31 27.65
C VAL N 160 8.12 -32.04 28.81
N ARG N 161 8.51 -33.11 29.49
CA ARG N 161 9.54 -33.07 30.53
C ARG N 161 10.81 -33.70 29.95
N LEU N 162 11.92 -32.96 29.99
CA LEU N 162 13.15 -33.44 29.39
C LEU N 162 14.34 -33.01 30.25
N SER N 163 15.25 -33.94 30.49
CA SER N 163 16.43 -33.68 31.30
C SER N 163 17.62 -33.31 30.42
N GLY N 164 18.59 -32.64 31.02
CA GLY N 164 19.78 -32.25 30.29
C GLY N 164 20.69 -31.38 31.14
N ILE N 165 21.62 -30.71 30.47
CA ILE N 165 22.57 -29.81 31.11
C ILE N 165 22.53 -28.47 30.37
N ILE N 166 22.52 -27.39 31.14
CA ILE N 166 22.53 -26.04 30.57
C ILE N 166 23.96 -25.71 30.16
N ILE N 167 24.14 -25.29 28.90
CA ILE N 167 25.45 -24.91 28.40
C ILE N 167 25.53 -23.45 28.03
N SER N 168 24.42 -22.72 28.09
CA SER N 168 24.43 -21.29 27.76
C SER N 168 23.24 -20.62 28.42
N THR N 169 23.47 -19.42 28.94
CA THR N 169 22.41 -18.57 29.49
C THR N 169 22.63 -17.16 28.94
N SER N 170 21.75 -16.73 28.03
CA SER N 170 21.93 -15.44 27.39
C SER N 170 21.63 -14.32 28.37
N VAL N 171 21.97 -13.09 27.96
CA VAL N 171 21.66 -11.92 28.75
C VAL N 171 20.15 -11.69 28.75
N LEU N 172 19.64 -11.15 29.85
CA LEU N 172 18.23 -10.84 29.94
C LEU N 172 17.85 -9.77 28.92
N SER N 173 16.72 -9.98 28.24
CA SER N 173 16.20 -9.04 27.26
C SER N 173 14.84 -8.55 27.72
N SER N 174 14.53 -7.30 27.39
CA SER N 174 13.30 -6.67 27.85
C SER N 174 12.18 -6.93 26.85
N ARG N 175 11.06 -7.47 27.35
CA ARG N 175 9.88 -7.74 26.55
C ARG N 175 8.71 -6.93 27.09
N ALA N 176 8.00 -6.25 26.18
CA ALA N 176 6.90 -5.39 26.59
C ALA N 176 5.71 -6.23 27.05
N THR N 177 5.32 -6.06 28.30
CA THR N 177 4.11 -6.71 28.81
C THR N 177 2.92 -5.76 28.85
N TYR N 178 3.17 -4.45 28.81
CA TYR N 178 2.12 -3.45 28.69
C TYR N 178 2.78 -2.18 28.18
N LEU N 179 2.41 -1.75 26.97
CA LEU N 179 3.04 -0.58 26.36
C LEU N 179 1.98 0.40 25.90
N SER N 180 2.16 1.66 26.26
CA SER N 180 1.32 2.73 25.77
C SER N 180 1.82 3.19 24.39
N ILE N 181 0.88 3.44 23.49
CA ILE N 181 1.20 3.85 22.13
C ILE N 181 0.38 5.09 21.80
N MET N 182 0.93 5.90 20.89
CA MET N 182 0.28 7.12 20.45
C MET N 182 0.51 7.29 18.96
N CYS N 183 -0.52 7.71 18.23
CA CYS N 183 -0.40 7.92 16.80
C CYS N 183 0.47 9.13 16.50
N ARG N 184 1.22 9.06 15.40
CA ARG N 184 2.09 10.17 15.02
C ARG N 184 1.28 11.35 14.50
N ASN N 185 0.52 11.14 13.43
CA ASN N 185 -0.30 12.22 12.88
C ASN N 185 -1.65 12.29 13.57
N CYS N 186 -1.61 12.24 14.90
CA CYS N 186 -2.72 12.33 15.83
C CYS N 186 -2.14 12.47 17.22
N ARG N 187 -2.98 12.35 18.23
CA ARG N 187 -2.57 12.16 19.62
C ARG N 187 -3.44 11.11 20.27
N HIS N 188 -3.82 10.09 19.50
CA HIS N 188 -4.71 9.04 19.95
C HIS N 188 -3.94 8.08 20.85
N THR N 189 -4.25 8.08 22.14
CA THR N 189 -3.57 7.23 23.12
C THR N 189 -4.26 5.88 23.19
N THR N 190 -3.47 4.82 23.13
CA THR N 190 -3.98 3.46 23.24
C THR N 190 -2.97 2.67 24.08
N SER N 191 -3.39 1.51 24.58
CA SER N 191 -2.50 0.64 25.33
C SER N 191 -2.60 -0.78 24.80
N ILE N 192 -1.46 -1.43 24.63
CA ILE N 192 -1.40 -2.83 24.22
C ILE N 192 -0.87 -3.63 25.40
N THR N 193 -1.64 -4.64 25.82
CA THR N 193 -1.31 -5.45 26.98
C THR N 193 -0.85 -6.82 26.51
N ILE N 194 0.33 -7.23 26.98
CA ILE N 194 0.84 -8.57 26.70
C ILE N 194 0.98 -9.32 28.01
N ASN N 195 -0.07 -10.06 28.38
CA ASN N 195 -0.06 -10.89 29.57
C ASN N 195 0.27 -12.35 29.28
N ASN N 196 0.06 -12.79 28.05
CA ASN N 196 0.36 -14.14 27.60
C ASN N 196 1.39 -14.08 26.48
N PHE N 197 1.63 -15.23 25.84
CA PHE N 197 2.50 -15.38 24.67
C PHE N 197 3.79 -14.58 24.77
N ASN N 198 4.38 -14.52 25.96
CA ASN N 198 5.69 -13.90 26.13
C ASN N 198 6.84 -14.82 25.75
N SER N 199 6.58 -16.12 25.60
CA SER N 199 7.61 -17.10 25.27
C SER N 199 7.46 -17.48 23.81
N ILE N 200 8.17 -16.75 22.94
CA ILE N 200 8.20 -17.04 21.52
C ILE N 200 9.40 -16.31 20.92
N THR N 201 10.09 -16.98 19.99
CA THR N 201 11.27 -16.39 19.37
C THR N 201 10.91 -15.11 18.63
N GLY N 202 9.81 -15.12 17.88
CA GLY N 202 9.31 -13.93 17.25
C GLY N 202 8.46 -13.10 18.20
N ASN N 203 7.75 -12.14 17.63
CA ASN N 203 6.79 -11.32 18.36
C ASN N 203 5.44 -11.44 17.69
N THR N 204 4.53 -12.18 18.32
CA THR N 204 3.23 -12.47 17.70
C THR N 204 2.34 -11.24 17.67
N VAL N 205 2.44 -10.38 18.68
CA VAL N 205 1.63 -9.17 18.77
C VAL N 205 2.54 -7.98 18.50
N SER N 206 2.23 -7.22 17.46
CA SER N 206 2.98 -6.04 17.09
C SER N 206 2.10 -4.80 17.22
N LEU N 207 2.65 -3.65 16.89
CA LEU N 207 1.88 -2.41 16.94
C LEU N 207 0.86 -2.39 15.80
N PRO N 208 -0.28 -1.72 16.01
CA PRO N 208 -1.31 -1.67 14.96
C PRO N 208 -0.80 -1.00 13.70
N ARG N 209 -1.29 -1.47 12.56
CA ARG N 209 -0.96 -0.91 11.26
C ARG N 209 -1.90 0.21 10.84
N SER N 210 -2.88 0.55 11.67
CA SER N 210 -3.80 1.64 11.42
C SER N 210 -3.95 2.46 12.69
N CYS N 211 -4.50 3.68 12.53
CA CYS N 211 -4.61 4.60 13.66
C CYS N 211 -5.56 4.10 14.74
N LEU N 212 -6.50 3.22 14.40
CA LEU N 212 -7.45 2.63 15.34
C LEU N 212 -8.38 3.68 15.95
N SER N 213 -8.30 4.93 15.47
CA SER N 213 -9.21 5.97 15.91
C SER N 213 -10.46 6.05 15.05
N THR N 214 -10.55 5.26 13.99
CA THR N 214 -11.70 5.26 13.11
C THR N 214 -12.93 4.70 13.81
N ASN N 235 -6.84 9.81 7.07
CA ASN N 235 -5.84 8.74 7.06
C ASN N 235 -4.51 9.23 7.64
N CYS N 236 -3.88 8.37 8.43
CA CYS N 236 -2.61 8.72 9.07
C CYS N 236 -1.41 8.02 8.44
N GLY N 237 -1.59 6.82 7.89
CA GLY N 237 -0.51 6.11 7.27
C GLY N 237 -0.29 4.74 7.87
N PRO N 238 0.68 4.00 7.35
CA PRO N 238 0.97 2.66 7.88
C PRO N 238 1.87 2.71 9.10
N ASP N 239 1.49 1.93 10.11
CA ASP N 239 2.20 1.87 11.39
C ASP N 239 2.40 3.26 12.00
N PRO N 240 1.33 4.00 12.29
CA PRO N 240 1.49 5.37 12.80
C PRO N 240 1.75 5.46 14.29
N TYR N 241 1.82 4.33 14.99
CA TYR N 241 1.95 4.36 16.44
C TYR N 241 3.41 4.35 16.88
N ILE N 242 3.70 5.11 17.92
CA ILE N 242 5.00 5.09 18.59
C ILE N 242 4.77 4.76 20.05
N ILE N 243 5.78 4.15 20.66
CA ILE N 243 5.68 3.64 22.02
C ILE N 243 6.15 4.73 22.99
N ILE N 244 5.29 5.07 23.95
CA ILE N 244 5.65 5.98 25.04
C ILE N 244 6.38 5.15 26.08
N HIS N 245 7.71 5.19 26.07
CA HIS N 245 8.51 4.26 26.86
C HIS N 245 8.46 4.55 28.35
N GLU N 246 8.18 5.79 28.76
CA GLU N 246 8.17 6.12 30.18
C GLU N 246 6.86 5.71 30.87
N SER N 247 5.87 5.22 30.11
CA SER N 247 4.64 4.72 30.70
C SER N 247 4.38 3.26 30.34
N SER N 248 5.37 2.56 29.79
CA SER N 248 5.25 1.17 29.42
C SER N 248 5.87 0.27 30.49
N LYS N 249 5.49 -1.00 30.46
CA LYS N 249 5.96 -2.00 31.42
C LYS N 249 6.65 -3.14 30.69
N PHE N 250 7.78 -3.59 31.24
CA PHE N 250 8.61 -4.60 30.60
C PHE N 250 8.92 -5.72 31.59
N ILE N 251 9.28 -6.88 31.03
CA ILE N 251 9.62 -8.08 31.78
C ILE N 251 10.92 -8.64 31.22
N ASP N 252 11.52 -9.55 31.98
CA ASP N 252 12.79 -10.16 31.61
C ASP N 252 12.57 -11.43 30.81
N GLN N 253 13.46 -11.69 29.85
CA GLN N 253 13.47 -12.93 29.11
C GLN N 253 14.91 -13.43 29.01
N GLN N 254 15.06 -14.76 28.98
CA GLN N 254 16.36 -15.39 28.88
C GLN N 254 16.29 -16.58 27.92
N PHE N 255 17.37 -16.74 27.16
CA PHE N 255 17.56 -17.89 26.27
C PHE N 255 18.56 -18.83 26.92
N LEU N 256 18.11 -20.05 27.19
CA LEU N 256 18.97 -21.12 27.67
C LEU N 256 19.23 -22.11 26.55
N LYS N 257 20.32 -22.87 26.68
CA LYS N 257 20.69 -23.88 25.70
C LYS N 257 20.84 -25.21 26.43
N LEU N 258 19.81 -26.04 26.37
CA LEU N 258 19.88 -27.36 26.96
C LEU N 258 20.66 -28.29 26.04
N GLN N 259 21.32 -29.28 26.63
CA GLN N 259 22.02 -30.29 25.86
C GLN N 259 21.89 -31.63 26.54
N GLU N 260 21.77 -32.69 25.75
CA GLU N 260 21.81 -34.03 26.31
C GLU N 260 23.13 -34.23 27.04
N ILE N 261 23.08 -34.94 28.16
CA ILE N 261 24.30 -35.09 28.97
C ILE N 261 25.36 -35.79 28.13
N PRO N 262 26.62 -35.34 28.15
CA PRO N 262 27.63 -35.92 27.26
C PRO N 262 27.99 -37.36 27.59
N GLU N 263 27.56 -37.88 28.73
CA GLU N 263 27.82 -39.28 29.03
C GLU N 263 27.04 -40.21 28.09
N LEU N 264 25.75 -39.92 27.91
CA LEU N 264 24.90 -40.75 27.06
C LEU N 264 24.76 -40.14 25.67
N VAL N 265 25.88 -40.16 24.93
CA VAL N 265 25.93 -39.62 23.58
C VAL N 265 26.56 -40.67 22.67
N PRO N 266 26.08 -40.82 21.43
CA PRO N 266 26.78 -41.70 20.48
C PRO N 266 28.22 -41.25 20.29
N VAL N 267 29.10 -42.24 20.13
CA VAL N 267 30.54 -41.96 20.17
C VAL N 267 30.94 -41.00 19.06
N GLY N 268 30.42 -41.22 17.86
CA GLY N 268 30.82 -40.46 16.70
C GLY N 268 29.89 -39.35 16.24
N GLU N 269 28.89 -38.97 17.03
CA GLU N 269 27.97 -37.93 16.61
C GLU N 269 28.00 -36.74 17.56
N MET N 270 27.61 -35.59 17.02
CA MET N 270 27.51 -34.37 17.80
C MET N 270 26.44 -34.54 18.89
N PRO N 271 26.72 -34.12 20.12
CA PRO N 271 25.65 -34.05 21.12
C PRO N 271 24.58 -33.06 20.68
N ARG N 272 23.32 -33.41 20.93
CA ARG N 272 22.18 -32.65 20.46
C ARG N 272 21.77 -31.62 21.50
N ASN N 273 21.65 -30.37 21.06
CA ASN N 273 21.24 -29.27 21.92
C ASN N 273 19.91 -28.72 21.47
N LEU N 274 19.29 -27.93 22.34
CA LEU N 274 17.94 -27.44 22.12
C LEU N 274 17.79 -26.07 22.77
N THR N 275 17.23 -25.12 22.02
CA THR N 275 17.02 -23.77 22.50
C THR N 275 15.79 -23.71 23.41
N MET N 276 15.91 -22.97 24.50
CA MET N 276 14.83 -22.81 25.46
C MET N 276 14.67 -21.34 25.79
N THR N 277 13.44 -20.92 26.01
CA THR N 277 13.14 -19.53 26.37
C THR N 277 12.35 -19.50 27.67
N CYS N 278 12.80 -18.67 28.60
CA CYS N 278 12.12 -18.46 29.87
C CYS N 278 11.90 -16.98 30.11
N ASP N 279 10.92 -16.66 30.95
CA ASP N 279 10.53 -15.28 31.15
C ASP N 279 10.13 -15.04 32.59
N ARG N 280 10.22 -13.77 33.00
CA ARG N 280 9.76 -13.29 34.31
C ARG N 280 10.51 -14.02 35.41
N TYR N 281 9.85 -14.81 36.26
CA TYR N 281 10.47 -15.36 37.45
C TYR N 281 11.22 -16.65 37.18
N LEU N 282 11.30 -17.10 35.93
CA LEU N 282 12.06 -18.28 35.56
C LEU N 282 13.42 -17.90 34.96
N THR N 283 13.79 -16.63 35.06
CA THR N 283 15.06 -16.14 34.54
C THR N 283 16.08 -16.05 35.67
N ASN N 284 17.35 -16.25 35.31
CA ASN N 284 18.46 -16.25 36.27
C ASN N 284 18.25 -17.30 37.37
N LYS N 285 17.62 -18.42 37.02
CA LYS N 285 17.42 -19.50 37.98
C LYS N 285 18.52 -20.54 37.94
N VAL N 286 19.14 -20.74 36.78
CA VAL N 286 20.21 -21.72 36.62
C VAL N 286 21.38 -21.08 35.92
N ILE N 287 22.56 -21.68 36.11
CA ILE N 287 23.80 -21.21 35.48
C ILE N 287 24.27 -22.28 34.51
N PRO N 288 25.10 -21.95 33.53
CA PRO N 288 25.61 -22.98 32.61
C PRO N 288 26.37 -24.06 33.37
N GLY N 289 26.23 -25.30 32.91
CA GLY N 289 26.78 -26.45 33.58
C GLY N 289 25.87 -27.10 34.59
N THR N 290 24.72 -26.51 34.87
CA THR N 290 23.77 -27.08 35.82
C THR N 290 22.97 -28.19 35.16
N ARG N 291 22.89 -29.34 35.82
CA ARG N 291 22.08 -30.46 35.34
C ARG N 291 20.64 -30.24 35.79
N VAL N 292 19.74 -30.05 34.82
CA VAL N 292 18.37 -29.66 35.10
C VAL N 292 17.29 -30.58 34.56
N THR N 293 16.13 -30.52 35.19
CA THR N 293 14.86 -31.02 34.64
C THR N 293 13.80 -30.04 34.15
N ILE N 294 13.69 -29.87 32.83
CA ILE N 294 12.93 -28.79 32.24
C ILE N 294 11.56 -29.32 31.87
N VAL N 295 10.54 -28.69 32.44
CA VAL N 295 9.16 -28.86 31.97
C VAL N 295 8.86 -27.72 31.02
N GLY N 296 8.33 -28.03 29.84
CA GLY N 296 8.09 -26.96 28.90
C GLY N 296 7.10 -27.34 27.83
N ILE N 297 6.88 -26.40 26.93
CA ILE N 297 6.08 -26.61 25.73
C ILE N 297 7.05 -26.78 24.57
N TYR N 298 6.96 -27.93 23.90
CA TYR N 298 7.81 -28.21 22.74
C TYR N 298 7.21 -27.49 21.54
N SER N 299 7.74 -26.32 21.21
CA SER N 299 7.14 -25.46 20.21
C SER N 299 8.10 -25.23 19.04
N ILE N 300 7.67 -24.38 18.11
CA ILE N 300 8.28 -24.25 16.79
C ILE N 300 8.48 -22.77 16.47
N TYR N 301 9.64 -22.45 15.89
CA TYR N 301 9.83 -21.13 15.30
C TYR N 301 10.53 -21.29 13.95
N ASN N 302 10.32 -20.29 13.10
CA ASN N 302 10.86 -20.29 11.74
C ASN N 302 12.11 -19.42 11.69
N SER N 303 13.16 -19.95 11.09
CA SER N 303 14.43 -19.22 10.96
C SER N 303 14.85 -19.12 9.51
N GLY N 317 19.52 -28.20 9.97
CA GLY N 317 18.62 -27.06 9.98
C GLY N 317 18.90 -26.09 8.86
N GLY N 318 19.66 -26.53 7.86
CA GLY N 318 20.00 -25.69 6.73
C GLY N 318 19.09 -25.89 5.55
N SER N 319 19.61 -26.51 4.49
CA SER N 319 18.84 -26.76 3.28
C SER N 319 17.68 -27.70 3.56
N GLY N 320 16.46 -27.19 3.49
CA GLY N 320 15.28 -27.99 3.73
C GLY N 320 14.04 -27.28 3.26
N VAL N 321 12.97 -28.05 3.10
CA VAL N 321 11.68 -27.54 2.64
C VAL N 321 10.65 -27.75 3.73
N ALA N 322 9.94 -26.68 4.08
CA ALA N 322 8.89 -26.67 5.09
C ALA N 322 9.37 -27.16 6.45
N ILE N 323 10.68 -27.14 6.69
CA ILE N 323 11.22 -27.57 7.97
C ILE N 323 11.23 -26.37 8.92
N ARG N 324 11.26 -26.67 10.21
CA ARG N 324 11.14 -25.64 11.24
C ARG N 324 12.13 -25.93 12.36
N THR N 325 12.44 -24.88 13.13
CA THR N 325 13.38 -25.03 14.23
C THR N 325 12.63 -25.24 15.53
N PRO N 326 12.80 -26.38 16.19
CA PRO N 326 12.10 -26.59 17.47
C PRO N 326 12.81 -25.93 18.63
N TYR N 327 12.03 -25.61 19.66
CA TYR N 327 12.54 -25.02 20.89
C TYR N 327 11.57 -25.34 22.02
N ILE N 328 11.90 -24.88 23.23
CA ILE N 328 11.12 -25.19 24.41
C ILE N 328 10.75 -23.90 25.12
N LYS N 329 9.46 -23.65 25.28
CA LYS N 329 8.99 -22.60 26.18
C LYS N 329 8.99 -23.16 27.60
N ILE N 330 9.89 -22.66 28.45
CA ILE N 330 10.06 -23.23 29.78
C ILE N 330 8.90 -22.80 30.66
N LEU N 331 8.23 -23.77 31.27
CA LEU N 331 7.22 -23.50 32.29
C LEU N 331 7.72 -23.80 33.70
N GLY N 332 8.89 -24.40 33.84
CA GLY N 332 9.46 -24.70 35.14
C GLY N 332 10.83 -25.35 35.04
N ILE N 333 11.74 -24.97 35.93
CA ILE N 333 13.08 -25.52 35.98
C ILE N 333 13.28 -26.17 37.33
N GLN N 334 13.74 -27.43 37.33
CA GLN N 334 14.04 -28.18 38.54
C GLN N 334 15.52 -28.50 38.56
N SER N 335 16.30 -27.63 39.20
CA SER N 335 17.72 -27.86 39.34
C SER N 335 17.98 -28.96 40.38
N ASP N 336 19.02 -29.75 40.13
CA ASP N 336 19.42 -30.81 41.04
C ASP N 336 20.50 -30.29 41.98
N VAL N 337 21.08 -31.18 42.78
CA VAL N 337 22.19 -30.79 43.64
C VAL N 337 23.41 -30.54 42.78
N GLU N 338 23.90 -29.29 42.80
CA GLU N 338 24.97 -28.89 41.90
C GLU N 338 26.13 -28.27 42.65
N THR N 339 27.09 -27.70 41.92
CA THR N 339 28.25 -27.08 42.54
C THR N 339 27.84 -25.85 43.34
N SER N 340 28.34 -25.76 44.56
CA SER N 340 28.06 -24.61 45.42
C SER N 340 29.06 -23.50 45.14
N SER N 341 28.87 -22.38 45.84
CA SER N 341 29.77 -21.23 45.73
C SER N 341 29.49 -20.32 46.92
N ILE N 342 30.37 -19.32 47.07
CA ILE N 342 30.13 -18.29 48.09
C ILE N 342 28.89 -17.46 47.80
N TRP N 343 28.39 -17.50 46.56
CA TRP N 343 27.13 -16.87 46.22
C TRP N 343 25.95 -17.80 46.45
N ASN N 344 26.16 -19.11 46.32
CA ASN N 344 25.13 -20.11 46.60
C ASN N 344 25.29 -20.64 48.03
N SER N 345 25.11 -19.74 48.98
CA SER N 345 25.19 -20.08 50.40
C SER N 345 23.93 -19.57 51.09
N VAL N 346 23.36 -20.44 51.92
CA VAL N 346 22.13 -20.08 52.68
C VAL N 346 22.47 -18.96 53.67
N THR N 347 23.28 -19.24 54.71
CA THR N 347 23.65 -18.27 55.77
C THR N 347 22.43 -18.04 56.64
N MET N 348 21.35 -18.78 56.35
CA MET N 348 20.10 -18.61 57.11
C MET N 348 19.74 -19.96 57.72
N PHE N 349 19.66 -20.03 59.04
CA PHE N 349 19.40 -21.34 59.67
C PHE N 349 17.93 -21.29 60.09
N THR N 350 17.20 -22.39 59.91
CA THR N 350 15.84 -22.49 60.49
C THR N 350 15.98 -22.47 62.00
N GLU N 351 14.96 -22.02 62.73
CA GLU N 351 15.12 -21.86 64.20
C GLU N 351 15.54 -23.13 64.94
N GLU N 352 14.97 -24.27 64.53
CA GLU N 352 15.24 -25.52 65.26
C GLU N 352 16.64 -25.98 64.88
N GLU N 353 17.12 -25.59 63.71
CA GLU N 353 18.44 -26.04 63.25
C GLU N 353 19.53 -25.37 64.08
N GLU N 354 19.37 -24.08 64.38
CA GLU N 354 20.28 -23.42 65.32
C GLU N 354 20.26 -24.10 66.69
N GLU N 355 19.07 -24.48 67.15
CA GLU N 355 18.95 -25.13 68.46
C GLU N 355 19.60 -26.51 68.47
N GLU N 356 19.44 -27.28 67.39
CA GLU N 356 20.11 -28.57 67.28
C GLU N 356 21.61 -28.41 67.27
N PHE N 357 22.12 -27.45 66.49
CA PHE N 357 23.56 -27.21 66.46
C PHE N 357 24.09 -26.76 67.81
N LEU N 358 23.33 -25.91 68.51
CA LEU N 358 23.72 -25.39 69.81
C LEU N 358 23.69 -26.46 70.89
N GLN N 359 22.72 -27.36 70.84
CA GLN N 359 22.72 -28.50 71.75
C GLN N 359 23.92 -29.38 71.44
N LEU N 360 24.21 -29.59 70.15
CA LEU N 360 25.36 -30.40 69.77
C LEU N 360 26.66 -29.75 70.22
N SER N 361 26.67 -28.42 70.33
CA SER N 361 27.87 -27.70 70.78
C SER N 361 28.32 -27.85 72.23
N ARG N 362 27.37 -27.92 73.17
CA ARG N 362 27.78 -28.20 74.56
C ARG N 362 28.31 -29.64 74.88
N ASN N 363 28.27 -30.47 73.86
CA ASN N 363 28.49 -31.89 74.04
C ASN N 363 29.95 -31.89 74.51
N PRO N 364 30.25 -32.42 75.69
CA PRO N 364 31.61 -32.33 76.22
C PRO N 364 32.60 -33.13 75.38
N LYS N 365 32.13 -34.24 74.82
CA LYS N 365 32.93 -35.01 73.87
C LYS N 365 32.61 -34.61 72.43
N LEU N 366 32.65 -33.29 72.17
CA LEU N 366 32.46 -32.80 70.81
C LEU N 366 33.71 -32.98 69.96
N TYR N 367 34.88 -32.81 70.56
CA TYR N 367 36.12 -32.98 69.83
C TYR N 367 36.24 -34.41 69.30
N GLU N 368 35.87 -35.39 70.12
CA GLU N 368 35.97 -36.79 69.71
C GLU N 368 34.89 -37.14 68.68
N ILE N 369 33.67 -36.65 68.88
CA ILE N 369 32.59 -37.00 67.95
C ILE N 369 32.85 -36.38 66.58
N LEU N 370 33.45 -35.18 66.54
CA LEU N 370 33.78 -34.58 65.25
C LEU N 370 35.04 -35.19 64.65
N THR N 371 36.00 -35.58 65.50
CA THR N 371 37.20 -36.24 65.00
C THR N 371 36.88 -37.62 64.43
N ASN N 372 36.06 -38.40 65.15
CA ASN N 372 35.68 -39.72 64.69
C ASN N 372 34.76 -39.67 63.47
N SER N 373 34.19 -38.52 63.14
CA SER N 373 33.36 -38.36 61.96
C SER N 373 34.17 -38.01 60.72
N ILE N 374 35.48 -37.76 60.87
CA ILE N 374 36.35 -37.49 59.72
C ILE N 374 36.77 -38.83 59.14
N ALA N 375 36.10 -39.24 58.07
CA ALA N 375 36.42 -40.45 57.32
C ALA N 375 36.54 -41.65 58.24
N PRO N 376 35.42 -42.13 58.85
CA PRO N 376 35.57 -43.19 59.83
C PRO N 376 36.17 -44.40 59.11
N SER N 377 35.97 -44.51 57.79
CA SER N 377 36.51 -45.63 57.00
C SER N 377 38.04 -45.60 56.92
N ILE N 378 38.66 -44.44 56.80
CA ILE N 378 40.14 -44.38 56.85
C ILE N 378 40.54 -44.85 58.25
N PHE N 379 41.58 -45.66 58.37
CA PHE N 379 41.94 -46.17 59.70
C PHE N 379 43.29 -45.76 60.25
N GLY N 380 43.35 -45.30 61.49
CA GLY N 380 44.67 -45.04 62.11
C GLY N 380 45.30 -43.72 61.81
N ASN N 381 44.49 -42.69 61.70
CA ASN N 381 44.99 -41.36 61.36
C ASN N 381 44.31 -40.31 62.23
N GLU N 382 44.31 -40.55 63.54
CA GLU N 382 43.57 -39.69 64.46
C GLU N 382 44.13 -38.27 64.48
N ASP N 383 45.45 -38.11 64.46
CA ASP N 383 46.03 -36.78 64.46
C ASP N 383 45.72 -36.04 63.16
N ILE N 384 45.79 -36.75 62.03
CA ILE N 384 45.41 -36.14 60.76
C ILE N 384 43.95 -35.74 60.77
N LYS N 385 43.10 -36.55 61.39
CA LYS N 385 41.68 -36.23 61.46
C LYS N 385 41.43 -35.00 62.34
N LYS N 386 42.17 -34.87 63.44
CA LYS N 386 42.09 -33.64 64.25
C LYS N 386 42.54 -32.44 63.45
N ALA N 387 43.59 -32.59 62.64
CA ALA N 387 44.03 -31.50 61.78
C ALA N 387 42.96 -31.14 60.77
N ILE N 388 42.27 -32.14 60.22
CA ILE N 388 41.15 -31.88 59.31
C ILE N 388 40.04 -31.11 60.01
N VAL N 389 39.73 -31.49 61.25
CA VAL N 389 38.70 -30.78 62.02
C VAL N 389 39.10 -29.32 62.22
N CYS N 390 40.36 -29.09 62.59
CA CYS N 390 40.83 -27.72 62.80
C CYS N 390 40.80 -26.93 61.50
N LEU N 391 41.21 -27.55 60.39
CA LEU N 391 41.18 -26.88 59.09
C LEU N 391 39.76 -26.52 58.68
N LEU N 392 38.80 -27.43 58.91
CA LEU N 392 37.41 -27.14 58.59
C LEU N 392 36.87 -26.00 59.45
N MET N 393 37.26 -25.97 60.72
CA MET N 393 36.91 -24.84 61.57
C MET N 393 37.71 -23.60 61.19
N GLY N 394 39.02 -23.67 61.30
CA GLY N 394 39.87 -22.54 61.01
C GLY N 394 39.87 -21.51 62.13
N GLY N 395 40.91 -20.68 62.15
CA GLY N 395 41.02 -19.64 63.14
C GLY N 395 40.16 -18.45 62.82
N SER N 396 40.22 -17.45 63.70
CA SER N 396 39.46 -16.22 63.53
C SER N 396 40.28 -15.20 62.73
N LYS N 397 39.62 -14.57 61.77
CA LYS N 397 40.25 -13.55 60.94
C LYS N 397 40.33 -12.24 61.73
N LYS N 398 41.35 -11.45 61.43
CA LYS N 398 41.52 -10.12 62.01
C LYS N 398 41.68 -9.08 60.91
N ILE N 399 41.01 -7.96 61.07
CA ILE N 399 41.15 -6.81 60.18
C ILE N 399 41.69 -5.67 61.05
N LEU N 400 42.99 -5.47 61.04
CA LEU N 400 43.63 -4.46 61.86
C LEU N 400 43.25 -3.07 61.36
N PRO N 401 43.37 -2.05 62.20
CA PRO N 401 43.06 -0.68 61.73
C PRO N 401 43.97 -0.22 60.60
N ASP N 402 45.10 -0.90 60.41
CA ASP N 402 46.02 -0.50 59.34
C ASP N 402 45.54 -1.00 57.98
N GLY N 403 44.51 -1.84 57.95
CA GLY N 403 44.24 -2.68 56.81
C GLY N 403 45.05 -3.94 56.71
N MET N 404 45.86 -4.24 57.73
CA MET N 404 46.74 -5.41 57.73
C MET N 404 45.83 -6.60 57.99
N ARG N 405 45.49 -7.41 56.99
CA ARG N 405 44.56 -8.53 57.31
C ARG N 405 45.38 -9.68 57.84
N LEU N 406 44.95 -10.33 58.92
CA LEU N 406 45.65 -11.53 59.45
C LEU N 406 44.77 -12.70 59.04
N ARG N 407 45.34 -13.80 58.56
CA ARG N 407 44.54 -14.92 57.99
C ARG N 407 44.05 -15.83 59.11
N GLY N 408 42.88 -16.41 58.93
CA GLY N 408 42.32 -17.32 59.90
C GLY N 408 42.25 -18.75 59.41
N ASP N 409 42.25 -18.93 58.09
CA ASP N 409 42.21 -20.26 57.51
C ASP N 409 43.49 -21.02 57.78
N ILE N 410 43.39 -22.34 57.81
CA ILE N 410 44.50 -23.23 58.12
C ILE N 410 44.84 -24.05 56.88
N ASN N 411 46.13 -24.15 56.58
CA ASN N 411 46.62 -24.95 55.47
C ASN N 411 47.39 -26.15 56.03
N VAL N 412 47.03 -27.35 55.58
CA VAL N 412 47.62 -28.59 56.08
C VAL N 412 48.19 -29.36 54.91
N LEU N 413 49.45 -29.78 55.05
CA LEU N 413 50.13 -30.58 54.04
C LEU N 413 50.32 -32.00 54.56
N LEU N 414 50.15 -32.98 53.68
CA LEU N 414 50.32 -34.39 54.00
C LEU N 414 51.34 -34.98 53.03
N LEU N 415 52.59 -35.06 53.47
CA LEU N 415 53.64 -35.72 52.70
C LEU N 415 53.64 -37.20 53.08
N GLY N 416 53.47 -38.10 52.15
CA GLY N 416 53.48 -39.49 52.63
C GLY N 416 53.73 -40.60 51.65
N ASP N 417 53.90 -41.82 52.16
CA ASP N 417 54.10 -42.98 51.26
C ASP N 417 52.87 -43.27 50.45
N PRO N 418 52.95 -43.85 49.25
CA PRO N 418 51.77 -44.03 48.42
C PRO N 418 50.90 -45.05 49.16
N GLY N 419 49.58 -44.95 49.02
CA GLY N 419 48.65 -45.91 49.64
C GLY N 419 48.37 -45.60 51.10
N THR N 420 48.69 -44.39 51.57
CA THR N 420 48.53 -44.04 53.00
C THR N 420 47.23 -43.28 53.26
N ALA N 421 46.30 -43.24 52.30
CA ALA N 421 44.97 -42.61 52.45
C ALA N 421 44.97 -41.09 52.31
N LYS N 422 46.05 -40.49 51.82
CA LYS N 422 46.13 -39.03 51.75
C LYS N 422 45.05 -38.49 50.81
N SER N 423 44.85 -39.09 49.66
CA SER N 423 43.84 -38.63 48.68
C SER N 423 42.45 -38.86 49.23
N GLN N 424 42.21 -40.00 49.87
CA GLN N 424 40.86 -40.34 50.39
C GLN N 424 40.50 -39.34 51.48
N LEU N 425 41.45 -38.96 52.32
CA LEU N 425 41.11 -37.88 53.27
C LEU N 425 40.94 -36.54 52.57
N LEU N 426 41.52 -36.29 51.38
CA LEU N 426 41.21 -35.08 50.63
C LEU N 426 39.82 -35.14 50.01
N LYS N 427 39.44 -36.29 49.47
CA LYS N 427 38.09 -36.45 48.92
C LYS N 427 37.03 -36.32 50.00
N PHE N 428 37.26 -36.88 51.19
CA PHE N 428 36.30 -36.73 52.26
C PHE N 428 36.17 -35.27 52.69
N VAL N 429 37.28 -34.55 52.76
CA VAL N 429 37.22 -33.13 53.10
C VAL N 429 36.45 -32.35 52.04
N GLU N 430 36.62 -32.72 50.76
CA GLU N 430 35.82 -32.11 49.71
C GLU N 430 34.34 -32.38 49.91
N LYS N 431 33.99 -33.62 50.27
CA LYS N 431 32.59 -33.98 50.44
C LYS N 431 31.97 -33.27 51.64
N VAL N 432 32.69 -33.18 52.75
CA VAL N 432 32.11 -32.69 54.00
C VAL N 432 32.16 -31.17 54.13
N SER N 433 33.05 -30.50 53.40
CA SER N 433 33.07 -29.06 53.55
C SER N 433 31.87 -28.42 52.83
N PRO N 434 31.32 -27.34 53.39
CA PRO N 434 30.20 -26.66 52.74
C PRO N 434 30.51 -26.27 51.30
N ILE N 435 31.58 -25.50 51.12
CA ILE N 435 32.14 -25.20 49.81
C ILE N 435 33.56 -25.73 49.76
N ALA N 436 33.85 -26.54 48.75
CA ALA N 436 35.14 -27.20 48.63
C ALA N 436 35.38 -27.59 47.19
N VAL N 437 36.63 -27.53 46.77
CA VAL N 437 37.03 -27.96 45.43
C VAL N 437 38.22 -28.90 45.54
N TYR N 438 38.09 -30.07 44.92
CA TYR N 438 39.16 -31.07 44.90
C TYR N 438 39.79 -31.05 43.50
N THR N 439 41.09 -30.75 43.45
CA THR N 439 41.84 -30.69 42.21
C THR N 439 43.21 -31.33 42.40
N SER N 440 43.95 -31.39 41.29
CA SER N 440 45.32 -31.88 41.27
C SER N 440 46.28 -30.70 41.21
N GLY N 441 47.58 -31.01 41.19
CA GLY N 441 48.58 -29.97 41.04
C GLY N 441 48.49 -29.27 39.71
N LYS N 442 48.27 -30.03 38.64
CA LYS N 442 48.13 -29.48 37.30
C LYS N 442 46.70 -29.08 36.97
N GLY N 443 45.79 -29.17 37.94
CA GLY N 443 44.39 -28.87 37.71
C GLY N 443 43.62 -30.08 37.24
N SER N 444 42.35 -29.82 36.90
CA SER N 444 41.46 -30.86 36.41
C SER N 444 41.67 -31.05 34.90
N SER N 445 40.76 -31.77 34.25
CA SER N 445 40.88 -32.02 32.81
C SER N 445 40.88 -30.73 32.03
N ALA N 446 39.95 -29.84 32.33
CA ALA N 446 39.88 -28.53 31.70
C ALA N 446 39.79 -27.39 32.71
N ALA N 447 39.38 -27.67 33.95
CA ALA N 447 39.32 -26.64 34.97
C ALA N 447 40.73 -26.22 35.39
N GLY N 448 40.87 -24.95 35.72
CA GLY N 448 42.13 -24.41 36.20
C GLY N 448 42.33 -24.67 37.68
N LEU N 449 43.34 -24.02 38.23
CA LEU N 449 43.65 -24.12 39.65
C LEU N 449 43.63 -22.79 40.37
N THR N 450 44.08 -21.72 39.71
CA THR N 450 44.03 -20.37 40.26
C THR N 450 43.21 -19.47 39.33
N ALA N 451 43.13 -18.19 39.69
CA ALA N 451 42.34 -17.24 38.91
C ALA N 451 42.80 -17.20 37.46
N SER N 452 41.92 -17.62 36.56
CA SER N 452 42.23 -17.70 35.13
C SER N 452 41.38 -16.66 34.41
N VAL N 453 41.98 -15.50 34.12
CA VAL N 453 41.30 -14.45 33.38
C VAL N 453 41.39 -14.77 31.90
N GLN N 454 40.23 -14.81 31.23
CA GLN N 454 40.15 -15.23 29.83
C GLN N 454 39.24 -14.27 29.07
N ARG N 455 39.45 -14.23 27.76
CA ARG N 455 38.62 -13.42 26.88
C ARG N 455 37.21 -14.00 26.82
N ASP N 456 36.22 -13.11 26.66
CA ASP N 456 34.83 -13.54 26.61
C ASP N 456 34.55 -14.30 25.31
N PRO N 457 33.68 -15.30 25.38
CA PRO N 457 33.37 -16.09 24.16
C PRO N 457 32.81 -15.27 23.01
N MET N 458 32.01 -14.23 23.29
CA MET N 458 31.44 -13.38 22.24
C MET N 458 31.92 -11.94 22.31
N THR N 459 31.91 -11.32 23.48
CA THR N 459 32.26 -9.90 23.57
C THR N 459 33.77 -9.67 23.64
N ARG N 460 34.57 -10.73 23.78
CA ARG N 460 36.03 -10.64 23.83
C ARG N 460 36.48 -9.68 24.94
N GLU N 461 35.79 -9.73 26.07
CA GLU N 461 36.11 -8.91 27.23
C GLU N 461 36.62 -9.80 28.35
N PHE N 462 37.66 -9.32 29.04
CA PHE N 462 38.30 -10.11 30.08
C PHE N 462 37.33 -10.45 31.20
N TYR N 463 37.32 -11.72 31.59
CA TYR N 463 36.50 -12.18 32.70
C TYR N 463 37.20 -13.36 33.35
N LEU N 464 36.82 -13.64 34.59
CA LEU N 464 37.41 -14.74 35.34
C LEU N 464 36.81 -16.05 34.86
N GLU N 465 37.56 -16.79 34.05
CA GLU N 465 37.08 -18.07 33.53
C GLU N 465 36.85 -19.07 34.66
N GLY N 466 37.74 -19.07 35.66
CA GLY N 466 37.60 -19.98 36.77
C GLY N 466 38.89 -20.19 37.54
N GLY N 467 39.01 -21.34 38.18
CA GLY N 467 40.17 -21.65 39.01
C GLY N 467 39.68 -22.17 40.36
N ALA N 468 40.36 -23.21 40.84
CA ALA N 468 39.94 -23.86 42.08
C ALA N 468 40.04 -22.90 43.27
N MET N 469 41.02 -22.00 43.26
CA MET N 469 41.25 -21.13 44.41
C MET N 469 40.24 -19.99 44.50
N VAL N 470 39.57 -19.64 43.40
CA VAL N 470 38.58 -18.57 43.42
C VAL N 470 37.19 -19.17 43.45
N LEU N 471 37.03 -20.35 42.83
CA LEU N 471 35.74 -21.04 42.90
C LEU N 471 35.44 -21.51 44.31
N ALA N 472 36.45 -21.97 45.03
CA ALA N 472 36.29 -22.42 46.41
C ALA N 472 36.52 -21.31 47.43
N ASP N 473 36.31 -20.06 47.04
CA ASP N 473 36.50 -18.95 47.96
C ASP N 473 35.54 -19.08 49.14
N GLY N 474 36.07 -18.90 50.35
CA GLY N 474 35.31 -19.10 51.56
C GLY N 474 35.30 -20.52 52.08
N GLY N 475 35.92 -21.46 51.38
CA GLY N 475 35.96 -22.84 51.81
C GLY N 475 37.34 -23.46 51.78
N VAL N 476 37.44 -24.68 51.24
CA VAL N 476 38.71 -25.40 51.20
C VAL N 476 38.95 -25.94 49.80
N VAL N 477 40.24 -26.09 49.48
CA VAL N 477 40.69 -26.70 48.24
C VAL N 477 41.64 -27.84 48.59
N CYS N 478 41.37 -29.01 48.01
CA CYS N 478 42.12 -30.23 48.30
C CYS N 478 43.00 -30.56 47.08
N ILE N 479 44.25 -30.07 47.21
CA ILE N 479 45.21 -30.18 46.09
C ILE N 479 46.03 -31.44 46.21
N ASP N 480 45.69 -32.44 45.42
CA ASP N 480 46.47 -33.67 45.38
C ASP N 480 47.69 -33.47 44.51
N GLU N 481 48.72 -34.27 44.71
CA GLU N 481 49.93 -34.17 43.87
C GLU N 481 50.33 -32.70 43.83
N PHE N 482 50.45 -32.10 45.00
CA PHE N 482 50.81 -30.67 45.11
C PHE N 482 52.23 -30.54 44.58
N ASP N 483 53.03 -31.61 44.62
CA ASP N 483 54.39 -31.38 44.16
C ASP N 483 54.44 -31.08 42.66
N LYS N 484 53.59 -31.74 41.87
CA LYS N 484 53.60 -31.57 40.41
C LYS N 484 52.68 -30.41 40.06
N MET N 485 53.24 -29.21 40.01
CA MET N 485 52.45 -28.02 39.70
C MET N 485 53.34 -27.01 38.98
N ARG N 486 52.74 -26.27 38.05
CA ARG N 486 53.47 -25.32 37.21
C ARG N 486 53.88 -24.09 38.01
N ASP N 487 54.82 -23.34 37.45
CA ASP N 487 55.30 -22.10 38.08
C ASP N 487 54.29 -20.96 37.95
N GLU N 488 53.41 -20.99 36.95
CA GLU N 488 52.35 -19.98 36.86
C GLU N 488 51.36 -20.13 38.00
N ASP N 489 51.14 -21.36 38.46
CA ASP N 489 50.28 -21.63 39.60
C ASP N 489 51.04 -21.58 40.93
N ARG N 490 52.35 -21.77 40.88
CA ARG N 490 53.20 -21.70 42.07
C ARG N 490 53.01 -20.37 42.80
N VAL N 491 53.39 -19.28 42.15
CA VAL N 491 53.37 -17.97 42.79
C VAL N 491 51.95 -17.57 43.16
N ALA N 492 50.97 -17.96 42.34
CA ALA N 492 49.58 -17.63 42.62
C ALA N 492 49.11 -18.27 43.91
N ILE N 493 49.37 -19.57 44.10
CA ILE N 493 48.96 -20.22 45.34
C ILE N 493 49.82 -19.74 46.51
N HIS N 494 51.10 -19.42 46.29
CA HIS N 494 51.91 -18.84 47.36
C HIS N 494 51.32 -17.52 47.84
N GLU N 495 50.83 -16.71 46.91
CA GLU N 495 50.18 -15.46 47.30
C GLU N 495 48.86 -15.71 48.00
N ALA N 496 48.07 -16.67 47.50
CA ALA N 496 46.71 -16.86 48.00
C ALA N 496 46.64 -17.69 49.27
N MET N 497 47.76 -18.15 49.78
CA MET N 497 47.73 -18.81 51.09
C MET N 497 48.01 -17.78 52.19
N GLU N 498 49.06 -16.97 52.11
CA GLU N 498 49.20 -15.92 53.15
C GLU N 498 48.22 -14.75 53.02
N GLN N 499 48.02 -14.17 51.85
CA GLN N 499 47.19 -12.94 51.75
C GLN N 499 45.78 -13.29 51.31
N GLN N 500 45.53 -14.56 51.06
CA GLN N 500 44.22 -15.05 50.65
C GLN N 500 43.66 -14.24 49.48
N THR N 501 44.54 -13.66 48.67
CA THR N 501 44.13 -12.84 47.53
C THR N 501 45.03 -13.14 46.35
N ILE N 502 44.41 -13.35 45.19
CA ILE N 502 45.15 -13.53 43.94
C ILE N 502 45.18 -12.19 43.20
N SER N 503 46.38 -11.67 42.95
CA SER N 503 46.54 -10.36 42.33
C SER N 503 46.72 -10.55 40.84
N ILE N 504 45.61 -10.51 40.09
CA ILE N 504 45.66 -10.60 38.64
C ILE N 504 46.06 -9.25 38.08
N ALA N 505 47.04 -9.25 37.18
CA ALA N 505 47.50 -8.01 36.54
C ALA N 505 47.90 -8.36 35.12
N LYS N 506 46.98 -8.14 34.18
CA LYS N 506 47.21 -8.43 32.77
C LYS N 506 47.12 -7.13 31.97
N ALA N 507 47.17 -7.26 30.65
CA ALA N 507 47.12 -6.11 29.75
C ALA N 507 45.69 -5.63 29.66
N GLY N 508 45.30 -4.74 30.58
CA GLY N 508 43.99 -4.12 30.60
C GLY N 508 43.22 -4.36 31.88
N ILE N 509 43.38 -5.55 32.48
CA ILE N 509 42.64 -5.93 33.68
C ILE N 509 43.63 -6.08 34.84
N THR N 510 43.34 -5.39 35.94
CA THR N 510 44.12 -5.50 37.17
C THR N 510 43.15 -5.54 38.33
N THR N 511 43.18 -6.62 39.11
CA THR N 511 42.25 -6.77 40.21
C THR N 511 42.82 -7.73 41.25
N VAL N 512 42.49 -7.46 42.51
CA VAL N 512 42.86 -8.34 43.61
C VAL N 512 41.62 -9.16 43.96
N LEU N 513 41.60 -10.41 43.52
CA LEU N 513 40.45 -11.28 43.75
C LEU N 513 40.58 -12.00 45.07
N ASN N 514 39.50 -12.00 45.84
CA ASN N 514 39.50 -12.66 47.14
C ASN N 514 39.60 -14.17 46.96
N SER N 515 40.52 -14.79 47.69
CA SER N 515 40.75 -16.24 47.65
C SER N 515 40.87 -16.77 49.08
N ARG N 516 39.90 -16.42 49.92
CA ARG N 516 39.92 -16.79 51.33
C ARG N 516 39.61 -18.27 51.44
N THR N 517 40.63 -19.09 51.16
CA THR N 517 40.45 -20.53 51.02
C THR N 517 41.50 -21.26 51.85
N SER N 518 41.06 -22.21 52.65
CA SER N 518 41.97 -23.14 53.29
C SER N 518 42.51 -24.12 52.25
N VAL N 519 43.77 -24.52 52.42
CA VAL N 519 44.43 -25.40 51.46
C VAL N 519 44.83 -26.68 52.19
N LEU N 520 44.31 -27.81 51.71
CA LEU N 520 44.72 -29.12 52.17
C LEU N 520 45.42 -29.82 51.00
N ALA N 521 46.73 -30.01 51.13
CA ALA N 521 47.54 -30.56 50.06
C ALA N 521 48.03 -31.96 50.43
N ALA N 522 48.13 -32.82 49.41
CA ALA N 522 48.67 -34.16 49.58
C ALA N 522 49.81 -34.34 48.58
N ALA N 523 50.95 -34.82 49.05
CA ALA N 523 52.13 -34.92 48.21
C ALA N 523 52.84 -36.25 48.46
N ASN N 524 53.58 -36.70 47.45
CA ASN N 524 54.34 -37.96 47.56
C ASN N 524 55.83 -37.61 47.68
N PRO N 525 56.67 -38.46 48.30
CA PRO N 525 58.10 -38.21 48.37
C PRO N 525 58.74 -38.31 46.98
N ILE N 526 59.90 -37.69 46.78
CA ILE N 526 60.46 -37.67 45.39
C ILE N 526 60.69 -39.14 45.01
N TYR N 527 61.30 -39.93 45.88
CA TYR N 527 61.40 -41.39 45.66
C TYR N 527 60.04 -41.89 46.09
N GLY N 528 59.60 -43.08 45.69
CA GLY N 528 58.23 -43.43 46.08
C GLY N 528 58.02 -43.48 47.58
N ARG N 529 58.92 -44.15 48.31
CA ARG N 529 58.81 -44.25 49.80
C ARG N 529 59.49 -43.04 50.45
N TYR N 530 59.13 -42.74 51.69
CA TYR N 530 59.82 -41.64 52.41
C TYR N 530 61.16 -42.17 52.92
N ASP N 531 62.24 -41.46 52.58
CA ASP N 531 63.59 -41.91 52.99
C ASP N 531 63.83 -41.42 54.42
N ASP N 532 63.82 -42.35 55.37
CA ASP N 532 64.04 -41.98 56.78
C ASP N 532 65.43 -41.36 56.93
N LEU N 533 66.39 -41.78 56.11
CA LEU N 533 67.74 -41.26 56.26
C LEU N 533 67.74 -39.75 55.96
N LYS N 534 67.31 -39.39 54.75
CA LYS N 534 67.37 -37.99 54.34
C LYS N 534 66.31 -37.16 55.06
N SER N 535 66.52 -35.85 55.06
CA SER N 535 65.59 -34.91 55.65
C SER N 535 64.30 -34.85 54.81
N PRO N 536 63.21 -34.36 55.39
CA PRO N 536 61.99 -34.15 54.58
C PRO N 536 62.24 -33.30 53.35
N GLY N 537 63.08 -32.27 53.47
CA GLY N 537 63.58 -31.58 52.30
C GLY N 537 64.74 -32.34 51.68
N ASP N 538 64.80 -32.28 50.35
CA ASP N 538 65.60 -33.06 49.40
C ASP N 538 64.99 -34.46 49.23
N ASN N 539 63.99 -34.82 50.03
CA ASN N 539 63.17 -36.00 49.80
C ASN N 539 61.86 -35.64 49.11
N ILE N 540 61.72 -34.39 48.68
CA ILE N 540 60.50 -33.87 48.08
C ILE N 540 60.85 -33.15 46.78
N ASP N 541 59.88 -33.08 45.87
CA ASP N 541 60.13 -32.52 44.56
C ASP N 541 60.19 -31.00 44.60
N PHE N 542 59.30 -30.36 45.35
CA PHE N 542 59.14 -28.92 45.29
C PHE N 542 60.16 -28.22 46.19
N GLN N 543 60.07 -26.89 46.25
CA GLN N 543 61.02 -26.09 47.01
C GLN N 543 60.87 -26.34 48.51
N THR N 544 62.00 -26.30 49.21
CA THR N 544 62.00 -26.56 50.64
C THR N 544 61.19 -25.52 51.40
N THR N 545 61.35 -24.24 51.06
CA THR N 545 60.69 -23.17 51.80
C THR N 545 59.17 -23.20 51.67
N ILE N 546 58.64 -23.95 50.71
CA ILE N 546 57.19 -24.13 50.62
C ILE N 546 56.66 -24.78 51.88
N LEU N 547 57.49 -25.60 52.54
CA LEU N 547 57.09 -26.19 53.82
C LEU N 547 56.82 -25.13 54.88
N SER N 548 57.32 -23.92 54.70
CA SER N 548 57.07 -22.80 55.67
C SER N 548 55.63 -22.32 55.52
N ARG N 549 55.14 -22.25 54.29
CA ARG N 549 53.79 -21.71 54.01
C ARG N 549 52.70 -22.52 54.69
N PHE N 550 52.84 -23.85 54.74
CA PHE N 550 51.82 -24.74 55.35
C PHE N 550 51.89 -24.65 56.86
N ASP N 551 50.72 -24.66 57.52
CA ASP N 551 50.67 -24.54 58.98
C ASP N 551 51.12 -25.83 59.65
N MET N 552 50.59 -26.97 59.22
CA MET N 552 50.96 -28.27 59.79
C MET N 552 51.30 -29.24 58.68
N ILE N 553 52.43 -29.93 58.82
CA ILE N 553 52.91 -30.89 57.83
C ILE N 553 52.96 -32.26 58.49
N PHE N 554 52.22 -33.21 57.92
CA PHE N 554 52.14 -34.57 58.42
C PHE N 554 52.95 -35.48 57.51
N ILE N 555 53.96 -36.14 58.08
CA ILE N 555 54.70 -37.17 57.37
C ILE N 555 54.02 -38.50 57.64
N VAL N 556 53.27 -39.00 56.66
CA VAL N 556 52.46 -40.21 56.85
C VAL N 556 53.39 -41.37 56.48
N LYS N 557 54.26 -41.76 57.39
CA LYS N 557 55.16 -42.86 56.95
C LYS N 557 54.34 -44.14 56.98
N ASP N 558 54.76 -45.16 56.25
CA ASP N 558 54.06 -46.47 56.29
C ASP N 558 54.85 -47.40 57.21
N ASP N 559 54.17 -47.97 58.20
CA ASP N 559 54.83 -48.91 59.14
C ASP N 559 54.52 -50.32 58.67
N HIS N 560 55.55 -51.15 58.48
CA HIS N 560 55.33 -52.50 57.92
C HIS N 560 55.07 -53.53 59.03
N ASN N 561 54.79 -53.08 60.25
CA ASN N 561 54.48 -54.02 61.36
C ASN N 561 53.23 -54.82 61.00
N GLU N 562 53.25 -56.14 61.23
CA GLU N 562 52.13 -57.03 60.84
C GLU N 562 50.85 -56.81 61.66
N GLU N 563 50.94 -56.49 62.95
CA GLU N 563 49.73 -56.19 63.75
C GLU N 563 48.88 -55.15 63.00
N ARG N 564 49.50 -54.07 62.53
CA ARG N 564 48.83 -53.02 61.78
C ARG N 564 48.38 -53.51 60.41
N ASP N 565 49.20 -54.34 59.77
CA ASP N 565 48.82 -54.86 58.46
C ASP N 565 47.55 -55.71 58.57
N ILE N 566 47.48 -56.59 59.56
CA ILE N 566 46.30 -57.43 59.73
C ILE N 566 45.08 -56.57 60.06
N SER N 567 45.25 -55.59 60.96
CA SER N 567 44.12 -54.74 61.32
C SER N 567 43.61 -53.95 60.11
N ILE N 568 44.54 -53.40 59.31
CA ILE N 568 44.14 -52.64 58.13
C ILE N 568 43.44 -53.54 57.13
N ALA N 569 43.96 -54.74 56.91
CA ALA N 569 43.31 -55.66 55.98
C ALA N 569 41.91 -56.04 56.45
N ASN N 570 41.74 -56.30 57.74
CA ASN N 570 40.42 -56.62 58.28
C ASN N 570 39.47 -55.45 58.10
N HIS N 571 39.95 -54.24 58.40
CA HIS N 571 39.14 -53.01 58.22
C HIS N 571 38.75 -52.87 56.75
N VAL N 572 39.73 -52.93 55.85
CA VAL N 572 39.46 -52.72 54.41
C VAL N 572 38.51 -53.81 53.89
N ILE N 573 38.61 -55.05 54.35
CA ILE N 573 37.63 -56.11 53.95
C ILE N 573 36.25 -55.74 54.52
N ASN N 574 36.15 -55.33 55.78
CA ASN N 574 34.90 -54.84 56.34
C ASN N 574 34.29 -53.77 55.44
N ILE N 575 35.15 -52.94 54.82
CA ILE N 575 34.67 -51.97 53.84
C ILE N 575 34.08 -52.70 52.63
N HIS N 576 34.79 -53.71 52.13
CA HIS N 576 34.43 -54.38 50.87
C HIS N 576 33.47 -55.53 51.14
N THR N 577 32.18 -55.24 51.00
CA THR N 577 31.06 -56.18 51.12
C THR N 577 30.96 -56.82 52.50
N GLY N 578 31.83 -56.47 53.45
CA GLY N 578 31.62 -56.89 54.82
C GLY N 578 30.40 -56.23 55.41
N ASN N 579 30.09 -55.00 54.97
CA ASN N 579 28.95 -54.22 55.41
C ASN N 579 28.96 -54.00 56.93
N ALA N 580 30.07 -54.29 57.58
CA ALA N 580 30.21 -54.06 59.01
C ALA N 580 30.42 -52.59 59.33
N ASN N 581 31.22 -51.89 58.53
CA ASN N 581 31.51 -50.49 58.84
C ASN N 581 30.28 -49.62 58.65
N ALA N 582 29.49 -49.89 57.61
CA ALA N 582 28.28 -49.11 57.39
C ALA N 582 27.31 -49.25 58.57
N MET N 583 27.06 -50.49 58.98
CA MET N 583 26.15 -50.73 60.10
C MET N 583 26.68 -50.14 61.40
N GLN N 584 27.98 -50.33 61.67
CA GLN N 584 28.52 -49.82 62.93
C GLN N 584 28.67 -48.30 62.91
N ASN N 585 28.75 -47.69 61.73
CA ASN N 585 28.73 -46.24 61.66
C ASN N 585 27.33 -45.70 61.88
N GLN N 586 26.32 -46.36 61.32
CA GLN N 586 24.94 -45.96 61.60
C GLN N 586 24.62 -46.13 63.08
N GLN N 587 25.10 -47.21 63.69
CA GLN N 587 24.94 -47.38 65.14
C GLN N 587 25.71 -46.31 65.90
N GLU N 588 26.93 -46.00 65.47
CA GLU N 588 27.74 -44.99 66.14
C GLU N 588 27.24 -43.58 65.87
N GLU N 589 26.42 -43.39 64.83
CA GLU N 589 25.85 -42.07 64.57
C GLU N 589 24.92 -41.62 65.69
N ASN N 590 24.42 -42.56 66.51
CA ASN N 590 23.55 -42.23 67.62
C ASN N 590 24.38 -41.91 68.85
N GLY N 591 24.95 -40.70 68.84
CA GLY N 591 25.68 -40.16 69.97
C GLY N 591 27.19 -40.13 69.81
N SER N 592 27.75 -40.75 68.77
CA SER N 592 29.19 -40.76 68.61
C SER N 592 29.65 -40.42 67.20
N GLU N 593 28.75 -40.27 66.23
CA GLU N 593 29.12 -39.83 64.89
C GLU N 593 28.05 -38.90 64.36
N ILE N 594 28.41 -38.13 63.34
CA ILE N 594 27.55 -37.12 62.75
C ILE N 594 27.55 -37.29 61.23
N SER N 595 26.37 -37.24 60.62
CA SER N 595 26.25 -37.35 59.18
C SER N 595 26.89 -36.15 58.50
N ILE N 596 27.31 -36.36 57.25
CA ILE N 596 28.06 -35.33 56.54
C ILE N 596 27.20 -34.11 56.26
N GLU N 597 25.90 -34.28 56.04
CA GLU N 597 25.04 -33.12 55.88
C GLU N 597 24.98 -32.31 57.17
N LYS N 598 24.69 -32.98 58.30
CA LYS N 598 24.61 -32.28 59.57
C LYS N 598 25.94 -31.66 59.95
N MET N 599 27.03 -32.38 59.72
CA MET N 599 28.35 -31.86 60.07
C MET N 599 28.73 -30.68 59.17
N LYS N 600 28.38 -30.74 57.88
CA LYS N 600 28.62 -29.62 56.98
C LYS N 600 27.86 -28.38 57.42
N ARG N 601 26.59 -28.56 57.79
CA ARG N 601 25.79 -27.42 58.26
C ARG N 601 26.34 -26.89 59.58
N TYR N 602 26.84 -27.77 60.45
CA TYR N 602 27.47 -27.32 61.69
C TYR N 602 28.75 -26.54 61.40
N ILE N 603 29.52 -26.96 60.40
CA ILE N 603 30.70 -26.21 59.99
C ILE N 603 30.31 -24.83 59.52
N THR N 604 29.26 -24.75 58.69
CA THR N 604 28.78 -23.45 58.23
C THR N 604 28.37 -22.56 59.39
N TYR N 605 27.62 -23.12 60.35
CA TYR N 605 27.16 -22.34 61.50
C TYR N 605 28.33 -21.86 62.34
N CYS N 606 29.31 -22.74 62.59
CA CYS N 606 30.46 -22.35 63.39
C CYS N 606 31.28 -21.27 62.70
N ARG N 607 31.45 -21.36 61.38
CA ARG N 607 32.21 -20.35 60.67
C ARG N 607 31.46 -19.02 60.59
N LEU N 608 30.13 -19.06 60.51
CA LEU N 608 29.34 -17.84 60.36
C LEU N 608 28.92 -17.23 61.70
N LYS N 609 29.16 -17.91 62.82
CA LYS N 609 28.68 -17.41 64.10
C LYS N 609 29.77 -17.17 65.14
N CYS N 610 30.89 -17.88 65.07
CA CYS N 610 31.91 -17.82 66.11
C CYS N 610 33.25 -17.38 65.53
N ALA N 611 33.95 -16.53 66.29
CA ALA N 611 35.30 -16.11 65.94
C ALA N 611 36.03 -15.78 67.24
N PRO N 612 36.55 -16.80 67.91
CA PRO N 612 37.08 -16.61 69.26
C PRO N 612 38.39 -15.83 69.27
N ARG N 613 38.70 -15.31 70.45
CA ARG N 613 39.95 -14.62 70.74
C ARG N 613 40.81 -15.51 71.64
N LEU N 614 41.93 -14.95 72.09
CA LEU N 614 42.84 -15.61 73.01
C LEU N 614 42.83 -14.89 74.36
N SER N 615 42.78 -15.66 75.44
CA SER N 615 42.95 -15.08 76.76
C SER N 615 44.41 -14.65 76.94
N PRO N 616 44.66 -13.61 77.73
CA PRO N 616 46.04 -13.14 77.88
C PRO N 616 47.00 -14.21 78.38
N GLN N 617 46.58 -15.04 79.32
CA GLN N 617 47.42 -16.13 79.80
C GLN N 617 47.70 -17.14 78.69
N ALA N 618 46.68 -17.45 77.88
CA ALA N 618 46.88 -18.34 76.76
C ALA N 618 47.91 -17.77 75.78
N ALA N 619 47.83 -16.47 75.51
CA ALA N 619 48.79 -15.83 74.63
C ALA N 619 50.20 -15.87 75.20
N GLU N 620 50.34 -15.60 76.51
CA GLU N 620 51.67 -15.66 77.13
C GLU N 620 52.26 -17.06 77.05
N LYS N 621 51.44 -18.09 77.30
CA LYS N 621 51.99 -19.44 77.22
C LYS N 621 52.29 -19.84 75.78
N LEU N 622 51.51 -19.35 74.81
CA LEU N 622 51.84 -19.57 73.41
C LEU N 622 53.17 -18.94 73.04
N SER N 623 53.40 -17.72 73.51
CA SER N 623 54.68 -17.05 73.28
C SER N 623 55.83 -17.83 73.91
N SER N 624 55.63 -18.31 75.14
CA SER N 624 56.68 -19.07 75.82
C SER N 624 56.97 -20.34 75.04
N ASN N 625 55.92 -21.02 74.57
CA ASN N 625 56.11 -22.26 73.81
C ASN N 625 56.86 -21.98 72.51
N PHE N 626 56.48 -20.92 71.78
CA PHE N 626 57.18 -20.59 70.55
C PHE N 626 58.64 -20.22 70.77
N VAL N 627 58.93 -19.47 71.82
CA VAL N 627 60.31 -19.14 72.16
C VAL N 627 61.11 -20.40 72.46
N THR N 628 60.51 -21.34 73.20
CA THR N 628 61.20 -22.59 73.50
C THR N 628 61.54 -23.36 72.23
N ILE N 629 60.57 -23.49 71.33
CA ILE N 629 60.79 -24.24 70.09
C ILE N 629 61.88 -23.57 69.25
N ARG N 630 61.80 -22.24 69.12
CA ARG N 630 62.78 -21.53 68.30
C ARG N 630 64.18 -21.60 68.91
N LYS N 631 64.27 -21.52 70.24
CA LYS N 631 65.58 -21.62 70.88
C LYS N 631 66.18 -23.01 70.70
N GLN N 632 65.36 -24.05 70.80
CA GLN N 632 65.89 -25.40 70.56
C GLN N 632 66.30 -25.58 69.10
N LEU N 633 65.55 -24.99 68.17
CA LEU N 633 65.97 -25.01 66.77
C LEU N 633 67.31 -24.30 66.59
N LEU N 634 67.49 -23.16 67.27
CA LEU N 634 68.76 -22.45 67.21
C LEU N 634 69.90 -23.30 67.77
N ILE N 635 69.65 -24.00 68.88
CA ILE N 635 70.68 -24.86 69.46
C ILE N 635 71.04 -25.98 68.48
N ASN N 636 70.02 -26.59 67.87
CA ASN N 636 70.29 -27.68 66.93
C ASN N 636 71.02 -27.19 65.68
N GLU N 637 70.76 -25.95 65.26
CA GLU N 637 71.39 -25.42 64.05
C GLU N 637 72.77 -24.81 64.29
N LEU N 638 73.06 -24.39 65.52
CA LEU N 638 74.36 -23.77 65.80
C LEU N 638 75.50 -24.77 65.64
N GLU N 639 75.34 -25.97 66.19
CA GLU N 639 76.40 -26.97 66.13
C GLU N 639 76.57 -27.54 64.73
N SER N 640 75.49 -27.62 63.96
CA SER N 640 75.54 -28.16 62.60
C SER N 640 76.03 -27.08 61.64
N THR N 641 75.97 -27.38 60.35
CA THR N 641 76.41 -26.44 59.31
C THR N 641 75.25 -25.93 58.46
N GLU N 642 74.48 -26.84 57.87
CA GLU N 642 73.35 -26.44 57.05
C GLU N 642 72.13 -26.12 57.92
N ARG N 643 71.09 -25.59 57.27
CA ARG N 643 69.86 -25.23 57.94
C ARG N 643 68.84 -26.37 57.84
N SER N 644 67.93 -26.40 58.81
CA SER N 644 66.92 -27.44 58.86
C SER N 644 65.95 -27.30 57.69
N SER N 645 65.52 -28.45 57.15
CA SER N 645 64.56 -28.44 56.06
C SER N 645 63.23 -27.83 56.47
N ILE N 646 62.75 -28.19 57.66
CA ILE N 646 61.47 -27.67 58.14
C ILE N 646 61.76 -26.62 59.21
N PRO N 647 61.67 -25.33 58.88
CA PRO N 647 61.96 -24.29 59.85
C PRO N 647 60.74 -23.77 60.58
N ILE N 648 60.96 -23.42 61.84
CA ILE N 648 59.92 -22.82 62.68
C ILE N 648 60.04 -21.31 62.56
N THR N 649 59.12 -20.70 61.82
CA THR N 649 59.20 -19.25 61.54
C THR N 649 58.07 -18.56 62.29
N ILE N 650 57.89 -17.26 62.09
CA ILE N 650 56.78 -16.51 62.75
C ILE N 650 55.46 -17.04 62.19
N ARG N 651 55.46 -17.55 60.97
CA ARG N 651 54.22 -18.06 60.34
C ARG N 651 53.74 -19.24 61.17
N GLN N 652 54.68 -20.05 61.68
CA GLN N 652 54.35 -21.24 62.50
C GLN N 652 53.71 -20.79 63.81
N LEU N 653 54.18 -19.70 64.42
CA LEU N 653 53.51 -19.16 65.62
C LEU N 653 52.10 -18.75 65.24
N GLU N 654 51.92 -18.05 64.13
CA GLU N 654 50.58 -17.52 63.78
C GLU N 654 49.67 -18.70 63.47
N ALA N 655 50.24 -19.86 63.16
CA ALA N 655 49.45 -21.06 62.82
C ALA N 655 48.97 -21.71 64.10
N ILE N 656 49.87 -21.90 65.05
CA ILE N 656 49.43 -22.44 66.35
C ILE N 656 48.29 -21.60 66.90
N ILE N 657 48.36 -20.28 66.72
CA ILE N 657 47.25 -19.41 67.13
C ILE N 657 45.97 -19.77 66.38
N ARG N 658 46.09 -20.02 65.07
CA ARG N 658 44.93 -20.39 64.26
C ARG N 658 44.34 -21.73 64.72
N ILE N 659 45.20 -22.70 65.05
CA ILE N 659 44.70 -23.98 65.53
C ILE N 659 43.98 -23.81 66.86
N THR N 660 44.54 -22.99 67.75
CA THR N 660 43.88 -22.73 69.03
C THR N 660 42.50 -22.10 68.82
N GLU N 661 42.43 -21.11 67.92
CA GLU N 661 41.15 -20.47 67.65
C GLU N 661 40.16 -21.42 66.99
N SER N 662 40.63 -22.32 66.13
CA SER N 662 39.75 -23.31 65.53
C SER N 662 39.21 -24.27 66.59
N LEU N 663 40.06 -24.70 67.52
CA LEU N 663 39.59 -25.56 68.60
C LEU N 663 38.57 -24.85 69.47
N ALA N 664 38.80 -23.56 69.75
CA ALA N 664 37.82 -22.80 70.53
C ALA N 664 36.51 -22.66 69.77
N LYS N 665 36.57 -22.36 68.47
CA LYS N 665 35.37 -22.22 67.65
C LYS N 665 34.63 -23.54 67.49
N LEU N 666 35.32 -24.67 67.67
CA LEU N 666 34.67 -25.97 67.58
C LEU N 666 33.46 -26.06 68.50
N GLU N 667 33.62 -25.65 69.76
CA GLU N 667 32.56 -25.71 70.75
C GLU N 667 31.84 -24.38 70.92
N LEU N 668 31.95 -23.48 69.93
CA LEU N 668 31.31 -22.16 69.97
C LEU N 668 31.78 -21.33 71.16
N SER N 669 33.01 -21.56 71.60
CA SER N 669 33.56 -20.80 72.71
C SER N 669 34.03 -19.43 72.23
N PRO N 670 33.50 -18.33 72.78
CA PRO N 670 33.98 -17.00 72.36
C PRO N 670 35.42 -16.72 72.75
N ILE N 671 35.99 -17.48 73.68
CA ILE N 671 37.36 -17.26 74.15
C ILE N 671 38.09 -18.60 74.16
N ALA N 672 39.34 -18.58 73.68
CA ALA N 672 40.19 -19.77 73.68
C ALA N 672 40.93 -19.84 75.01
N GLN N 673 40.64 -20.86 75.81
CA GLN N 673 41.23 -21.01 77.13
C GLN N 673 42.50 -21.86 77.05
N GLU N 674 42.99 -22.29 78.22
CA GLU N 674 44.26 -23.01 78.29
C GLU N 674 44.18 -24.36 77.59
N ARG N 675 43.05 -25.06 77.71
CA ARG N 675 42.93 -26.39 77.14
C ARG N 675 43.02 -26.36 75.62
N HIS N 676 42.42 -25.35 74.98
CA HIS N 676 42.54 -25.22 73.53
C HIS N 676 43.99 -25.01 73.13
N VAL N 677 44.72 -24.19 73.89
CA VAL N 677 46.12 -23.95 73.59
C VAL N 677 46.92 -25.25 73.74
N ASP N 678 46.64 -26.02 74.79
CA ASP N 678 47.36 -27.28 74.99
C ASP N 678 47.08 -28.26 73.85
N GLU N 679 45.83 -28.34 73.41
CA GLU N 679 45.50 -29.23 72.30
C GLU N 679 46.18 -28.79 71.00
N ALA N 680 46.20 -27.48 70.75
CA ALA N 680 46.89 -26.97 69.57
C ALA N 680 48.39 -27.25 69.65
N ILE N 681 48.97 -27.11 70.84
CA ILE N 681 50.38 -27.43 71.02
C ILE N 681 50.65 -28.89 70.73
N ARG N 682 49.78 -29.78 71.23
CA ARG N 682 49.95 -31.21 70.98
C ARG N 682 49.85 -31.50 69.47
N LEU N 683 48.91 -30.85 68.80
CA LEU N 683 48.79 -31.03 67.36
C LEU N 683 50.04 -30.55 66.63
N PHE N 684 50.60 -29.43 67.08
CA PHE N 684 51.81 -28.90 66.43
C PHE N 684 53.03 -29.74 66.73
N GLN N 685 53.04 -30.46 67.86
CA GLN N 685 54.12 -31.41 68.09
C GLN N 685 53.93 -32.67 67.25
N ALA N 686 52.67 -33.05 67.00
CA ALA N 686 52.42 -34.22 66.16
C ALA N 686 52.83 -33.99 64.72
N SER N 687 52.66 -32.77 64.22
CA SER N 687 52.98 -32.45 62.83
C SER N 687 53.77 -31.16 62.78
N THR N 688 54.80 -31.13 61.93
CA THR N 688 55.79 -30.07 61.72
C THR N 688 56.82 -30.05 62.87
N MET N 689 56.62 -30.83 63.93
CA MET N 689 57.66 -31.07 64.93
C MET N 689 58.12 -32.52 64.95
N ASP N 690 57.21 -33.48 64.83
CA ASP N 690 57.62 -34.84 64.49
C ASP N 690 58.12 -34.91 63.06
N ALA N 691 57.57 -34.06 62.17
CA ALA N 691 58.11 -33.94 60.83
C ALA N 691 59.51 -33.34 60.85
N ALA N 692 59.77 -32.42 61.78
CA ALA N 692 61.11 -31.86 61.96
C ALA N 692 62.03 -32.80 62.75
N SER N 693 61.47 -33.82 63.40
CA SER N 693 62.31 -34.79 64.11
C SER N 693 63.16 -35.59 63.15
N GLN N 694 62.60 -35.96 61.99
CA GLN N 694 63.36 -36.70 60.99
C GLN N 694 64.45 -35.85 60.33
N ASP N 695 64.41 -34.53 60.50
CA ASP N 695 65.44 -33.66 59.98
C ASP N 695 66.73 -33.87 60.77
N PRO N 696 67.85 -34.23 60.12
CA PRO N 696 69.10 -34.36 60.86
C PRO N 696 69.52 -33.07 61.54
N ILE N 697 69.22 -31.92 60.94
CA ILE N 697 69.51 -30.64 61.58
C ILE N 697 68.37 -30.20 62.50
N GLY N 698 67.13 -30.50 62.14
CA GLY N 698 66.00 -30.19 63.00
C GLY N 698 65.84 -31.10 64.19
N GLY N 699 66.58 -32.21 64.23
CA GLY N 699 66.57 -33.11 65.36
C GLY N 699 67.72 -32.84 66.33
N LEU N 700 67.71 -33.57 67.43
CA LEU N 700 68.72 -33.43 68.46
C LEU N 700 70.06 -33.99 67.99
N VAL O 100 5.99 -15.57 -38.46
CA VAL O 100 7.12 -14.73 -38.83
C VAL O 100 8.14 -15.53 -39.62
N LYS O 101 8.80 -14.87 -40.58
CA LYS O 101 9.82 -15.52 -41.39
C LYS O 101 11.12 -15.56 -40.59
N LYS O 102 11.39 -16.70 -39.96
CA LYS O 102 12.61 -16.84 -39.17
C LYS O 102 13.84 -16.76 -40.06
N VAL O 103 14.84 -16.01 -39.60
CA VAL O 103 16.07 -15.86 -40.37
C VAL O 103 16.82 -17.19 -40.39
N ASP O 104 17.22 -17.61 -41.58
CA ASP O 104 17.97 -18.85 -41.75
C ASP O 104 19.46 -18.55 -41.93
N ASP O 105 20.29 -19.38 -41.31
CA ASP O 105 21.74 -19.26 -41.43
C ASP O 105 22.16 -20.06 -42.66
N VAL O 106 22.43 -19.35 -43.76
CA VAL O 106 22.68 -20.01 -45.04
C VAL O 106 23.93 -20.88 -44.94
N THR O 107 25.02 -20.34 -44.40
CA THR O 107 26.22 -21.16 -44.25
C THR O 107 26.01 -22.25 -43.22
N GLY O 108 25.12 -22.06 -42.25
CA GLY O 108 24.79 -23.15 -41.34
C GLY O 108 24.12 -24.31 -42.06
N GLU O 109 23.18 -24.01 -42.94
CA GLU O 109 22.54 -25.05 -43.74
C GLU O 109 23.56 -25.72 -44.65
N LYS O 110 24.46 -24.94 -45.24
CA LYS O 110 25.48 -25.51 -46.12
C LYS O 110 26.41 -26.45 -45.34
N VAL O 111 26.82 -26.03 -44.14
CA VAL O 111 27.68 -26.88 -43.30
C VAL O 111 26.92 -28.13 -42.89
N ARG O 112 25.63 -28.01 -42.61
CA ARG O 112 24.84 -29.19 -42.28
C ARG O 112 24.79 -30.18 -43.44
N GLU O 113 24.60 -29.67 -44.65
CA GLU O 113 24.58 -30.55 -45.83
C GLU O 113 25.94 -31.19 -46.06
N ALA O 114 27.02 -30.42 -45.90
CA ALA O 114 28.36 -30.96 -46.04
C ALA O 114 28.63 -32.05 -45.00
N PHE O 115 28.18 -31.82 -43.76
CA PHE O 115 28.31 -32.84 -42.73
C PHE O 115 27.49 -34.08 -43.05
N GLU O 116 26.30 -33.90 -43.66
CA GLU O 116 25.51 -35.06 -44.06
C GLU O 116 26.20 -35.93 -45.09
N GLN O 117 26.77 -35.32 -46.14
CA GLN O 117 27.53 -36.10 -47.12
C GLN O 117 28.80 -36.71 -46.52
N PHE O 118 29.40 -36.02 -45.56
CA PHE O 118 30.58 -36.55 -44.87
C PHE O 118 30.15 -37.80 -44.11
N LEU O 119 29.00 -37.75 -43.45
CA LEU O 119 28.53 -38.90 -42.68
C LEU O 119 28.11 -40.05 -43.59
N GLU O 120 27.54 -39.74 -44.75
CA GLU O 120 27.02 -40.79 -45.63
C GLU O 120 28.12 -41.37 -46.52
N ASP O 121 28.77 -40.53 -47.31
CA ASP O 121 29.59 -40.98 -48.43
C ASP O 121 31.06 -41.20 -48.08
N PHE O 122 31.47 -40.94 -46.83
CA PHE O 122 32.87 -41.12 -46.49
C PHE O 122 33.26 -42.59 -46.54
N SER O 123 34.44 -42.86 -47.11
CA SER O 123 34.94 -44.22 -47.26
C SER O 123 36.40 -44.30 -46.86
N VAL O 124 36.81 -45.48 -46.40
CA VAL O 124 38.20 -45.72 -45.99
C VAL O 124 38.71 -46.99 -46.65
N GLN O 125 39.99 -47.00 -46.96
CA GLN O 125 40.65 -48.18 -47.54
C GLN O 125 41.28 -48.98 -46.41
N SER O 126 40.84 -50.23 -46.27
CA SER O 126 41.35 -51.09 -45.21
C SER O 126 42.75 -51.57 -45.54
N THR O 127 43.47 -52.03 -44.51
CA THR O 127 44.86 -52.47 -44.65
C THR O 127 44.89 -53.95 -45.01
N ASP O 128 44.68 -54.22 -46.31
CA ASP O 128 44.78 -55.57 -46.87
C ASP O 128 43.83 -56.54 -46.17
N THR O 129 42.63 -56.06 -45.83
CA THR O 129 41.64 -56.92 -45.19
C THR O 129 40.22 -56.68 -45.71
N GLY O 130 40.05 -55.87 -46.76
CA GLY O 130 38.73 -55.64 -47.31
C GLY O 130 38.74 -54.48 -48.27
N GLU O 131 37.59 -54.26 -48.89
CA GLU O 131 37.38 -53.19 -49.85
C GLU O 131 36.85 -51.96 -49.13
N VAL O 132 36.33 -50.99 -49.90
CA VAL O 132 35.74 -49.76 -49.39
C VAL O 132 34.77 -50.04 -48.24
N GLU O 133 34.95 -49.33 -47.13
CA GLU O 133 34.05 -49.40 -45.98
C GLU O 133 33.67 -48.00 -45.56
N LYS O 134 32.37 -47.80 -45.32
CA LYS O 134 31.85 -46.53 -44.83
C LYS O 134 31.93 -46.53 -43.31
N VAL O 135 32.85 -45.74 -42.76
CA VAL O 135 33.15 -45.81 -41.33
C VAL O 135 31.97 -45.36 -40.50
N TYR O 136 31.39 -44.21 -40.84
CA TYR O 136 30.39 -43.57 -39.99
C TYR O 136 29.01 -44.21 -40.10
N ARG O 137 28.62 -44.76 -41.24
CA ARG O 137 27.40 -45.55 -41.30
C ARG O 137 27.53 -46.81 -40.44
N ALA O 138 28.70 -47.44 -40.48
CA ALA O 138 28.97 -48.57 -39.60
C ALA O 138 28.93 -48.17 -38.14
N GLN O 139 29.47 -46.99 -37.80
CA GLN O 139 29.39 -46.51 -36.43
C GLN O 139 27.95 -46.23 -36.01
N ILE O 140 27.14 -45.69 -36.93
CA ILE O 140 25.74 -45.43 -36.63
C ILE O 140 24.98 -46.73 -36.35
N GLU O 141 25.20 -47.75 -37.19
CA GLU O 141 24.51 -49.02 -36.93
C GLU O 141 25.06 -49.70 -35.69
N PHE O 142 26.35 -49.49 -35.39
CA PHE O 142 26.93 -49.99 -34.14
C PHE O 142 26.24 -49.38 -32.93
N MET O 143 26.11 -48.05 -32.90
CA MET O 143 25.46 -47.40 -31.77
C MET O 143 23.96 -47.63 -31.77
N LYS O 144 23.39 -48.01 -32.91
CA LYS O 144 22.01 -48.48 -32.93
C LYS O 144 21.87 -49.81 -32.20
N ILE O 145 22.71 -50.78 -32.55
CA ILE O 145 22.65 -52.08 -31.90
C ILE O 145 22.95 -51.96 -30.42
N TYR O 146 23.95 -51.17 -30.06
CA TYR O 146 24.35 -51.07 -28.66
C TYR O 146 23.76 -49.86 -27.95
N ASP O 147 22.83 -49.13 -28.59
CA ASP O 147 22.06 -48.07 -27.94
C ASP O 147 22.99 -47.00 -27.33
N LEU O 148 24.03 -46.63 -28.07
CA LEU O 148 24.91 -45.57 -27.62
C LEU O 148 24.37 -44.21 -28.02
N ASN O 149 24.85 -43.17 -27.34
CA ASN O 149 24.43 -41.80 -27.61
C ASN O 149 25.50 -40.96 -28.27
N THR O 150 26.75 -41.41 -28.28
CA THR O 150 27.88 -40.61 -28.73
C THR O 150 28.43 -41.19 -30.03
N ILE O 151 28.63 -40.33 -31.02
CA ILE O 151 29.27 -40.69 -32.28
C ILE O 151 30.66 -40.06 -32.31
N TYR O 152 31.66 -40.86 -32.63
CA TYR O 152 33.06 -40.42 -32.62
C TYR O 152 33.46 -40.02 -34.04
N ILE O 153 33.70 -38.74 -34.25
CA ILE O 153 34.07 -38.20 -35.55
C ILE O 153 35.56 -37.88 -35.52
N ASP O 154 36.31 -38.45 -36.46
CA ASP O 154 37.74 -38.19 -36.53
C ASP O 154 37.99 -36.91 -37.34
N TYR O 155 38.73 -35.97 -36.74
CA TYR O 155 39.05 -34.73 -37.44
C TYR O 155 39.96 -34.98 -38.62
N GLN O 156 40.81 -36.00 -38.55
CA GLN O 156 41.64 -36.38 -39.69
C GLN O 156 40.78 -36.76 -40.88
N HIS O 157 39.70 -37.51 -40.64
CA HIS O 157 38.77 -37.86 -41.70
C HIS O 157 38.01 -36.63 -42.19
N LEU O 158 37.65 -35.73 -41.27
CA LEU O 158 36.86 -34.57 -41.65
C LEU O 158 37.65 -33.56 -42.47
N SER O 159 38.97 -33.50 -42.27
CA SER O 159 39.76 -32.48 -42.96
C SER O 159 39.77 -32.71 -44.47
N MET O 160 39.70 -33.98 -44.89
CA MET O 160 39.82 -34.29 -46.32
C MET O 160 38.61 -33.79 -47.11
N ARG O 161 37.43 -33.87 -46.50
CA ARG O 161 36.20 -33.54 -47.21
C ARG O 161 36.05 -32.05 -47.47
N GLU O 162 35.39 -31.73 -48.59
CA GLU O 162 35.09 -30.34 -48.97
C GLU O 162 36.36 -29.50 -49.06
N ASN O 163 37.43 -30.11 -49.58
CA ASN O 163 38.77 -29.53 -49.71
C ASN O 163 39.15 -28.71 -48.48
N GLY O 164 38.77 -29.18 -47.29
CA GLY O 164 39.02 -28.46 -46.06
C GLY O 164 38.02 -27.40 -45.68
N ALA O 165 37.03 -27.13 -46.53
CA ALA O 165 36.05 -26.07 -46.23
C ALA O 165 35.07 -26.45 -45.13
N LEU O 166 34.76 -27.73 -44.97
CA LEU O 166 33.98 -28.15 -43.80
C LEU O 166 34.85 -28.10 -42.55
N ALA O 167 36.13 -28.45 -42.72
CA ALA O 167 37.06 -28.46 -41.61
C ALA O 167 37.25 -27.06 -41.01
N MET O 168 37.49 -26.04 -41.85
CA MET O 168 37.64 -24.71 -41.28
C MET O 168 36.44 -24.34 -40.45
N ALA O 169 35.25 -24.47 -41.03
CA ALA O 169 34.05 -23.95 -40.42
C ALA O 169 33.73 -24.68 -39.12
N ILE O 170 33.93 -25.99 -39.08
CA ILE O 170 33.62 -26.71 -37.86
C ILE O 170 34.64 -26.38 -36.77
N SER O 171 35.92 -26.27 -37.13
CA SER O 171 36.92 -26.03 -36.08
C SER O 171 36.88 -24.59 -35.58
N GLU O 172 36.62 -23.63 -36.47
CA GLU O 172 36.73 -22.21 -36.18
C GLU O 172 35.46 -21.60 -35.61
N GLN O 173 34.30 -22.13 -35.98
CA GLN O 173 32.99 -21.64 -35.55
C GLN O 173 32.15 -22.79 -35.02
N TYR O 174 32.75 -23.58 -34.13
CA TYR O 174 32.07 -24.78 -33.63
C TYR O 174 30.81 -24.43 -32.88
N TYR O 175 30.85 -23.39 -32.04
CA TYR O 175 29.66 -23.02 -31.27
C TYR O 175 28.52 -22.57 -32.17
N ARG O 176 28.84 -22.04 -33.36
CA ARG O 176 27.81 -21.60 -34.29
C ARG O 176 27.23 -22.76 -35.08
N PHE O 177 28.07 -23.68 -35.54
CA PHE O 177 27.65 -24.76 -36.43
C PHE O 177 27.27 -26.04 -35.69
N LEU O 178 27.39 -26.08 -34.36
CA LEU O 178 27.03 -27.29 -33.62
C LEU O 178 25.56 -27.68 -33.79
N PRO O 179 24.58 -26.77 -33.68
CA PRO O 179 23.20 -27.19 -33.95
C PRO O 179 22.99 -27.72 -35.36
N PHE O 180 23.69 -27.17 -36.34
CA PHE O 180 23.54 -27.67 -37.71
C PHE O 180 24.15 -29.05 -37.87
N LEU O 181 25.28 -29.30 -37.19
CA LEU O 181 25.84 -30.65 -37.17
C LEU O 181 24.87 -31.62 -36.51
N GLN O 182 24.23 -31.21 -35.43
CA GLN O 182 23.24 -32.06 -34.76
C GLN O 182 22.07 -32.36 -35.68
N LYS O 183 21.59 -31.35 -36.41
CA LYS O 183 20.49 -31.55 -37.34
C LYS O 183 20.88 -32.51 -38.46
N GLY O 184 22.08 -32.34 -39.01
CA GLY O 184 22.54 -33.25 -40.05
C GLY O 184 22.67 -34.68 -39.57
N LEU O 185 23.24 -34.87 -38.37
CA LEU O 185 23.33 -36.21 -37.81
C LEU O 185 21.95 -36.80 -37.56
N ARG O 186 21.02 -36.00 -37.07
CA ARG O 186 19.66 -36.48 -36.83
C ARG O 186 19.00 -36.90 -38.12
N ARG O 187 19.17 -36.12 -39.19
CA ARG O 187 18.60 -36.51 -40.48
C ARG O 187 19.22 -37.80 -41.01
N VAL O 188 20.55 -37.92 -40.89
CA VAL O 188 21.22 -39.13 -41.36
C VAL O 188 20.71 -40.35 -40.60
N VAL O 189 20.53 -40.20 -39.28
CA VAL O 189 19.96 -41.30 -38.49
C VAL O 189 18.52 -41.56 -38.90
N ARG O 190 17.77 -40.51 -39.23
CA ARG O 190 16.38 -40.69 -39.63
C ARG O 190 16.25 -41.46 -40.93
N LYS O 191 17.18 -41.30 -41.87
CA LYS O 191 17.10 -42.07 -43.11
C LYS O 191 17.80 -43.43 -42.97
N TYR O 192 18.96 -43.47 -42.34
CA TYR O 192 19.65 -44.73 -42.07
C TYR O 192 19.61 -45.04 -40.58
N ALA O 193 19.05 -46.21 -40.25
CA ALA O 193 18.81 -46.65 -38.88
C ALA O 193 17.85 -45.68 -38.18
N PRO O 194 16.59 -45.61 -38.60
CA PRO O 194 15.66 -44.61 -38.06
C PRO O 194 15.13 -44.88 -36.65
N GLU O 195 15.49 -46.00 -36.03
CA GLU O 195 15.00 -46.34 -34.71
C GLU O 195 15.90 -45.84 -33.59
N LEU O 196 16.97 -45.11 -33.92
CA LEU O 196 17.89 -44.59 -32.93
C LEU O 196 17.52 -43.19 -32.43
N LEU O 197 16.53 -42.56 -33.03
CA LEU O 197 16.13 -41.20 -32.67
C LEU O 197 15.23 -41.15 -31.43
N ASN O 198 14.96 -42.29 -30.81
CA ASN O 198 14.12 -42.35 -29.63
C ASN O 198 14.92 -42.91 -28.46
N THR O 199 14.52 -42.53 -27.25
CA THR O 199 15.30 -42.88 -26.06
C THR O 199 15.33 -44.38 -25.84
N SER O 200 14.29 -45.09 -26.27
CA SER O 200 14.19 -46.55 -26.11
C SER O 200 14.33 -46.97 -24.66
N THR O 259 11.42 -39.64 -25.14
CA THR O 259 10.96 -38.54 -25.97
C THR O 259 11.82 -38.45 -27.23
N GLU O 260 13.02 -37.89 -27.06
CA GLU O 260 13.99 -37.77 -28.14
C GLU O 260 15.39 -38.07 -27.64
N ARG O 261 16.16 -38.84 -28.41
CA ARG O 261 17.54 -39.11 -28.05
C ARG O 261 18.40 -37.87 -28.30
N VAL O 262 19.20 -37.52 -27.30
CA VAL O 262 20.19 -36.45 -27.42
C VAL O 262 21.48 -37.06 -27.94
N PHE O 263 22.06 -36.45 -28.97
CA PHE O 263 23.22 -37.00 -29.65
C PHE O 263 24.47 -36.18 -29.30
N GLN O 264 25.56 -36.87 -29.02
CA GLN O 264 26.83 -36.25 -28.69
C GLN O 264 27.81 -36.50 -29.82
N ILE O 265 28.18 -35.45 -30.55
CA ILE O 265 29.23 -35.54 -31.55
C ILE O 265 30.56 -35.30 -30.85
N SER O 266 31.45 -36.30 -30.91
CA SER O 266 32.69 -36.31 -30.15
C SER O 266 33.87 -36.27 -31.12
N PHE O 267 34.31 -35.07 -31.47
CA PHE O 267 35.50 -34.92 -32.29
C PHE O 267 36.74 -35.27 -31.49
N PHE O 268 37.75 -35.78 -32.20
CA PHE O 268 39.03 -36.13 -31.58
C PHE O 268 40.09 -36.15 -32.67
N ASN O 269 41.32 -36.46 -32.26
CA ASN O 269 42.48 -36.51 -33.16
C ASN O 269 42.69 -35.18 -33.88
N LEU O 270 42.67 -34.09 -33.12
CA LEU O 270 42.98 -32.79 -33.68
C LEU O 270 44.46 -32.71 -34.05
N PRO O 271 44.80 -31.92 -35.08
CA PRO O 271 46.21 -31.84 -35.51
C PRO O 271 47.16 -31.33 -34.43
N THR O 272 46.71 -30.44 -33.56
CA THR O 272 47.57 -29.84 -32.55
C THR O 272 46.89 -29.87 -31.18
N VAL O 273 47.72 -29.89 -30.14
CA VAL O 273 47.25 -29.88 -28.76
C VAL O 273 47.79 -28.62 -28.09
N HIS O 274 46.90 -27.89 -27.42
CA HIS O 274 47.25 -26.62 -26.80
C HIS O 274 47.52 -26.81 -25.31
N ARG O 275 48.36 -25.93 -24.77
CA ARG O 275 48.57 -25.86 -23.33
C ARG O 275 47.53 -24.95 -22.70
N ILE O 276 47.49 -24.94 -21.37
CA ILE O 276 46.56 -24.08 -20.65
C ILE O 276 46.93 -22.61 -20.86
N ARG O 277 48.22 -22.31 -20.91
CA ARG O 277 48.67 -20.95 -21.12
C ARG O 277 48.64 -20.52 -22.58
N ASP O 278 48.42 -21.45 -23.51
CA ASP O 278 48.22 -21.11 -24.91
C ASP O 278 46.78 -20.75 -25.22
N ILE O 279 45.89 -20.79 -24.23
CA ILE O 279 44.50 -20.45 -24.43
C ILE O 279 44.36 -18.94 -24.53
N ARG O 280 43.78 -18.47 -25.63
CA ARG O 280 43.61 -17.05 -25.88
C ARG O 280 42.18 -16.77 -26.29
N SER O 281 41.77 -15.51 -26.11
CA SER O 281 40.40 -15.11 -26.39
C SER O 281 39.98 -15.08 -27.85
N GLU O 282 40.90 -15.28 -28.81
CA GLU O 282 40.49 -15.33 -30.20
C GLU O 282 39.73 -16.62 -30.55
N LYS O 283 39.86 -17.64 -29.71
CA LYS O 283 39.43 -18.99 -30.02
C LYS O 283 38.16 -19.32 -29.24
N ILE O 284 37.47 -18.30 -28.75
CA ILE O 284 36.24 -18.52 -27.99
C ILE O 284 35.17 -19.07 -28.93
N GLY O 285 34.51 -20.13 -28.50
CA GLY O 285 33.51 -20.78 -29.33
C GLY O 285 34.07 -21.46 -30.55
N SER O 286 35.21 -22.15 -30.41
CA SER O 286 35.83 -22.86 -31.51
C SER O 286 36.34 -24.20 -31.02
N LEU O 287 36.38 -25.18 -31.92
CA LEU O 287 36.88 -26.51 -31.58
C LEU O 287 38.39 -26.47 -31.47
N LEU O 288 38.92 -27.13 -30.44
CA LEU O 288 40.34 -27.18 -30.15
C LEU O 288 40.61 -28.19 -29.05
N SER O 289 41.86 -28.66 -28.99
CA SER O 289 42.28 -29.64 -27.99
C SER O 289 43.29 -29.06 -27.02
N ILE O 290 43.10 -29.36 -25.74
CA ILE O 290 44.02 -28.97 -24.67
C ILE O 290 44.46 -30.23 -23.93
N SER O 291 45.43 -30.05 -23.03
CA SER O 291 45.88 -31.14 -22.18
C SER O 291 46.13 -30.60 -20.78
N GLY O 292 45.93 -31.45 -19.78
CA GLY O 292 46.15 -31.02 -18.41
C GLY O 292 46.00 -32.18 -17.45
N THR O 293 46.51 -31.96 -16.24
CA THR O 293 46.46 -32.96 -15.19
C THR O 293 45.24 -32.72 -14.30
N VAL O 294 44.38 -33.72 -14.18
CA VAL O 294 43.14 -33.56 -13.42
C VAL O 294 43.45 -33.50 -11.93
N THR O 295 42.87 -32.51 -11.26
CA THR O 295 43.02 -32.34 -9.82
C THR O 295 41.73 -32.58 -9.07
N ARG O 296 40.64 -32.06 -9.60
CA ARG O 296 39.35 -32.21 -8.91
C ARG O 296 38.30 -32.55 -9.93
N THR O 297 37.42 -33.50 -9.64
CA THR O 297 36.26 -33.82 -10.53
C THR O 297 34.97 -33.68 -9.72
N SER O 298 33.92 -33.07 -10.27
CA SER O 298 32.60 -32.89 -9.63
C SER O 298 31.85 -34.21 -9.61
N GLU O 299 30.79 -34.32 -8.83
CA GLU O 299 29.91 -35.50 -8.88
C GLU O 299 29.10 -35.23 -10.12
N VAL O 300 28.73 -36.23 -10.91
CA VAL O 300 27.87 -35.90 -12.07
C VAL O 300 26.57 -35.26 -11.57
N ARG O 301 26.17 -34.14 -12.18
CA ARG O 301 25.01 -33.38 -11.69
C ARG O 301 24.05 -33.17 -12.85
N PRO O 302 22.73 -33.12 -12.62
CA PRO O 302 21.79 -32.84 -13.68
C PRO O 302 21.74 -31.39 -14.18
N GLU O 303 21.85 -31.16 -15.49
CA GLU O 303 21.86 -29.81 -16.04
C GLU O 303 20.64 -29.65 -16.93
N LEU O 304 19.88 -28.59 -16.70
CA LEU O 304 18.64 -28.33 -17.44
C LEU O 304 18.92 -28.17 -18.93
N TYR O 305 18.46 -29.11 -19.74
CA TYR O 305 18.72 -29.09 -21.17
C TYR O 305 17.50 -28.65 -21.97
N LYS O 306 16.37 -29.29 -21.77
CA LYS O 306 15.10 -28.89 -22.38
C LYS O 306 14.09 -28.66 -21.26
N ALA O 307 13.94 -27.41 -20.85
CA ALA O 307 13.08 -27.06 -19.73
C ALA O 307 11.62 -27.00 -20.17
N SER O 308 10.73 -27.29 -19.23
CA SER O 308 9.29 -27.13 -19.42
C SER O 308 8.82 -26.00 -18.51
N PHE O 309 7.95 -25.14 -19.05
CA PHE O 309 7.51 -23.93 -18.35
C PHE O 309 6.00 -23.88 -18.30
N THR O 310 5.47 -23.44 -17.17
CA THR O 310 4.04 -23.21 -16.98
C THR O 310 3.81 -21.73 -16.74
N CYS O 311 2.88 -21.15 -17.49
CA CYS O 311 2.58 -19.73 -17.38
C CYS O 311 1.52 -19.50 -16.32
N ASP O 312 1.65 -18.39 -15.58
CA ASP O 312 0.79 -18.15 -14.43
C ASP O 312 -0.60 -17.77 -14.94
N MET O 313 -0.68 -17.00 -16.02
CA MET O 313 -1.98 -16.73 -16.64
C MET O 313 -2.58 -17.99 -17.27
N CYS O 314 -1.97 -18.48 -18.34
CA CYS O 314 -2.39 -19.69 -19.01
C CYS O 314 -1.64 -20.87 -18.42
N ARG O 315 -2.32 -21.66 -17.60
CA ARG O 315 -1.69 -22.82 -16.98
C ARG O 315 -1.61 -23.96 -17.98
N ALA O 316 -1.09 -23.65 -19.17
CA ALA O 316 -0.73 -24.67 -20.14
C ALA O 316 0.71 -25.10 -19.85
N ILE O 317 1.27 -25.95 -20.70
CA ILE O 317 2.62 -26.46 -20.49
C ILE O 317 3.39 -26.31 -21.80
N VAL O 318 4.36 -25.40 -21.82
CA VAL O 318 5.24 -25.27 -22.98
C VAL O 318 6.51 -26.05 -22.73
N ASP O 319 6.83 -26.96 -23.64
CA ASP O 319 7.94 -27.89 -23.46
C ASP O 319 8.99 -27.65 -24.53
N ASN O 320 10.09 -28.40 -24.44
CA ASN O 320 11.19 -28.33 -25.41
C ASN O 320 11.77 -26.92 -25.50
N VAL O 321 11.74 -26.17 -24.40
CA VAL O 321 12.35 -24.85 -24.34
C VAL O 321 13.86 -25.07 -24.22
N GLU O 322 14.57 -24.93 -25.33
CA GLU O 322 15.99 -25.26 -25.35
C GLU O 322 16.78 -24.32 -24.46
N GLN O 323 17.48 -24.89 -23.49
CA GLN O 323 18.40 -24.16 -22.62
C GLN O 323 19.79 -24.31 -23.23
N SER O 324 20.24 -23.28 -23.95
CA SER O 324 21.51 -23.37 -24.66
C SER O 324 22.67 -23.41 -23.68
N PHE O 325 22.87 -22.33 -22.91
CA PHE O 325 23.94 -22.26 -21.93
C PHE O 325 23.52 -21.69 -20.59
N LYS O 326 22.29 -21.17 -20.48
CA LYS O 326 21.85 -20.53 -19.25
C LYS O 326 20.34 -20.64 -19.13
N TYR O 327 19.85 -20.46 -17.91
CA TYR O 327 18.41 -20.47 -17.65
C TYR O 327 17.71 -19.43 -18.51
N THR O 328 16.85 -19.88 -19.41
CA THR O 328 16.16 -19.01 -20.37
C THR O 328 14.68 -19.35 -20.39
N GLU O 329 13.86 -18.41 -19.90
CA GLU O 329 12.42 -18.55 -20.01
C GLU O 329 11.96 -18.26 -21.43
N PRO O 330 10.78 -18.76 -21.83
CA PRO O 330 10.30 -18.51 -23.20
C PRO O 330 9.87 -17.07 -23.41
N THR O 331 9.42 -16.75 -24.62
CA THR O 331 9.00 -15.40 -24.97
C THR O 331 7.53 -15.30 -25.34
N PHE O 332 6.95 -16.32 -25.96
CA PHE O 332 5.55 -16.30 -26.36
C PHE O 332 4.84 -17.52 -25.80
N CYS O 333 3.63 -17.32 -25.30
CA CYS O 333 2.83 -18.41 -24.76
C CYS O 333 2.24 -19.23 -25.91
N PRO O 334 2.02 -20.53 -25.69
CA PRO O 334 1.26 -21.30 -26.69
C PRO O 334 -0.15 -20.87 -27.01
N ASN O 335 -0.89 -20.41 -26.02
CA ASN O 335 -2.25 -19.90 -26.29
C ASN O 335 -2.14 -18.45 -26.75
N PRO O 336 -2.81 -18.07 -27.84
CA PRO O 336 -2.70 -16.67 -28.29
C PRO O 336 -3.28 -15.60 -27.38
N SER O 337 -4.19 -15.97 -26.48
CA SER O 337 -4.91 -14.98 -25.69
C SER O 337 -4.06 -14.39 -24.57
N CYS O 338 -3.13 -15.18 -24.01
CA CYS O 338 -2.43 -14.76 -22.81
C CYS O 338 -1.56 -13.53 -23.04
N GLU O 339 -0.72 -13.57 -24.08
CA GLU O 339 0.19 -12.48 -24.41
C GLU O 339 1.07 -12.09 -23.21
N ASN O 340 1.68 -13.10 -22.59
CA ASN O 340 2.59 -12.92 -21.47
C ASN O 340 3.97 -13.40 -21.88
N ARG O 341 5.01 -12.77 -21.34
CA ARG O 341 6.38 -13.10 -21.69
C ARG O 341 7.34 -13.23 -20.52
N ALA O 342 7.04 -12.63 -19.37
CA ALA O 342 8.02 -12.49 -18.29
C ALA O 342 7.75 -13.37 -17.09
N PHE O 343 6.55 -13.94 -16.96
CA PHE O 343 6.16 -14.72 -15.78
C PHE O 343 6.00 -16.18 -16.16
N TRP O 344 6.92 -17.02 -15.67
CA TRP O 344 6.89 -18.44 -15.95
C TRP O 344 7.42 -19.20 -14.74
N THR O 345 7.04 -20.47 -14.64
CA THR O 345 7.55 -21.36 -13.61
C THR O 345 8.14 -22.59 -14.26
N LEU O 346 9.26 -23.07 -13.70
CA LEU O 346 9.98 -24.22 -14.25
C LEU O 346 9.44 -25.39 -13.43
N ASN O 347 8.97 -26.44 -14.12
CA ASN O 347 8.53 -27.64 -13.39
C ASN O 347 9.55 -28.73 -13.75
N VAL O 348 10.21 -29.26 -12.71
CA VAL O 348 11.45 -30.01 -12.84
C VAL O 348 11.22 -31.42 -13.37
N THR O 349 10.10 -32.05 -13.02
CA THR O 349 9.83 -33.44 -13.40
C THR O 349 9.58 -33.43 -14.91
N ARG O 350 8.67 -32.58 -15.36
CA ARG O 350 8.40 -32.33 -16.79
C ARG O 350 9.50 -31.69 -17.81
N SER O 351 10.54 -31.22 -17.13
CA SER O 351 11.84 -30.99 -17.74
C SER O 351 12.79 -32.12 -18.11
N ARG O 352 13.79 -31.80 -18.92
CA ARG O 352 14.83 -32.73 -19.33
C ARG O 352 16.21 -32.27 -18.88
N PHE O 353 17.08 -33.22 -18.60
CA PHE O 353 18.39 -32.93 -18.03
C PHE O 353 19.47 -33.75 -18.74
N LEU O 354 20.70 -33.24 -18.63
CA LEU O 354 21.91 -33.91 -19.09
C LEU O 354 22.85 -34.17 -17.91
N ASP O 355 23.89 -34.93 -18.16
CA ASP O 355 24.88 -35.19 -17.10
C ASP O 355 25.98 -34.16 -17.25
N TRP O 356 26.38 -33.53 -16.15
CA TRP O 356 27.40 -32.48 -16.21
C TRP O 356 28.43 -32.79 -15.14
N GLN O 357 29.72 -32.77 -15.47
CA GLN O 357 30.77 -32.87 -14.45
C GLN O 357 31.70 -31.71 -14.74
N LYS O 358 32.21 -31.02 -13.72
CA LYS O 358 33.19 -29.94 -13.88
C LYS O 358 34.54 -30.46 -13.48
N VAL O 359 35.44 -30.70 -14.43
CA VAL O 359 36.82 -31.10 -14.08
C VAL O 359 37.73 -29.92 -13.86
N ARG O 360 38.59 -29.96 -12.86
CA ARG O 360 39.62 -28.94 -12.74
C ARG O 360 40.93 -29.55 -13.22
N ILE O 361 41.61 -28.86 -14.12
CA ILE O 361 42.86 -29.36 -14.68
C ILE O 361 43.95 -28.32 -14.47
N GLN O 362 45.07 -28.75 -13.92
CA GLN O 362 46.28 -27.96 -13.78
C GLN O 362 47.18 -28.17 -15.00
N GLU O 363 48.11 -27.24 -15.17
CA GLU O 363 49.13 -27.41 -16.19
C GLU O 363 50.01 -28.61 -15.86
N ASN O 364 50.46 -29.29 -16.91
CA ASN O 364 51.41 -30.38 -16.72
C ASN O 364 52.73 -29.84 -16.19
N ALA O 365 53.42 -30.67 -15.41
CA ALA O 365 54.65 -30.22 -14.76
C ALA O 365 55.71 -29.81 -15.76
N ASN O 366 55.67 -30.36 -16.97
CA ASN O 366 56.63 -30.02 -18.01
C ASN O 366 56.22 -28.80 -18.84
N GLU O 367 55.02 -28.25 -18.61
CA GLU O 367 54.53 -27.12 -19.38
C GLU O 367 54.58 -25.80 -18.61
N ILE O 368 54.83 -25.85 -17.31
CA ILE O 368 54.89 -24.60 -16.53
C ILE O 368 56.12 -23.81 -16.92
N PRO O 369 56.01 -22.52 -17.23
CA PRO O 369 57.18 -21.72 -17.61
C PRO O 369 58.14 -21.49 -16.45
N THR O 370 59.21 -20.75 -16.70
CA THR O 370 60.18 -20.44 -15.66
C THR O 370 59.58 -19.46 -14.66
N GLY O 371 59.71 -19.79 -13.37
CA GLY O 371 59.25 -18.92 -12.31
C GLY O 371 57.75 -18.76 -12.18
N SER O 372 56.97 -19.28 -13.12
CA SER O 372 55.52 -19.08 -13.11
C SER O 372 54.93 -20.21 -12.25
N MET O 373 53.67 -20.03 -11.89
CA MET O 373 52.89 -20.99 -11.14
C MET O 373 51.92 -21.70 -12.07
N PRO O 374 51.57 -22.95 -11.79
CA PRO O 374 50.62 -23.66 -12.65
C PRO O 374 49.25 -23.02 -12.80
N ARG O 375 48.73 -23.05 -14.02
CA ARG O 375 47.41 -22.50 -14.31
C ARG O 375 46.36 -23.60 -14.24
N THR O 376 45.17 -23.22 -13.79
CA THR O 376 44.06 -24.14 -13.64
C THR O 376 42.89 -23.72 -14.53
N LEU O 377 42.20 -24.72 -15.07
CA LEU O 377 41.05 -24.49 -15.95
C LEU O 377 39.91 -25.41 -15.53
N ASP O 378 38.68 -24.92 -15.68
CA ASP O 378 37.47 -25.67 -15.36
C ASP O 378 36.88 -26.23 -16.64
N VAL O 379 37.04 -27.53 -16.84
CA VAL O 379 36.50 -28.22 -18.01
C VAL O 379 35.14 -28.79 -17.65
N ILE O 380 34.21 -28.74 -18.61
CA ILE O 380 32.84 -29.19 -18.41
C ILE O 380 32.62 -30.43 -19.27
N LEU O 381 32.52 -31.58 -18.62
CA LEU O 381 32.16 -32.82 -19.31
C LEU O 381 30.66 -32.99 -19.32
N ARG O 382 30.12 -33.33 -20.49
CA ARG O 382 28.68 -33.43 -20.68
C ARG O 382 28.34 -34.69 -21.45
N GLY O 383 27.23 -35.32 -21.10
CA GLY O 383 26.75 -36.48 -21.81
C GLY O 383 27.41 -37.75 -21.32
N ASP O 384 27.99 -38.51 -22.24
CA ASP O 384 28.61 -39.79 -21.93
C ASP O 384 30.08 -39.66 -21.53
N SER O 385 30.65 -38.46 -21.59
CA SER O 385 32.04 -38.25 -21.23
C SER O 385 32.26 -38.00 -19.74
N VAL O 386 31.18 -38.00 -18.95
CA VAL O 386 31.31 -37.79 -17.51
C VAL O 386 32.03 -38.98 -16.87
N GLU O 387 32.77 -38.70 -15.80
CA GLU O 387 33.52 -39.68 -15.03
C GLU O 387 34.62 -40.37 -15.84
N ARG O 388 34.93 -39.87 -17.04
CA ARG O 388 36.01 -40.42 -17.83
C ARG O 388 37.37 -39.90 -17.39
N ALA O 389 37.42 -38.90 -16.52
CA ALA O 389 38.65 -38.36 -15.99
C ALA O 389 38.59 -38.41 -14.47
N LYS O 390 39.67 -38.87 -13.84
CA LYS O 390 39.78 -38.96 -12.40
C LYS O 390 41.02 -38.20 -11.93
N PRO O 391 41.05 -37.73 -10.68
CA PRO O 391 42.17 -36.90 -10.23
C PRO O 391 43.50 -37.64 -10.35
N GLY O 392 44.53 -36.88 -10.76
CA GLY O 392 45.86 -37.40 -10.94
C GLY O 392 46.22 -37.71 -12.38
N ASP O 393 45.27 -38.17 -13.18
CA ASP O 393 45.55 -38.54 -14.55
C ASP O 393 45.79 -37.32 -15.42
N ARG O 394 46.72 -37.44 -16.36
CA ARG O 394 46.98 -36.42 -17.37
C ARG O 394 46.11 -36.72 -18.58
N CYS O 395 45.09 -35.91 -18.79
CA CYS O 395 44.12 -36.13 -19.85
C CYS O 395 44.14 -34.98 -20.84
N LYS O 396 43.88 -35.31 -22.11
CA LYS O 396 43.71 -34.33 -23.17
C LYS O 396 42.23 -34.26 -23.52
N PHE O 397 41.72 -33.04 -23.63
CA PHE O 397 40.30 -32.78 -23.89
C PHE O 397 40.14 -32.11 -25.24
N THR O 398 39.08 -32.49 -25.95
CA THR O 398 38.68 -31.83 -27.18
C THR O 398 37.30 -31.22 -26.98
N GLY O 399 37.14 -29.95 -27.39
CA GLY O 399 35.85 -29.32 -27.23
C GLY O 399 35.92 -27.83 -27.51
N VAL O 400 34.96 -27.12 -26.92
CA VAL O 400 34.72 -25.71 -27.20
C VAL O 400 35.35 -24.87 -26.10
N GLU O 401 36.07 -23.82 -26.49
CA GLU O 401 36.53 -22.82 -25.54
C GLU O 401 35.42 -21.79 -25.36
N ILE O 402 34.80 -21.79 -24.18
CA ILE O 402 33.62 -20.97 -23.93
C ILE O 402 33.94 -19.91 -22.88
N VAL O 403 32.98 -19.03 -22.61
CA VAL O 403 33.12 -18.00 -21.59
C VAL O 403 31.97 -18.17 -20.59
N VAL O 404 32.29 -18.00 -19.32
CA VAL O 404 31.27 -18.08 -18.26
C VAL O 404 31.35 -16.80 -17.42
N PRO O 405 30.24 -16.35 -16.83
CA PRO O 405 30.28 -15.12 -16.03
C PRO O 405 31.27 -15.24 -14.88
N ASP O 406 31.98 -14.13 -14.63
CA ASP O 406 33.01 -14.08 -13.58
C ASP O 406 32.87 -12.73 -12.87
N VAL O 407 32.14 -12.74 -11.75
CA VAL O 407 31.92 -11.51 -10.99
C VAL O 407 33.13 -11.12 -10.14
N THR O 408 34.13 -11.99 -10.04
CA THR O 408 35.32 -11.69 -9.27
C THR O 408 36.26 -10.71 -9.95
N GLN O 409 36.02 -10.40 -11.23
CA GLN O 409 36.82 -9.41 -11.94
C GLN O 409 36.55 -7.98 -11.49
N LEU O 410 35.61 -7.78 -10.56
CA LEU O 410 35.41 -6.47 -9.97
C LEU O 410 36.65 -6.03 -9.20
N GLY O 411 36.99 -4.75 -9.30
CA GLY O 411 38.18 -4.23 -8.68
C GLY O 411 39.45 -4.43 -9.48
N LEU O 412 39.40 -5.23 -10.54
CA LEU O 412 40.55 -5.40 -11.39
C LEU O 412 40.83 -4.12 -12.18
N PRO O 413 42.10 -3.84 -12.47
CA PRO O 413 42.42 -2.65 -13.27
C PRO O 413 41.88 -2.78 -14.69
N GLY O 414 41.60 -1.62 -15.28
CA GLY O 414 41.08 -1.56 -16.63
C GLY O 414 39.62 -1.15 -16.65
N VAL O 415 39.12 -0.96 -17.87
CA VAL O 415 37.73 -0.57 -18.11
C VAL O 415 36.95 -1.85 -18.36
N LYS O 416 36.31 -2.36 -17.30
CA LYS O 416 35.49 -3.55 -17.44
C LYS O 416 34.28 -3.24 -18.32
N PRO O 417 33.96 -4.09 -19.29
CA PRO O 417 32.83 -3.80 -20.19
C PRO O 417 31.50 -3.84 -19.45
N SER O 418 30.55 -3.05 -19.96
CA SER O 418 29.21 -3.01 -19.41
C SER O 418 28.22 -2.77 -20.54
N SER O 419 26.96 -3.11 -20.29
CA SER O 419 25.91 -2.98 -21.30
C SER O 419 24.78 -2.12 -20.77
N THR O 420 24.23 -1.29 -21.64
CA THR O 420 23.10 -0.43 -21.30
C THR O 420 22.05 -0.53 -22.40
N LEU O 421 20.78 -0.47 -22.00
CA LEU O 421 19.69 -0.51 -22.96
C LEU O 421 19.68 0.75 -23.81
N ASP O 422 19.38 0.58 -25.09
CA ASP O 422 19.34 1.70 -26.02
C ASP O 422 18.09 2.52 -25.76
N THR O 423 18.27 3.78 -25.39
CA THR O 423 17.17 4.64 -24.97
C THR O 423 16.70 5.59 -26.08
N ARG O 424 17.01 5.28 -27.34
CA ARG O 424 16.52 6.06 -28.47
C ARG O 424 15.49 5.25 -29.24
N GLY O 425 14.55 5.94 -29.86
CA GLY O 425 13.40 5.26 -30.45
C GLY O 425 12.51 4.64 -29.40
N ILE O 426 12.28 5.35 -28.30
CA ILE O 426 11.60 4.78 -27.15
C ILE O 426 10.37 5.60 -26.71
N SER O 427 10.21 6.84 -27.19
CA SER O 427 9.00 7.63 -27.01
C SER O 427 8.70 7.89 -25.53
N LYS O 428 9.59 8.68 -24.92
CA LYS O 428 9.33 9.21 -23.59
C LYS O 428 8.16 10.20 -23.60
N THR O 429 7.59 10.41 -22.42
CA THR O 429 6.64 11.48 -22.17
C THR O 429 7.14 12.30 -20.98
N THR O 430 7.17 13.62 -21.14
CA THR O 430 7.68 14.50 -20.09
C THR O 430 6.56 15.32 -19.48
N ARG O 441 14.16 3.70 -13.02
CA ARG O 441 14.59 4.71 -13.99
C ARG O 441 15.05 4.06 -15.29
N SER O 442 14.71 2.78 -15.45
CA SER O 442 15.02 2.00 -16.65
C SER O 442 16.52 1.99 -16.93
N LEU O 443 17.27 1.42 -15.98
CA LEU O 443 18.73 1.32 -16.15
C LEU O 443 19.11 0.14 -17.03
N GLY O 444 18.80 -1.07 -16.57
CA GLY O 444 19.16 -2.27 -17.32
C GLY O 444 20.65 -2.41 -17.57
N VAL O 445 21.47 -2.09 -16.58
CA VAL O 445 22.92 -2.11 -16.71
C VAL O 445 23.44 -3.43 -16.18
N ARG O 446 24.26 -4.12 -16.98
CA ARG O 446 24.84 -5.40 -16.62
C ARG O 446 26.35 -5.35 -16.76
N ASP O 447 27.02 -6.28 -16.08
CA ASP O 447 28.47 -6.38 -16.11
C ASP O 447 28.89 -7.48 -17.08
N LEU O 448 29.59 -7.10 -18.13
CA LEU O 448 30.05 -8.05 -19.15
C LEU O 448 31.46 -8.56 -18.85
N THR O 449 31.66 -9.09 -17.65
CA THR O 449 32.93 -9.67 -17.25
C THR O 449 32.82 -11.18 -17.28
N TYR O 450 33.74 -11.83 -18.01
CA TYR O 450 33.70 -13.26 -18.23
C TYR O 450 35.08 -13.86 -17.96
N LYS O 451 35.09 -15.19 -17.80
CA LYS O 451 36.31 -15.95 -17.69
C LYS O 451 36.24 -17.14 -18.64
N ILE O 452 37.41 -17.56 -19.12
CA ILE O 452 37.48 -18.60 -20.14
C ILE O 452 37.36 -19.96 -19.47
N SER O 453 36.40 -20.76 -19.92
CA SER O 453 36.20 -22.14 -19.48
C SER O 453 36.23 -23.05 -20.70
N PHE O 454 36.15 -24.36 -20.45
CA PHE O 454 36.23 -25.35 -21.51
C PHE O 454 35.06 -26.32 -21.40
N LEU O 455 34.51 -26.69 -22.55
CA LEU O 455 33.39 -27.64 -22.64
C LEU O 455 33.86 -28.81 -23.50
N ALA O 456 34.15 -29.93 -22.86
CA ALA O 456 34.77 -31.06 -23.55
C ALA O 456 33.73 -32.04 -24.05
N CYS O 457 33.82 -32.39 -25.32
CA CYS O 457 33.02 -33.45 -25.93
C CYS O 457 33.78 -34.77 -26.05
N HIS O 458 35.06 -34.79 -25.69
CA HIS O 458 35.87 -36.00 -25.79
C HIS O 458 37.00 -35.94 -24.78
N VAL O 459 37.17 -37.01 -24.01
CA VAL O 459 38.25 -37.13 -23.03
C VAL O 459 38.96 -38.45 -23.25
N ILE O 460 40.29 -38.39 -23.36
CA ILE O 460 41.13 -39.59 -23.41
C ILE O 460 42.37 -39.34 -22.56
N SER O 461 42.77 -40.36 -21.80
CA SER O 461 43.90 -40.24 -20.89
C SER O 461 45.20 -40.52 -21.62
N ILE O 462 46.21 -39.70 -21.36
CA ILE O 462 47.53 -39.87 -21.96
C ILE O 462 48.60 -39.93 -20.88
N ASN O 497 37.87 -54.31 -13.56
CA ASN O 497 38.76 -53.22 -13.94
C ASN O 497 40.22 -53.68 -13.99
N GLU O 498 40.55 -54.43 -15.03
CA GLU O 498 41.91 -54.89 -15.31
C GLU O 498 42.37 -55.96 -14.32
N ARG O 499 41.56 -56.23 -13.29
CA ARG O 499 41.90 -57.29 -12.35
C ARG O 499 41.75 -58.66 -12.98
N ASP O 500 40.80 -58.82 -13.91
CA ASP O 500 40.66 -60.07 -14.62
C ASP O 500 41.73 -60.18 -15.70
N GLN O 501 42.39 -61.34 -15.76
CA GLN O 501 43.49 -61.54 -16.69
C GLN O 501 43.01 -61.59 -18.14
N GLU O 502 41.96 -62.38 -18.40
CA GLU O 502 41.54 -62.64 -19.77
C GLU O 502 41.06 -61.38 -20.47
N VAL O 503 40.33 -60.50 -19.77
CA VAL O 503 39.88 -59.27 -20.39
C VAL O 503 41.08 -58.37 -20.72
N PHE O 504 42.14 -58.42 -19.91
CA PHE O 504 43.32 -57.62 -20.22
C PHE O 504 44.04 -58.15 -21.44
N LEU O 505 44.23 -59.47 -21.53
CA LEU O 505 44.91 -60.02 -22.71
C LEU O 505 44.07 -59.90 -23.97
N ASN O 506 42.74 -59.93 -23.86
CA ASN O 506 41.89 -59.88 -25.05
C ASN O 506 42.06 -58.55 -25.79
N SER O 507 42.08 -57.44 -25.05
CA SER O 507 42.21 -56.12 -25.67
C SER O 507 43.66 -55.66 -25.62
N LEU O 508 44.47 -56.27 -26.49
CA LEU O 508 45.90 -55.99 -26.53
C LEU O 508 46.45 -56.55 -27.82
N SER O 509 47.37 -55.80 -28.44
CA SER O 509 47.83 -56.12 -29.79
C SER O 509 48.57 -57.44 -29.83
N SER O 510 48.46 -58.14 -30.96
CA SER O 510 49.01 -59.49 -31.09
C SER O 510 50.52 -59.51 -30.95
N ASP O 511 51.21 -58.53 -31.56
CA ASP O 511 52.67 -58.49 -31.46
C ASP O 511 53.11 -58.32 -30.02
N GLU O 512 52.40 -57.49 -29.25
CA GLU O 512 52.68 -57.38 -27.83
C GLU O 512 52.41 -58.70 -27.12
N ILE O 513 51.43 -59.47 -27.59
CA ILE O 513 51.22 -60.80 -27.02
C ILE O 513 52.45 -61.64 -27.39
N ASN O 514 52.93 -61.51 -28.62
CA ASN O 514 54.13 -62.26 -29.02
C ASN O 514 55.29 -61.98 -28.05
N GLU O 515 55.64 -60.70 -27.87
CA GLU O 515 56.73 -60.40 -26.96
C GLU O 515 56.49 -60.72 -25.48
N LEU O 516 55.26 -60.55 -25.00
CA LEU O 516 54.96 -60.89 -23.61
C LEU O 516 55.14 -62.39 -23.34
N LYS O 517 54.65 -63.22 -24.25
CA LYS O 517 54.79 -64.66 -24.06
C LYS O 517 56.23 -65.11 -24.24
N GLU O 518 57.00 -64.42 -25.08
CA GLU O 518 58.43 -64.68 -25.15
C GLU O 518 59.12 -64.33 -23.84
N MET O 519 58.74 -63.20 -23.22
CA MET O 519 59.32 -62.81 -21.94
C MET O 519 58.97 -63.81 -20.85
N VAL O 520 57.73 -64.30 -20.85
CA VAL O 520 57.35 -65.34 -19.90
C VAL O 520 58.13 -66.62 -20.15
N LYS O 521 58.34 -66.97 -21.43
CA LYS O 521 59.11 -68.15 -21.77
C LYS O 521 60.57 -68.04 -21.37
N ASP O 522 61.06 -66.83 -21.11
CA ASP O 522 62.45 -66.63 -20.73
C ASP O 522 62.71 -67.28 -19.37
N GLU O 523 63.97 -67.70 -19.17
CA GLU O 523 64.29 -68.49 -17.98
C GLU O 523 64.75 -67.61 -16.81
N HIS O 524 65.56 -66.59 -17.08
CA HIS O 524 66.05 -65.72 -16.01
C HIS O 524 65.24 -64.42 -15.97
N ILE O 525 63.93 -64.58 -16.17
CA ILE O 525 63.05 -63.42 -16.28
C ILE O 525 63.15 -62.54 -15.02
N TYR O 526 63.32 -63.16 -13.85
CA TYR O 526 63.50 -62.38 -12.63
C TYR O 526 64.77 -61.53 -12.70
N ASP O 527 65.88 -62.13 -13.10
CA ASP O 527 67.15 -61.41 -13.17
C ASP O 527 67.08 -60.31 -14.23
N LYS O 528 66.50 -60.60 -15.38
CA LYS O 528 66.37 -59.58 -16.43
C LYS O 528 65.47 -58.43 -15.97
N LEU O 529 64.38 -58.74 -15.27
CA LEU O 529 63.53 -57.69 -14.74
C LEU O 529 64.28 -56.81 -13.75
N VAL O 530 65.08 -57.44 -12.87
CA VAL O 530 65.85 -56.67 -11.89
C VAL O 530 66.87 -55.79 -12.60
N ARG O 531 67.54 -56.32 -13.61
CA ARG O 531 68.53 -55.53 -14.35
C ARG O 531 67.88 -54.42 -15.16
N SER O 532 66.58 -54.49 -15.41
CA SER O 532 65.86 -53.48 -16.17
C SER O 532 65.24 -52.40 -15.29
N ILE O 533 65.47 -52.45 -13.98
CA ILE O 533 64.91 -51.49 -13.05
C ILE O 533 65.97 -50.43 -12.76
N ALA O 534 65.64 -49.17 -13.02
CA ALA O 534 66.52 -48.02 -12.81
C ALA O 534 67.87 -48.26 -13.47
N PRO O 535 67.97 -48.26 -14.83
CA PRO O 535 69.22 -48.62 -15.47
C PRO O 535 70.30 -47.59 -15.18
N ALA O 536 69.92 -46.34 -14.94
CA ALA O 536 70.87 -45.24 -14.70
C ALA O 536 71.64 -45.47 -13.40
N VAL O 537 70.99 -46.02 -12.39
CA VAL O 537 71.68 -46.34 -11.11
C VAL O 537 72.57 -47.55 -11.34
N PHE O 538 73.73 -47.59 -10.72
CA PHE O 538 74.70 -48.68 -10.97
C PHE O 538 74.94 -49.52 -9.72
N GLY O 539 74.63 -50.80 -9.78
CA GLY O 539 75.04 -51.69 -8.69
C GLY O 539 74.17 -51.85 -7.46
N HIS O 540 73.10 -51.10 -7.32
CA HIS O 540 72.26 -51.41 -6.12
C HIS O 540 71.22 -52.40 -6.62
N GLU O 541 71.43 -53.70 -6.44
CA GLU O 541 70.54 -54.72 -7.05
C GLU O 541 69.46 -55.16 -6.06
N ALA O 542 69.78 -55.15 -4.76
CA ALA O 542 68.75 -55.43 -3.76
C ALA O 542 67.66 -54.38 -3.79
N VAL O 543 68.04 -53.10 -3.95
CA VAL O 543 67.06 -52.03 -4.02
C VAL O 543 66.20 -52.17 -5.27
N LYS O 544 66.81 -52.55 -6.40
CA LYS O 544 66.05 -52.77 -7.62
C LYS O 544 65.08 -53.94 -7.47
N LYS O 545 65.52 -55.02 -6.82
CA LYS O 545 64.63 -56.13 -6.53
C LYS O 545 63.44 -55.68 -5.70
N GLY O 546 63.71 -54.91 -4.64
CA GLY O 546 62.63 -54.41 -3.80
C GLY O 546 61.67 -53.52 -4.56
N ILE O 547 62.20 -52.64 -5.40
CA ILE O 547 61.35 -51.74 -6.18
C ILE O 547 60.48 -52.53 -7.14
N LEU O 548 61.06 -53.54 -7.80
CA LEU O 548 60.27 -54.36 -8.71
C LEU O 548 59.15 -55.09 -7.97
N LEU O 549 59.46 -55.66 -6.81
CA LEU O 549 58.43 -56.35 -6.03
C LEU O 549 57.36 -55.39 -5.54
N GLN O 550 57.75 -54.18 -5.12
CA GLN O 550 56.78 -53.17 -4.72
C GLN O 550 55.87 -52.80 -5.87
N MET O 551 56.45 -52.63 -7.07
CA MET O 551 55.69 -52.28 -8.25
C MET O 551 54.81 -53.43 -8.74
N LEU O 552 55.12 -54.66 -8.33
CA LEU O 552 54.24 -55.79 -8.56
C LEU O 552 53.19 -55.93 -7.46
N GLY O 553 53.61 -56.08 -6.22
CA GLY O 553 52.70 -56.10 -5.10
C GLY O 553 52.14 -57.47 -4.79
N GLY O 554 51.64 -57.60 -3.56
CA GLY O 554 50.98 -58.81 -3.13
C GLY O 554 49.49 -58.77 -3.39
N VAL O 555 48.75 -59.58 -2.64
CA VAL O 555 47.30 -59.64 -2.75
C VAL O 555 46.68 -59.09 -1.47
N HIS O 556 45.52 -58.46 -1.63
CA HIS O 556 44.78 -57.90 -0.50
C HIS O 556 43.84 -58.97 0.05
N LYS O 557 43.98 -59.29 1.33
CA LYS O 557 43.23 -60.35 1.97
C LYS O 557 42.46 -59.81 3.15
N SER O 558 41.16 -60.10 3.20
CA SER O 558 40.28 -59.67 4.28
C SER O 558 39.81 -60.87 5.08
N THR O 559 39.89 -60.76 6.40
CA THR O 559 39.50 -61.85 7.28
C THR O 559 37.98 -61.94 7.38
N VAL O 560 37.51 -62.84 8.25
CA VAL O 560 36.08 -63.00 8.45
C VAL O 560 35.49 -61.76 9.11
N GLU O 561 36.16 -61.26 10.16
CA GLU O 561 35.68 -60.10 10.89
C GLU O 561 36.16 -58.78 10.28
N GLY O 562 37.04 -58.82 9.29
CA GLY O 562 37.46 -57.62 8.59
C GLY O 562 38.74 -57.00 9.09
N ILE O 563 39.76 -57.82 9.35
CA ILE O 563 41.08 -57.28 9.64
C ILE O 563 41.65 -56.57 8.42
N LYS O 564 41.36 -57.09 7.22
CA LYS O 564 41.74 -56.48 5.95
C LYS O 564 43.26 -56.35 5.84
N LEU O 565 43.91 -57.52 5.81
CA LEU O 565 45.34 -57.58 5.59
C LEU O 565 45.69 -56.96 4.24
N ARG O 566 46.67 -56.07 4.23
CA ARG O 566 47.07 -55.34 3.05
C ARG O 566 48.29 -55.96 2.39
N GLY O 567 48.31 -55.94 1.07
CA GLY O 567 49.38 -56.56 0.31
C GLY O 567 50.18 -55.58 -0.50
N ASP O 568 50.47 -54.42 0.09
CA ASP O 568 51.29 -53.39 -0.54
C ASP O 568 52.62 -53.31 0.17
N ILE O 569 53.71 -53.48 -0.58
CA ILE O 569 55.05 -53.46 -0.02
C ILE O 569 55.49 -52.01 0.17
N ASN O 570 55.83 -51.67 1.40
CA ASN O 570 56.36 -50.35 1.74
C ASN O 570 57.86 -50.45 1.97
N ILE O 571 58.63 -49.60 1.31
CA ILE O 571 60.08 -49.67 1.30
C ILE O 571 60.64 -48.34 1.78
N CYS O 572 61.69 -48.42 2.61
CA CYS O 572 62.44 -47.25 3.03
C CYS O 572 63.90 -47.45 2.62
N VAL O 573 64.50 -46.40 2.07
CA VAL O 573 65.88 -46.42 1.61
C VAL O 573 66.64 -45.37 2.40
N VAL O 574 67.62 -45.80 3.19
CA VAL O 574 68.41 -44.91 4.02
C VAL O 574 69.88 -45.20 3.77
N GLY O 575 70.73 -44.27 4.15
CA GLY O 575 72.13 -44.52 3.84
C GLY O 575 73.00 -43.29 3.85
N ASP O 576 74.22 -43.45 3.36
CA ASP O 576 75.19 -42.34 3.38
C ASP O 576 74.78 -41.34 2.29
N PRO O 577 75.29 -40.10 2.30
CA PRO O 577 74.99 -39.16 1.22
C PRO O 577 75.38 -39.55 -0.20
N SER O 578 74.64 -39.09 -1.19
CA SER O 578 74.93 -39.33 -2.63
C SER O 578 75.09 -40.81 -2.96
N THR O 579 74.11 -41.63 -2.60
CA THR O 579 74.19 -43.09 -2.80
C THR O 579 73.09 -43.48 -3.78
N SER O 580 72.54 -42.55 -4.55
CA SER O 580 71.49 -42.80 -5.56
C SER O 580 70.10 -43.02 -4.98
N LYS O 581 69.87 -42.66 -3.73
CA LYS O 581 68.57 -42.93 -3.08
C LYS O 581 67.46 -42.17 -3.78
N SER O 582 67.69 -40.93 -4.20
CA SER O 582 66.65 -40.10 -4.85
C SER O 582 66.61 -40.37 -6.35
N GLN O 583 67.54 -41.15 -6.88
CA GLN O 583 67.57 -41.49 -8.32
C GLN O 583 66.73 -42.74 -8.53
N PHE O 584 66.33 -43.40 -7.44
CA PHE O 584 65.45 -44.58 -7.53
C PHE O 584 64.04 -44.07 -7.36
N LEU O 585 63.84 -43.09 -6.48
CA LEU O 585 62.55 -42.42 -6.42
C LEU O 585 62.24 -41.67 -7.71
N LYS O 586 63.26 -41.05 -8.31
CA LYS O 586 63.06 -40.40 -9.61
C LYS O 586 62.68 -41.41 -10.68
N TYR O 587 63.29 -42.59 -10.64
CA TYR O 587 62.96 -43.60 -11.65
C TYR O 587 61.55 -44.13 -11.48
N VAL O 588 61.11 -44.33 -10.23
CA VAL O 588 59.79 -44.90 -9.99
C VAL O 588 58.70 -43.97 -10.50
N VAL O 589 58.82 -42.68 -10.21
CA VAL O 589 57.87 -41.69 -10.74
C VAL O 589 58.27 -41.37 -12.17
N GLY O 590 57.35 -41.60 -13.10
CA GLY O 590 57.63 -41.52 -14.53
C GLY O 590 57.64 -42.87 -15.22
N PHE O 591 57.73 -43.96 -14.46
CA PHE O 591 57.54 -45.30 -15.00
C PHE O 591 56.33 -45.99 -14.40
N ALA O 592 56.23 -46.04 -13.08
CA ALA O 592 55.10 -46.70 -12.43
C ALA O 592 53.82 -45.90 -12.66
N PRO O 593 52.75 -46.52 -13.15
CA PRO O 593 51.49 -45.80 -13.32
C PRO O 593 50.93 -45.36 -11.97
N ARG O 594 50.28 -44.19 -11.99
CA ARG O 594 49.68 -43.60 -10.80
C ARG O 594 50.70 -43.49 -9.66
N SER O 595 51.86 -42.93 -9.98
CA SER O 595 52.92 -42.70 -9.02
C SER O 595 53.06 -41.21 -8.76
N VAL O 596 53.20 -40.84 -7.49
CA VAL O 596 53.26 -39.43 -7.09
C VAL O 596 54.53 -39.22 -6.28
N TYR O 597 55.35 -38.25 -6.71
CA TYR O 597 56.60 -37.92 -6.04
C TYR O 597 56.43 -36.65 -5.24
N THR O 598 57.00 -36.64 -4.03
CA THR O 598 56.92 -35.48 -3.15
C THR O 598 58.13 -35.47 -2.23
N SER O 599 58.36 -34.32 -1.60
CA SER O 599 59.49 -34.14 -0.70
C SER O 599 58.98 -33.94 0.73
N GLY O 600 59.88 -34.14 1.69
CA GLY O 600 59.49 -34.06 3.09
C GLY O 600 59.13 -32.65 3.52
N LYS O 601 59.98 -31.67 3.17
CA LYS O 601 59.78 -30.30 3.61
C LYS O 601 58.81 -29.52 2.72
N ALA O 602 58.47 -30.03 1.54
CA ALA O 602 57.54 -29.38 0.63
C ALA O 602 56.15 -30.01 0.69
N SER O 603 55.87 -30.77 1.75
CA SER O 603 54.60 -31.46 1.88
C SER O 603 53.96 -31.13 3.23
N SER O 604 52.64 -31.27 3.27
CA SER O 604 51.86 -31.06 4.49
C SER O 604 50.88 -32.20 4.66
N ALA O 605 50.28 -32.28 5.85
CA ALA O 605 49.28 -33.31 6.12
C ALA O 605 48.08 -33.16 5.20
N ALA O 606 47.77 -31.95 4.77
CA ALA O 606 46.67 -31.71 3.86
C ALA O 606 47.07 -31.81 2.39
N GLY O 607 48.36 -31.97 2.10
CA GLY O 607 48.82 -32.13 0.74
C GLY O 607 49.06 -33.59 0.39
N LEU O 608 49.44 -34.38 1.39
CA LEU O 608 49.62 -35.82 1.21
C LEU O 608 48.29 -36.56 1.30
N THR O 609 47.54 -36.33 2.37
CA THR O 609 46.16 -36.75 2.46
C THR O 609 45.28 -35.64 1.90
N ALA O 610 43.99 -35.94 1.73
CA ALA O 610 43.07 -34.98 1.15
C ALA O 610 42.89 -33.78 2.07
N ALA O 611 42.64 -32.63 1.45
CA ALA O 611 42.39 -31.39 2.17
C ALA O 611 40.95 -30.94 1.97
N VAL O 612 40.51 -30.03 2.82
CA VAL O 612 39.21 -29.38 2.67
C VAL O 612 39.51 -27.93 2.30
N VAL O 613 39.25 -27.58 1.04
CA VAL O 613 39.62 -26.29 0.49
C VAL O 613 38.37 -25.52 0.10
N ARG O 614 38.54 -24.23 -0.15
CA ARG O 614 37.45 -23.34 -0.56
C ARG O 614 37.96 -22.42 -1.66
N ASP O 615 37.39 -22.55 -2.86
CA ASP O 615 37.83 -21.72 -3.98
C ASP O 615 37.36 -20.28 -3.84
N GLU O 616 36.11 -20.09 -3.44
CA GLU O 616 35.49 -18.78 -3.35
C GLU O 616 35.03 -18.52 -1.93
N GLU O 617 35.42 -17.37 -1.37
CA GLU O 617 34.84 -16.96 -0.10
C GLU O 617 33.34 -16.78 -0.25
N GLY O 618 32.59 -17.35 0.70
CA GLY O 618 31.16 -17.48 0.52
C GLY O 618 30.75 -18.64 -0.36
N GLY O 619 31.68 -19.52 -0.70
CA GLY O 619 31.36 -20.68 -1.51
C GLY O 619 31.49 -21.86 -0.58
N ASP O 620 31.02 -23.03 -1.03
CA ASP O 620 31.06 -24.19 -0.11
C ASP O 620 32.48 -24.73 -0.04
N TYR O 621 32.71 -25.83 0.68
CA TYR O 621 34.04 -26.47 0.76
C TYR O 621 34.10 -27.75 -0.08
N THR O 622 35.28 -28.19 -0.48
CA THR O 622 35.42 -29.37 -1.38
C THR O 622 36.57 -30.21 -0.88
N ILE O 623 36.70 -31.45 -1.38
CA ILE O 623 37.88 -32.29 -1.04
C ILE O 623 38.74 -32.33 -2.29
N GLU O 624 39.91 -31.70 -2.26
CA GLU O 624 40.89 -31.87 -3.35
C GLU O 624 41.82 -32.98 -2.89
N ALA O 625 42.06 -33.96 -3.71
CA ALA O 625 42.80 -35.20 -3.49
C ALA O 625 44.28 -35.00 -3.23
N GLY O 626 44.80 -35.71 -2.23
CA GLY O 626 46.18 -35.54 -1.81
C GLY O 626 47.13 -36.44 -2.56
N ALA O 627 48.40 -36.36 -2.16
CA ALA O 627 49.43 -37.17 -2.79
C ALA O 627 49.18 -38.66 -2.55
N LEU O 628 48.68 -39.01 -1.37
CA LEU O 628 48.38 -40.40 -1.06
C LEU O 628 47.14 -40.92 -1.79
N MET O 629 46.38 -40.06 -2.44
CA MET O 629 45.24 -40.48 -3.24
C MET O 629 45.46 -40.35 -4.75
N LEU O 630 46.26 -39.38 -5.20
CA LEU O 630 46.65 -39.35 -6.59
C LEU O 630 47.56 -40.53 -6.94
N ALA O 631 48.20 -41.14 -5.95
CA ALA O 631 48.99 -42.35 -6.13
C ALA O 631 48.21 -43.61 -5.75
N ASP O 632 46.88 -43.54 -5.73
CA ASP O 632 46.07 -44.69 -5.34
C ASP O 632 46.31 -45.85 -6.27
N ASN O 633 46.47 -47.04 -5.70
CA ASN O 633 46.86 -48.25 -6.43
C ASN O 633 48.19 -48.03 -7.17
N GLY O 634 49.06 -47.22 -6.59
CA GLY O 634 50.35 -46.92 -7.18
C GLY O 634 51.39 -46.76 -6.08
N ILE O 635 52.35 -45.88 -6.31
CA ILE O 635 53.45 -45.66 -5.37
C ILE O 635 53.55 -44.17 -5.05
N CYS O 636 53.65 -43.86 -3.76
CA CYS O 636 53.97 -42.51 -3.29
C CYS O 636 55.45 -42.49 -2.91
N CYS O 637 56.23 -41.75 -3.69
CA CYS O 637 57.67 -41.63 -3.48
C CYS O 637 57.94 -40.38 -2.65
N ILE O 638 58.20 -40.57 -1.36
CA ILE O 638 58.45 -39.48 -0.43
C ILE O 638 59.95 -39.40 -0.21
N ASP O 639 60.58 -38.38 -0.79
CA ASP O 639 62.00 -38.15 -0.57
C ASP O 639 62.21 -37.28 0.66
N GLU O 640 63.30 -37.54 1.38
CA GLU O 640 63.63 -36.86 2.63
C GLU O 640 62.50 -37.04 3.64
N PHE O 641 62.21 -38.31 3.96
CA PHE O 641 61.17 -38.61 4.94
C PHE O 641 61.53 -38.08 6.32
N ASP O 642 62.83 -38.01 6.63
CA ASP O 642 63.27 -37.53 7.94
C ASP O 642 62.95 -36.06 8.11
N LYS O 643 63.07 -35.27 7.05
CA LYS O 643 62.85 -33.83 7.15
C LYS O 643 61.40 -33.50 7.47
N MET O 644 60.49 -34.43 7.19
CA MET O 644 59.06 -34.17 7.35
C MET O 644 58.69 -34.02 8.82
N ASP O 645 57.72 -33.15 9.08
CA ASP O 645 57.30 -32.84 10.44
C ASP O 645 56.60 -34.04 11.09
N ILE O 646 56.51 -33.99 12.42
CA ILE O 646 55.94 -35.09 13.19
C ILE O 646 54.45 -35.24 12.89
N SER O 647 53.73 -34.11 12.81
CA SER O 647 52.30 -34.18 12.54
C SER O 647 52.01 -34.78 11.17
N ASP O 648 52.81 -34.41 10.17
CA ASP O 648 52.65 -35.01 8.84
C ASP O 648 52.94 -36.51 8.88
N GLN O 649 53.93 -36.90 9.68
CA GLN O 649 54.23 -38.33 9.85
C GLN O 649 53.06 -39.07 10.47
N VAL O 650 52.41 -38.47 11.47
CA VAL O 650 51.24 -39.09 12.07
C VAL O 650 50.10 -39.18 11.06
N ALA O 651 49.94 -38.15 10.23
CA ALA O 651 48.93 -38.20 9.18
C ALA O 651 49.19 -39.35 8.21
N ILE O 652 50.45 -39.54 7.83
CA ILE O 652 50.78 -40.66 6.95
C ILE O 652 50.61 -41.99 7.68
N HIS O 653 50.84 -41.99 8.99
CA HIS O 653 50.60 -43.19 9.79
C HIS O 653 49.13 -43.58 9.77
N GLU O 654 48.23 -42.60 9.81
CA GLU O 654 46.81 -42.88 9.75
C GLU O 654 46.43 -43.57 8.46
N ALA O 655 47.21 -43.38 7.38
CA ALA O 655 46.96 -44.07 6.13
C ALA O 655 47.73 -45.38 6.00
N MET O 656 48.88 -45.52 6.67
CA MET O 656 49.59 -46.80 6.65
C MET O 656 48.89 -47.86 7.49
N GLU O 657 48.30 -47.49 8.61
CA GLU O 657 47.57 -48.52 9.35
C GLU O 657 46.36 -49.02 8.57
N GLN O 658 45.38 -48.15 8.31
CA GLN O 658 44.10 -48.63 7.75
C GLN O 658 43.95 -48.50 6.24
N GLN O 659 44.95 -47.98 5.54
CA GLN O 659 44.83 -47.75 4.08
C GLN O 659 43.59 -46.91 3.80
N THR O 660 43.30 -45.93 4.64
CA THR O 660 42.10 -45.08 4.51
C THR O 660 42.39 -43.76 5.22
N ILE O 661 41.78 -42.66 4.79
CA ILE O 661 41.99 -41.42 5.52
C ILE O 661 40.64 -40.82 5.88
N SER O 662 40.50 -40.41 7.13
CA SER O 662 39.25 -39.84 7.61
C SER O 662 39.44 -38.35 7.81
N ILE O 663 38.64 -37.54 7.11
CA ILE O 663 38.65 -36.10 7.25
C ILE O 663 37.26 -35.67 7.74
N ALA O 664 37.22 -34.98 8.87
CA ALA O 664 35.99 -34.52 9.50
C ALA O 664 36.04 -33.03 9.76
N LYS O 665 36.50 -32.27 8.79
CA LYS O 665 36.74 -30.83 8.94
C LYS O 665 35.69 -30.03 8.17
N ALA O 666 35.13 -28.96 8.73
CA ALA O 666 34.26 -28.02 7.97
C ALA O 666 32.89 -28.55 7.57
N GLY O 667 32.42 -29.66 8.11
CA GLY O 667 31.12 -30.17 7.64
C GLY O 667 31.27 -31.21 6.56
N ILE O 668 32.49 -31.64 6.28
CA ILE O 668 32.71 -32.74 5.32
C ILE O 668 33.26 -33.84 6.21
N HIS O 669 32.60 -35.00 6.26
CA HIS O 669 33.02 -36.07 7.19
C HIS O 669 33.46 -37.29 6.39
N ALA O 670 33.95 -37.08 5.18
CA ALA O 670 34.29 -38.18 4.25
C ALA O 670 35.37 -39.13 4.70
N THR O 671 35.22 -40.40 4.37
CA THR O 671 36.26 -41.43 4.62
C THR O 671 36.83 -41.84 3.28
N LEU O 672 38.01 -41.33 2.96
CA LEU O 672 38.68 -41.58 1.66
C LEU O 672 39.59 -42.79 1.81
N ASN O 673 39.85 -43.52 0.73
CA ASN O 673 40.68 -44.75 0.82
C ASN O 673 41.99 -44.40 0.13
N ALA O 674 43.11 -44.77 0.72
CA ALA O 674 44.42 -44.41 0.16
C ALA O 674 45.20 -45.71 0.06
N ARG O 675 44.88 -46.55 -0.91
CA ARG O 675 45.60 -47.83 -1.12
C ARG O 675 46.91 -47.63 -1.88
N THR O 676 47.94 -47.13 -1.19
CA THR O 676 49.20 -46.75 -1.85
C THR O 676 50.40 -47.42 -1.21
N SER O 677 51.45 -47.66 -1.98
CA SER O 677 52.69 -48.22 -1.43
C SER O 677 53.59 -47.02 -1.24
N ILE O 678 54.32 -46.93 -0.14
CA ILE O 678 55.12 -45.72 0.15
C ILE O 678 56.59 -46.07 -0.02
N LEU O 679 57.20 -45.53 -1.04
CA LEU O 679 58.65 -45.66 -1.24
C LEU O 679 59.28 -44.40 -0.66
N ALA O 680 59.94 -44.54 0.48
CA ALA O 680 60.50 -43.41 1.21
C ALA O 680 62.02 -43.41 1.09
N ALA O 681 62.58 -42.21 1.02
CA ALA O 681 64.03 -42.01 1.08
C ALA O 681 64.34 -41.14 2.29
N ALA O 682 65.30 -41.56 3.09
CA ALA O 682 65.61 -40.83 4.32
C ALA O 682 67.11 -40.72 4.55
N ASN O 683 67.52 -39.76 5.36
CA ASN O 683 68.95 -39.58 5.71
C ASN O 683 69.12 -39.80 7.21
N PRO O 684 70.14 -40.52 7.69
CA PRO O 684 70.25 -40.70 9.12
C PRO O 684 70.50 -39.37 9.83
N VAL O 685 70.25 -39.27 11.14
CA VAL O 685 70.54 -38.08 11.93
C VAL O 685 72.04 -37.82 11.92
N GLY O 686 72.41 -36.54 11.86
CA GLY O 686 73.80 -36.16 11.70
C GLY O 686 74.28 -36.17 10.26
N GLY O 687 73.45 -36.56 9.32
CA GLY O 687 73.81 -36.55 7.91
C GLY O 687 74.69 -37.69 7.46
N ARG O 688 74.93 -38.68 8.31
CA ARG O 688 75.77 -39.82 7.95
C ARG O 688 75.38 -41.01 8.79
N TYR O 689 75.33 -42.19 8.17
CA TYR O 689 74.95 -43.39 8.87
C TYR O 689 76.00 -43.78 9.91
N ASN O 690 75.54 -44.19 11.08
CA ASN O 690 76.40 -44.65 12.16
C ASN O 690 76.36 -46.18 12.17
N ARG O 691 77.47 -46.80 11.77
CA ARG O 691 77.52 -48.26 11.69
C ARG O 691 77.38 -48.91 13.05
N LYS O 692 77.87 -48.25 14.11
CA LYS O 692 77.81 -48.79 15.46
C LYS O 692 76.54 -48.37 16.19
N LEU O 693 75.48 -48.04 15.46
CA LEU O 693 74.21 -47.63 16.05
C LEU O 693 73.08 -48.34 15.32
N SER O 694 71.98 -48.59 16.04
CA SER O 694 70.87 -49.31 15.47
C SER O 694 70.19 -48.49 14.38
N LEU O 695 69.38 -49.17 13.57
CA LEU O 695 68.63 -48.49 12.51
C LEU O 695 67.67 -47.48 13.11
N ARG O 696 67.01 -47.84 14.22
CA ARG O 696 66.17 -46.88 14.93
C ARG O 696 66.94 -45.69 15.47
N GLY O 697 68.14 -45.91 16.03
CA GLY O 697 68.93 -44.79 16.51
C GLY O 697 69.46 -43.92 15.41
N ASN O 698 69.64 -44.48 14.21
CA ASN O 698 70.11 -43.69 13.07
C ASN O 698 69.01 -42.78 12.54
N LEU O 699 67.76 -43.23 12.62
CA LEU O 699 66.64 -42.54 11.99
C LEU O 699 65.79 -41.86 13.05
N ASN O 700 65.49 -40.57 12.83
CA ASN O 700 64.53 -39.86 13.66
C ASN O 700 63.09 -40.28 13.38
N MET O 701 62.88 -41.10 12.36
CA MET O 701 61.55 -41.56 11.99
C MET O 701 60.88 -42.27 13.18
N THR O 702 59.63 -41.93 13.43
CA THR O 702 58.92 -42.48 14.57
C THR O 702 58.65 -43.98 14.37
N ALA O 703 58.60 -44.70 15.49
CA ALA O 703 58.37 -46.14 15.45
C ALA O 703 57.06 -46.55 14.79
N PRO O 704 55.92 -45.89 15.04
CA PRO O 704 54.69 -46.31 14.34
C PRO O 704 54.81 -46.27 12.82
N ILE O 705 55.47 -45.25 12.26
CA ILE O 705 55.79 -45.27 10.84
C ILE O 705 56.78 -46.39 10.52
N MET O 706 57.86 -46.51 11.28
CA MET O 706 58.92 -47.49 10.93
C MET O 706 58.38 -48.92 10.82
N SER O 707 57.36 -49.28 11.57
CA SER O 707 56.80 -50.65 11.61
C SER O 707 56.19 -51.04 10.27
N ARG O 708 55.56 -50.10 9.59
CA ARG O 708 54.80 -50.43 8.36
C ARG O 708 55.73 -50.49 7.17
N PHE O 709 57.03 -50.33 7.38
CA PHE O 709 57.93 -50.46 6.25
C PHE O 709 58.44 -51.90 6.19
N ASP O 710 58.12 -52.59 5.08
CA ASP O 710 58.49 -53.99 4.95
C ASP O 710 60.00 -54.16 4.82
N LEU O 711 60.63 -53.33 3.98
CA LEU O 711 62.05 -53.44 3.69
C LEU O 711 62.75 -52.13 4.03
N PHE O 712 63.93 -52.24 4.65
CA PHE O 712 64.79 -51.11 4.96
C PHE O 712 66.13 -51.37 4.25
N PHE O 713 66.36 -50.68 3.14
CA PHE O 713 67.60 -50.82 2.38
C PHE O 713 68.58 -49.76 2.87
N VAL O 714 69.64 -50.20 3.53
CA VAL O 714 70.70 -49.33 4.02
C VAL O 714 71.84 -49.39 3.02
N ILE O 715 72.12 -48.27 2.36
CA ILE O 715 73.16 -48.18 1.36
C ILE O 715 74.31 -47.37 1.93
N LEU O 716 75.50 -47.97 1.96
CA LEU O 716 76.70 -47.32 2.47
C LEU O 716 77.75 -47.29 1.36
N ASP O 717 78.46 -46.17 1.27
CA ASP O 717 79.54 -46.03 0.31
C ASP O 717 80.89 -46.27 1.00
N ASP O 718 81.83 -46.79 0.22
CA ASP O 718 83.16 -47.10 0.73
C ASP O 718 84.19 -46.71 -0.32
N CYS O 719 85.41 -46.48 0.16
CA CYS O 719 86.50 -46.04 -0.71
C CYS O 719 87.18 -47.24 -1.38
N ASN O 720 86.36 -48.03 -2.09
CA ASN O 720 86.85 -49.19 -2.80
C ASN O 720 87.40 -48.73 -4.15
N GLU O 721 88.62 -49.18 -4.47
CA GLU O 721 89.32 -48.68 -5.65
C GLU O 721 88.53 -49.01 -6.92
N LYS O 722 88.21 -50.30 -7.08
CA LYS O 722 87.57 -50.78 -8.30
C LYS O 722 86.14 -50.26 -8.43
N ILE O 723 85.38 -50.30 -7.34
CA ILE O 723 84.00 -49.83 -7.37
C ILE O 723 83.93 -48.35 -7.74
N ASP O 724 84.81 -47.53 -7.15
CA ASP O 724 84.83 -46.11 -7.51
C ASP O 724 85.25 -45.90 -8.95
N THR O 725 86.24 -46.65 -9.43
CA THR O 725 86.66 -46.48 -10.82
C THR O 725 85.47 -46.76 -11.74
N GLU O 726 84.67 -47.79 -11.42
CA GLU O 726 83.54 -48.22 -12.29
C GLU O 726 82.30 -47.35 -12.12
N LEU O 727 81.99 -46.85 -10.93
CA LEU O 727 80.85 -45.92 -10.78
C LEU O 727 81.18 -44.69 -11.60
N ALA O 728 82.39 -44.17 -11.46
CA ALA O 728 82.79 -42.94 -12.17
C ALA O 728 82.76 -43.15 -13.66
N SER O 729 83.13 -44.33 -14.15
CA SER O 729 83.03 -44.54 -15.60
C SER O 729 81.57 -44.43 -16.01
N HIS O 730 80.65 -45.01 -15.26
CA HIS O 730 79.21 -44.98 -15.58
C HIS O 730 78.70 -43.55 -15.52
N ILE O 731 79.10 -42.78 -14.52
CA ILE O 731 78.55 -41.40 -14.38
C ILE O 731 79.02 -40.60 -15.57
N VAL O 732 80.28 -40.75 -15.97
CA VAL O 732 80.82 -39.91 -17.07
C VAL O 732 80.27 -40.46 -18.38
N ASP O 733 80.15 -41.78 -18.53
CA ASP O 733 79.52 -42.25 -19.77
C ASP O 733 78.05 -41.86 -19.84
N LEU O 734 77.36 -41.81 -18.69
CA LEU O 734 76.00 -41.32 -18.65
C LEU O 734 75.92 -39.83 -18.99
N HIS O 735 77.01 -39.09 -18.76
CA HIS O 735 77.08 -37.70 -19.18
C HIS O 735 77.52 -37.53 -20.63
N MET O 736 78.50 -38.29 -21.10
CA MET O 736 78.93 -38.21 -22.50
C MET O 736 77.80 -38.64 -23.43
N LYS O 737 77.41 -39.90 -23.35
CA LYS O 737 76.22 -40.36 -24.06
C LYS O 737 74.97 -39.96 -23.28
N ARG O 738 73.82 -40.07 -23.93
CA ARG O 738 72.55 -39.75 -23.30
C ARG O 738 71.71 -40.99 -23.03
N ASP O 739 71.45 -41.80 -24.06
CA ASP O 739 70.75 -43.06 -23.88
C ASP O 739 71.53 -44.26 -24.36
N GLU O 740 72.62 -44.06 -25.09
CA GLU O 740 73.48 -45.18 -25.48
C GLU O 740 74.24 -45.75 -24.29
N ALA O 741 74.48 -44.95 -23.25
CA ALA O 741 75.10 -45.45 -22.04
C ALA O 741 74.16 -46.29 -21.19
N ILE O 742 72.86 -46.25 -21.48
CA ILE O 742 71.87 -47.05 -20.79
C ILE O 742 71.53 -48.25 -21.66
N GLU O 743 71.77 -49.45 -21.15
CA GLU O 743 71.59 -50.69 -21.90
C GLU O 743 70.74 -51.64 -21.06
N PRO O 744 69.44 -51.42 -20.97
CA PRO O 744 68.58 -52.29 -20.18
C PRO O 744 68.12 -53.47 -21.00
N PRO O 745 67.98 -54.65 -20.37
CA PRO O 745 67.44 -55.81 -21.11
C PRO O 745 66.05 -55.56 -21.67
N PHE O 746 65.22 -54.79 -20.98
CA PHE O 746 63.89 -54.46 -21.44
C PHE O 746 63.70 -52.95 -21.44
N SER O 747 63.09 -52.44 -22.50
CA SER O 747 62.71 -51.04 -22.52
C SER O 747 61.55 -50.79 -21.55
N ALA O 748 61.34 -49.51 -21.23
CA ALA O 748 60.28 -49.16 -20.29
C ALA O 748 58.90 -49.60 -20.78
N GLU O 749 58.69 -49.60 -22.10
CA GLU O 749 57.38 -49.95 -22.65
C GLU O 749 57.02 -51.40 -22.33
N GLN O 750 57.89 -52.34 -22.73
CA GLN O 750 57.58 -53.75 -22.54
C GLN O 750 57.72 -54.16 -21.07
N LEU O 751 58.60 -53.50 -20.32
CA LEU O 751 58.68 -53.76 -18.88
C LEU O 751 57.38 -53.34 -18.19
N ARG O 752 56.85 -52.17 -18.54
CA ARG O 752 55.57 -51.74 -17.98
C ARG O 752 54.44 -52.66 -18.42
N ARG O 753 54.48 -53.14 -19.67
CA ARG O 753 53.47 -54.08 -20.14
C ARG O 753 53.52 -55.39 -19.34
N TYR O 754 54.74 -55.89 -19.09
CA TYR O 754 54.89 -57.12 -18.31
C TYR O 754 54.38 -56.93 -16.89
N ILE O 755 54.67 -55.79 -16.28
CA ILE O 755 54.20 -55.54 -14.91
C ILE O 755 52.69 -55.41 -14.89
N LYS O 756 52.11 -54.73 -15.89
CA LYS O 756 50.67 -54.62 -16.01
C LYS O 756 50.01 -55.99 -16.15
N TYR O 757 50.67 -56.90 -16.88
CA TYR O 757 50.16 -58.25 -17.02
C TYR O 757 50.30 -59.06 -15.73
N ALA O 758 51.44 -58.93 -15.05
CA ALA O 758 51.70 -59.73 -13.86
C ALA O 758 50.92 -59.26 -12.65
N ARG O 759 50.44 -58.01 -12.66
CA ARG O 759 49.63 -57.54 -11.54
C ARG O 759 48.24 -58.18 -11.51
N THR O 760 47.86 -58.92 -12.55
CA THR O 760 46.54 -59.52 -12.64
C THR O 760 46.45 -60.89 -11.98
N PHE O 761 47.52 -61.39 -11.40
CA PHE O 761 47.53 -62.73 -10.83
C PHE O 761 47.15 -62.72 -9.36
N LYS O 762 46.62 -63.86 -8.90
CA LYS O 762 46.40 -64.15 -7.49
C LYS O 762 47.32 -65.30 -7.13
N PRO O 763 48.53 -65.01 -6.64
CA PRO O 763 49.43 -66.10 -6.25
C PRO O 763 48.87 -66.90 -5.07
N ILE O 764 49.11 -68.21 -5.11
CA ILE O 764 48.75 -69.10 -4.02
C ILE O 764 49.99 -69.91 -3.64
N LEU O 765 50.17 -70.11 -2.34
CA LEU O 765 51.27 -70.90 -1.83
C LEU O 765 50.82 -72.32 -1.52
N THR O 766 51.61 -73.29 -1.96
CA THR O 766 51.29 -74.69 -1.77
C THR O 766 51.60 -75.11 -0.32
N LYS O 767 51.22 -76.35 0.02
CA LYS O 767 51.26 -76.78 1.41
C LYS O 767 52.68 -76.76 1.97
N GLU O 768 53.67 -77.22 1.20
CA GLU O 768 55.04 -77.18 1.69
C GLU O 768 55.51 -75.74 1.90
N ALA O 769 54.92 -74.79 1.17
CA ALA O 769 55.30 -73.38 1.34
C ALA O 769 54.92 -72.87 2.72
N ARG O 770 53.80 -73.34 3.28
CA ARG O 770 53.40 -72.90 4.61
C ARG O 770 54.43 -73.31 5.65
N SER O 771 54.80 -74.59 5.65
CA SER O 771 55.80 -75.09 6.59
C SER O 771 57.17 -74.45 6.45
N TYR O 772 57.60 -74.18 5.21
CA TYR O 772 58.89 -73.54 5.01
C TYR O 772 58.87 -72.07 5.41
N LEU O 773 57.71 -71.42 5.26
CA LEU O 773 57.53 -70.06 5.76
C LEU O 773 57.69 -70.09 7.27
N VAL O 774 57.08 -71.08 7.92
CA VAL O 774 57.23 -71.22 9.37
C VAL O 774 58.71 -71.42 9.73
N GLU O 775 59.39 -72.29 8.98
CA GLU O 775 60.81 -72.57 9.26
C GLU O 775 61.67 -71.33 9.05
N LYS O 776 61.40 -70.57 7.98
CA LYS O 776 62.18 -69.36 7.73
C LYS O 776 61.92 -68.29 8.79
N TYR O 777 60.67 -68.17 9.26
CA TYR O 777 60.39 -67.24 10.34
C TYR O 777 61.14 -67.66 11.60
N LYS O 778 61.18 -68.97 11.89
CA LYS O 778 61.96 -69.47 13.02
C LYS O 778 63.43 -69.12 12.86
N GLU O 779 63.97 -69.29 11.65
CA GLU O 779 65.38 -68.99 11.42
C GLU O 779 65.67 -67.51 11.61
N LEU O 780 64.77 -66.64 11.16
CA LEU O 780 64.94 -65.22 11.40
C LEU O 780 64.91 -64.90 12.88
N ARG O 781 63.98 -65.51 13.63
CA ARG O 781 63.91 -65.25 15.06
C ARG O 781 65.16 -65.75 15.77
N LYS O 782 65.68 -66.91 15.36
CA LYS O 782 66.90 -67.43 15.95
C LYS O 782 68.09 -66.54 15.63
N ASP O 783 68.17 -66.03 14.40
CA ASP O 783 69.24 -65.12 14.03
C ASP O 783 69.20 -63.85 14.90
N ASP O 784 68.00 -63.33 15.12
CA ASP O 784 67.83 -62.16 15.99
C ASP O 784 68.02 -62.55 17.45
N ALA O 785 68.43 -61.56 18.25
CA ALA O 785 68.65 -61.73 19.69
C ALA O 785 69.66 -62.85 19.98
N GLN O 786 70.59 -63.06 19.06
CA GLN O 786 71.61 -64.10 19.27
C GLN O 786 72.55 -63.74 20.40
N GLY O 787 72.93 -62.46 20.49
CA GLY O 787 73.85 -62.02 21.51
C GLY O 787 75.00 -61.21 20.95
N PHE O 788 75.46 -61.59 19.76
CA PHE O 788 76.52 -60.88 19.06
C PHE O 788 76.13 -60.37 17.69
N SER O 789 74.99 -60.81 17.15
CA SER O 789 74.56 -60.34 15.83
C SER O 789 74.28 -58.83 15.86
N ARG O 790 73.53 -58.38 16.87
CA ARG O 790 73.18 -56.97 17.04
C ARG O 790 72.52 -56.42 15.77
N SER O 791 71.35 -56.98 15.45
CA SER O 791 70.61 -56.56 14.27
C SER O 791 70.17 -55.11 14.39
N SER O 792 70.09 -54.43 13.25
CA SER O 792 69.70 -53.02 13.24
C SER O 792 68.28 -52.84 13.77
N TYR O 793 67.33 -53.60 13.23
CA TYR O 793 65.98 -53.65 13.74
C TYR O 793 65.57 -55.09 13.97
N ARG O 794 64.86 -55.34 15.05
CA ARG O 794 64.59 -56.69 15.51
C ARG O 794 63.37 -57.28 14.80
N ILE O 795 63.20 -58.59 14.94
CA ILE O 795 62.25 -59.36 14.14
C ILE O 795 61.02 -59.66 14.97
N THR O 796 59.86 -59.64 14.31
CA THR O 796 58.58 -59.94 14.97
C THR O 796 57.67 -60.51 13.90
N VAL O 797 56.38 -60.65 14.18
CA VAL O 797 55.42 -61.19 13.19
C VAL O 797 55.11 -60.28 12.03
N ARG O 798 55.52 -59.02 12.12
CA ARG O 798 55.37 -58.09 10.96
C ARG O 798 56.33 -58.51 9.85
N GLN O 799 57.51 -59.01 10.23
CA GLN O 799 58.49 -59.51 9.24
C GLN O 799 57.86 -60.72 8.57
N LEU O 800 57.15 -61.56 9.31
CA LEU O 800 56.56 -62.78 8.73
C LEU O 800 55.51 -62.40 7.69
N GLU O 801 54.71 -61.38 7.98
CA GLU O 801 53.73 -60.89 6.97
C GLU O 801 54.46 -60.27 5.78
N SER O 802 55.56 -59.55 6.03
CA SER O 802 56.39 -58.95 4.95
C SER O 802 56.85 -60.08 4.05
N MET O 803 57.28 -61.20 4.63
CA MET O 803 57.79 -62.32 3.85
C MET O 803 56.70 -62.91 2.97
N ILE O 804 55.49 -63.05 3.50
CA ILE O 804 54.40 -63.61 2.69
C ILE O 804 54.12 -62.73 1.48
N ARG O 805 54.00 -61.41 1.69
CA ARG O 805 53.68 -60.54 0.57
C ARG O 805 54.85 -60.42 -0.40
N LEU O 806 56.07 -60.51 0.10
CA LEU O 806 57.24 -60.51 -0.79
C LEU O 806 57.26 -61.77 -1.65
N SER O 807 56.89 -62.91 -1.06
CA SER O 807 56.80 -64.14 -1.83
C SER O 807 55.71 -64.03 -2.90
N GLU O 808 54.58 -63.42 -2.56
CA GLU O 808 53.54 -63.20 -3.56
C GLU O 808 54.02 -62.30 -4.68
N ALA O 809 54.77 -61.24 -4.35
CA ALA O 809 55.32 -60.36 -5.36
C ALA O 809 56.30 -61.09 -6.26
N ILE O 810 57.13 -61.97 -5.67
CA ILE O 810 58.07 -62.75 -6.47
C ILE O 810 57.33 -63.70 -7.40
N ALA O 811 56.26 -64.32 -6.90
CA ALA O 811 55.44 -65.19 -7.74
C ALA O 811 54.83 -64.43 -8.90
N ARG O 812 54.37 -63.20 -8.65
CA ARG O 812 53.91 -62.34 -9.73
C ARG O 812 55.04 -62.04 -10.71
N ALA O 813 56.26 -61.81 -10.20
CA ALA O 813 57.39 -61.54 -11.07
C ALA O 813 57.66 -62.71 -12.01
N ASN O 814 57.56 -63.93 -11.49
CA ASN O 814 57.76 -65.13 -12.31
C ASN O 814 56.52 -65.52 -13.10
N CYS O 815 55.40 -64.81 -12.91
CA CYS O 815 54.14 -65.07 -13.62
C CYS O 815 53.69 -66.51 -13.47
N VAL O 816 53.45 -66.89 -12.21
CA VAL O 816 52.87 -68.18 -11.87
C VAL O 816 51.84 -67.97 -10.77
N ASP O 817 50.74 -68.71 -10.84
CA ASP O 817 49.69 -68.61 -9.84
C ASP O 817 49.98 -69.42 -8.59
N GLU O 818 51.06 -70.20 -8.58
CA GLU O 818 51.44 -71.01 -7.43
C GLU O 818 52.79 -70.52 -6.92
N ILE O 819 52.86 -70.31 -5.60
CA ILE O 819 54.07 -69.79 -4.97
C ILE O 819 54.96 -70.99 -4.62
N THR O 820 55.99 -71.19 -5.43
CA THR O 820 56.97 -72.25 -5.18
C THR O 820 57.75 -71.93 -3.91
N PRO O 821 58.13 -72.95 -3.13
CA PRO O 821 58.96 -72.67 -1.93
C PRO O 821 60.26 -71.96 -2.24
N SER O 822 60.78 -72.08 -3.46
CA SER O 822 61.95 -71.29 -3.85
C SER O 822 61.64 -69.80 -3.81
N PHE O 823 60.39 -69.42 -4.09
CA PHE O 823 59.99 -68.02 -3.97
C PHE O 823 60.04 -67.56 -2.51
N ILE O 824 59.60 -68.40 -1.59
CA ILE O 824 59.70 -68.07 -0.16
C ILE O 824 61.17 -67.96 0.24
N ALA O 825 62.01 -68.83 -0.31
CA ALA O 825 63.45 -68.75 -0.02
C ALA O 825 64.03 -67.43 -0.53
N GLU O 826 63.65 -67.02 -1.74
CA GLU O 826 64.14 -65.76 -2.29
C GLU O 826 63.66 -64.58 -1.46
N ALA O 827 62.40 -64.59 -1.05
CA ALA O 827 61.88 -63.52 -0.20
C ALA O 827 62.60 -63.49 1.15
N TYR O 828 62.87 -64.66 1.72
CA TYR O 828 63.60 -64.74 2.97
C TYR O 828 65.00 -64.16 2.83
N ASP O 829 65.70 -64.50 1.75
CA ASP O 829 67.03 -63.94 1.53
C ASP O 829 66.98 -62.43 1.35
N LEU O 830 66.00 -61.96 0.57
CA LEU O 830 65.90 -60.52 0.33
C LEU O 830 65.61 -59.76 1.62
N LEU O 831 64.73 -60.30 2.46
CA LEU O 831 64.46 -59.66 3.74
C LEU O 831 65.67 -59.72 4.66
N ARG O 832 66.31 -60.88 4.76
CA ARG O 832 67.41 -61.05 5.71
C ARG O 832 68.60 -60.17 5.36
N GLN O 833 68.93 -60.06 4.07
CA GLN O 833 70.06 -59.22 3.69
C GLN O 833 69.79 -57.74 3.92
N SER O 834 68.51 -57.35 4.09
CA SER O 834 68.20 -55.96 4.38
C SER O 834 68.66 -55.57 5.79
N ILE O 835 68.49 -56.46 6.76
CA ILE O 835 68.95 -56.18 8.12
C ILE O 835 70.47 -56.06 8.12
N ILE O 836 70.98 -55.01 8.77
CA ILE O 836 72.42 -54.75 8.85
C ILE O 836 72.86 -54.99 10.28
N ARG O 837 73.89 -55.80 10.45
CA ARG O 837 74.43 -56.06 11.78
C ARG O 837 75.18 -54.84 12.29
N VAL O 838 75.01 -54.53 13.58
CA VAL O 838 75.66 -53.39 14.18
C VAL O 838 77.07 -53.76 14.63
N SER P 2 9.45 29.41 5.64
CA SER P 2 9.77 30.52 6.53
C SER P 2 9.63 30.09 7.99
N ALA P 3 8.45 29.56 8.33
CA ALA P 3 8.28 28.98 9.66
C ALA P 3 9.21 27.80 9.85
N ALA P 4 9.34 26.95 8.84
CA ALA P 4 10.39 25.95 8.78
C ALA P 4 11.64 26.57 8.17
N LEU P 5 12.80 26.06 8.57
CA LEU P 5 14.09 26.65 8.24
C LEU P 5 14.13 28.13 8.63
N PRO P 6 14.05 28.44 9.93
CA PRO P 6 14.00 29.84 10.36
C PRO P 6 15.34 30.53 10.13
N SER P 7 15.27 31.84 9.96
CA SER P 7 16.45 32.67 9.79
C SER P 7 17.01 33.09 11.14
N ILE P 8 18.33 33.22 11.21
CA ILE P 8 19.02 33.65 12.41
C ILE P 8 19.88 34.86 12.08
N GLN P 9 20.11 35.71 13.08
CA GLN P 9 20.87 36.94 12.92
C GLN P 9 22.26 36.74 13.52
N LEU P 10 23.24 36.51 12.66
CA LEU P 10 24.62 36.34 13.08
C LEU P 10 25.40 37.63 12.85
N PRO P 11 26.43 37.89 13.65
CA PRO P 11 27.22 39.12 13.50
C PRO P 11 28.19 39.10 12.32
N VAL P 12 28.07 38.14 11.42
CA VAL P 12 29.00 37.99 10.29
C VAL P 12 28.34 38.51 9.04
N ASP P 13 28.91 39.56 8.46
CA ASP P 13 28.50 40.09 7.16
C ASP P 13 29.58 39.69 6.15
N TYR P 14 29.21 38.86 5.18
CA TYR P 14 30.21 38.33 4.26
C TYR P 14 30.53 39.26 3.10
N ASN P 15 29.65 40.24 2.81
CA ASN P 15 29.92 41.15 1.70
C ASN P 15 31.10 42.07 2.01
N ASN P 16 31.06 42.76 3.15
CA ASN P 16 32.18 43.60 3.53
C ASN P 16 33.39 42.80 3.96
N LEU P 17 33.20 41.57 4.43
CA LEU P 17 34.34 40.69 4.68
C LEU P 17 35.05 40.34 3.37
N PHE P 18 34.28 40.07 2.31
CA PHE P 18 34.88 39.84 1.00
C PHE P 18 35.57 41.10 0.48
N ASN P 19 34.96 42.26 0.72
CA ASN P 19 35.59 43.52 0.33
C ASN P 19 36.92 43.71 1.05
N GLU P 20 36.96 43.41 2.35
CA GLU P 20 38.20 43.50 3.12
C GLU P 20 39.23 42.50 2.61
N ILE P 21 38.79 41.30 2.24
CA ILE P 21 39.70 40.30 1.69
C ILE P 21 40.33 40.81 0.40
N THR P 22 39.51 41.38 -0.48
CA THR P 22 40.03 41.94 -1.73
C THR P 22 40.99 43.09 -1.47
N ASP P 23 40.64 43.98 -0.54
CA ASP P 23 41.52 45.10 -0.23
C ASP P 23 42.85 44.63 0.34
N PHE P 24 42.81 43.62 1.21
CA PHE P 24 44.04 43.06 1.76
C PHE P 24 44.89 42.40 0.68
N LEU P 25 44.25 41.67 -0.24
CA LEU P 25 45.01 41.02 -1.30
C LEU P 25 45.65 42.03 -2.23
N VAL P 26 44.95 43.14 -2.52
CA VAL P 26 45.46 44.09 -3.50
C VAL P 26 46.48 45.04 -2.88
N THR P 27 46.26 45.47 -1.63
CA THR P 27 47.02 46.58 -1.07
C THR P 27 48.14 46.18 -0.11
N PHE P 28 48.06 45.00 0.50
CA PHE P 28 49.07 44.61 1.49
C PHE P 28 50.42 44.42 0.80
N LYS P 29 51.43 45.16 1.28
CA LYS P 29 52.76 45.10 0.69
C LYS P 29 53.87 45.13 1.74
N GLN P 30 53.54 45.04 3.03
CA GLN P 30 54.54 45.19 4.08
C GLN P 30 55.55 44.05 4.10
N ASP P 31 55.24 42.91 3.47
CA ASP P 31 56.17 41.80 3.39
C ASP P 31 56.67 41.60 1.96
N LYS P 59 59.06 44.55 -4.65
CA LYS P 59 58.77 45.91 -4.35
C LYS P 59 57.33 46.33 -4.08
N GLY P 60 56.40 45.62 -4.69
CA GLY P 60 54.98 45.90 -4.56
C GLY P 60 54.21 45.00 -3.61
N PRO P 61 52.91 44.87 -3.85
CA PRO P 61 52.11 43.98 -2.99
C PRO P 61 52.63 42.56 -3.03
N LYS P 62 52.67 41.93 -1.85
CA LYS P 62 53.15 40.55 -1.75
C LYS P 62 52.22 39.59 -2.48
N TYR P 63 50.93 39.68 -2.20
CA TYR P 63 50.00 38.73 -2.78
C TYR P 63 49.71 38.82 -4.27
N MET P 64 49.72 40.02 -4.85
CA MET P 64 49.66 40.10 -6.31
C MET P 64 50.96 39.64 -7.00
N ALA P 65 52.07 39.73 -6.27
CA ALA P 65 53.33 39.18 -6.74
C ALA P 65 53.10 37.68 -6.77
N MET P 66 52.48 37.13 -5.72
CA MET P 66 52.25 35.69 -5.71
C MET P 66 51.24 35.27 -6.78
N LEU P 67 50.17 36.03 -6.97
CA LEU P 67 49.24 35.72 -8.05
C LEU P 67 49.86 35.91 -9.44
N GLN P 68 50.77 36.87 -9.60
CA GLN P 68 51.48 36.98 -10.87
C GLN P 68 52.34 35.74 -11.12
N LYS P 69 53.00 35.25 -10.07
CA LYS P 69 53.76 34.01 -10.19
C LYS P 69 52.85 32.85 -10.56
N VAL P 70 51.66 32.78 -9.93
CA VAL P 70 50.72 31.70 -10.21
C VAL P 70 50.23 31.77 -11.65
N ALA P 71 49.98 32.99 -12.15
CA ALA P 71 49.49 33.14 -13.52
C ALA P 71 50.50 32.62 -14.53
N ASN P 72 51.78 32.92 -14.31
CA ASN P 72 52.86 32.46 -15.18
C ASN P 72 53.23 31.00 -14.92
N ARG P 73 52.61 30.36 -13.92
CA ARG P 73 52.73 28.92 -13.65
C ARG P 73 54.08 28.55 -13.05
N GLU P 74 54.64 29.41 -12.19
CA GLU P 74 55.76 29.05 -11.33
C GLU P 74 55.31 28.59 -9.95
N LEU P 75 54.02 28.70 -9.63
CA LEU P 75 53.52 28.37 -8.31
C LEU P 75 52.09 27.86 -8.44
N ASN P 76 51.78 26.80 -7.68
CA ASN P 76 50.45 26.20 -7.71
C ASN P 76 49.83 26.13 -6.33
N SER P 77 50.31 26.93 -5.38
CA SER P 77 49.78 26.92 -4.03
C SER P 77 49.84 28.34 -3.46
N VAL P 78 48.72 28.81 -2.94
CA VAL P 78 48.61 30.14 -2.35
C VAL P 78 48.44 29.96 -0.84
N ILE P 79 49.42 30.40 -0.07
CA ILE P 79 49.38 30.31 1.38
C ILE P 79 49.04 31.69 1.93
N ILE P 80 47.88 31.81 2.56
CA ILE P 80 47.41 33.06 3.12
C ILE P 80 47.87 33.13 4.58
N ASP P 81 48.84 33.99 4.86
CA ASP P 81 49.32 34.16 6.24
C ASP P 81 48.30 34.92 7.07
N LEU P 82 47.95 34.35 8.22
CA LEU P 82 47.10 35.08 9.16
C LEU P 82 47.85 36.18 9.86
N ASP P 83 49.18 36.07 9.97
CA ASP P 83 49.98 37.18 10.47
C ASP P 83 49.89 38.39 9.55
N ASP P 84 49.90 38.15 8.23
CA ASP P 84 49.76 39.25 7.29
C ASP P 84 48.41 39.94 7.43
N ILE P 85 47.33 39.17 7.59
CA ILE P 85 46.00 39.75 7.76
C ILE P 85 45.92 40.53 9.07
N LEU P 86 46.50 39.97 10.14
CA LEU P 86 46.49 40.68 11.42
C LEU P 86 47.28 41.98 11.35
N GLN P 87 48.42 41.96 10.68
CA GLN P 87 49.21 43.18 10.51
C GLN P 87 48.47 44.20 9.67
N TYR P 88 47.79 43.76 8.61
CA TYR P 88 46.99 44.66 7.79
C TYR P 88 45.88 45.31 8.61
N GLN P 89 45.20 44.51 9.44
CA GLN P 89 44.16 45.06 10.31
C GLN P 89 44.73 46.05 11.31
N ASN P 90 45.90 45.73 11.88
CA ASN P 90 46.53 46.64 12.83
C ASN P 90 46.90 47.96 12.16
N GLU P 91 47.44 47.91 10.94
CA GLU P 91 47.78 49.12 10.22
C GLU P 91 46.53 49.93 9.88
N LYS P 92 45.44 49.25 9.50
CA LYS P 92 44.19 49.95 9.22
C LYS P 92 43.66 50.63 10.49
N PHE P 93 43.79 49.97 11.64
CA PHE P 93 43.39 50.58 12.90
C PHE P 93 44.25 51.79 13.24
N LEU P 94 45.56 51.69 12.99
CA LEU P 94 46.46 52.78 13.36
C LEU P 94 46.18 54.04 12.55
N GLN P 95 45.72 53.90 11.30
CA GLN P 95 45.39 55.03 10.46
C GLN P 95 43.96 55.52 10.65
N GLY P 96 43.21 54.89 11.57
CA GLY P 96 41.89 55.35 11.95
C GLY P 96 40.74 54.59 11.32
N THR P 97 40.98 53.85 10.25
CA THR P 97 39.90 53.11 9.61
C THR P 97 39.48 51.91 10.47
N GLN P 98 38.17 51.71 10.58
CA GLN P 98 37.61 50.60 11.33
C GLN P 98 37.48 49.41 10.39
N ALA P 99 38.25 48.36 10.66
CA ALA P 99 38.29 47.16 9.82
C ALA P 99 37.71 45.98 10.58
N ASP P 100 36.88 45.19 9.91
CA ASP P 100 36.32 44.00 10.53
C ASP P 100 37.42 43.00 10.84
N ASP P 101 37.21 42.22 11.91
CA ASP P 101 38.21 41.24 12.31
C ASP P 101 38.21 40.05 11.37
N LEU P 102 38.99 40.14 10.29
CA LEU P 102 39.06 39.05 9.32
C LEU P 102 39.75 37.83 9.91
N VAL P 103 40.76 38.05 10.76
CA VAL P 103 41.51 36.93 11.33
C VAL P 103 40.59 36.09 12.22
N SER P 104 39.83 36.74 13.10
CA SER P 104 38.93 36.02 13.99
C SER P 104 37.84 35.30 13.20
N ALA P 105 37.32 35.95 12.17
CA ALA P 105 36.29 35.31 11.33
C ALA P 105 36.83 34.08 10.62
N ILE P 106 38.07 34.16 10.12
CA ILE P 106 38.68 33.00 9.49
C ILE P 106 38.90 31.88 10.50
N GLN P 107 39.39 32.23 11.69
CA GLN P 107 39.64 31.21 12.71
C GLN P 107 38.34 30.52 13.14
N GLN P 108 37.27 31.29 13.31
CA GLN P 108 36.01 30.71 13.77
C GLN P 108 35.36 29.83 12.71
N ASN P 109 35.36 30.27 11.45
CA ASN P 109 34.75 29.54 10.35
C ASN P 109 35.69 29.63 9.15
N ALA P 110 36.56 28.63 9.02
CA ALA P 110 37.60 28.67 8.00
C ALA P 110 37.18 28.10 6.66
N ASN P 111 36.18 27.22 6.65
CA ASN P 111 35.79 26.58 5.39
C ASN P 111 35.20 27.59 4.41
N HIS P 112 34.45 28.56 4.91
CA HIS P 112 33.87 29.57 4.03
C HIS P 112 34.92 30.52 3.48
N PHE P 113 35.98 30.81 4.25
CA PHE P 113 36.96 31.78 3.77
C PHE P 113 37.95 31.21 2.76
N THR P 114 38.16 29.90 2.69
CA THR P 114 38.85 29.34 1.53
C THR P 114 38.07 29.64 0.27
N GLU P 115 36.76 29.40 0.30
CA GLU P 115 35.83 29.70 -0.78
C GLU P 115 35.87 31.19 -1.13
N LEU P 116 35.84 32.05 -0.12
CA LEU P 116 35.86 33.49 -0.32
C LEU P 116 37.16 33.98 -0.95
N PHE P 117 38.30 33.57 -0.37
CA PHE P 117 39.59 34.00 -0.85
C PHE P 117 39.85 33.50 -2.26
N CYS P 118 39.36 32.31 -2.59
CA CYS P 118 39.48 31.84 -3.97
C CYS P 118 38.73 32.75 -4.93
N ARG P 119 37.50 33.14 -4.57
CA ARG P 119 36.78 34.07 -5.45
C ARG P 119 37.52 35.41 -5.56
N ALA P 120 38.04 35.91 -4.44
CA ALA P 120 38.75 37.20 -4.46
C ALA P 120 40.01 37.14 -5.31
N ILE P 121 40.76 36.05 -5.23
CA ILE P 121 41.95 35.88 -6.07
C ILE P 121 41.56 35.78 -7.54
N ASP P 122 40.47 35.06 -7.84
CA ASP P 122 40.01 34.97 -9.22
C ASP P 122 39.66 36.34 -9.77
N ASN P 123 39.05 37.20 -8.95
CA ASN P 123 38.72 38.55 -9.41
C ASN P 123 39.96 39.36 -9.75
N ASN P 124 41.00 39.27 -8.90
CA ASN P 124 42.23 40.04 -9.07
C ASN P 124 43.35 39.20 -9.67
N MET P 125 43.02 38.29 -10.60
CA MET P 125 43.99 37.36 -11.12
C MET P 125 44.73 38.01 -12.29
N PRO P 126 46.03 38.24 -12.19
CA PRO P 126 46.75 38.90 -13.28
C PRO P 126 46.85 38.04 -14.52
N LEU P 127 46.92 38.70 -15.68
CA LEU P 127 47.13 37.98 -16.92
C LEU P 127 48.54 37.42 -16.98
N PRO P 128 48.72 36.22 -17.54
CA PRO P 128 50.07 35.63 -17.61
C PRO P 128 50.94 36.35 -18.61
N THR P 129 52.19 36.59 -18.23
CA THR P 129 53.19 37.17 -19.11
C THR P 129 53.95 36.13 -19.91
N LYS P 130 53.67 34.85 -19.69
CA LYS P 130 54.31 33.76 -20.42
C LYS P 130 53.25 32.98 -21.19
N GLU P 131 53.51 32.74 -22.47
CA GLU P 131 52.56 32.04 -23.32
C GLU P 131 52.61 30.54 -23.04
N ILE P 132 51.51 29.86 -23.39
CA ILE P 132 51.42 28.42 -23.22
C ILE P 132 52.26 27.75 -24.30
N ASP P 133 53.21 26.92 -23.88
CA ASP P 133 54.06 26.16 -24.78
C ASP P 133 53.91 24.66 -24.50
N TYR P 134 54.71 23.87 -25.18
CA TYR P 134 54.59 22.42 -25.11
C TYR P 134 55.17 21.82 -23.84
N LYS P 135 55.87 22.61 -23.03
CA LYS P 135 56.46 22.11 -21.80
C LYS P 135 55.59 22.39 -20.57
N ASP P 136 54.37 22.89 -20.77
CA ASP P 136 53.45 23.12 -19.68
C ASP P 136 52.66 21.85 -19.35
N ASP P 137 52.09 21.84 -18.15
CA ASP P 137 51.30 20.69 -17.72
C ASP P 137 50.01 20.59 -18.54
N VAL P 138 49.48 19.37 -18.62
CA VAL P 138 48.22 19.16 -19.33
C VAL P 138 47.07 19.88 -18.64
N LEU P 139 47.10 19.97 -17.31
CA LEU P 139 46.07 20.71 -16.60
C LEU P 139 46.11 22.19 -16.98
N ASP P 140 47.31 22.75 -17.12
CA ASP P 140 47.42 24.16 -17.47
C ASP P 140 46.82 24.44 -18.85
N VAL P 141 47.13 23.58 -19.83
CA VAL P 141 46.59 23.80 -21.18
C VAL P 141 45.08 23.57 -21.19
N ILE P 142 44.59 22.61 -20.39
CA ILE P 142 43.15 22.39 -20.31
C ILE P 142 42.45 23.63 -19.75
N LEU P 143 43.01 24.20 -18.68
CA LEU P 143 42.41 25.39 -18.08
C LEU P 143 42.46 26.57 -19.04
N ASN P 144 43.58 26.74 -19.76
CA ASN P 144 43.65 27.80 -20.75
C ASN P 144 42.62 27.61 -21.84
N GLN P 145 42.44 26.38 -22.29
CA GLN P 145 41.45 26.09 -23.34
C GLN P 145 40.05 26.43 -22.87
N ARG P 146 39.69 26.03 -21.65
CA ARG P 146 38.33 26.31 -21.19
C ARG P 146 38.12 27.78 -20.89
N ARG P 147 39.15 28.49 -20.44
CA ARG P 147 39.04 29.94 -20.25
C ARG P 147 38.79 30.64 -21.57
N LEU P 148 39.59 30.31 -22.59
CA LEU P 148 39.37 30.90 -23.90
C LEU P 148 38.02 30.51 -24.48
N ARG P 149 37.59 29.27 -24.25
CA ARG P 149 36.28 28.83 -24.74
C ARG P 149 35.15 29.63 -24.09
N ASN P 150 35.22 29.86 -22.79
CA ASN P 150 34.13 30.59 -22.14
C ASN P 150 34.12 32.07 -22.52
N GLU P 151 35.30 32.67 -22.69
CA GLU P 151 35.33 34.03 -23.20
C GLU P 151 34.78 34.11 -24.62
N ARG P 152 35.05 33.10 -25.45
CA ARG P 152 34.51 33.09 -26.80
C ARG P 152 33.01 32.90 -26.81
N MET P 153 32.47 32.07 -25.90
CA MET P 153 31.02 31.90 -25.83
C MET P 153 30.35 33.18 -25.33
N LEU P 154 30.98 33.89 -24.40
CA LEU P 154 30.49 35.21 -24.01
C LEU P 154 30.41 36.13 -25.22
N SER P 155 31.50 36.20 -25.99
CA SER P 155 31.52 37.05 -27.18
C SER P 155 30.47 36.60 -28.20
N ASP P 156 30.19 35.29 -28.26
CA ASP P 156 29.24 34.78 -29.25
C ASP P 156 27.81 35.14 -28.87
N ARG P 157 27.45 34.96 -27.59
CA ARG P 157 26.19 35.50 -27.12
C ARG P 157 26.06 36.98 -27.46
N THR P 158 27.13 37.75 -27.20
CA THR P 158 27.08 39.19 -27.41
C THR P 158 26.83 39.53 -28.87
N ASN P 159 27.56 38.89 -29.78
CA ASN P 159 27.39 39.16 -31.21
C ASN P 159 26.01 38.74 -31.68
N GLU P 160 25.50 37.60 -31.19
CA GLU P 160 24.18 37.15 -31.60
C GLU P 160 23.10 38.13 -31.15
N ILE P 161 23.17 38.60 -29.91
CA ILE P 161 22.15 39.52 -29.41
C ILE P 161 22.27 40.87 -30.11
N ARG P 162 23.49 41.31 -30.42
CA ARG P 162 23.66 42.53 -31.21
C ARG P 162 23.03 42.39 -32.57
N SER P 163 23.19 41.22 -33.21
CA SER P 163 22.54 40.98 -34.50
C SER P 163 21.03 40.92 -34.35
N GLU P 164 20.53 40.49 -33.19
CA GLU P 164 19.08 40.47 -32.97
C GLU P 164 18.50 41.87 -32.95
N ASN P 165 19.25 42.85 -32.43
CA ASN P 165 18.82 44.25 -32.39
C ASN P 165 17.50 44.41 -31.63
N LEU P 166 17.55 44.07 -30.34
CA LEU P 166 16.38 44.19 -29.47
C LEU P 166 16.51 45.42 -28.57
N MET P 177 22.05 49.62 -24.23
CA MET P 177 23.19 49.87 -23.35
C MET P 177 24.02 48.60 -23.20
N ASN P 178 25.34 48.74 -23.20
CA ASN P 178 26.23 47.58 -23.11
C ASN P 178 26.15 46.90 -21.75
N ASP P 179 25.75 47.62 -20.71
CA ASP P 179 25.60 47.01 -19.39
C ASP P 179 24.48 45.96 -19.42
N ALA P 180 23.33 46.32 -19.98
CA ALA P 180 22.23 45.38 -20.09
C ALA P 180 22.56 44.25 -21.05
N LEU P 181 23.25 44.56 -22.15
CA LEU P 181 23.67 43.53 -23.10
C LEU P 181 24.56 42.49 -22.41
N ARG P 182 25.57 42.96 -21.69
CA ARG P 182 26.43 42.05 -20.93
C ARG P 182 25.61 41.23 -19.94
N GLU P 183 24.79 41.90 -19.13
CA GLU P 183 24.06 41.19 -18.08
C GLU P 183 23.12 40.14 -18.68
N VAL P 184 22.59 40.38 -19.87
CA VAL P 184 21.87 39.32 -20.59
C VAL P 184 22.82 38.18 -20.96
N VAL P 185 24.02 38.53 -21.43
CA VAL P 185 24.96 37.51 -21.89
C VAL P 185 25.33 36.56 -20.75
N GLU P 186 25.67 37.11 -19.58
CA GLU P 186 25.96 36.17 -18.48
C GLU P 186 24.73 35.46 -17.93
N ASP P 187 23.50 35.84 -18.30
CA ASP P 187 22.35 34.97 -18.00
C ASP P 187 22.16 33.87 -19.03
N GLU P 188 22.55 34.09 -20.28
CA GLU P 188 22.35 33.08 -21.32
C GLU P 188 23.62 32.30 -21.66
N THR P 189 24.69 32.45 -20.89
CA THR P 189 25.90 31.67 -21.07
C THR P 189 25.98 30.55 -20.05
N GLU P 190 26.37 29.37 -20.51
CA GLU P 190 26.85 28.31 -19.63
C GLU P 190 28.37 28.28 -19.77
N LEU P 191 29.05 29.02 -18.89
CA LEU P 191 30.50 29.06 -18.88
C LEU P 191 31.07 28.00 -17.96
N PHE P 192 32.38 27.80 -18.07
CA PHE P 192 33.07 26.95 -17.11
C PHE P 192 33.18 27.71 -15.79
N PRO P 193 32.70 27.17 -14.67
CA PRO P 193 32.74 27.90 -13.40
C PRO P 193 34.17 28.14 -12.97
N PRO P 194 34.41 29.13 -12.10
CA PRO P 194 35.79 29.46 -11.71
C PRO P 194 36.53 28.31 -11.06
N ASN P 195 35.84 27.36 -10.43
CA ASN P 195 36.53 26.24 -9.81
C ASN P 195 37.07 25.27 -10.85
N LEU P 196 36.58 25.34 -12.09
CA LEU P 196 37.12 24.53 -13.16
C LEU P 196 38.25 25.20 -13.93
N THR P 197 38.35 26.54 -13.85
CA THR P 197 39.44 27.28 -14.45
C THR P 197 40.46 27.70 -13.40
N ARG P 198 40.65 26.86 -12.38
CA ARG P 198 41.45 27.19 -11.21
C ARG P 198 42.60 26.20 -11.10
N ARG P 199 43.82 26.73 -11.01
CA ARG P 199 45.02 25.90 -11.00
C ARG P 199 45.76 25.92 -9.68
N TYR P 200 45.47 26.87 -8.79
CA TYR P 200 46.18 26.98 -7.53
C TYR P 200 45.39 26.30 -6.42
N PHE P 201 46.06 26.12 -5.28
CA PHE P 201 45.45 25.60 -4.06
C PHE P 201 45.63 26.63 -2.95
N LEU P 202 44.61 26.79 -2.12
CA LEU P 202 44.61 27.81 -1.08
C LEU P 202 44.79 27.17 0.28
N TYR P 203 45.67 27.75 1.09
CA TYR P 203 45.94 27.27 2.43
C TYR P 203 46.06 28.45 3.38
N PHE P 204 45.76 28.22 4.65
CA PHE P 204 45.80 29.24 5.68
C PHE P 204 46.92 28.92 6.67
N LYS P 205 47.96 29.73 6.65
CA LYS P 205 49.02 29.59 7.64
C LYS P 205 48.60 30.27 8.94
N PRO P 206 48.68 29.58 10.08
CA PRO P 206 48.20 30.17 11.33
C PRO P 206 49.10 31.34 11.72
N LEU P 207 48.51 32.28 12.46
CA LEU P 207 49.24 33.44 12.94
C LEU P 207 50.12 33.03 14.11
N SER P 208 51.37 33.48 14.09
CA SER P 208 52.35 33.01 15.07
C SER P 208 52.04 33.45 16.49
N GLN P 209 52.48 32.63 17.45
CA GLN P 209 52.25 32.94 18.86
C GLN P 209 52.96 34.23 19.25
N ASN P 210 54.22 34.40 18.82
CA ASN P 210 54.94 35.63 19.08
C ASN P 210 54.32 36.81 18.34
N CYS P 211 53.82 36.57 17.12
CA CYS P 211 53.18 37.59 16.30
C CYS P 211 51.68 37.64 16.48
N ALA P 212 51.17 37.18 17.63
CA ALA P 212 49.74 37.19 17.90
C ALA P 212 49.32 38.51 18.53
N ILE P 220 44.99 31.71 18.50
CA ILE P 220 43.95 30.71 18.72
C ILE P 220 44.11 29.56 17.75
N SER P 221 44.42 29.89 16.50
CA SER P 221 44.61 28.88 15.46
C SER P 221 45.99 28.27 15.46
N SER P 222 46.92 28.80 16.27
CA SER P 222 48.28 28.31 16.29
C SER P 222 48.73 27.74 17.62
N LYS P 223 48.00 27.99 18.70
CA LYS P 223 48.36 27.37 19.98
C LYS P 223 48.14 25.87 19.86
N PRO P 224 49.15 25.05 20.13
CA PRO P 224 49.02 23.62 19.86
C PRO P 224 48.03 22.96 20.81
N LEU P 225 47.19 22.09 20.25
CA LEU P 225 46.21 21.34 21.01
C LEU P 225 46.53 19.85 20.94
N SER P 226 46.24 19.15 22.02
CA SER P 226 46.32 17.70 22.03
C SER P 226 45.12 17.12 21.30
N VAL P 227 45.20 15.82 20.98
CA VAL P 227 44.07 15.17 20.33
C VAL P 227 42.86 15.14 21.26
N ARG P 228 43.08 14.97 22.56
CA ARG P 228 42.00 15.00 23.52
C ARG P 228 41.38 16.40 23.65
N GLN P 229 42.22 17.44 23.61
CA GLN P 229 41.74 18.80 23.78
C GLN P 229 40.88 19.28 22.62
N ILE P 230 40.87 18.56 21.50
CA ILE P 230 40.06 18.94 20.34
C ILE P 230 38.69 18.30 20.53
N LYS P 231 37.79 19.05 21.14
CA LYS P 231 36.43 18.58 21.37
C LYS P 231 35.55 18.95 20.18
N GLY P 232 34.24 18.76 20.32
CA GLY P 232 33.32 19.21 19.31
C GLY P 232 33.06 20.70 19.26
N ASP P 233 33.48 21.44 20.28
CA ASP P 233 33.36 22.89 20.24
C ASP P 233 34.28 23.48 19.17
N PHE P 234 35.45 22.89 18.98
CA PHE P 234 36.42 23.35 17.99
C PHE P 234 36.06 22.94 16.57
N LEU P 235 34.96 22.23 16.36
CA LEU P 235 34.58 21.76 15.04
C LEU P 235 34.24 22.94 14.14
N GLY P 236 34.79 22.93 12.93
CA GLY P 236 34.58 24.00 11.97
C GLY P 236 35.60 25.10 12.03
N GLN P 237 36.49 25.09 13.02
CA GLN P 237 37.48 26.13 13.21
C GLN P 237 38.83 25.71 12.61
N LEU P 238 39.67 26.71 12.39
CA LEU P 238 41.07 26.49 12.00
C LEU P 238 41.89 26.33 13.26
N ILE P 239 42.40 25.12 13.51
CA ILE P 239 43.10 24.81 14.74
C ILE P 239 44.41 24.10 14.43
N THR P 240 45.34 24.20 15.37
CA THR P 240 46.64 23.55 15.28
C THR P 240 46.71 22.42 16.29
N VAL P 241 47.08 21.23 15.83
CA VAL P 241 47.24 20.06 16.67
C VAL P 241 48.71 19.67 16.67
N ARG P 242 49.27 19.45 17.86
CA ARG P 242 50.65 19.01 18.02
C ARG P 242 50.65 17.51 18.26
N GLY P 243 51.42 16.78 17.46
CA GLY P 243 51.40 15.34 17.61
C GLY P 243 52.51 14.68 16.84
N ILE P 244 52.41 13.34 16.75
CA ILE P 244 53.36 12.53 16.00
C ILE P 244 52.58 11.73 14.97
N ILE P 245 53.06 11.72 13.73
CA ILE P 245 52.39 11.00 12.66
C ILE P 245 52.74 9.52 12.77
N THR P 246 51.73 8.67 12.72
CA THR P 246 51.92 7.24 12.88
C THR P 246 51.60 6.42 11.64
N ARG P 247 50.85 6.96 10.68
CA ARG P 247 50.52 6.21 9.47
C ARG P 247 50.13 7.18 8.38
N VAL P 248 50.77 7.07 7.21
CA VAL P 248 50.47 7.90 6.06
C VAL P 248 50.11 7.00 4.89
N SER P 249 48.97 7.28 4.26
CA SER P 249 48.55 6.53 3.09
C SER P 249 49.22 7.04 1.82
N ASP P 250 49.06 6.27 0.74
CA ASP P 250 49.57 6.68 -0.55
C ASP P 250 48.74 7.80 -1.15
N VAL P 251 49.40 8.64 -1.93
CA VAL P 251 48.76 9.80 -2.57
C VAL P 251 47.89 9.24 -3.68
N LYS P 252 46.56 9.33 -3.50
CA LYS P 252 45.66 8.81 -4.52
C LYS P 252 44.85 9.93 -5.15
N PRO P 253 44.38 9.74 -6.39
CA PRO P 253 43.52 10.74 -7.02
C PRO P 253 42.09 10.65 -6.50
N ALA P 254 41.69 11.63 -5.68
CA ALA P 254 40.32 11.72 -5.19
C ALA P 254 39.57 12.69 -6.10
N VAL P 255 38.49 12.20 -6.72
CA VAL P 255 37.74 13.02 -7.65
C VAL P 255 36.91 14.04 -6.89
N GLU P 256 36.93 15.28 -7.36
CA GLU P 256 36.13 16.36 -6.81
C GLU P 256 35.01 16.80 -7.73
N VAL P 257 35.30 16.96 -9.02
CA VAL P 257 34.30 17.30 -10.03
C VAL P 257 34.54 16.34 -11.20
N ILE P 258 33.76 15.27 -11.25
CA ILE P 258 33.90 14.28 -12.32
C ILE P 258 33.24 14.83 -13.59
N ALA P 259 33.93 14.67 -14.71
CA ALA P 259 33.50 15.25 -15.97
C ALA P 259 33.03 14.15 -16.92
N TYR P 260 32.00 14.47 -17.70
CA TYR P 260 31.50 13.58 -18.74
C TYR P 260 31.32 14.37 -20.03
N THR P 261 31.43 13.66 -21.15
CA THR P 261 31.18 14.20 -22.47
C THR P 261 29.99 13.50 -23.10
N CYS P 262 29.11 14.28 -23.71
CA CYS P 262 27.93 13.76 -24.39
C CYS P 262 28.14 13.86 -25.89
N ASP P 263 28.00 12.73 -26.59
CA ASP P 263 28.19 12.69 -28.03
C ASP P 263 27.01 13.24 -28.81
N GLN P 264 25.89 13.51 -28.14
CA GLN P 264 24.69 14.01 -28.81
C GLN P 264 24.70 15.53 -28.94
N CYS P 265 24.83 16.25 -27.82
CA CYS P 265 24.81 17.70 -27.81
C CYS P 265 26.20 18.31 -27.77
N GLY P 266 27.25 17.52 -27.58
CA GLY P 266 28.59 18.06 -27.52
C GLY P 266 28.88 18.86 -26.27
N TYR P 267 28.16 18.62 -25.18
CA TYR P 267 28.38 19.32 -23.92
C TYR P 267 29.31 18.53 -23.01
N GLU P 268 29.87 19.23 -22.03
CA GLU P 268 30.66 18.62 -20.97
C GLU P 268 29.92 18.82 -19.66
N VAL P 269 29.38 17.73 -19.11
CA VAL P 269 28.57 17.77 -17.90
C VAL P 269 29.47 17.43 -16.72
N PHE P 270 29.51 18.32 -15.73
CA PHE P 270 30.36 18.15 -14.57
C PHE P 270 29.50 17.89 -13.34
N GLN P 271 29.83 16.84 -12.59
CA GLN P 271 29.13 16.47 -11.37
C GLN P 271 30.09 16.53 -10.21
N GLU P 272 29.76 17.33 -9.20
CA GLU P 272 30.61 17.46 -8.02
C GLU P 272 30.46 16.25 -7.12
N VAL P 273 31.56 15.86 -6.49
CA VAL P 273 31.58 14.71 -5.58
C VAL P 273 31.96 15.22 -4.20
N ASN P 274 31.14 14.88 -3.20
CA ASN P 274 31.33 15.37 -1.83
C ASN P 274 31.58 14.26 -0.81
N SER P 275 31.16 13.02 -1.09
CA SER P 275 31.17 11.96 -0.10
C SER P 275 32.17 10.88 -0.48
N ARG P 276 32.17 9.79 0.31
CA ARG P 276 33.07 8.67 0.05
C ARG P 276 32.75 8.00 -1.28
N THR P 277 31.47 7.95 -1.65
CA THR P 277 31.03 7.26 -2.85
C THR P 277 30.08 8.16 -3.63
N PHE P 278 30.01 7.92 -4.93
CA PHE P 278 29.15 8.70 -5.82
C PHE P 278 28.51 7.78 -6.85
N THR P 279 27.37 8.22 -7.37
CA THR P 279 26.66 7.50 -8.41
C THR P 279 26.87 8.20 -9.75
N PRO P 280 27.48 7.55 -10.73
CA PRO P 280 27.75 8.21 -12.01
C PRO P 280 26.47 8.55 -12.76
N LEU P 281 26.54 9.62 -13.54
CA LEU P 281 25.41 10.01 -14.37
C LEU P 281 25.28 9.07 -15.56
N SER P 282 24.03 8.78 -15.95
CA SER P 282 23.74 7.89 -17.07
C SER P 282 23.22 8.63 -18.29
N GLU P 283 22.32 9.59 -18.11
CA GLU P 283 21.77 10.37 -19.20
C GLU P 283 22.17 11.84 -19.06
N CYS P 284 22.36 12.50 -20.19
CA CYS P 284 22.87 13.86 -20.19
C CYS P 284 21.85 14.81 -19.58
N THR P 285 22.36 15.82 -18.86
CA THR P 285 21.53 16.80 -18.18
C THR P 285 21.76 18.22 -18.69
N SER P 286 22.38 18.36 -19.86
CA SER P 286 22.64 19.67 -20.43
C SER P 286 21.33 20.30 -20.92
N GLU P 287 21.43 21.56 -21.37
CA GLU P 287 20.24 22.26 -21.86
C GLU P 287 19.63 21.53 -23.06
N GLU P 288 20.47 21.15 -24.03
CA GLU P 288 19.96 20.59 -25.27
C GLU P 288 19.27 19.24 -25.04
N CYS P 289 19.92 18.34 -24.29
CA CYS P 289 19.33 17.03 -24.07
C CYS P 289 18.12 17.10 -23.14
N SER P 290 18.18 17.95 -22.11
CA SER P 290 17.04 18.10 -21.22
C SER P 290 15.83 18.66 -21.96
N GLN P 291 16.06 19.62 -22.87
CA GLN P 291 14.96 20.14 -23.67
C GLN P 291 14.49 19.16 -24.73
N ASN P 292 15.36 18.27 -25.19
CA ASN P 292 15.01 17.31 -26.23
C ASN P 292 14.39 16.04 -25.63
N GLN P 293 13.83 15.22 -26.51
CA GLN P 293 13.26 13.94 -26.10
C GLN P 293 14.20 12.77 -26.32
N THR P 294 15.17 12.90 -27.22
CA THR P 294 16.19 11.87 -27.45
C THR P 294 17.45 12.23 -26.67
N LYS P 295 17.47 11.81 -25.40
CA LYS P 295 18.60 12.09 -24.54
C LYS P 295 19.85 11.37 -25.02
N GLY P 296 21.01 11.93 -24.65
CA GLY P 296 22.30 11.37 -25.03
C GLY P 296 22.95 10.70 -23.83
N GLN P 297 23.59 9.56 -24.08
CA GLN P 297 24.32 8.83 -23.06
C GLN P 297 25.74 9.33 -23.02
N LEU P 298 26.21 9.71 -21.83
CA LEU P 298 27.42 10.51 -21.66
C LEU P 298 28.50 9.70 -20.96
N PHE P 299 29.73 9.79 -21.49
CA PHE P 299 30.85 8.98 -21.04
C PHE P 299 31.80 9.78 -20.17
N MET P 300 32.47 9.11 -19.24
CA MET P 300 33.43 9.77 -18.38
C MET P 300 34.61 10.28 -19.18
N SER P 301 35.17 11.42 -18.73
CA SER P 301 36.38 11.99 -19.30
C SER P 301 37.35 12.20 -18.13
N THR P 302 38.27 11.26 -17.95
CA THR P 302 39.20 11.33 -16.82
C THR P 302 40.10 12.55 -16.92
N ARG P 303 40.59 12.85 -18.12
CA ARG P 303 41.49 14.00 -18.30
C ARG P 303 40.78 15.32 -18.03
N ALA P 304 39.47 15.39 -18.29
CA ALA P 304 38.71 16.60 -18.04
C ALA P 304 38.15 16.67 -16.63
N SER P 305 38.23 15.58 -15.86
CA SER P 305 37.74 15.59 -14.49
C SER P 305 38.71 16.34 -13.58
N LYS P 306 38.19 16.81 -12.46
CA LYS P 306 38.98 17.49 -11.44
C LYS P 306 39.37 16.49 -10.37
N PHE P 307 40.68 16.33 -10.17
CA PHE P 307 41.21 15.41 -9.18
C PHE P 307 42.02 16.17 -8.14
N SER P 308 42.18 15.55 -6.98
CA SER P 308 42.99 16.09 -5.89
C SER P 308 43.93 15.01 -5.39
N ALA P 309 45.19 15.37 -5.20
CA ALA P 309 46.13 14.49 -4.53
C ALA P 309 45.68 14.31 -3.09
N PHE P 310 45.32 13.10 -2.70
CA PHE P 310 44.68 12.84 -1.42
C PHE P 310 45.55 11.91 -0.58
N GLN P 311 45.75 12.30 0.67
CA GLN P 311 46.40 11.48 1.68
C GLN P 311 45.59 11.53 2.96
N GLU P 312 45.58 10.41 3.68
CA GLU P 312 44.89 10.33 4.98
C GLU P 312 45.92 9.92 6.01
N CYS P 313 46.53 10.91 6.66
CA CYS P 313 47.51 10.66 7.70
C CYS P 313 46.81 10.48 9.05
N LYS P 314 47.57 9.92 10.00
CA LYS P 314 47.05 9.68 11.34
C LYS P 314 48.03 10.28 12.34
N ILE P 315 47.59 11.33 13.05
CA ILE P 315 48.41 11.97 14.07
C ILE P 315 48.08 11.34 15.41
N GLN P 316 49.04 11.36 16.33
CA GLN P 316 48.88 10.73 17.63
C GLN P 316 49.42 11.66 18.72
N GLU P 317 48.89 11.49 19.93
CA GLU P 317 49.32 12.31 21.05
C GLU P 317 50.76 12.00 21.44
N LEU P 318 51.52 13.04 21.73
CA LEU P 318 52.85 12.86 22.29
C LEU P 318 52.75 12.37 23.73
N SER P 319 53.83 11.73 24.20
CA SER P 319 53.86 11.19 25.55
C SER P 319 53.69 12.29 26.61
N GLN P 320 54.09 13.53 26.29
CA GLN P 320 53.93 14.62 27.25
C GLN P 320 52.51 15.16 27.27
N GLN P 321 51.67 14.77 26.32
CA GLN P 321 50.29 15.25 26.26
C GLN P 321 49.28 14.27 26.84
N VAL P 322 49.61 12.98 26.90
CA VAL P 322 48.68 11.99 27.43
C VAL P 322 48.56 12.15 28.94
N PRO P 323 47.35 12.16 29.51
CA PRO P 323 47.22 12.24 30.97
C PRO P 323 47.75 11.01 31.67
N VAL P 324 47.67 11.01 33.00
CA VAL P 324 48.23 9.90 33.78
C VAL P 324 47.34 8.68 33.63
N GLY P 325 47.94 7.56 33.25
CA GLY P 325 47.22 6.30 33.12
C GLY P 325 46.37 6.16 31.89
N HIS P 326 46.57 7.00 30.87
CA HIS P 326 45.76 6.98 29.66
C HIS P 326 46.59 6.49 28.48
N ILE P 327 45.88 5.99 27.47
CA ILE P 327 46.47 5.55 26.21
C ILE P 327 46.26 6.66 25.18
N PRO P 328 47.30 7.08 24.46
CA PRO P 328 47.12 8.15 23.48
C PRO P 328 46.12 7.77 22.41
N ARG P 329 45.34 8.76 21.98
CA ARG P 329 44.34 8.59 20.94
C ARG P 329 44.75 9.35 19.69
N SER P 330 44.28 8.89 18.55
CA SER P 330 44.72 9.38 17.25
C SER P 330 43.65 10.25 16.60
N LEU P 331 44.09 11.01 15.59
CA LEU P 331 43.23 11.90 14.84
C LEU P 331 43.54 11.77 13.36
N ASN P 332 42.49 11.81 12.54
CA ASN P 332 42.63 11.67 11.09
C ASN P 332 42.89 13.02 10.45
N ILE P 333 43.92 13.09 9.61
CA ILE P 333 44.30 14.30 8.89
C ILE P 333 44.10 14.06 7.40
N HIS P 334 43.33 14.93 6.77
CA HIS P 334 43.04 14.85 5.35
C HIS P 334 43.90 15.87 4.61
N VAL P 335 44.94 15.38 3.92
CA VAL P 335 45.87 16.23 3.21
C VAL P 335 45.51 16.23 1.73
N ASN P 336 45.33 17.41 1.16
CA ASN P 336 44.87 17.57 -0.21
C ASN P 336 45.74 18.59 -0.94
N GLY P 337 45.80 18.45 -2.26
CA GLY P 337 46.52 19.41 -3.08
C GLY P 337 48.03 19.21 -3.03
N THR P 338 48.74 20.33 -3.13
CA THR P 338 50.20 20.33 -3.16
C THR P 338 50.79 20.02 -1.80
N LEU P 339 49.95 19.97 -0.76
CA LEU P 339 50.42 19.72 0.60
C LEU P 339 50.74 18.26 0.85
N VAL P 340 50.44 17.37 -0.10
CA VAL P 340 50.70 15.95 0.10
C VAL P 340 52.20 15.68 0.17
N ARG P 341 52.54 14.52 0.73
CA ARG P 341 53.93 14.07 0.92
C ARG P 341 54.71 14.98 1.86
N SER P 342 54.02 15.83 2.61
CA SER P 342 54.65 16.66 3.63
C SER P 342 54.60 16.02 5.02
N LEU P 343 53.90 14.91 5.18
CA LEU P 343 53.80 14.19 6.44
C LEU P 343 54.25 12.76 6.24
N SER P 344 55.14 12.28 7.11
CA SER P 344 55.63 10.92 7.09
C SER P 344 55.54 10.34 8.49
N PRO P 345 55.40 9.01 8.60
CA PRO P 345 55.31 8.40 9.93
C PRO P 345 56.55 8.70 10.76
N GLY P 346 56.34 8.94 12.05
CA GLY P 346 57.40 9.31 12.94
C GLY P 346 57.67 10.80 13.06
N ASP P 347 57.04 11.62 12.22
CA ASP P 347 57.25 13.06 12.27
C ASP P 347 56.50 13.65 13.46
N ILE P 348 57.20 14.48 14.23
CA ILE P 348 56.59 15.25 15.32
C ILE P 348 56.28 16.63 14.74
N VAL P 349 55.00 16.91 14.54
CA VAL P 349 54.59 18.07 13.76
C VAL P 349 53.46 18.84 14.44
N ASP P 350 53.41 20.13 14.13
CA ASP P 350 52.25 20.99 14.39
C ASP P 350 51.47 21.09 13.08
N VAL P 351 50.31 20.45 13.02
CA VAL P 351 49.48 20.45 11.83
C VAL P 351 48.33 21.41 12.06
N THR P 352 48.24 22.45 11.25
CA THR P 352 47.17 23.42 11.30
C THR P 352 46.18 23.13 10.18
N GLY P 353 44.90 23.00 10.54
CA GLY P 353 43.89 22.68 9.54
C GLY P 353 42.51 22.97 10.07
N ILE P 354 41.54 22.82 9.17
CA ILE P 354 40.13 23.06 9.50
C ILE P 354 39.56 21.76 10.06
N PHE P 355 39.12 21.81 11.32
CA PHE P 355 38.52 20.66 11.97
C PHE P 355 37.09 20.52 11.44
N LEU P 356 36.85 19.47 10.66
CA LEU P 356 35.59 19.33 9.93
C LEU P 356 34.94 18.00 10.27
N PRO P 357 33.61 17.94 10.24
CA PRO P 357 32.90 16.69 10.49
C PRO P 357 32.70 15.87 9.22
N ALA P 358 32.53 14.58 9.42
CA ALA P 358 32.33 13.61 8.36
C ALA P 358 31.15 12.72 8.72
N PRO P 359 30.49 12.12 7.72
CA PRO P 359 29.36 11.23 8.02
C PRO P 359 29.79 10.04 8.86
N TYR P 360 28.87 9.57 9.69
CA TYR P 360 29.15 8.50 10.63
C TYR P 360 29.53 7.22 9.88
N THR P 361 30.55 6.52 10.40
CA THR P 361 31.03 5.30 9.79
C THR P 361 31.06 4.12 10.76
N GLY P 362 30.59 4.30 11.99
CA GLY P 362 30.56 3.22 12.95
C GLY P 362 29.35 2.31 12.76
N PHE P 363 29.12 1.47 13.77
CA PHE P 363 27.98 0.56 13.72
C PHE P 363 26.67 1.34 13.76
N LYS P 364 25.73 0.93 12.91
CA LYS P 364 24.46 1.65 12.82
C LYS P 364 23.63 1.51 14.09
N ALA P 365 23.70 0.36 14.76
CA ALA P 365 22.95 0.15 15.99
C ALA P 365 23.44 1.03 17.13
N LEU P 366 24.67 1.54 17.05
CA LEU P 366 25.24 2.38 18.08
C LEU P 366 25.06 3.87 17.78
N LYS P 367 24.34 4.21 16.71
CA LYS P 367 24.14 5.61 16.35
C LYS P 367 22.97 6.17 17.16
N ALA P 368 23.25 7.17 17.99
CA ALA P 368 22.26 7.84 18.81
C ALA P 368 22.26 9.32 18.41
N GLY P 369 21.44 9.65 17.41
CA GLY P 369 21.39 10.99 16.88
C GLY P 369 22.15 11.13 15.58
N LEU P 370 22.57 12.35 15.30
CA LEU P 370 23.36 12.65 14.11
C LEU P 370 24.84 12.67 14.46
N LEU P 371 25.35 11.48 14.81
CA LEU P 371 26.76 11.34 15.12
C LEU P 371 27.61 11.54 13.88
N THR P 372 28.75 12.20 14.05
CA THR P 372 29.62 12.53 12.92
C THR P 372 31.07 12.20 13.27
N GLU P 373 31.75 11.58 12.31
CA GLU P 373 33.20 11.44 12.41
C GLU P 373 33.88 12.77 12.11
N THR P 374 35.11 12.90 12.61
CA THR P 374 35.85 14.15 12.45
C THR P 374 37.22 13.89 11.84
N TYR P 375 37.71 14.88 11.12
CA TYR P 375 39.04 14.86 10.56
C TYR P 375 39.58 16.28 10.53
N LEU P 376 40.85 16.42 10.16
CA LEU P 376 41.51 17.71 10.09
C LEU P 376 41.96 17.94 8.65
N GLU P 377 41.27 18.85 7.96
CA GLU P 377 41.67 19.23 6.61
C GLU P 377 42.94 20.08 6.69
N ALA P 378 44.09 19.44 6.53
CA ALA P 378 45.37 20.09 6.79
C ALA P 378 45.58 21.28 5.87
N GLN P 379 46.04 22.38 6.45
CA GLN P 379 46.39 23.59 5.71
C GLN P 379 47.85 23.96 5.83
N PHE P 380 48.51 23.62 6.93
CA PHE P 380 49.90 23.95 7.16
C PHE P 380 50.54 22.89 8.03
N VAL P 381 51.83 22.65 7.81
CA VAL P 381 52.60 21.68 8.58
C VAL P 381 53.89 22.33 9.04
N ARG P 382 54.15 22.28 10.35
CA ARG P 382 55.40 22.76 10.92
C ARG P 382 56.13 21.58 11.52
N GLN P 383 57.36 21.35 11.05
CA GLN P 383 58.17 20.22 11.50
C GLN P 383 59.02 20.65 12.69
N HIS P 384 58.89 19.93 13.80
CA HIS P 384 59.73 20.21 14.96
C HIS P 384 61.19 19.95 14.67
N LYS P 385 61.48 18.86 13.97
CA LYS P 385 62.84 18.48 13.58
C LYS P 385 62.91 18.51 12.06
N LYS P 386 63.49 19.57 11.51
CA LYS P 386 63.62 19.69 10.06
C LYS P 386 64.52 18.58 9.52
N LYS P 387 64.07 17.94 8.45
CA LYS P 387 64.83 16.84 7.87
C LYS P 387 66.11 17.37 7.22
N PHE P 388 67.16 16.53 7.25
CA PHE P 388 68.42 16.90 6.65
C PHE P 388 68.33 17.04 5.13
N ALA P 389 67.36 16.37 4.50
CA ALA P 389 67.23 16.45 3.05
C ALA P 389 66.63 17.77 2.59
N SER P 390 65.79 18.39 3.41
CA SER P 390 65.12 19.63 3.06
C SER P 390 65.93 20.87 3.45
N PHE P 391 67.25 20.75 3.58
CA PHE P 391 68.08 21.88 3.97
C PHE P 391 68.33 22.80 2.78
N SER P 392 68.16 24.10 2.99
CA SER P 392 68.46 25.12 2.00
C SER P 392 69.27 26.22 2.66
N LEU P 393 70.31 26.69 1.96
CA LEU P 393 71.21 27.71 2.50
C LEU P 393 70.63 29.11 2.23
N THR P 394 69.57 29.42 2.97
CA THR P 394 69.00 30.76 2.93
C THR P 394 69.85 31.70 3.78
N SER P 395 69.42 32.96 3.86
CA SER P 395 70.22 33.97 4.53
C SER P 395 70.33 33.72 6.04
N ASP P 396 69.22 33.35 6.67
CA ASP P 396 69.20 33.24 8.13
C ASP P 396 69.97 31.96 8.47
N VAL P 397 69.78 30.90 7.69
CA VAL P 397 70.60 29.71 7.92
C VAL P 397 72.13 30.02 7.82
N GLU P 398 72.49 30.77 6.78
CA GLU P 398 73.86 31.28 6.67
C GLU P 398 74.44 32.13 7.80
N GLU P 399 73.68 33.11 8.28
CA GLU P 399 74.13 33.94 9.38
C GLU P 399 74.37 33.11 10.63
N ARG P 400 73.46 32.18 10.93
CA ARG P 400 73.63 31.32 12.10
C ARG P 400 74.87 30.45 11.97
N VAL P 401 75.14 29.92 10.77
CA VAL P 401 76.29 29.04 10.60
C VAL P 401 77.57 29.84 10.74
N MET P 402 77.62 31.06 10.19
CA MET P 402 78.82 31.87 10.43
C MET P 402 78.97 32.27 11.90
N GLU P 403 77.86 32.56 12.57
CA GLU P 403 78.01 32.85 14.00
C GLU P 403 78.42 31.64 14.82
N LEU P 404 78.19 30.44 14.31
CA LEU P 404 78.71 29.23 14.95
C LEU P 404 80.19 29.02 14.63
N ILE P 405 80.58 29.25 13.37
CA ILE P 405 81.96 29.00 12.95
C ILE P 405 82.90 30.03 13.55
N THR P 406 82.53 31.31 13.48
CA THR P 406 83.39 32.39 13.96
C THR P 406 83.63 32.29 15.45
N SER P 407 82.72 31.65 16.19
CA SER P 407 82.96 31.38 17.59
C SER P 407 84.14 30.43 17.80
N GLY P 408 84.47 29.65 16.78
CA GLY P 408 85.63 28.77 16.84
C GLY P 408 85.35 27.48 17.58
N ASP P 409 86.23 26.52 17.37
CA ASP P 409 86.18 25.21 18.04
C ASP P 409 84.83 24.54 17.79
N VAL P 410 84.46 24.43 16.52
CA VAL P 410 83.16 23.88 16.15
C VAL P 410 83.05 22.41 16.56
N TYR P 411 84.11 21.64 16.31
CA TYR P 411 84.06 20.20 16.60
C TYR P 411 83.82 19.94 18.09
N ASN P 412 84.63 20.55 18.95
CA ASN P 412 84.50 20.34 20.39
C ASN P 412 83.22 20.95 20.95
N ARG P 413 82.82 22.12 20.44
CA ARG P 413 81.57 22.72 20.91
C ARG P 413 80.39 21.83 20.57
N LEU P 414 80.35 21.30 19.35
CA LEU P 414 79.24 20.44 18.95
C LEU P 414 79.26 19.13 19.72
N ALA P 415 80.44 18.55 19.92
CA ALA P 415 80.52 17.29 20.66
C ALA P 415 80.09 17.46 22.11
N LYS P 416 80.53 18.52 22.77
CA LYS P 416 80.24 18.75 24.21
C LYS P 416 78.80 19.22 24.40
N SER P 417 78.18 19.70 23.32
CA SER P 417 76.80 20.15 23.41
C SER P 417 75.81 18.99 23.30
N ILE P 418 76.29 17.79 22.98
CA ILE P 418 75.43 16.61 22.90
C ILE P 418 75.23 16.10 24.33
N ALA P 419 74.01 16.25 24.84
CA ALA P 419 73.68 15.92 26.22
C ALA P 419 74.66 16.56 27.19
N PRO P 420 74.52 17.89 27.45
CA PRO P 420 75.49 18.57 28.25
C PRO P 420 75.44 18.26 29.75
N GLU P 421 74.35 17.70 30.24
CA GLU P 421 74.25 17.25 31.66
C GLU P 421 74.95 15.89 31.90
N ILE P 422 75.18 15.17 30.80
CA ILE P 422 76.01 13.92 30.85
C ILE P 422 77.38 14.56 30.93
N TYR P 423 78.27 14.07 31.78
CA TYR P 423 79.56 14.74 32.02
C TYR P 423 80.72 13.82 31.71
N GLY P 424 81.76 14.33 31.07
CA GLY P 424 82.98 13.53 30.95
C GLY P 424 82.93 12.40 29.98
N ASN P 425 82.14 12.54 28.93
CA ASN P 425 82.20 11.48 27.92
C ASN P 425 82.45 12.24 26.64
N LEU P 426 83.66 12.72 26.44
CA LEU P 426 83.94 13.63 25.30
C LEU P 426 84.30 12.80 24.08
N ASP P 427 85.15 11.79 24.21
CA ASP P 427 85.33 10.93 23.04
C ASP P 427 84.01 10.29 22.63
N VAL P 428 83.17 9.94 23.61
CA VAL P 428 81.88 9.34 23.32
C VAL P 428 81.02 10.30 22.52
N LYS P 429 80.97 11.56 22.96
CA LYS P 429 80.17 12.57 22.28
C LYS P 429 80.75 12.92 20.92
N LYS P 430 82.08 12.89 20.78
CA LYS P 430 82.69 13.10 19.48
C LYS P 430 82.29 11.99 18.50
N ALA P 431 82.34 10.74 18.94
CA ALA P 431 81.93 9.64 18.07
C ALA P 431 80.45 9.73 17.72
N LEU P 432 79.62 10.14 18.69
CA LEU P 432 78.20 10.31 18.41
C LEU P 432 77.96 11.43 17.40
N LEU P 433 78.71 12.52 17.50
CA LEU P 433 78.59 13.60 16.54
C LEU P 433 79.02 13.15 15.15
N LEU P 434 80.09 12.35 15.07
CA LEU P 434 80.50 11.80 13.78
C LEU P 434 79.42 10.87 13.21
N LEU P 435 78.78 10.08 14.06
CA LEU P 435 77.66 9.25 13.62
C LEU P 435 76.52 10.10 13.08
N LEU P 436 76.22 11.21 13.76
CA LEU P 436 75.18 12.12 13.28
C LEU P 436 75.53 12.69 11.92
N VAL P 437 76.77 13.15 11.76
CA VAL P 437 77.20 13.70 10.47
C VAL P 437 77.32 12.59 9.43
N GLY P 438 77.94 11.47 9.81
CA GLY P 438 78.13 10.37 8.89
C GLY P 438 79.19 10.64 7.84
N GLY P 439 79.70 9.59 7.21
CA GLY P 439 80.70 9.71 6.18
C GLY P 439 80.10 10.10 4.84
N VAL P 440 80.80 9.76 3.75
CA VAL P 440 80.39 10.11 2.36
C VAL P 440 80.08 8.84 1.58
N ASP P 441 78.82 8.61 1.22
CA ASP P 441 78.37 7.38 0.53
C ASP P 441 79.00 7.28 -0.84
N LYS P 442 79.62 6.14 -1.16
CA LYS P 442 80.33 6.05 -2.46
C LYS P 442 79.70 4.99 -3.33
N ARG P 443 79.28 5.35 -4.52
CA ARG P 443 78.75 4.35 -5.48
C ARG P 443 79.81 4.19 -6.56
N VAL P 444 80.44 3.02 -6.61
CA VAL P 444 81.48 2.74 -7.63
C VAL P 444 80.75 2.43 -8.93
N GLY P 445 81.37 2.71 -10.08
CA GLY P 445 80.69 2.56 -11.38
C GLY P 445 80.19 1.17 -11.66
N ASP P 446 80.78 0.15 -11.03
CA ASP P 446 80.41 -1.26 -11.30
C ASP P 446 79.03 -1.52 -10.71
N GLY P 447 78.50 -0.55 -9.97
CA GLY P 447 77.18 -0.70 -9.32
C GLY P 447 77.39 -0.97 -7.84
N MET P 448 78.64 -1.12 -7.44
CA MET P 448 78.97 -1.37 -6.02
C MET P 448 78.55 -0.14 -5.21
N LYS P 449 78.24 -0.33 -3.93
CA LYS P 449 77.88 0.80 -3.05
C LYS P 449 78.69 0.62 -1.77
N ILE P 450 79.21 1.71 -1.20
CA ILE P 450 79.88 1.63 0.12
C ILE P 450 78.96 2.34 1.11
N ARG P 451 78.88 1.89 2.35
CA ARG P 451 77.84 2.36 3.30
C ARG P 451 77.87 3.85 3.58
N GLY P 452 79.02 4.44 3.88
CA GLY P 452 78.99 5.89 4.09
C GLY P 452 78.40 6.31 5.42
N ASP P 453 77.98 5.38 6.28
CA ASP P 453 77.31 5.77 7.54
C ASP P 453 78.06 5.10 8.67
N ILE P 454 78.17 5.74 9.82
CA ILE P 454 78.99 5.19 10.93
C ILE P 454 78.10 4.50 11.96
N ASN P 455 78.30 3.21 12.23
CA ASN P 455 77.66 2.50 13.32
C ASN P 455 78.57 2.54 14.55
N VAL P 456 78.01 2.90 15.69
CA VAL P 456 78.78 3.05 16.92
C VAL P 456 78.15 2.17 18.00
N CYS P 457 78.99 1.37 18.66
CA CYS P 457 78.56 0.50 19.74
C CYS P 457 79.19 0.99 21.05
N LEU P 458 78.37 1.18 22.07
CA LEU P 458 78.81 1.61 23.39
C LEU P 458 78.55 0.46 24.34
N MET P 459 79.57 -0.35 24.60
CA MET P 459 79.46 -1.38 25.63
C MET P 459 79.99 -0.80 26.93
N GLY P 460 79.24 -0.88 28.01
CA GLY P 460 79.81 -0.29 29.22
C GLY P 460 79.25 -0.85 30.49
N ASP P 461 79.70 -0.32 31.62
CA ASP P 461 79.23 -0.82 32.92
C ASP P 461 77.88 -0.19 33.21
N PRO P 462 77.13 -0.65 34.22
CA PRO P 462 75.90 0.03 34.57
C PRO P 462 76.10 1.45 35.10
N GLY P 463 75.11 2.33 34.91
CA GLY P 463 75.14 3.71 35.43
C GLY P 463 76.12 4.63 34.75
N VAL P 464 76.52 4.31 33.50
CA VAL P 464 77.53 5.14 32.75
C VAL P 464 76.88 6.07 31.73
N ALA P 465 75.54 6.13 31.67
CA ALA P 465 74.79 7.02 30.76
C ALA P 465 74.78 6.59 29.30
N LYS P 466 74.88 5.31 28.99
CA LYS P 466 74.78 4.86 27.60
C LYS P 466 73.36 5.10 27.13
N SER P 467 72.35 4.81 27.92
CA SER P 467 70.93 4.98 27.56
C SER P 467 70.57 6.44 27.48
N GLN P 468 71.12 7.29 28.36
CA GLN P 468 70.89 8.75 28.29
C GLN P 468 71.52 9.32 27.02
N LEU P 469 72.69 8.85 26.60
CA LEU P 469 73.33 9.26 25.32
C LEU P 469 72.49 8.79 24.13
N LEU P 470 71.80 7.64 24.20
CA LEU P 470 70.94 7.18 23.12
C LEU P 470 69.75 8.10 22.91
N LYS P 471 69.08 8.50 23.99
CA LYS P 471 67.95 9.41 23.85
C LYS P 471 68.40 10.81 23.45
N ALA P 472 69.60 11.22 23.86
CA ALA P 472 70.14 12.48 23.37
C ALA P 472 70.30 12.46 21.85
N ILE P 473 70.85 11.37 21.31
CA ILE P 473 71.01 11.26 19.87
C ILE P 473 69.65 11.19 19.18
N CYS P 474 68.70 10.49 19.80
CA CYS P 474 67.35 10.43 19.23
C CYS P 474 66.72 11.80 19.17
N LYS P 475 66.90 12.61 20.22
CA LYS P 475 66.37 13.96 20.23
C LYS P 475 67.04 14.82 19.17
N ILE P 476 68.36 14.68 19.00
CA ILE P 476 69.07 15.48 18.00
C ILE P 476 68.66 15.07 16.59
N SER P 477 68.60 13.77 16.33
CA SER P 477 68.36 13.29 14.97
C SER P 477 66.93 13.61 14.54
N PRO P 478 66.74 14.14 13.32
CA PRO P 478 65.38 14.33 12.81
C PRO P 478 64.63 13.03 12.61
N ARG P 479 65.34 11.95 12.26
CA ARG P 479 64.75 10.63 12.12
C ARG P 479 65.50 9.70 13.07
N GLY P 480 65.06 9.66 14.33
CA GLY P 480 65.68 8.82 15.32
C GLY P 480 64.71 7.88 15.98
N VAL P 481 65.02 6.59 16.00
CA VAL P 481 64.14 5.58 16.56
C VAL P 481 64.87 4.90 17.72
N TYR P 482 64.31 5.03 18.91
CA TYR P 482 64.86 4.40 20.11
C TYR P 482 64.12 3.10 20.37
N THR P 483 64.86 1.99 20.40
CA THR P 483 64.27 0.68 20.63
C THR P 483 65.04 -0.03 21.74
N THR P 484 64.37 -0.99 22.38
CA THR P 484 64.96 -1.83 23.40
C THR P 484 64.87 -3.27 22.96
N GLY P 485 65.99 -3.99 23.02
CA GLY P 485 66.00 -5.38 22.60
C GLY P 485 65.14 -6.24 23.50
N LYS P 486 64.58 -7.30 22.90
CA LYS P 486 63.71 -8.24 23.61
C LYS P 486 62.54 -7.53 24.30
N GLY P 487 62.00 -6.51 23.62
CA GLY P 487 60.80 -5.86 24.09
C GLY P 487 59.63 -6.26 23.21
N SER P 488 59.26 -5.37 22.28
CA SER P 488 58.30 -5.70 21.23
C SER P 488 58.84 -5.33 19.86
N SER P 489 60.16 -5.26 19.70
CA SER P 489 60.79 -4.84 18.46
C SER P 489 61.12 -6.00 17.54
N GLY P 490 60.67 -7.22 17.85
CA GLY P 490 60.91 -8.34 16.95
C GLY P 490 60.30 -8.10 15.58
N VAL P 491 59.06 -7.61 15.55
CA VAL P 491 58.49 -7.14 14.30
C VAL P 491 59.00 -5.74 13.99
N GLY P 492 59.49 -5.01 15.00
CA GLY P 492 59.99 -3.68 14.76
C GLY P 492 61.22 -3.65 13.87
N LEU P 493 62.14 -4.59 14.05
CA LEU P 493 63.29 -4.66 13.18
C LEU P 493 62.96 -5.43 11.91
N THR P 494 61.84 -5.08 11.28
CA THR P 494 61.31 -5.70 10.07
C THR P 494 60.10 -4.84 9.69
N ALA P 495 59.42 -5.20 8.59
CA ALA P 495 58.16 -4.57 8.22
C ALA P 495 57.04 -5.61 8.22
N ALA P 496 55.84 -5.15 8.52
CA ALA P 496 54.67 -6.03 8.60
C ALA P 496 53.67 -5.68 7.50
N VAL P 497 53.28 -6.69 6.74
CA VAL P 497 52.32 -6.50 5.65
C VAL P 497 50.91 -6.45 6.22
N MET P 498 50.16 -5.41 5.87
CA MET P 498 48.78 -5.20 6.27
C MET P 498 48.01 -4.65 5.07
N LYS P 499 46.74 -4.32 5.31
CA LYS P 499 45.89 -3.63 4.34
C LYS P 499 45.78 -2.17 4.72
N ASP P 500 45.96 -1.30 3.74
CA ASP P 500 45.66 0.11 3.94
C ASP P 500 44.16 0.31 4.03
N PRO P 501 43.64 0.87 5.13
CA PRO P 501 42.18 1.08 5.20
C PRO P 501 41.69 2.13 4.23
N VAL P 502 42.48 3.16 3.97
CA VAL P 502 42.06 4.24 3.09
C VAL P 502 41.99 3.76 1.65
N THR P 503 43.03 3.06 1.19
CA THR P 503 43.12 2.59 -0.19
C THR P 503 43.20 1.07 -0.18
N ASP P 504 42.41 0.43 -1.04
CA ASP P 504 42.31 -1.03 -1.03
C ASP P 504 43.57 -1.66 -1.59
N GLU P 505 44.66 -1.60 -0.81
CA GLU P 505 45.93 -2.17 -1.22
C GLU P 505 46.56 -2.90 -0.04
N MET P 506 47.43 -3.85 -0.36
CA MET P 506 48.30 -4.49 0.63
C MET P 506 49.62 -3.73 0.66
N ILE P 507 49.91 -3.11 1.80
CA ILE P 507 51.14 -2.36 1.99
C ILE P 507 51.81 -2.87 3.25
N LEU P 508 53.13 -3.00 3.20
CA LEU P 508 53.89 -3.40 4.38
C LEU P 508 54.40 -2.15 5.07
N GLU P 509 53.95 -1.94 6.31
CA GLU P 509 54.38 -0.82 7.12
C GLU P 509 55.71 -1.16 7.77
N GLY P 510 56.68 -0.26 7.63
CA GLY P 510 57.99 -0.50 8.17
C GLY P 510 58.02 -0.37 9.68
N GLY P 511 59.04 -0.96 10.28
CA GLY P 511 59.24 -0.93 11.70
C GLY P 511 60.39 -0.03 12.11
N ALA P 512 61.12 -0.45 13.13
CA ALA P 512 62.19 0.37 13.68
C ALA P 512 63.30 0.62 12.66
N LEU P 513 63.80 -0.43 12.03
CA LEU P 513 64.88 -0.28 11.08
C LEU P 513 64.44 0.39 9.78
N VAL P 514 63.14 0.47 9.53
CA VAL P 514 62.63 1.03 8.29
C VAL P 514 62.17 2.47 8.54
N LEU P 515 61.53 2.72 9.69
CA LEU P 515 61.11 4.08 9.99
C LEU P 515 62.33 4.98 10.23
N ALA P 516 63.41 4.42 10.77
CA ALA P 516 64.66 5.15 10.91
C ALA P 516 65.53 4.99 9.66
N ASP P 517 64.94 5.22 8.50
CA ASP P 517 65.66 5.16 7.24
C ASP P 517 66.24 6.55 6.94
N ASN P 518 67.50 6.58 6.52
CA ASN P 518 68.27 7.82 6.40
C ASN P 518 68.37 8.55 7.73
N GLY P 519 68.23 7.82 8.83
CA GLY P 519 68.30 8.36 10.18
C GLY P 519 69.18 7.51 11.06
N ILE P 520 68.81 7.45 12.34
CA ILE P 520 69.60 6.74 13.35
C ILE P 520 68.66 5.85 14.15
N CYS P 521 69.04 4.58 14.30
CA CYS P 521 68.37 3.64 15.18
C CYS P 521 69.24 3.43 16.42
N CYS P 522 68.75 3.90 17.56
CA CYS P 522 69.44 3.72 18.84
C CYS P 522 68.84 2.48 19.52
N ILE P 523 69.61 1.41 19.54
CA ILE P 523 69.18 0.13 20.07
C ILE P 523 69.83 -0.07 21.44
N ASP P 524 69.03 0.05 22.48
CA ASP P 524 69.47 -0.21 23.85
C ASP P 524 69.34 -1.69 24.15
N GLU P 525 70.15 -2.15 25.10
CA GLU P 525 70.21 -3.57 25.47
C GLU P 525 70.52 -4.43 24.23
N PHE P 526 71.58 -4.05 23.51
CA PHE P 526 71.91 -4.73 22.25
C PHE P 526 72.24 -6.20 22.46
N ASP P 527 72.81 -6.56 23.61
CA ASP P 527 73.21 -7.93 23.86
C ASP P 527 72.04 -8.86 24.18
N LYS P 528 70.80 -8.37 24.11
CA LYS P 528 69.62 -9.12 24.52
C LYS P 528 68.55 -9.10 23.43
N MET P 529 68.93 -9.39 22.20
CA MET P 529 67.98 -9.50 21.11
C MET P 529 67.88 -10.93 20.61
N ASP P 530 66.84 -11.19 19.82
CA ASP P 530 66.66 -12.50 19.20
C ASP P 530 67.64 -12.69 18.04
N GLU P 531 67.80 -13.95 17.62
CA GLU P 531 68.71 -14.26 16.54
C GLU P 531 68.25 -13.62 15.22
N SER P 532 66.95 -13.65 14.95
CA SER P 532 66.45 -13.02 13.73
C SER P 532 66.71 -11.52 13.73
N ASP P 533 66.48 -10.87 14.87
CA ASP P 533 66.76 -9.45 14.99
C ASP P 533 68.25 -9.17 14.78
N ARG P 534 69.12 -10.01 15.33
CA ARG P 534 70.55 -9.81 15.18
C ARG P 534 70.98 -9.96 13.71
N THR P 535 70.41 -10.95 13.01
CA THR P 535 70.71 -11.11 11.59
C THR P 535 70.21 -9.91 10.78
N ALA P 536 69.03 -9.40 11.13
CA ALA P 536 68.51 -8.21 10.46
C ALA P 536 69.43 -7.02 10.70
N ILE P 537 69.94 -6.88 11.92
CA ILE P 537 70.89 -5.80 12.22
C ILE P 537 72.17 -5.96 11.41
N HIS P 538 72.66 -7.20 11.29
CA HIS P 538 73.84 -7.46 10.46
C HIS P 538 73.61 -6.98 9.03
N GLU P 539 72.48 -7.37 8.44
CA GLU P 539 72.19 -6.99 7.07
C GLU P 539 72.04 -5.47 6.94
N VAL P 540 71.40 -4.84 7.92
CA VAL P 540 71.22 -3.39 7.87
C VAL P 540 72.56 -2.67 7.94
N MET P 541 73.44 -3.12 8.80
CA MET P 541 74.76 -2.47 9.04
C MET P 541 75.75 -2.68 7.90
N GLU P 542 75.56 -3.66 7.05
CA GLU P 542 76.48 -3.91 5.93
C GLU P 542 75.89 -3.39 4.63
N GLN P 543 74.79 -3.98 4.17
CA GLN P 543 74.17 -3.62 2.87
C GLN P 543 73.11 -2.54 2.99
N GLN P 544 72.65 -2.18 4.19
CA GLN P 544 71.63 -1.15 4.37
C GLN P 544 70.30 -1.57 3.76
N THR P 545 70.04 -2.87 3.73
CA THR P 545 68.80 -3.44 3.22
C THR P 545 68.37 -4.60 4.10
N ILE P 546 67.09 -4.93 4.02
CA ILE P 546 66.52 -6.07 4.73
C ILE P 546 65.85 -6.96 3.70
N SER P 547 66.39 -8.15 3.47
CA SER P 547 65.84 -9.09 2.50
C SER P 547 64.88 -10.02 3.23
N ILE P 548 63.60 -9.96 2.86
CA ILE P 548 62.57 -10.78 3.48
C ILE P 548 62.00 -11.72 2.42
N SER P 549 62.04 -13.02 2.68
CA SER P 549 61.43 -14.04 1.83
C SER P 549 60.58 -14.92 2.75
N LYS P 550 59.34 -14.48 3.00
CA LYS P 550 58.44 -15.18 3.90
C LYS P 550 57.13 -15.43 3.18
N ALA P 551 56.27 -16.22 3.84
CA ALA P 551 54.95 -16.52 3.27
C ALA P 551 54.18 -15.24 3.04
N GLY P 552 53.97 -14.90 1.77
CA GLY P 552 53.25 -13.70 1.40
C GLY P 552 54.11 -12.52 0.99
N ILE P 553 55.42 -12.58 1.18
CA ILE P 553 56.27 -11.42 0.88
C ILE P 553 57.62 -11.89 0.38
N ASN P 554 58.13 -11.19 -0.64
CA ASN P 554 59.48 -11.39 -1.16
C ASN P 554 60.00 -10.01 -1.58
N THR P 555 60.69 -9.35 -0.66
CA THR P 555 61.09 -7.96 -0.85
C THR P 555 62.51 -7.71 -0.34
N THR P 556 63.05 -6.58 -0.76
CA THR P 556 64.32 -6.06 -0.26
C THR P 556 64.07 -4.63 0.20
N LEU P 557 63.76 -4.47 1.48
CA LEU P 557 63.50 -3.17 2.06
C LEU P 557 64.78 -2.35 2.14
N ASN P 558 64.65 -1.04 1.92
CA ASN P 558 65.76 -0.12 2.03
C ASN P 558 65.83 0.42 3.45
N ALA P 559 66.92 0.14 4.15
CA ALA P 559 67.15 0.63 5.51
C ALA P 559 68.54 1.27 5.55
N ARG P 560 68.62 2.53 5.13
CA ARG P 560 69.87 3.28 5.17
C ARG P 560 70.06 3.92 6.55
N THR P 561 70.21 3.06 7.54
CA THR P 561 70.15 3.45 8.94
C THR P 561 71.53 3.37 9.59
N SER P 562 71.88 4.41 10.34
CA SER P 562 73.06 4.39 11.20
C SER P 562 72.66 3.80 12.54
N ILE P 563 73.36 2.74 12.95
CA ILE P 563 73.02 2.01 14.16
C ILE P 563 73.89 2.50 15.30
N LEU P 564 73.26 2.96 16.38
CA LEU P 564 73.93 3.33 17.62
C LEU P 564 73.43 2.34 18.67
N ALA P 565 74.29 1.38 19.02
CA ALA P 565 73.91 0.32 19.95
C ALA P 565 74.50 0.60 21.32
N ALA P 566 73.75 0.23 22.35
CA ALA P 566 74.22 0.27 23.73
C ALA P 566 74.11 -1.12 24.32
N ALA P 567 75.21 -1.61 24.90
CA ALA P 567 75.29 -2.98 25.37
C ALA P 567 75.94 -3.02 26.75
N ASN P 568 75.61 -4.08 27.48
CA ASN P 568 76.23 -4.41 28.75
C ASN P 568 77.20 -5.56 28.57
N PRO P 569 78.36 -5.51 29.23
CA PRO P 569 79.35 -6.58 29.04
C PRO P 569 78.90 -7.90 29.65
N LEU P 570 79.54 -8.98 29.21
CA LEU P 570 79.19 -10.32 29.73
C LEU P 570 79.17 -10.21 31.26
N TYR P 571 78.10 -10.69 31.90
CA TYR P 571 77.98 -10.68 33.38
C TYR P 571 77.49 -9.33 33.87
N GLY P 572 77.28 -8.36 32.97
CA GLY P 572 76.67 -7.07 33.34
C GLY P 572 77.67 -6.09 33.91
N ARG P 573 78.88 -6.54 34.24
CA ARG P 573 79.92 -5.67 34.82
C ARG P 573 81.25 -6.11 34.22
N TYR P 574 82.14 -5.17 33.91
CA TYR P 574 83.39 -5.55 33.22
C TYR P 574 84.29 -6.30 34.18
N ASN P 575 84.81 -7.46 33.76
CA ASN P 575 85.81 -8.17 34.59
C ASN P 575 87.14 -7.92 33.90
N PRO P 576 88.03 -7.07 34.44
CA PRO P 576 89.31 -6.77 33.81
C PRO P 576 90.20 -8.02 33.83
N ARG P 577 89.91 -8.96 34.72
CA ARG P 577 90.66 -10.22 34.71
C ARG P 577 90.39 -11.01 33.43
N LEU P 578 89.20 -10.87 32.85
CA LEU P 578 88.83 -11.64 31.67
C LEU P 578 89.15 -10.86 30.40
N SER P 579 89.31 -11.60 29.31
CA SER P 579 89.71 -11.00 28.04
C SER P 579 88.63 -10.04 27.52
N PRO P 580 89.03 -8.97 26.85
CA PRO P 580 88.01 -8.05 26.30
C PRO P 580 87.07 -8.72 25.32
N LEU P 581 87.59 -9.52 24.39
CA LEU P 581 86.73 -10.28 23.49
C LEU P 581 85.89 -11.29 24.26
N ASP P 582 86.44 -11.87 25.32
CA ASP P 582 85.67 -12.79 26.15
C ASP P 582 84.50 -12.07 26.83
N ASN P 583 84.71 -10.84 27.29
CA ASN P 583 83.66 -10.14 28.01
C ASN P 583 82.71 -9.44 27.04
N ILE P 584 83.07 -9.35 25.77
CA ILE P 584 82.22 -8.79 24.72
C ILE P 584 81.41 -9.94 24.14
N ASN P 585 80.09 -9.91 24.35
CA ASN P 585 79.19 -10.91 23.78
C ASN P 585 78.68 -10.48 22.42
N LEU P 586 79.63 -10.15 21.54
CA LEU P 586 79.34 -9.80 20.16
C LEU P 586 80.12 -10.73 19.24
N PRO P 587 79.46 -11.36 18.27
CA PRO P 587 80.21 -12.18 17.30
C PRO P 587 81.25 -11.34 16.58
N ALA P 588 82.42 -11.91 16.31
CA ALA P 588 83.50 -11.16 15.64
C ALA P 588 82.93 -10.43 14.43
N ALA P 589 81.83 -10.91 13.88
CA ALA P 589 81.23 -10.31 12.67
C ALA P 589 80.31 -9.16 13.05
N LEU P 590 79.59 -9.20 14.19
CA LEU P 590 78.80 -8.02 14.65
C LEU P 590 79.76 -6.94 15.11
N LEU P 591 80.81 -7.30 15.85
CA LEU P 591 81.81 -6.32 16.36
C LEU P 591 82.48 -5.68 15.15
N SER P 592 82.73 -6.45 14.11
CA SER P 592 83.45 -5.91 12.94
C SER P 592 82.61 -4.81 12.31
N ARG P 593 81.30 -4.97 12.30
CA ARG P 593 80.42 -4.01 11.60
C ARG P 593 80.48 -2.62 12.24
N PHE P 594 80.60 -2.55 13.56
CA PHE P 594 80.59 -1.24 14.25
C PHE P 594 81.88 -0.51 13.93
N ASP P 595 81.78 0.74 13.45
CA ASP P 595 82.96 1.53 13.04
C ASP P 595 83.72 1.92 14.29
N ILE P 596 83.02 2.13 15.41
CA ILE P 596 83.67 2.43 16.67
C ILE P 596 82.98 1.65 17.77
N LEU P 597 83.77 1.08 18.69
CA LEU P 597 83.23 0.35 19.84
C LEU P 597 83.89 0.90 21.10
N PHE P 598 83.13 1.68 21.87
CA PHE P 598 83.58 2.24 23.14
C PHE P 598 83.34 1.27 24.28
N LEU P 599 84.28 1.27 25.23
CA LEU P 599 84.24 0.43 26.41
C LEU P 599 84.14 1.39 27.59
N MET P 600 82.92 1.73 27.97
CA MET P 600 82.68 2.75 29.00
C MET P 600 82.68 2.06 30.36
N LEU P 601 83.83 2.09 31.01
CA LEU P 601 84.03 1.42 32.29
C LEU P 601 83.89 2.42 33.44
N ASP P 602 83.25 1.98 34.52
CA ASP P 602 83.02 2.82 35.70
C ASP P 602 84.00 2.39 36.79
N ILE P 603 85.19 2.97 36.76
CA ILE P 603 86.20 2.71 37.78
C ILE P 603 86.07 3.77 38.88
N PRO P 604 86.05 3.37 40.16
CA PRO P 604 85.96 4.35 41.23
C PRO P 604 87.22 5.22 41.31
N SER P 605 87.03 6.46 41.73
CA SER P 605 88.12 7.41 41.88
C SER P 605 87.68 8.49 42.85
N ARG P 606 88.63 9.33 43.25
CA ARG P 606 88.32 10.42 44.16
C ARG P 606 88.00 11.72 43.43
N ASP P 607 88.88 12.16 42.54
CA ASP P 607 88.65 13.40 41.80
C ASP P 607 87.57 13.25 40.73
N ASP P 608 87.59 12.15 39.98
CA ASP P 608 86.60 11.96 38.93
C ASP P 608 85.19 11.85 39.50
N ASP P 609 85.02 11.05 40.56
CA ASP P 609 83.73 10.94 41.20
C ASP P 609 83.30 12.24 41.85
N GLU P 610 84.25 12.99 42.43
CA GLU P 610 83.92 14.31 42.97
C GLU P 610 83.37 15.23 41.88
N LYS P 611 83.98 15.20 40.70
CA LYS P 611 83.58 16.08 39.58
C LYS P 611 82.25 15.66 38.96
N LEU P 612 81.99 14.35 38.89
CA LEU P 612 80.68 13.87 38.37
C LEU P 612 79.62 14.29 39.35
N ALA P 613 79.91 14.25 40.64
CA ALA P 613 78.86 14.52 41.62
C ALA P 613 78.59 16.00 41.66
N GLU P 614 79.60 16.85 41.58
CA GLU P 614 79.32 18.27 41.43
C GLU P 614 78.46 18.52 40.21
N HIS P 615 78.75 17.90 39.07
CA HIS P 615 77.98 18.16 37.82
C HIS P 615 76.54 17.70 38.01
N VAL P 616 76.33 16.47 38.43
CA VAL P 616 74.96 15.90 38.57
C VAL P 616 74.19 16.72 39.60
N THR P 617 74.82 17.19 40.67
CA THR P 617 74.09 17.90 41.74
C THR P 617 73.77 19.31 41.26
N TYR P 618 74.66 19.95 40.50
CA TYR P 618 74.32 21.22 39.87
C TYR P 618 73.17 21.06 38.89
N VAL P 619 73.17 19.99 38.10
CA VAL P 619 72.07 19.75 37.16
C VAL P 619 70.77 19.56 37.92
N HIS P 620 70.83 18.97 39.12
CA HIS P 620 69.62 18.79 39.91
C HIS P 620 69.13 20.10 40.54
N MET P 621 70.04 20.97 41.01
CA MET P 621 69.59 22.28 41.46
C MET P 621 68.99 23.07 40.30
N HIS P 622 69.82 23.41 39.32
CA HIS P 622 69.41 24.19 38.17
C HIS P 622 69.37 23.28 36.96
N ASN P 623 68.27 23.34 36.20
CA ASN P 623 68.06 22.44 35.07
C ASN P 623 68.93 22.85 33.89
N LYS P 624 70.24 22.85 34.13
CA LYS P 624 71.23 23.22 33.14
C LYS P 624 72.60 22.76 33.62
N GLN P 625 73.55 22.70 32.69
CA GLN P 625 74.87 22.17 33.00
C GLN P 625 75.68 23.16 33.82
N PRO P 626 76.69 22.69 34.56
CA PRO P 626 77.43 23.61 35.45
C PRO P 626 78.26 24.67 34.73
N ASP P 627 78.97 24.28 33.67
CA ASP P 627 79.98 25.17 33.09
C ASP P 627 79.36 26.47 32.59
N LEU P 628 79.99 27.59 32.94
CA LEU P 628 79.56 28.91 32.49
C LEU P 628 80.37 29.42 31.32
N ASP P 629 81.65 29.04 31.22
CA ASP P 629 82.47 29.45 30.08
C ASP P 629 81.95 28.83 28.79
N PHE P 630 81.53 27.57 28.84
CA PHE P 630 81.04 26.86 27.67
C PHE P 630 79.52 26.91 27.64
N THR P 631 78.97 27.43 26.54
CA THR P 631 77.53 27.46 26.35
C THR P 631 77.13 26.40 25.32
N PRO P 632 76.25 25.48 25.66
CA PRO P 632 75.87 24.43 24.70
C PRO P 632 75.10 25.01 23.52
N VAL P 633 75.28 24.37 22.36
CA VAL P 633 74.57 24.75 21.16
C VAL P 633 73.14 24.26 21.25
N GLU P 634 72.19 25.11 20.88
CA GLU P 634 70.79 24.72 20.90
C GLU P 634 70.57 23.56 19.94
N PRO P 635 69.79 22.50 20.27
CA PRO P 635 69.68 21.36 19.39
C PRO P 635 69.14 21.68 18.01
N SER P 636 68.33 22.72 17.87
CA SER P 636 67.87 23.13 16.53
C SER P 636 69.02 23.69 15.71
N LYS P 637 69.94 24.43 16.34
CA LYS P 637 71.09 25.06 15.63
C LYS P 637 72.14 23.98 15.36
N MET P 638 72.21 22.93 16.16
CA MET P 638 73.07 21.77 15.87
C MET P 638 72.54 20.99 14.68
N ARG P 639 71.23 20.80 14.58
CA ARG P 639 70.62 20.09 13.44
C ARG P 639 70.89 20.87 12.17
N GLU P 640 70.83 22.20 12.21
CA GLU P 640 71.07 23.07 11.02
C GLU P 640 72.53 23.00 10.61
N TYR P 641 73.45 23.03 11.56
CA TYR P 641 74.86 22.86 11.20
C TYR P 641 75.06 21.47 10.61
N ILE P 642 74.52 20.43 11.24
CA ILE P 642 74.77 19.08 10.74
C ILE P 642 74.13 18.90 9.37
N ALA P 643 72.95 19.48 9.17
CA ALA P 643 72.33 19.44 7.85
C ALA P 643 73.21 20.13 6.80
N TYR P 644 73.78 21.28 7.16
CA TYR P 644 74.70 21.96 6.24
C TYR P 644 75.94 21.11 5.98
N ALA P 645 76.48 20.48 7.02
CA ALA P 645 77.69 19.67 6.88
C ALA P 645 77.45 18.44 6.01
N LYS P 646 76.27 17.84 6.11
CA LYS P 646 75.96 16.64 5.33
C LYS P 646 75.85 16.93 3.83
N THR P 647 75.74 18.19 3.43
CA THR P 647 75.70 18.53 2.01
C THR P 647 77.07 18.51 1.36
N LYS P 648 78.14 18.50 2.15
CA LYS P 648 79.50 18.44 1.61
C LYS P 648 79.91 16.99 1.37
N ARG P 649 80.68 16.78 0.31
CA ARG P 649 81.17 15.45 -0.06
C ARG P 649 82.68 15.53 -0.27
N PRO P 650 83.45 15.61 0.81
CA PRO P 650 84.91 15.72 0.68
C PRO P 650 85.50 14.47 0.08
N VAL P 651 86.56 14.66 -0.70
CA VAL P 651 87.30 13.55 -1.31
C VAL P 651 88.70 13.51 -0.72
N MET P 652 89.35 12.36 -0.89
CA MET P 652 90.67 12.11 -0.33
C MET P 652 91.72 12.22 -1.43
N SER P 653 92.77 12.97 -1.15
CA SER P 653 93.89 13.10 -2.07
C SER P 653 94.88 11.96 -1.87
N GLU P 654 95.91 11.94 -2.72
CA GLU P 654 96.95 10.92 -2.58
C GLU P 654 97.74 11.10 -1.30
N ALA P 655 98.05 12.35 -0.93
CA ALA P 655 98.90 12.61 0.22
C ALA P 655 98.25 12.20 1.54
N VAL P 656 96.93 12.07 1.58
CA VAL P 656 96.24 11.69 2.80
C VAL P 656 95.97 10.19 2.78
N ASN P 657 95.62 9.65 1.61
CA ASN P 657 95.33 8.23 1.52
C ASN P 657 96.59 7.38 1.64
N ASP P 658 97.76 7.91 1.29
CA ASP P 658 99.01 7.19 1.55
C ASP P 658 99.22 6.97 3.04
N TYR P 659 99.00 8.00 3.86
CA TYR P 659 99.09 7.86 5.31
C TYR P 659 97.99 6.91 5.79
N VAL P 660 96.80 7.01 5.20
CA VAL P 660 95.71 6.11 5.58
C VAL P 660 96.12 4.67 5.37
N VAL P 661 96.78 4.38 4.25
CA VAL P 661 97.28 3.05 3.96
C VAL P 661 98.33 2.63 5.00
N GLN P 662 99.27 3.53 5.29
CA GLN P 662 100.33 3.20 6.24
C GLN P 662 99.76 2.90 7.63
N ALA P 663 98.80 3.72 8.06
CA ALA P 663 98.15 3.50 9.36
C ALA P 663 97.39 2.19 9.38
N TYR P 664 96.72 1.85 8.27
CA TYR P 664 96.03 0.57 8.19
C TYR P 664 97.02 -0.60 8.31
N ILE P 665 98.17 -0.49 7.65
CA ILE P 665 99.18 -1.55 7.72
C ILE P 665 99.70 -1.69 9.14
N ARG P 666 100.01 -0.56 9.80
CA ARG P 666 100.50 -0.61 11.17
C ARG P 666 99.45 -1.20 12.10
N LEU P 667 98.18 -0.83 11.90
CA LEU P 667 97.10 -1.37 12.72
C LEU P 667 96.98 -2.88 12.53
N ARG P 668 97.08 -3.34 11.29
CA ARG P 668 97.00 -4.78 11.03
C ARG P 668 98.15 -5.52 11.69
N GLN P 669 99.37 -4.96 11.60
CA GLN P 669 100.51 -5.60 12.25
C GLN P 669 100.35 -5.64 13.76
N ASP P 670 99.89 -4.54 14.36
CA ASP P 670 99.68 -4.51 15.80
C ASP P 670 98.61 -5.51 16.23
N SER P 671 97.54 -5.63 15.43
CA SER P 671 96.51 -6.61 15.73
C SER P 671 97.06 -8.03 15.63
N LYS P 672 97.93 -8.28 14.64
CA LYS P 672 98.55 -9.61 14.52
C LYS P 672 99.43 -9.92 15.71
N ARG P 673 100.18 -8.92 16.21
CA ARG P 673 101.11 -9.19 17.30
C ARG P 673 100.39 -9.57 18.59
N GLU P 674 99.15 -9.12 18.77
CA GLU P 674 98.35 -9.48 19.94
C GLU P 674 97.05 -10.15 19.51
N MET P 675 97.05 -11.49 19.50
CA MET P 675 95.80 -12.19 19.22
C MET P 675 95.11 -12.62 20.51
N ASP P 676 95.88 -12.94 21.56
CA ASP P 676 95.32 -13.41 22.82
C ASP P 676 96.07 -12.84 24.03
N SER P 677 96.56 -11.62 23.93
CA SER P 677 97.40 -11.03 24.96
C SER P 677 96.60 -10.31 26.05
N LYS P 678 95.33 -10.65 26.28
CA LYS P 678 94.45 -10.07 27.30
C LYS P 678 94.05 -8.63 26.97
N PHE P 679 94.57 -8.06 25.87
CA PHE P 679 94.14 -6.76 25.39
C PHE P 679 93.65 -6.84 23.95
N SER P 680 93.33 -8.04 23.45
CA SER P 680 92.92 -8.19 22.06
C SER P 680 91.49 -7.70 21.87
N PHE P 681 91.31 -6.82 20.89
CA PHE P 681 90.01 -6.26 20.54
C PHE P 681 89.41 -6.89 19.30
N GLY P 682 89.95 -8.00 18.84
CA GLY P 682 89.60 -8.54 17.53
C GLY P 682 90.49 -7.88 16.52
N GLN P 683 91.15 -8.68 15.69
CA GLN P 683 92.22 -8.12 14.85
C GLN P 683 91.63 -7.14 13.84
N ALA P 684 92.42 -6.15 13.41
CA ALA P 684 91.96 -5.16 12.41
C ALA P 684 91.52 -5.83 11.11
N THR P 685 90.64 -5.20 10.34
CA THR P 685 90.07 -5.83 9.14
C THR P 685 89.99 -4.78 8.05
N PRO P 686 89.67 -5.10 6.78
CA PRO P 686 89.47 -4.07 5.78
C PRO P 686 88.31 -3.17 6.21
N ARG P 687 87.42 -3.63 7.06
CA ARG P 687 86.31 -2.81 7.61
C ARG P 687 86.85 -1.68 8.49
N THR P 688 87.93 -1.89 9.23
CA THR P 688 88.59 -0.80 10.01
C THR P 688 89.14 0.26 9.06
N LEU P 689 89.67 -0.11 7.90
CA LEU P 689 90.14 0.90 6.95
C LEU P 689 88.96 1.75 6.53
N LEU P 690 87.82 1.15 6.23
CA LEU P 690 86.67 1.92 5.69
C LEU P 690 86.05 2.72 6.82
N GLY P 691 86.19 2.26 8.05
CA GLY P 691 85.73 3.03 9.21
C GLY P 691 86.63 4.21 9.43
N ILE P 692 87.95 4.03 9.33
CA ILE P 692 88.88 5.16 9.38
C ILE P 692 88.52 6.17 8.29
N ILE P 693 88.26 5.67 7.08
CA ILE P 693 87.92 6.56 5.97
C ILE P 693 86.62 7.30 6.26
N ARG P 694 85.62 6.61 6.78
CA ARG P 694 84.34 7.23 7.08
C ARG P 694 84.47 8.29 8.16
N LEU P 695 85.24 7.99 9.22
CA LEU P 695 85.45 8.99 10.27
C LEU P 695 86.20 10.21 9.75
N SER P 696 87.20 9.98 8.89
CA SER P 696 87.92 11.10 8.30
C SER P 696 87.00 11.96 7.45
N GLN P 697 86.14 11.33 6.65
CA GLN P 697 85.20 12.08 5.82
C GLN P 697 84.20 12.85 6.68
N ALA P 698 83.71 12.24 7.76
CA ALA P 698 82.79 12.94 8.66
C ALA P 698 83.46 14.14 9.30
N LEU P 699 84.71 13.99 9.74
CA LEU P 699 85.43 15.11 10.33
C LEU P 699 85.67 16.21 9.32
N ALA P 700 85.96 15.83 8.06
CA ALA P 700 86.10 16.83 7.00
C ALA P 700 84.78 17.55 6.75
N LYS P 701 83.67 16.82 6.80
CA LYS P 701 82.35 17.45 6.63
C LYS P 701 82.06 18.43 7.75
N LEU P 702 82.44 18.08 8.99
CA LEU P 702 82.23 19.00 10.11
C LEU P 702 83.00 20.30 9.94
N ARG P 703 84.10 20.26 9.19
CA ARG P 703 84.85 21.46 8.87
C ARG P 703 84.28 22.20 7.66
N LEU P 704 83.22 21.68 7.04
CA LEU P 704 82.64 22.25 5.83
C LEU P 704 83.67 22.36 4.72
N ALA P 705 84.55 21.37 4.64
CA ALA P 705 85.63 21.34 3.67
C ALA P 705 85.33 20.35 2.55
N ASP P 706 86.03 20.53 1.43
CA ASP P 706 85.95 19.62 0.30
C ASP P 706 87.20 18.76 0.18
N MET P 707 88.21 18.99 1.02
CA MET P 707 89.44 18.22 1.02
C MET P 707 89.54 17.47 2.34
N VAL P 708 89.80 16.17 2.27
CA VAL P 708 90.05 15.38 3.47
C VAL P 708 91.49 15.59 3.89
N ASP P 709 91.70 16.33 4.97
CA ASP P 709 93.01 16.78 5.39
C ASP P 709 93.59 15.83 6.43
N ILE P 710 94.89 16.02 6.71
CA ILE P 710 95.61 15.13 7.61
C ILE P 710 95.08 15.25 9.03
N ASP P 711 94.56 16.42 9.40
CA ASP P 711 94.02 16.60 10.75
C ASP P 711 92.85 15.66 11.00
N ASP P 712 91.98 15.51 9.99
CA ASP P 712 90.81 14.65 10.16
C ASP P 712 91.20 13.19 10.31
N VAL P 713 92.18 12.72 9.52
CA VAL P 713 92.65 11.34 9.67
C VAL P 713 93.35 11.14 11.00
N GLU P 714 94.13 12.13 11.43
CA GLU P 714 94.71 12.10 12.77
C GLU P 714 93.65 11.92 13.84
N GLU P 715 92.58 12.71 13.76
CA GLU P 715 91.54 12.63 14.79
C GLU P 715 90.76 11.33 14.70
N ALA P 716 90.57 10.79 13.48
CA ALA P 716 89.90 9.51 13.33
C ALA P 716 90.72 8.39 13.97
N LEU P 717 92.02 8.36 13.69
CA LEU P 717 92.90 7.38 14.34
C LEU P 717 92.91 7.56 15.84
N ARG P 718 92.92 8.81 16.31
CA ARG P 718 92.90 9.07 17.74
C ARG P 718 91.63 8.54 18.38
N LEU P 719 90.48 8.77 17.73
CA LEU P 719 89.21 8.28 18.27
C LEU P 719 89.18 6.76 18.31
N VAL P 720 89.65 6.12 17.24
CA VAL P 720 89.67 4.66 17.21
C VAL P 720 90.59 4.12 18.31
N ARG P 721 91.73 4.79 18.53
CA ARG P 721 92.67 4.33 19.55
C ARG P 721 92.12 4.53 20.95
N VAL P 722 91.49 5.69 21.22
CA VAL P 722 90.95 5.95 22.55
C VAL P 722 89.61 5.29 22.79
N SER P 723 89.03 4.67 21.75
CA SER P 723 87.85 3.83 21.93
C SER P 723 88.09 2.68 22.89
N LYS P 724 89.36 2.41 23.21
CA LYS P 724 89.78 1.16 23.84
C LYS P 724 90.79 1.39 24.96
N GLU P 725 91.11 2.65 25.28
CA GLU P 725 92.08 2.97 26.31
C GLU P 725 91.50 2.94 27.71
N SER P 726 90.17 2.91 27.85
CA SER P 726 89.55 2.78 29.17
C SER P 726 89.87 1.46 29.82
N LEU P 727 90.23 0.44 29.03
CA LEU P 727 90.68 -0.83 29.59
C LEU P 727 91.95 -0.66 30.41
N TYR P 728 92.89 0.15 29.92
CA TYR P 728 94.14 0.39 30.63
C TYR P 728 93.92 1.28 31.85
N ASP Q 10 -62.90 -34.87 76.85
CA ASP Q 10 -61.78 -35.63 76.31
C ASP Q 10 -61.49 -35.22 74.87
N ILE Q 11 -62.54 -34.82 74.16
CA ILE Q 11 -62.39 -34.48 72.73
C ILE Q 11 -61.59 -33.19 72.59
N PRO Q 12 -60.65 -33.11 71.64
CA PRO Q 12 -59.92 -31.86 71.45
C PRO Q 12 -60.84 -30.76 71.01
N PRO Q 13 -60.54 -29.51 71.37
CA PRO Q 13 -61.49 -28.42 71.09
C PRO Q 13 -61.73 -28.14 69.62
N GLU Q 14 -60.72 -28.30 68.75
CA GLU Q 14 -60.88 -27.89 67.35
C GLU Q 14 -61.81 -28.80 66.57
N ILE Q 15 -62.10 -30.00 67.06
CA ILE Q 15 -63.03 -30.88 66.38
C ILE Q 15 -64.47 -30.57 66.77
N LYS Q 16 -64.67 -29.85 67.88
CA LYS Q 16 -66.01 -29.43 68.28
C LYS Q 16 -66.61 -28.48 67.24
N GLU Q 17 -65.81 -27.57 66.70
CA GLU Q 17 -66.31 -26.71 65.63
C GLU Q 17 -66.71 -27.51 64.40
N GLU Q 18 -65.93 -28.54 64.06
CA GLU Q 18 -66.26 -29.37 62.91
C GLU Q 18 -67.59 -30.10 63.12
N MET Q 19 -67.79 -30.68 64.30
CA MET Q 19 -69.05 -31.41 64.51
C MET Q 19 -70.23 -30.46 64.63
N ILE Q 20 -70.07 -29.29 65.25
CA ILE Q 20 -71.17 -28.35 65.27
C ILE Q 20 -71.44 -27.79 63.87
N GLN Q 21 -70.41 -27.74 63.01
CA GLN Q 21 -70.64 -27.43 61.61
C GLN Q 21 -71.49 -28.50 60.94
N LEU Q 22 -71.18 -29.78 61.20
CA LEU Q 22 -71.99 -30.84 60.60
C LEU Q 22 -73.42 -30.83 61.13
N TYR Q 23 -73.61 -30.49 62.40
CA TYR Q 23 -74.96 -30.29 62.92
C TYR Q 23 -75.66 -29.13 62.22
N HIS Q 24 -74.93 -28.02 62.04
CA HIS Q 24 -75.58 -26.82 61.46
C HIS Q 24 -75.82 -27.05 59.97
N ASP Q 25 -74.81 -27.55 59.27
CA ASP Q 25 -74.95 -27.70 57.82
C ASP Q 25 -76.08 -28.63 57.44
N LEU Q 26 -76.45 -29.58 58.31
CA LEU Q 26 -77.54 -30.52 58.06
C LEU Q 26 -78.63 -30.27 59.09
N PRO Q 27 -79.68 -29.53 58.74
CA PRO Q 27 -80.72 -29.21 59.73
C PRO Q 27 -81.43 -30.44 60.29
N GLY Q 28 -81.62 -31.48 59.50
CA GLY Q 28 -82.38 -32.65 59.89
C GLY Q 28 -81.59 -33.78 60.54
N ILE Q 29 -80.31 -33.58 60.83
CA ILE Q 29 -79.47 -34.63 61.39
C ILE Q 29 -79.31 -34.47 62.90
N GLU Q 30 -80.00 -33.49 63.51
CA GLU Q 30 -79.91 -33.29 64.95
C GLU Q 30 -80.28 -34.57 65.69
N ASN Q 31 -81.31 -35.27 65.24
CA ASN Q 31 -81.65 -36.58 65.76
C ASN Q 31 -81.19 -37.66 64.76
N GLU Q 32 -81.46 -38.91 65.12
CA GLU Q 32 -81.20 -40.08 64.28
C GLU Q 32 -79.72 -40.38 64.17
N TYR Q 33 -78.87 -39.49 64.69
CA TYR Q 33 -77.41 -39.65 64.62
C TYR Q 33 -76.81 -38.73 65.67
N LYS Q 34 -76.00 -39.30 66.57
CA LYS Q 34 -75.28 -38.52 67.59
C LYS Q 34 -73.79 -38.76 67.41
N LEU Q 35 -73.06 -37.75 66.98
CA LEU Q 35 -71.67 -37.93 66.62
C LEU Q 35 -70.83 -38.04 67.90
N ILE Q 36 -70.05 -39.11 68.01
CA ILE Q 36 -69.21 -39.29 69.18
C ILE Q 36 -67.78 -38.80 68.95
N ASP Q 37 -67.22 -39.07 67.77
CA ASP Q 37 -65.82 -38.76 67.54
C ASP Q 37 -65.58 -38.60 66.05
N LYS Q 38 -64.33 -38.42 65.62
CA LYS Q 38 -64.01 -38.44 64.16
C LYS Q 38 -63.04 -39.60 63.91
N ILE Q 39 -63.52 -40.72 63.35
CA ILE Q 39 -62.64 -41.92 63.24
C ILE Q 39 -61.46 -41.66 62.31
N GLY Q 40 -61.68 -41.06 61.14
CA GLY Q 40 -60.56 -40.91 60.20
C GLY Q 40 -60.83 -39.87 59.15
N GLU Q 41 -59.77 -39.17 58.74
CA GLU Q 41 -59.88 -38.10 57.73
C GLU Q 41 -59.28 -38.62 56.43
N GLY Q 42 -59.50 -37.89 55.34
CA GLY Q 42 -59.00 -38.35 54.04
C GLY Q 42 -58.90 -37.18 53.09
N THR Q 43 -58.29 -37.41 51.93
CA THR Q 43 -58.21 -36.34 50.91
C THR Q 43 -59.61 -35.97 50.44
N PHE Q 44 -60.49 -36.95 50.21
CA PHE Q 44 -61.82 -36.64 49.64
C PHE Q 44 -62.93 -36.62 50.69
N SER Q 45 -62.64 -36.97 51.94
CA SER Q 45 -63.74 -37.03 52.93
C SER Q 45 -63.23 -37.06 54.37
N SER Q 46 -64.07 -36.71 55.33
CA SER Q 46 -63.69 -36.85 56.76
C SER Q 46 -64.74 -37.78 57.36
N VAL Q 47 -64.36 -38.94 57.86
CA VAL Q 47 -65.39 -39.93 58.31
C VAL Q 47 -65.65 -39.71 59.78
N TYR Q 48 -66.89 -39.89 60.22
CA TYR Q 48 -67.12 -39.55 61.65
C TYR Q 48 -67.79 -40.68 62.43
N LYS Q 49 -67.22 -41.06 63.58
CA LYS Q 49 -67.81 -42.08 64.44
C LYS Q 49 -69.07 -41.54 65.10
N ALA Q 50 -70.20 -42.20 64.87
CA ALA Q 50 -71.48 -41.73 65.38
C ALA Q 50 -72.29 -42.88 65.95
N LYS Q 51 -73.10 -42.57 66.95
CA LYS Q 51 -74.08 -43.50 67.49
C LYS Q 51 -75.41 -43.31 66.78
N ASP Q 52 -76.19 -44.40 66.72
CA ASP Q 52 -77.49 -44.41 66.06
C ASP Q 52 -78.57 -44.15 67.11
N ILE Q 53 -79.19 -42.97 67.03
CA ILE Q 53 -80.25 -42.62 67.98
C ILE Q 53 -81.45 -43.54 67.81
N THR Q 54 -81.92 -43.72 66.58
CA THR Q 54 -83.02 -44.62 66.28
C THR Q 54 -82.49 -45.77 65.42
N GLY Q 55 -82.89 -46.99 65.77
CA GLY Q 55 -82.32 -48.17 65.18
C GLY Q 55 -82.96 -48.70 63.91
N LYS Q 56 -82.71 -48.05 62.77
CA LYS Q 56 -83.01 -48.70 61.50
C LYS Q 56 -81.83 -49.52 61.02
N ILE Q 57 -80.69 -48.87 60.77
CA ILE Q 57 -79.56 -49.51 60.12
C ILE Q 57 -78.74 -50.37 61.06
N THR Q 58 -78.95 -50.25 62.37
CA THR Q 58 -78.32 -51.17 63.31
C THR Q 58 -79.17 -52.41 63.53
N LYS Q 59 -80.50 -52.26 63.57
CA LYS Q 59 -81.37 -53.42 63.67
C LYS Q 59 -81.42 -54.17 62.35
N LYS Q 60 -81.47 -53.43 61.24
CA LYS Q 60 -81.16 -54.00 59.95
C LYS Q 60 -79.64 -54.12 59.78
N PHE Q 61 -79.21 -54.75 58.70
CA PHE Q 61 -77.79 -54.85 58.34
C PHE Q 61 -76.96 -55.51 59.45
N ALA Q 62 -77.62 -56.28 60.33
CA ALA Q 62 -76.92 -56.86 61.48
C ALA Q 62 -75.88 -57.90 61.06
N SER Q 63 -76.10 -58.55 59.93
CA SER Q 63 -75.11 -59.49 59.40
C SER Q 63 -73.81 -58.78 59.05
N HIS Q 64 -73.92 -57.53 58.60
CA HIS Q 64 -72.77 -56.80 58.09
C HIS Q 64 -71.91 -56.24 59.22
N PHE Q 65 -72.56 -55.87 60.33
CA PHE Q 65 -71.87 -55.29 61.47
C PHE Q 65 -70.96 -56.31 62.13
N TRP Q 66 -69.77 -55.86 62.53
CA TRP Q 66 -68.89 -56.69 63.35
C TRP Q 66 -69.34 -56.57 64.81
N ASN Q 67 -69.74 -57.70 65.38
CA ASN Q 67 -70.21 -57.73 66.77
C ASN Q 67 -69.03 -57.76 67.74
N TYR Q 68 -68.14 -56.77 67.57
CA TYR Q 68 -67.00 -56.58 68.44
C TYR Q 68 -67.29 -55.38 69.33
N GLY Q 69 -67.78 -55.65 70.55
CA GLY Q 69 -68.28 -54.57 71.38
C GLY Q 69 -69.62 -54.09 70.85
N SER Q 70 -70.05 -52.94 71.38
CA SER Q 70 -71.27 -52.33 70.89
C SER Q 70 -71.05 -51.79 69.47
N ASN Q 71 -72.13 -51.81 68.68
CA ASN Q 71 -72.07 -51.47 67.28
C ASN Q 71 -72.40 -50.00 67.07
N TYR Q 72 -71.55 -49.30 66.33
CA TYR Q 72 -71.74 -47.89 65.99
C TYR Q 72 -71.86 -47.75 64.47
N VAL Q 73 -71.96 -46.53 63.95
CA VAL Q 73 -72.14 -46.33 62.46
C VAL Q 73 -71.17 -45.27 61.95
N ALA Q 74 -70.58 -45.48 60.77
CA ALA Q 74 -69.62 -44.52 60.21
C ALA Q 74 -70.29 -43.69 59.13
N LEU Q 75 -70.35 -42.37 59.30
CA LEU Q 75 -70.97 -41.49 58.28
C LEU Q 75 -69.86 -40.80 57.53
N LYS Q 76 -69.78 -41.01 56.22
CA LYS Q 76 -68.67 -40.43 55.43
C LYS Q 76 -69.15 -39.08 54.92
N LYS Q 77 -68.62 -37.99 55.47
CA LYS Q 77 -69.01 -36.64 55.03
C LYS Q 77 -68.13 -36.35 53.83
N ILE Q 78 -68.67 -36.55 52.63
CA ILE Q 78 -67.90 -36.33 51.41
C ILE Q 78 -67.63 -34.83 51.27
N TYR Q 79 -66.38 -34.49 50.96
CA TYR Q 79 -66.00 -33.09 50.89
C TYR Q 79 -66.79 -32.36 49.81
N VAL Q 80 -66.99 -31.07 50.05
CA VAL Q 80 -67.88 -30.26 49.22
C VAL Q 80 -67.34 -30.12 47.80
N THR Q 81 -66.02 -30.07 47.64
CA THR Q 81 -65.42 -29.83 46.33
C THR Q 81 -65.60 -31.00 45.37
N SER Q 82 -66.05 -32.16 45.86
CA SER Q 82 -66.26 -33.31 44.99
C SER Q 82 -67.42 -33.06 44.05
N SER Q 83 -67.25 -33.48 42.79
CA SER Q 83 -68.28 -33.28 41.79
C SER Q 83 -69.49 -34.16 42.09
N PRO Q 84 -70.70 -33.72 41.70
CA PRO Q 84 -71.88 -34.56 41.93
C PRO Q 84 -71.81 -35.92 41.24
N GLN Q 85 -71.20 -36.00 40.06
CA GLN Q 85 -71.08 -37.27 39.37
C GLN Q 85 -70.14 -38.23 40.08
N ARG Q 86 -69.06 -37.73 40.68
CA ARG Q 86 -68.13 -38.57 41.44
C ARG Q 86 -68.75 -39.08 42.72
N ILE Q 87 -69.47 -38.20 43.44
CA ILE Q 87 -70.20 -38.63 44.63
C ILE Q 87 -71.25 -39.67 44.27
N TYR Q 88 -71.99 -39.42 43.18
CA TYR Q 88 -72.95 -40.41 42.70
C TYR Q 88 -72.26 -41.71 42.32
N ASN Q 89 -71.09 -41.63 41.71
CA ASN Q 89 -70.35 -42.83 41.35
C ASN Q 89 -70.04 -43.65 42.59
N GLU Q 90 -69.43 -43.04 43.59
CA GLU Q 90 -69.08 -43.75 44.81
C GLU Q 90 -70.31 -44.36 45.48
N LEU Q 91 -71.36 -43.55 45.62
CA LEU Q 91 -72.56 -44.02 46.32
C LEU Q 91 -73.25 -45.14 45.54
N ASN Q 92 -73.34 -44.99 44.21
CA ASN Q 92 -73.98 -46.01 43.39
C ASN Q 92 -73.23 -47.33 43.46
N LEU Q 93 -71.90 -47.28 43.39
CA LEU Q 93 -71.17 -48.54 43.42
C LEU Q 93 -71.19 -49.16 44.82
N LEU Q 94 -71.25 -48.34 45.86
CA LEU Q 94 -71.52 -48.88 47.19
C LEU Q 94 -72.92 -49.50 47.26
N TYR Q 95 -73.87 -48.95 46.50
CA TYR Q 95 -75.23 -49.48 46.51
C TYR Q 95 -75.32 -50.83 45.81
N ILE Q 96 -74.73 -50.96 44.62
CA ILE Q 96 -74.88 -52.19 43.84
C ILE Q 96 -74.28 -53.40 44.51
N MET Q 97 -73.29 -53.21 45.38
CA MET Q 97 -72.62 -54.30 46.09
C MET Q 97 -72.94 -54.21 47.60
N THR Q 98 -74.04 -54.85 47.96
CA THR Q 98 -74.46 -55.02 49.34
C THR Q 98 -74.68 -56.51 49.60
N GLY Q 99 -75.00 -56.83 50.84
CA GLY Q 99 -75.15 -58.23 51.19
C GLY Q 99 -73.86 -59.00 51.32
N SER Q 100 -72.72 -58.30 51.30
CA SER Q 100 -71.40 -58.91 51.46
C SER Q 100 -70.75 -58.36 52.72
N SER Q 101 -70.09 -59.23 53.46
CA SER Q 101 -69.53 -58.87 54.75
C SER Q 101 -68.15 -58.25 54.67
N ARG Q 102 -67.59 -58.08 53.46
CA ARG Q 102 -66.24 -57.56 53.30
C ARG Q 102 -66.21 -56.31 52.41
N VAL Q 103 -67.27 -55.52 52.41
CA VAL Q 103 -67.42 -54.40 51.50
C VAL Q 103 -67.81 -53.11 52.21
N ALA Q 104 -68.28 -53.18 53.45
CA ALA Q 104 -68.81 -52.03 54.17
C ALA Q 104 -69.92 -51.38 53.36
N PRO Q 105 -71.05 -52.06 53.17
CA PRO Q 105 -72.07 -51.55 52.26
C PRO Q 105 -72.85 -50.38 52.84
N LEU Q 106 -73.64 -49.76 51.97
CA LEU Q 106 -74.30 -48.48 52.23
C LEU Q 106 -75.57 -48.70 53.05
N CYS Q 107 -75.51 -48.40 54.34
CA CYS Q 107 -76.71 -48.50 55.17
C CYS Q 107 -77.66 -47.33 54.93
N ASP Q 108 -77.12 -46.13 54.73
CA ASP Q 108 -77.95 -44.95 54.57
C ASP Q 108 -77.18 -43.88 53.82
N ALA Q 109 -77.91 -42.88 53.34
CA ALA Q 109 -77.30 -41.71 52.70
C ALA Q 109 -78.22 -40.52 52.88
N LYS Q 110 -77.62 -39.33 52.95
CA LYS Q 110 -78.41 -38.11 53.11
C LYS Q 110 -77.71 -36.95 52.41
N ARG Q 111 -78.46 -36.21 51.60
CA ARG Q 111 -77.94 -35.06 50.86
C ARG Q 111 -78.70 -33.81 51.27
N VAL Q 112 -77.97 -32.77 51.66
CA VAL Q 112 -78.53 -31.44 51.86
C VAL Q 112 -77.60 -30.44 51.19
N ARG Q 113 -78.12 -29.67 50.24
CA ARG Q 113 -77.34 -28.74 49.42
C ARG Q 113 -76.13 -29.48 48.87
N ASP Q 114 -74.91 -29.03 49.12
CA ASP Q 114 -73.69 -29.60 48.59
C ASP Q 114 -73.05 -30.63 49.51
N GLN Q 115 -73.69 -30.98 50.62
CA GLN Q 115 -73.12 -31.92 51.57
C GLN Q 115 -73.83 -33.26 51.48
N VAL Q 116 -73.04 -34.33 51.34
CA VAL Q 116 -73.55 -35.69 51.22
C VAL Q 116 -72.91 -36.53 52.32
N ILE Q 117 -73.73 -37.26 53.05
CA ILE Q 117 -73.27 -38.16 54.09
C ILE Q 117 -73.59 -39.59 53.67
N ALA Q 118 -72.57 -40.45 53.68
CA ALA Q 118 -72.74 -41.87 53.42
C ALA Q 118 -72.61 -42.62 54.75
N VAL Q 119 -73.70 -43.22 55.21
CA VAL Q 119 -73.73 -43.91 56.49
C VAL Q 119 -73.48 -45.38 56.23
N LEU Q 120 -72.31 -45.89 56.64
CA LEU Q 120 -71.93 -47.32 56.40
C LEU Q 120 -71.61 -47.95 57.75
N PRO Q 121 -71.59 -49.29 57.91
CA PRO Q 121 -71.41 -49.87 59.24
C PRO Q 121 -70.06 -49.51 59.85
N TYR Q 122 -69.99 -49.18 61.14
CA TYR Q 122 -68.64 -48.91 61.68
C TYR Q 122 -67.93 -50.24 61.83
N TYR Q 123 -66.70 -50.30 61.33
CA TYR Q 123 -65.92 -51.56 61.42
C TYR Q 123 -64.68 -51.26 62.25
N PRO Q 124 -64.55 -51.80 63.48
CA PRO Q 124 -63.41 -51.50 64.30
C PRO Q 124 -62.18 -52.06 63.57
N HIS Q 125 -61.12 -51.27 63.42
CA HIS Q 125 -59.95 -51.72 62.60
C HIS Q 125 -58.66 -51.23 63.23
N GLU Q 126 -57.52 -51.86 62.94
CA GLU Q 126 -56.22 -51.34 63.42
C GLU Q 126 -55.44 -50.77 62.23
N GLU Q 127 -54.78 -49.60 62.35
CA GLU Q 127 -54.05 -49.13 61.17
C GLU Q 127 -52.86 -50.03 60.85
N PHE Q 128 -52.58 -50.16 59.55
CA PHE Q 128 -51.52 -51.05 59.08
C PHE Q 128 -50.18 -50.70 59.70
N ARG Q 129 -49.89 -49.41 59.81
CA ARG Q 129 -48.55 -48.99 60.21
C ARG Q 129 -48.27 -49.37 61.66
N THR Q 130 -49.29 -49.81 62.40
CA THR Q 130 -49.09 -50.26 63.77
C THR Q 130 -48.70 -51.74 63.84
N PHE Q 131 -49.43 -52.60 63.13
CA PHE Q 131 -49.22 -54.05 63.27
C PHE Q 131 -48.47 -54.67 62.10
N TYR Q 132 -48.03 -53.92 61.11
CA TYR Q 132 -47.38 -54.59 59.95
C TYR Q 132 -46.12 -55.32 60.40
N ARG Q 133 -45.29 -54.66 61.19
CA ARG Q 133 -43.98 -55.25 61.60
C ARG Q 133 -44.19 -56.49 62.44
N ASP Q 134 -45.19 -56.50 63.32
CA ASP Q 134 -45.33 -57.65 64.26
C ASP Q 134 -46.14 -58.81 63.70
N LEU Q 135 -46.76 -58.68 62.52
CA LEU Q 135 -47.63 -59.74 62.03
C LEU Q 135 -46.83 -61.01 61.77
N PRO Q 136 -47.21 -62.14 62.36
CA PRO Q 136 -46.60 -63.41 61.97
C PRO Q 136 -47.00 -63.81 60.55
N ILE Q 137 -46.26 -64.78 60.01
CA ILE Q 137 -46.47 -65.19 58.62
C ILE Q 137 -47.88 -65.70 58.41
N LYS Q 138 -48.42 -66.42 59.40
CA LYS Q 138 -49.80 -66.86 59.30
C LYS Q 138 -50.77 -65.68 59.39
N GLY Q 139 -50.43 -64.66 60.15
CA GLY Q 139 -51.23 -63.45 60.16
C GLY Q 139 -51.18 -62.70 58.85
N ILE Q 140 -50.00 -62.63 58.24
CA ILE Q 140 -49.88 -62.08 56.89
C ILE Q 140 -50.76 -62.89 55.93
N LYS Q 141 -50.78 -64.21 56.10
CA LYS Q 141 -51.62 -65.06 55.28
C LYS Q 141 -53.10 -64.75 55.46
N LYS Q 142 -53.53 -64.58 56.71
CA LYS Q 142 -54.94 -64.23 56.95
C LYS Q 142 -55.29 -62.87 56.36
N TYR Q 143 -54.38 -61.90 56.53
CA TYR Q 143 -54.54 -60.60 55.90
C TYR Q 143 -54.75 -60.71 54.40
N ILE Q 144 -53.84 -61.43 53.73
CA ILE Q 144 -53.90 -61.52 52.28
C ILE Q 144 -55.12 -62.32 51.84
N TRP Q 145 -55.51 -63.34 52.61
CA TRP Q 145 -56.71 -64.09 52.29
C TRP Q 145 -57.95 -63.21 52.32
N GLU Q 146 -58.09 -62.40 53.37
CA GLU Q 146 -59.26 -61.52 53.46
C GLU Q 146 -59.24 -60.46 52.36
N LEU Q 147 -58.05 -59.90 52.09
CA LEU Q 147 -57.93 -58.91 51.02
C LEU Q 147 -58.31 -59.53 49.68
N LEU Q 148 -57.84 -60.75 49.41
CA LEU Q 148 -58.12 -61.38 48.13
C LEU Q 148 -59.58 -61.79 48.03
N ARG Q 149 -60.23 -62.14 49.14
CA ARG Q 149 -61.66 -62.43 49.09
C ARG Q 149 -62.44 -61.16 48.74
N ALA Q 150 -62.08 -60.03 49.36
CA ALA Q 150 -62.75 -58.77 49.04
C ALA Q 150 -62.52 -58.38 47.58
N LEU Q 151 -61.27 -58.45 47.12
CA LEU Q 151 -60.98 -58.18 45.71
C LEU Q 151 -61.70 -59.15 44.78
N LYS Q 152 -61.83 -60.42 45.18
CA LYS Q 152 -62.56 -61.37 44.37
C LYS Q 152 -64.03 -60.99 44.22
N PHE Q 153 -64.68 -60.57 45.30
CA PHE Q 153 -66.06 -60.11 45.16
C PHE Q 153 -66.14 -58.85 44.29
N VAL Q 154 -65.24 -57.90 44.51
CA VAL Q 154 -65.27 -56.65 43.75
C VAL Q 154 -65.04 -56.92 42.27
N HIS Q 155 -64.12 -57.83 41.95
CA HIS Q 155 -63.81 -58.12 40.56
C HIS Q 155 -64.89 -58.97 39.91
N SER Q 156 -65.55 -59.83 40.68
CA SER Q 156 -66.72 -60.54 40.17
C SER Q 156 -67.84 -59.56 39.84
N LYS Q 157 -68.03 -58.55 40.67
CA LYS Q 157 -68.96 -57.48 40.31
C LYS Q 157 -68.50 -56.72 39.08
N GLY Q 158 -67.20 -56.77 38.79
CA GLY Q 158 -66.68 -56.27 37.53
C GLY Q 158 -66.26 -54.82 37.50
N ILE Q 159 -65.76 -54.27 38.61
CA ILE Q 159 -65.30 -52.89 38.65
C ILE Q 159 -63.88 -52.92 39.17
N ILE Q 160 -63.10 -51.89 38.84
CA ILE Q 160 -61.74 -51.78 39.33
C ILE Q 160 -61.73 -50.86 40.55
N HIS Q 161 -61.43 -51.42 41.72
CA HIS Q 161 -61.23 -50.60 42.92
C HIS Q 161 -59.80 -50.09 42.87
N ARG Q 162 -59.59 -49.09 42.02
CA ARG Q 162 -58.24 -48.54 41.78
C ARG Q 162 -57.44 -48.37 43.06
N ASP Q 163 -58.01 -47.74 44.08
CA ASP Q 163 -57.25 -47.45 45.32
C ASP Q 163 -57.27 -48.63 46.28
N ILE Q 164 -56.47 -49.68 46.04
CA ILE Q 164 -56.36 -50.80 47.03
C ILE Q 164 -55.09 -50.50 47.80
N LYS Q 165 -55.21 -50.31 49.11
CA LYS Q 165 -54.03 -49.89 49.90
C LYS Q 165 -54.30 -50.34 51.33
N PRO Q 166 -53.30 -50.39 52.23
CA PRO Q 166 -53.54 -50.91 53.55
C PRO Q 166 -54.63 -50.09 54.25
N THR Q 167 -54.63 -48.78 54.09
CA THR Q 167 -55.64 -47.89 54.72
C THR Q 167 -57.05 -48.18 54.22
N ASN Q 168 -57.20 -48.51 52.94
CA ASN Q 168 -58.56 -48.72 52.35
C ASN Q 168 -59.05 -50.14 52.62
N PHE Q 169 -58.24 -50.99 53.26
CA PHE Q 169 -58.72 -52.32 53.69
C PHE Q 169 -58.70 -52.30 55.21
N LEU Q 170 -59.84 -52.38 55.86
CA LEU Q 170 -59.86 -52.22 57.33
C LEU Q 170 -59.87 -53.61 57.94
N PHE Q 171 -58.88 -53.98 58.76
CA PHE Q 171 -58.78 -55.37 59.24
C PHE Q 171 -58.70 -55.47 60.76
N ASN Q 172 -59.67 -56.12 61.41
CA ASN Q 172 -59.58 -56.34 62.84
C ASN Q 172 -58.82 -57.64 63.08
N LEU Q 173 -57.75 -57.54 63.88
CA LEU Q 173 -56.85 -58.66 64.13
C LEU Q 173 -57.50 -59.72 65.02
N GLU Q 174 -58.13 -59.29 66.10
CA GLU Q 174 -58.69 -60.22 67.09
C GLU Q 174 -59.90 -60.97 66.53
N LEU Q 175 -60.76 -60.29 65.78
CA LEU Q 175 -61.71 -61.00 64.93
C LEU Q 175 -61.03 -61.54 63.69
N GLY Q 176 -59.95 -60.91 63.25
CA GLY Q 176 -59.13 -61.40 62.14
C GLY Q 176 -59.79 -61.36 60.76
N ARG Q 177 -60.65 -60.37 60.51
CA ARG Q 177 -61.19 -60.17 59.17
C ARG Q 177 -61.34 -58.68 58.91
N GLY Q 178 -61.52 -58.32 57.64
CA GLY Q 178 -61.58 -56.93 57.27
C GLY Q 178 -62.54 -56.66 56.14
N VAL Q 179 -62.64 -55.39 55.79
CA VAL Q 179 -63.55 -54.89 54.77
C VAL Q 179 -62.82 -53.84 53.94
N LEU Q 180 -63.25 -53.74 52.67
CA LEU Q 180 -62.71 -52.72 51.73
C LEU Q 180 -63.65 -51.54 51.84
N VAL Q 181 -63.15 -50.35 52.19
CA VAL Q 181 -64.10 -49.23 52.46
C VAL Q 181 -64.16 -48.17 51.37
N ASP Q 182 -63.03 -47.61 50.94
CA ASP Q 182 -63.08 -46.48 49.98
C ASP Q 182 -63.48 -46.95 48.60
N PHE Q 183 -64.25 -46.14 47.87
CA PHE Q 183 -64.59 -46.47 46.47
C PHE Q 183 -64.71 -45.15 45.69
N GLY Q 184 -64.36 -44.01 46.31
CA GLY Q 184 -64.52 -42.77 45.56
C GLY Q 184 -63.80 -42.77 44.24
N LEU Q 185 -62.64 -43.43 44.17
CA LEU Q 185 -61.83 -43.49 42.96
C LEU Q 185 -62.01 -44.79 42.19
N ALA Q 186 -63.02 -45.59 42.53
CA ALA Q 186 -63.21 -46.91 41.94
C ALA Q 186 -63.83 -46.77 40.55
N GLU Q 187 -63.02 -46.96 39.52
CA GLU Q 187 -63.53 -46.95 38.15
C GLU Q 187 -64.26 -48.26 37.85
N ALA Q 188 -65.21 -48.17 36.92
CA ALA Q 188 -65.92 -49.33 36.40
C ALA Q 188 -65.34 -49.72 35.05
N GLN Q 189 -64.85 -50.95 34.95
CA GLN Q 189 -64.42 -51.53 33.69
C GLN Q 189 -65.60 -51.62 32.72
N MET Q 190 -65.33 -51.32 31.45
CA MET Q 190 -66.26 -51.63 30.39
C MET Q 190 -65.65 -52.68 29.48
N ASP Q 191 -66.52 -53.34 28.69
CA ASP Q 191 -66.11 -54.53 27.90
C ASP Q 191 -64.82 -54.41 27.09
N TYR Q 192 -64.18 -55.56 26.84
CA TYR Q 192 -62.94 -55.60 26.04
C TYR Q 192 -63.29 -55.29 24.58
N LYS Q 193 -64.39 -55.86 24.07
CA LYS Q 193 -64.77 -55.61 22.69
C LYS Q 193 -66.19 -55.05 22.66
N SER Q 194 -66.37 -53.94 21.95
CA SER Q 194 -67.68 -53.29 21.85
C SER Q 194 -68.62 -54.10 20.96
N ASN Q 218 -52.93 -64.84 22.48
CA ASN Q 218 -54.12 -64.00 22.54
C ASN Q 218 -53.78 -62.60 23.01
N HIS Q 219 -52.62 -62.08 22.59
CA HIS Q 219 -52.22 -60.69 22.96
C HIS Q 219 -52.31 -59.82 21.72
N GLU Q 220 -53.37 -60.03 20.94
CA GLU Q 220 -53.51 -59.23 19.72
C GLU Q 220 -54.40 -58.01 19.93
N GLN Q 221 -55.30 -58.04 20.93
CA GLN Q 221 -56.21 -56.86 20.91
C GLN Q 221 -56.48 -56.37 22.34
N PHE Q 222 -56.44 -57.25 23.34
CA PHE Q 222 -56.63 -56.70 24.70
C PHE Q 222 -55.51 -55.71 24.97
N CYS Q 223 -54.27 -56.06 24.65
CA CYS Q 223 -53.24 -55.06 25.02
C CYS Q 223 -52.22 -54.70 23.95
N PRO Q 224 -52.60 -54.18 22.76
CA PRO Q 224 -51.67 -53.49 21.89
C PRO Q 224 -52.02 -52.15 22.54
N CYS Q 225 -52.99 -52.15 23.48
CA CYS Q 225 -53.43 -50.98 24.28
C CYS Q 225 -54.37 -50.12 23.45
N ILE Q 226 -54.89 -50.68 22.35
CA ILE Q 226 -55.66 -49.78 21.46
C ILE Q 226 -56.92 -49.38 22.22
N MET Q 227 -57.06 -48.08 22.45
CA MET Q 227 -58.25 -47.51 23.13
C MET Q 227 -58.10 -46.04 22.79
N ARG Q 228 -59.17 -45.24 22.88
CA ARG Q 228 -59.12 -43.81 22.44
C ARG Q 228 -59.22 -43.83 20.91
N ASN Q 229 -59.27 -45.03 20.30
CA ASN Q 229 -59.48 -45.20 18.84
C ASN Q 229 -58.39 -44.47 18.04
N GLN Q 230 -57.15 -44.45 18.54
CA GLN Q 230 -56.15 -43.68 17.83
C GLN Q 230 -55.10 -44.61 17.23
N TYR Q 231 -55.35 -45.93 17.30
CA TYR Q 231 -54.54 -46.95 16.65
C TYR Q 231 -54.77 -47.03 15.15
N SER Q 232 -55.91 -46.51 14.67
CA SER Q 232 -56.26 -46.66 13.25
C SER Q 232 -55.27 -45.92 12.35
N VAL Q 256 -39.75 -44.39 8.50
CA VAL Q 256 -39.85 -43.05 7.93
C VAL Q 256 -38.49 -42.61 7.41
N ASN Q 257 -38.41 -41.36 6.96
CA ASN Q 257 -37.20 -40.81 6.34
C ASN Q 257 -36.78 -39.56 7.10
N GLY Q 258 -35.54 -39.55 7.60
CA GLY Q 258 -34.92 -38.35 8.13
C GLY Q 258 -35.07 -38.13 9.62
N VAL Q 259 -36.08 -38.74 10.25
CA VAL Q 259 -36.39 -38.55 11.67
C VAL Q 259 -36.47 -39.93 12.31
N ASP Q 260 -36.05 -40.01 13.58
CA ASP Q 260 -35.96 -41.29 14.27
C ASP Q 260 -37.01 -41.43 15.38
N LEU Q 261 -37.10 -40.45 16.27
CA LEU Q 261 -38.03 -40.46 17.40
C LEU Q 261 -37.81 -41.67 18.31
N THR Q 262 -36.58 -42.18 18.32
CA THR Q 262 -36.15 -43.17 19.31
C THR Q 262 -34.93 -42.71 20.09
N LYS Q 263 -34.08 -41.88 19.51
CA LYS Q 263 -32.86 -41.42 20.15
C LYS Q 263 -33.05 -40.09 20.88
N GLY Q 264 -34.25 -39.51 20.80
CA GLY Q 264 -34.51 -38.21 21.38
C GLY Q 264 -35.94 -37.80 21.13
N TYR Q 265 -36.36 -36.77 21.85
CA TYR Q 265 -37.73 -36.28 21.75
C TYR Q 265 -37.79 -34.93 21.05
N PRO Q 266 -38.89 -34.63 20.38
CA PRO Q 266 -39.03 -33.33 19.70
C PRO Q 266 -38.94 -32.17 20.69
N LYS Q 267 -38.30 -31.09 20.25
CA LYS Q 267 -38.07 -29.95 21.13
C LYS Q 267 -39.35 -29.17 21.42
N ASN Q 268 -40.22 -29.00 20.43
CA ASN Q 268 -41.53 -28.40 20.62
C ASN Q 268 -42.57 -29.37 20.09
N GLU Q 269 -43.11 -30.17 21.00
CA GLU Q 269 -43.95 -31.30 20.62
C GLU Q 269 -45.36 -30.83 20.26
N THR Q 270 -45.85 -31.33 19.11
CA THR Q 270 -47.18 -30.99 18.61
C THR Q 270 -48.16 -32.15 18.77
N ARG Q 271 -47.86 -33.11 19.64
CA ARG Q 271 -48.70 -34.27 19.85
C ARG Q 271 -49.26 -34.26 21.27
N ARG Q 272 -50.50 -34.72 21.37
CA ARG Q 272 -51.17 -34.73 22.68
C ARG Q 272 -50.71 -35.95 23.45
N ILE Q 273 -50.50 -35.79 24.76
CA ILE Q 273 -50.18 -36.94 25.60
C ILE Q 273 -51.43 -37.80 25.76
N LYS Q 274 -51.20 -39.09 25.96
CA LYS Q 274 -52.29 -40.06 26.19
C LYS Q 274 -53.05 -39.61 27.42
N ARG Q 275 -54.36 -39.80 27.44
CA ARG Q 275 -55.17 -39.48 28.61
C ARG Q 275 -55.81 -40.77 29.12
N ALA Q 276 -55.18 -41.36 30.13
CA ALA Q 276 -55.68 -42.58 30.77
C ALA Q 276 -55.83 -42.31 32.26
N ASN Q 277 -56.70 -43.10 32.89
CA ASN Q 277 -56.98 -42.92 34.30
C ASN Q 277 -55.72 -43.12 35.13
N ARG Q 278 -55.47 -42.18 36.04
CA ARG Q 278 -54.34 -42.26 36.96
C ARG Q 278 -54.80 -42.24 38.41
N ALA Q 279 -56.11 -42.35 38.65
CA ALA Q 279 -56.63 -42.35 40.01
C ALA Q 279 -56.09 -43.54 40.79
N GLY Q 280 -55.74 -43.29 42.04
CA GLY Q 280 -55.09 -44.29 42.86
C GLY Q 280 -54.24 -43.62 43.93
N THR Q 281 -53.27 -44.37 44.45
CA THR Q 281 -52.42 -43.91 45.53
C THR Q 281 -50.95 -44.17 45.20
N ARG Q 282 -50.13 -43.17 45.51
CA ARG Q 282 -48.69 -43.27 45.39
C ARG Q 282 -48.19 -44.60 45.95
N GLY Q 283 -47.33 -45.28 45.20
CA GLY Q 283 -46.63 -46.45 45.71
C GLY Q 283 -47.42 -47.74 45.62
N PHE Q 284 -48.66 -47.69 45.12
CA PHE Q 284 -49.44 -48.88 44.86
C PHE Q 284 -49.94 -48.92 43.43
N ARG Q 285 -49.46 -48.02 42.58
CA ARG Q 285 -49.87 -48.00 41.18
C ARG Q 285 -49.16 -49.09 40.41
N ALA Q 286 -49.93 -49.84 39.63
CA ALA Q 286 -49.44 -50.96 38.84
C ALA Q 286 -48.63 -50.46 37.65
N PRO Q 287 -47.81 -51.34 37.06
CA PRO Q 287 -47.04 -50.91 35.87
C PRO Q 287 -47.91 -50.41 34.73
N GLU Q 288 -49.07 -51.04 34.54
CA GLU Q 288 -50.00 -50.71 33.44
C GLU Q 288 -50.62 -49.31 33.69
N VAL Q 289 -50.75 -48.87 34.95
CA VAL Q 289 -51.25 -47.53 35.22
C VAL Q 289 -50.11 -46.52 35.38
N LEU Q 290 -48.88 -46.98 35.52
CA LEU Q 290 -47.73 -46.08 35.55
C LEU Q 290 -47.32 -45.60 34.16
N MET Q 291 -47.39 -46.46 33.15
CA MET Q 291 -47.25 -46.06 31.76
C MET Q 291 -48.67 -45.95 31.20
N LYS Q 292 -49.01 -44.77 30.69
CA LYS Q 292 -50.40 -44.46 30.36
C LYS Q 292 -50.98 -45.50 29.40
N CYS Q 293 -51.89 -46.32 29.94
CA CYS Q 293 -52.42 -47.46 29.15
C CYS Q 293 -53.94 -47.51 29.24
N GLY Q 294 -54.63 -47.38 28.11
CA GLY Q 294 -56.09 -47.56 28.11
C GLY Q 294 -56.40 -49.03 28.22
N ALA Q 295 -57.66 -49.41 28.06
CA ALA Q 295 -57.95 -50.85 28.26
C ALA Q 295 -57.37 -51.28 29.59
N GLN Q 296 -57.69 -50.58 30.68
CA GLN Q 296 -57.24 -51.06 31.96
C GLN Q 296 -58.22 -52.09 32.53
N SER Q 297 -57.68 -53.03 33.30
CA SER Q 297 -58.47 -54.14 33.80
C SER Q 297 -58.30 -54.24 35.30
N THR Q 298 -59.06 -55.15 35.91
CA THR Q 298 -58.98 -55.37 37.35
C THR Q 298 -57.61 -55.88 37.77
N LYS Q 299 -56.82 -56.39 36.81
CA LYS Q 299 -55.53 -57.01 37.12
C LYS Q 299 -54.66 -56.10 37.97
N ILE Q 300 -54.73 -54.78 37.75
CA ILE Q 300 -53.89 -53.82 38.45
C ILE Q 300 -54.12 -53.89 39.96
N ASP Q 301 -55.36 -54.10 40.39
CA ASP Q 301 -55.61 -54.19 41.83
C ASP Q 301 -54.85 -55.36 42.43
N ILE Q 302 -54.69 -56.44 41.66
CA ILE Q 302 -53.89 -57.57 42.12
C ILE Q 302 -52.48 -57.11 42.44
N TRP Q 303 -51.91 -56.25 41.61
CA TRP Q 303 -50.60 -55.68 41.90
C TRP Q 303 -50.61 -54.96 43.24
N SER Q 304 -51.66 -54.17 43.50
CA SER Q 304 -51.76 -53.48 44.78
C SER Q 304 -51.87 -54.44 45.95
N VAL Q 305 -52.29 -55.68 45.71
CA VAL Q 305 -52.22 -56.72 46.74
C VAL Q 305 -50.80 -57.13 47.06
N GLY Q 306 -49.93 -57.24 46.05
CA GLY Q 306 -48.56 -57.67 46.28
C GLY Q 306 -47.74 -56.69 47.08
N VAL Q 307 -47.88 -55.39 46.76
CA VAL Q 307 -47.10 -54.36 47.44
C VAL Q 307 -47.35 -54.42 48.94
N ILE Q 308 -48.62 -54.52 49.34
CA ILE Q 308 -48.94 -54.69 50.74
C ILE Q 308 -48.31 -55.97 51.28
N LEU Q 309 -48.45 -57.06 50.52
CA LEU Q 309 -47.74 -58.30 50.82
C LEU Q 309 -46.24 -58.12 50.85
N LEU Q 310 -45.71 -57.22 50.03
CA LEU Q 310 -44.30 -56.84 50.12
C LEU Q 310 -44.01 -55.92 51.29
N SER Q 311 -44.99 -55.10 51.72
CA SER Q 311 -44.78 -54.26 52.88
C SER Q 311 -44.64 -55.10 54.15
N LEU Q 312 -45.46 -56.14 54.29
CA LEU Q 312 -45.38 -56.99 55.48
C LEU Q 312 -44.07 -57.76 55.53
N LEU Q 313 -43.62 -58.28 54.38
CA LEU Q 313 -42.36 -59.01 54.31
C LEU Q 313 -41.25 -58.01 54.04
N GLY Q 314 -40.59 -57.58 55.09
CA GLY Q 314 -39.56 -56.56 54.97
C GLY Q 314 -39.71 -55.49 56.04
N ARG Q 315 -40.92 -55.40 56.60
CA ARG Q 315 -41.24 -54.48 57.68
C ARG Q 315 -41.02 -53.02 57.32
N ARG Q 316 -41.19 -52.68 56.04
CA ARG Q 316 -41.18 -51.30 55.57
C ARG Q 316 -42.58 -50.99 55.05
N PHE Q 317 -43.25 -50.02 55.66
CA PHE Q 317 -44.60 -49.66 55.18
C PHE Q 317 -44.53 -48.84 53.91
N PRO Q 318 -43.81 -47.69 53.86
CA PRO Q 318 -43.78 -46.94 52.58
C PRO Q 318 -42.89 -47.63 51.56
N MET Q 319 -43.47 -48.62 50.86
CA MET Q 319 -42.69 -49.43 49.93
C MET Q 319 -42.08 -48.60 48.82
N PHE Q 320 -42.87 -47.70 48.22
CA PHE Q 320 -42.40 -46.87 47.12
C PHE Q 320 -42.70 -45.40 47.40
N GLN Q 321 -41.68 -44.56 47.25
CA GLN Q 321 -41.87 -43.12 47.42
C GLN Q 321 -42.75 -42.56 46.31
N SER Q 322 -42.46 -42.92 45.06
CA SER Q 322 -43.35 -42.68 43.92
C SER Q 322 -43.69 -41.21 43.74
N LEU Q 323 -42.67 -40.34 43.89
CA LEU Q 323 -42.92 -38.90 43.80
C LEU Q 323 -43.52 -38.53 42.45
N ASP Q 324 -43.09 -39.17 41.37
CA ASP Q 324 -43.65 -38.99 40.05
C ASP Q 324 -43.96 -40.35 39.45
N ASP Q 325 -44.69 -40.34 38.33
CA ASP Q 325 -44.90 -41.58 37.60
C ASP Q 325 -43.57 -42.13 37.10
N ALA Q 326 -42.73 -41.25 36.55
CA ALA Q 326 -41.38 -41.64 36.16
C ALA Q 326 -40.57 -42.09 37.37
N ASP Q 327 -40.72 -41.39 38.50
CA ASP Q 327 -39.99 -41.75 39.70
C ASP Q 327 -40.39 -43.13 40.21
N SER Q 328 -41.70 -43.41 40.23
CA SER Q 328 -42.16 -44.74 40.63
C SER Q 328 -41.71 -45.80 39.65
N LEU Q 329 -41.71 -45.48 38.35
CA LEU Q 329 -41.28 -46.46 37.35
C LEU Q 329 -39.80 -46.79 37.50
N LEU Q 330 -38.96 -45.78 37.76
CA LEU Q 330 -37.56 -46.02 38.07
C LEU Q 330 -37.37 -46.73 39.41
N GLU Q 331 -38.25 -46.51 40.38
CA GLU Q 331 -38.21 -47.30 41.61
C GLU Q 331 -38.44 -48.77 41.33
N LEU Q 332 -39.40 -49.08 40.45
CA LEU Q 332 -39.57 -50.45 39.98
C LEU Q 332 -38.37 -50.94 39.16
N CYS Q 333 -37.59 -50.04 38.58
CA CYS Q 333 -36.39 -50.52 37.89
C CYS Q 333 -35.37 -51.05 38.90
N THR Q 334 -35.24 -50.41 40.07
CA THR Q 334 -34.18 -50.83 41.03
C THR Q 334 -34.40 -52.24 41.55
N ILE Q 335 -35.63 -52.58 41.96
CA ILE Q 335 -35.95 -53.94 42.49
C ILE Q 335 -35.89 -54.98 41.37
N PHE Q 336 -36.30 -54.64 40.15
CA PHE Q 336 -36.36 -55.65 39.06
C PHE Q 336 -35.21 -55.52 38.05
N GLY Q 337 -35.06 -54.38 37.35
CA GLY Q 337 -34.08 -54.28 36.30
C GLY Q 337 -34.64 -53.50 35.11
N TRP Q 338 -33.73 -52.82 34.39
CA TRP Q 338 -34.16 -52.02 33.25
C TRP Q 338 -34.79 -52.89 32.17
N LYS Q 339 -34.20 -54.06 31.91
CA LYS Q 339 -34.69 -54.92 30.84
C LYS Q 339 -36.10 -55.43 31.11
N GLU Q 340 -36.40 -55.82 32.36
CA GLU Q 340 -37.76 -56.25 32.69
C GLU Q 340 -38.76 -55.13 32.46
N LEU Q 341 -38.42 -53.91 32.89
CA LEU Q 341 -39.35 -52.80 32.70
C LEU Q 341 -39.54 -52.47 31.22
N ARG Q 342 -38.47 -52.53 30.43
CA ARG Q 342 -38.60 -52.27 29.00
C ARG Q 342 -39.43 -53.34 28.31
N LYS Q 343 -39.26 -54.61 28.69
CA LYS Q 343 -40.04 -55.67 28.09
C LYS Q 343 -41.50 -55.59 28.53
N CYS Q 344 -41.73 -55.08 29.74
CA CYS Q 344 -43.10 -54.77 30.16
C CYS Q 344 -43.71 -53.67 29.29
N ALA Q 345 -42.94 -52.60 29.07
CA ALA Q 345 -43.44 -51.49 28.25
C ALA Q 345 -43.72 -51.92 26.82
N ALA Q 346 -42.85 -52.78 26.27
CA ALA Q 346 -43.01 -53.20 24.88
C ALA Q 346 -44.35 -53.88 24.62
N LEU Q 347 -45.01 -54.28 25.71
CA LEU Q 347 -46.34 -54.96 25.60
C LEU Q 347 -47.45 -53.94 25.34
N HIS Q 348 -47.39 -52.77 25.97
CA HIS Q 348 -48.49 -51.78 25.86
C HIS Q 348 -48.22 -50.90 24.66
N GLY Q 349 -47.20 -51.23 23.89
CA GLY Q 349 -46.90 -50.48 22.65
C GLY Q 349 -45.98 -49.33 22.92
N LEU Q 350 -45.32 -49.33 24.07
CA LEU Q 350 -44.48 -48.21 24.43
C LEU Q 350 -43.04 -48.66 24.63
N GLY Q 351 -42.11 -47.76 24.36
CA GLY Q 351 -40.69 -48.08 24.46
C GLY Q 351 -39.99 -47.41 25.62
N PHE Q 352 -39.22 -48.18 26.38
CA PHE Q 352 -38.47 -47.66 27.51
C PHE Q 352 -36.99 -47.58 27.17
N GLU Q 353 -36.33 -46.57 27.75
CA GLU Q 353 -34.91 -46.34 27.50
C GLU Q 353 -34.26 -45.58 28.64
N ALA Q 354 -33.21 -46.15 29.21
CA ALA Q 354 -32.47 -45.52 30.30
C ALA Q 354 -31.02 -45.95 30.24
N SER Q 355 -30.11 -44.99 30.38
CA SER Q 355 -28.68 -45.27 30.33
C SER Q 355 -27.93 -44.21 31.12
N GLY Q 356 -26.67 -44.53 31.45
CA GLY Q 356 -25.82 -43.64 32.19
C GLY Q 356 -26.14 -43.54 33.67
N LEU Q 357 -27.00 -44.40 34.19
CA LEU Q 357 -27.47 -44.32 35.57
C LEU Q 357 -26.68 -45.29 36.43
N ILE Q 358 -26.24 -44.84 37.61
CA ILE Q 358 -25.47 -45.72 38.52
C ILE Q 358 -26.43 -46.57 39.37
N TRP Q 359 -26.99 -47.63 38.77
CA TRP Q 359 -27.84 -48.54 39.57
C TRP Q 359 -26.94 -49.45 40.40
N ASP Q 360 -27.28 -49.65 41.68
CA ASP Q 360 -26.41 -50.44 42.58
C ASP Q 360 -26.28 -51.87 42.04
N LYS Q 361 -27.39 -52.47 41.60
CA LYS Q 361 -27.29 -53.81 40.97
C LYS Q 361 -27.96 -53.75 39.60
N PRO Q 362 -27.24 -53.98 38.49
CA PRO Q 362 -27.87 -54.02 37.17
C PRO Q 362 -28.77 -55.26 37.17
N ASN Q 363 -30.01 -55.14 36.69
CA ASN Q 363 -30.94 -56.29 36.79
C ASN Q 363 -30.91 -56.73 38.26
N GLY Q 364 -31.08 -55.79 39.19
CA GLY Q 364 -30.93 -56.10 40.62
C GLY Q 364 -31.97 -57.05 41.17
N TYR Q 365 -31.64 -57.71 42.28
CA TYR Q 365 -32.61 -58.62 42.94
C TYR Q 365 -33.17 -59.58 41.90
N SER Q 366 -32.26 -60.25 41.17
CA SER Q 366 -32.68 -61.24 40.15
C SER Q 366 -32.95 -62.57 40.83
N ASN Q 367 -32.19 -62.91 41.88
CA ASN Q 367 -32.53 -64.16 42.61
C ASN Q 367 -34.03 -64.11 42.90
N GLY Q 368 -34.55 -62.93 43.20
CA GLY Q 368 -36.00 -62.80 43.38
C GLY Q 368 -36.32 -61.69 44.35
N LEU Q 369 -37.60 -61.50 44.65
CA LEU Q 369 -37.93 -60.51 45.70
C LEU Q 369 -37.45 -61.06 47.04
N LYS Q 370 -37.13 -62.36 47.07
CA LYS Q 370 -36.60 -63.02 48.30
C LYS Q 370 -35.36 -62.25 48.73
N GLU Q 371 -34.39 -62.12 47.83
CA GLU Q 371 -33.12 -61.44 48.15
C GLU Q 371 -33.43 -60.01 48.56
N PHE Q 372 -34.39 -59.37 47.90
CA PHE Q 372 -34.77 -57.99 48.24
C PHE Q 372 -35.13 -57.92 49.72
N VAL Q 373 -36.12 -58.70 50.15
CA VAL Q 373 -36.57 -58.55 51.55
C VAL Q 373 -35.38 -58.90 52.44
N TYR Q 374 -34.53 -59.80 51.96
CA TYR Q 374 -33.35 -60.23 52.76
C TYR Q 374 -32.40 -59.06 52.96
N ASP Q 375 -32.20 -58.23 51.94
CA ASP Q 375 -31.37 -57.02 52.14
C ASP Q 375 -32.09 -56.01 53.02
N LEU Q 376 -33.40 -55.84 52.78
CA LEU Q 376 -34.20 -54.90 53.60
C LEU Q 376 -34.11 -55.44 55.02
N LEU Q 377 -33.87 -56.75 55.13
CA LEU Q 377 -33.72 -57.26 56.48
C LEU Q 377 -32.24 -57.25 56.90
N ASN Q 378 -31.32 -57.34 55.94
CA ASN Q 378 -29.90 -57.35 56.27
C ASN Q 378 -29.49 -56.07 56.99
N LYS Q 379 -29.81 -54.94 56.37
CA LYS Q 379 -29.41 -53.66 57.00
C LYS Q 379 -30.05 -53.67 58.39
N GLU Q 380 -31.27 -54.21 58.48
CA GLU Q 380 -32.00 -54.22 59.76
C GLU Q 380 -31.37 -55.16 60.78
N CYS Q 381 -30.85 -56.31 60.33
CA CYS Q 381 -30.31 -57.31 61.29
C CYS Q 381 -28.83 -57.06 61.58
N THR Q 382 -28.21 -56.08 60.93
CA THR Q 382 -26.83 -55.74 61.27
C THR Q 382 -26.78 -54.54 62.20
N ILE Q 383 -27.57 -53.51 61.91
CA ILE Q 383 -27.62 -52.34 62.79
C ILE Q 383 -28.29 -52.69 64.11
N GLY Q 384 -29.37 -53.46 64.04
CA GLY Q 384 -30.08 -53.88 65.27
C GLY Q 384 -31.47 -53.28 65.37
N THR Q 385 -32.09 -52.90 64.25
CA THR Q 385 -33.38 -52.17 64.29
C THR Q 385 -34.58 -53.04 64.69
N PHE Q 386 -34.42 -54.37 64.72
CA PHE Q 386 -35.53 -55.24 65.17
C PHE Q 386 -35.48 -55.55 66.68
N PRO Q 387 -36.62 -55.72 67.41
CA PRO Q 387 -36.65 -56.12 68.82
C PRO Q 387 -36.28 -57.59 69.05
N GLU Q 388 -36.15 -57.99 70.31
CA GLU Q 388 -35.84 -59.38 70.64
C GLU Q 388 -37.02 -60.30 70.42
N TYR Q 389 -38.22 -59.79 70.67
CA TYR Q 389 -39.47 -60.48 70.41
C TYR Q 389 -39.98 -60.20 69.00
N SER Q 390 -39.08 -60.32 68.02
CA SER Q 390 -39.42 -59.97 66.66
C SER Q 390 -39.90 -61.20 65.89
N VAL Q 391 -40.63 -60.94 64.82
CA VAL Q 391 -41.17 -61.99 63.97
C VAL Q 391 -40.36 -62.00 62.68
N ALA Q 392 -39.69 -60.88 62.40
CA ALA Q 392 -38.89 -60.76 61.19
C ALA Q 392 -37.71 -61.73 61.16
N PHE Q 393 -37.24 -62.17 62.33
CA PHE Q 393 -36.08 -63.05 62.35
C PHE Q 393 -36.40 -64.41 61.73
N GLU Q 394 -37.65 -64.85 61.81
CA GLU Q 394 -38.05 -66.08 61.14
C GLU Q 394 -37.89 -65.95 59.62
N THR Q 395 -38.37 -64.84 59.05
CA THR Q 395 -38.20 -64.61 57.62
C THR Q 395 -36.73 -64.45 57.26
N PHE Q 396 -35.95 -63.80 58.12
CA PHE Q 396 -34.53 -63.63 57.85
C PHE Q 396 -33.80 -64.96 57.81
N GLY Q 397 -34.09 -65.84 58.78
CA GLY Q 397 -33.50 -67.16 58.78
C GLY Q 397 -34.03 -68.09 57.70
N PHE Q 398 -35.21 -67.83 57.16
CA PHE Q 398 -35.71 -68.57 56.01
C PHE Q 398 -35.09 -68.09 54.71
N LEU Q 399 -34.77 -66.81 54.59
CA LEU Q 399 -34.03 -66.35 53.42
C LEU Q 399 -32.56 -66.76 53.51
N GLN Q 400 -32.01 -66.91 54.71
CA GLN Q 400 -30.71 -67.53 54.84
C GLN Q 400 -30.73 -69.00 54.41
N GLN Q 401 -31.92 -69.62 54.36
CA GLN Q 401 -32.12 -70.88 53.67
C GLN Q 401 -32.21 -70.74 52.16
N GLU Q 402 -33.11 -69.89 51.67
CA GLU Q 402 -33.36 -69.75 50.23
C GLU Q 402 -32.18 -69.14 49.47
N LEU Q 403 -31.22 -68.52 50.13
CA LEU Q 403 -30.16 -67.80 49.43
C LEU Q 403 -28.75 -68.30 49.70
N HIS Q 404 -28.53 -69.06 50.77
CA HIS Q 404 -27.25 -69.65 51.15
C HIS Q 404 -26.18 -68.61 51.48
N ASP Q 405 -26.51 -67.33 51.47
CA ASP Q 405 -25.51 -66.29 51.73
C ASP Q 405 -25.78 -65.59 53.05
N ASP Q 424 -36.86 -83.10 74.03
CA ASP Q 424 -37.92 -83.16 73.03
C ASP Q 424 -37.91 -81.90 72.17
N ALA Q 425 -38.97 -81.10 72.30
CA ALA Q 425 -39.11 -79.79 71.67
C ALA Q 425 -38.93 -79.81 70.17
N TYR Q 426 -39.59 -80.72 69.44
CA TYR Q 426 -39.50 -80.60 67.99
C TYR Q 426 -40.77 -79.99 67.40
N GLU Q 427 -41.66 -79.43 68.23
CA GLU Q 427 -42.48 -78.35 67.68
C GLU Q 427 -41.57 -77.24 67.15
N LEU Q 428 -40.42 -77.06 67.78
CA LEU Q 428 -39.40 -76.23 67.16
C LEU Q 428 -39.16 -76.66 65.72
N LYS Q 429 -38.98 -77.96 65.50
CA LYS Q 429 -38.61 -78.42 64.16
C LYS Q 429 -39.79 -78.39 63.20
N LYS Q 430 -41.01 -78.70 63.64
CA LYS Q 430 -42.08 -78.82 62.64
C LYS Q 430 -42.93 -77.56 62.55
N TYR Q 431 -42.91 -76.70 63.59
CA TYR Q 431 -43.28 -75.31 63.42
C TYR Q 431 -42.23 -74.58 62.57
N GLN Q 432 -40.97 -75.01 62.69
CA GLN Q 432 -39.92 -74.60 61.78
C GLN Q 432 -40.35 -74.89 60.35
N GLU Q 433 -40.75 -76.14 60.09
CA GLU Q 433 -41.27 -76.57 58.80
C GLU Q 433 -42.55 -75.84 58.38
N GLU Q 434 -43.47 -75.61 59.32
CA GLU Q 434 -44.68 -74.82 59.11
C GLU Q 434 -44.35 -73.44 58.55
N ILE Q 435 -43.59 -72.64 59.31
CA ILE Q 435 -43.34 -71.27 58.91
C ILE Q 435 -42.46 -71.22 57.67
N TRP Q 436 -41.60 -72.24 57.47
CA TRP Q 436 -40.78 -72.25 56.26
C TRP Q 436 -41.59 -72.58 55.01
N SER Q 437 -42.50 -73.55 55.10
CA SER Q 437 -43.39 -73.81 53.97
C SER Q 437 -44.28 -72.61 53.69
N ASP Q 438 -44.76 -71.96 54.76
CA ASP Q 438 -45.57 -70.77 54.61
C ASP Q 438 -44.81 -69.66 53.89
N HIS Q 439 -43.56 -69.42 54.29
CA HIS Q 439 -42.76 -68.38 53.63
C HIS Q 439 -42.48 -68.75 52.18
N TYR Q 440 -42.18 -70.02 51.93
CA TYR Q 440 -41.86 -70.47 50.57
C TYR Q 440 -43.04 -70.27 49.63
N TRP Q 441 -44.25 -70.58 50.09
CA TRP Q 441 -45.41 -70.31 49.24
C TRP Q 441 -45.81 -68.84 49.23
N CYS Q 442 -45.53 -68.10 50.31
CA CYS Q 442 -45.84 -66.68 50.36
C CYS Q 442 -45.07 -65.93 49.28
N PHE Q 443 -43.80 -66.26 49.11
CA PHE Q 443 -43.03 -65.61 48.04
C PHE Q 443 -43.54 -66.01 46.65
N GLN Q 444 -44.04 -67.24 46.50
CA GLN Q 444 -44.71 -67.60 45.26
C GLN Q 444 -45.93 -66.75 44.96
N VAL Q 445 -46.77 -66.46 45.95
CA VAL Q 445 -47.95 -65.63 45.65
C VAL Q 445 -47.47 -64.20 45.44
N LEU Q 446 -46.42 -63.81 46.17
CA LEU Q 446 -45.88 -62.47 46.05
C LEU Q 446 -45.36 -62.18 44.65
N GLU Q 447 -44.76 -63.17 43.99
CA GLU Q 447 -44.27 -62.96 42.63
C GLU Q 447 -45.36 -63.12 41.57
N GLN Q 448 -46.41 -63.90 41.85
CA GLN Q 448 -47.57 -63.90 40.96
C GLN Q 448 -48.25 -62.53 40.97
N CYS Q 449 -48.34 -61.91 42.16
CA CYS Q 449 -48.86 -60.54 42.23
C CYS Q 449 -47.94 -59.56 41.52
N PHE Q 450 -46.62 -59.73 41.66
CA PHE Q 450 -45.64 -58.83 41.05
C PHE Q 450 -45.23 -59.36 39.68
N GLU Q 451 -46.13 -59.21 38.73
CA GLU Q 451 -45.88 -59.57 37.34
C GLU Q 451 -46.16 -58.40 36.42
N MET Q 452 -45.27 -58.22 35.45
CA MET Q 452 -45.38 -57.12 34.49
C MET Q 452 -46.48 -57.33 33.46
N ASP Q 453 -46.72 -58.56 33.04
CA ASP Q 453 -47.72 -58.81 32.01
C ASP Q 453 -49.12 -58.71 32.61
N PRO Q 454 -50.04 -57.88 32.09
CA PRO Q 454 -51.39 -57.86 32.63
C PRO Q 454 -52.10 -59.20 32.41
N GLN Q 455 -52.09 -59.73 31.19
CA GLN Q 455 -52.90 -60.92 30.93
C GLN Q 455 -52.36 -62.14 31.67
N LYS Q 456 -51.05 -62.38 31.60
CA LYS Q 456 -50.52 -63.60 32.21
C LYS Q 456 -50.42 -63.46 33.73
N ARG Q 457 -50.68 -62.27 34.27
CA ARG Q 457 -50.86 -62.13 35.70
C ARG Q 457 -52.10 -62.91 36.15
N SER Q 458 -52.01 -63.55 37.31
CA SER Q 458 -53.10 -64.35 37.82
C SER Q 458 -54.23 -63.46 38.35
N SER Q 459 -55.45 -63.95 38.23
CA SER Q 459 -56.61 -63.23 38.74
C SER Q 459 -56.83 -63.55 40.21
N ALA Q 460 -57.88 -62.93 40.77
CA ALA Q 460 -58.16 -63.11 42.20
C ALA Q 460 -58.53 -64.55 42.52
N GLU Q 461 -59.34 -65.18 41.66
CA GLU Q 461 -59.76 -66.56 41.90
C GLU Q 461 -58.56 -67.50 41.92
N ASP Q 462 -57.74 -67.45 40.87
CA ASP Q 462 -56.57 -68.32 40.79
C ASP Q 462 -55.58 -68.02 41.89
N LEU Q 463 -55.42 -66.75 42.25
CA LEU Q 463 -54.52 -66.37 43.33
C LEU Q 463 -55.01 -66.93 44.66
N LEU Q 464 -56.34 -66.99 44.85
CA LEU Q 464 -56.90 -67.58 46.05
C LEU Q 464 -56.86 -69.10 46.05
N LYS Q 465 -56.79 -69.74 44.88
CA LYS Q 465 -56.66 -71.19 44.80
C LYS Q 465 -55.23 -71.68 44.99
N THR Q 466 -54.26 -70.78 45.10
CA THR Q 466 -52.87 -71.19 45.25
C THR Q 466 -52.66 -71.90 46.59
N PRO Q 467 -51.73 -72.85 46.66
CA PRO Q 467 -51.62 -73.68 47.88
C PRO Q 467 -51.06 -72.94 49.10
N PHE Q 468 -50.71 -71.66 48.98
CA PHE Q 468 -50.35 -70.89 50.17
C PHE Q 468 -51.55 -70.69 51.10
N PHE Q 469 -52.76 -70.65 50.55
CA PHE Q 469 -53.96 -70.37 51.32
C PHE Q 469 -54.71 -71.64 51.71
N ASN Q 470 -53.97 -72.72 52.01
CA ASN Q 470 -54.60 -74.00 52.33
C ASN Q 470 -55.14 -74.00 53.75
N GLU Q 471 -55.97 -73.02 54.07
CA GLU Q 471 -56.72 -72.96 55.32
C GLU Q 471 -58.18 -72.61 55.06
N LEU Q 472 -58.61 -72.76 53.80
CA LEU Q 472 -59.98 -72.48 53.41
C LEU Q 472 -60.89 -73.69 53.54
N ASN Q 473 -60.33 -74.85 53.95
CA ASN Q 473 -61.15 -76.04 54.12
C ASN Q 473 -62.16 -75.86 55.25
N GLU Q 474 -61.89 -74.97 56.21
CA GLU Q 474 -62.81 -74.70 57.31
C GLU Q 474 -63.81 -73.64 56.85
N ASN Q 475 -64.67 -74.05 55.92
CA ASN Q 475 -65.70 -73.17 55.39
C ASN Q 475 -67.01 -73.91 55.16
N GLU R 111 -33.05 -81.51 -0.24
CA GLU R 111 -33.02 -80.84 1.05
C GLU R 111 -31.64 -80.24 1.31
N TRP R 112 -31.45 -78.99 0.89
CA TRP R 112 -30.17 -78.31 1.06
C TRP R 112 -30.11 -77.46 2.32
N GLN R 113 -31.24 -77.28 3.02
CA GLN R 113 -31.28 -76.35 4.15
C GLN R 113 -30.71 -76.93 5.44
N THR R 114 -30.43 -78.24 5.47
CA THR R 114 -29.92 -78.88 6.69
C THR R 114 -28.55 -79.50 6.49
N ASN R 115 -28.36 -80.30 5.43
CA ASN R 115 -27.08 -80.95 5.22
C ASN R 115 -25.97 -79.97 4.90
N TRP R 116 -26.30 -78.81 4.34
CA TRP R 116 -25.31 -77.77 4.09
C TRP R 116 -25.21 -76.79 5.25
N LYS R 117 -26.21 -76.77 6.13
CA LYS R 117 -26.22 -75.85 7.27
C LYS R 117 -25.51 -76.42 8.49
N LYS R 118 -25.04 -77.68 8.44
CA LYS R 118 -24.26 -78.20 9.55
C LYS R 118 -22.83 -77.68 9.52
N ILE R 119 -22.20 -77.66 8.34
CA ILE R 119 -20.90 -77.00 8.18
C ILE R 119 -21.04 -75.50 8.11
N MET R 120 -22.27 -74.97 8.18
CA MET R 120 -22.49 -73.54 8.06
C MET R 120 -21.97 -72.79 9.30
N LYS R 121 -21.89 -73.49 10.44
CA LYS R 121 -21.54 -72.84 11.69
C LYS R 121 -20.11 -73.13 12.15
N ARG R 122 -19.47 -74.16 11.60
CA ARG R 122 -18.21 -74.66 12.14
C ARG R 122 -17.05 -74.61 11.15
N ASP R 123 -17.32 -74.77 9.86
CA ASP R 123 -16.29 -74.83 8.83
C ASP R 123 -16.65 -73.92 7.67
N SER R 124 -17.12 -72.71 7.98
CA SER R 124 -17.77 -71.88 6.97
C SER R 124 -17.13 -70.50 6.99
N ARG R 125 -16.09 -70.30 6.16
CA ARG R 125 -15.40 -69.02 6.10
C ARG R 125 -15.10 -68.74 4.63
N ILE R 126 -15.49 -67.54 4.18
CA ILE R 126 -15.62 -67.24 2.76
C ILE R 126 -14.96 -65.89 2.45
N TYR R 127 -14.25 -65.84 1.32
CA TYR R 127 -13.69 -64.60 0.77
C TYR R 127 -14.54 -64.07 -0.39
N PHE R 128 -14.68 -62.75 -0.46
CA PHE R 128 -15.41 -62.08 -1.54
C PHE R 128 -14.43 -61.34 -2.44
N ASP R 129 -14.39 -61.72 -3.72
CA ASP R 129 -13.43 -61.12 -4.65
C ASP R 129 -13.85 -59.70 -5.02
N ILE R 130 -12.85 -58.83 -5.23
CA ILE R 130 -13.07 -57.42 -5.50
C ILE R 130 -12.68 -57.02 -6.91
N THR R 131 -11.94 -57.85 -7.62
CA THR R 131 -11.48 -57.51 -8.96
C THR R 131 -12.56 -57.73 -10.01
N ASP R 132 -12.35 -57.12 -11.18
CA ASP R 132 -13.25 -57.28 -12.33
C ASP R 132 -12.41 -57.52 -13.57
N ASP R 133 -12.78 -58.54 -14.35
CA ASP R 133 -12.02 -58.88 -15.55
C ASP R 133 -12.18 -57.84 -16.64
N VAL R 134 -13.41 -57.43 -16.92
CA VAL R 134 -13.73 -56.63 -18.09
C VAL R 134 -14.03 -55.19 -17.64
N GLU R 135 -13.91 -54.25 -18.58
CA GLU R 135 -14.18 -52.85 -18.30
C GLU R 135 -15.64 -52.66 -17.90
N MET R 136 -15.86 -51.68 -17.04
CA MET R 136 -17.16 -51.53 -16.41
C MET R 136 -17.44 -50.04 -16.23
N ASN R 137 -18.71 -49.70 -15.99
CA ASN R 137 -19.11 -48.31 -15.81
C ASN R 137 -19.11 -47.96 -14.31
N THR R 138 -19.04 -46.65 -14.03
CA THR R 138 -18.91 -46.20 -12.65
C THR R 138 -20.21 -46.41 -11.87
N TYR R 139 -21.35 -46.07 -12.46
CA TYR R 139 -22.63 -46.36 -11.81
C TYR R 139 -22.81 -47.86 -11.64
N ASN R 140 -22.44 -48.63 -12.67
CA ASN R 140 -22.43 -50.08 -12.53
C ASN R 140 -21.45 -50.53 -11.46
N LYS R 141 -20.31 -49.83 -11.32
CA LYS R 141 -19.38 -50.16 -10.25
C LYS R 141 -20.04 -49.97 -8.88
N SER R 142 -20.80 -48.89 -8.72
CA SER R 142 -21.49 -48.65 -7.46
C SER R 142 -22.53 -49.74 -7.19
N LYS R 143 -23.28 -50.15 -8.22
CA LYS R 143 -24.31 -51.15 -7.95
C LYS R 143 -23.74 -52.55 -7.78
N MET R 144 -22.58 -52.85 -8.38
CA MET R 144 -21.89 -54.09 -8.02
C MET R 144 -21.28 -54.04 -6.63
N ASP R 145 -20.86 -52.86 -6.16
CA ASP R 145 -20.51 -52.74 -4.75
C ASP R 145 -21.71 -53.02 -3.87
N LYS R 146 -22.89 -52.54 -4.28
CA LYS R 146 -24.11 -52.81 -3.53
C LYS R 146 -24.45 -54.30 -3.53
N ARG R 147 -24.26 -55.00 -4.66
CA ARG R 147 -24.39 -56.46 -4.63
C ARG R 147 -23.36 -57.11 -3.71
N ARG R 148 -22.12 -56.63 -3.73
CA ARG R 148 -21.10 -57.24 -2.86
C ARG R 148 -21.52 -57.11 -1.40
N ASP R 149 -22.02 -55.94 -1.01
CA ASP R 149 -22.52 -55.75 0.34
C ASP R 149 -23.79 -56.54 0.59
N LEU R 150 -24.62 -56.72 -0.43
CA LEU R 150 -25.87 -57.47 -0.27
C LEU R 150 -25.58 -58.94 0.02
N LEU R 151 -24.71 -59.55 -0.77
CA LEU R 151 -24.24 -60.90 -0.46
C LEU R 151 -23.48 -60.94 0.85
N LYS R 152 -22.77 -59.86 1.20
CA LYS R 152 -22.07 -59.81 2.47
C LYS R 152 -23.04 -59.93 3.64
N ARG R 153 -24.14 -59.19 3.61
CA ARG R 153 -25.08 -59.27 4.73
C ARG R 153 -26.10 -60.39 4.58
N GLY R 154 -26.19 -61.02 3.39
CA GLY R 154 -26.93 -62.26 3.26
C GLY R 154 -26.15 -63.46 3.78
N PHE R 155 -24.82 -63.39 3.76
CA PHE R 155 -23.98 -64.37 4.43
C PHE R 155 -23.75 -64.05 5.89
N LEU R 156 -23.84 -62.77 6.26
CA LEU R 156 -23.63 -62.35 7.64
C LEU R 156 -24.81 -62.68 8.54
N THR R 157 -26.03 -62.58 8.00
CA THR R 157 -27.22 -62.85 8.82
C THR R 157 -27.21 -64.28 9.34
N LEU R 158 -26.78 -65.22 8.50
CA LEU R 158 -26.71 -66.62 8.92
C LEU R 158 -25.57 -66.89 9.88
N GLY R 159 -24.67 -65.93 10.08
CA GLY R 159 -23.59 -66.07 11.05
C GLY R 159 -22.28 -66.60 10.52
N ALA R 160 -22.18 -66.83 9.22
CA ALA R 160 -20.94 -67.34 8.64
C ALA R 160 -19.81 -66.31 8.79
N GLN R 161 -18.65 -66.77 9.26
CA GLN R 161 -17.49 -65.90 9.33
C GLN R 161 -16.97 -65.61 7.92
N ILE R 162 -16.27 -64.48 7.80
CA ILE R 162 -15.77 -63.99 6.51
C ILE R 162 -14.34 -63.53 6.71
N THR R 163 -13.46 -63.89 5.77
CA THR R 163 -12.06 -63.49 5.81
C THR R 163 -11.80 -62.43 4.76
N GLN R 164 -11.49 -61.21 5.19
CA GLN R 164 -11.07 -60.17 4.25
C GLN R 164 -9.71 -60.49 3.64
N PHE R 165 -8.90 -61.29 4.34
CA PHE R 165 -7.56 -61.65 3.89
C PHE R 165 -7.64 -63.05 3.29
N PHE R 166 -7.34 -63.15 2.00
CA PHE R 166 -7.36 -64.44 1.34
C PHE R 166 -6.28 -65.33 1.94
N ASP R 167 -6.62 -66.61 2.10
CA ASP R 167 -5.76 -67.55 2.80
C ASP R 167 -5.78 -68.85 2.03
N THR R 168 -5.20 -69.89 2.64
CA THR R 168 -5.34 -71.24 2.11
C THR R 168 -6.43 -72.00 2.85
N THR R 169 -6.91 -71.46 3.97
CA THR R 169 -8.06 -72.01 4.69
C THR R 169 -9.31 -71.18 4.41
N VAL R 170 -9.65 -71.07 3.12
CA VAL R 170 -10.83 -70.34 2.67
C VAL R 170 -11.75 -71.36 1.99
N THR R 171 -13.04 -71.33 2.36
CA THR R 171 -13.94 -72.37 1.86
C THR R 171 -14.53 -72.01 0.50
N ILE R 172 -15.05 -70.78 0.35
CA ILE R 172 -15.71 -70.37 -0.88
C ILE R 172 -15.18 -69.01 -1.30
N VAL R 173 -15.10 -68.80 -2.61
CA VAL R 173 -14.91 -67.47 -3.19
C VAL R 173 -15.99 -67.28 -4.25
N ILE R 174 -16.57 -66.08 -4.28
CA ILE R 174 -17.60 -65.74 -5.24
C ILE R 174 -17.07 -64.62 -6.12
N THR R 175 -17.07 -64.85 -7.43
CA THR R 175 -16.39 -63.95 -8.33
C THR R 175 -17.36 -63.36 -9.35
N ARG R 176 -17.47 -62.03 -9.32
CA ARG R 176 -17.81 -61.29 -10.53
C ARG R 176 -16.89 -61.63 -11.68
N ARG R 177 -15.69 -62.16 -11.39
CA ARG R 177 -14.87 -62.76 -12.43
C ARG R 177 -15.56 -63.96 -13.05
N SER R 178 -15.19 -64.26 -14.29
CA SER R 178 -15.68 -65.48 -14.92
C SER R 178 -14.98 -66.70 -14.35
N VAL R 179 -15.71 -67.43 -13.49
CA VAL R 179 -15.28 -68.77 -13.08
C VAL R 179 -14.97 -69.62 -14.28
N GLU R 180 -15.98 -69.86 -15.10
CA GLU R 180 -15.89 -70.34 -16.47
C GLU R 180 -14.95 -69.47 -17.30
N ASN R 181 -14.51 -69.98 -18.45
CA ASN R 181 -13.38 -69.48 -19.23
C ASN R 181 -12.07 -69.41 -18.43
N ILE R 182 -11.94 -70.22 -17.38
CA ILE R 182 -10.75 -70.20 -16.53
C ILE R 182 -9.52 -70.79 -17.23
N TYR R 183 -9.65 -71.20 -18.49
CA TYR R 183 -8.63 -72.02 -19.14
C TYR R 183 -7.24 -71.38 -19.07
N LEU R 184 -7.16 -70.08 -19.32
CA LEU R 184 -5.88 -69.37 -19.31
C LEU R 184 -5.93 -68.29 -18.22
N LEU R 185 -5.11 -68.46 -17.19
CA LEU R 185 -5.02 -67.48 -16.13
C LEU R 185 -3.65 -67.57 -15.46
N LYS R 186 -3.28 -66.51 -14.76
CA LYS R 186 -1.99 -66.46 -14.09
C LYS R 186 -1.95 -67.44 -12.92
N ASP R 187 -0.76 -67.96 -12.65
CA ASP R 187 -0.59 -68.90 -11.55
C ASP R 187 -0.88 -68.24 -10.21
N THR R 188 -0.71 -66.91 -10.13
CA THR R 188 -0.94 -66.16 -8.91
C THR R 188 -2.37 -65.66 -8.79
N ASP R 189 -3.17 -65.76 -9.85
CA ASP R 189 -4.55 -65.30 -9.79
C ASP R 189 -5.39 -66.26 -8.96
N ILE R 190 -6.32 -65.69 -8.18
CA ILE R 190 -6.98 -66.43 -7.11
C ILE R 190 -7.78 -67.62 -7.64
N LEU R 191 -8.31 -67.53 -8.85
CA LEU R 191 -9.04 -68.67 -9.39
C LEU R 191 -8.10 -69.83 -9.66
N SER R 192 -6.86 -69.54 -10.06
CA SER R 192 -5.89 -70.62 -10.25
C SER R 192 -5.60 -71.35 -8.94
N ARG R 193 -5.55 -70.62 -7.83
CA ARG R 193 -5.27 -71.24 -6.54
C ARG R 193 -6.54 -71.86 -5.94
N ALA R 194 -7.71 -71.45 -6.45
CA ALA R 194 -8.97 -72.10 -6.08
C ALA R 194 -9.09 -73.46 -6.74
N LYS R 195 -8.77 -73.53 -8.03
CA LYS R 195 -8.53 -74.83 -8.67
C LYS R 195 -7.45 -75.60 -7.92
N LYS R 196 -6.52 -74.90 -7.28
CA LYS R 196 -5.30 -75.53 -6.80
C LYS R 196 -5.52 -76.22 -5.46
N ASN R 197 -6.35 -75.62 -4.60
CA ASN R 197 -6.61 -76.15 -3.27
C ASN R 197 -8.04 -76.67 -3.07
N TYR R 198 -8.71 -77.18 -4.11
CA TYR R 198 -10.09 -77.67 -3.99
C TYR R 198 -11.08 -76.61 -3.53
N MET R 199 -10.83 -75.34 -3.84
CA MET R 199 -11.72 -74.30 -3.34
C MET R 199 -13.01 -74.24 -4.16
N LYS R 200 -14.12 -74.09 -3.44
CA LYS R 200 -15.45 -74.11 -4.04
C LYS R 200 -15.70 -72.79 -4.75
N VAL R 201 -15.49 -72.75 -6.07
CA VAL R 201 -15.47 -71.52 -6.83
C VAL R 201 -16.87 -71.25 -7.37
N TRP R 202 -17.38 -70.05 -7.13
CA TRP R 202 -18.71 -69.64 -7.56
C TRP R 202 -18.66 -68.30 -8.29
N SER R 203 -19.77 -67.94 -8.91
CA SER R 203 -19.96 -66.63 -9.50
C SER R 203 -21.11 -65.95 -8.78
N TYR R 204 -21.29 -64.66 -9.04
CA TYR R 204 -22.33 -63.90 -8.34
C TYR R 204 -23.72 -64.35 -8.78
N GLU R 205 -23.87 -64.76 -10.04
CA GLU R 205 -25.15 -65.37 -10.44
C GLU R 205 -25.37 -66.71 -9.76
N LYS R 206 -24.31 -67.52 -9.66
CA LYS R 206 -24.43 -68.79 -8.95
C LYS R 206 -24.66 -68.56 -7.46
N ALA R 207 -24.04 -67.53 -6.90
CA ALA R 207 -24.28 -67.20 -5.50
C ALA R 207 -25.70 -66.70 -5.28
N ALA R 208 -26.26 -65.96 -6.23
CA ALA R 208 -27.66 -65.56 -6.13
C ALA R 208 -28.58 -66.76 -6.22
N ARG R 209 -28.26 -67.73 -7.08
CA ARG R 209 -29.03 -68.96 -7.12
C ARG R 209 -28.98 -69.70 -5.79
N PHE R 210 -27.80 -69.77 -5.18
CA PHE R 210 -27.66 -70.42 -3.88
C PHE R 210 -28.51 -69.69 -2.85
N LEU R 211 -28.45 -68.35 -2.85
CA LEU R 211 -29.21 -67.55 -1.89
C LEU R 211 -30.71 -67.78 -2.07
N LYS R 212 -31.18 -67.84 -3.32
CA LYS R 212 -32.58 -68.16 -3.54
C LYS R 212 -32.92 -69.57 -3.05
N ASN R 213 -31.97 -70.50 -3.13
CA ASN R 213 -32.19 -71.84 -2.60
C ASN R 213 -31.97 -71.93 -1.09
N LEU R 214 -31.51 -70.85 -0.45
CA LEU R 214 -31.40 -70.74 1.00
C LEU R 214 -32.71 -70.38 1.68
N ASP R 215 -33.75 -70.08 0.90
CA ASP R 215 -35.03 -69.63 1.44
C ASP R 215 -34.87 -68.33 2.24
N VAL R 216 -33.89 -67.52 1.85
CA VAL R 216 -33.64 -66.22 2.47
C VAL R 216 -34.05 -65.13 1.47
N ASP R 217 -34.61 -64.05 2.00
CA ASP R 217 -35.17 -63.00 1.14
C ASP R 217 -34.07 -62.28 0.38
N LEU R 218 -34.28 -62.09 -0.94
CA LEU R 218 -33.36 -61.29 -1.73
C LEU R 218 -33.45 -59.82 -1.36
N ASP R 219 -34.65 -59.35 -1.04
CA ASP R 219 -34.89 -57.96 -0.65
C ASP R 219 -34.90 -57.78 0.86
N HIS R 220 -34.06 -58.52 1.58
CA HIS R 220 -33.93 -58.44 3.04
C HIS R 220 -35.17 -59.02 3.72
N ALA R 231 -41.19 -44.75 0.81
CA ALA R 231 -42.61 -45.07 0.93
C ALA R 231 -43.20 -45.43 -0.42
N PRO R 232 -44.07 -46.43 -0.46
CA PRO R 232 -44.65 -46.89 -1.73
C PRO R 232 -45.57 -45.86 -2.38
N THR R 233 -46.43 -45.24 -1.59
CA THR R 233 -47.50 -44.38 -2.11
C THR R 233 -47.13 -42.91 -1.97
N LEU R 234 -47.41 -42.13 -3.01
CA LEU R 234 -47.18 -40.69 -2.95
C LEU R 234 -48.04 -40.03 -1.87
N SER R 235 -49.29 -40.50 -1.73
CA SER R 235 -50.15 -39.96 -0.67
C SER R 235 -49.56 -40.23 0.70
N ASN R 236 -48.99 -41.42 0.90
CA ASN R 236 -48.34 -41.72 2.16
C ASN R 236 -47.12 -40.83 2.39
N LEU R 237 -46.36 -40.55 1.32
CA LEU R 237 -45.22 -39.65 1.44
C LEU R 237 -45.68 -38.25 1.85
N LEU R 238 -46.75 -37.75 1.23
CA LEU R 238 -47.26 -36.43 1.60
C LEU R 238 -47.80 -36.41 3.03
N HIS R 239 -48.45 -37.50 3.45
CA HIS R 239 -48.90 -37.60 4.84
C HIS R 239 -47.73 -37.57 5.80
N ASN R 240 -46.64 -38.28 5.47
CA ASN R 240 -45.46 -38.26 6.30
C ASN R 240 -44.82 -36.87 6.32
N GLU R 241 -44.92 -36.15 5.21
CA GLU R 241 -44.35 -34.80 5.16
C GLU R 241 -45.25 -33.76 5.82
N LYS R 242 -46.53 -34.07 6.04
CA LYS R 242 -47.37 -33.17 6.83
C LYS R 242 -46.80 -33.02 8.24
N LEU R 243 -46.30 -34.10 8.80
CA LEU R 243 -45.49 -34.07 10.00
C LEU R 243 -44.02 -34.16 9.61
N TYR R 244 -43.15 -34.20 10.62
CA TYR R 244 -41.73 -34.56 10.45
C TYR R 244 -41.01 -33.68 9.41
N GLY R 245 -41.61 -32.57 9.01
CA GLY R 245 -41.03 -31.71 8.01
C GLY R 245 -40.97 -32.37 6.64
N PRO R 246 -40.15 -31.81 5.74
CA PRO R 246 -40.00 -32.39 4.41
C PRO R 246 -38.92 -33.46 4.39
N THR R 247 -38.68 -34.03 3.20
CA THR R 247 -37.71 -35.10 3.03
C THR R 247 -36.45 -34.66 2.29
N ASP R 248 -36.38 -33.42 1.81
CA ASP R 248 -35.22 -32.94 1.05
C ASP R 248 -34.09 -32.62 2.02
N ARG R 249 -33.55 -33.66 2.64
CA ARG R 249 -32.44 -33.54 3.57
C ARG R 249 -31.79 -34.90 3.74
N ASP R 250 -30.62 -34.89 4.35
CA ASP R 250 -29.89 -36.13 4.61
C ASP R 250 -30.68 -36.99 5.60
N PRO R 251 -31.01 -38.23 5.25
CA PRO R 251 -31.80 -39.07 6.17
C PRO R 251 -31.11 -39.31 7.52
N ARG R 252 -29.80 -39.42 7.55
CA ARG R 252 -29.05 -39.71 8.76
C ARG R 252 -28.18 -38.50 9.11
N THR R 253 -28.77 -37.57 9.86
CA THR R 253 -28.07 -36.36 10.31
C THR R 253 -28.86 -35.79 11.48
N LYS R 254 -28.14 -35.18 12.41
CA LYS R 254 -28.78 -34.50 13.54
C LYS R 254 -29.73 -33.44 13.02
N ARG R 255 -31.02 -33.66 13.23
CA ARG R 255 -32.05 -32.86 12.56
C ARG R 255 -32.09 -31.43 13.11
N ASP R 256 -31.61 -31.22 14.34
CA ASP R 256 -31.65 -29.92 15.02
C ASP R 256 -33.08 -29.52 15.35
N ASP R 257 -34.04 -30.35 14.93
CA ASP R 257 -35.44 -30.18 15.27
C ASP R 257 -35.84 -31.07 16.45
N ILE R 258 -35.05 -32.09 16.75
CA ILE R 258 -35.35 -33.06 17.79
C ILE R 258 -34.21 -33.04 18.81
N HIS R 259 -34.56 -32.92 20.09
CA HIS R 259 -33.56 -32.87 21.14
C HIS R 259 -32.96 -34.26 21.33
N TYR R 260 -31.65 -34.37 21.12
CA TYR R 260 -30.95 -35.66 21.17
C TYR R 260 -30.29 -35.85 22.52
N PHE R 261 -30.18 -37.12 22.93
CA PHE R 261 -29.66 -37.46 24.25
C PHE R 261 -28.15 -37.67 24.20
N LYS R 262 -27.44 -37.05 25.13
CA LYS R 262 -26.00 -37.23 25.27
C LYS R 262 -25.55 -37.52 26.69
N TYR R 263 -26.37 -37.28 27.70
CA TYR R 263 -26.08 -37.49 29.10
C TYR R 263 -26.93 -38.64 29.65
N PRO R 264 -26.68 -39.07 30.88
CA PRO R 264 -27.59 -40.05 31.51
C PRO R 264 -29.02 -39.56 31.48
N HIS R 265 -29.93 -40.44 31.10
CA HIS R 265 -31.29 -40.03 30.79
C HIS R 265 -32.25 -41.21 30.94
N VAL R 266 -33.54 -40.87 31.04
CA VAL R 266 -34.62 -41.85 31.02
C VAL R 266 -35.66 -41.36 30.03
N TYR R 267 -36.06 -42.24 29.11
CA TYR R 267 -36.95 -41.82 28.04
C TYR R 267 -37.93 -42.94 27.72
N LEU R 268 -39.19 -42.73 28.09
CA LEU R 268 -40.29 -43.64 27.77
C LEU R 268 -41.20 -42.95 26.77
N TYR R 269 -41.44 -43.63 25.64
CA TYR R 269 -42.15 -43.08 24.50
C TYR R 269 -43.11 -44.13 23.96
N ASP R 270 -43.86 -43.75 22.94
CA ASP R 270 -44.71 -44.68 22.20
C ASP R 270 -44.01 -45.08 20.90
N LEU R 271 -43.84 -46.39 20.71
CA LEU R 271 -43.18 -46.85 19.49
C LEU R 271 -44.00 -46.51 18.26
N TRP R 272 -45.32 -46.55 18.38
CA TRP R 272 -46.18 -46.12 17.29
C TRP R 272 -46.02 -44.62 17.05
N GLN R 273 -45.42 -43.90 18.01
CA GLN R 273 -45.17 -42.47 17.99
C GLN R 273 -46.46 -41.71 17.83
N THR R 274 -47.58 -42.38 18.15
CA THR R 274 -48.90 -41.79 18.06
C THR R 274 -49.17 -40.84 19.23
N TRP R 275 -48.67 -41.16 20.42
CA TRP R 275 -48.79 -40.31 21.59
C TRP R 275 -47.45 -39.61 21.89
N ALA R 276 -47.55 -38.51 22.63
CA ALA R 276 -46.36 -37.82 23.10
C ALA R 276 -45.61 -38.70 24.10
N PRO R 277 -44.29 -38.57 24.15
CA PRO R 277 -43.50 -39.37 25.12
C PRO R 277 -43.94 -39.08 26.54
N ILE R 278 -44.05 -40.15 27.34
CA ILE R 278 -44.52 -40.01 28.71
C ILE R 278 -43.38 -39.55 29.61
N ILE R 279 -42.19 -40.12 29.46
CA ILE R 279 -41.06 -39.79 30.33
C ILE R 279 -39.92 -39.24 29.48
N THR R 280 -39.48 -38.03 29.79
CA THR R 280 -38.31 -37.40 29.16
C THR R 280 -37.51 -36.73 30.28
N LEU R 281 -36.56 -37.46 30.85
CA LEU R 281 -35.70 -36.96 31.90
C LEU R 281 -34.26 -36.92 31.41
N GLU R 282 -33.63 -35.75 31.50
CA GLU R 282 -32.31 -35.50 30.93
C GLU R 282 -31.51 -34.72 31.96
N TRP R 283 -30.55 -35.38 32.62
CA TRP R 283 -29.79 -34.79 33.70
C TRP R 283 -28.37 -34.49 33.25
N LYS R 284 -27.91 -33.27 33.54
CA LYS R 284 -26.54 -32.89 33.25
C LYS R 284 -25.57 -33.60 34.21
N PRO R 285 -24.30 -33.77 33.80
CA PRO R 285 -23.37 -34.54 34.65
C PRO R 285 -23.17 -33.96 36.04
N GLN R 286 -23.16 -32.63 36.20
CA GLN R 286 -22.97 -32.06 37.53
C GLN R 286 -24.16 -32.36 38.44
N GLU R 287 -25.32 -32.60 37.85
CA GLU R 287 -26.48 -33.04 38.64
C GLU R 287 -26.32 -34.46 39.14
N LEU R 288 -25.47 -35.26 38.48
CA LEU R 288 -25.21 -36.63 38.92
C LEU R 288 -24.25 -36.69 40.10
N THR R 289 -23.60 -35.59 40.44
CA THR R 289 -22.74 -35.54 41.62
C THR R 289 -23.60 -35.45 42.87
N ASN R 290 -22.94 -35.41 44.04
CA ASN R 290 -23.61 -35.36 45.34
C ASN R 290 -24.54 -36.57 45.48
N LEU R 291 -23.92 -37.76 45.54
CA LEU R 291 -24.69 -39.03 45.61
C LEU R 291 -25.62 -39.08 46.83
N ASP R 292 -25.53 -38.10 47.73
CA ASP R 292 -26.50 -38.06 48.85
C ASP R 292 -27.90 -37.88 48.27
N GLU R 293 -28.04 -36.98 47.28
CA GLU R 293 -29.36 -36.75 46.65
C GLU R 293 -29.28 -36.84 45.12
N LEU R 294 -29.75 -37.95 44.52
CA LEU R 294 -29.84 -38.00 43.07
C LEU R 294 -31.18 -37.47 42.60
N PRO R 295 -31.26 -36.98 41.36
CA PRO R 295 -32.55 -36.61 40.78
C PRO R 295 -33.43 -37.79 40.40
N TYR R 296 -32.98 -39.01 40.65
CA TYR R 296 -33.73 -40.23 40.37
C TYR R 296 -33.55 -41.17 41.55
N PRO R 297 -34.42 -42.19 41.80
CA PRO R 297 -34.26 -43.01 43.00
C PRO R 297 -33.26 -44.15 42.81
N ILE R 298 -32.01 -43.94 43.24
CA ILE R 298 -31.04 -45.07 43.23
C ILE R 298 -31.45 -45.94 44.42
N LEU R 299 -31.47 -47.26 44.27
CA LEU R 299 -31.99 -48.06 45.42
C LEU R 299 -31.13 -47.85 46.65
N LYS R 300 -31.76 -47.60 47.79
CA LYS R 300 -31.02 -47.51 49.07
C LYS R 300 -31.77 -48.53 49.92
N ILE R 301 -31.20 -49.02 51.02
CA ILE R 301 -32.02 -50.01 51.77
C ILE R 301 -32.71 -49.32 52.96
N GLY R 302 -31.92 -48.80 53.90
CA GLY R 302 -32.50 -48.16 55.10
C GLY R 302 -32.81 -49.17 56.18
N SER R 303 -33.39 -48.72 57.29
CA SER R 303 -33.65 -49.60 58.45
C SER R 303 -34.84 -49.07 59.25
N PHE R 304 -35.36 -49.84 60.21
CA PHE R 304 -36.49 -49.40 61.07
C PHE R 304 -37.70 -49.04 60.24
N GLY R 305 -38.00 -49.80 59.19
CA GLY R 305 -39.24 -49.55 58.44
C GLY R 305 -39.12 -48.43 57.45
N ARG R 306 -37.92 -47.97 57.18
CA ARG R 306 -37.77 -46.79 56.29
C ARG R 306 -38.21 -47.18 54.89
N CYS R 307 -38.62 -46.19 54.10
CA CYS R 307 -38.96 -46.46 52.69
C CYS R 307 -37.61 -46.81 52.09
N PRO R 308 -37.41 -47.95 51.41
CA PRO R 308 -36.07 -48.33 50.99
C PRO R 308 -35.36 -47.18 50.26
N PHE R 309 -36.03 -46.51 49.34
CA PHE R 309 -35.42 -45.42 48.56
C PHE R 309 -34.99 -44.28 49.50
N ILE R 310 -35.79 -43.99 50.53
CA ILE R 310 -35.40 -42.97 51.55
C ILE R 310 -34.27 -43.55 52.42
N GLY R 311 -33.20 -42.80 52.65
CA GLY R 311 -32.09 -43.27 53.52
C GLY R 311 -32.29 -42.86 54.96
N ASP R 312 -31.32 -43.16 55.84
CA ASP R 312 -31.40 -42.65 57.23
C ASP R 312 -30.76 -41.27 57.19
N ARG R 313 -31.51 -40.25 56.75
CA ARG R 313 -30.94 -38.92 56.53
C ARG R 313 -31.02 -38.05 57.77
N ASN R 314 -29.84 -37.60 58.22
CA ASN R 314 -29.63 -36.97 59.53
C ASN R 314 -30.09 -37.88 60.66
N TYR R 315 -29.99 -39.19 60.43
CA TYR R 315 -30.37 -40.20 61.40
C TYR R 315 -29.25 -41.23 61.50
N ASP R 316 -28.65 -41.34 62.67
CA ASP R 316 -27.64 -42.36 62.93
C ASP R 316 -28.21 -43.31 63.98
N GLU R 317 -28.76 -44.43 63.52
CA GLU R 317 -29.34 -45.41 64.43
C GLU R 317 -28.30 -46.01 65.37
N SER R 318 -27.02 -45.91 65.02
CA SER R 318 -25.94 -46.32 65.91
C SER R 318 -25.65 -45.30 67.00
N SER R 319 -26.20 -44.09 66.93
CA SER R 319 -26.04 -43.15 68.02
C SER R 319 -26.83 -43.60 69.24
N TYR R 320 -26.13 -43.72 70.36
CA TYR R 320 -26.80 -44.13 71.62
C TYR R 320 -27.97 -43.18 71.90
N LYS R 321 -27.77 -41.87 71.72
CA LYS R 321 -28.90 -40.97 71.91
C LYS R 321 -30.14 -41.46 71.17
N ARG R 322 -29.97 -42.04 69.98
CA ARG R 322 -31.07 -42.68 69.28
C ARG R 322 -31.42 -44.03 69.91
N VAL R 323 -30.41 -44.76 70.38
CA VAL R 323 -30.59 -46.13 70.82
C VAL R 323 -31.45 -46.19 72.08
N VAL R 324 -31.23 -45.27 73.02
CA VAL R 324 -32.04 -45.24 74.24
C VAL R 324 -33.50 -44.93 73.93
N LYS R 325 -33.70 -44.44 72.70
CA LYS R 325 -35.11 -44.25 72.23
C LYS R 325 -35.70 -45.57 71.69
N ARG R 326 -35.11 -46.18 70.65
CA ARG R 326 -35.72 -47.36 69.98
C ARG R 326 -35.85 -48.56 70.93
N TYR R 327 -34.82 -48.87 71.72
CA TYR R 327 -35.00 -50.00 72.67
C TYR R 327 -36.10 -49.67 73.68
N SER R 328 -36.10 -48.45 74.22
CA SER R 328 -37.11 -48.10 75.24
C SER R 328 -38.49 -48.07 74.59
N ARG R 329 -38.59 -47.58 73.36
CA ARG R 329 -39.90 -47.60 72.66
C ARG R 329 -40.28 -49.07 72.53
N ASP R 330 -39.30 -49.90 72.23
CA ASP R 330 -39.60 -51.34 72.22
C ASP R 330 -39.94 -51.83 73.62
N LYS R 331 -39.48 -51.15 74.69
CA LYS R 331 -39.92 -51.79 75.93
C LYS R 331 -41.40 -51.56 76.18
N ALA R 332 -41.88 -50.34 75.93
CA ALA R 332 -43.31 -50.07 76.08
C ALA R 332 -44.13 -50.76 75.01
N ASN R 333 -43.57 -50.96 73.82
CA ASN R 333 -44.24 -51.66 72.73
C ASN R 333 -44.07 -53.17 72.81
N LYS R 334 -43.53 -53.67 73.91
CA LYS R 334 -43.20 -55.09 73.98
C LYS R 334 -44.46 -55.95 73.98
N LYS R 335 -45.28 -55.82 75.02
CA LYS R 335 -46.38 -56.75 75.23
C LYS R 335 -47.57 -56.56 74.28
N TYR R 336 -47.72 -55.40 73.61
CA TYR R 336 -48.69 -55.36 72.53
C TYR R 336 -48.29 -56.35 71.45
N ALA R 337 -47.00 -56.37 71.09
CA ALA R 337 -46.48 -57.37 70.16
C ALA R 337 -46.51 -58.78 70.76
N LEU R 338 -46.32 -58.94 72.07
CA LEU R 338 -46.50 -60.25 72.68
C LEU R 338 -47.93 -60.77 72.58
N GLN R 339 -48.92 -59.92 72.86
CA GLN R 339 -50.32 -60.30 72.66
C GLN R 339 -50.59 -60.68 71.21
N LEU R 340 -50.10 -59.87 70.27
CA LEU R 340 -50.33 -60.15 68.86
C LEU R 340 -49.65 -61.45 68.44
N ARG R 341 -48.42 -61.67 68.92
CA ARG R 341 -47.70 -62.91 68.67
C ARG R 341 -48.47 -64.12 69.17
N ALA R 342 -48.88 -64.09 70.45
CA ALA R 342 -49.64 -65.20 71.03
C ALA R 342 -50.99 -65.40 70.35
N LEU R 343 -51.52 -64.36 69.71
CA LEU R 343 -52.83 -64.47 69.09
C LEU R 343 -52.73 -64.98 67.65
N PHE R 344 -51.59 -64.76 66.98
CA PHE R 344 -51.34 -65.21 65.61
C PHE R 344 -50.18 -66.19 65.49
N GLN R 345 -49.99 -67.09 66.47
CA GLN R 345 -48.82 -67.96 66.45
C GLN R 345 -49.09 -69.26 65.69
N TYR R 346 -50.08 -70.04 66.15
CA TYR R 346 -50.27 -71.42 65.70
C TYR R 346 -51.17 -71.53 64.47
N HIS R 347 -52.29 -70.82 64.44
CA HIS R 347 -53.26 -70.92 63.36
C HIS R 347 -53.45 -69.58 62.69
N ALA R 348 -53.47 -69.58 61.35
CA ALA R 348 -53.77 -68.37 60.60
C ALA R 348 -55.18 -67.87 60.91
N ASP R 349 -56.15 -68.79 60.95
CA ASP R 349 -57.48 -68.43 61.40
C ASP R 349 -57.48 -68.26 62.92
N THR R 350 -58.05 -67.15 63.38
CA THR R 350 -57.98 -66.77 64.80
C THR R 350 -59.14 -67.32 65.61
N LEU R 351 -60.01 -68.14 65.02
CA LEU R 351 -61.14 -68.70 65.74
C LEU R 351 -60.77 -69.91 66.59
N LEU R 352 -59.52 -70.39 66.49
CA LEU R 352 -59.05 -71.52 67.27
C LEU R 352 -57.84 -71.13 68.11
N ASN R 353 -57.92 -69.96 68.75
CA ASN R 353 -56.76 -69.43 69.48
C ASN R 353 -56.57 -70.11 70.82
N THR R 354 -57.65 -70.27 71.59
CA THR R 354 -57.54 -70.82 72.93
C THR R 354 -57.09 -72.27 72.88
N SER R 355 -56.12 -72.62 73.72
CA SER R 355 -55.58 -73.97 73.78
C SER R 355 -55.96 -74.65 75.10
N LYS R 362 -44.35 -73.74 75.35
CA LYS R 362 -45.78 -73.99 75.50
C LYS R 362 -46.59 -72.74 75.19
N ASN R 363 -46.46 -71.74 76.06
CA ASN R 363 -47.16 -70.48 75.84
C ASN R 363 -46.60 -69.76 74.63
N LEU R 364 -45.30 -69.45 74.65
CA LEU R 364 -44.62 -68.76 73.57
C LEU R 364 -43.46 -69.61 73.11
N ILE R 365 -43.31 -69.76 71.80
CA ILE R 365 -42.13 -70.38 71.22
C ILE R 365 -41.49 -69.39 70.26
N PHE R 366 -40.18 -69.53 70.11
CA PHE R 366 -39.41 -68.60 69.28
C PHE R 366 -38.40 -69.38 68.47
N ILE R 367 -38.03 -68.81 67.32
CA ILE R 367 -36.98 -69.36 66.48
C ILE R 367 -35.65 -68.73 66.87
N PRO R 368 -34.65 -69.51 67.25
CA PRO R 368 -33.38 -68.93 67.72
C PRO R 368 -32.67 -68.16 66.62
N HIS R 369 -31.95 -67.13 67.05
CA HIS R 369 -31.24 -66.25 66.14
C HIS R 369 -29.92 -65.86 66.79
N THR R 370 -29.05 -65.23 65.98
CA THR R 370 -27.74 -64.79 66.44
C THR R 370 -27.40 -63.37 66.00
N CYS R 371 -28.25 -62.74 65.20
CA CYS R 371 -28.05 -61.35 64.80
C CYS R 371 -28.34 -60.42 65.98
N ASN R 372 -27.49 -59.39 66.12
CA ASN R 372 -27.61 -58.49 67.26
C ASN R 372 -28.88 -57.63 67.14
N ASP R 373 -29.26 -57.02 68.25
CA ASP R 373 -30.61 -56.51 68.41
C ASP R 373 -30.62 -55.07 68.93
N SER R 374 -31.84 -54.54 69.14
CA SER R 374 -31.99 -53.32 69.92
C SER R 374 -31.67 -53.57 71.39
N THR R 375 -32.18 -54.68 71.94
CA THR R 375 -31.79 -55.09 73.28
C THR R 375 -30.30 -55.44 73.32
N LYS R 376 -29.85 -56.21 72.33
CA LYS R 376 -28.42 -56.54 72.25
C LYS R 376 -27.59 -55.28 72.00
N SER R 377 -28.08 -54.35 71.18
CA SER R 377 -27.36 -53.09 70.99
C SER R 377 -27.24 -52.33 72.30
N PHE R 378 -28.33 -52.23 73.05
CA PHE R 378 -28.29 -51.45 74.29
C PHE R 378 -27.38 -52.10 75.31
N LYS R 379 -27.39 -53.44 75.37
CA LYS R 379 -26.44 -54.15 76.22
C LYS R 379 -25.01 -53.93 75.75
N LYS R 380 -24.80 -53.79 74.43
CA LYS R 380 -23.50 -53.40 73.90
C LYS R 380 -23.13 -51.98 74.26
N TRP R 381 -24.09 -51.08 74.31
CA TRP R 381 -23.73 -49.70 74.63
C TRP R 381 -23.40 -49.60 76.11
N MET R 382 -23.93 -50.51 76.91
CA MET R 382 -23.47 -50.59 78.29
C MET R 382 -22.19 -51.41 78.40
N GLN R 383 -21.92 -52.28 77.42
CA GLN R 383 -20.57 -52.82 77.23
C GLN R 383 -19.56 -51.71 77.05
N GLU R 384 -19.91 -50.69 76.27
CA GLU R 384 -18.90 -49.84 75.64
C GLU R 384 -18.81 -48.44 76.23
N LYS R 385 -19.90 -47.88 76.77
CA LYS R 385 -19.90 -46.51 77.27
C LYS R 385 -20.00 -46.40 78.79
N ALA R 386 -20.79 -47.25 79.43
CA ALA R 386 -21.12 -47.07 80.85
C ALA R 386 -19.96 -47.49 81.71
N LYS R 387 -19.30 -46.52 82.34
CA LYS R 387 -18.18 -46.74 83.26
C LYS R 387 -17.10 -47.63 82.67
N ASN R 388 -16.88 -47.61 81.36
CA ASN R 388 -15.80 -48.36 80.72
C ASN R 388 -15.43 -47.78 79.36
N PHE R 389 -14.39 -48.36 78.76
CA PHE R 389 -13.63 -47.72 77.70
C PHE R 389 -13.90 -48.35 76.35
N GLU R 390 -13.41 -47.66 75.31
CA GLU R 390 -13.43 -48.16 73.95
C GLU R 390 -12.54 -47.30 73.07
N GLY R 509 -52.79 -30.48 47.12
CA GLY R 509 -53.29 -30.26 48.47
C GLY R 509 -54.64 -30.88 48.72
N ASN R 510 -55.66 -30.34 48.07
CA ASN R 510 -57.03 -30.85 48.19
C ASN R 510 -57.14 -32.28 47.68
N GLY R 511 -56.52 -32.58 46.55
CA GLY R 511 -56.53 -33.96 46.02
C GLY R 511 -56.95 -34.00 44.56
N LEU R 512 -57.53 -32.90 44.06
CA LEU R 512 -57.88 -32.83 42.62
C LEU R 512 -57.05 -31.73 41.94
N GLY R 513 -57.09 -31.65 40.62
CA GLY R 513 -56.36 -30.70 39.81
C GLY R 513 -57.10 -30.35 38.53
N PRO R 514 -56.84 -29.16 38.01
CA PRO R 514 -57.47 -28.75 36.75
C PRO R 514 -56.95 -29.58 35.58
N THR R 515 -57.80 -29.72 34.57
CA THR R 515 -57.46 -30.46 33.36
C THR R 515 -56.71 -29.51 32.42
N ARG R 516 -55.40 -29.70 32.31
CA ARG R 516 -54.56 -28.86 31.49
C ARG R 516 -54.27 -29.51 30.14
N ALA R 517 -54.10 -28.68 29.12
CA ALA R 517 -53.74 -29.17 27.80
C ALA R 517 -52.29 -29.66 27.78
N SER R 518 -52.02 -30.58 26.86
CA SER R 518 -50.70 -31.20 26.78
C SER R 518 -49.73 -30.41 25.91
N VAL R 519 -50.22 -29.79 24.84
CA VAL R 519 -49.34 -29.09 23.90
C VAL R 519 -49.04 -27.71 24.46
N MET R 520 -47.74 -27.42 24.64
CA MET R 520 -47.28 -26.13 25.13
C MET R 520 -46.85 -25.28 23.95
N SER R 521 -47.31 -24.03 23.91
CA SER R 521 -46.93 -23.13 22.83
C SER R 521 -45.46 -22.73 22.94
N LYS R 522 -44.90 -22.31 21.80
CA LYS R 522 -43.50 -21.91 21.78
C LYS R 522 -43.26 -20.67 22.62
N ASN R 523 -44.18 -19.72 22.59
CA ASN R 523 -44.04 -18.50 23.40
C ASN R 523 -44.05 -18.81 24.88
N MET R 524 -44.93 -19.72 25.31
CA MET R 524 -45.00 -20.06 26.73
C MET R 524 -43.73 -20.75 27.19
N LYS R 525 -43.14 -21.60 26.35
CA LYS R 525 -41.86 -22.22 26.68
C LYS R 525 -40.74 -21.19 26.70
N SER R 526 -40.77 -20.22 25.78
CA SER R 526 -39.76 -19.16 25.78
C SER R 526 -39.83 -18.31 27.04
N LEU R 527 -41.04 -18.07 27.55
CA LEU R 527 -41.19 -17.29 28.78
C LEU R 527 -40.61 -17.99 29.99
N SER R 528 -40.39 -19.31 29.91
CA SER R 528 -39.86 -20.04 31.06
C SER R 528 -38.41 -19.70 31.33
N ARG R 529 -37.69 -19.19 30.33
CA ARG R 529 -36.29 -18.81 30.50
C ARG R 529 -36.12 -17.51 31.28
N LEU R 530 -37.11 -16.63 31.27
CA LEU R 530 -37.00 -15.30 31.85
C LEU R 530 -37.43 -15.25 33.31
N MET R 531 -37.74 -16.39 33.93
CA MET R 531 -38.32 -16.39 35.26
C MET R 531 -37.30 -15.99 36.31
N VAL R 532 -37.71 -15.12 37.24
CA VAL R 532 -36.92 -14.73 38.40
C VAL R 532 -37.82 -14.79 39.64
N ASP R 533 -37.18 -14.84 40.80
CA ASP R 533 -37.91 -15.00 42.05
C ASP R 533 -38.77 -13.78 42.35
N ARG R 534 -39.84 -14.00 43.12
CA ARG R 534 -40.77 -12.93 43.46
C ARG R 534 -40.19 -11.95 44.48
N LYS R 535 -39.05 -12.26 45.10
CA LYS R 535 -38.40 -11.27 45.94
C LYS R 535 -38.15 -9.99 45.16
N LEU R 536 -37.94 -10.10 43.85
CA LEU R 536 -38.02 -8.97 42.94
C LEU R 536 -39.46 -8.80 42.48
N GLY R 537 -39.96 -7.57 42.53
CA GLY R 537 -41.27 -7.26 42.02
C GLY R 537 -42.40 -7.95 42.79
N VAL R 538 -43.54 -8.04 42.13
CA VAL R 538 -44.72 -8.68 42.72
C VAL R 538 -45.58 -9.31 41.63
N VAL R 655 -55.87 -20.37 56.83
CA VAL R 655 -56.20 -20.25 55.41
C VAL R 655 -55.32 -21.18 54.58
N LYS R 656 -54.76 -22.19 55.24
CA LYS R 656 -53.89 -23.14 54.55
C LYS R 656 -54.66 -24.04 53.58
N ASN R 657 -55.98 -24.13 53.73
CA ASN R 657 -56.77 -24.99 52.85
C ASN R 657 -56.85 -24.39 51.45
N SER R 658 -56.26 -25.08 50.47
CA SER R 658 -56.28 -24.62 49.10
C SER R 658 -56.25 -25.82 48.17
N GLY R 659 -56.94 -25.69 47.04
CA GLY R 659 -56.98 -26.77 46.08
C GLY R 659 -58.06 -26.53 45.03
N TYR R 660 -58.25 -27.54 44.20
CA TYR R 660 -59.22 -27.48 43.12
C TYR R 660 -60.63 -27.75 43.65
N CYS R 661 -61.62 -27.37 42.84
CA CYS R 661 -63.02 -27.61 43.15
C CYS R 661 -63.68 -28.15 41.89
N GLU R 662 -63.97 -29.45 41.87
CA GLU R 662 -64.57 -30.06 40.68
C GLU R 662 -65.97 -29.53 40.40
N ASN R 663 -66.63 -28.93 41.39
CA ASN R 663 -67.95 -28.35 41.17
C ASN R 663 -67.85 -27.07 40.35
N CYS R 664 -67.05 -26.12 40.81
CA CYS R 664 -66.96 -24.80 40.18
C CYS R 664 -65.89 -24.74 39.09
N ARG R 665 -65.04 -25.76 38.99
CA ARG R 665 -63.93 -25.79 38.01
C ARG R 665 -62.98 -24.61 38.21
N VAL R 666 -62.86 -24.12 39.44
CA VAL R 666 -61.97 -23.02 39.77
C VAL R 666 -61.10 -23.42 40.96
N LYS R 667 -59.86 -22.94 40.96
CA LYS R 667 -58.95 -23.19 42.08
C LYS R 667 -59.08 -22.08 43.11
N TYR R 668 -59.16 -22.45 44.38
CA TYR R 668 -59.33 -21.51 45.47
C TYR R 668 -58.16 -21.61 46.44
N GLU R 669 -57.83 -20.48 47.07
CA GLU R 669 -56.82 -20.45 48.12
C GLU R 669 -57.41 -20.61 49.51
N SER R 670 -58.74 -20.67 49.63
CA SER R 670 -59.39 -20.65 50.93
C SER R 670 -60.74 -21.35 50.82
N LEU R 671 -60.95 -22.38 51.64
CA LEU R 671 -62.21 -23.13 51.58
C LEU R 671 -63.38 -22.29 52.09
N GLU R 672 -63.18 -21.52 53.17
CA GLU R 672 -64.28 -20.77 53.75
C GLU R 672 -64.74 -19.61 52.88
N GLN R 673 -63.98 -19.25 51.83
CA GLN R 673 -64.42 -18.24 50.88
C GLN R 673 -64.85 -18.79 49.54
N HIS R 674 -64.45 -20.02 49.20
CA HIS R 674 -64.98 -20.66 48.01
C HIS R 674 -66.42 -21.13 48.21
N ILE R 675 -66.72 -21.69 49.38
CA ILE R 675 -68.06 -22.21 49.64
C ILE R 675 -69.08 -21.08 49.77
N VAL R 676 -68.64 -19.86 50.09
CA VAL R 676 -69.51 -18.71 50.17
C VAL R 676 -69.44 -17.86 48.91
N SER R 677 -68.69 -18.30 47.91
CA SER R 677 -68.59 -17.58 46.66
C SER R 677 -69.90 -17.68 45.88
N GLU R 678 -70.01 -16.88 44.83
CA GLU R 678 -71.24 -16.83 44.02
C GLU R 678 -71.48 -18.15 43.29
N LYS R 679 -70.48 -18.63 42.56
CA LYS R 679 -70.69 -19.79 41.70
C LYS R 679 -70.97 -21.05 42.52
N HIS R 680 -70.29 -21.21 43.65
CA HIS R 680 -70.51 -22.38 44.48
C HIS R 680 -71.92 -22.39 45.08
N LEU R 681 -72.38 -21.23 45.56
CA LEU R 681 -73.73 -21.14 46.08
C LEU R 681 -74.76 -21.40 44.98
N SER R 682 -74.54 -20.86 43.79
CA SER R 682 -75.45 -21.11 42.68
C SER R 682 -75.50 -22.58 42.33
N PHE R 683 -74.35 -23.26 42.33
CA PHE R 683 -74.32 -24.69 42.04
C PHE R 683 -75.05 -25.48 43.12
N ALA R 684 -74.84 -25.12 44.39
CA ALA R 684 -75.46 -25.86 45.48
C ALA R 684 -76.97 -25.68 45.48
N GLU R 685 -77.45 -24.46 45.23
CA GLU R 685 -78.89 -24.19 45.24
C GLU R 685 -79.62 -24.85 44.08
N ASN R 686 -78.92 -25.27 43.04
CA ASN R 686 -79.54 -25.87 41.86
C ASN R 686 -79.65 -27.37 42.08
N ASP R 687 -80.89 -27.84 42.29
CA ASP R 687 -81.13 -29.25 42.55
C ASP R 687 -80.99 -30.13 41.32
N LEU R 688 -80.97 -29.55 40.12
CA LEU R 688 -80.81 -30.35 38.92
C LEU R 688 -79.42 -30.99 38.85
N ASN R 689 -78.40 -30.31 39.40
CA ASN R 689 -77.07 -30.89 39.43
C ASN R 689 -77.04 -32.14 40.31
N PHE R 690 -77.69 -32.07 41.47
CA PHE R 690 -77.77 -33.22 42.40
C PHE R 690 -79.06 -33.98 42.14
N GLU R 691 -79.09 -34.71 41.02
CA GLU R 691 -80.27 -35.46 40.61
C GLU R 691 -80.09 -36.96 40.79
N ALA R 692 -78.98 -37.51 40.30
CA ALA R 692 -78.77 -38.96 40.42
C ALA R 692 -78.60 -39.39 41.88
N ILE R 693 -78.03 -38.52 42.72
CA ILE R 693 -77.95 -38.79 44.16
C ILE R 693 -79.34 -38.75 44.79
N ASP R 694 -80.21 -37.89 44.24
CA ASP R 694 -81.59 -37.82 44.73
C ASP R 694 -82.34 -39.13 44.53
N SER R 695 -81.95 -39.94 43.56
CA SER R 695 -82.53 -41.27 43.45
C SER R 695 -82.16 -42.11 44.68
N LEU R 696 -80.90 -42.02 45.11
CA LEU R 696 -80.44 -42.85 46.22
C LEU R 696 -81.03 -42.43 47.57
N ILE R 697 -81.20 -41.12 47.81
CA ILE R 697 -81.64 -40.75 49.16
C ILE R 697 -82.89 -41.50 49.58
N GLU R 698 -83.86 -41.65 48.68
CA GLU R 698 -85.12 -42.31 48.98
C GLU R 698 -85.23 -43.69 48.34
N ASN R 699 -84.26 -44.08 47.51
CA ASN R 699 -84.22 -45.47 47.06
C ASN R 699 -83.90 -46.41 48.21
N LEU R 700 -82.96 -46.01 49.08
CA LEU R 700 -82.72 -46.78 50.30
C LEU R 700 -83.86 -46.64 51.29
N ARG R 701 -84.45 -45.46 51.38
CA ARG R 701 -85.52 -45.19 52.34
C ARG R 701 -86.88 -45.19 51.66
#